data_2HQR
#
_entry.id   2HQR
#
_entity_poly.entity_id   1
_entity_poly.type   'polypeptide(L)'
_entity_poly.pdbx_seq_one_letter_code
;MRVLLIEKNSVLGGEIEKGLNVKGFMADVTESLEDGEYLMDIRNYDLVMVSDKNALSFVSRIKEKHSSIVVLVSSDNPTS
EEEVHAFEQGADDYIAKPYRSIKALVARIEARLRFWGSNVIEIGDLTISPDEEKIIYKGREVEVKGKPFEVLTHLARHRD
QIVSKEQLLDAIWEEPEMVTPNVIEVAINQIRQKMDKPLGISTVETVRRRGYRFCYPKPACEE
;
_entity_poly.pdbx_strand_id   A,B
#
# COMPACT_ATOMS: atom_id res chain seq x y z
N MET A 1 4.84 8.44 -15.60
CA MET A 1 4.27 9.29 -14.52
C MET A 1 4.45 10.76 -14.87
N ARG A 2 3.68 11.63 -14.26
CA ARG A 2 3.80 13.09 -14.56
C ARG A 2 3.65 13.87 -13.24
N VAL A 3 4.25 15.04 -13.17
CA VAL A 3 4.17 15.88 -11.93
C VAL A 3 3.44 17.19 -12.25
N LEU A 4 2.57 17.63 -11.36
CA LEU A 4 1.82 18.91 -11.59
C LEU A 4 2.22 19.93 -10.52
N LEU A 5 2.73 21.07 -10.93
CA LEU A 5 3.15 22.13 -9.96
C LEU A 5 2.31 23.38 -10.22
N ILE A 6 1.39 23.68 -9.34
CA ILE A 6 0.54 24.90 -9.52
C ILE A 6 1.09 26.02 -8.65
N GLU A 7 1.62 27.06 -9.26
CA GLU A 7 2.19 28.18 -8.46
C GLU A 7 2.03 29.49 -9.23
N LYS A 8 1.47 30.49 -8.61
CA LYS A 8 1.29 31.80 -9.31
C LYS A 8 2.65 32.38 -9.67
N ASN A 9 3.65 32.13 -8.85
CA ASN A 9 5.01 32.67 -9.14
C ASN A 9 5.71 31.76 -10.14
N SER A 10 5.82 32.18 -11.37
CA SER A 10 6.50 31.34 -12.40
C SER A 10 7.97 31.17 -12.04
N VAL A 11 8.54 32.14 -11.36
CA VAL A 11 9.98 32.03 -11.00
C VAL A 11 10.20 30.84 -10.06
N LEU A 12 9.40 30.73 -9.03
CA LEU A 12 9.56 29.59 -8.08
C LEU A 12 9.14 28.29 -8.77
N GLY A 13 8.02 28.30 -9.44
CA GLY A 13 7.56 27.07 -10.14
C GLY A 13 8.55 26.75 -11.26
N GLY A 14 9.33 27.73 -11.64
CA GLY A 14 10.32 27.50 -12.72
C GLY A 14 11.47 26.65 -12.20
N GLU A 15 12.13 27.10 -11.16
CA GLU A 15 13.27 26.33 -10.61
C GLU A 15 12.83 24.89 -10.32
N ILE A 16 11.69 24.71 -9.69
CA ILE A 16 11.23 23.31 -9.42
C ILE A 16 11.03 22.59 -10.75
N GLU A 17 10.38 23.23 -11.68
CA GLU A 17 10.14 22.58 -13.02
C GLU A 17 11.45 21.96 -13.51
N LYS A 18 12.51 22.71 -13.55
CA LYS A 18 13.81 22.15 -14.03
C LYS A 18 14.57 21.54 -12.87
N GLY A 19 13.97 21.50 -11.71
CA GLY A 19 14.66 20.92 -10.54
C GLY A 19 14.52 19.40 -10.54
N LEU A 20 13.32 18.90 -10.44
CA LEU A 20 13.12 17.42 -10.43
C LEU A 20 13.34 16.85 -11.83
N ASN A 21 13.28 17.66 -12.85
CA ASN A 21 13.49 17.14 -14.24
C ASN A 21 14.81 16.38 -14.29
N VAL A 22 15.78 16.81 -13.53
CA VAL A 22 17.11 16.11 -13.54
C VAL A 22 16.90 14.65 -13.15
N LYS A 23 15.95 14.38 -12.31
CA LYS A 23 15.70 12.96 -11.88
C LYS A 23 15.03 12.20 -13.03
N GLY A 24 14.74 12.86 -14.11
CA GLY A 24 14.10 12.18 -15.26
C GLY A 24 12.58 12.17 -15.10
N PHE A 25 12.05 13.10 -14.34
CA PHE A 25 10.57 13.16 -14.13
C PHE A 25 9.97 14.23 -15.05
N MET A 26 8.71 14.14 -15.34
CA MET A 26 8.04 15.15 -16.21
C MET A 26 7.26 16.12 -15.32
N ALA A 27 7.29 17.39 -15.61
CA ALA A 27 6.56 18.36 -14.75
C ALA A 27 5.94 19.48 -15.59
N ASP A 28 4.87 20.05 -15.11
CA ASP A 28 4.19 21.17 -15.83
C ASP A 28 3.85 22.27 -14.83
N VAL A 29 4.00 23.51 -15.21
CA VAL A 29 3.70 24.64 -14.29
C VAL A 29 2.41 25.32 -14.74
N THR A 30 1.55 25.68 -13.81
CA THR A 30 0.27 26.35 -14.18
C THR A 30 0.03 27.54 -13.24
N GLU A 31 -0.92 28.37 -13.56
CA GLU A 31 -1.22 29.55 -12.70
C GLU A 31 -2.20 29.15 -11.60
N SER A 32 -3.45 29.52 -11.74
CA SER A 32 -4.46 29.17 -10.71
C SER A 32 -4.86 27.70 -10.86
N LEU A 33 -5.47 27.14 -9.86
CA LEU A 33 -5.88 25.71 -9.93
C LEU A 33 -6.82 25.49 -11.12
N GLU A 34 -7.57 26.49 -11.50
CA GLU A 34 -8.51 26.33 -12.65
C GLU A 34 -7.75 25.73 -13.84
N ASP A 35 -6.56 26.22 -14.11
CA ASP A 35 -5.78 25.66 -15.24
C ASP A 35 -5.40 24.22 -14.94
N GLY A 36 -4.98 23.96 -13.73
CA GLY A 36 -4.60 22.57 -13.35
C GLY A 36 -5.82 21.66 -13.42
N GLU A 37 -6.94 22.12 -12.93
CA GLU A 37 -8.17 21.28 -12.96
C GLU A 37 -8.60 21.07 -14.42
N TYR A 38 -8.45 22.06 -15.25
CA TYR A 38 -8.84 21.92 -16.68
C TYR A 38 -7.75 21.15 -17.43
N LEU A 39 -6.55 21.13 -16.91
CA LEU A 39 -5.44 20.41 -17.59
C LEU A 39 -5.38 18.95 -17.11
N MET A 40 -5.73 18.71 -15.87
CA MET A 40 -5.67 17.32 -15.34
C MET A 40 -6.90 16.52 -15.81
N ASP A 41 -8.01 17.15 -16.02
CA ASP A 41 -9.21 16.40 -16.46
C ASP A 41 -8.92 15.66 -17.77
N ILE A 42 -8.11 16.24 -18.63
CA ILE A 42 -7.79 15.56 -19.93
C ILE A 42 -6.55 14.68 -19.77
N ARG A 43 -5.69 15.00 -18.84
CA ARG A 43 -4.45 14.19 -18.62
C ARG A 43 -4.35 13.79 -17.15
N ASN A 44 -3.96 12.56 -16.88
CA ASN A 44 -3.84 12.11 -15.46
C ASN A 44 -2.41 12.34 -14.96
N TYR A 45 -2.24 12.53 -13.68
CA TYR A 45 -0.88 12.77 -13.11
C TYR A 45 -0.70 11.89 -11.86
N ASP A 46 0.51 11.55 -11.52
CA ASP A 46 0.75 10.71 -10.30
C ASP A 46 1.04 11.63 -9.11
N LEU A 47 1.86 12.63 -9.32
CA LEU A 47 2.20 13.58 -8.23
C LEU A 47 1.48 14.91 -8.49
N VAL A 48 0.49 15.22 -7.70
CA VAL A 48 -0.25 16.51 -7.87
C VAL A 48 0.13 17.44 -6.73
N MET A 49 0.95 18.43 -7.03
CA MET A 49 1.42 19.38 -5.97
C MET A 49 0.89 20.79 -6.30
N VAL A 50 0.57 21.55 -5.28
CA VAL A 50 0.03 22.92 -5.50
C VAL A 50 0.55 23.87 -4.42
N SER A 51 1.02 25.03 -4.81
CA SER A 51 1.53 26.03 -3.82
C SER A 51 0.43 27.07 -3.55
N ASP A 52 -0.74 26.88 -4.11
CA ASP A 52 -1.84 27.87 -3.88
C ASP A 52 -2.43 27.66 -2.48
N LYS A 53 -2.77 28.72 -1.81
CA LYS A 53 -3.34 28.59 -0.44
C LYS A 53 -4.81 28.14 -0.48
N ASN A 54 -5.59 28.70 -1.37
CA ASN A 54 -7.03 28.31 -1.45
C ASN A 54 -7.15 26.89 -2.02
N ALA A 55 -6.07 26.16 -2.05
CA ALA A 55 -6.12 24.78 -2.59
C ALA A 55 -6.78 23.83 -1.57
N LEU A 56 -6.83 24.21 -0.32
CA LEU A 56 -7.45 23.32 0.71
C LEU A 56 -8.73 22.69 0.17
N SER A 57 -9.61 23.46 -0.38
CA SER A 57 -10.88 22.88 -0.91
C SER A 57 -10.56 22.00 -2.13
N PHE A 58 -9.64 22.40 -2.94
CA PHE A 58 -9.29 21.61 -4.14
C PHE A 58 -8.62 20.30 -3.72
N VAL A 59 -7.48 20.36 -3.10
CA VAL A 59 -6.79 19.11 -2.67
C VAL A 59 -7.80 18.20 -1.94
N SER A 60 -8.73 18.78 -1.26
CA SER A 60 -9.74 17.95 -0.53
C SER A 60 -10.49 17.08 -1.54
N ARG A 61 -11.05 17.68 -2.56
CA ARG A 61 -11.80 16.85 -3.54
C ARG A 61 -10.81 15.96 -4.31
N ILE A 62 -9.58 16.37 -4.45
CA ILE A 62 -8.60 15.52 -5.19
C ILE A 62 -8.57 14.14 -4.52
N LYS A 63 -8.49 14.11 -3.21
CA LYS A 63 -8.46 12.79 -2.52
C LYS A 63 -9.81 12.09 -2.78
N GLU A 64 -10.88 12.83 -2.74
CA GLU A 64 -12.22 12.22 -3.01
C GLU A 64 -12.29 11.78 -4.46
N LYS A 65 -11.96 12.67 -5.36
CA LYS A 65 -12.02 12.34 -6.82
C LYS A 65 -10.80 11.50 -7.22
N HIS A 66 -9.82 11.41 -6.35
CA HIS A 66 -8.61 10.60 -6.68
C HIS A 66 -7.91 10.21 -5.39
N SER A 67 -8.49 9.32 -4.64
CA SER A 67 -7.86 8.90 -3.36
C SER A 67 -6.59 8.09 -3.64
N SER A 68 -6.49 7.49 -4.80
CA SER A 68 -5.29 6.67 -5.13
C SER A 68 -4.24 7.55 -5.82
N ILE A 69 -3.93 8.68 -5.26
CA ILE A 69 -2.90 9.58 -5.89
C ILE A 69 -2.07 10.26 -4.79
N VAL A 70 -0.95 10.82 -5.13
CA VAL A 70 -0.10 11.49 -4.10
C VAL A 70 -0.45 12.99 -4.08
N VAL A 71 -0.48 13.58 -2.91
CA VAL A 71 -0.83 15.04 -2.81
C VAL A 71 0.22 15.75 -1.97
N LEU A 72 0.83 16.76 -2.52
CA LEU A 72 1.88 17.53 -1.78
C LEU A 72 1.55 19.02 -1.88
N VAL A 73 0.97 19.56 -0.84
CA VAL A 73 0.62 21.01 -0.84
C VAL A 73 1.75 21.77 -0.14
N SER A 74 1.92 23.03 -0.47
CA SER A 74 3.00 23.84 0.18
C SER A 74 2.38 25.06 0.86
N SER A 75 3.14 25.81 1.60
CA SER A 75 2.54 27.00 2.29
C SER A 75 3.64 27.85 2.94
N ASP A 76 3.73 29.09 2.56
CA ASP A 76 4.78 29.98 3.13
C ASP A 76 4.46 30.31 4.59
N ASN A 77 3.46 29.65 5.14
CA ASN A 77 3.08 29.91 6.57
C ASN A 77 2.78 28.58 7.27
N PRO A 78 3.81 27.83 7.59
CA PRO A 78 3.66 26.52 8.28
C PRO A 78 3.11 26.70 9.70
N THR A 79 1.83 26.85 9.81
CA THR A 79 1.17 27.03 11.13
C THR A 79 0.50 25.71 11.53
N SER A 80 0.38 25.46 12.80
CA SER A 80 -0.25 24.20 13.25
C SER A 80 -1.69 24.12 12.72
N GLU A 81 -2.33 25.25 12.53
CA GLU A 81 -3.73 25.24 12.02
C GLU A 81 -3.75 24.74 10.58
N GLU A 82 -2.82 25.15 9.78
CA GLU A 82 -2.80 24.70 8.36
C GLU A 82 -2.32 23.25 8.28
N GLU A 83 -1.41 22.87 9.12
CA GLU A 83 -0.89 21.47 9.09
C GLU A 83 -2.04 20.49 9.34
N VAL A 84 -2.76 20.66 10.43
CA VAL A 84 -3.89 19.73 10.71
C VAL A 84 -4.92 19.81 9.60
N HIS A 85 -5.16 20.99 9.08
CA HIS A 85 -6.16 21.14 7.99
C HIS A 85 -5.62 20.48 6.72
N ALA A 86 -4.32 20.40 6.58
CA ALA A 86 -3.74 19.76 5.36
C ALA A 86 -4.02 18.26 5.38
N PHE A 87 -3.84 17.62 6.50
CA PHE A 87 -4.11 16.16 6.57
C PHE A 87 -5.61 15.93 6.72
N GLU A 88 -6.30 16.86 7.31
CA GLU A 88 -7.77 16.70 7.48
C GLU A 88 -8.46 16.95 6.14
N GLN A 89 -8.16 18.05 5.51
CA GLN A 89 -8.80 18.35 4.20
C GLN A 89 -8.50 17.25 3.20
N GLY A 90 -7.26 16.86 3.06
CA GLY A 90 -6.91 15.79 2.10
C GLY A 90 -5.52 16.03 1.51
N ALA A 91 -4.49 15.89 2.31
CA ALA A 91 -3.09 16.11 1.79
C ALA A 91 -2.20 14.97 2.30
N ASP A 92 -1.38 14.42 1.44
CA ASP A 92 -0.49 13.31 1.89
C ASP A 92 0.71 13.90 2.62
N ASP A 93 1.19 15.03 2.16
CA ASP A 93 2.37 15.66 2.83
C ASP A 93 2.33 17.18 2.60
N TYR A 94 2.86 17.93 3.53
CA TYR A 94 2.88 19.42 3.40
C TYR A 94 4.33 19.90 3.52
N ILE A 95 4.76 20.77 2.63
CA ILE A 95 6.18 21.29 2.69
C ILE A 95 6.16 22.82 2.87
N ALA A 96 7.00 23.34 3.72
CA ALA A 96 7.06 24.81 3.90
C ALA A 96 7.41 25.40 2.53
N LYS A 97 6.57 26.24 1.98
CA LYS A 97 6.86 26.82 0.64
C LYS A 97 8.34 27.21 0.49
N PRO A 98 8.87 28.05 1.35
CA PRO A 98 10.26 28.51 1.19
C PRO A 98 11.22 27.41 0.71
N TYR A 99 10.78 26.18 0.74
CA TYR A 99 11.62 25.04 0.29
C TYR A 99 12.90 24.97 1.12
N ARG A 100 13.25 23.82 1.63
CA ARG A 100 14.50 23.73 2.44
C ARG A 100 15.71 23.83 1.50
N SER A 101 15.65 23.19 0.35
CA SER A 101 16.80 23.27 -0.60
C SER A 101 16.43 22.57 -1.92
N ILE A 102 15.25 22.79 -2.43
CA ILE A 102 14.83 22.15 -3.72
C ILE A 102 15.15 20.64 -3.69
N LYS A 103 16.38 20.27 -3.93
CA LYS A 103 16.76 18.83 -3.91
C LYS A 103 16.13 18.16 -2.69
N ALA A 104 15.99 18.89 -1.62
CA ALA A 104 15.35 18.30 -0.40
C ALA A 104 13.91 17.93 -0.74
N LEU A 105 13.22 18.81 -1.42
CA LEU A 105 11.81 18.54 -1.80
C LEU A 105 11.78 17.38 -2.81
N VAL A 106 12.59 17.44 -3.83
CA VAL A 106 12.61 16.34 -4.83
C VAL A 106 12.99 15.03 -4.14
N ALA A 107 13.92 15.08 -3.23
CA ALA A 107 14.32 13.82 -2.53
C ALA A 107 13.08 13.20 -1.89
N ARG A 108 12.24 14.01 -1.31
CA ARG A 108 11.00 13.47 -0.68
C ARG A 108 10.08 12.93 -1.77
N ILE A 109 10.06 13.55 -2.92
CA ILE A 109 9.19 13.07 -4.03
C ILE A 109 9.80 11.81 -4.63
N GLU A 110 11.10 11.69 -4.58
CA GLU A 110 11.74 10.48 -5.15
C GLU A 110 11.55 9.30 -4.20
N ALA A 111 11.97 9.43 -2.98
CA ALA A 111 11.81 8.31 -2.01
C ALA A 111 10.37 7.82 -2.03
N ARG A 112 9.42 8.73 -2.03
CA ARG A 112 8.00 8.31 -2.06
C ARG A 112 7.70 7.61 -3.38
N LEU A 113 8.34 8.03 -4.45
CA LEU A 113 8.09 7.40 -5.80
C LEU A 113 9.43 7.11 -6.49
N ARG A 114 10.13 6.10 -6.06
CA ARG A 114 11.44 5.77 -6.72
C ARG A 114 11.15 4.86 -7.91
N PHE A 115 10.91 3.60 -7.67
CA PHE A 115 10.62 2.67 -8.80
C PHE A 115 9.14 2.74 -9.16
N TRP A 116 8.27 2.62 -8.18
CA TRP A 116 6.81 2.68 -8.47
C TRP A 116 6.46 1.72 -9.60
N GLY A 117 6.01 0.55 -9.29
CA GLY A 117 5.66 -0.43 -10.36
C GLY A 117 5.38 -1.80 -9.74
N SER A 118 4.16 -2.26 -9.80
CA SER A 118 3.85 -3.60 -9.22
C SER A 118 2.60 -4.15 -9.89
N ASN A 119 2.38 -5.42 -9.72
CA ASN A 119 1.21 -6.05 -10.38
C ASN A 119 0.87 -7.35 -9.63
N VAL A 120 -0.34 -7.47 -9.16
CA VAL A 120 -0.71 -8.71 -8.41
C VAL A 120 -1.04 -9.83 -9.40
N ILE A 121 -1.51 -9.49 -10.58
CA ILE A 121 -1.84 -10.55 -11.60
C ILE A 121 -0.93 -10.37 -12.82
N GLU A 122 -0.48 -11.45 -13.39
CA GLU A 122 0.42 -11.36 -14.57
C GLU A 122 0.23 -12.60 -15.43
N ILE A 123 0.22 -12.45 -16.72
CA ILE A 123 0.05 -13.63 -17.61
C ILE A 123 0.54 -13.28 -19.02
N GLY A 124 1.50 -14.01 -19.51
CA GLY A 124 2.04 -13.73 -20.87
C GLY A 124 2.62 -12.31 -20.88
N ASP A 125 2.29 -11.52 -21.86
CA ASP A 125 2.81 -10.12 -21.94
C ASP A 125 1.77 -9.16 -21.37
N LEU A 126 0.66 -9.67 -20.88
CA LEU A 126 -0.40 -8.79 -20.31
C LEU A 126 -0.15 -8.60 -18.82
N THR A 127 -0.41 -7.42 -18.31
CA THR A 127 -0.21 -7.17 -16.85
C THR A 127 -1.46 -6.48 -16.30
N ILE A 128 -1.86 -6.84 -15.10
CA ILE A 128 -3.07 -6.20 -14.48
C ILE A 128 -2.78 -5.89 -13.01
N SER A 129 -2.96 -4.66 -12.62
CA SER A 129 -2.70 -4.23 -11.21
C SER A 129 -3.99 -3.64 -10.60
N PRO A 130 -4.77 -4.41 -9.88
CA PRO A 130 -6.04 -3.90 -9.28
C PRO A 130 -5.78 -3.06 -8.03
N ASP A 131 -4.78 -3.39 -7.27
CA ASP A 131 -4.48 -2.60 -6.05
C ASP A 131 -4.28 -1.13 -6.43
N GLU A 132 -3.51 -0.89 -7.46
CA GLU A 132 -3.28 0.52 -7.90
C GLU A 132 -4.39 0.92 -8.87
N GLU A 133 -5.34 0.06 -9.10
CA GLU A 133 -6.46 0.40 -10.03
C GLU A 133 -5.89 0.82 -11.39
N LYS A 134 -5.38 -0.11 -12.15
CA LYS A 134 -4.82 0.24 -13.49
C LYS A 134 -4.72 -1.02 -14.34
N ILE A 135 -4.97 -0.91 -15.62
CA ILE A 135 -4.87 -2.08 -16.54
C ILE A 135 -3.74 -1.83 -17.53
N ILE A 136 -2.96 -2.84 -17.82
CA ILE A 136 -1.81 -2.67 -18.77
C ILE A 136 -1.91 -3.74 -19.86
N TYR A 137 -1.89 -3.35 -21.11
CA TYR A 137 -1.99 -4.34 -22.23
C TYR A 137 -0.99 -4.01 -23.34
N LYS A 138 -0.32 -5.02 -23.84
CA LYS A 138 0.67 -4.81 -24.94
C LYS A 138 1.72 -3.77 -24.53
N GLY A 139 2.04 -3.69 -23.27
CA GLY A 139 3.09 -2.71 -22.84
C GLY A 139 2.52 -1.29 -22.77
N ARG A 140 1.22 -1.16 -22.75
CA ARG A 140 0.60 0.20 -22.69
C ARG A 140 -0.10 0.38 -21.33
N GLU A 141 0.22 1.43 -20.63
CA GLU A 141 -0.42 1.68 -19.29
C GLU A 141 -1.63 2.61 -19.47
N VAL A 142 -2.77 2.21 -18.96
CA VAL A 142 -3.99 3.06 -19.08
C VAL A 142 -4.76 3.03 -17.75
N GLU A 143 -5.31 4.14 -17.34
CA GLU A 143 -6.07 4.18 -16.06
C GLU A 143 -7.57 4.02 -16.33
N VAL A 144 -8.26 3.35 -15.46
CA VAL A 144 -9.74 3.16 -15.64
C VAL A 144 -10.45 3.26 -14.28
N LYS A 145 -11.58 3.88 -14.23
CA LYS A 145 -12.31 4.02 -12.94
C LYS A 145 -13.81 4.19 -13.24
N GLY A 146 -14.27 3.64 -14.32
CA GLY A 146 -15.71 3.76 -14.67
C GLY A 146 -16.51 2.64 -14.01
N LYS A 147 -17.70 2.38 -14.50
CA LYS A 147 -18.55 1.30 -13.92
C LYS A 147 -18.10 -0.09 -14.44
N PRO A 148 -17.74 -0.18 -15.70
CA PRO A 148 -17.32 -1.47 -16.30
C PRO A 148 -15.81 -1.73 -16.16
N PHE A 149 -15.17 -1.06 -15.24
CA PHE A 149 -13.70 -1.28 -15.04
C PHE A 149 -13.48 -2.33 -13.95
N GLU A 150 -14.01 -2.09 -12.78
CA GLU A 150 -13.84 -3.06 -11.66
C GLU A 150 -14.25 -4.46 -12.11
N VAL A 151 -15.23 -4.56 -12.96
CA VAL A 151 -15.67 -5.91 -13.42
C VAL A 151 -14.53 -6.57 -14.19
N LEU A 152 -13.83 -5.83 -15.01
CA LEU A 152 -12.70 -6.41 -15.79
C LEU A 152 -11.63 -6.89 -14.80
N THR A 153 -11.29 -6.06 -13.84
CA THR A 153 -10.26 -6.47 -12.85
C THR A 153 -10.80 -7.60 -11.99
N HIS A 154 -12.10 -7.66 -11.83
CA HIS A 154 -12.70 -8.73 -10.99
C HIS A 154 -12.37 -10.10 -11.58
N LEU A 155 -12.68 -10.31 -12.84
CA LEU A 155 -12.38 -11.63 -13.46
C LEU A 155 -10.87 -11.78 -13.61
N ALA A 156 -10.15 -10.70 -13.60
CA ALA A 156 -8.67 -10.81 -13.72
C ALA A 156 -8.11 -11.52 -12.49
N ARG A 157 -8.59 -11.17 -11.32
CA ARG A 157 -8.10 -11.84 -10.08
C ARG A 157 -8.74 -13.22 -9.97
N HIS A 158 -10.04 -13.27 -10.13
CA HIS A 158 -10.75 -14.58 -10.02
C HIS A 158 -10.43 -15.43 -11.25
N ARG A 159 -9.40 -15.09 -11.96
CA ARG A 159 -9.04 -15.88 -13.17
C ARG A 159 -8.95 -17.36 -12.79
N ASP A 160 -9.11 -18.24 -13.75
CA ASP A 160 -9.04 -19.69 -13.45
C ASP A 160 -10.03 -20.04 -12.34
N GLN A 161 -11.25 -19.60 -12.46
CA GLN A 161 -12.28 -19.91 -11.41
C GLN A 161 -13.67 -19.83 -12.03
N ILE A 162 -14.60 -20.58 -11.50
CA ILE A 162 -16.00 -20.57 -12.04
C ILE A 162 -16.80 -19.48 -11.34
N VAL A 163 -17.60 -18.75 -12.07
CA VAL A 163 -18.43 -17.67 -11.44
C VAL A 163 -19.83 -17.67 -12.07
N SER A 164 -20.86 -17.65 -11.27
CA SER A 164 -22.23 -17.66 -11.83
C SER A 164 -22.60 -16.26 -12.31
N LYS A 165 -23.64 -16.15 -13.09
CA LYS A 165 -24.05 -14.81 -13.60
C LYS A 165 -24.47 -13.91 -12.45
N GLU A 166 -25.31 -14.41 -11.57
CA GLU A 166 -25.77 -13.57 -10.43
C GLU A 166 -24.57 -13.08 -9.62
N GLN A 167 -23.56 -13.89 -9.47
CA GLN A 167 -22.37 -13.45 -8.68
C GLN A 167 -21.85 -12.12 -9.23
N LEU A 168 -21.71 -12.01 -10.52
CA LEU A 168 -21.21 -10.74 -11.12
C LEU A 168 -22.19 -9.61 -10.78
N LEU A 169 -23.46 -9.85 -10.90
CA LEU A 169 -24.46 -8.80 -10.59
C LEU A 169 -24.24 -8.26 -9.17
N ASP A 170 -24.16 -9.12 -8.19
CA ASP A 170 -23.96 -8.65 -6.78
C ASP A 170 -22.49 -8.33 -6.52
N ALA A 171 -21.61 -8.71 -7.40
CA ALA A 171 -20.16 -8.43 -7.16
C ALA A 171 -19.89 -6.93 -7.32
N ILE A 172 -20.29 -6.36 -8.42
CA ILE A 172 -20.05 -4.90 -8.63
C ILE A 172 -21.18 -4.10 -7.97
N TRP A 173 -22.38 -4.61 -8.04
CA TRP A 173 -23.55 -3.91 -7.43
C TRP A 173 -24.01 -4.67 -6.18
N GLU A 174 -23.27 -4.58 -5.10
CA GLU A 174 -23.65 -5.30 -3.85
C GLU A 174 -24.62 -4.43 -3.04
N GLU A 175 -24.43 -3.14 -3.05
CA GLU A 175 -25.33 -2.25 -2.25
C GLU A 175 -26.70 -2.13 -2.95
N PRO A 176 -27.78 -2.01 -2.20
CA PRO A 176 -29.14 -1.88 -2.81
C PRO A 176 -29.16 -0.91 -4.01
N GLU A 177 -29.34 -1.42 -5.20
CA GLU A 177 -29.39 -0.53 -6.40
C GLU A 177 -30.27 -1.19 -7.48
N MET A 178 -30.70 -0.43 -8.44
CA MET A 178 -31.56 -1.00 -9.52
C MET A 178 -30.77 -2.04 -10.32
N VAL A 179 -30.48 -3.16 -9.74
CA VAL A 179 -29.73 -4.22 -10.47
C VAL A 179 -30.71 -5.07 -11.28
N THR A 180 -31.84 -5.41 -10.71
CA THR A 180 -32.84 -6.22 -11.45
C THR A 180 -32.13 -7.41 -12.12
N PRO A 181 -32.07 -8.55 -11.45
CA PRO A 181 -31.38 -9.77 -12.01
C PRO A 181 -31.79 -10.06 -13.46
N ASN A 182 -31.26 -9.33 -14.40
CA ASN A 182 -31.61 -9.56 -15.83
C ASN A 182 -30.73 -8.65 -16.70
N VAL A 183 -30.19 -7.61 -16.11
CA VAL A 183 -29.32 -6.68 -16.90
C VAL A 183 -27.97 -7.33 -17.15
N ILE A 184 -27.65 -8.37 -16.44
CA ILE A 184 -26.33 -9.04 -16.64
C ILE A 184 -26.09 -9.27 -18.13
N GLU A 185 -27.09 -9.72 -18.84
CA GLU A 185 -26.92 -9.97 -20.31
C GLU A 185 -26.37 -8.72 -20.97
N VAL A 186 -26.75 -7.57 -20.49
CA VAL A 186 -26.27 -6.31 -21.11
C VAL A 186 -24.84 -6.01 -20.65
N ALA A 187 -24.58 -6.08 -19.37
CA ALA A 187 -23.21 -5.78 -18.87
C ALA A 187 -22.22 -6.81 -19.41
N ILE A 188 -22.56 -8.06 -19.41
CA ILE A 188 -21.62 -9.08 -19.93
C ILE A 188 -21.42 -8.88 -21.44
N ASN A 189 -22.48 -8.62 -22.16
CA ASN A 189 -22.34 -8.42 -23.63
C ASN A 189 -21.47 -7.19 -23.88
N GLN A 190 -21.69 -6.14 -23.15
CA GLN A 190 -20.86 -4.91 -23.34
C GLN A 190 -19.41 -5.19 -22.97
N ILE A 191 -19.19 -5.93 -21.92
CA ILE A 191 -17.80 -6.24 -21.51
C ILE A 191 -17.11 -7.11 -22.58
N ARG A 192 -17.79 -8.11 -23.07
CA ARG A 192 -17.18 -8.99 -24.10
C ARG A 192 -16.78 -8.16 -25.32
N GLN A 193 -17.59 -7.21 -25.69
CA GLN A 193 -17.27 -6.37 -26.88
C GLN A 193 -16.23 -5.30 -26.51
N LYS A 194 -16.17 -4.90 -25.25
CA LYS A 194 -15.19 -3.85 -24.85
C LYS A 194 -13.87 -4.47 -24.40
N MET A 195 -13.85 -5.74 -24.10
CA MET A 195 -12.58 -6.39 -23.65
C MET A 195 -11.82 -6.97 -24.84
N ASP A 196 -12.50 -7.60 -25.76
CA ASP A 196 -11.79 -8.18 -26.94
C ASP A 196 -11.20 -7.08 -27.81
N LYS A 197 -11.89 -5.96 -27.94
CA LYS A 197 -11.34 -4.86 -28.78
C LYS A 197 -9.89 -4.56 -28.34
N PRO A 198 -9.69 -4.12 -27.12
CA PRO A 198 -8.31 -3.83 -26.63
C PRO A 198 -7.47 -5.10 -26.53
N LEU A 199 -7.92 -6.06 -25.77
CA LEU A 199 -7.17 -7.34 -25.65
C LEU A 199 -7.60 -8.26 -26.80
N GLY A 200 -6.90 -8.23 -27.90
CA GLY A 200 -7.27 -9.10 -29.05
C GLY A 200 -7.23 -10.57 -28.63
N ILE A 201 -6.90 -10.84 -27.40
CA ILE A 201 -6.84 -12.25 -26.91
C ILE A 201 -8.01 -12.51 -25.97
N SER A 202 -8.75 -13.57 -26.18
CA SER A 202 -9.90 -13.87 -25.28
C SER A 202 -9.38 -14.46 -23.98
N THR A 203 -10.04 -14.19 -22.88
CA THR A 203 -9.59 -14.72 -21.56
C THR A 203 -10.81 -15.15 -20.74
N VAL A 204 -11.98 -15.08 -21.33
CA VAL A 204 -13.22 -15.49 -20.61
C VAL A 204 -13.91 -16.63 -21.36
N GLU A 205 -14.30 -17.66 -20.66
CA GLU A 205 -14.98 -18.82 -21.32
C GLU A 205 -16.48 -18.75 -21.01
N THR A 206 -17.31 -18.61 -22.01
CA THR A 206 -18.78 -18.53 -21.77
C THR A 206 -19.39 -19.93 -21.90
N VAL A 207 -20.17 -20.33 -20.93
CA VAL A 207 -20.81 -21.68 -20.99
C VAL A 207 -22.20 -21.58 -20.35
N ARG A 208 -23.20 -22.09 -21.01
CA ARG A 208 -24.58 -22.02 -20.44
C ARG A 208 -24.60 -22.69 -19.06
N ARG A 209 -23.78 -23.68 -18.86
CA ARG A 209 -23.75 -24.38 -17.54
C ARG A 209 -23.29 -23.41 -16.45
N ARG A 210 -23.94 -23.43 -15.31
CA ARG A 210 -23.55 -22.52 -14.21
C ARG A 210 -23.62 -21.05 -14.67
N GLY A 211 -22.65 -20.60 -15.41
CA GLY A 211 -22.67 -19.19 -15.88
C GLY A 211 -21.45 -18.93 -16.77
N TYR A 212 -20.56 -18.07 -16.34
CA TYR A 212 -19.33 -17.76 -17.14
C TYR A 212 -18.10 -18.27 -16.39
N ARG A 213 -17.19 -18.92 -17.08
CA ARG A 213 -15.95 -19.45 -16.42
C ARG A 213 -14.75 -18.64 -16.91
N PHE A 214 -13.84 -18.32 -16.02
CA PHE A 214 -12.64 -17.52 -16.42
C PHE A 214 -11.39 -18.41 -16.43
N CYS A 215 -10.59 -18.30 -17.46
CA CYS A 215 -9.36 -19.14 -17.56
C CYS A 215 -8.33 -18.43 -18.44
N TYR A 216 -7.08 -18.72 -18.28
CA TYR A 216 -6.04 -18.06 -19.11
C TYR A 216 -6.23 -18.46 -20.58
N PRO A 217 -5.79 -17.64 -21.51
CA PRO A 217 -5.92 -17.95 -22.97
C PRO A 217 -5.67 -19.43 -23.27
N LYS A 218 -6.26 -19.95 -24.31
CA LYS A 218 -6.06 -21.40 -24.64
C LYS A 218 -4.64 -21.64 -25.20
N PRO A 219 -4.13 -20.75 -26.01
CA PRO A 219 -2.78 -20.90 -26.60
C PRO A 219 -1.66 -20.30 -25.72
N ALA A 220 -1.97 -20.02 -24.48
CA ALA A 220 -0.94 -19.44 -23.58
C ALA A 220 0.27 -20.38 -23.52
N CYS A 221 0.04 -21.66 -23.57
CA CYS A 221 1.16 -22.63 -23.54
C CYS A 221 1.77 -22.76 -24.93
N GLU A 222 3.07 -22.83 -25.02
CA GLU A 222 3.72 -22.96 -26.35
C GLU A 222 3.39 -24.32 -26.97
N GLU A 223 3.12 -25.30 -26.15
CA GLU A 223 2.79 -26.65 -26.69
C GLU A 223 3.88 -27.09 -27.68
N MET B 1 -1.36 -1.31 20.20
CA MET B 1 -0.32 -0.41 19.63
C MET B 1 0.26 0.47 20.75
N ARG B 2 1.54 0.75 20.68
CA ARG B 2 2.19 1.59 21.73
C ARG B 2 3.13 2.60 21.06
N VAL B 3 3.35 3.73 21.69
CA VAL B 3 4.26 4.77 21.10
C VAL B 3 5.53 4.87 21.94
N LEU B 4 6.68 4.89 21.28
CA LEU B 4 7.98 4.96 22.01
C LEU B 4 8.57 6.37 21.86
N LEU B 5 8.75 7.06 22.97
CA LEU B 5 9.34 8.44 22.93
C LEU B 5 10.70 8.40 23.62
N ILE B 6 11.77 8.35 22.87
CA ILE B 6 13.12 8.32 23.50
C ILE B 6 13.58 9.76 23.74
N GLU B 7 13.45 10.23 24.95
CA GLU B 7 13.87 11.63 25.29
C GLU B 7 14.37 11.66 26.73
N LYS B 8 15.46 12.36 26.97
CA LYS B 8 16.00 12.43 28.35
C LYS B 8 15.17 13.43 29.16
N ASN B 9 14.66 14.45 28.52
CA ASN B 9 13.84 15.46 29.25
C ASN B 9 12.46 14.88 29.54
N SER B 10 12.18 14.59 30.79
CA SER B 10 10.85 14.02 31.13
C SER B 10 9.76 15.08 30.92
N VAL B 11 10.11 16.33 31.02
CA VAL B 11 9.09 17.40 30.82
C VAL B 11 8.50 17.29 29.41
N LEU B 12 9.32 17.24 28.40
CA LEU B 12 8.79 17.12 27.01
C LEU B 12 8.05 15.80 26.86
N GLY B 13 8.51 14.76 27.50
CA GLY B 13 7.82 13.45 27.40
C GLY B 13 6.50 13.52 28.16
N GLY B 14 6.44 14.40 29.12
CA GLY B 14 5.19 14.52 29.91
C GLY B 14 4.07 15.10 29.04
N GLU B 15 4.32 16.21 28.42
CA GLU B 15 3.28 16.83 27.55
C GLU B 15 2.86 15.84 26.45
N ILE B 16 3.80 15.24 25.77
CA ILE B 16 3.41 14.26 24.70
C ILE B 16 2.63 13.12 25.34
N GLU B 17 3.02 12.69 26.51
CA GLU B 17 2.30 11.57 27.18
C GLU B 17 0.81 11.93 27.30
N LYS B 18 0.52 13.15 27.66
CA LYS B 18 -0.91 13.56 27.80
C LYS B 18 -1.43 14.06 26.45
N GLY B 19 -0.58 14.10 25.47
CA GLY B 19 -1.01 14.57 24.13
C GLY B 19 -1.63 13.41 23.35
N LEU B 20 -0.92 12.32 23.22
CA LEU B 20 -1.48 11.17 22.46
C LEU B 20 -2.57 10.46 23.28
N ASN B 21 -2.59 10.67 24.58
CA ASN B 21 -3.61 10.01 25.43
C ASN B 21 -5.00 10.30 24.85
N VAL B 22 -5.19 11.45 24.27
CA VAL B 22 -6.52 11.78 23.69
C VAL B 22 -6.86 10.78 22.59
N LYS B 23 -5.87 10.32 21.88
CA LYS B 23 -6.12 9.33 20.79
C LYS B 23 -6.25 7.94 21.40
N GLY B 24 -6.02 7.82 22.67
CA GLY B 24 -6.13 6.50 23.34
C GLY B 24 -4.86 5.67 23.08
N PHE B 25 -3.79 6.31 22.71
CA PHE B 25 -2.52 5.57 22.45
C PHE B 25 -1.69 5.53 23.73
N MET B 26 -0.77 4.60 23.82
CA MET B 26 0.09 4.50 25.05
C MET B 26 1.45 5.14 24.75
N ALA B 27 1.99 5.90 25.67
CA ALA B 27 3.31 6.56 25.44
C ALA B 27 4.36 5.99 26.39
N ASP B 28 5.59 5.93 25.95
CA ASP B 28 6.70 5.40 26.82
C ASP B 28 7.86 6.38 26.74
N VAL B 29 8.44 6.72 27.86
CA VAL B 29 9.58 7.69 27.88
C VAL B 29 10.87 6.93 28.24
N THR B 30 11.93 7.18 27.52
CA THR B 30 13.23 6.49 27.81
C THR B 30 14.36 7.50 27.72
N GLU B 31 15.54 7.13 28.15
CA GLU B 31 16.70 8.07 28.09
C GLU B 31 17.47 7.87 26.78
N SER B 32 18.63 7.28 26.84
CA SER B 32 19.44 7.07 25.61
C SER B 32 18.90 5.86 24.84
N LEU B 33 19.35 5.68 23.64
CA LEU B 33 18.87 4.54 22.81
C LEU B 33 19.02 3.23 23.61
N GLU B 34 19.99 3.15 24.48
CA GLU B 34 20.18 1.90 25.27
C GLU B 34 18.86 1.50 25.94
N ASP B 35 18.24 2.42 26.64
CA ASP B 35 16.96 2.09 27.32
C ASP B 35 15.90 1.74 26.27
N GLY B 36 15.89 2.45 25.18
CA GLY B 36 14.87 2.16 24.11
C GLY B 36 15.21 0.82 23.45
N GLU B 37 16.46 0.54 23.24
CA GLU B 37 16.84 -0.74 22.59
C GLU B 37 16.56 -1.91 23.54
N TYR B 38 16.80 -1.73 24.81
CA TYR B 38 16.55 -2.83 25.78
C TYR B 38 15.06 -2.89 26.13
N LEU B 39 14.42 -1.76 26.27
CA LEU B 39 12.98 -1.74 26.62
C LEU B 39 12.15 -2.28 25.45
N MET B 40 12.45 -1.86 24.24
CA MET B 40 11.66 -2.34 23.07
C MET B 40 11.89 -3.84 22.87
N ASP B 41 12.98 -4.36 23.33
CA ASP B 41 13.27 -5.81 23.15
C ASP B 41 12.19 -6.64 23.85
N ILE B 42 11.78 -6.24 25.03
CA ILE B 42 10.75 -7.02 25.77
C ILE B 42 9.35 -6.67 25.25
N ARG B 43 9.15 -5.45 24.79
CA ARG B 43 7.80 -5.04 24.27
C ARG B 43 7.97 -4.39 22.90
N ASN B 44 7.06 -4.65 21.99
CA ASN B 44 7.14 -4.05 20.62
C ASN B 44 6.25 -2.81 20.56
N TYR B 45 6.64 -1.83 19.79
CA TYR B 45 5.82 -0.57 19.67
C TYR B 45 5.47 -0.33 18.20
N ASP B 46 4.31 0.21 17.94
CA ASP B 46 3.93 0.48 16.53
C ASP B 46 4.61 1.76 16.04
N LEU B 47 4.62 2.77 16.87
CA LEU B 47 5.27 4.06 16.49
C LEU B 47 6.62 4.17 17.19
N VAL B 48 7.70 4.19 16.45
CA VAL B 48 9.05 4.32 17.07
C VAL B 48 9.48 5.77 16.95
N MET B 49 9.29 6.54 17.99
CA MET B 49 9.67 7.99 17.94
C MET B 49 10.87 8.26 18.84
N VAL B 50 11.84 9.00 18.33
CA VAL B 50 13.05 9.32 19.14
C VAL B 50 13.55 10.71 18.76
N SER B 51 13.85 11.53 19.74
CA SER B 51 14.36 12.91 19.46
C SER B 51 15.87 12.96 19.67
N ASP B 52 16.51 11.83 19.80
CA ASP B 52 17.98 11.82 20.00
C ASP B 52 18.70 12.09 18.67
N LYS B 53 19.78 12.80 18.71
CA LYS B 53 20.52 13.10 17.45
C LYS B 53 21.04 11.80 16.84
N ASN B 54 21.48 10.88 17.65
CA ASN B 54 22.01 9.60 17.11
C ASN B 54 20.86 8.75 16.56
N ALA B 55 19.72 9.37 16.35
CA ALA B 55 18.56 8.59 15.81
C ALA B 55 18.94 7.93 14.49
N LEU B 56 19.67 8.61 13.66
CA LEU B 56 20.06 8.02 12.34
C LEU B 56 20.58 6.59 12.56
N SER B 57 21.38 6.38 13.57
CA SER B 57 21.91 5.01 13.82
C SER B 57 20.78 4.11 14.37
N PHE B 58 19.99 4.61 15.27
CA PHE B 58 18.88 3.79 15.83
C PHE B 58 17.88 3.44 14.74
N VAL B 59 17.31 4.42 14.10
CA VAL B 59 16.30 4.11 13.04
C VAL B 59 16.92 3.14 12.03
N SER B 60 18.18 3.29 11.75
CA SER B 60 18.83 2.38 10.77
C SER B 60 18.62 0.92 11.21
N ARG B 61 18.96 0.61 12.44
CA ARG B 61 18.78 -0.80 12.90
C ARG B 61 17.29 -1.13 13.04
N ILE B 62 16.47 -0.18 13.42
CA ILE B 62 15.02 -0.50 13.56
C ILE B 62 14.39 -0.73 12.18
N LYS B 63 14.84 -0.03 11.19
CA LYS B 63 14.28 -0.21 9.83
C LYS B 63 14.63 -1.59 9.28
N GLU B 64 15.85 -2.02 9.43
CA GLU B 64 16.23 -3.37 8.89
C GLU B 64 15.76 -4.47 9.85
N LYS B 65 15.99 -4.30 11.13
CA LYS B 65 15.56 -5.35 12.10
C LYS B 65 14.03 -5.43 12.15
N HIS B 66 13.36 -4.38 11.80
CA HIS B 66 11.87 -4.40 11.83
C HIS B 66 11.33 -3.36 10.85
N SER B 67 11.57 -3.52 9.58
CA SER B 67 11.06 -2.54 8.58
C SER B 67 9.54 -2.40 8.71
N SER B 68 8.87 -3.46 9.05
CA SER B 68 7.38 -3.39 9.19
C SER B 68 7.01 -2.56 10.42
N ILE B 69 7.61 -1.42 10.59
CA ILE B 69 7.29 -0.56 11.77
C ILE B 69 7.38 0.91 11.37
N VAL B 70 6.71 1.78 12.08
CA VAL B 70 6.74 3.24 11.73
C VAL B 70 7.84 3.93 12.56
N VAL B 71 8.51 4.90 11.98
CA VAL B 71 9.60 5.61 12.72
C VAL B 71 9.41 7.13 12.59
N LEU B 72 9.35 7.82 13.70
CA LEU B 72 9.17 9.31 13.68
C LEU B 72 10.36 9.96 14.41
N VAL B 73 11.33 10.41 13.67
CA VAL B 73 12.50 11.06 14.32
C VAL B 73 12.23 12.56 14.44
N SER B 74 12.87 13.22 15.37
CA SER B 74 12.66 14.69 15.54
C SER B 74 14.03 15.38 15.56
N SER B 75 14.06 16.68 15.48
CA SER B 75 15.40 17.37 15.47
C SER B 75 15.21 18.88 15.56
N ASP B 76 15.84 19.50 16.53
CA ASP B 76 15.71 20.97 16.71
C ASP B 76 16.55 21.70 15.65
N ASN B 77 16.86 21.04 14.56
CA ASN B 77 17.70 21.69 13.51
C ASN B 77 17.29 21.18 12.12
N PRO B 78 16.04 21.35 11.75
CA PRO B 78 15.53 20.89 10.43
C PRO B 78 16.31 21.52 9.27
N THR B 79 17.43 20.92 8.93
CA THR B 79 18.26 21.43 7.81
C THR B 79 18.14 20.44 6.64
N SER B 80 18.46 20.87 5.46
CA SER B 80 18.34 19.96 4.29
C SER B 80 19.29 18.77 4.46
N GLU B 81 20.32 18.91 5.26
CA GLU B 81 21.27 17.79 5.46
C GLU B 81 20.56 16.67 6.26
N GLU B 82 19.89 17.02 7.32
CA GLU B 82 19.19 15.99 8.13
C GLU B 82 17.96 15.50 7.37
N GLU B 83 17.39 16.31 6.53
CA GLU B 83 16.19 15.90 5.77
C GLU B 83 16.52 14.71 4.86
N VAL B 84 17.53 14.85 4.04
CA VAL B 84 17.91 13.73 3.13
C VAL B 84 18.41 12.54 3.94
N HIS B 85 19.14 12.79 5.00
CA HIS B 85 19.65 11.65 5.82
C HIS B 85 18.49 10.94 6.51
N ALA B 86 17.48 11.66 6.91
CA ALA B 86 16.33 11.01 7.60
C ALA B 86 15.61 10.06 6.63
N PHE B 87 15.42 10.47 5.40
CA PHE B 87 14.72 9.59 4.42
C PHE B 87 15.72 8.59 3.85
N GLU B 88 16.95 8.98 3.65
CA GLU B 88 17.95 8.05 3.10
C GLU B 88 18.31 6.99 4.14
N GLN B 89 18.54 7.40 5.37
CA GLN B 89 18.90 6.41 6.42
C GLN B 89 17.71 5.45 6.64
N GLY B 90 16.54 5.99 6.84
CA GLY B 90 15.35 5.10 7.06
C GLY B 90 14.42 5.73 8.10
N ALA B 91 13.71 6.78 7.75
CA ALA B 91 12.77 7.44 8.71
C ALA B 91 11.40 7.56 8.04
N ASP B 92 10.35 7.18 8.72
CA ASP B 92 8.99 7.29 8.10
C ASP B 92 8.62 8.77 7.99
N ASP B 93 8.89 9.52 9.01
CA ASP B 93 8.56 10.98 8.98
C ASP B 93 9.49 11.72 9.94
N TYR B 94 9.73 12.98 9.68
CA TYR B 94 10.65 13.78 10.56
C TYR B 94 9.91 15.06 11.00
N ILE B 95 9.83 15.32 12.29
CA ILE B 95 9.14 16.57 12.79
C ILE B 95 10.15 17.50 13.47
N ALA B 96 10.01 18.79 13.26
CA ALA B 96 10.94 19.74 13.91
C ALA B 96 10.77 19.58 15.42
N LYS B 97 11.83 19.28 16.13
CA LYS B 97 11.70 19.08 17.61
C LYS B 97 10.81 20.15 18.25
N PRO B 98 11.09 21.41 18.09
CA PRO B 98 10.32 22.46 18.77
C PRO B 98 8.80 22.17 18.79
N TYR B 99 8.36 21.19 18.06
CA TYR B 99 6.92 20.82 18.03
C TYR B 99 6.10 22.03 17.56
N ARG B 100 5.40 21.91 16.47
CA ARG B 100 4.59 23.06 16.00
C ARG B 100 3.48 23.34 17.03
N SER B 101 2.86 22.31 17.56
CA SER B 101 1.79 22.54 18.58
C SER B 101 1.32 21.21 19.17
N ILE B 102 2.22 20.32 19.51
CA ILE B 102 1.80 19.01 20.10
C ILE B 102 0.70 18.36 19.24
N LYS B 103 -0.47 18.92 19.25
CA LYS B 103 -1.58 18.35 18.43
C LYS B 103 -1.08 18.21 17.00
N ALA B 104 -0.17 19.06 16.60
CA ALA B 104 0.38 18.96 15.22
C ALA B 104 1.20 17.67 15.13
N LEU B 105 1.92 17.36 16.17
CA LEU B 105 2.75 16.11 16.17
C LEU B 105 1.81 14.89 16.20
N VAL B 106 0.96 14.82 17.19
CA VAL B 106 0.02 13.66 17.28
C VAL B 106 -0.87 13.62 16.03
N ALA B 107 -1.33 14.77 15.58
CA ALA B 107 -2.20 14.78 14.37
C ALA B 107 -1.50 14.01 13.26
N ARG B 108 -0.22 14.24 13.06
CA ARG B 108 0.51 13.51 12.00
C ARG B 108 0.54 12.02 12.33
N ILE B 109 0.62 11.68 13.59
CA ILE B 109 0.63 10.25 13.97
C ILE B 109 -0.77 9.67 13.78
N GLU B 110 -1.77 10.48 13.96
CA GLU B 110 -3.16 9.99 13.79
C GLU B 110 -3.40 9.63 12.32
N ALA B 111 -3.23 10.58 11.44
CA ALA B 111 -3.46 10.29 10.00
C ALA B 111 -2.55 9.13 9.57
N ARG B 112 -1.41 9.00 10.19
CA ARG B 112 -0.49 7.88 9.83
C ARG B 112 -1.21 6.55 10.06
N LEU B 113 -1.85 6.38 11.19
CA LEU B 113 -2.58 5.10 11.45
C LEU B 113 -3.74 5.36 12.43
N ARG B 114 -4.94 5.47 11.92
CA ARG B 114 -6.12 5.71 12.82
C ARG B 114 -6.70 4.35 13.26
N PHE B 115 -7.36 3.68 12.36
CA PHE B 115 -7.97 2.36 12.72
C PHE B 115 -6.87 1.32 12.95
N TRP B 116 -5.80 1.40 12.20
CA TRP B 116 -4.69 0.42 12.38
C TRP B 116 -5.26 -1.00 12.33
N GLY B 117 -5.41 -1.55 11.15
CA GLY B 117 -5.95 -2.93 11.04
C GLY B 117 -6.55 -3.14 9.65
N SER B 118 -6.21 -4.22 9.00
CA SER B 118 -6.76 -4.48 7.64
C SER B 118 -6.52 -5.94 7.28
N ASN B 119 -7.13 -6.38 6.23
CA ASN B 119 -6.99 -7.80 5.83
C ASN B 119 -7.29 -7.94 4.33
N VAL B 120 -6.52 -8.74 3.63
CA VAL B 120 -6.75 -8.92 2.16
C VAL B 120 -7.38 -10.29 1.90
N ILE B 121 -6.88 -11.33 2.51
CA ILE B 121 -7.46 -12.70 2.27
C ILE B 121 -8.40 -13.07 3.42
N GLU B 122 -9.50 -13.71 3.12
CA GLU B 122 -10.46 -14.12 4.18
C GLU B 122 -11.16 -15.42 3.76
N ILE B 123 -10.94 -16.49 4.49
CA ILE B 123 -11.59 -17.80 4.15
C ILE B 123 -12.16 -18.41 5.44
N GLY B 124 -13.44 -18.63 5.49
CA GLY B 124 -14.03 -19.22 6.72
C GLY B 124 -13.75 -18.31 7.92
N ASP B 125 -13.43 -18.88 9.05
CA ASP B 125 -13.14 -18.04 10.25
C ASP B 125 -11.64 -17.66 10.27
N LEU B 126 -10.92 -18.03 9.25
CA LEU B 126 -9.46 -17.70 9.21
C LEU B 126 -9.28 -16.39 8.43
N THR B 127 -8.47 -15.49 8.94
CA THR B 127 -8.24 -14.20 8.21
C THR B 127 -6.74 -13.92 8.15
N ILE B 128 -6.20 -13.75 6.96
CA ILE B 128 -4.73 -13.47 6.83
C ILE B 128 -4.53 -12.06 6.26
N SER B 129 -3.76 -11.25 6.94
CA SER B 129 -3.49 -9.85 6.49
C SER B 129 -2.02 -9.75 6.07
N PRO B 130 -1.69 -10.00 4.81
CA PRO B 130 -0.28 -9.92 4.35
C PRO B 130 0.21 -8.48 4.19
N ASP B 131 -0.69 -7.57 3.89
CA ASP B 131 -0.28 -6.15 3.74
C ASP B 131 0.22 -5.64 5.10
N GLU B 132 -0.47 -5.96 6.16
CA GLU B 132 -0.05 -5.50 7.51
C GLU B 132 0.85 -6.58 8.14
N GLU B 133 1.22 -7.57 7.38
CA GLU B 133 2.09 -8.65 7.93
C GLU B 133 1.51 -9.15 9.24
N LYS B 134 0.33 -9.71 9.20
CA LYS B 134 -0.30 -10.23 10.46
C LYS B 134 -1.21 -11.41 10.11
N ILE B 135 -1.05 -12.51 10.81
CA ILE B 135 -1.89 -13.73 10.54
C ILE B 135 -2.89 -13.91 11.70
N ILE B 136 -4.11 -14.31 11.41
CA ILE B 136 -5.13 -14.51 12.49
C ILE B 136 -5.83 -15.87 12.34
N TYR B 137 -5.94 -16.61 13.41
CA TYR B 137 -6.63 -17.94 13.37
C TYR B 137 -7.58 -18.08 14.56
N LYS B 138 -8.78 -18.51 14.34
CA LYS B 138 -9.76 -18.68 15.46
C LYS B 138 -9.90 -17.37 16.23
N GLY B 139 -9.64 -16.26 15.61
CA GLY B 139 -9.77 -14.95 16.32
C GLY B 139 -8.52 -14.68 17.14
N ARG B 140 -7.47 -15.42 16.92
CA ARG B 140 -6.20 -15.22 17.69
C ARG B 140 -5.23 -14.39 16.83
N GLU B 141 -4.76 -13.29 17.33
CA GLU B 141 -3.82 -12.44 16.53
C GLU B 141 -2.39 -12.90 16.79
N VAL B 142 -1.62 -13.10 15.74
CA VAL B 142 -0.20 -13.53 15.90
C VAL B 142 0.69 -12.75 14.92
N GLU B 143 1.82 -12.28 15.37
CA GLU B 143 2.74 -11.51 14.48
C GLU B 143 3.63 -12.49 13.71
N VAL B 144 4.21 -12.06 12.63
CA VAL B 144 5.09 -12.96 11.82
C VAL B 144 6.34 -12.19 11.37
N LYS B 145 7.46 -12.86 11.26
CA LYS B 145 8.70 -12.18 10.81
C LYS B 145 9.84 -13.19 10.68
N GLY B 146 9.78 -14.05 9.69
CA GLY B 146 10.87 -15.04 9.53
C GLY B 146 10.58 -15.95 8.32
N LYS B 147 11.47 -16.85 8.03
CA LYS B 147 11.26 -17.76 6.86
C LYS B 147 10.14 -18.75 7.16
N PRO B 148 10.03 -19.24 8.38
CA PRO B 148 8.97 -20.22 8.76
C PRO B 148 7.56 -19.66 8.51
N PHE B 149 7.35 -18.41 8.79
CA PHE B 149 6.02 -17.79 8.56
C PHE B 149 5.92 -17.27 7.13
N GLU B 150 7.04 -17.01 6.52
CA GLU B 150 7.03 -16.50 5.11
C GLU B 150 6.19 -17.43 4.24
N VAL B 151 6.49 -18.71 4.26
CA VAL B 151 5.71 -19.66 3.44
C VAL B 151 4.24 -19.65 3.90
N LEU B 152 4.00 -19.53 5.17
CA LEU B 152 2.59 -19.50 5.66
C LEU B 152 1.86 -18.35 4.95
N THR B 153 2.54 -17.27 4.71
CA THR B 153 1.88 -16.13 4.03
C THR B 153 1.82 -16.41 2.52
N HIS B 154 2.64 -17.29 2.03
CA HIS B 154 2.63 -17.59 0.56
C HIS B 154 1.32 -18.29 0.20
N LEU B 155 1.07 -19.43 0.77
CA LEU B 155 -0.20 -20.14 0.46
C LEU B 155 -1.37 -19.30 0.96
N ALA B 156 -1.16 -18.48 1.93
CA ALA B 156 -2.28 -17.63 2.41
C ALA B 156 -2.82 -16.81 1.24
N ARG B 157 -1.94 -16.27 0.43
CA ARG B 157 -2.42 -15.45 -0.73
C ARG B 157 -2.68 -16.33 -1.94
N HIS B 158 -1.66 -16.88 -2.54
CA HIS B 158 -1.86 -17.71 -3.75
C HIS B 158 -2.61 -19.00 -3.39
N ARG B 159 -3.67 -18.89 -2.64
CA ARG B 159 -4.46 -20.10 -2.26
C ARG B 159 -5.43 -20.43 -3.40
N ASP B 160 -6.16 -21.51 -3.26
CA ASP B 160 -7.14 -21.90 -4.32
C ASP B 160 -6.48 -22.00 -5.69
N GLN B 161 -5.31 -22.60 -5.78
CA GLN B 161 -4.65 -22.74 -7.10
C GLN B 161 -3.63 -23.87 -7.07
N ILE B 162 -3.08 -24.23 -8.19
CA ILE B 162 -2.09 -25.34 -8.22
C ILE B 162 -0.76 -24.85 -7.62
N VAL B 163 -0.10 -25.69 -6.86
CA VAL B 163 1.20 -25.28 -6.22
C VAL B 163 2.22 -26.40 -6.43
N SER B 164 3.23 -26.17 -7.22
CA SER B 164 4.27 -27.21 -7.45
C SER B 164 5.40 -27.02 -6.44
N LYS B 165 6.26 -27.99 -6.29
CA LYS B 165 7.39 -27.83 -5.33
C LYS B 165 8.22 -26.62 -5.74
N GLU B 166 8.49 -26.48 -7.01
CA GLU B 166 9.28 -25.31 -7.48
C GLU B 166 8.51 -24.04 -7.19
N GLN B 167 7.21 -24.13 -7.07
CA GLN B 167 6.39 -22.93 -6.79
C GLN B 167 6.80 -22.32 -5.43
N LEU B 168 6.84 -23.12 -4.40
CA LEU B 168 7.24 -22.60 -3.07
C LEU B 168 8.67 -22.07 -3.15
N LEU B 169 9.52 -22.78 -3.83
CA LEU B 169 10.94 -22.34 -3.95
C LEU B 169 10.99 -20.94 -4.57
N ASP B 170 10.62 -20.82 -5.81
CA ASP B 170 10.67 -19.49 -6.48
C ASP B 170 9.79 -18.50 -5.72
N ALA B 171 8.90 -18.98 -4.90
CA ALA B 171 8.02 -18.06 -4.12
C ALA B 171 8.66 -17.80 -2.76
N ILE B 172 9.76 -18.45 -2.48
CA ILE B 172 10.45 -18.27 -1.17
C ILE B 172 11.94 -18.07 -1.41
N TRP B 173 12.67 -19.16 -1.62
CA TRP B 173 14.17 -19.08 -1.86
C TRP B 173 14.83 -20.38 -1.39
N GLU B 174 16.10 -20.52 -1.65
CA GLU B 174 16.82 -21.75 -1.24
C GLU B 174 18.34 -21.51 -1.31
N GLU B 175 18.84 -21.18 -2.47
CA GLU B 175 20.30 -20.94 -2.60
C GLU B 175 20.70 -19.65 -1.86
N PRO B 176 20.16 -18.50 -2.22
CA PRO B 176 20.51 -17.21 -1.54
C PRO B 176 20.37 -17.31 -0.02
N GLU B 177 19.43 -18.09 0.45
CA GLU B 177 19.25 -18.23 1.93
C GLU B 177 20.22 -19.31 2.44
N MET B 178 21.05 -19.82 1.59
CA MET B 178 22.01 -20.87 2.03
C MET B 178 21.25 -21.95 2.81
N VAL B 179 20.00 -22.15 2.50
CA VAL B 179 19.21 -23.18 3.23
C VAL B 179 19.72 -24.57 2.83
N THR B 180 19.28 -25.59 3.51
CA THR B 180 19.73 -26.96 3.17
C THR B 180 19.05 -27.41 1.86
N PRO B 181 19.78 -27.90 0.88
CA PRO B 181 19.17 -28.37 -0.40
C PRO B 181 17.87 -29.17 -0.18
N ASN B 182 17.04 -29.26 -1.18
CA ASN B 182 15.77 -30.04 -1.02
C ASN B 182 15.03 -29.58 0.22
N VAL B 183 14.77 -28.30 0.34
CA VAL B 183 14.05 -27.78 1.53
C VAL B 183 12.54 -28.06 1.42
N ILE B 184 12.03 -28.12 0.22
CA ILE B 184 10.57 -28.37 0.05
C ILE B 184 10.15 -29.69 0.72
N GLU B 185 11.00 -30.67 0.73
CA GLU B 185 10.61 -31.99 1.34
C GLU B 185 10.29 -31.83 2.84
N VAL B 186 11.25 -31.44 3.63
CA VAL B 186 10.99 -31.30 5.10
C VAL B 186 10.08 -30.11 5.37
N ALA B 187 10.17 -29.08 4.58
CA ALA B 187 9.32 -27.87 4.83
C ALA B 187 7.84 -28.17 4.58
N ILE B 188 7.49 -28.95 3.59
CA ILE B 188 6.05 -29.20 3.34
C ILE B 188 5.48 -30.25 4.30
N ASN B 189 6.17 -31.34 4.49
CA ASN B 189 5.64 -32.39 5.41
C ASN B 189 5.44 -31.81 6.81
N GLN B 190 6.28 -30.90 7.21
CA GLN B 190 6.15 -30.31 8.57
C GLN B 190 5.08 -29.22 8.57
N ILE B 191 5.17 -28.28 7.66
CA ILE B 191 4.15 -27.18 7.61
C ILE B 191 2.75 -27.78 7.62
N ARG B 192 2.58 -28.91 6.99
CA ARG B 192 1.24 -29.55 6.98
C ARG B 192 0.95 -30.14 8.34
N GLN B 193 1.90 -30.81 8.91
CA GLN B 193 1.70 -31.40 10.25
C GLN B 193 1.57 -30.26 11.27
N LYS B 194 1.89 -29.05 10.87
CA LYS B 194 1.80 -27.88 11.80
C LYS B 194 0.62 -26.97 11.40
N MET B 195 0.06 -27.15 10.24
CA MET B 195 -1.07 -26.28 9.78
C MET B 195 -2.41 -26.95 10.09
N ASP B 196 -2.60 -28.15 9.62
CA ASP B 196 -3.89 -28.85 9.85
C ASP B 196 -4.16 -28.92 11.36
N LYS B 197 -3.14 -28.92 12.17
CA LYS B 197 -3.35 -28.99 13.64
C LYS B 197 -4.07 -27.71 14.13
N PRO B 198 -3.42 -26.56 14.06
CA PRO B 198 -4.03 -25.27 14.52
C PRO B 198 -5.35 -24.95 13.79
N LEU B 199 -5.38 -25.03 12.49
CA LEU B 199 -6.63 -24.71 11.76
C LEU B 199 -7.64 -25.85 11.90
N GLY B 200 -7.20 -27.08 11.77
CA GLY B 200 -8.15 -28.23 11.90
C GLY B 200 -8.85 -28.46 10.57
N ILE B 201 -8.67 -27.57 9.62
CA ILE B 201 -9.33 -27.72 8.28
C ILE B 201 -8.27 -28.03 7.23
N SER B 202 -8.48 -29.05 6.43
CA SER B 202 -7.48 -29.41 5.39
C SER B 202 -7.70 -28.54 4.15
N THR B 203 -6.63 -28.14 3.51
CA THR B 203 -6.77 -27.27 2.30
C THR B 203 -5.60 -27.56 1.34
N VAL B 204 -4.96 -28.69 1.46
CA VAL B 204 -3.81 -29.03 0.56
C VAL B 204 -3.94 -30.47 0.07
N GLU B 205 -3.67 -30.69 -1.20
CA GLU B 205 -3.76 -32.07 -1.77
C GLU B 205 -2.43 -32.42 -2.45
N THR B 206 -1.91 -33.59 -2.20
CA THR B 206 -0.60 -33.99 -2.83
C THR B 206 -0.89 -34.93 -4.00
N VAL B 207 -0.34 -34.65 -5.16
CA VAL B 207 -0.56 -35.53 -6.34
C VAL B 207 0.69 -35.58 -7.20
N ARG B 208 0.86 -36.62 -7.97
CA ARG B 208 2.07 -36.74 -8.84
C ARG B 208 1.81 -36.04 -10.18
N ARG B 209 0.58 -35.70 -10.47
CA ARG B 209 0.28 -35.01 -11.76
C ARG B 209 1.14 -33.75 -11.88
N ARG B 210 1.33 -33.04 -10.81
CA ARG B 210 2.15 -31.79 -10.86
C ARG B 210 2.88 -31.61 -9.53
N GLY B 211 2.16 -31.67 -8.45
CA GLY B 211 2.81 -31.49 -7.12
C GLY B 211 1.74 -31.35 -6.04
N TYR B 212 1.66 -30.20 -5.43
CA TYR B 212 0.63 -29.98 -4.36
C TYR B 212 -0.44 -29.02 -4.87
N ARG B 213 -1.69 -29.41 -4.77
CA ARG B 213 -2.81 -28.53 -5.25
C ARG B 213 -3.52 -27.92 -4.04
N PHE B 214 -3.56 -26.62 -3.96
CA PHE B 214 -4.24 -25.95 -2.81
C PHE B 214 -5.69 -25.64 -3.21
N CYS B 215 -6.64 -26.20 -2.51
CA CYS B 215 -8.08 -25.95 -2.82
C CYS B 215 -8.77 -25.33 -1.60
N TYR B 216 -9.59 -24.33 -1.81
CA TYR B 216 -10.29 -23.70 -0.67
C TYR B 216 -11.14 -24.78 0.03
N PRO B 217 -11.34 -24.68 1.33
CA PRO B 217 -12.14 -25.69 2.09
C PRO B 217 -13.61 -25.67 1.68
N LYS B 218 -14.45 -26.35 2.41
CA LYS B 218 -15.90 -26.38 2.04
C LYS B 218 -16.38 -24.93 1.78
N PRO B 219 -17.40 -24.75 0.96
CA PRO B 219 -17.94 -23.41 0.64
C PRO B 219 -17.93 -22.46 1.83
N ALA B 220 -16.99 -21.56 1.90
CA ALA B 220 -16.93 -20.60 3.04
C ALA B 220 -17.80 -19.39 2.71
N CYS B 221 -18.58 -19.48 1.67
CA CYS B 221 -19.46 -18.34 1.28
C CYS B 221 -20.53 -18.13 2.36
N GLU B 222 -20.84 -16.90 2.67
CA GLU B 222 -21.87 -16.63 3.71
C GLU B 222 -23.20 -17.23 3.26
N GLU B 223 -23.95 -17.77 4.19
CA GLU B 223 -25.26 -18.37 3.81
C GLU B 223 -26.22 -17.27 3.35
N MET A 1 4.29 9.69 -15.75
CA MET A 1 5.11 10.36 -14.71
C MET A 1 5.13 11.87 -14.97
N ARG A 2 4.32 12.63 -14.27
CA ARG A 2 4.30 14.10 -14.48
C ARG A 2 4.05 14.80 -13.15
N VAL A 3 4.57 16.00 -12.99
CA VAL A 3 4.39 16.76 -11.72
C VAL A 3 3.59 18.03 -11.99
N LEU A 4 2.59 18.30 -11.19
CA LEU A 4 1.76 19.53 -11.40
C LEU A 4 2.23 20.61 -10.41
N LEU A 5 2.75 21.69 -10.92
CA LEU A 5 3.25 22.80 -10.04
C LEU A 5 2.39 24.05 -10.27
N ILE A 6 1.50 24.35 -9.37
CA ILE A 6 0.65 25.57 -9.54
C ILE A 6 1.30 26.76 -8.83
N GLU A 7 1.76 27.72 -9.59
CA GLU A 7 2.42 28.91 -8.97
C GLU A 7 2.12 30.15 -9.82
N LYS A 8 1.75 31.24 -9.21
CA LYS A 8 1.44 32.46 -10.00
C LYS A 8 2.76 33.08 -10.49
N ASN A 9 3.82 32.91 -9.76
CA ASN A 9 5.13 33.48 -10.19
C ASN A 9 5.80 32.52 -11.19
N SER A 10 5.89 32.90 -12.43
CA SER A 10 6.53 32.01 -13.44
C SER A 10 8.02 31.83 -13.11
N VAL A 11 8.64 32.84 -12.56
CA VAL A 11 10.09 32.72 -12.24
C VAL A 11 10.29 31.64 -11.17
N LEU A 12 9.54 31.70 -10.10
CA LEU A 12 9.69 30.69 -9.02
C LEU A 12 9.39 29.29 -9.59
N GLY A 13 8.43 29.20 -10.47
CA GLY A 13 8.11 27.86 -11.07
C GLY A 13 9.19 27.51 -12.10
N GLY A 14 9.81 28.50 -12.67
CA GLY A 14 10.86 28.23 -13.68
C GLY A 14 12.04 27.53 -12.99
N GLU A 15 12.47 28.05 -11.88
CA GLU A 15 13.62 27.41 -11.16
C GLU A 15 13.21 26.01 -10.70
N ILE A 16 12.02 25.85 -10.16
CA ILE A 16 11.59 24.49 -9.71
C ILE A 16 11.47 23.59 -10.93
N GLU A 17 10.98 24.13 -12.03
CA GLU A 17 10.83 23.31 -13.26
C GLU A 17 12.20 22.81 -13.71
N LYS A 18 13.19 23.65 -13.72
CA LYS A 18 14.55 23.21 -14.15
C LYS A 18 15.30 22.63 -12.96
N GLY A 19 14.69 22.62 -11.81
CA GLY A 19 15.36 22.06 -10.62
C GLY A 19 15.09 20.55 -10.56
N LEU A 20 13.85 20.17 -10.46
CA LEU A 20 13.51 18.73 -10.42
C LEU A 20 13.96 18.07 -11.72
N ASN A 21 13.97 18.81 -12.79
CA ASN A 21 14.41 18.23 -14.09
C ASN A 21 15.76 17.54 -13.91
N VAL A 22 16.61 18.10 -13.09
CA VAL A 22 17.93 17.46 -12.85
C VAL A 22 17.72 16.00 -12.44
N LYS A 23 16.66 15.75 -11.73
CA LYS A 23 16.37 14.35 -11.30
C LYS A 23 15.76 13.59 -12.48
N GLY A 24 15.52 14.29 -13.55
CA GLY A 24 14.94 13.64 -14.77
C GLY A 24 13.43 13.46 -14.61
N PHE A 25 12.74 14.47 -14.15
CA PHE A 25 11.25 14.37 -13.98
C PHE A 25 10.58 15.43 -14.86
N MET A 26 9.32 15.24 -15.18
CA MET A 26 8.59 16.23 -16.03
C MET A 26 7.68 17.07 -15.13
N ALA A 27 7.61 18.35 -15.37
CA ALA A 27 6.74 19.22 -14.52
C ALA A 27 6.10 20.31 -15.37
N ASP A 28 5.03 20.89 -14.89
CA ASP A 28 4.33 21.99 -15.65
C ASP A 28 3.99 23.12 -14.69
N VAL A 29 3.96 24.34 -15.18
CA VAL A 29 3.63 25.50 -14.30
C VAL A 29 2.25 26.05 -14.70
N THR A 30 1.40 26.32 -13.74
CA THR A 30 0.04 26.84 -14.05
C THR A 30 -0.28 28.01 -13.12
N GLU A 31 -1.33 28.74 -13.40
CA GLU A 31 -1.70 29.91 -12.53
C GLU A 31 -2.71 29.44 -11.47
N SER A 32 -3.96 29.82 -11.61
CA SER A 32 -4.98 29.42 -10.62
C SER A 32 -5.43 27.98 -10.88
N LEU A 33 -6.14 27.39 -9.96
CA LEU A 33 -6.62 25.99 -10.13
C LEU A 33 -7.37 25.86 -11.46
N GLU A 34 -8.01 26.91 -11.91
CA GLU A 34 -8.76 26.82 -13.18
C GLU A 34 -7.83 26.34 -14.30
N ASP A 35 -6.67 26.92 -14.42
CA ASP A 35 -5.74 26.49 -15.50
C ASP A 35 -5.22 25.08 -15.20
N GLY A 36 -4.83 24.83 -13.97
CA GLY A 36 -4.32 23.49 -13.61
C GLY A 36 -5.45 22.46 -13.68
N GLU A 37 -6.62 22.82 -13.22
CA GLU A 37 -7.76 21.88 -13.26
C GLU A 37 -8.15 21.58 -14.70
N TYR A 38 -8.25 22.60 -15.53
CA TYR A 38 -8.62 22.35 -16.95
C TYR A 38 -7.47 21.65 -17.68
N LEU A 39 -6.26 22.04 -17.40
CA LEU A 39 -5.09 21.41 -18.09
C LEU A 39 -4.90 19.97 -17.57
N MET A 40 -4.75 19.81 -16.29
CA MET A 40 -4.55 18.44 -15.74
C MET A 40 -5.70 17.53 -16.17
N ASP A 41 -6.86 18.08 -16.42
CA ASP A 41 -8.02 17.23 -16.83
C ASP A 41 -7.71 16.54 -18.16
N ILE A 42 -7.04 17.21 -19.06
CA ILE A 42 -6.73 16.61 -20.38
C ILE A 42 -5.37 15.90 -20.34
N ARG A 43 -4.68 15.94 -19.23
CA ARG A 43 -3.35 15.28 -19.12
C ARG A 43 -3.31 14.41 -17.86
N ASN A 44 -2.61 13.30 -17.92
CA ASN A 44 -2.51 12.40 -16.72
C ASN A 44 -1.32 12.83 -15.87
N TYR A 45 -1.36 12.58 -14.60
CA TYR A 45 -0.22 12.98 -13.72
C TYR A 45 -0.16 12.06 -12.49
N ASP A 46 0.84 12.24 -11.66
CA ASP A 46 0.98 11.38 -10.43
C ASP A 46 1.24 12.26 -9.21
N LEU A 47 2.03 13.30 -9.35
CA LEU A 47 2.32 14.19 -8.18
C LEU A 47 1.50 15.48 -8.32
N VAL A 48 0.55 15.67 -7.43
CA VAL A 48 -0.28 16.90 -7.48
C VAL A 48 0.29 17.93 -6.50
N MET A 49 1.07 18.86 -6.99
CA MET A 49 1.68 19.90 -6.10
C MET A 49 1.02 21.25 -6.39
N VAL A 50 0.54 21.91 -5.36
CA VAL A 50 -0.13 23.24 -5.55
C VAL A 50 0.31 24.19 -4.43
N SER A 51 0.77 25.35 -4.78
CA SER A 51 1.21 26.35 -3.76
C SER A 51 0.07 27.33 -3.48
N ASP A 52 -1.09 27.11 -4.06
CA ASP A 52 -2.23 28.03 -3.82
C ASP A 52 -2.83 27.75 -2.44
N LYS A 53 -3.25 28.76 -1.74
CA LYS A 53 -3.82 28.56 -0.39
C LYS A 53 -5.27 28.06 -0.49
N ASN A 54 -6.02 28.58 -1.42
CA ASN A 54 -7.44 28.14 -1.56
C ASN A 54 -7.47 26.72 -2.13
N ALA A 55 -6.36 26.06 -2.16
CA ALA A 55 -6.31 24.67 -2.71
C ALA A 55 -6.92 23.68 -1.73
N LEU A 56 -6.99 24.03 -0.46
CA LEU A 56 -7.57 23.09 0.56
C LEU A 56 -8.81 22.38 -0.01
N SER A 57 -9.75 23.11 -0.52
CA SER A 57 -10.96 22.46 -1.08
C SER A 57 -10.56 21.67 -2.33
N PHE A 58 -9.58 22.15 -3.05
CA PHE A 58 -9.13 21.44 -4.28
C PHE A 58 -8.51 20.10 -3.91
N VAL A 59 -7.47 20.09 -3.12
CA VAL A 59 -6.84 18.80 -2.75
C VAL A 59 -7.92 17.84 -2.22
N SER A 60 -8.90 18.35 -1.56
CA SER A 60 -9.98 17.47 -1.03
C SER A 60 -10.63 16.69 -2.17
N ARG A 61 -11.13 17.38 -3.16
CA ARG A 61 -11.77 16.67 -4.29
C ARG A 61 -10.73 15.82 -5.04
N ILE A 62 -9.49 16.21 -5.00
CA ILE A 62 -8.46 15.40 -5.72
C ILE A 62 -8.32 14.03 -5.07
N LYS A 63 -8.33 13.97 -3.77
CA LYS A 63 -8.17 12.65 -3.08
C LYS A 63 -9.40 11.78 -3.33
N GLU A 64 -10.59 12.30 -3.18
CA GLU A 64 -11.79 11.45 -3.43
C GLU A 64 -11.91 11.14 -4.91
N LYS A 65 -11.66 12.11 -5.75
CA LYS A 65 -11.76 11.87 -7.22
C LYS A 65 -10.56 11.04 -7.68
N HIS A 66 -9.49 11.07 -6.92
CA HIS A 66 -8.28 10.30 -7.29
C HIS A 66 -7.49 9.94 -6.03
N SER A 67 -8.06 9.15 -5.17
CA SER A 67 -7.35 8.79 -3.91
C SER A 67 -6.02 8.09 -4.23
N SER A 68 -5.99 7.31 -5.27
CA SER A 68 -4.73 6.61 -5.63
C SER A 68 -3.75 7.60 -6.26
N ILE A 69 -3.53 8.72 -5.62
CA ILE A 69 -2.59 9.75 -6.18
C ILE A 69 -1.85 10.44 -5.03
N VAL A 70 -0.83 11.20 -5.34
CA VAL A 70 -0.06 11.92 -4.26
C VAL A 70 -0.45 13.40 -4.28
N VAL A 71 -0.34 14.08 -3.17
CA VAL A 71 -0.70 15.53 -3.12
C VAL A 71 0.25 16.25 -2.18
N LEU A 72 0.97 17.22 -2.69
CA LEU A 72 1.94 17.99 -1.85
C LEU A 72 1.51 19.47 -1.84
N VAL A 73 0.95 19.92 -0.76
CA VAL A 73 0.51 21.34 -0.67
C VAL A 73 1.61 22.17 0.00
N SER A 74 1.99 23.27 -0.58
CA SER A 74 3.06 24.12 0.02
C SER A 74 2.41 25.15 0.96
N SER A 75 3.18 25.78 1.79
CA SER A 75 2.59 26.80 2.71
C SER A 75 3.68 27.74 3.21
N ASP A 76 3.59 29.00 2.87
CA ASP A 76 4.62 29.98 3.32
C ASP A 76 4.42 30.25 4.81
N ASN A 77 3.62 29.46 5.47
CA ASN A 77 3.37 29.66 6.93
C ASN A 77 3.24 28.30 7.62
N PRO A 78 4.29 27.51 7.63
CA PRO A 78 4.26 26.17 8.28
C PRO A 78 3.71 26.22 9.70
N THR A 79 2.41 26.22 9.85
CA THR A 79 1.78 26.27 11.20
C THR A 79 1.03 24.97 11.47
N SER A 80 0.82 24.63 12.70
CA SER A 80 0.09 23.38 13.02
C SER A 80 -1.35 23.47 12.52
N GLU A 81 -1.96 24.62 12.64
CA GLU A 81 -3.36 24.76 12.16
C GLU A 81 -3.45 24.36 10.69
N GLU A 82 -2.52 24.80 9.89
CA GLU A 82 -2.55 24.43 8.44
C GLU A 82 -2.10 22.99 8.28
N GLU A 83 -1.25 22.52 9.15
CA GLU A 83 -0.78 21.11 9.03
C GLU A 83 -1.96 20.15 9.22
N VAL A 84 -2.65 20.22 10.32
CA VAL A 84 -3.80 19.31 10.53
C VAL A 84 -4.82 19.51 9.41
N HIS A 85 -5.08 20.74 9.04
CA HIS A 85 -6.07 20.99 7.96
C HIS A 85 -5.55 20.40 6.65
N ALA A 86 -4.27 20.17 6.55
CA ALA A 86 -3.71 19.59 5.30
C ALA A 86 -4.02 18.09 5.22
N PHE A 87 -3.76 17.37 6.27
CA PHE A 87 -4.03 15.90 6.25
C PHE A 87 -5.52 15.67 6.53
N GLU A 88 -6.15 16.55 7.26
CA GLU A 88 -7.59 16.36 7.56
C GLU A 88 -8.42 16.66 6.31
N GLN A 89 -8.09 17.71 5.59
CA GLN A 89 -8.87 18.05 4.37
C GLN A 89 -8.62 16.99 3.30
N GLY A 90 -7.38 16.68 3.02
CA GLY A 90 -7.09 15.65 1.98
C GLY A 90 -5.74 15.95 1.31
N ALA A 91 -4.67 15.87 2.05
CA ALA A 91 -3.31 16.13 1.46
C ALA A 91 -2.36 15.00 1.86
N ASP A 92 -1.51 14.58 0.96
CA ASP A 92 -0.57 13.47 1.31
C ASP A 92 0.60 14.03 2.13
N ASP A 93 1.08 15.19 1.80
CA ASP A 93 2.21 15.78 2.56
C ASP A 93 2.14 17.30 2.47
N TYR A 94 2.87 17.98 3.32
CA TYR A 94 2.85 19.47 3.32
C TYR A 94 4.28 19.98 3.55
N ILE A 95 4.74 20.87 2.72
CA ILE A 95 6.13 21.42 2.85
C ILE A 95 6.09 22.94 2.97
N ALA A 96 7.00 23.50 3.74
CA ALA A 96 7.03 24.99 3.87
C ALA A 96 7.31 25.59 2.50
N LYS A 97 6.53 26.54 2.08
CA LYS A 97 6.76 27.14 0.74
C LYS A 97 8.21 27.57 0.56
N PRO A 98 8.76 28.37 1.43
CA PRO A 98 10.14 28.86 1.24
C PRO A 98 11.09 27.76 0.74
N TYR A 99 10.65 26.54 0.78
CA TYR A 99 11.48 25.39 0.31
C TYR A 99 12.77 25.32 1.12
N ARG A 100 13.16 24.14 1.54
CA ARG A 100 14.41 24.02 2.34
C ARG A 100 15.63 24.19 1.41
N SER A 101 15.63 23.55 0.27
CA SER A 101 16.80 23.71 -0.64
C SER A 101 16.46 23.22 -2.05
N ILE A 102 15.24 23.37 -2.50
CA ILE A 102 14.88 22.91 -3.88
C ILE A 102 15.30 21.46 -4.08
N LYS A 103 16.58 21.20 -4.17
CA LYS A 103 17.07 19.82 -4.35
C LYS A 103 16.53 18.97 -3.19
N ALA A 104 16.28 19.60 -2.08
CA ALA A 104 15.76 18.85 -0.91
C ALA A 104 14.30 18.48 -1.14
N LEU A 105 13.50 19.41 -1.58
CA LEU A 105 12.05 19.12 -1.82
C LEU A 105 11.92 18.06 -2.93
N VAL A 106 12.44 18.33 -4.10
CA VAL A 106 12.33 17.34 -5.20
C VAL A 106 12.85 15.98 -4.71
N ALA A 107 13.92 15.97 -3.97
CA ALA A 107 14.47 14.68 -3.47
C ALA A 107 13.36 13.97 -2.69
N ARG A 108 12.63 14.69 -1.89
CA ARG A 108 11.53 14.06 -1.11
C ARG A 108 10.46 13.55 -2.08
N ILE A 109 10.30 14.19 -3.21
CA ILE A 109 9.29 13.72 -4.20
C ILE A 109 9.81 12.43 -4.82
N GLU A 110 11.10 12.35 -5.00
CA GLU A 110 11.69 11.13 -5.60
C GLU A 110 11.41 9.93 -4.67
N ALA A 111 11.40 10.16 -3.39
CA ALA A 111 11.13 9.05 -2.43
C ALA A 111 9.63 8.74 -2.42
N ARG A 112 8.82 9.70 -2.07
CA ARG A 112 7.35 9.45 -2.04
C ARG A 112 6.88 8.99 -3.42
N LEU A 113 7.72 9.06 -4.42
CA LEU A 113 7.30 8.63 -5.79
C LEU A 113 8.46 7.90 -6.48
N ARG A 114 8.63 6.63 -6.19
CA ARG A 114 9.73 5.84 -6.82
C ARG A 114 9.31 4.37 -6.90
N PHE A 115 8.84 3.81 -5.81
CA PHE A 115 8.42 2.38 -5.81
C PHE A 115 6.94 2.26 -6.19
N TRP A 116 6.37 3.31 -6.71
CA TRP A 116 4.93 3.25 -7.09
C TRP A 116 4.75 2.30 -8.27
N GLY A 117 3.88 1.32 -8.12
CA GLY A 117 3.64 0.35 -9.23
C GLY A 117 3.50 -1.06 -8.65
N SER A 118 2.53 -1.82 -9.09
CA SER A 118 2.36 -3.19 -8.55
C SER A 118 1.41 -3.98 -9.44
N ASN A 119 1.31 -5.25 -9.17
CA ASN A 119 0.44 -6.10 -10.01
C ASN A 119 0.04 -7.34 -9.18
N VAL A 120 -1.17 -7.36 -8.69
CA VAL A 120 -1.61 -8.54 -7.89
C VAL A 120 -1.82 -9.74 -8.83
N ILE A 121 -2.18 -9.49 -10.06
CA ILE A 121 -2.38 -10.60 -11.04
C ILE A 121 -1.58 -10.30 -12.30
N GLU A 122 -0.82 -11.26 -12.77
CA GLU A 122 0.01 -11.02 -13.99
C GLU A 122 0.16 -12.32 -14.77
N ILE A 123 -0.13 -12.30 -16.05
CA ILE A 123 -0.02 -13.54 -16.87
C ILE A 123 0.04 -13.16 -18.35
N GLY A 124 0.92 -13.77 -19.10
CA GLY A 124 1.02 -13.46 -20.54
C GLY A 124 1.35 -11.98 -20.73
N ASP A 125 1.21 -11.50 -21.93
CA ASP A 125 1.50 -10.06 -22.20
C ASP A 125 0.40 -9.21 -21.55
N LEU A 126 -0.40 -9.82 -20.72
CA LEU A 126 -1.52 -9.09 -20.05
C LEU A 126 -1.20 -8.94 -18.55
N THR A 127 -1.34 -7.75 -18.02
CA THR A 127 -1.06 -7.51 -16.57
C THR A 127 -2.24 -6.74 -15.95
N ILE A 128 -2.59 -7.04 -14.72
CA ILE A 128 -3.75 -6.33 -14.08
C ILE A 128 -3.41 -5.96 -12.62
N SER A 129 -3.74 -4.75 -12.25
CA SER A 129 -3.48 -4.26 -10.86
C SER A 129 -4.80 -3.70 -10.29
N PRO A 130 -5.47 -4.42 -9.41
CA PRO A 130 -6.76 -3.98 -8.81
C PRO A 130 -6.56 -3.03 -7.63
N ASP A 131 -5.44 -3.12 -6.98
CA ASP A 131 -5.19 -2.21 -5.81
C ASP A 131 -5.08 -0.77 -6.33
N GLU A 132 -4.46 -0.59 -7.46
CA GLU A 132 -4.32 0.79 -8.04
C GLU A 132 -5.41 1.02 -9.09
N GLU A 133 -6.36 0.13 -9.19
CA GLU A 133 -7.44 0.31 -10.20
C GLU A 133 -6.83 0.67 -11.56
N LYS A 134 -6.01 -0.19 -12.10
CA LYS A 134 -5.39 0.11 -13.42
C LYS A 134 -5.03 -1.19 -14.15
N ILE A 135 -5.41 -1.30 -15.40
CA ILE A 135 -5.09 -2.53 -16.20
C ILE A 135 -4.08 -2.15 -17.29
N ILE A 136 -3.09 -2.97 -17.52
CA ILE A 136 -2.07 -2.67 -18.57
C ILE A 136 -1.98 -3.86 -19.54
N TYR A 137 -2.01 -3.61 -20.83
CA TYR A 137 -1.93 -4.73 -21.81
C TYR A 137 -1.03 -4.34 -23.00
N LYS A 138 -0.22 -5.25 -23.46
CA LYS A 138 0.69 -4.95 -24.60
C LYS A 138 1.52 -3.69 -24.31
N GLY A 139 1.77 -3.41 -23.06
CA GLY A 139 2.59 -2.21 -22.72
C GLY A 139 1.74 -0.95 -22.83
N ARG A 140 0.44 -1.08 -22.90
CA ARG A 140 -0.44 0.11 -23.00
C ARG A 140 -1.13 0.32 -21.65
N GLU A 141 -1.14 1.54 -21.17
CA GLU A 141 -1.77 1.82 -19.84
C GLU A 141 -3.23 2.18 -20.01
N VAL A 142 -4.11 1.54 -19.27
CA VAL A 142 -5.56 1.85 -19.36
C VAL A 142 -6.09 2.11 -17.95
N GLU A 143 -6.40 3.34 -17.65
CA GLU A 143 -6.93 3.67 -16.29
C GLU A 143 -8.46 3.61 -16.35
N VAL A 144 -9.03 2.54 -15.85
CA VAL A 144 -10.51 2.37 -15.90
C VAL A 144 -11.11 2.36 -14.49
N LYS A 145 -12.23 2.99 -14.31
CA LYS A 145 -12.91 3.00 -12.99
C LYS A 145 -14.38 3.37 -13.18
N GLY A 146 -15.27 2.56 -12.70
CA GLY A 146 -16.73 2.86 -12.86
C GLY A 146 -17.53 1.57 -12.87
N LYS A 147 -18.56 1.50 -13.68
CA LYS A 147 -19.39 0.27 -13.74
C LYS A 147 -18.62 -0.87 -14.42
N PRO A 148 -18.19 -0.71 -15.65
CA PRO A 148 -17.44 -1.78 -16.38
C PRO A 148 -16.05 -2.05 -15.79
N PHE A 149 -15.72 -1.42 -14.70
CA PHE A 149 -14.37 -1.65 -14.06
C PHE A 149 -14.50 -2.59 -12.86
N GLU A 150 -15.36 -2.27 -11.92
CA GLU A 150 -15.49 -3.14 -10.72
C GLU A 150 -15.61 -4.60 -11.15
N VAL A 151 -16.26 -4.85 -12.25
CA VAL A 151 -16.40 -6.25 -12.73
C VAL A 151 -15.09 -6.66 -13.43
N LEU A 152 -14.40 -5.73 -14.04
CA LEU A 152 -13.12 -6.09 -14.72
C LEU A 152 -12.12 -6.58 -13.69
N THR A 153 -12.10 -5.97 -12.53
CA THR A 153 -11.15 -6.41 -11.48
C THR A 153 -11.69 -7.71 -10.86
N HIS A 154 -12.98 -7.83 -10.80
CA HIS A 154 -13.60 -9.05 -10.20
C HIS A 154 -13.08 -10.32 -10.89
N LEU A 155 -13.13 -10.35 -12.20
CA LEU A 155 -12.63 -11.57 -12.91
C LEU A 155 -11.10 -11.63 -12.86
N ALA A 156 -10.45 -10.49 -12.87
CA ALA A 156 -8.96 -10.50 -12.83
C ALA A 156 -8.48 -11.39 -11.67
N ARG A 157 -9.09 -11.26 -10.51
CA ARG A 157 -8.67 -12.09 -9.36
C ARG A 157 -9.22 -13.51 -9.49
N HIS A 158 -10.46 -13.64 -9.87
CA HIS A 158 -11.06 -14.99 -9.98
C HIS A 158 -10.71 -15.64 -11.33
N ARG A 159 -9.53 -15.41 -11.83
CA ARG A 159 -9.14 -16.04 -13.12
C ARG A 159 -9.09 -17.56 -12.91
N ASP A 160 -8.98 -18.34 -13.97
CA ASP A 160 -8.93 -19.82 -13.82
C ASP A 160 -9.94 -20.28 -12.76
N GLN A 161 -11.19 -19.94 -12.93
CA GLN A 161 -12.23 -20.34 -11.94
C GLN A 161 -13.60 -20.30 -12.62
N ILE A 162 -14.55 -21.04 -12.11
CA ILE A 162 -15.92 -21.03 -12.71
C ILE A 162 -16.69 -19.83 -12.13
N VAL A 163 -17.18 -18.95 -12.97
CA VAL A 163 -17.94 -17.76 -12.48
C VAL A 163 -19.38 -17.80 -13.00
N SER A 164 -20.33 -17.68 -12.12
CA SER A 164 -21.77 -17.70 -12.54
C SER A 164 -22.31 -16.26 -12.59
N LYS A 165 -23.22 -16.00 -13.49
CA LYS A 165 -23.79 -14.63 -13.61
C LYS A 165 -24.23 -14.13 -12.22
N GLU A 166 -24.98 -14.93 -11.50
CA GLU A 166 -25.42 -14.49 -10.15
C GLU A 166 -24.21 -14.02 -9.34
N GLN A 167 -23.09 -14.67 -9.49
CA GLN A 167 -21.89 -14.24 -8.72
C GLN A 167 -21.56 -12.79 -9.06
N LEU A 168 -21.63 -12.43 -10.30
CA LEU A 168 -21.33 -11.03 -10.69
C LEU A 168 -22.27 -10.11 -9.93
N LEU A 169 -23.49 -10.52 -9.71
CA LEU A 169 -24.41 -9.65 -8.95
C LEU A 169 -23.88 -9.52 -7.51
N ASP A 170 -24.03 -10.53 -6.72
CA ASP A 170 -23.57 -10.46 -5.30
C ASP A 170 -22.16 -9.85 -5.23
N ALA A 171 -21.48 -9.77 -6.34
CA ALA A 171 -20.09 -9.22 -6.32
C ALA A 171 -20.08 -7.71 -6.62
N ILE A 172 -20.93 -7.25 -7.51
CA ILE A 172 -20.93 -5.80 -7.87
C ILE A 172 -21.99 -5.05 -7.05
N TRP A 173 -23.23 -5.44 -7.10
CA TRP A 173 -24.27 -4.69 -6.30
C TRP A 173 -24.25 -5.20 -4.86
N GLU A 174 -24.45 -4.31 -3.92
CA GLU A 174 -24.46 -4.71 -2.48
C GLU A 174 -24.91 -3.52 -1.63
N GLU A 175 -24.66 -2.32 -2.09
CA GLU A 175 -25.08 -1.12 -1.30
C GLU A 175 -25.41 0.07 -2.23
N PRO A 176 -24.67 0.27 -3.30
CA PRO A 176 -24.91 1.40 -4.25
C PRO A 176 -25.77 0.99 -5.44
N GLU A 177 -25.24 0.21 -6.34
CA GLU A 177 -26.03 -0.22 -7.53
C GLU A 177 -27.29 -0.97 -7.07
N MET A 178 -28.31 -0.99 -7.89
CA MET A 178 -29.59 -1.70 -7.52
C MET A 178 -29.90 -2.74 -8.59
N VAL A 179 -29.14 -2.76 -9.66
CA VAL A 179 -29.37 -3.76 -10.74
C VAL A 179 -30.86 -3.76 -11.15
N THR A 180 -31.19 -3.10 -12.21
CA THR A 180 -32.61 -3.10 -12.67
C THR A 180 -33.04 -4.57 -12.86
N PRO A 181 -34.33 -4.83 -12.93
CA PRO A 181 -34.85 -6.21 -13.11
C PRO A 181 -33.97 -7.05 -14.06
N ASN A 182 -33.21 -6.41 -14.90
CA ASN A 182 -32.33 -7.16 -15.84
C ASN A 182 -31.16 -6.27 -16.28
N VAL A 183 -29.95 -6.66 -15.99
CA VAL A 183 -28.78 -5.83 -16.39
C VAL A 183 -27.59 -6.73 -16.77
N ILE A 184 -27.48 -7.88 -16.15
CA ILE A 184 -26.33 -8.77 -16.46
C ILE A 184 -26.33 -9.12 -17.96
N GLU A 185 -27.49 -9.24 -18.55
CA GLU A 185 -27.55 -9.57 -20.00
C GLU A 185 -26.69 -8.58 -20.79
N VAL A 186 -26.87 -7.31 -20.57
CA VAL A 186 -26.07 -6.30 -21.31
C VAL A 186 -24.66 -6.21 -20.71
N ALA A 187 -24.52 -6.44 -19.44
CA ALA A 187 -23.16 -6.36 -18.82
C ALA A 187 -22.24 -7.41 -19.43
N ILE A 188 -22.66 -8.65 -19.48
CA ILE A 188 -21.79 -9.70 -20.06
C ILE A 188 -21.62 -9.48 -21.56
N ASN A 189 -22.67 -9.17 -22.26
CA ASN A 189 -22.54 -8.94 -23.72
C ASN A 189 -21.57 -7.77 -23.94
N GLN A 190 -21.64 -6.78 -23.11
CA GLN A 190 -20.75 -5.60 -23.25
C GLN A 190 -19.31 -5.96 -22.88
N ILE A 191 -19.11 -6.56 -21.74
CA ILE A 191 -17.72 -6.92 -21.32
C ILE A 191 -17.03 -7.72 -22.43
N ARG A 192 -17.59 -8.84 -22.81
CA ARG A 192 -16.95 -9.65 -23.88
C ARG A 192 -16.66 -8.74 -25.09
N GLN A 193 -17.58 -7.88 -25.44
CA GLN A 193 -17.33 -6.98 -26.61
C GLN A 193 -16.27 -5.93 -26.26
N LYS A 194 -16.10 -5.64 -24.99
CA LYS A 194 -15.08 -4.61 -24.57
C LYS A 194 -13.80 -5.28 -24.06
N MET A 195 -13.76 -6.60 -24.05
CA MET A 195 -12.55 -7.31 -23.56
C MET A 195 -11.81 -7.98 -24.73
N ASP A 196 -12.47 -8.16 -25.83
CA ASP A 196 -11.81 -8.81 -27.01
C ASP A 196 -11.34 -7.75 -28.00
N LYS A 197 -11.65 -6.49 -27.76
CA LYS A 197 -11.24 -5.40 -28.70
C LYS A 197 -10.04 -4.62 -28.12
N PRO A 198 -10.18 -3.93 -27.02
CA PRO A 198 -9.05 -3.14 -26.41
C PRO A 198 -7.88 -4.05 -26.01
N LEU A 199 -8.13 -5.03 -25.17
CA LEU A 199 -7.04 -5.94 -24.74
C LEU A 199 -6.61 -6.82 -25.93
N GLY A 200 -7.56 -7.34 -26.67
CA GLY A 200 -7.20 -8.19 -27.85
C GLY A 200 -7.21 -9.67 -27.44
N ILE A 201 -6.97 -9.97 -26.19
CA ILE A 201 -6.95 -11.41 -25.75
C ILE A 201 -8.29 -11.78 -25.10
N SER A 202 -8.85 -12.90 -25.47
CA SER A 202 -10.13 -13.37 -24.87
C SER A 202 -9.82 -14.53 -23.91
N THR A 203 -10.47 -14.57 -22.77
CA THR A 203 -10.19 -15.66 -21.80
C THR A 203 -11.49 -16.11 -21.12
N VAL A 204 -12.54 -16.26 -21.88
CA VAL A 204 -13.85 -16.70 -21.27
C VAL A 204 -14.58 -17.63 -22.24
N GLU A 205 -15.43 -18.47 -21.72
CA GLU A 205 -16.20 -19.42 -22.58
C GLU A 205 -17.69 -19.30 -22.24
N THR A 206 -18.55 -19.22 -23.22
CA THR A 206 -20.00 -19.11 -22.93
C THR A 206 -20.64 -20.50 -22.97
N VAL A 207 -21.44 -20.83 -22.00
CA VAL A 207 -22.08 -22.18 -22.01
C VAL A 207 -23.37 -22.14 -21.17
N ARG A 208 -24.37 -22.84 -21.61
CA ARG A 208 -25.66 -22.85 -20.85
C ARG A 208 -25.43 -23.49 -19.47
N ARG A 209 -24.69 -24.55 -19.43
CA ARG A 209 -24.43 -25.23 -18.12
C ARG A 209 -23.79 -24.22 -17.15
N ARG A 210 -23.98 -24.40 -15.88
CA ARG A 210 -23.37 -23.46 -14.88
C ARG A 210 -23.55 -22.01 -15.37
N GLY A 211 -22.56 -21.48 -16.04
CA GLY A 211 -22.65 -20.08 -16.54
C GLY A 211 -21.47 -19.79 -17.46
N TYR A 212 -20.59 -18.89 -17.06
CA TYR A 212 -19.40 -18.55 -17.91
C TYR A 212 -18.14 -19.07 -17.22
N ARG A 213 -17.20 -19.61 -17.98
CA ARG A 213 -15.94 -20.14 -17.37
C ARG A 213 -14.78 -19.18 -17.66
N PHE A 214 -13.89 -19.01 -16.72
CA PHE A 214 -12.71 -18.09 -16.92
C PHE A 214 -11.43 -18.94 -16.88
N CYS A 215 -10.75 -19.05 -18.00
CA CYS A 215 -9.49 -19.87 -18.06
C CYS A 215 -8.32 -18.97 -18.45
N TYR A 216 -7.12 -19.41 -18.17
CA TYR A 216 -5.92 -18.61 -18.53
C TYR A 216 -5.76 -18.56 -20.07
N PRO A 217 -5.17 -17.51 -20.61
CA PRO A 217 -5.00 -17.38 -22.08
C PRO A 217 -4.66 -18.72 -22.76
N LYS A 218 -4.98 -18.87 -24.02
CA LYS A 218 -4.70 -20.17 -24.73
C LYS A 218 -3.39 -20.13 -25.56
N PRO A 219 -2.85 -18.98 -25.91
CA PRO A 219 -1.60 -18.92 -26.73
C PRO A 219 -0.34 -18.96 -25.86
N ALA A 220 -0.49 -18.73 -24.59
CA ALA A 220 0.69 -18.74 -23.68
C ALA A 220 1.50 -20.03 -23.88
N CYS A 221 0.84 -21.12 -24.12
CA CYS A 221 1.58 -22.41 -24.31
C CYS A 221 2.53 -22.27 -25.52
N GLU A 222 3.74 -22.74 -25.38
CA GLU A 222 4.73 -22.64 -26.51
C GLU A 222 4.69 -23.93 -27.33
N GLU A 223 5.72 -24.18 -28.10
CA GLU A 223 5.75 -25.42 -28.93
C GLU A 223 4.46 -25.50 -29.76
N MET B 1 -1.04 -1.05 20.40
CA MET B 1 0.26 -0.60 19.81
C MET B 1 1.02 0.23 20.85
N ARG B 2 2.24 0.59 20.54
CA ARG B 2 3.05 1.40 21.49
C ARG B 2 3.85 2.45 20.70
N VAL B 3 4.12 3.57 21.34
CA VAL B 3 4.91 4.66 20.68
C VAL B 3 6.21 4.85 21.45
N LEU B 4 7.31 4.87 20.75
CA LEU B 4 8.64 5.02 21.42
C LEU B 4 9.15 6.46 21.27
N LEU B 5 9.33 7.14 22.38
CA LEU B 5 9.85 8.55 22.34
C LEU B 5 11.23 8.57 23.01
N ILE B 6 12.27 8.80 22.24
CA ILE B 6 13.65 8.83 22.82
C ILE B 6 14.15 10.28 22.83
N GLU B 7 14.37 10.83 24.00
CA GLU B 7 14.87 12.23 24.07
C GLU B 7 15.51 12.48 25.44
N LYS B 8 16.58 13.20 25.48
CA LYS B 8 17.25 13.47 26.78
C LYS B 8 16.31 14.28 27.67
N ASN B 9 15.48 15.10 27.08
CA ASN B 9 14.54 15.93 27.90
C ASN B 9 13.26 15.12 28.17
N SER B 10 13.09 14.66 29.38
CA SER B 10 11.87 13.87 29.71
C SER B 10 10.65 14.79 29.76
N VAL B 11 10.84 16.04 30.10
CA VAL B 11 9.68 16.98 30.17
C VAL B 11 8.96 17.01 28.82
N LEU B 12 9.70 17.20 27.75
CA LEU B 12 9.04 17.24 26.41
C LEU B 12 8.40 15.88 26.13
N GLY B 13 9.01 14.81 26.57
CA GLY B 13 8.41 13.46 26.33
C GLY B 13 7.19 13.31 27.21
N GLY B 14 7.14 14.03 28.29
CA GLY B 14 5.96 13.94 29.20
C GLY B 14 4.73 14.48 28.49
N GLU B 15 4.82 15.69 27.98
CA GLU B 15 3.64 16.28 27.28
C GLU B 15 3.23 15.37 26.11
N ILE B 16 4.16 14.91 25.33
CA ILE B 16 3.78 14.01 24.20
C ILE B 16 3.17 12.73 24.77
N GLU B 17 3.70 12.25 25.86
CA GLU B 17 3.15 11.01 26.48
C GLU B 17 1.69 11.26 26.90
N LYS B 18 1.42 12.39 27.49
CA LYS B 18 0.03 12.69 27.92
C LYS B 18 -0.72 13.34 26.77
N GLY B 19 -0.08 13.47 25.64
CA GLY B 19 -0.75 14.08 24.47
C GLY B 19 -1.47 12.99 23.67
N LEU B 20 -0.76 11.98 23.25
CA LEU B 20 -1.40 10.89 22.47
C LEU B 20 -2.32 10.06 23.38
N ASN B 21 -2.08 10.10 24.66
CA ASN B 21 -2.92 9.31 25.61
C ASN B 21 -4.40 9.63 25.36
N VAL B 22 -4.71 10.84 24.99
CA VAL B 22 -6.13 11.21 24.73
C VAL B 22 -6.68 10.32 23.62
N LYS B 23 -5.85 9.94 22.69
CA LYS B 23 -6.32 9.08 21.57
C LYS B 23 -6.40 7.63 22.05
N GLY B 24 -5.97 7.40 23.25
CA GLY B 24 -6.02 6.01 23.81
C GLY B 24 -4.82 5.19 23.33
N PHE B 25 -3.68 5.83 23.21
CA PHE B 25 -2.44 5.10 22.75
C PHE B 25 -1.44 5.06 23.90
N MET B 26 -0.49 4.16 23.84
CA MET B 26 0.54 4.05 24.93
C MET B 26 1.87 4.57 24.40
N ALA B 27 2.61 5.28 25.23
CA ALA B 27 3.92 5.84 24.79
C ALA B 27 4.97 5.60 25.89
N ASP B 28 6.23 5.73 25.56
CA ASP B 28 7.31 5.52 26.57
C ASP B 28 8.40 6.56 26.34
N VAL B 29 9.03 7.02 27.39
CA VAL B 29 10.11 8.04 27.26
C VAL B 29 11.44 7.41 27.68
N THR B 30 12.50 7.68 26.94
CA THR B 30 13.82 7.09 27.29
C THR B 30 14.92 8.10 26.95
N GLU B 31 16.11 7.90 27.47
CA GLU B 31 17.23 8.85 27.18
C GLU B 31 18.00 8.36 25.95
N SER B 32 19.09 7.67 26.16
CA SER B 32 19.91 7.18 25.01
C SER B 32 19.26 5.92 24.42
N LEU B 33 19.70 5.53 23.25
CA LEU B 33 19.12 4.31 22.60
C LEU B 33 19.25 3.11 23.53
N GLU B 34 20.26 3.06 24.34
CA GLU B 34 20.43 1.90 25.26
C GLU B 34 19.17 1.70 26.10
N ASP B 35 18.61 2.76 26.63
CA ASP B 35 17.39 2.61 27.47
C ASP B 35 16.22 2.14 26.58
N GLY B 36 16.09 2.70 25.42
CA GLY B 36 14.98 2.29 24.51
C GLY B 36 15.31 0.95 23.86
N GLU B 37 16.57 0.66 23.68
CA GLU B 37 16.97 -0.62 23.06
C GLU B 37 16.60 -1.79 23.98
N TYR B 38 16.92 -1.69 25.24
CA TYR B 38 16.60 -2.78 26.20
C TYR B 38 15.10 -2.77 26.53
N LEU B 39 14.47 -1.63 26.42
CA LEU B 39 13.01 -1.56 26.74
C LEU B 39 12.19 -1.94 25.52
N MET B 40 12.69 -1.67 24.34
CA MET B 40 11.93 -2.00 23.11
C MET B 40 12.21 -3.45 22.67
N ASP B 41 13.39 -3.95 22.95
CA ASP B 41 13.71 -5.34 22.54
C ASP B 41 12.91 -6.34 23.38
N ILE B 42 12.46 -5.94 24.54
CA ILE B 42 11.69 -6.89 25.41
C ILE B 42 10.24 -6.95 24.94
N ARG B 43 9.73 -5.88 24.36
CA ARG B 43 8.30 -5.88 23.89
C ARG B 43 8.23 -5.39 22.43
N ASN B 44 7.08 -5.49 21.81
CA ASN B 44 6.96 -5.04 20.38
C ASN B 44 6.33 -3.64 20.35
N TYR B 45 6.61 -2.89 19.31
CA TYR B 45 6.04 -1.51 19.18
C TYR B 45 5.63 -1.26 17.72
N ASP B 46 5.17 -0.08 17.41
CA ASP B 46 4.73 0.23 16.01
C ASP B 46 5.30 1.58 15.56
N LEU B 47 5.25 2.58 16.40
CA LEU B 47 5.78 3.93 16.01
C LEU B 47 7.16 4.13 16.66
N VAL B 48 8.19 4.21 15.86
CA VAL B 48 9.57 4.42 16.41
C VAL B 48 9.90 5.91 16.30
N MET B 49 9.72 6.65 17.37
CA MET B 49 10.01 8.12 17.34
C MET B 49 11.22 8.42 18.22
N VAL B 50 12.17 9.15 17.70
CA VAL B 50 13.39 9.49 18.49
C VAL B 50 13.87 10.89 18.10
N SER B 51 14.27 11.67 19.07
CA SER B 51 14.76 13.05 18.80
C SER B 51 16.29 13.08 18.89
N ASP B 52 16.91 11.96 19.11
CA ASP B 52 18.40 11.92 19.20
C ASP B 52 19.00 12.01 17.79
N LYS B 53 20.00 12.83 17.61
CA LYS B 53 20.62 12.98 16.27
C LYS B 53 21.41 11.72 15.90
N ASN B 54 22.06 11.11 16.85
CA ASN B 54 22.86 9.89 16.53
C ASN B 54 21.90 8.72 16.21
N ALA B 55 20.63 9.00 16.13
CA ALA B 55 19.65 7.92 15.83
C ALA B 55 19.71 7.54 14.34
N LEU B 56 20.19 8.42 13.51
CA LEU B 56 20.27 8.11 12.05
C LEU B 56 20.81 6.69 11.84
N SER B 57 21.78 6.29 12.62
CA SER B 57 22.34 4.91 12.46
C SER B 57 21.37 3.90 13.07
N PHE B 58 20.76 4.24 14.17
CA PHE B 58 19.82 3.29 14.82
C PHE B 58 18.59 3.07 13.93
N VAL B 59 18.05 4.09 13.33
CA VAL B 59 16.87 3.89 12.47
C VAL B 59 17.29 3.10 11.23
N SER B 60 18.46 3.37 10.71
CA SER B 60 18.92 2.62 9.50
C SER B 60 18.83 1.12 9.77
N ARG B 61 19.36 0.66 10.86
CA ARG B 61 19.30 -0.80 11.16
C ARG B 61 17.86 -1.22 11.44
N ILE B 62 17.08 -0.38 12.07
CA ILE B 62 15.67 -0.77 12.36
C ILE B 62 14.90 -0.99 11.06
N LYS B 63 15.13 -0.16 10.07
CA LYS B 63 14.39 -0.32 8.79
C LYS B 63 14.79 -1.61 8.09
N GLU B 64 16.07 -1.85 7.92
CA GLU B 64 16.49 -3.12 7.23
C GLU B 64 16.19 -4.32 8.13
N LYS B 65 16.38 -4.19 9.41
CA LYS B 65 16.09 -5.33 10.32
C LYS B 65 14.59 -5.42 10.56
N HIS B 66 13.87 -4.35 10.34
CA HIS B 66 12.40 -4.37 10.56
C HIS B 66 11.74 -3.27 9.71
N SER B 67 11.82 -3.40 8.41
CA SER B 67 11.20 -2.35 7.53
C SER B 67 9.70 -2.28 7.78
N SER B 68 9.08 -3.37 8.15
CA SER B 68 7.61 -3.34 8.41
C SER B 68 7.33 -2.52 9.67
N ILE B 69 7.90 -1.36 9.78
CA ILE B 69 7.67 -0.51 10.99
C ILE B 69 7.69 0.98 10.60
N VAL B 70 7.19 1.84 11.44
CA VAL B 70 7.19 3.31 11.12
C VAL B 70 8.29 4.01 11.91
N VAL B 71 8.87 5.06 11.37
CA VAL B 71 9.95 5.79 12.08
C VAL B 71 9.72 7.31 11.98
N LEU B 72 9.66 7.98 13.10
CA LEU B 72 9.44 9.46 13.11
C LEU B 72 10.66 10.15 13.71
N VAL B 73 11.49 10.74 12.89
CA VAL B 73 12.70 11.44 13.41
C VAL B 73 12.38 12.93 13.61
N SER B 74 12.73 13.49 14.75
CA SER B 74 12.44 14.92 14.99
C SER B 74 13.67 15.75 14.59
N SER B 75 13.55 17.06 14.55
CA SER B 75 14.74 17.89 14.16
C SER B 75 14.65 19.28 14.82
N ASP B 76 15.66 19.65 15.57
CA ASP B 76 15.66 20.98 16.24
C ASP B 76 15.76 22.09 15.20
N ASN B 77 15.82 21.74 13.95
CA ASN B 77 15.95 22.78 12.89
C ASN B 77 15.77 22.12 11.52
N PRO B 78 14.56 21.89 11.09
CA PRO B 78 14.28 21.25 9.77
C PRO B 78 15.18 21.82 8.66
N THR B 79 16.35 21.26 8.51
CA THR B 79 17.29 21.74 7.46
C THR B 79 17.22 20.81 6.25
N SER B 80 17.57 21.30 5.10
CA SER B 80 17.52 20.45 3.87
C SER B 80 18.53 19.31 4.00
N GLU B 81 19.67 19.57 4.59
CA GLU B 81 20.70 18.50 4.74
C GLU B 81 20.15 17.37 5.61
N GLU B 82 19.45 17.70 6.66
CA GLU B 82 18.91 16.63 7.55
C GLU B 82 17.74 15.93 6.87
N GLU B 83 16.96 16.65 6.11
CA GLU B 83 15.79 16.02 5.43
C GLU B 83 16.27 14.93 4.47
N VAL B 84 17.12 15.27 3.55
CA VAL B 84 17.62 14.24 2.59
C VAL B 84 18.30 13.12 3.37
N HIS B 85 19.02 13.44 4.40
CA HIS B 85 19.71 12.39 5.19
C HIS B 85 18.65 11.57 5.96
N ALA B 86 17.54 12.17 6.28
CA ALA B 86 16.48 11.42 7.02
C ALA B 86 15.91 10.32 6.12
N PHE B 87 15.77 10.57 4.85
CA PHE B 87 15.22 9.53 3.94
C PHE B 87 16.35 8.57 3.54
N GLU B 88 17.53 9.08 3.33
CA GLU B 88 18.65 8.20 2.95
C GLU B 88 19.08 7.33 4.14
N GLN B 89 19.06 7.89 5.32
CA GLN B 89 19.44 7.09 6.53
C GLN B 89 18.31 6.13 6.88
N GLY B 90 17.14 6.64 7.13
CA GLY B 90 16.00 5.74 7.47
C GLY B 90 14.97 6.50 8.31
N ALA B 91 14.12 7.28 7.68
CA ALA B 91 13.08 8.04 8.45
C ALA B 91 11.77 8.01 7.66
N ASP B 92 10.76 7.40 8.23
CA ASP B 92 9.45 7.34 7.52
C ASP B 92 8.78 8.72 7.60
N ASP B 93 9.06 9.46 8.64
CA ASP B 93 8.47 10.81 8.80
C ASP B 93 9.56 11.75 9.34
N TYR B 94 9.35 13.04 9.26
CA TYR B 94 10.38 14.00 9.74
C TYR B 94 9.68 15.30 10.20
N ILE B 95 9.56 15.49 11.49
CA ILE B 95 8.87 16.73 12.01
C ILE B 95 9.85 17.62 12.78
N ALA B 96 9.65 18.90 12.76
CA ALA B 96 10.56 19.81 13.51
C ALA B 96 10.44 19.45 15.00
N LYS B 97 11.53 19.52 15.74
CA LYS B 97 11.45 19.14 17.18
C LYS B 97 10.62 20.16 17.97
N PRO B 98 10.76 21.40 17.69
CA PRO B 98 10.07 22.39 18.52
C PRO B 98 8.56 22.09 18.63
N TYR B 99 8.11 21.06 17.96
CA TYR B 99 6.69 20.67 18.03
C TYR B 99 5.78 21.85 17.66
N ARG B 100 5.36 21.94 16.43
CA ARG B 100 4.45 23.07 16.06
C ARG B 100 3.23 22.99 16.98
N SER B 101 2.78 21.80 17.27
CA SER B 101 1.62 21.62 18.17
C SER B 101 1.46 20.12 18.45
N ILE B 102 1.41 19.74 19.70
CA ILE B 102 1.26 18.29 20.04
C ILE B 102 0.09 17.72 19.24
N LYS B 103 -0.98 18.45 19.12
CA LYS B 103 -2.15 17.94 18.36
C LYS B 103 -1.73 17.69 16.91
N ALA B 104 -0.91 18.54 16.36
CA ALA B 104 -0.46 18.35 14.95
C ALA B 104 0.41 17.09 14.87
N LEU B 105 1.38 16.96 15.73
CA LEU B 105 2.25 15.76 15.70
C LEU B 105 1.40 14.51 15.97
N VAL B 106 0.53 14.58 16.94
CA VAL B 106 -0.31 13.39 17.25
C VAL B 106 -1.28 13.13 16.09
N ALA B 107 -1.82 14.16 15.51
CA ALA B 107 -2.77 13.95 14.37
C ALA B 107 -2.07 13.11 13.31
N ARG B 108 -0.81 13.34 13.08
CA ARG B 108 -0.07 12.55 12.05
C ARG B 108 0.16 11.13 12.58
N ILE B 109 0.37 10.99 13.86
CA ILE B 109 0.60 9.63 14.42
C ILE B 109 -0.72 8.88 14.49
N GLU B 110 -1.81 9.59 14.61
CA GLU B 110 -3.12 8.91 14.69
C GLU B 110 -3.51 8.38 13.31
N ALA B 111 -3.56 9.23 12.32
CA ALA B 111 -3.92 8.77 10.95
C ALA B 111 -2.97 7.65 10.51
N ARG B 112 -1.73 7.74 10.87
CA ARG B 112 -0.75 6.69 10.45
C ARG B 112 -1.10 5.35 11.11
N LEU B 113 -1.28 5.34 12.40
CA LEU B 113 -1.60 4.07 13.10
C LEU B 113 -3.06 3.67 12.84
N ARG B 114 -3.93 4.63 12.71
CA ARG B 114 -5.37 4.30 12.46
C ARG B 114 -5.46 3.29 11.32
N PHE B 115 -4.63 3.41 10.32
CA PHE B 115 -4.68 2.45 9.19
C PHE B 115 -3.93 1.16 9.58
N TRP B 116 -3.36 1.13 10.75
CA TRP B 116 -2.62 -0.08 11.19
C TRP B 116 -3.54 -1.30 11.10
N GLY B 117 -4.80 -1.13 11.39
CA GLY B 117 -5.74 -2.28 11.33
C GLY B 117 -6.14 -2.54 9.87
N SER B 118 -5.63 -3.59 9.29
CA SER B 118 -5.98 -3.90 7.87
C SER B 118 -5.81 -5.38 7.62
N ASN B 119 -6.32 -5.85 6.51
CA ASN B 119 -6.23 -7.29 6.20
C ASN B 119 -6.39 -7.48 4.69
N VAL B 120 -5.42 -8.06 4.04
CA VAL B 120 -5.50 -8.27 2.57
C VAL B 120 -6.21 -9.61 2.28
N ILE B 121 -5.87 -10.63 3.02
CA ILE B 121 -6.51 -11.96 2.79
C ILE B 121 -7.62 -12.18 3.83
N GLU B 122 -8.74 -12.69 3.42
CA GLU B 122 -9.87 -12.93 4.37
C GLU B 122 -10.47 -14.31 4.10
N ILE B 123 -10.12 -15.29 4.89
CA ILE B 123 -10.66 -16.67 4.69
C ILE B 123 -11.55 -17.05 5.87
N GLY B 124 -12.72 -17.57 5.60
CA GLY B 124 -13.65 -17.96 6.70
C GLY B 124 -13.69 -16.87 7.77
N ASP B 125 -13.48 -17.23 9.01
CA ASP B 125 -13.51 -16.23 10.11
C ASP B 125 -12.07 -15.78 10.44
N LEU B 126 -11.09 -16.47 9.91
CA LEU B 126 -9.67 -16.09 10.20
C LEU B 126 -9.13 -15.22 9.06
N THR B 127 -8.43 -14.17 9.40
CA THR B 127 -7.86 -13.25 8.34
C THR B 127 -6.34 -13.23 8.44
N ILE B 128 -5.65 -13.12 7.33
CA ILE B 128 -4.16 -13.09 7.34
C ILE B 128 -3.67 -11.83 6.64
N SER B 129 -2.80 -11.08 7.27
CA SER B 129 -2.26 -9.82 6.65
C SER B 129 -0.78 -10.05 6.27
N PRO B 130 -0.42 -9.96 5.01
CA PRO B 130 0.99 -10.17 4.58
C PRO B 130 1.87 -8.93 4.84
N ASP B 131 1.50 -7.82 4.30
CA ASP B 131 2.31 -6.58 4.51
C ASP B 131 2.38 -6.27 6.00
N GLU B 132 1.28 -6.38 6.70
CA GLU B 132 1.29 -6.09 8.16
C GLU B 132 1.82 -7.31 8.92
N GLU B 133 1.91 -8.43 8.25
CA GLU B 133 2.42 -9.65 8.94
C GLU B 133 1.62 -9.88 10.23
N LYS B 134 0.32 -9.96 10.12
CA LYS B 134 -0.53 -10.18 11.33
C LYS B 134 -1.62 -11.20 11.00
N ILE B 135 -1.83 -12.16 11.86
CA ILE B 135 -2.87 -13.21 11.62
C ILE B 135 -3.94 -13.13 12.71
N ILE B 136 -5.20 -13.14 12.33
CA ILE B 136 -6.30 -13.06 13.33
C ILE B 136 -7.05 -14.40 13.34
N TYR B 137 -7.18 -15.01 14.49
CA TYR B 137 -7.89 -16.32 14.58
C TYR B 137 -8.75 -16.36 15.85
N LYS B 138 -9.93 -16.91 15.76
CA LYS B 138 -10.82 -16.99 16.95
C LYS B 138 -11.00 -15.59 17.56
N GLY B 139 -10.73 -14.56 16.82
CA GLY B 139 -10.91 -13.18 17.35
C GLY B 139 -9.66 -12.73 18.12
N ARG B 140 -8.56 -13.42 17.93
CA ARG B 140 -7.29 -13.04 18.65
C ARG B 140 -6.27 -12.51 17.64
N GLU B 141 -5.72 -11.35 17.89
CA GLU B 141 -4.72 -10.77 16.96
C GLU B 141 -3.31 -11.15 17.41
N VAL B 142 -2.52 -11.72 16.53
CA VAL B 142 -1.13 -12.12 16.91
C VAL B 142 -0.18 -11.74 15.75
N GLU B 143 0.96 -11.18 16.08
CA GLU B 143 1.93 -10.80 15.02
C GLU B 143 2.92 -11.94 14.78
N VAL B 144 3.34 -12.15 13.55
CA VAL B 144 4.31 -13.25 13.26
C VAL B 144 5.27 -12.79 12.16
N LYS B 145 6.55 -12.87 12.42
CA LYS B 145 7.55 -12.42 11.40
C LYS B 145 8.72 -13.42 11.39
N GLY B 146 8.94 -14.08 10.29
CA GLY B 146 10.06 -15.06 10.21
C GLY B 146 9.92 -15.91 8.95
N LYS B 147 10.91 -16.69 8.63
CA LYS B 147 10.82 -17.54 7.42
C LYS B 147 9.76 -18.64 7.62
N PRO B 148 9.67 -19.20 8.80
CA PRO B 148 8.66 -20.28 9.09
C PRO B 148 7.23 -19.80 8.86
N PHE B 149 6.96 -18.56 9.14
CA PHE B 149 5.58 -18.02 8.95
C PHE B 149 5.43 -17.49 7.52
N GLU B 150 6.52 -17.23 6.85
CA GLU B 150 6.45 -16.71 5.47
C GLU B 150 5.64 -17.67 4.59
N VAL B 151 5.83 -18.96 4.77
CA VAL B 151 5.08 -19.95 3.95
C VAL B 151 3.57 -19.79 4.20
N LEU B 152 3.20 -19.55 5.43
CA LEU B 152 1.74 -19.39 5.73
C LEU B 152 1.19 -18.20 4.94
N THR B 153 1.94 -17.13 4.87
CA THR B 153 1.46 -15.95 4.10
C THR B 153 1.62 -16.21 2.60
N HIS B 154 2.62 -16.97 2.23
CA HIS B 154 2.83 -17.26 0.79
C HIS B 154 1.57 -17.92 0.21
N LEU B 155 1.08 -18.96 0.83
CA LEU B 155 -0.14 -19.64 0.32
C LEU B 155 -1.36 -18.76 0.58
N ALA B 156 -1.32 -17.95 1.60
CA ALA B 156 -2.49 -17.08 1.90
C ALA B 156 -2.83 -16.24 0.66
N ARG B 157 -1.84 -15.66 0.03
CA ARG B 157 -2.12 -14.84 -1.19
C ARG B 157 -2.41 -15.76 -2.37
N HIS B 158 -1.62 -16.79 -2.53
CA HIS B 158 -1.83 -17.73 -3.66
C HIS B 158 -3.02 -18.65 -3.38
N ARG B 159 -3.94 -18.21 -2.55
CA ARG B 159 -5.13 -19.06 -2.24
C ARG B 159 -5.73 -19.58 -3.55
N ASP B 160 -6.46 -20.66 -3.51
CA ASP B 160 -7.07 -21.23 -4.75
C ASP B 160 -6.06 -21.17 -5.91
N GLN B 161 -4.90 -21.75 -5.72
CA GLN B 161 -3.87 -21.73 -6.81
C GLN B 161 -3.05 -23.03 -6.75
N ILE B 162 -2.46 -23.42 -7.85
CA ILE B 162 -1.65 -24.67 -7.86
C ILE B 162 -0.16 -24.31 -7.73
N VAL B 163 0.58 -25.07 -6.95
CA VAL B 163 2.04 -24.77 -6.79
C VAL B 163 2.83 -26.08 -6.75
N SER B 164 4.01 -26.09 -7.31
CA SER B 164 4.84 -27.33 -7.31
C SER B 164 5.79 -27.29 -6.12
N LYS B 165 6.33 -28.42 -5.74
CA LYS B 165 7.28 -28.44 -4.58
C LYS B 165 8.40 -27.43 -4.84
N GLU B 166 8.85 -27.32 -6.06
CA GLU B 166 9.94 -26.36 -6.37
C GLU B 166 9.43 -24.92 -6.13
N GLN B 167 8.20 -24.66 -6.44
CA GLN B 167 7.64 -23.29 -6.23
C GLN B 167 7.84 -22.90 -4.77
N LEU B 168 7.53 -23.78 -3.86
CA LEU B 168 7.69 -23.46 -2.41
C LEU B 168 9.19 -23.27 -2.12
N LEU B 169 10.02 -24.01 -2.80
CA LEU B 169 11.49 -23.88 -2.56
C LEU B 169 11.91 -22.41 -2.72
N ASP B 170 11.70 -21.85 -3.87
CA ASP B 170 12.09 -20.43 -4.09
C ASP B 170 11.24 -19.50 -3.23
N ALA B 171 10.03 -19.90 -2.92
CA ALA B 171 9.14 -19.02 -2.09
C ALA B 171 9.85 -18.66 -0.78
N ILE B 172 10.25 -19.63 0.00
CA ILE B 172 10.93 -19.32 1.29
C ILE B 172 12.45 -19.35 1.08
N TRP B 173 12.98 -20.47 0.64
CA TRP B 173 14.46 -20.57 0.41
C TRP B 173 14.78 -20.15 -1.01
N GLU B 174 15.03 -18.89 -1.19
CA GLU B 174 15.37 -18.37 -2.54
C GLU B 174 16.88 -18.19 -2.62
N GLU B 175 17.34 -17.58 -3.66
CA GLU B 175 18.80 -17.34 -3.86
C GLU B 175 19.55 -18.69 -3.80
N PRO B 176 20.69 -18.79 -4.47
CA PRO B 176 21.50 -20.04 -4.47
C PRO B 176 21.50 -20.74 -3.10
N GLU B 177 20.84 -21.87 -2.99
CA GLU B 177 20.79 -22.60 -1.69
C GLU B 177 20.82 -24.11 -1.96
N MET B 178 21.77 -24.80 -1.39
CA MET B 178 21.85 -26.28 -1.61
C MET B 178 20.95 -27.00 -0.60
N VAL B 179 19.99 -26.30 -0.05
CA VAL B 179 19.08 -26.94 0.93
C VAL B 179 18.52 -28.24 0.35
N THR B 180 18.73 -28.46 -0.92
CA THR B 180 18.20 -29.70 -1.57
C THR B 180 16.66 -29.72 -1.46
N PRO B 181 15.96 -30.04 -2.54
CA PRO B 181 14.46 -30.06 -2.51
C PRO B 181 13.93 -31.28 -1.74
N ASN B 182 14.78 -32.20 -1.39
CA ASN B 182 14.32 -33.40 -0.65
C ASN B 182 13.72 -32.99 0.70
N VAL B 183 14.15 -31.89 1.25
CA VAL B 183 13.62 -31.45 2.57
C VAL B 183 12.22 -30.83 2.38
N ILE B 184 11.88 -30.45 1.19
CA ILE B 184 10.53 -29.84 0.96
C ILE B 184 9.43 -30.80 1.40
N GLU B 185 9.46 -32.02 0.93
CA GLU B 185 8.40 -32.99 1.33
C GLU B 185 8.37 -33.09 2.85
N VAL B 186 9.49 -32.97 3.50
CA VAL B 186 9.51 -33.07 4.98
C VAL B 186 8.96 -31.78 5.60
N ALA B 187 9.41 -30.64 5.14
CA ALA B 187 8.91 -29.36 5.71
C ALA B 187 7.42 -29.18 5.39
N ILE B 188 7.04 -29.34 4.16
CA ILE B 188 5.60 -29.17 3.81
C ILE B 188 4.74 -30.13 4.65
N ASN B 189 5.19 -31.34 4.84
CA ASN B 189 4.40 -32.30 5.64
C ASN B 189 4.22 -31.76 7.06
N GLN B 190 5.28 -31.29 7.66
CA GLN B 190 5.18 -30.75 9.05
C GLN B 190 4.36 -29.46 9.04
N ILE B 191 4.62 -28.58 8.12
CA ILE B 191 3.87 -27.31 8.06
C ILE B 191 2.36 -27.62 7.99
N ARG B 192 1.99 -28.59 7.22
CA ARG B 192 0.54 -28.94 7.13
C ARG B 192 0.02 -29.35 8.50
N GLN B 193 0.74 -30.20 9.18
CA GLN B 193 0.29 -30.64 10.53
C GLN B 193 0.33 -29.45 11.50
N LYS B 194 1.30 -28.59 11.34
CA LYS B 194 1.40 -27.41 12.26
C LYS B 194 0.44 -26.31 11.77
N MET B 195 -0.18 -26.51 10.65
CA MET B 195 -1.13 -25.48 10.11
C MET B 195 -2.55 -25.82 10.58
N ASP B 196 -3.01 -27.01 10.31
CA ASP B 196 -4.38 -27.40 10.72
C ASP B 196 -4.48 -27.37 12.25
N LYS B 197 -3.41 -27.69 12.93
CA LYS B 197 -3.46 -27.69 14.42
C LYS B 197 -3.94 -26.31 14.93
N PRO B 198 -3.20 -25.25 14.70
CA PRO B 198 -3.60 -23.88 15.16
C PRO B 198 -4.89 -23.40 14.49
N LEU B 199 -4.94 -23.43 13.18
CA LEU B 199 -6.17 -22.96 12.47
C LEU B 199 -7.32 -23.92 12.77
N GLY B 200 -7.05 -25.18 12.92
CA GLY B 200 -8.14 -26.16 13.21
C GLY B 200 -8.86 -26.52 11.91
N ILE B 201 -9.07 -25.55 11.06
CA ILE B 201 -9.77 -25.82 9.77
C ILE B 201 -8.74 -26.10 8.67
N SER B 202 -8.97 -27.08 7.85
CA SER B 202 -7.99 -27.39 6.77
C SER B 202 -8.22 -26.44 5.60
N THR B 203 -7.15 -25.88 5.06
CA THR B 203 -7.28 -24.94 3.90
C THR B 203 -6.30 -25.33 2.81
N VAL B 204 -5.42 -26.27 3.08
CA VAL B 204 -4.42 -26.71 2.06
C VAL B 204 -4.84 -28.07 1.50
N GLU B 205 -4.80 -28.23 0.20
CA GLU B 205 -5.18 -29.53 -0.43
C GLU B 205 -3.92 -30.32 -0.76
N THR B 206 -3.83 -31.55 -0.32
CA THR B 206 -2.61 -32.37 -0.62
C THR B 206 -2.90 -33.27 -1.82
N VAL B 207 -2.05 -33.25 -2.81
CA VAL B 207 -2.26 -34.10 -4.03
C VAL B 207 -0.92 -34.68 -4.49
N ARG B 208 -0.91 -35.93 -4.88
CA ARG B 208 0.38 -36.54 -5.34
C ARG B 208 0.59 -36.22 -6.82
N ARG B 209 -0.18 -35.33 -7.37
CA ARG B 209 -0.03 -34.98 -8.81
C ARG B 209 1.23 -34.14 -9.00
N ARG B 210 1.11 -33.02 -9.66
CA ARG B 210 2.30 -32.14 -9.88
C ARG B 210 2.93 -31.77 -8.54
N GLY B 211 2.12 -31.45 -7.57
CA GLY B 211 2.68 -31.07 -6.23
C GLY B 211 1.54 -30.88 -5.23
N TYR B 212 1.40 -29.69 -4.69
CA TYR B 212 0.31 -29.43 -3.70
C TYR B 212 -0.54 -28.25 -4.18
N ARG B 213 -1.77 -28.17 -3.74
CA ARG B 213 -2.68 -27.06 -4.16
C ARG B 213 -3.39 -26.49 -2.93
N PHE B 214 -3.65 -25.20 -2.92
CA PHE B 214 -4.35 -24.58 -1.75
C PHE B 214 -5.69 -24.02 -2.21
N CYS B 215 -6.72 -24.21 -1.43
CA CYS B 215 -8.06 -23.69 -1.82
C CYS B 215 -8.91 -23.49 -0.56
N TYR B 216 -10.01 -22.80 -0.68
CA TYR B 216 -10.88 -22.57 0.52
C TYR B 216 -11.36 -23.92 1.05
N PRO B 217 -11.58 -24.05 2.34
CA PRO B 217 -12.06 -25.33 2.93
C PRO B 217 -13.09 -26.04 2.04
N LYS B 218 -13.08 -27.34 2.01
CA LYS B 218 -14.07 -28.07 1.16
C LYS B 218 -15.48 -27.53 1.44
N PRO B 219 -15.99 -27.70 2.64
CA PRO B 219 -17.35 -27.19 3.00
C PRO B 219 -17.42 -25.66 2.95
N ALA B 220 -18.47 -25.12 2.41
CA ALA B 220 -18.59 -23.64 2.34
C ALA B 220 -19.96 -23.27 1.74
N CYS B 221 -20.94 -24.10 1.93
CA CYS B 221 -22.29 -23.80 1.37
C CYS B 221 -23.35 -24.56 2.17
N GLU B 222 -24.27 -23.85 2.77
CA GLU B 222 -25.33 -24.53 3.58
C GLU B 222 -26.25 -25.32 2.64
N GLU B 223 -26.35 -24.90 1.41
CA GLU B 223 -27.24 -25.63 0.44
C GLU B 223 -28.68 -25.64 0.97
N MET A 1 5.24 8.56 -15.26
CA MET A 1 4.60 9.38 -14.20
C MET A 1 4.76 10.87 -14.55
N ARG A 2 3.94 11.71 -13.98
CA ARG A 2 4.03 13.18 -14.27
C ARG A 2 3.80 13.97 -12.98
N VAL A 3 4.30 15.18 -12.92
CA VAL A 3 4.12 16.03 -11.69
C VAL A 3 3.43 17.35 -12.07
N LEU A 4 2.41 17.72 -11.35
CA LEU A 4 1.70 19.01 -11.66
C LEU A 4 2.16 20.07 -10.65
N LEU A 5 2.65 21.19 -11.14
CA LEU A 5 3.14 22.28 -10.23
C LEU A 5 2.34 23.56 -10.50
N ILE A 6 1.64 24.06 -9.50
CA ILE A 6 0.86 25.31 -9.68
C ILE A 6 1.58 26.46 -8.97
N GLU A 7 1.88 27.52 -9.68
CA GLU A 7 2.58 28.67 -9.04
C GLU A 7 2.55 29.88 -9.98
N LYS A 8 2.31 31.04 -9.44
CA LYS A 8 2.26 32.27 -10.29
C LYS A 8 3.69 32.80 -10.49
N ASN A 9 4.56 32.52 -9.56
CA ASN A 9 5.96 33.01 -9.70
C ASN A 9 6.60 32.41 -10.95
N SER A 10 7.90 32.30 -10.97
CA SER A 10 8.58 31.72 -12.17
C SER A 10 9.86 31.01 -11.72
N VAL A 11 10.68 31.66 -10.96
CA VAL A 11 11.95 31.01 -10.49
C VAL A 11 11.61 29.84 -9.58
N LEU A 12 10.62 29.99 -8.73
CA LEU A 12 10.25 28.89 -7.80
C LEU A 12 9.76 27.69 -8.62
N GLY A 13 9.08 27.93 -9.71
CA GLY A 13 8.60 26.79 -10.54
C GLY A 13 9.76 26.32 -11.42
N GLY A 14 10.58 27.23 -11.85
CA GLY A 14 11.74 26.84 -12.71
C GLY A 14 12.74 26.00 -11.90
N GLU A 15 13.03 26.38 -10.70
CA GLU A 15 14.00 25.60 -9.89
C GLU A 15 13.38 24.24 -9.53
N ILE A 16 12.13 24.21 -9.17
CA ILE A 16 11.49 22.91 -8.84
C ILE A 16 11.41 22.08 -10.13
N GLU A 17 11.08 22.72 -11.23
CA GLU A 17 10.98 21.99 -12.52
C GLU A 17 12.35 21.42 -12.89
N LYS A 18 13.36 22.23 -12.93
CA LYS A 18 14.71 21.73 -13.31
C LYS A 18 15.36 21.05 -12.11
N GLY A 19 14.67 21.03 -11.01
CA GLY A 19 15.23 20.37 -9.79
C GLY A 19 14.90 18.88 -9.83
N LEU A 20 13.65 18.56 -9.98
CA LEU A 20 13.25 17.12 -10.03
C LEU A 20 13.70 16.52 -11.36
N ASN A 21 13.80 17.33 -12.38
CA ASN A 21 14.25 16.79 -13.71
C ASN A 21 15.59 16.07 -13.53
N VAL A 22 16.43 16.56 -12.66
CA VAL A 22 17.74 15.90 -12.43
C VAL A 22 17.50 14.43 -12.06
N LYS A 23 16.63 14.19 -11.13
CA LYS A 23 16.33 12.79 -10.72
C LYS A 23 15.85 12.01 -11.95
N GLY A 24 14.84 12.52 -12.59
CA GLY A 24 14.29 11.85 -13.81
C GLY A 24 12.76 11.88 -13.77
N PHE A 25 12.18 12.95 -13.29
CA PHE A 25 10.68 13.06 -13.23
C PHE A 25 10.23 14.14 -14.20
N MET A 26 9.00 14.04 -14.67
CA MET A 26 8.47 15.07 -15.63
C MET A 26 7.57 16.03 -14.86
N ALA A 27 7.65 17.30 -15.13
CA ALA A 27 6.79 18.26 -14.38
C ALA A 27 6.33 19.39 -15.31
N ASP A 28 5.26 20.06 -14.96
CA ASP A 28 4.73 21.18 -15.79
C ASP A 28 4.35 22.35 -14.87
N VAL A 29 4.32 23.54 -15.41
CA VAL A 29 3.96 24.74 -14.59
C VAL A 29 2.54 25.16 -14.94
N THR A 30 1.76 25.54 -13.97
CA THR A 30 0.34 25.95 -14.23
C THR A 30 0.04 27.26 -13.48
N GLU A 31 -1.02 27.93 -13.84
CA GLU A 31 -1.37 29.22 -13.16
C GLU A 31 -2.43 28.95 -12.07
N SER A 32 -3.65 29.36 -12.31
CA SER A 32 -4.72 29.14 -11.29
C SER A 32 -5.24 27.71 -11.36
N LEU A 33 -5.88 27.26 -10.32
CA LEU A 33 -6.41 25.86 -10.31
C LEU A 33 -7.18 25.59 -11.60
N GLU A 34 -7.60 26.62 -12.29
CA GLU A 34 -8.37 26.42 -13.54
C GLU A 34 -7.54 25.66 -14.57
N ASP A 35 -6.36 26.13 -14.89
CA ASP A 35 -5.54 25.42 -15.89
C ASP A 35 -5.07 24.07 -15.31
N GLY A 36 -4.87 24.02 -14.03
CA GLY A 36 -4.43 22.74 -13.40
C GLY A 36 -5.58 21.73 -13.47
N GLU A 37 -6.77 22.17 -13.19
CA GLU A 37 -7.94 21.25 -13.25
C GLU A 37 -8.25 20.90 -14.71
N TYR A 38 -8.14 21.86 -15.58
CA TYR A 38 -8.43 21.58 -17.02
C TYR A 38 -7.27 20.76 -17.62
N LEU A 39 -6.08 20.95 -17.15
CA LEU A 39 -4.92 20.19 -17.69
C LEU A 39 -5.00 18.73 -17.28
N MET A 40 -5.19 18.46 -16.01
CA MET A 40 -5.27 17.05 -15.55
C MET A 40 -6.48 16.36 -16.19
N ASP A 41 -7.43 17.11 -16.66
CA ASP A 41 -8.64 16.49 -17.28
C ASP A 41 -8.24 15.77 -18.57
N ILE A 42 -7.33 16.31 -19.33
CA ILE A 42 -6.90 15.65 -20.60
C ILE A 42 -5.82 14.61 -20.31
N ARG A 43 -4.99 14.84 -19.32
CA ARG A 43 -3.90 13.87 -18.99
C ARG A 43 -3.93 13.55 -17.49
N ASN A 44 -3.45 12.39 -17.11
CA ASN A 44 -3.45 12.02 -15.66
C ASN A 44 -2.07 12.30 -15.05
N TYR A 45 -2.00 12.50 -13.77
CA TYR A 45 -0.69 12.78 -13.11
C TYR A 45 -0.59 11.96 -11.81
N ASP A 46 0.61 11.67 -11.37
CA ASP A 46 0.78 10.87 -10.12
C ASP A 46 0.98 11.82 -8.93
N LEU A 47 1.80 12.83 -9.12
CA LEU A 47 2.06 13.82 -8.03
C LEU A 47 1.43 15.15 -8.41
N VAL A 48 0.55 15.68 -7.60
CA VAL A 48 -0.10 16.99 -7.91
C VAL A 48 0.28 17.99 -6.82
N MET A 49 1.27 18.80 -7.09
CA MET A 49 1.73 19.80 -6.09
C MET A 49 1.12 21.15 -6.44
N VAL A 50 0.60 21.84 -5.45
CA VAL A 50 -0.03 23.17 -5.70
C VAL A 50 0.41 24.17 -4.62
N SER A 51 0.94 25.28 -5.03
CA SER A 51 1.38 26.32 -4.06
C SER A 51 0.26 27.34 -3.86
N ASP A 52 -0.87 27.14 -4.49
CA ASP A 52 -1.99 28.11 -4.34
C ASP A 52 -2.68 27.90 -2.99
N LYS A 53 -3.10 28.96 -2.35
CA LYS A 53 -3.78 28.82 -1.02
C LYS A 53 -5.23 28.39 -1.21
N ASN A 54 -5.90 28.92 -2.22
CA ASN A 54 -7.32 28.54 -2.44
C ASN A 54 -7.40 27.07 -2.86
N ALA A 55 -6.31 26.37 -2.81
CA ALA A 55 -6.31 24.94 -3.23
C ALA A 55 -6.96 24.06 -2.16
N LEU A 56 -7.02 24.52 -0.93
CA LEU A 56 -7.63 23.70 0.16
C LEU A 56 -8.91 23.02 -0.34
N SER A 57 -9.81 23.75 -0.93
CA SER A 57 -11.06 23.13 -1.45
C SER A 57 -10.70 22.22 -2.62
N PHE A 58 -9.72 22.60 -3.39
CA PHE A 58 -9.32 21.78 -4.57
C PHE A 58 -8.72 20.46 -4.09
N VAL A 59 -7.62 20.49 -3.38
CA VAL A 59 -7.02 19.21 -2.91
C VAL A 59 -8.09 18.34 -2.26
N SER A 60 -9.04 18.94 -1.62
CA SER A 60 -10.11 18.14 -0.98
C SER A 60 -10.80 17.29 -2.03
N ARG A 61 -11.31 17.89 -3.07
CA ARG A 61 -12.00 17.08 -4.12
C ARG A 61 -10.99 16.20 -4.85
N ILE A 62 -9.74 16.59 -4.92
CA ILE A 62 -8.75 15.72 -5.61
C ILE A 62 -8.80 14.34 -4.95
N LYS A 63 -8.90 14.30 -3.66
CA LYS A 63 -8.97 12.99 -2.97
C LYS A 63 -10.32 12.34 -3.25
N GLU A 64 -11.37 13.12 -3.26
CA GLU A 64 -12.72 12.53 -3.55
C GLU A 64 -12.76 12.08 -5.01
N LYS A 65 -12.23 12.87 -5.89
CA LYS A 65 -12.25 12.53 -7.34
C LYS A 65 -11.02 11.69 -7.69
N HIS A 66 -10.04 11.66 -6.82
CA HIS A 66 -8.81 10.85 -7.11
C HIS A 66 -8.14 10.48 -5.80
N SER A 67 -8.72 9.57 -5.06
CA SER A 67 -8.11 9.15 -3.77
C SER A 67 -6.88 8.28 -4.03
N SER A 68 -6.63 7.93 -5.27
CA SER A 68 -5.45 7.06 -5.59
C SER A 68 -4.31 7.92 -6.13
N ILE A 69 -4.06 9.06 -5.53
CA ILE A 69 -2.95 9.94 -6.01
C ILE A 69 -2.28 10.65 -4.82
N VAL A 70 -1.08 11.12 -4.99
CA VAL A 70 -0.38 11.83 -3.88
C VAL A 70 -0.56 13.34 -4.06
N VAL A 71 -0.96 14.04 -3.03
CA VAL A 71 -1.16 15.53 -3.13
C VAL A 71 -0.16 16.23 -2.23
N LEU A 72 0.53 17.22 -2.74
CA LEU A 72 1.54 17.95 -1.92
C LEU A 72 1.27 19.46 -2.03
N VAL A 73 0.55 20.00 -1.08
CA VAL A 73 0.25 21.46 -1.11
C VAL A 73 1.34 22.22 -0.35
N SER A 74 1.40 23.51 -0.52
CA SER A 74 2.43 24.32 0.22
C SER A 74 1.80 25.62 0.69
N SER A 75 2.48 26.36 1.52
CA SER A 75 1.89 27.65 2.02
C SER A 75 2.90 28.39 2.90
N ASP A 76 3.13 29.65 2.59
CA ASP A 76 4.12 30.45 3.37
C ASP A 76 3.60 30.66 4.80
N ASN A 77 3.04 29.64 5.40
CA ASN A 77 2.50 29.80 6.79
C ASN A 77 2.44 28.45 7.50
N PRO A 78 3.55 27.77 7.63
CA PRO A 78 3.59 26.44 8.32
C PRO A 78 3.10 26.56 9.77
N THR A 79 1.81 26.66 9.96
CA THR A 79 1.24 26.79 11.33
C THR A 79 0.63 25.44 11.75
N SER A 80 0.59 25.19 13.03
CA SER A 80 0.01 23.90 13.52
C SER A 80 -1.49 23.89 13.23
N GLU A 81 -2.14 25.02 13.30
CA GLU A 81 -3.60 25.06 13.02
C GLU A 81 -3.84 24.75 11.54
N GLU A 82 -3.06 25.34 10.67
CA GLU A 82 -3.25 25.07 9.22
C GLU A 82 -2.71 23.68 8.88
N GLU A 83 -1.71 23.24 9.57
CA GLU A 83 -1.13 21.89 9.29
C GLU A 83 -2.22 20.82 9.45
N VAL A 84 -2.84 20.76 10.61
CA VAL A 84 -3.90 19.74 10.82
C VAL A 84 -5.05 20.00 9.84
N HIS A 85 -5.39 21.24 9.63
CA HIS A 85 -6.50 21.55 8.67
C HIS A 85 -6.12 21.05 7.28
N ALA A 86 -4.88 21.19 6.90
CA ALA A 86 -4.45 20.72 5.56
C ALA A 86 -4.68 19.22 5.44
N PHE A 87 -4.43 18.49 6.49
CA PHE A 87 -4.64 17.02 6.44
C PHE A 87 -6.14 16.74 6.44
N GLU A 88 -6.89 17.57 7.13
CA GLU A 88 -8.36 17.37 7.17
C GLU A 88 -8.94 17.60 5.77
N GLN A 89 -8.41 18.55 5.05
CA GLN A 89 -8.92 18.81 3.68
C GLN A 89 -8.67 17.60 2.78
N GLY A 90 -7.46 17.09 2.78
CA GLY A 90 -7.16 15.89 1.93
C GLY A 90 -5.75 16.01 1.33
N ALA A 91 -4.84 16.65 2.02
CA ALA A 91 -3.45 16.80 1.49
C ALA A 91 -2.59 15.65 2.01
N ASP A 92 -1.86 15.00 1.14
CA ASP A 92 -0.99 13.87 1.60
C ASP A 92 0.28 14.45 2.24
N ASP A 93 0.69 15.61 1.80
CA ASP A 93 1.91 16.25 2.38
C ASP A 93 1.76 17.76 2.30
N TYR A 94 2.32 18.47 3.26
CA TYR A 94 2.22 19.96 3.26
C TYR A 94 3.59 20.56 3.59
N ILE A 95 4.21 21.24 2.64
CA ILE A 95 5.56 21.84 2.91
C ILE A 95 5.48 23.36 3.04
N ALA A 96 6.36 23.93 3.82
CA ALA A 96 6.37 25.41 3.98
C ALA A 96 6.75 26.01 2.64
N LYS A 97 5.94 26.90 2.12
CA LYS A 97 6.27 27.50 0.80
C LYS A 97 7.75 27.90 0.71
N PRO A 98 8.26 28.67 1.65
CA PRO A 98 9.66 29.12 1.55
C PRO A 98 10.61 28.02 1.05
N TYR A 99 10.14 26.80 1.02
CA TYR A 99 10.96 25.66 0.52
C TYR A 99 12.26 25.56 1.31
N ARG A 100 12.37 24.62 2.20
CA ARG A 100 13.64 24.47 2.98
C ARG A 100 14.77 24.20 1.98
N SER A 101 14.50 23.41 0.98
CA SER A 101 15.54 23.10 -0.04
C SER A 101 14.90 22.28 -1.16
N ILE A 102 15.25 22.55 -2.39
CA ILE A 102 14.66 21.77 -3.51
C ILE A 102 14.95 20.28 -3.31
N LYS A 103 16.12 19.97 -2.81
CA LYS A 103 16.48 18.54 -2.59
C LYS A 103 15.54 17.95 -1.53
N ALA A 104 15.16 18.72 -0.55
CA ALA A 104 14.24 18.19 0.50
C ALA A 104 12.89 17.84 -0.12
N LEU A 105 12.34 18.74 -0.88
CA LEU A 105 11.02 18.48 -1.54
C LEU A 105 11.21 17.37 -2.58
N VAL A 106 12.10 17.55 -3.50
CA VAL A 106 12.31 16.50 -4.55
C VAL A 106 12.60 15.16 -3.87
N ALA A 107 13.50 15.14 -2.92
CA ALA A 107 13.82 13.86 -2.23
C ALA A 107 12.52 13.28 -1.67
N ARG A 108 11.64 14.11 -1.19
CA ARG A 108 10.35 13.61 -0.64
C ARG A 108 9.47 13.10 -1.79
N ILE A 109 9.60 13.68 -2.96
CA ILE A 109 8.76 13.20 -4.10
C ILE A 109 9.24 11.81 -4.47
N GLU A 110 10.51 11.54 -4.27
CA GLU A 110 11.03 10.20 -4.59
C GLU A 110 10.41 9.17 -3.63
N ALA A 111 10.52 9.43 -2.36
CA ALA A 111 9.94 8.48 -1.36
C ALA A 111 8.51 8.13 -1.76
N ARG A 112 7.74 9.10 -2.16
CA ARG A 112 6.34 8.83 -2.57
C ARG A 112 6.33 7.93 -3.82
N LEU A 113 7.31 8.09 -4.68
CA LEU A 113 7.35 7.26 -5.93
C LEU A 113 8.76 6.69 -6.14
N ARG A 114 9.13 5.68 -5.39
CA ARG A 114 10.48 5.07 -5.57
C ARG A 114 10.35 3.89 -6.56
N PHE A 115 9.89 2.76 -6.09
CA PHE A 115 9.73 1.57 -6.99
C PHE A 115 8.26 1.44 -7.40
N TRP A 116 7.66 2.51 -7.86
CA TRP A 116 6.23 2.45 -8.28
C TRP A 116 6.11 1.57 -9.53
N GLY A 117 5.48 0.44 -9.40
CA GLY A 117 5.33 -0.46 -10.59
C GLY A 117 5.03 -1.89 -10.13
N SER A 118 3.84 -2.36 -10.38
CA SER A 118 3.49 -3.75 -9.96
C SER A 118 2.24 -4.19 -10.69
N ASN A 119 2.06 -5.48 -10.80
CA ASN A 119 0.87 -6.00 -11.53
C ASN A 119 0.51 -7.38 -10.97
N VAL A 120 -0.64 -7.52 -10.39
CA VAL A 120 -1.04 -8.84 -9.81
C VAL A 120 -1.48 -9.80 -10.92
N ILE A 121 -2.21 -9.31 -11.92
CA ILE A 121 -2.67 -10.22 -13.01
C ILE A 121 -1.83 -9.98 -14.27
N GLU A 122 -1.33 -11.04 -14.86
CA GLU A 122 -0.51 -10.91 -16.11
C GLU A 122 -1.07 -11.88 -17.15
N ILE A 123 -1.19 -11.45 -18.38
CA ILE A 123 -1.75 -12.35 -19.43
C ILE A 123 -1.15 -11.98 -20.80
N GLY A 124 -0.49 -12.91 -21.44
CA GLY A 124 0.11 -12.62 -22.78
C GLY A 124 0.87 -11.30 -22.73
N ASP A 125 0.62 -10.43 -23.66
CA ASP A 125 1.34 -9.12 -23.69
C ASP A 125 0.52 -8.05 -22.95
N LEU A 126 -0.66 -8.41 -22.51
CA LEU A 126 -1.52 -7.41 -21.78
C LEU A 126 -1.29 -7.57 -20.27
N THR A 127 -1.29 -6.49 -19.53
CA THR A 127 -1.07 -6.60 -18.05
C THR A 127 -2.13 -5.77 -17.32
N ILE A 128 -2.59 -6.25 -16.18
CA ILE A 128 -3.64 -5.50 -15.41
C ILE A 128 -3.25 -5.48 -13.92
N SER A 129 -3.48 -4.36 -13.26
CA SER A 129 -3.15 -4.23 -11.82
C SER A 129 -4.39 -3.70 -11.06
N PRO A 130 -5.04 -4.51 -10.25
CA PRO A 130 -6.25 -4.06 -9.51
C PRO A 130 -5.88 -3.25 -8.27
N ASP A 131 -4.73 -3.49 -7.71
CA ASP A 131 -4.31 -2.73 -6.50
C ASP A 131 -4.01 -1.29 -6.90
N GLU A 132 -3.45 -1.08 -8.06
CA GLU A 132 -3.14 0.31 -8.52
C GLU A 132 -4.35 0.88 -9.26
N GLU A 133 -5.37 0.09 -9.46
CA GLU A 133 -6.56 0.61 -10.20
C GLU A 133 -6.11 1.17 -11.56
N LYS A 134 -5.56 0.33 -12.40
CA LYS A 134 -5.09 0.82 -13.74
C LYS A 134 -4.95 -0.36 -14.69
N ILE A 135 -5.03 -0.11 -15.98
CA ILE A 135 -4.90 -1.19 -17.00
C ILE A 135 -3.78 -0.83 -18.00
N ILE A 136 -2.96 -1.79 -18.35
CA ILE A 136 -1.84 -1.53 -19.31
C ILE A 136 -2.09 -2.37 -20.58
N TYR A 137 -1.96 -1.78 -21.75
CA TYR A 137 -2.18 -2.53 -23.01
C TYR A 137 -1.09 -2.15 -24.02
N LYS A 138 -0.32 -3.11 -24.45
CA LYS A 138 0.76 -2.81 -25.44
C LYS A 138 1.66 -1.69 -24.91
N GLY A 139 1.66 -1.47 -23.62
CA GLY A 139 2.55 -0.42 -23.02
C GLY A 139 1.80 0.91 -22.91
N ARG A 140 0.56 0.96 -23.29
CA ARG A 140 -0.22 2.23 -23.17
C ARG A 140 -0.90 2.27 -21.81
N GLU A 141 -0.65 3.31 -21.05
CA GLU A 141 -1.28 3.41 -19.69
C GLU A 141 -2.65 4.06 -19.80
N VAL A 142 -3.66 3.47 -19.21
CA VAL A 142 -5.04 4.04 -19.26
C VAL A 142 -5.70 3.91 -17.89
N GLU A 143 -6.48 4.90 -17.50
CA GLU A 143 -7.18 4.84 -16.19
C GLU A 143 -8.61 4.32 -16.40
N VAL A 144 -9.11 3.52 -15.50
CA VAL A 144 -10.49 2.97 -15.67
C VAL A 144 -11.22 3.01 -14.32
N LYS A 145 -12.47 3.39 -14.32
CA LYS A 145 -13.25 3.45 -13.05
C LYS A 145 -14.74 3.65 -13.35
N GLY A 146 -15.24 2.96 -14.34
CA GLY A 146 -16.69 3.08 -14.72
C GLY A 146 -17.39 1.73 -14.46
N LYS A 147 -18.10 1.24 -15.43
CA LYS A 147 -18.79 -0.07 -15.25
C LYS A 147 -17.84 -1.24 -15.60
N PRO A 148 -16.93 -1.08 -16.54
CA PRO A 148 -16.00 -2.17 -16.93
C PRO A 148 -14.75 -2.21 -16.04
N PHE A 149 -14.46 -1.14 -15.34
CA PHE A 149 -13.27 -1.15 -14.44
C PHE A 149 -13.42 -2.32 -13.46
N GLU A 150 -14.57 -2.43 -12.87
CA GLU A 150 -14.82 -3.54 -11.92
C GLU A 150 -15.06 -4.81 -12.73
N VAL A 151 -15.80 -4.71 -13.80
CA VAL A 151 -16.05 -5.89 -14.66
C VAL A 151 -14.69 -6.45 -15.11
N LEU A 152 -13.81 -5.59 -15.55
CA LEU A 152 -12.47 -6.05 -16.01
C LEU A 152 -11.66 -6.62 -14.84
N THR A 153 -11.46 -5.85 -13.81
CA THR A 153 -10.65 -6.33 -12.66
C THR A 153 -11.29 -7.60 -12.08
N HIS A 154 -12.59 -7.68 -12.07
CA HIS A 154 -13.27 -8.89 -11.50
C HIS A 154 -12.81 -10.15 -12.24
N LEU A 155 -12.98 -10.20 -13.54
CA LEU A 155 -12.56 -11.42 -14.29
C LEU A 155 -11.03 -11.48 -14.33
N ALA A 156 -10.37 -10.36 -14.26
CA ALA A 156 -8.88 -10.38 -14.29
C ALA A 156 -8.38 -11.22 -13.12
N ARG A 157 -8.95 -11.03 -11.96
CA ARG A 157 -8.53 -11.83 -10.78
C ARG A 157 -9.17 -13.21 -10.83
N HIS A 158 -10.47 -13.23 -10.87
CA HIS A 158 -11.21 -14.51 -10.89
C HIS A 158 -11.06 -15.24 -12.22
N ARG A 159 -9.88 -15.25 -12.80
CA ARG A 159 -9.71 -15.97 -14.11
C ARG A 159 -9.50 -17.46 -13.83
N ASP A 160 -9.59 -18.29 -14.83
CA ASP A 160 -9.40 -19.76 -14.62
C ASP A 160 -10.35 -20.23 -13.51
N GLN A 161 -11.60 -19.84 -13.56
CA GLN A 161 -12.56 -20.26 -12.50
C GLN A 161 -13.99 -20.27 -13.05
N ILE A 162 -14.88 -20.92 -12.35
CA ILE A 162 -16.31 -20.96 -12.78
C ILE A 162 -17.06 -19.90 -11.96
N VAL A 163 -17.93 -19.14 -12.57
CA VAL A 163 -18.67 -18.09 -11.80
C VAL A 163 -20.12 -17.99 -12.28
N SER A 164 -21.01 -17.65 -11.39
CA SER A 164 -22.46 -17.53 -11.75
C SER A 164 -22.80 -16.06 -12.04
N LYS A 165 -23.92 -15.81 -12.65
CA LYS A 165 -24.31 -14.39 -12.96
C LYS A 165 -24.59 -13.63 -11.67
N GLU A 166 -25.30 -14.23 -10.76
CA GLU A 166 -25.62 -13.53 -9.48
C GLU A 166 -24.33 -13.10 -8.78
N GLN A 167 -23.32 -13.92 -8.81
CA GLN A 167 -22.04 -13.53 -8.14
C GLN A 167 -21.52 -12.23 -8.75
N LEU A 168 -21.58 -12.10 -10.06
CA LEU A 168 -21.10 -10.84 -10.67
C LEU A 168 -21.87 -9.68 -10.05
N LEU A 169 -23.15 -9.82 -9.89
CA LEU A 169 -23.96 -8.73 -9.28
C LEU A 169 -23.29 -8.27 -7.99
N ASP A 170 -23.06 -9.17 -7.08
CA ASP A 170 -22.44 -8.78 -5.77
C ASP A 170 -21.11 -8.01 -5.95
N ALA A 171 -20.30 -8.37 -6.91
CA ALA A 171 -18.97 -7.69 -7.06
C ALA A 171 -18.99 -6.51 -8.06
N ILE A 172 -19.78 -6.59 -9.09
CA ILE A 172 -19.78 -5.49 -10.11
C ILE A 172 -20.56 -4.27 -9.60
N TRP A 173 -21.77 -4.44 -9.13
CA TRP A 173 -22.55 -3.26 -8.65
C TRP A 173 -22.21 -2.97 -7.17
N GLU A 174 -21.22 -3.64 -6.64
CA GLU A 174 -20.86 -3.41 -5.21
C GLU A 174 -20.79 -1.91 -4.93
N GLU A 175 -19.85 -1.21 -5.52
CA GLU A 175 -19.74 0.26 -5.28
C GLU A 175 -20.67 1.02 -6.24
N PRO A 176 -20.48 0.90 -7.54
CA PRO A 176 -21.34 1.60 -8.54
C PRO A 176 -22.74 1.00 -8.57
N GLU A 177 -23.76 1.79 -8.36
CA GLU A 177 -25.15 1.24 -8.36
C GLU A 177 -25.76 1.35 -9.77
N MET A 178 -26.27 0.27 -10.27
CA MET A 178 -26.90 0.27 -11.62
C MET A 178 -27.53 -1.11 -11.85
N VAL A 179 -28.21 -1.63 -10.85
CA VAL A 179 -28.84 -2.97 -10.97
C VAL A 179 -30.30 -2.80 -11.44
N THR A 180 -30.80 -3.71 -12.22
CA THR A 180 -32.21 -3.61 -12.70
C THR A 180 -32.75 -5.02 -12.94
N PRO A 181 -34.05 -5.20 -12.90
CA PRO A 181 -34.68 -6.53 -13.12
C PRO A 181 -33.97 -7.35 -14.21
N ASN A 182 -33.28 -6.70 -15.10
CA ASN A 182 -32.57 -7.46 -16.18
C ASN A 182 -31.43 -6.60 -16.75
N VAL A 183 -30.23 -6.81 -16.29
CA VAL A 183 -29.07 -6.03 -16.81
C VAL A 183 -27.80 -6.88 -16.74
N ILE A 184 -27.70 -7.74 -15.76
CA ILE A 184 -26.50 -8.60 -15.65
C ILE A 184 -26.38 -9.48 -16.91
N GLU A 185 -27.47 -10.03 -17.36
CA GLU A 185 -27.42 -10.88 -18.59
C GLU A 185 -27.03 -10.01 -19.79
N VAL A 186 -27.49 -8.79 -19.82
CA VAL A 186 -27.14 -7.90 -20.95
C VAL A 186 -25.68 -7.50 -20.84
N ALA A 187 -25.18 -7.38 -19.64
CA ALA A 187 -23.75 -6.97 -19.45
C ALA A 187 -22.81 -8.12 -19.84
N ILE A 188 -23.01 -9.29 -19.31
CA ILE A 188 -22.09 -10.41 -19.66
C ILE A 188 -22.07 -10.63 -21.18
N ASN A 189 -23.19 -10.52 -21.83
CA ASN A 189 -23.21 -10.73 -23.32
C ASN A 189 -22.36 -9.66 -24.03
N GLN A 190 -22.65 -8.41 -23.84
CA GLN A 190 -21.86 -7.35 -24.52
C GLN A 190 -20.41 -7.37 -24.03
N ILE A 191 -20.20 -7.49 -22.75
CA ILE A 191 -18.80 -7.51 -22.25
C ILE A 191 -17.99 -8.54 -23.04
N ARG A 192 -18.61 -9.64 -23.40
CA ARG A 192 -17.87 -10.68 -24.18
C ARG A 192 -17.52 -10.13 -25.57
N GLN A 193 -18.50 -9.66 -26.29
CA GLN A 193 -18.23 -9.14 -27.66
C GLN A 193 -17.47 -7.80 -27.61
N LYS A 194 -17.42 -7.18 -26.46
CA LYS A 194 -16.70 -5.87 -26.37
C LYS A 194 -15.19 -6.08 -26.19
N MET A 195 -14.80 -7.02 -25.39
CA MET A 195 -13.34 -7.25 -25.14
C MET A 195 -12.74 -8.10 -26.28
N ASP A 196 -13.17 -7.90 -27.50
CA ASP A 196 -12.62 -8.70 -28.65
C ASP A 196 -11.78 -7.79 -29.55
N LYS A 197 -12.22 -6.57 -29.78
CA LYS A 197 -11.44 -5.63 -30.66
C LYS A 197 -10.45 -4.80 -29.81
N PRO A 198 -10.85 -4.36 -28.65
CA PRO A 198 -9.96 -3.54 -27.76
C PRO A 198 -8.74 -4.34 -27.30
N LEU A 199 -8.95 -5.41 -26.59
CA LEU A 199 -7.80 -6.24 -26.12
C LEU A 199 -7.17 -6.95 -27.32
N GLY A 200 -7.95 -7.25 -28.32
CA GLY A 200 -7.40 -7.97 -29.51
C GLY A 200 -7.38 -9.46 -29.21
N ILE A 201 -7.53 -9.81 -27.96
CA ILE A 201 -7.53 -11.27 -27.57
C ILE A 201 -8.77 -11.54 -26.72
N SER A 202 -9.43 -12.64 -26.96
CA SER A 202 -10.65 -12.99 -26.15
C SER A 202 -10.23 -13.79 -24.92
N THR A 203 -10.90 -13.59 -23.81
CA THR A 203 -10.53 -14.36 -22.57
C THR A 203 -11.78 -14.66 -21.74
N VAL A 204 -12.85 -15.09 -22.36
CA VAL A 204 -14.09 -15.40 -21.59
C VAL A 204 -14.84 -16.54 -22.28
N GLU A 205 -15.20 -17.56 -21.54
CA GLU A 205 -15.92 -18.73 -22.13
C GLU A 205 -17.36 -18.76 -21.59
N THR A 206 -18.32 -19.10 -22.43
CA THR A 206 -19.75 -19.15 -21.99
C THR A 206 -20.36 -20.52 -22.33
N VAL A 207 -21.02 -21.14 -21.37
CA VAL A 207 -21.65 -22.48 -21.63
C VAL A 207 -23.05 -22.46 -21.01
N ARG A 208 -23.96 -23.26 -21.51
CA ARG A 208 -25.35 -23.28 -20.96
C ARG A 208 -25.51 -24.42 -19.94
N ARG A 209 -24.99 -24.26 -18.76
CA ARG A 209 -25.13 -25.31 -17.71
C ARG A 209 -25.21 -24.66 -16.34
N ARG A 210 -24.53 -23.56 -16.15
CA ARG A 210 -24.55 -22.86 -14.83
C ARG A 210 -24.43 -21.35 -15.05
N GLY A 211 -23.36 -20.92 -15.64
CA GLY A 211 -23.18 -19.46 -15.88
C GLY A 211 -22.08 -19.25 -16.93
N TYR A 212 -21.03 -18.56 -16.56
CA TYR A 212 -19.90 -18.30 -17.51
C TYR A 212 -18.60 -18.77 -16.88
N ARG A 213 -17.65 -19.16 -17.69
CA ARG A 213 -16.33 -19.63 -17.17
C ARG A 213 -15.22 -18.81 -17.84
N PHE A 214 -14.32 -18.27 -17.05
CA PHE A 214 -13.19 -17.46 -17.62
C PHE A 214 -11.90 -18.26 -17.55
N CYS A 215 -11.23 -18.42 -18.66
CA CYS A 215 -9.96 -19.19 -18.68
C CYS A 215 -9.04 -18.62 -19.77
N TYR A 216 -7.77 -18.85 -19.67
CA TYR A 216 -6.84 -18.32 -20.69
C TYR A 216 -7.24 -18.86 -22.08
N PRO A 217 -6.99 -18.11 -23.14
CA PRO A 217 -7.34 -18.55 -24.52
C PRO A 217 -6.43 -19.69 -24.99
N LYS A 218 -5.16 -19.59 -24.69
CA LYS A 218 -4.20 -20.65 -25.10
C LYS A 218 -3.01 -20.66 -24.11
N PRO A 219 -2.37 -21.79 -23.93
CA PRO A 219 -1.22 -21.90 -23.00
C PRO A 219 -0.33 -20.65 -22.99
N ALA A 220 -0.42 -19.86 -21.94
CA ALA A 220 0.42 -18.62 -21.87
C ALA A 220 1.72 -18.94 -21.13
N CYS A 221 2.80 -19.14 -21.84
CA CYS A 221 4.10 -19.45 -21.16
C CYS A 221 5.27 -19.15 -22.11
N GLU A 222 6.47 -19.16 -21.60
CA GLU A 222 7.65 -18.88 -22.47
C GLU A 222 8.10 -20.20 -23.13
N GLU A 223 8.82 -20.11 -24.22
CA GLU A 223 9.27 -21.35 -24.90
C GLU A 223 8.08 -22.27 -25.14
N MET B 1 0.00 -1.64 19.76
CA MET B 1 -0.37 -0.19 19.67
C MET B 1 0.39 0.60 20.75
N ARG B 2 1.65 0.87 20.53
CA ARG B 2 2.45 1.63 21.54
C ARG B 2 3.34 2.63 20.81
N VAL B 3 3.60 3.76 21.44
CA VAL B 3 4.48 4.81 20.81
C VAL B 3 5.79 4.90 21.58
N LEU B 4 6.89 5.01 20.87
CA LEU B 4 8.23 5.09 21.53
C LEU B 4 8.84 6.48 21.27
N LEU B 5 9.07 7.24 22.31
CA LEU B 5 9.69 8.59 22.16
C LEU B 5 11.01 8.62 22.96
N ILE B 6 12.12 8.41 22.30
CA ILE B 6 13.41 8.42 23.02
C ILE B 6 13.88 9.87 23.20
N GLU B 7 13.78 10.37 24.41
CA GLU B 7 14.20 11.79 24.67
C GLU B 7 14.91 11.85 26.02
N LYS B 8 16.08 12.44 26.07
CA LYS B 8 16.81 12.54 27.36
C LYS B 8 16.01 13.40 28.34
N ASN B 9 15.31 14.38 27.84
CA ASN B 9 14.51 15.26 28.74
C ASN B 9 13.16 14.60 29.03
N SER B 10 12.84 14.40 30.29
CA SER B 10 11.54 13.76 30.64
C SER B 10 10.41 14.79 30.53
N VAL B 11 10.72 16.05 30.71
CA VAL B 11 9.67 17.10 30.61
C VAL B 11 9.07 17.11 29.20
N LEU B 12 9.91 17.14 28.20
CA LEU B 12 9.40 17.16 26.81
C LEU B 12 8.68 15.83 26.53
N GLY B 13 9.16 14.75 27.09
CA GLY B 13 8.48 13.45 26.87
C GLY B 13 7.17 13.45 27.64
N GLY B 14 7.12 14.21 28.70
CA GLY B 14 5.87 14.27 29.51
C GLY B 14 4.73 14.85 28.68
N GLU B 15 4.97 15.97 28.04
CA GLU B 15 3.90 16.59 27.22
C GLU B 15 3.50 15.64 26.09
N ILE B 16 4.45 15.04 25.41
CA ILE B 16 4.09 14.09 24.32
C ILE B 16 3.40 12.87 24.94
N GLU B 17 3.85 12.44 26.09
CA GLU B 17 3.23 11.26 26.74
C GLU B 17 1.79 11.61 27.15
N LYS B 18 1.59 12.78 27.70
CA LYS B 18 0.21 13.19 28.10
C LYS B 18 -0.50 13.82 26.92
N GLY B 19 0.15 13.87 25.79
CA GLY B 19 -0.48 14.47 24.60
C GLY B 19 -1.28 13.40 23.86
N LEU B 20 -0.64 12.33 23.46
CA LEU B 20 -1.37 11.25 22.75
C LEU B 20 -2.33 10.56 23.71
N ASN B 21 -2.06 10.62 24.99
CA ASN B 21 -2.96 9.96 25.98
C ASN B 21 -4.38 10.47 25.77
N VAL B 22 -4.54 11.71 25.43
CA VAL B 22 -5.91 12.26 25.21
C VAL B 22 -6.63 11.39 24.19
N LYS B 23 -5.98 11.08 23.10
CA LYS B 23 -6.61 10.23 22.06
C LYS B 23 -6.97 8.89 22.67
N GLY B 24 -5.99 8.24 23.24
CA GLY B 24 -6.22 6.90 23.88
C GLY B 24 -5.14 5.91 23.44
N PHE B 25 -3.90 6.36 23.38
CA PHE B 25 -2.78 5.47 22.97
C PHE B 25 -1.78 5.33 24.12
N MET B 26 -0.97 4.30 24.10
CA MET B 26 0.05 4.12 25.18
C MET B 26 1.38 4.64 24.67
N ALA B 27 2.13 5.32 25.50
CA ALA B 27 3.44 5.88 25.06
C ALA B 27 4.56 5.41 26.00
N ASP B 28 5.75 5.27 25.48
CA ASP B 28 6.92 4.83 26.30
C ASP B 28 8.08 5.77 25.95
N VAL B 29 8.69 6.38 26.95
CA VAL B 29 9.82 7.34 26.68
C VAL B 29 11.10 6.82 27.33
N THR B 30 12.21 7.01 26.66
CA THR B 30 13.52 6.53 27.22
C THR B 30 14.57 7.64 27.06
N GLU B 31 15.82 7.28 26.97
CA GLU B 31 16.91 8.31 26.82
C GLU B 31 17.90 7.86 25.73
N SER B 32 18.89 7.10 26.09
CA SER B 32 19.89 6.64 25.08
C SER B 32 19.30 5.46 24.28
N LEU B 33 19.72 5.31 23.06
CA LEU B 33 19.21 4.19 22.22
C LEU B 33 19.39 2.86 22.96
N GLU B 34 20.51 2.67 23.58
CA GLU B 34 20.75 1.39 24.31
C GLU B 34 19.67 1.19 25.38
N ASP B 35 19.30 2.24 26.07
CA ASP B 35 18.25 2.10 27.13
C ASP B 35 16.94 1.69 26.47
N GLY B 36 16.64 2.26 25.33
CA GLY B 36 15.36 1.91 24.64
C GLY B 36 15.56 0.63 23.83
N GLU B 37 16.75 0.37 23.39
CA GLU B 37 17.01 -0.86 22.59
C GLU B 37 16.74 -2.10 23.44
N TYR B 38 17.16 -2.08 24.68
CA TYR B 38 16.93 -3.26 25.57
C TYR B 38 15.50 -3.23 26.10
N LEU B 39 15.01 -2.07 26.47
CA LEU B 39 13.63 -1.97 27.00
C LEU B 39 12.62 -2.28 25.90
N MET B 40 12.85 -1.81 24.70
CA MET B 40 11.89 -2.07 23.59
C MET B 40 12.03 -3.54 23.13
N ASP B 41 13.18 -4.12 23.30
CA ASP B 41 13.36 -5.53 22.86
C ASP B 41 12.26 -6.42 23.46
N ILE B 42 11.84 -6.14 24.67
CA ILE B 42 10.78 -6.98 25.30
C ILE B 42 9.39 -6.37 25.05
N ARG B 43 9.33 -5.10 24.73
CA ARG B 43 8.01 -4.44 24.47
C ARG B 43 7.81 -4.23 22.96
N ASN B 44 6.58 -4.12 22.53
CA ASN B 44 6.30 -3.90 21.08
C ASN B 44 6.25 -2.40 20.80
N TYR B 45 6.26 -2.01 19.55
CA TYR B 45 6.21 -0.55 19.23
C TYR B 45 5.75 -0.35 17.79
N ASP B 46 4.58 0.21 17.60
CA ASP B 46 4.09 0.45 16.21
C ASP B 46 4.67 1.76 15.69
N LEU B 47 4.79 2.74 16.55
CA LEU B 47 5.36 4.06 16.13
C LEU B 47 6.72 4.23 16.79
N VAL B 48 7.77 4.17 16.01
CA VAL B 48 9.14 4.34 16.58
C VAL B 48 9.56 5.79 16.41
N MET B 49 9.67 6.53 17.48
CA MET B 49 10.07 7.97 17.38
C MET B 49 11.24 8.24 18.33
N VAL B 50 12.23 8.95 17.86
CA VAL B 50 13.43 9.25 18.71
C VAL B 50 13.99 10.63 18.34
N SER B 51 14.41 11.38 19.31
CA SER B 51 14.98 12.74 19.05
C SER B 51 16.51 12.70 19.18
N ASP B 52 17.07 11.52 19.20
CA ASP B 52 18.55 11.41 19.33
C ASP B 52 19.21 11.69 17.97
N LYS B 53 20.31 12.38 17.97
CA LYS B 53 21.00 12.70 16.68
C LYS B 53 21.66 11.44 16.11
N ASN B 54 22.23 10.62 16.96
CA ASN B 54 22.90 9.38 16.46
C ASN B 54 21.84 8.36 16.05
N ALA B 55 20.61 8.76 15.99
CA ALA B 55 19.53 7.81 15.59
C ALA B 55 19.68 7.42 14.12
N LEU B 56 20.35 8.22 13.34
CA LEU B 56 20.53 7.90 11.89
C LEU B 56 20.88 6.43 11.72
N SER B 57 21.83 5.94 12.46
CA SER B 57 22.21 4.50 12.33
C SER B 57 21.08 3.64 12.87
N PHE B 58 20.39 4.12 13.87
CA PHE B 58 19.26 3.34 14.45
C PHE B 58 18.13 3.22 13.43
N VAL B 59 17.56 4.32 13.02
CA VAL B 59 16.45 4.24 12.03
C VAL B 59 16.88 3.36 10.85
N SER B 60 18.13 3.41 10.49
CA SER B 60 18.59 2.58 9.34
C SER B 60 18.30 1.10 9.63
N ARG B 61 18.70 0.60 10.76
CA ARG B 61 18.44 -0.83 11.07
C ARG B 61 16.94 -1.05 11.32
N ILE B 62 16.23 -0.05 11.79
CA ILE B 62 14.77 -0.25 12.03
C ILE B 62 14.08 -0.56 10.71
N LYS B 63 14.25 0.27 9.71
CA LYS B 63 13.58 -0.01 8.41
C LYS B 63 14.07 -1.36 7.88
N GLU B 64 15.32 -1.66 8.09
CA GLU B 64 15.86 -2.96 7.59
C GLU B 64 15.36 -4.11 8.49
N LYS B 65 15.28 -3.87 9.77
CA LYS B 65 14.82 -4.95 10.70
C LYS B 65 13.29 -4.93 10.85
N HIS B 66 12.65 -3.85 10.51
CA HIS B 66 11.17 -3.79 10.64
C HIS B 66 10.60 -2.74 9.68
N SER B 67 10.69 -2.99 8.41
CA SER B 67 10.15 -2.00 7.42
C SER B 67 8.65 -1.79 7.68
N SER B 68 7.98 -2.79 8.19
CA SER B 68 6.52 -2.65 8.46
C SER B 68 6.27 -1.61 9.56
N ILE B 69 7.21 -1.44 10.45
CA ILE B 69 7.01 -0.44 11.55
C ILE B 69 7.27 0.98 11.02
N VAL B 70 6.73 1.97 11.67
CA VAL B 70 6.93 3.38 11.19
C VAL B 70 8.10 4.01 11.95
N VAL B 71 8.68 5.08 11.42
CA VAL B 71 9.82 5.75 12.09
C VAL B 71 9.61 7.26 12.03
N LEU B 72 9.80 7.94 13.13
CA LEU B 72 9.59 9.42 13.18
C LEU B 72 10.77 10.08 13.89
N VAL B 73 11.64 10.70 13.13
CA VAL B 73 12.83 11.37 13.76
C VAL B 73 12.49 12.85 14.04
N SER B 74 12.75 13.30 15.23
CA SER B 74 12.45 14.73 15.55
C SER B 74 13.69 15.56 15.21
N SER B 75 13.60 16.87 15.24
CA SER B 75 14.80 17.69 14.90
C SER B 75 14.67 19.08 15.51
N ASP B 76 15.47 19.39 16.49
CA ASP B 76 15.40 20.74 17.11
C ASP B 76 15.82 21.78 16.07
N ASN B 77 16.75 21.41 15.21
CA ASN B 77 17.22 22.33 14.14
C ASN B 77 16.71 21.81 12.79
N PRO B 78 15.44 21.98 12.47
CA PRO B 78 14.88 21.46 11.20
C PRO B 78 15.59 22.02 9.98
N THR B 79 16.66 21.38 9.58
CA THR B 79 17.43 21.84 8.38
C THR B 79 17.13 20.88 7.23
N SER B 80 17.19 21.35 6.02
CA SER B 80 16.92 20.47 4.85
C SER B 80 17.97 19.36 4.79
N GLU B 81 19.18 19.65 5.20
CA GLU B 81 20.25 18.60 5.14
C GLU B 81 19.82 17.40 5.99
N GLU B 82 19.26 17.64 7.14
CA GLU B 82 18.82 16.51 8.00
C GLU B 82 17.56 15.87 7.42
N GLU B 83 16.78 16.65 6.70
CA GLU B 83 15.53 16.10 6.09
C GLU B 83 15.87 15.09 5.00
N VAL B 84 16.71 15.46 4.08
CA VAL B 84 17.08 14.52 2.99
C VAL B 84 17.80 13.30 3.57
N HIS B 85 18.63 13.51 4.55
CA HIS B 85 19.35 12.36 5.17
C HIS B 85 18.40 11.61 6.11
N ALA B 86 17.36 12.26 6.55
CA ALA B 86 16.41 11.58 7.47
C ALA B 86 15.66 10.47 6.72
N PHE B 87 15.14 10.76 5.56
CA PHE B 87 14.41 9.71 4.80
C PHE B 87 15.43 8.76 4.17
N GLU B 88 16.55 9.27 3.79
CA GLU B 88 17.58 8.40 3.16
C GLU B 88 18.02 7.34 4.16
N GLN B 89 18.37 7.74 5.34
CA GLN B 89 18.82 6.77 6.38
C GLN B 89 17.70 5.76 6.64
N GLY B 90 16.49 6.22 6.88
CA GLY B 90 15.38 5.26 7.14
C GLY B 90 14.30 5.93 8.00
N ALA B 91 14.07 7.21 7.81
CA ALA B 91 13.02 7.92 8.62
C ALA B 91 11.74 8.03 7.79
N ASP B 92 10.64 7.56 8.32
CA ASP B 92 9.36 7.66 7.55
C ASP B 92 8.93 9.12 7.49
N ASP B 93 9.20 9.87 8.53
CA ASP B 93 8.81 11.30 8.56
C ASP B 93 9.76 12.06 9.46
N TYR B 94 9.76 13.36 9.38
CA TYR B 94 10.69 14.18 10.21
C TYR B 94 9.94 15.43 10.71
N ILE B 95 9.75 15.54 12.01
CA ILE B 95 9.02 16.74 12.57
C ILE B 95 9.98 17.60 13.40
N ALA B 96 9.81 18.89 13.37
CA ALA B 96 10.70 19.77 14.17
C ALA B 96 10.52 19.42 15.65
N LYS B 97 11.59 19.29 16.38
CA LYS B 97 11.45 18.91 17.82
C LYS B 97 10.53 19.88 18.55
N PRO B 98 10.80 21.17 18.55
CA PRO B 98 9.98 22.12 19.33
C PRO B 98 8.47 21.84 19.22
N TYR B 99 8.09 20.93 18.36
CA TYR B 99 6.66 20.57 18.19
C TYR B 99 5.88 21.80 17.75
N ARG B 100 5.33 21.78 16.56
CA ARG B 100 4.57 22.96 16.08
C ARG B 100 3.44 23.28 17.08
N SER B 101 2.94 22.30 17.78
CA SER B 101 1.86 22.57 18.77
C SER B 101 1.54 21.31 19.56
N ILE B 102 2.49 20.46 19.79
CA ILE B 102 2.22 19.21 20.57
C ILE B 102 1.01 18.46 19.99
N LYS B 103 -0.16 19.01 20.13
CA LYS B 103 -1.38 18.36 19.59
C LYS B 103 -1.20 18.22 18.08
N ALA B 104 -0.45 19.09 17.47
CA ALA B 104 -0.23 18.98 16.00
C ALA B 104 0.52 17.67 15.71
N LEU B 105 1.53 17.38 16.48
CA LEU B 105 2.31 16.13 16.28
C LEU B 105 1.35 14.94 16.39
N VAL B 106 0.62 14.81 17.46
CA VAL B 106 -0.34 13.67 17.60
C VAL B 106 -1.41 13.76 16.51
N ALA B 107 -1.87 14.95 16.23
CA ALA B 107 -2.94 15.10 15.19
C ALA B 107 -2.58 14.31 13.94
N ARG B 108 -1.35 14.38 13.49
CA ARG B 108 -0.97 13.62 12.26
C ARG B 108 -0.73 12.15 12.58
N ILE B 109 -0.26 11.82 13.76
CA ILE B 109 -0.02 10.39 14.08
C ILE B 109 -1.38 9.71 14.24
N GLU B 110 -2.35 10.43 14.70
CA GLU B 110 -3.69 9.82 14.88
C GLU B 110 -4.33 9.59 13.50
N ALA B 111 -4.53 10.64 12.76
CA ALA B 111 -5.14 10.50 11.39
C ALA B 111 -4.52 9.31 10.66
N ARG B 112 -3.23 9.18 10.72
CA ARG B 112 -2.57 8.04 10.02
C ARG B 112 -2.99 6.73 10.71
N LEU B 113 -3.18 6.75 12.00
CA LEU B 113 -3.57 5.50 12.73
C LEU B 113 -5.09 5.47 12.95
N ARG B 114 -5.59 6.26 13.87
CA ARG B 114 -7.06 6.26 14.15
C ARG B 114 -7.56 4.82 14.27
N PHE B 115 -7.66 4.33 15.47
CA PHE B 115 -8.16 2.94 15.68
C PHE B 115 -7.47 1.98 14.70
N TRP B 116 -6.34 1.47 15.05
CA TRP B 116 -5.62 0.52 14.14
C TRP B 116 -6.52 -0.68 13.86
N GLY B 117 -6.43 -1.25 12.70
CA GLY B 117 -7.28 -2.43 12.38
C GLY B 117 -7.36 -2.62 10.86
N SER B 118 -6.60 -3.54 10.33
CA SER B 118 -6.63 -3.78 8.85
C SER B 118 -6.15 -5.18 8.55
N ASN B 119 -6.48 -5.67 7.39
CA ASN B 119 -6.08 -7.05 7.03
C ASN B 119 -6.18 -7.22 5.51
N VAL B 120 -5.91 -8.39 5.02
CA VAL B 120 -5.97 -8.65 3.55
C VAL B 120 -6.49 -10.07 3.30
N ILE B 121 -6.10 -11.00 4.13
CA ILE B 121 -6.55 -12.42 3.95
C ILE B 121 -7.49 -12.80 5.10
N GLU B 122 -8.67 -13.27 4.78
CA GLU B 122 -9.64 -13.66 5.86
C GLU B 122 -10.33 -14.96 5.46
N ILE B 123 -10.20 -15.98 6.25
CA ILE B 123 -10.86 -17.28 5.91
C ILE B 123 -11.11 -18.08 7.19
N GLY B 124 -12.22 -18.78 7.26
CA GLY B 124 -12.51 -19.60 8.47
C GLY B 124 -12.37 -18.76 9.73
N ASP B 125 -12.78 -17.53 9.70
CA ASP B 125 -12.67 -16.66 10.91
C ASP B 125 -11.20 -16.34 11.20
N LEU B 126 -10.30 -17.05 10.59
CA LEU B 126 -8.85 -16.78 10.82
C LEU B 126 -8.44 -15.61 9.92
N THR B 127 -7.57 -14.75 10.38
CA THR B 127 -7.13 -13.59 9.54
C THR B 127 -5.61 -13.53 9.48
N ILE B 128 -5.07 -13.14 8.34
CA ILE B 128 -3.59 -13.05 8.21
C ILE B 128 -3.22 -11.80 7.39
N SER B 129 -2.16 -11.13 7.77
CA SER B 129 -1.71 -9.91 7.03
C SER B 129 -0.30 -10.15 6.45
N PRO B 130 -0.11 -10.01 5.14
CA PRO B 130 1.22 -10.23 4.53
C PRO B 130 2.16 -9.03 4.72
N ASP B 131 1.64 -7.84 4.60
CA ASP B 131 2.51 -6.63 4.76
C ASP B 131 2.99 -6.53 6.21
N GLU B 132 2.12 -6.75 7.15
CA GLU B 132 2.53 -6.66 8.59
C GLU B 132 3.12 -8.00 9.04
N GLU B 133 3.08 -8.99 8.20
CA GLU B 133 3.65 -10.32 8.58
C GLU B 133 3.13 -10.73 9.96
N LYS B 134 1.87 -11.09 10.05
CA LYS B 134 1.29 -11.49 11.36
C LYS B 134 0.14 -12.46 11.13
N ILE B 135 0.00 -13.45 11.98
CA ILE B 135 -1.11 -14.45 11.82
C ILE B 135 -2.05 -14.33 13.01
N ILE B 136 -3.34 -14.27 12.76
CA ILE B 136 -4.35 -14.16 13.86
C ILE B 136 -5.25 -15.39 13.85
N TYR B 137 -5.43 -16.01 14.99
CA TYR B 137 -6.29 -17.24 15.08
C TYR B 137 -7.25 -17.11 16.25
N LYS B 138 -8.52 -17.35 16.02
CA LYS B 138 -9.52 -17.26 17.12
C LYS B 138 -9.44 -15.88 17.80
N GLY B 139 -9.12 -14.86 17.06
CA GLY B 139 -9.05 -13.49 17.66
C GLY B 139 -7.72 -13.28 18.39
N ARG B 140 -6.90 -14.29 18.49
CA ARG B 140 -5.60 -14.12 19.20
C ARG B 140 -4.56 -13.61 18.19
N GLU B 141 -3.78 -12.63 18.58
CA GLU B 141 -2.75 -12.05 17.65
C GLU B 141 -1.37 -12.59 18.03
N VAL B 142 -0.69 -13.22 17.09
CA VAL B 142 0.69 -13.75 17.37
C VAL B 142 1.57 -13.45 16.15
N GLU B 143 2.79 -13.03 16.39
CA GLU B 143 3.70 -12.70 15.26
C GLU B 143 4.51 -13.93 14.85
N VAL B 144 4.75 -14.10 13.59
CA VAL B 144 5.54 -15.27 13.09
C VAL B 144 6.35 -14.82 11.88
N LYS B 145 7.65 -14.94 11.93
CA LYS B 145 8.50 -14.50 10.78
C LYS B 145 9.63 -15.51 10.58
N GLY B 146 9.78 -16.01 9.39
CA GLY B 146 10.88 -16.99 9.13
C GLY B 146 10.64 -17.67 7.77
N LYS B 147 11.59 -18.43 7.31
CA LYS B 147 11.41 -19.12 6.00
C LYS B 147 10.31 -20.19 6.11
N PRO B 148 10.24 -20.90 7.22
CA PRO B 148 9.23 -21.97 7.43
C PRO B 148 7.79 -21.41 7.37
N PHE B 149 7.58 -20.23 7.91
CA PHE B 149 6.21 -19.63 7.90
C PHE B 149 6.00 -18.84 6.62
N GLU B 150 7.07 -18.49 5.94
CA GLU B 150 6.93 -17.69 4.69
C GLU B 150 5.98 -18.42 3.73
N VAL B 151 6.06 -19.72 3.69
CA VAL B 151 5.16 -20.49 2.77
C VAL B 151 3.72 -20.39 3.25
N LEU B 152 3.51 -20.41 4.55
CA LEU B 152 2.12 -20.32 5.07
C LEU B 152 1.45 -19.06 4.54
N THR B 153 2.12 -17.95 4.59
CA THR B 153 1.51 -16.69 4.09
C THR B 153 1.36 -16.76 2.57
N HIS B 154 2.25 -17.44 1.91
CA HIS B 154 2.18 -17.55 0.43
C HIS B 154 0.83 -18.13 0.00
N LEU B 155 0.50 -19.31 0.44
CA LEU B 155 -0.80 -19.93 0.04
C LEU B 155 -1.95 -19.16 0.70
N ALA B 156 -1.69 -18.48 1.78
CA ALA B 156 -2.78 -17.72 2.44
C ALA B 156 -3.36 -16.69 1.47
N ARG B 157 -2.52 -16.06 0.70
CA ARG B 157 -3.02 -15.05 -0.29
C ARG B 157 -3.44 -15.75 -1.58
N HIS B 158 -2.75 -16.80 -1.96
CA HIS B 158 -3.11 -17.52 -3.21
C HIS B 158 -4.18 -18.59 -2.91
N ARG B 159 -5.12 -18.27 -2.07
CA ARG B 159 -6.19 -19.26 -1.74
C ARG B 159 -6.87 -19.73 -3.03
N ASP B 160 -7.37 -20.94 -3.05
CA ASP B 160 -8.04 -21.46 -4.27
C ASP B 160 -7.11 -21.29 -5.48
N GLN B 161 -6.04 -22.01 -5.52
CA GLN B 161 -5.10 -21.88 -6.67
C GLN B 161 -4.21 -23.13 -6.76
N ILE B 162 -3.84 -23.51 -7.95
CA ILE B 162 -2.96 -24.70 -8.13
C ILE B 162 -1.50 -24.25 -8.12
N VAL B 163 -0.65 -24.93 -7.40
CA VAL B 163 0.79 -24.52 -7.33
C VAL B 163 1.69 -25.74 -7.47
N SER B 164 2.72 -25.64 -8.26
CA SER B 164 3.66 -26.79 -8.44
C SER B 164 4.76 -26.72 -7.39
N LYS B 165 5.36 -27.82 -7.07
CA LYS B 165 6.45 -27.83 -6.05
C LYS B 165 7.54 -26.84 -6.45
N GLU B 166 7.74 -26.66 -7.73
CA GLU B 166 8.80 -25.72 -8.19
C GLU B 166 8.57 -24.32 -7.62
N GLN B 167 7.33 -23.89 -7.55
CA GLN B 167 7.05 -22.54 -7.01
C GLN B 167 7.48 -22.46 -5.54
N LEU B 168 7.19 -23.47 -4.77
CA LEU B 168 7.58 -23.45 -3.34
C LEU B 168 9.09 -23.21 -3.24
N LEU B 169 9.87 -24.08 -3.82
CA LEU B 169 11.34 -23.90 -3.76
C LEU B 169 11.71 -22.52 -4.29
N ASP B 170 11.46 -22.28 -5.54
CA ASP B 170 11.82 -20.97 -6.16
C ASP B 170 11.38 -19.76 -5.30
N ALA B 171 10.26 -19.84 -4.64
CA ALA B 171 9.80 -18.64 -3.85
C ALA B 171 10.23 -18.68 -2.37
N ILE B 172 10.37 -19.83 -1.78
CA ILE B 172 10.75 -19.88 -0.32
C ILE B 172 12.27 -19.78 -0.14
N TRP B 173 13.03 -20.69 -0.71
CA TRP B 173 14.51 -20.63 -0.50
C TRP B 173 15.07 -19.35 -1.15
N GLU B 174 15.88 -18.62 -0.43
CA GLU B 174 16.47 -17.37 -0.99
C GLU B 174 17.46 -16.77 0.03
N GLU B 175 17.19 -16.93 1.30
CA GLU B 175 18.11 -16.34 2.34
C GLU B 175 19.27 -17.30 2.69
N PRO B 176 19.03 -18.60 2.69
CA PRO B 176 20.09 -19.59 3.03
C PRO B 176 20.88 -20.05 1.81
N GLU B 177 20.20 -20.35 0.73
CA GLU B 177 20.90 -20.80 -0.50
C GLU B 177 21.89 -21.91 -0.14
N MET B 178 21.79 -22.45 1.06
CA MET B 178 22.70 -23.56 1.48
C MET B 178 21.88 -24.83 1.63
N VAL B 179 20.61 -24.76 1.32
CA VAL B 179 19.73 -25.96 1.43
C VAL B 179 20.01 -26.93 0.28
N THR B 180 19.85 -28.20 0.51
CA THR B 180 20.09 -29.19 -0.58
C THR B 180 19.12 -28.90 -1.73
N PRO B 181 19.46 -29.29 -2.93
CA PRO B 181 18.59 -29.06 -4.13
C PRO B 181 17.24 -29.78 -4.00
N ASN B 182 16.62 -29.69 -2.85
CA ASN B 182 15.30 -30.35 -2.66
C ASN B 182 14.70 -29.91 -1.32
N VAL B 183 14.70 -30.77 -0.35
CA VAL B 183 14.13 -30.42 0.98
C VAL B 183 12.65 -30.09 0.85
N ILE B 184 12.13 -30.08 -0.35
CA ILE B 184 10.68 -29.78 -0.52
C ILE B 184 9.88 -30.95 0.05
N GLU B 185 10.36 -32.14 -0.16
CA GLU B 185 9.65 -33.35 0.36
C GLU B 185 9.43 -33.21 1.86
N VAL B 186 10.46 -32.96 2.61
CA VAL B 186 10.30 -32.83 4.09
C VAL B 186 9.61 -31.51 4.42
N ALA B 187 9.82 -30.49 3.64
CA ALA B 187 9.17 -29.18 3.93
C ALA B 187 7.65 -29.31 3.81
N ILE B 188 7.16 -29.74 2.68
CA ILE B 188 5.70 -29.87 2.52
C ILE B 188 5.17 -30.92 3.51
N ASN B 189 5.97 -31.89 3.85
CA ASN B 189 5.52 -32.94 4.81
C ASN B 189 5.35 -32.34 6.21
N GLN B 190 6.38 -31.73 6.75
CA GLN B 190 6.26 -31.14 8.11
C GLN B 190 5.27 -29.98 8.07
N ILE B 191 5.30 -29.18 7.04
CA ILE B 191 4.34 -28.04 6.95
C ILE B 191 2.90 -28.56 7.12
N ARG B 192 2.61 -29.71 6.57
CA ARG B 192 1.21 -30.25 6.68
C ARG B 192 0.92 -30.65 8.14
N GLN B 193 1.75 -31.44 8.73
CA GLN B 193 1.49 -31.88 10.15
C GLN B 193 1.85 -30.74 11.11
N LYS B 194 2.56 -29.75 10.64
CA LYS B 194 2.97 -28.62 11.52
C LYS B 194 1.94 -27.48 11.44
N MET B 195 1.24 -27.36 10.34
CA MET B 195 0.23 -26.27 10.22
C MET B 195 -1.14 -26.76 10.72
N ASP B 196 -1.41 -28.03 10.56
CA ASP B 196 -2.72 -28.56 11.03
C ASP B 196 -2.89 -28.29 12.53
N LYS B 197 -1.81 -28.31 13.27
CA LYS B 197 -1.92 -28.07 14.74
C LYS B 197 -2.44 -26.65 15.00
N PRO B 198 -1.71 -25.62 14.63
CA PRO B 198 -2.14 -24.21 14.86
C PRO B 198 -3.44 -23.87 14.10
N LEU B 199 -3.49 -24.11 12.82
CA LEU B 199 -4.72 -23.79 12.05
C LEU B 199 -5.87 -24.69 12.54
N GLY B 200 -5.59 -25.93 12.80
CA GLY B 200 -6.66 -26.86 13.27
C GLY B 200 -7.53 -27.29 12.09
N ILE B 201 -7.83 -26.38 11.19
CA ILE B 201 -8.67 -26.73 10.01
C ILE B 201 -7.77 -27.02 8.81
N SER B 202 -8.16 -27.92 7.96
CA SER B 202 -7.34 -28.25 6.75
C SER B 202 -7.67 -27.28 5.63
N THR B 203 -6.69 -26.84 4.88
CA THR B 203 -6.95 -25.88 3.76
C THR B 203 -6.05 -26.20 2.57
N VAL B 204 -5.50 -27.39 2.54
CA VAL B 204 -4.61 -27.78 1.39
C VAL B 204 -4.87 -29.24 1.00
N GLU B 205 -4.95 -29.51 -0.28
CA GLU B 205 -5.20 -30.91 -0.76
C GLU B 205 -3.99 -31.40 -1.54
N THR B 206 -3.57 -32.62 -1.30
CA THR B 206 -2.39 -33.17 -2.04
C THR B 206 -2.89 -33.94 -3.27
N VAL B 207 -2.32 -33.69 -4.41
CA VAL B 207 -2.76 -34.40 -5.66
C VAL B 207 -1.52 -34.79 -6.48
N ARG B 208 -1.57 -35.93 -7.12
CA ARG B 208 -0.41 -36.37 -7.94
C ARG B 208 -0.14 -35.34 -9.05
N ARG B 209 1.00 -35.41 -9.67
CA ARG B 209 1.33 -34.45 -10.75
C ARG B 209 1.11 -33.02 -10.26
N ARG B 210 1.43 -32.05 -11.07
CA ARG B 210 1.24 -30.63 -10.65
C ARG B 210 1.97 -30.39 -9.32
N GLY B 211 1.33 -30.68 -8.21
CA GLY B 211 1.99 -30.47 -6.89
C GLY B 211 0.94 -30.50 -5.79
N TYR B 212 0.46 -29.35 -5.36
CA TYR B 212 -0.56 -29.30 -4.28
C TYR B 212 -1.58 -28.20 -4.61
N ARG B 213 -2.69 -28.17 -3.90
CA ARG B 213 -3.73 -27.13 -4.17
C ARG B 213 -4.18 -26.50 -2.85
N PHE B 214 -4.39 -25.20 -2.84
CA PHE B 214 -4.85 -24.51 -1.60
C PHE B 214 -6.25 -23.92 -1.84
N CYS B 215 -7.19 -24.25 -1.00
CA CYS B 215 -8.58 -23.72 -1.18
C CYS B 215 -9.23 -23.56 0.19
N TYR B 216 -10.34 -22.86 0.26
CA TYR B 216 -11.03 -22.67 1.56
C TYR B 216 -11.39 -24.04 2.15
N PRO B 217 -11.49 -24.15 3.45
CA PRO B 217 -11.83 -25.43 4.13
C PRO B 217 -13.31 -25.83 3.90
N LYS B 218 -13.53 -27.00 3.38
CA LYS B 218 -14.94 -27.44 3.12
C LYS B 218 -15.62 -27.81 4.45
N PRO B 219 -14.90 -28.40 5.38
CA PRO B 219 -15.49 -28.81 6.70
C PRO B 219 -16.10 -27.62 7.46
N ALA B 220 -15.68 -26.42 7.13
CA ALA B 220 -16.24 -25.22 7.84
C ALA B 220 -17.67 -24.98 7.36
N CYS B 221 -18.62 -24.98 8.27
CA CYS B 221 -20.04 -24.75 7.88
C CYS B 221 -20.32 -23.24 7.89
N GLU B 222 -20.97 -22.75 6.87
CA GLU B 222 -21.28 -21.29 6.83
C GLU B 222 -22.58 -21.03 7.59
N GLU B 223 -22.61 -20.01 8.41
CA GLU B 223 -23.84 -19.70 9.18
C GLU B 223 -24.99 -19.43 8.20
N MET A 1 3.61 8.35 -14.54
CA MET A 1 4.53 9.09 -13.65
C MET A 1 4.51 10.58 -14.00
N ARG A 2 3.61 11.32 -13.43
CA ARG A 2 3.52 12.79 -13.73
C ARG A 2 3.27 13.55 -12.42
N VAL A 3 3.82 14.75 -12.32
CA VAL A 3 3.64 15.57 -11.08
C VAL A 3 2.85 16.84 -11.42
N LEU A 4 1.88 17.17 -10.62
CA LEU A 4 1.05 18.40 -10.86
C LEU A 4 1.50 19.47 -9.86
N LEU A 5 2.03 20.57 -10.37
CA LEU A 5 2.48 21.68 -9.47
C LEU A 5 1.66 22.93 -9.78
N ILE A 6 0.87 23.37 -8.84
CA ILE A 6 0.03 24.59 -9.05
C ILE A 6 0.60 25.73 -8.20
N GLU A 7 1.07 26.78 -8.84
CA GLU A 7 1.63 27.94 -8.07
C GLU A 7 1.34 29.23 -8.83
N LYS A 8 0.83 30.23 -8.14
CA LYS A 8 0.53 31.52 -8.81
C LYS A 8 1.82 32.13 -9.36
N ASN A 9 2.91 31.96 -8.67
CA ASN A 9 4.20 32.53 -9.15
C ASN A 9 4.87 31.54 -10.11
N SER A 10 5.05 31.92 -11.35
CA SER A 10 5.69 31.00 -12.33
C SER A 10 7.19 30.91 -12.04
N VAL A 11 7.75 31.94 -11.46
CA VAL A 11 9.21 31.90 -11.17
C VAL A 11 9.51 30.80 -10.14
N LEU A 12 8.76 30.76 -9.07
CA LEU A 12 9.00 29.71 -8.04
C LEU A 12 8.62 28.34 -8.62
N GLY A 13 7.53 28.27 -9.33
CA GLY A 13 7.13 26.97 -9.94
C GLY A 13 8.14 26.60 -11.01
N GLY A 14 8.88 27.57 -11.48
CA GLY A 14 9.89 27.30 -12.53
C GLY A 14 11.04 26.51 -11.93
N GLU A 15 11.69 27.06 -10.94
CA GLU A 15 12.83 26.34 -10.30
C GLU A 15 12.38 24.94 -9.90
N ILE A 16 11.21 24.79 -9.34
CA ILE A 16 10.74 23.43 -8.95
C ILE A 16 10.58 22.58 -10.21
N GLU A 17 10.10 23.18 -11.27
CA GLU A 17 9.90 22.41 -12.53
C GLU A 17 11.26 21.91 -13.04
N LYS A 18 12.22 22.78 -13.18
CA LYS A 18 13.56 22.35 -13.68
C LYS A 18 14.36 21.75 -12.54
N GLY A 19 13.78 21.68 -11.37
CA GLY A 19 14.50 21.11 -10.21
C GLY A 19 14.29 19.59 -10.18
N LEU A 20 13.08 19.16 -9.92
CA LEU A 20 12.80 17.70 -9.90
C LEU A 20 13.21 17.09 -11.24
N ASN A 21 13.22 17.86 -12.28
CA ASN A 21 13.61 17.33 -13.61
C ASN A 21 14.97 16.63 -13.49
N VAL A 22 15.82 17.12 -12.64
CA VAL A 22 17.15 16.47 -12.47
C VAL A 22 16.94 15.00 -12.12
N LYS A 23 16.00 14.71 -11.27
CA LYS A 23 15.73 13.29 -10.89
C LYS A 23 15.19 12.54 -12.11
N GLY A 24 14.63 13.24 -13.05
CA GLY A 24 14.09 12.58 -14.29
C GLY A 24 12.59 12.35 -14.14
N PHE A 25 11.87 13.29 -13.55
CA PHE A 25 10.40 13.14 -13.39
C PHE A 25 9.70 14.19 -14.26
N MET A 26 8.45 13.99 -14.58
CA MET A 26 7.71 14.97 -15.43
C MET A 26 6.86 15.84 -14.52
N ALA A 27 6.81 17.12 -14.78
CA ALA A 27 6.00 18.02 -13.91
C ALA A 27 5.33 19.10 -14.75
N ASP A 28 4.30 19.72 -14.24
CA ASP A 28 3.59 20.80 -14.99
C ASP A 28 3.32 21.98 -14.04
N VAL A 29 3.46 23.19 -14.52
CA VAL A 29 3.23 24.38 -13.67
C VAL A 29 1.96 25.08 -14.14
N THR A 30 1.07 25.39 -13.23
CA THR A 30 -0.21 26.07 -13.61
C THR A 30 -0.48 27.21 -12.63
N GLU A 31 -1.41 28.08 -12.94
CA GLU A 31 -1.72 29.22 -12.03
C GLU A 31 -2.83 28.81 -11.04
N SER A 32 -4.05 29.18 -11.30
CA SER A 32 -5.16 28.82 -10.38
C SER A 32 -5.58 27.37 -10.61
N LEU A 33 -6.35 26.83 -9.71
CA LEU A 33 -6.81 25.42 -9.84
C LEU A 33 -7.54 25.25 -11.18
N GLU A 34 -8.20 26.25 -11.65
CA GLU A 34 -8.93 26.12 -12.95
C GLU A 34 -8.00 25.54 -14.02
N ASP A 35 -6.79 26.04 -14.11
CA ASP A 35 -5.85 25.51 -15.12
C ASP A 35 -5.45 24.08 -14.75
N GLY A 36 -5.18 23.84 -13.50
CA GLY A 36 -4.79 22.47 -13.06
C GLY A 36 -6.00 21.54 -13.17
N GLU A 37 -7.15 22.02 -12.79
CA GLU A 37 -8.37 21.16 -12.87
C GLU A 37 -8.68 20.84 -14.33
N TYR A 38 -8.49 21.79 -15.20
CA TYR A 38 -8.77 21.53 -16.65
C TYR A 38 -7.64 20.68 -17.24
N LEU A 39 -6.43 20.91 -16.82
CA LEU A 39 -5.29 20.13 -17.37
C LEU A 39 -5.35 18.69 -16.83
N MET A 40 -5.57 18.52 -15.56
CA MET A 40 -5.62 17.14 -15.00
C MET A 40 -6.87 16.41 -15.50
N ASP A 41 -7.85 17.14 -15.96
CA ASP A 41 -9.08 16.48 -16.47
C ASP A 41 -8.73 15.58 -17.64
N ILE A 42 -7.81 15.99 -18.48
CA ILE A 42 -7.42 15.16 -19.66
C ILE A 42 -6.31 14.18 -19.27
N ARG A 43 -5.48 14.53 -18.31
CA ARG A 43 -4.36 13.62 -17.89
C ARG A 43 -4.41 13.40 -16.37
N ASN A 44 -4.04 12.23 -15.94
CA ASN A 44 -4.05 11.93 -14.47
C ASN A 44 -2.65 12.11 -13.90
N TYR A 45 -2.52 12.82 -12.79
CA TYR A 45 -1.18 13.03 -12.18
C TYR A 45 -1.02 12.10 -10.98
N ASP A 46 0.11 11.46 -10.85
CA ASP A 46 0.33 10.54 -9.70
C ASP A 46 0.57 11.37 -8.44
N LEU A 47 1.24 12.49 -8.58
CA LEU A 47 1.50 13.38 -7.41
C LEU A 47 0.71 14.68 -7.59
N VAL A 48 -0.23 14.95 -6.72
CA VAL A 48 -1.03 16.20 -6.83
C VAL A 48 -0.44 17.23 -5.87
N MET A 49 0.40 18.10 -6.35
CA MET A 49 1.04 19.13 -5.48
C MET A 49 0.46 20.51 -5.82
N VAL A 50 0.11 21.26 -4.81
CA VAL A 50 -0.48 22.62 -5.06
C VAL A 50 0.01 23.58 -3.95
N SER A 51 0.48 24.73 -4.35
CA SER A 51 0.95 25.74 -3.35
C SER A 51 -0.16 26.74 -3.08
N ASP A 52 -1.32 26.55 -3.67
CA ASP A 52 -2.44 27.50 -3.45
C ASP A 52 -3.07 27.24 -2.08
N LYS A 53 -3.47 28.28 -1.39
CA LYS A 53 -4.08 28.11 -0.05
C LYS A 53 -5.54 27.67 -0.18
N ASN A 54 -6.26 28.21 -1.12
CA ASN A 54 -7.70 27.83 -1.29
C ASN A 54 -7.78 26.42 -1.86
N ALA A 55 -6.71 25.68 -1.84
CA ALA A 55 -6.73 24.30 -2.38
C ALA A 55 -7.45 23.35 -1.43
N LEU A 56 -7.58 23.73 -0.18
CA LEU A 56 -8.26 22.83 0.82
C LEU A 56 -9.49 22.18 0.19
N SER A 57 -10.35 22.95 -0.43
CA SER A 57 -11.56 22.34 -1.06
C SER A 57 -11.13 21.48 -2.25
N PHE A 58 -10.11 21.89 -2.95
CA PHE A 58 -9.64 21.11 -4.12
C PHE A 58 -9.10 19.75 -3.67
N VAL A 59 -8.15 19.73 -2.79
CA VAL A 59 -7.61 18.41 -2.35
C VAL A 59 -8.74 17.52 -1.85
N SER A 60 -9.73 18.10 -1.22
CA SER A 60 -10.87 17.28 -0.71
C SER A 60 -11.50 16.50 -1.86
N ARG A 61 -11.90 17.18 -2.91
CA ARG A 61 -12.53 16.47 -4.06
C ARG A 61 -11.50 15.55 -4.74
N ILE A 62 -10.25 15.90 -4.70
CA ILE A 62 -9.23 15.03 -5.36
C ILE A 62 -9.15 13.68 -4.65
N LYS A 63 -9.26 13.67 -3.35
CA LYS A 63 -9.17 12.37 -2.62
C LYS A 63 -10.43 11.52 -2.90
N GLU A 64 -11.60 12.07 -2.76
CA GLU A 64 -12.82 11.26 -3.03
C GLU A 64 -12.91 10.92 -4.51
N LYS A 65 -12.49 11.82 -5.36
CA LYS A 65 -12.55 11.55 -6.83
C LYS A 65 -11.34 10.71 -7.25
N HIS A 66 -10.28 10.76 -6.49
CA HIS A 66 -9.07 9.96 -6.84
C HIS A 66 -8.24 9.69 -5.58
N SER A 67 -8.78 8.95 -4.66
CA SER A 67 -8.03 8.64 -3.41
C SER A 67 -6.73 7.89 -3.74
N SER A 68 -6.73 7.12 -4.79
CA SER A 68 -5.51 6.36 -5.16
C SER A 68 -4.35 7.32 -5.46
N ILE A 69 -4.65 8.56 -5.75
CA ILE A 69 -3.57 9.54 -6.07
C ILE A 69 -3.06 10.20 -4.77
N VAL A 70 -1.83 10.63 -4.76
CA VAL A 70 -1.26 11.27 -3.54
C VAL A 70 -1.45 12.79 -3.62
N VAL A 71 -1.37 13.47 -2.50
CA VAL A 71 -1.56 14.97 -2.50
C VAL A 71 -0.47 15.63 -1.65
N LEU A 72 0.19 16.62 -2.18
CA LEU A 72 1.27 17.33 -1.41
C LEU A 72 0.93 18.81 -1.34
N VAL A 73 0.38 19.24 -0.23
CA VAL A 73 0.02 20.68 -0.08
C VAL A 73 1.19 21.42 0.56
N SER A 74 1.64 22.48 -0.03
CA SER A 74 2.78 23.24 0.56
C SER A 74 2.22 24.36 1.46
N SER A 75 3.06 25.18 2.02
CA SER A 75 2.54 26.28 2.89
C SER A 75 3.63 27.30 3.19
N ASP A 76 3.40 28.52 2.79
CA ASP A 76 4.42 29.59 3.03
C ASP A 76 4.66 29.76 4.53
N ASN A 77 3.65 29.55 5.32
CA ASN A 77 3.79 29.69 6.81
C ASN A 77 3.46 28.36 7.48
N PRO A 78 4.43 27.47 7.56
CA PRO A 78 4.22 26.13 8.19
C PRO A 78 3.66 26.26 9.61
N THR A 79 2.37 26.44 9.72
CA THR A 79 1.73 26.59 11.06
C THR A 79 0.99 25.30 11.42
N SER A 80 0.80 25.04 12.69
CA SER A 80 0.10 23.81 13.11
C SER A 80 -1.38 23.89 12.70
N GLU A 81 -1.94 25.07 12.70
CA GLU A 81 -3.37 25.20 12.31
C GLU A 81 -3.61 24.58 10.93
N GLU A 82 -2.90 25.02 9.94
CA GLU A 82 -3.09 24.45 8.57
C GLU A 82 -2.70 22.97 8.56
N GLU A 83 -1.70 22.60 9.32
CA GLU A 83 -1.28 21.17 9.34
C GLU A 83 -2.40 20.30 9.91
N VAL A 84 -2.96 20.68 11.02
CA VAL A 84 -4.05 19.86 11.64
C VAL A 84 -5.20 19.68 10.65
N HIS A 85 -5.77 20.75 10.17
CA HIS A 85 -6.90 20.62 9.22
C HIS A 85 -6.41 19.96 7.93
N ALA A 86 -5.25 20.35 7.45
CA ALA A 86 -4.72 19.76 6.20
C ALA A 86 -4.86 18.24 6.23
N PHE A 87 -4.65 17.64 7.37
CA PHE A 87 -4.79 16.16 7.46
C PHE A 87 -6.27 15.80 7.53
N GLU A 88 -7.06 16.62 8.16
CA GLU A 88 -8.51 16.32 8.25
C GLU A 88 -9.14 16.42 6.86
N GLN A 89 -8.75 17.40 6.08
CA GLN A 89 -9.32 17.56 4.72
C GLN A 89 -8.92 16.36 3.85
N GLY A 90 -7.64 16.11 3.72
CA GLY A 90 -7.20 14.95 2.88
C GLY A 90 -5.81 15.22 2.29
N ALA A 91 -4.89 15.72 3.08
CA ALA A 91 -3.52 15.99 2.56
C ALA A 91 -2.62 14.81 2.90
N ASP A 92 -1.84 14.34 1.95
CA ASP A 92 -0.93 13.18 2.23
C ASP A 92 0.43 13.70 2.69
N ASP A 93 0.76 14.92 2.36
CA ASP A 93 2.08 15.47 2.79
C ASP A 93 1.94 16.99 2.99
N TYR A 94 2.78 17.56 3.81
CA TYR A 94 2.71 19.03 4.07
C TYR A 94 4.13 19.61 4.07
N ILE A 95 4.52 20.33 3.03
CA ILE A 95 5.91 20.91 2.98
C ILE A 95 5.87 22.43 3.09
N ALA A 96 6.94 23.04 3.55
CA ALA A 96 6.96 24.52 3.64
C ALA A 96 7.12 25.08 2.23
N LYS A 97 6.28 25.99 1.82
CA LYS A 97 6.39 26.52 0.44
C LYS A 97 7.82 26.96 0.12
N PRO A 98 8.41 27.87 0.87
CA PRO A 98 9.75 28.37 0.55
C PRO A 98 10.72 27.26 0.09
N TYR A 99 10.30 26.03 0.23
CA TYR A 99 11.14 24.88 -0.19
C TYR A 99 12.43 24.85 0.64
N ARG A 100 12.57 23.91 1.54
CA ARG A 100 13.81 23.87 2.36
C ARG A 100 15.01 23.89 1.41
N SER A 101 14.87 23.29 0.26
CA SER A 101 15.99 23.29 -0.75
C SER A 101 15.62 22.36 -1.91
N ILE A 102 14.44 22.52 -2.45
CA ILE A 102 13.99 21.69 -3.62
C ILE A 102 14.48 20.23 -3.52
N LYS A 103 15.74 19.98 -3.81
CA LYS A 103 16.30 18.60 -3.75
C LYS A 103 15.70 17.84 -2.56
N ALA A 104 15.52 18.50 -1.45
CA ALA A 104 14.92 17.80 -0.28
C ALA A 104 13.44 17.55 -0.58
N LEU A 105 12.77 18.52 -1.12
CA LEU A 105 11.33 18.34 -1.46
C LEU A 105 11.20 17.21 -2.46
N VAL A 106 12.04 17.19 -3.46
CA VAL A 106 11.98 16.10 -4.49
C VAL A 106 12.41 14.79 -3.87
N ALA A 107 13.46 14.80 -3.09
CA ALA A 107 13.93 13.52 -2.46
C ALA A 107 12.75 12.85 -1.75
N ARG A 108 11.95 13.62 -1.06
CA ARG A 108 10.78 13.02 -0.35
C ARG A 108 9.76 12.54 -1.40
N ILE A 109 9.61 13.25 -2.48
CA ILE A 109 8.64 12.81 -3.52
C ILE A 109 9.17 11.57 -4.20
N GLU A 110 10.48 11.44 -4.28
CA GLU A 110 11.07 10.25 -4.93
C GLU A 110 10.66 9.01 -4.14
N ALA A 111 10.90 9.00 -2.87
CA ALA A 111 10.52 7.83 -2.03
C ALA A 111 9.03 7.56 -2.22
N ARG A 112 8.23 8.58 -2.30
CA ARG A 112 6.77 8.37 -2.48
C ARG A 112 6.53 7.59 -3.78
N LEU A 113 7.37 7.80 -4.77
CA LEU A 113 7.20 7.07 -6.06
C LEU A 113 8.53 7.03 -6.81
N ARG A 114 9.21 5.91 -6.78
CA ARG A 114 10.52 5.80 -7.51
C ARG A 114 10.28 5.19 -8.89
N PHE A 115 9.67 4.03 -8.95
CA PHE A 115 9.41 3.38 -10.26
C PHE A 115 8.24 2.39 -10.11
N TRP A 116 8.39 1.44 -9.24
CA TRP A 116 7.29 0.44 -9.03
C TRP A 116 6.82 -0.08 -10.39
N GLY A 117 5.55 0.06 -10.68
CA GLY A 117 5.02 -0.43 -11.99
C GLY A 117 5.02 -1.95 -11.97
N SER A 118 4.57 -2.54 -10.89
CA SER A 118 4.52 -4.04 -10.80
C SER A 118 3.11 -4.53 -11.06
N ASN A 119 2.97 -5.69 -11.64
CA ASN A 119 1.61 -6.26 -11.93
C ASN A 119 1.34 -7.43 -10.99
N VAL A 120 0.11 -7.87 -10.93
CA VAL A 120 -0.26 -9.02 -10.05
C VAL A 120 -0.95 -10.11 -10.89
N ILE A 121 -1.78 -9.72 -11.83
CA ILE A 121 -2.49 -10.73 -12.66
C ILE A 121 -1.79 -10.87 -14.02
N GLU A 122 -1.69 -12.08 -14.53
CA GLU A 122 -1.03 -12.31 -15.85
C GLU A 122 -1.89 -13.28 -16.67
N ILE A 123 -2.36 -12.86 -17.82
CA ILE A 123 -3.22 -13.76 -18.66
C ILE A 123 -2.84 -13.60 -20.13
N GLY A 124 -2.25 -14.61 -20.71
CA GLY A 124 -1.87 -14.52 -22.16
C GLY A 124 -0.78 -13.47 -22.34
N ASP A 125 0.23 -13.48 -21.52
CA ASP A 125 1.34 -12.50 -21.64
C ASP A 125 0.83 -11.09 -21.33
N LEU A 126 -0.46 -10.89 -21.27
CA LEU A 126 -0.97 -9.53 -20.93
C LEU A 126 -0.83 -9.34 -19.43
N THR A 127 -0.74 -8.12 -18.96
CA THR A 127 -0.59 -7.88 -17.50
C THR A 127 -1.66 -6.89 -17.04
N ILE A 128 -2.39 -7.23 -16.00
CA ILE A 128 -3.45 -6.32 -15.46
C ILE A 128 -3.17 -6.04 -13.99
N SER A 129 -3.20 -4.79 -13.59
CA SER A 129 -2.93 -4.42 -12.17
C SER A 129 -4.19 -3.75 -11.56
N PRO A 130 -4.85 -4.39 -10.60
CA PRO A 130 -6.09 -3.81 -9.98
C PRO A 130 -5.78 -2.77 -8.91
N ASP A 131 -4.92 -3.09 -7.97
CA ASP A 131 -4.59 -2.11 -6.89
C ASP A 131 -4.10 -0.81 -7.53
N GLU A 132 -3.22 -0.90 -8.50
CA GLU A 132 -2.70 0.33 -9.15
C GLU A 132 -3.71 0.80 -10.20
N GLU A 133 -4.71 0.01 -10.47
CA GLU A 133 -5.73 0.40 -11.48
C GLU A 133 -5.02 0.77 -12.78
N LYS A 134 -4.26 -0.13 -13.33
CA LYS A 134 -3.53 0.15 -14.60
C LYS A 134 -3.56 -1.09 -15.48
N ILE A 135 -3.98 -0.96 -16.72
CA ILE A 135 -4.04 -2.15 -17.65
C ILE A 135 -2.92 -2.04 -18.68
N ILE A 136 -2.11 -3.07 -18.80
CA ILE A 136 -0.97 -3.05 -19.78
C ILE A 136 -1.17 -4.16 -20.82
N TYR A 137 -1.13 -3.81 -22.09
CA TYR A 137 -1.28 -4.83 -23.18
C TYR A 137 -0.26 -4.54 -24.28
N LYS A 138 0.29 -5.58 -24.86
CA LYS A 138 1.31 -5.38 -25.93
C LYS A 138 2.45 -4.49 -25.44
N GLY A 139 2.54 -4.28 -24.15
CA GLY A 139 3.64 -3.44 -23.60
C GLY A 139 3.21 -1.98 -23.48
N ARG A 140 2.05 -1.65 -23.98
CA ARG A 140 1.58 -0.24 -23.89
C ARG A 140 0.83 -0.06 -22.56
N GLU A 141 1.24 0.90 -21.76
CA GLU A 141 0.56 1.12 -20.45
C GLU A 141 -0.52 2.19 -20.58
N VAL A 142 -1.71 1.89 -20.12
CA VAL A 142 -2.83 2.88 -20.20
C VAL A 142 -3.58 2.88 -18.87
N GLU A 143 -3.86 4.05 -18.33
CA GLU A 143 -4.58 4.14 -17.03
C GLU A 143 -6.09 4.14 -17.29
N VAL A 144 -6.82 3.33 -16.57
CA VAL A 144 -8.30 3.26 -16.73
C VAL A 144 -8.95 3.33 -15.34
N LYS A 145 -10.13 3.87 -15.25
CA LYS A 145 -10.78 3.96 -13.92
C LYS A 145 -12.28 4.22 -14.11
N GLY A 146 -13.09 3.27 -13.71
CA GLY A 146 -14.57 3.47 -13.88
C GLY A 146 -15.29 2.13 -13.74
N LYS A 147 -16.54 2.10 -14.08
CA LYS A 147 -17.31 0.83 -13.98
C LYS A 147 -17.02 -0.12 -15.16
N PRO A 148 -16.91 0.35 -16.40
CA PRO A 148 -16.64 -0.56 -17.55
C PRO A 148 -15.27 -1.22 -17.45
N PHE A 149 -14.31 -0.55 -16.86
CA PHE A 149 -12.94 -1.14 -16.72
C PHE A 149 -12.82 -1.83 -15.38
N GLU A 150 -13.67 -1.50 -14.43
CA GLU A 150 -13.61 -2.15 -13.10
C GLU A 150 -14.00 -3.61 -13.24
N VAL A 151 -15.03 -3.89 -13.99
CA VAL A 151 -15.46 -5.31 -14.19
C VAL A 151 -14.31 -6.07 -14.86
N LEU A 152 -13.53 -5.39 -15.66
CA LEU A 152 -12.39 -6.05 -16.34
C LEU A 152 -11.36 -6.50 -15.29
N THR A 153 -11.05 -5.65 -14.36
CA THR A 153 -10.06 -6.03 -13.32
C THR A 153 -10.70 -7.06 -12.37
N HIS A 154 -11.99 -7.01 -12.19
CA HIS A 154 -12.66 -7.99 -11.28
C HIS A 154 -12.45 -9.41 -11.80
N LEU A 155 -12.78 -9.66 -13.04
CA LEU A 155 -12.60 -11.03 -13.61
C LEU A 155 -11.11 -11.31 -13.76
N ALA A 156 -10.31 -10.28 -13.86
CA ALA A 156 -8.85 -10.49 -14.01
C ALA A 156 -8.31 -11.25 -12.79
N ARG A 157 -8.64 -10.82 -11.61
CA ARG A 157 -8.15 -11.54 -10.39
C ARG A 157 -8.95 -12.83 -10.23
N HIS A 158 -10.24 -12.77 -10.38
CA HIS A 158 -11.07 -13.99 -10.22
C HIS A 158 -10.94 -14.86 -11.48
N ARG A 159 -9.86 -14.75 -12.18
CA ARG A 159 -9.66 -15.57 -13.41
C ARG A 159 -9.72 -17.05 -13.05
N ASP A 160 -9.78 -17.91 -14.03
CA ASP A 160 -9.81 -19.38 -13.74
C ASP A 160 -10.84 -19.65 -12.63
N GLN A 161 -12.09 -19.41 -12.89
CA GLN A 161 -13.12 -19.64 -11.83
C GLN A 161 -14.52 -19.55 -12.44
N ILE A 162 -15.47 -20.27 -11.91
CA ILE A 162 -16.85 -20.19 -12.44
C ILE A 162 -17.53 -18.96 -11.85
N VAL A 163 -17.68 -17.92 -12.63
CA VAL A 163 -18.31 -16.68 -12.11
C VAL A 163 -19.82 -16.70 -12.36
N SER A 164 -20.60 -16.47 -11.34
CA SER A 164 -22.08 -16.47 -11.51
C SER A 164 -22.53 -15.09 -11.95
N LYS A 165 -23.74 -14.98 -12.46
CA LYS A 165 -24.24 -13.66 -12.92
C LYS A 165 -24.34 -12.69 -11.74
N GLU A 166 -24.92 -13.12 -10.66
CA GLU A 166 -25.09 -12.23 -9.48
C GLU A 166 -23.74 -11.68 -9.01
N GLN A 167 -22.68 -12.43 -9.18
CA GLN A 167 -21.35 -11.94 -8.74
C GLN A 167 -21.02 -10.60 -9.41
N LEU A 168 -21.06 -10.56 -10.71
CA LEU A 168 -20.74 -9.29 -11.44
C LEU A 168 -21.74 -8.20 -11.05
N LEU A 169 -23.00 -8.53 -10.97
CA LEU A 169 -24.01 -7.51 -10.62
C LEU A 169 -23.74 -6.94 -9.21
N ASP A 170 -23.66 -7.79 -8.23
CA ASP A 170 -23.40 -7.31 -6.84
C ASP A 170 -21.96 -6.80 -6.70
N ALA A 171 -21.11 -7.10 -7.66
CA ALA A 171 -19.69 -6.64 -7.57
C ALA A 171 -19.56 -5.17 -7.95
N ILE A 172 -19.87 -4.82 -9.17
CA ILE A 172 -19.73 -3.40 -9.58
C ILE A 172 -20.86 -2.61 -8.92
N TRP A 173 -22.06 -3.10 -9.02
CA TRP A 173 -23.21 -2.41 -8.39
C TRP A 173 -23.45 -3.02 -7.00
N GLU A 174 -23.35 -2.22 -5.97
CA GLU A 174 -23.56 -2.75 -4.58
C GLU A 174 -24.08 -1.62 -3.70
N GLU A 175 -23.37 -0.53 -3.67
CA GLU A 175 -23.81 0.63 -2.85
C GLU A 175 -25.19 1.08 -3.36
N PRO A 176 -25.98 1.71 -2.53
CA PRO A 176 -27.34 2.18 -2.91
C PRO A 176 -27.43 2.55 -4.40
N GLU A 177 -27.74 1.58 -5.24
CA GLU A 177 -27.84 1.84 -6.71
C GLU A 177 -29.20 1.33 -7.21
N MET A 178 -29.64 1.81 -8.35
CA MET A 178 -30.95 1.36 -8.91
C MET A 178 -30.69 0.38 -10.06
N VAL A 179 -30.68 -0.89 -9.77
CA VAL A 179 -30.45 -1.92 -10.84
C VAL A 179 -31.78 -2.52 -11.25
N THR A 180 -32.00 -2.67 -12.54
CA THR A 180 -33.29 -3.27 -12.99
C THR A 180 -33.33 -4.75 -12.59
N PRO A 181 -34.47 -5.31 -12.30
CA PRO A 181 -34.59 -6.74 -11.91
C PRO A 181 -33.66 -7.64 -12.73
N ASN A 182 -33.40 -7.27 -13.96
CA ASN A 182 -32.52 -8.11 -14.82
C ASN A 182 -31.89 -7.24 -15.91
N VAL A 183 -30.60 -7.03 -15.86
CA VAL A 183 -29.92 -6.18 -16.90
C VAL A 183 -28.54 -6.75 -17.23
N ILE A 184 -28.02 -7.64 -16.43
CA ILE A 184 -26.67 -8.20 -16.71
C ILE A 184 -26.65 -8.81 -18.12
N GLU A 185 -27.79 -9.18 -18.64
CA GLU A 185 -27.84 -9.77 -20.01
C GLU A 185 -27.23 -8.80 -21.03
N VAL A 186 -27.65 -7.57 -21.02
CA VAL A 186 -27.09 -6.58 -21.98
C VAL A 186 -25.69 -6.15 -21.53
N ALA A 187 -25.41 -6.25 -20.25
CA ALA A 187 -24.06 -5.83 -19.77
C ALA A 187 -23.02 -6.87 -20.17
N ILE A 188 -23.29 -8.13 -19.98
CA ILE A 188 -22.30 -9.17 -20.35
C ILE A 188 -22.16 -9.21 -21.87
N ASN A 189 -23.21 -8.91 -22.57
CA ASN A 189 -23.16 -8.92 -24.05
C ASN A 189 -22.28 -7.77 -24.55
N GLN A 190 -22.62 -6.56 -24.20
CA GLN A 190 -21.81 -5.39 -24.66
C GLN A 190 -20.39 -5.48 -24.11
N ILE A 191 -20.25 -5.81 -22.85
CA ILE A 191 -18.89 -5.91 -22.26
C ILE A 191 -18.04 -6.86 -23.11
N ARG A 192 -18.55 -8.01 -23.43
CA ARG A 192 -17.75 -8.97 -24.25
C ARG A 192 -17.31 -8.27 -25.54
N GLN A 193 -18.18 -7.49 -26.14
CA GLN A 193 -17.80 -6.77 -27.39
C GLN A 193 -16.64 -5.82 -27.11
N LYS A 194 -16.62 -5.21 -25.95
CA LYS A 194 -15.53 -4.24 -25.61
C LYS A 194 -14.40 -4.96 -24.87
N MET A 195 -14.53 -6.24 -24.65
CA MET A 195 -13.46 -6.98 -23.91
C MET A 195 -12.52 -7.64 -24.92
N ASP A 196 -13.03 -8.55 -25.71
CA ASP A 196 -12.19 -9.25 -26.71
C ASP A 196 -11.61 -8.23 -27.71
N LYS A 197 -12.30 -7.15 -27.94
CA LYS A 197 -11.79 -6.14 -28.92
C LYS A 197 -10.41 -5.64 -28.46
N PRO A 198 -10.31 -4.94 -27.35
CA PRO A 198 -9.00 -4.42 -26.85
C PRO A 198 -7.99 -5.54 -26.57
N LEU A 199 -8.37 -6.52 -25.79
CA LEU A 199 -7.42 -7.63 -25.49
C LEU A 199 -7.15 -8.41 -26.79
N GLY A 200 -8.13 -8.54 -27.63
CA GLY A 200 -7.93 -9.30 -28.90
C GLY A 200 -7.97 -10.80 -28.59
N ILE A 201 -7.53 -11.17 -27.42
CA ILE A 201 -7.54 -12.62 -27.04
C ILE A 201 -8.80 -12.94 -26.25
N SER A 202 -9.52 -13.95 -26.63
CA SER A 202 -10.76 -14.31 -25.88
C SER A 202 -10.36 -15.07 -24.62
N THR A 203 -11.01 -14.79 -23.51
CA THR A 203 -10.65 -15.50 -22.23
C THR A 203 -11.92 -15.78 -21.43
N VAL A 204 -13.07 -15.65 -22.05
CA VAL A 204 -14.36 -15.92 -21.33
C VAL A 204 -15.14 -17.00 -22.09
N GLU A 205 -15.63 -18.00 -21.40
CA GLU A 205 -16.39 -19.09 -22.08
C GLU A 205 -17.83 -19.11 -21.55
N THR A 206 -18.79 -19.00 -22.42
CA THR A 206 -20.22 -19.02 -21.97
C THR A 206 -20.76 -20.45 -22.13
N VAL A 207 -20.80 -21.19 -21.06
CA VAL A 207 -21.31 -22.59 -21.15
C VAL A 207 -21.89 -23.01 -19.79
N ARG A 208 -22.53 -24.15 -19.74
CA ARG A 208 -23.12 -24.63 -18.46
C ARG A 208 -24.09 -23.57 -17.92
N ARG A 209 -24.92 -23.93 -16.99
CA ARG A 209 -25.89 -22.95 -16.41
C ARG A 209 -25.13 -21.97 -15.50
N ARG A 210 -25.56 -21.83 -14.28
CA ARG A 210 -24.87 -20.89 -13.35
C ARG A 210 -24.69 -19.53 -14.01
N GLY A 211 -23.59 -19.30 -14.68
CA GLY A 211 -23.37 -17.98 -15.34
C GLY A 211 -22.33 -18.10 -16.46
N TYR A 212 -21.10 -17.75 -16.16
CA TYR A 212 -20.04 -17.81 -17.21
C TYR A 212 -18.75 -18.40 -16.61
N ARG A 213 -17.98 -19.10 -17.42
CA ARG A 213 -16.71 -19.72 -16.92
C ARG A 213 -15.51 -18.95 -17.49
N PHE A 214 -14.62 -18.50 -16.63
CA PHE A 214 -13.41 -17.76 -17.11
C PHE A 214 -12.20 -18.70 -17.03
N CYS A 215 -11.39 -18.74 -18.05
CA CYS A 215 -10.20 -19.66 -18.02
C CYS A 215 -9.10 -19.10 -18.93
N TYR A 216 -7.91 -19.60 -18.78
CA TYR A 216 -6.78 -19.12 -19.62
C TYR A 216 -7.12 -19.36 -21.11
N PRO A 217 -6.58 -18.57 -22.00
CA PRO A 217 -6.82 -18.73 -23.46
C PRO A 217 -6.09 -19.96 -24.02
N LYS A 218 -4.84 -20.11 -23.66
CA LYS A 218 -4.06 -21.29 -24.16
C LYS A 218 -2.84 -21.50 -23.25
N PRO A 219 -2.35 -22.70 -23.12
CA PRO A 219 -1.16 -22.99 -22.26
C PRO A 219 -0.09 -21.90 -22.35
N ALA A 220 -0.21 -20.87 -21.57
CA ALA A 220 0.81 -19.77 -21.63
C ALA A 220 2.13 -20.28 -21.03
N CYS A 221 2.14 -20.61 -19.77
CA CYS A 221 3.40 -21.11 -19.14
C CYS A 221 4.55 -20.15 -19.48
N GLU A 222 5.49 -20.60 -20.26
CA GLU A 222 6.63 -19.71 -20.62
C GLU A 222 6.18 -18.67 -21.65
N GLU A 223 6.60 -17.44 -21.50
CA GLU A 223 6.20 -16.38 -22.47
C GLU A 223 7.04 -15.13 -22.24
N MET B 1 -0.76 -1.13 21.12
CA MET B 1 -0.68 0.27 20.61
C MET B 1 0.01 1.15 21.65
N ARG B 2 1.26 1.46 21.46
CA ARG B 2 2.00 2.32 22.44
C ARG B 2 2.92 3.28 21.68
N VAL B 3 3.19 4.43 22.26
CA VAL B 3 4.09 5.43 21.59
C VAL B 3 5.39 5.55 22.39
N LEU B 4 6.51 5.44 21.72
CA LEU B 4 7.83 5.53 22.42
C LEU B 4 8.47 6.90 22.14
N LEU B 5 8.75 7.65 23.18
CA LEU B 5 9.38 9.01 23.00
C LEU B 5 10.74 9.01 23.72
N ILE B 6 11.81 8.82 23.01
CA ILE B 6 13.14 8.83 23.68
C ILE B 6 13.61 10.29 23.80
N GLU B 7 13.44 10.89 24.95
CA GLU B 7 13.87 12.31 25.14
C GLU B 7 14.47 12.48 26.54
N LYS B 8 15.63 13.08 26.62
CA LYS B 8 16.26 13.29 27.95
C LYS B 8 15.41 14.25 28.77
N ASN B 9 14.82 15.22 28.13
CA ASN B 9 13.97 16.20 28.86
C ASN B 9 12.62 15.56 29.20
N SER B 10 12.36 15.33 30.46
CA SER B 10 11.07 14.69 30.85
C SER B 10 9.93 15.70 30.73
N VAL B 11 10.20 16.96 30.92
CA VAL B 11 9.12 17.98 30.82
C VAL B 11 8.49 17.93 29.42
N LEU B 12 9.29 17.86 28.39
CA LEU B 12 8.73 17.81 27.01
C LEU B 12 7.96 16.50 26.83
N GLY B 13 8.38 15.45 27.50
CA GLY B 13 7.66 14.16 27.36
C GLY B 13 6.35 14.24 28.16
N GLY B 14 6.34 15.04 29.19
CA GLY B 14 5.11 15.18 30.02
C GLY B 14 4.00 15.79 29.17
N GLU B 15 4.24 16.94 28.60
CA GLU B 15 3.19 17.59 27.77
C GLU B 15 2.80 16.66 26.61
N ILE B 16 3.76 16.03 25.99
CA ILE B 16 3.43 15.10 24.87
C ILE B 16 2.62 13.93 25.43
N GLU B 17 3.03 13.40 26.55
CA GLU B 17 2.29 12.26 27.15
C GLU B 17 0.83 12.66 27.40
N LYS B 18 0.61 13.84 27.92
CA LYS B 18 -0.78 14.28 28.19
C LYS B 18 -1.34 14.94 26.94
N GLY B 19 -0.56 14.99 25.90
CA GLY B 19 -1.03 15.60 24.64
C GLY B 19 -1.76 14.55 23.79
N LEU B 20 -1.09 13.48 23.46
CA LEU B 20 -1.75 12.42 22.64
C LEU B 20 -2.82 11.72 23.48
N ASN B 21 -2.71 11.78 24.78
CA ASN B 21 -3.71 11.11 25.64
C ASN B 21 -5.12 11.54 25.22
N VAL B 22 -5.27 12.77 24.78
CA VAL B 22 -6.62 13.23 24.36
C VAL B 22 -7.14 12.30 23.25
N LYS B 23 -6.28 11.90 22.36
CA LYS B 23 -6.71 10.98 21.26
C LYS B 23 -7.01 9.60 21.85
N GLY B 24 -6.38 9.24 22.94
CA GLY B 24 -6.62 7.91 23.58
C GLY B 24 -5.47 6.95 23.27
N PHE B 25 -4.25 7.43 23.31
CA PHE B 25 -3.06 6.55 23.04
C PHE B 25 -2.16 6.51 24.27
N MET B 26 -1.30 5.53 24.37
CA MET B 26 -0.38 5.42 25.55
C MET B 26 1.01 5.90 25.13
N ALA B 27 1.69 6.60 26.00
CA ALA B 27 3.06 7.10 25.63
C ALA B 27 4.01 6.93 26.82
N ASP B 28 5.29 6.82 26.55
CA ASP B 28 6.31 6.66 27.63
C ASP B 28 7.54 7.48 27.27
N VAL B 29 8.35 7.84 28.25
CA VAL B 29 9.58 8.65 27.95
C VAL B 29 10.82 7.92 28.46
N THR B 30 11.89 7.97 27.70
CA THR B 30 13.16 7.28 28.10
C THR B 30 14.32 8.26 27.94
N GLU B 31 15.49 7.89 28.41
CA GLU B 31 16.67 8.78 28.28
C GLU B 31 17.43 8.47 26.99
N SER B 32 18.57 7.85 27.09
CA SER B 32 19.37 7.53 25.87
C SER B 32 18.79 6.30 25.18
N LEU B 33 19.23 6.04 23.98
CA LEU B 33 18.72 4.85 23.23
C LEU B 33 18.83 3.59 24.10
N GLU B 34 19.82 3.53 24.95
CA GLU B 34 19.98 2.32 25.81
C GLU B 34 18.67 2.04 26.56
N ASP B 35 18.11 3.02 27.19
CA ASP B 35 16.83 2.80 27.93
C ASP B 35 15.72 2.46 26.93
N GLY B 36 15.64 3.20 25.86
CA GLY B 36 14.58 2.91 24.84
C GLY B 36 14.85 1.56 24.20
N GLU B 37 16.08 1.25 23.92
CA GLU B 37 16.41 -0.06 23.28
C GLU B 37 16.05 -1.20 24.25
N TYR B 38 16.39 -1.05 25.51
CA TYR B 38 16.06 -2.13 26.49
C TYR B 38 14.55 -2.15 26.74
N LEU B 39 13.93 -1.00 26.79
CA LEU B 39 12.46 -0.96 27.06
C LEU B 39 11.70 -1.52 25.86
N MET B 40 12.06 -1.12 24.67
CA MET B 40 11.32 -1.63 23.47
C MET B 40 11.72 -3.08 23.19
N ASP B 41 12.83 -3.52 23.71
CA ASP B 41 13.27 -4.93 23.46
C ASP B 41 12.18 -5.89 23.94
N ILE B 42 11.59 -5.63 25.07
CA ILE B 42 10.52 -6.54 25.59
C ILE B 42 9.15 -6.13 25.02
N ARG B 43 8.88 -4.84 24.93
CA ARG B 43 7.57 -4.37 24.38
C ARG B 43 7.79 -3.83 22.97
N ASN B 44 6.89 -4.14 22.06
CA ASN B 44 7.04 -3.65 20.66
C ASN B 44 6.11 -2.45 20.46
N TYR B 45 6.60 -1.27 20.71
CA TYR B 45 5.74 -0.06 20.54
C TYR B 45 5.36 0.09 19.06
N ASP B 46 4.21 0.63 18.78
CA ASP B 46 3.79 0.80 17.35
C ASP B 46 4.47 2.03 16.76
N LEU B 47 4.49 3.11 17.50
CA LEU B 47 5.14 4.37 17.00
C LEU B 47 6.49 4.52 17.70
N VAL B 48 7.56 4.44 16.95
CA VAL B 48 8.92 4.60 17.56
C VAL B 48 9.39 6.03 17.34
N MET B 49 9.20 6.88 18.32
CA MET B 49 9.62 8.31 18.17
C MET B 49 10.83 8.59 19.07
N VAL B 50 11.82 9.26 18.53
CA VAL B 50 13.04 9.58 19.32
C VAL B 50 13.58 10.95 18.88
N SER B 51 13.97 11.76 19.83
CA SER B 51 14.51 13.11 19.49
C SER B 51 16.04 13.10 19.54
N ASP B 52 16.63 11.97 19.84
CA ASP B 52 18.11 11.90 19.90
C ASP B 52 18.68 11.85 18.47
N LYS B 53 19.65 12.69 18.19
CA LYS B 53 20.24 12.70 16.82
C LYS B 53 20.98 11.38 16.56
N ASN B 54 21.81 10.96 17.48
CA ASN B 54 22.56 9.69 17.28
C ASN B 54 21.57 8.58 16.87
N ALA B 55 20.31 8.80 17.08
CA ALA B 55 19.30 7.77 16.73
C ALA B 55 19.36 7.47 15.22
N LEU B 56 19.90 8.37 14.45
CA LEU B 56 19.98 8.14 12.97
C LEU B 56 20.41 6.70 12.68
N SER B 57 21.42 6.23 13.36
CA SER B 57 21.89 4.83 13.13
C SER B 57 20.85 3.86 13.70
N PHE B 58 20.21 4.22 14.77
CA PHE B 58 19.18 3.32 15.39
C PHE B 58 17.98 3.19 14.46
N VAL B 59 17.40 4.29 14.05
CA VAL B 59 16.21 4.19 13.16
C VAL B 59 16.57 3.43 11.88
N SER B 60 17.79 3.58 11.42
CA SER B 60 18.20 2.87 10.19
C SER B 60 18.06 1.36 10.39
N ARG B 61 18.62 0.84 11.44
CA ARG B 61 18.51 -0.62 11.67
C ARG B 61 17.06 -0.99 12.00
N ILE B 62 16.30 -0.08 12.56
CA ILE B 62 14.89 -0.40 12.89
C ILE B 62 14.14 -0.79 11.61
N LYS B 63 14.23 0.03 10.58
CA LYS B 63 13.53 -0.31 9.32
C LYS B 63 14.08 -1.63 8.79
N GLU B 64 15.38 -1.82 8.87
CA GLU B 64 15.98 -3.10 8.41
C GLU B 64 15.51 -4.23 9.32
N LYS B 65 15.68 -4.06 10.60
CA LYS B 65 15.26 -5.11 11.56
C LYS B 65 13.73 -5.16 11.64
N HIS B 66 13.13 -4.20 12.30
CA HIS B 66 11.64 -4.19 12.41
C HIS B 66 11.06 -3.39 11.24
N SER B 67 10.73 -4.05 10.16
CA SER B 67 10.17 -3.31 8.98
C SER B 67 8.68 -3.04 9.22
N SER B 68 8.02 -3.86 9.99
CA SER B 68 6.56 -3.66 10.24
C SER B 68 6.36 -2.71 11.43
N ILE B 69 7.06 -1.60 11.44
CA ILE B 69 6.90 -0.63 12.58
C ILE B 69 7.04 0.80 12.05
N VAL B 70 6.55 1.77 12.76
CA VAL B 70 6.64 3.20 12.31
C VAL B 70 7.75 3.90 13.08
N VAL B 71 8.43 4.85 12.46
CA VAL B 71 9.52 5.59 13.16
C VAL B 71 9.37 7.09 12.91
N LEU B 72 9.37 7.88 13.96
CA LEU B 72 9.21 9.36 13.82
C LEU B 72 10.42 10.06 14.46
N VAL B 73 11.31 10.57 13.66
CA VAL B 73 12.52 11.27 14.23
C VAL B 73 12.23 12.77 14.30
N SER B 74 12.52 13.39 15.42
CA SER B 74 12.29 14.85 15.55
C SER B 74 13.54 15.59 15.09
N SER B 75 13.49 16.90 14.96
CA SER B 75 14.70 17.64 14.51
C SER B 75 14.69 19.07 15.06
N ASP B 76 15.59 19.39 15.94
CA ASP B 76 15.66 20.77 16.51
C ASP B 76 16.25 21.70 15.45
N ASN B 77 16.67 21.14 14.34
CA ASN B 77 17.25 21.96 13.24
C ASN B 77 16.81 21.38 11.89
N PRO B 78 15.56 21.53 11.53
CA PRO B 78 15.04 20.99 10.25
C PRO B 78 15.79 21.54 9.05
N THR B 79 16.87 20.91 8.69
CA THR B 79 17.68 21.36 7.53
C THR B 79 17.48 20.37 6.38
N SER B 80 17.68 20.80 5.18
CA SER B 80 17.50 19.88 4.01
C SER B 80 18.47 18.70 4.13
N GLU B 81 19.61 18.91 4.73
CA GLU B 81 20.60 17.81 4.87
C GLU B 81 20.04 16.73 5.80
N GLU B 82 19.43 17.12 6.89
CA GLU B 82 18.86 16.11 7.84
C GLU B 82 17.71 15.37 7.16
N GLU B 83 16.97 16.02 6.31
CA GLU B 83 15.83 15.33 5.64
C GLU B 83 16.37 14.21 4.74
N VAL B 84 17.38 14.50 3.97
CA VAL B 84 17.94 13.45 3.08
C VAL B 84 18.48 12.30 3.93
N HIS B 85 19.15 12.61 5.00
CA HIS B 85 19.70 11.53 5.88
C HIS B 85 18.56 10.85 6.63
N ALA B 86 17.44 11.49 6.75
CA ALA B 86 16.29 10.86 7.48
C ALA B 86 15.70 9.72 6.65
N PHE B 87 15.49 9.94 5.37
CA PHE B 87 14.91 8.86 4.52
C PHE B 87 16.01 7.87 4.12
N GLU B 88 17.20 8.35 3.89
CA GLU B 88 18.29 7.43 3.50
C GLU B 88 18.58 6.45 4.64
N GLN B 89 18.61 6.94 5.85
CA GLN B 89 18.88 6.03 7.01
C GLN B 89 17.69 5.08 7.19
N GLY B 90 16.52 5.60 7.45
CA GLY B 90 15.34 4.70 7.63
C GLY B 90 14.33 5.34 8.60
N ALA B 91 13.75 6.46 8.24
CA ALA B 91 12.76 7.14 9.13
C ALA B 91 11.42 7.23 8.39
N ASP B 92 10.34 6.90 9.05
CA ASP B 92 9.01 6.99 8.37
C ASP B 92 8.68 8.45 8.10
N ASP B 93 8.92 9.30 9.06
CA ASP B 93 8.63 10.75 8.88
C ASP B 93 9.53 11.56 9.79
N TYR B 94 9.62 12.84 9.54
CA TYR B 94 10.52 13.71 10.35
C TYR B 94 9.77 15.01 10.70
N ILE B 95 9.58 15.29 11.97
CA ILE B 95 8.87 16.54 12.38
C ILE B 95 9.82 17.48 13.11
N ALA B 96 9.58 18.76 13.01
CA ALA B 96 10.47 19.73 13.72
C ALA B 96 10.35 19.46 15.22
N LYS B 97 11.43 19.55 15.95
CA LYS B 97 11.37 19.27 17.41
C LYS B 97 10.58 20.35 18.14
N PRO B 98 10.75 21.58 17.78
CA PRO B 98 10.08 22.64 18.54
C PRO B 98 8.57 22.40 18.67
N TYR B 99 8.09 21.32 18.11
CA TYR B 99 6.65 20.99 18.20
C TYR B 99 5.81 22.18 17.76
N ARG B 100 5.28 22.15 16.57
CA ARG B 100 4.45 23.31 16.11
C ARG B 100 3.29 23.50 17.10
N SER B 101 2.76 22.42 17.63
CA SER B 101 1.64 22.55 18.60
C SER B 101 1.32 21.21 19.25
N ILE B 102 2.30 20.34 19.39
CA ILE B 102 2.03 19.00 20.02
C ILE B 102 0.80 18.34 19.41
N LYS B 103 -0.37 18.89 19.65
CA LYS B 103 -1.60 18.30 19.05
C LYS B 103 -1.36 18.15 17.56
N ALA B 104 -0.58 19.03 17.00
CA ALA B 104 -0.28 18.92 15.54
C ALA B 104 0.53 17.64 15.32
N LEU B 105 1.48 17.39 16.17
CA LEU B 105 2.30 16.15 16.04
C LEU B 105 1.38 14.94 16.14
N VAL B 106 0.46 14.97 17.07
CA VAL B 106 -0.49 13.82 17.23
C VAL B 106 -1.44 13.79 16.03
N ALA B 107 -1.80 14.93 15.50
CA ALA B 107 -2.72 14.95 14.33
C ALA B 107 -2.16 14.07 13.22
N ARG B 108 -0.90 14.22 12.90
CA ARG B 108 -0.29 13.40 11.83
C ARG B 108 -0.19 11.94 12.28
N ILE B 109 0.11 11.71 13.54
CA ILE B 109 0.22 10.31 14.02
C ILE B 109 -1.17 9.69 14.05
N GLU B 110 -2.18 10.49 14.20
CA GLU B 110 -3.56 9.96 14.25
C GLU B 110 -4.01 9.55 12.84
N ALA B 111 -3.98 10.46 11.91
CA ALA B 111 -4.42 10.13 10.53
C ALA B 111 -3.67 8.89 10.04
N ARG B 112 -2.43 8.74 10.42
CA ARG B 112 -1.65 7.54 9.96
C ARG B 112 -1.89 6.34 10.89
N LEU B 113 -1.62 6.51 12.16
CA LEU B 113 -1.81 5.37 13.12
C LEU B 113 -3.23 4.83 13.02
N ARG B 114 -4.20 5.68 12.82
CA ARG B 114 -5.62 5.20 12.73
C ARG B 114 -5.68 3.98 11.81
N PHE B 115 -4.85 3.94 10.80
CA PHE B 115 -4.86 2.77 9.87
C PHE B 115 -4.70 1.48 10.69
N TRP B 116 -4.02 1.56 11.79
CA TRP B 116 -3.81 0.35 12.64
C TRP B 116 -3.07 -0.72 11.84
N GLY B 117 -3.73 -1.39 10.95
CA GLY B 117 -3.05 -2.43 10.13
C GLY B 117 -3.92 -2.75 8.90
N SER B 118 -3.57 -3.77 8.16
CA SER B 118 -4.37 -4.12 6.95
C SER B 118 -4.20 -5.60 6.63
N ASN B 119 -4.94 -6.07 5.67
CA ASN B 119 -4.86 -7.51 5.31
C ASN B 119 -5.21 -7.67 3.82
N VAL B 120 -4.27 -8.09 3.02
CA VAL B 120 -4.55 -8.28 1.57
C VAL B 120 -5.30 -9.59 1.35
N ILE B 121 -4.94 -10.63 2.06
CA ILE B 121 -5.64 -11.94 1.90
C ILE B 121 -6.62 -12.15 3.05
N GLU B 122 -7.86 -12.44 2.74
CA GLU B 122 -8.88 -12.65 3.81
C GLU B 122 -9.72 -13.90 3.47
N ILE B 123 -9.62 -14.93 4.27
CA ILE B 123 -10.40 -16.19 4.01
C ILE B 123 -10.90 -16.75 5.34
N GLY B 124 -12.13 -17.19 5.38
CA GLY B 124 -12.68 -17.75 6.65
C GLY B 124 -12.37 -16.79 7.81
N ASP B 125 -12.21 -17.31 8.99
CA ASP B 125 -11.89 -16.43 10.15
C ASP B 125 -10.39 -16.15 10.19
N LEU B 126 -9.65 -16.69 9.26
CA LEU B 126 -8.18 -16.46 9.23
C LEU B 126 -7.87 -15.34 8.23
N THR B 127 -7.06 -14.40 8.62
CA THR B 127 -6.71 -13.27 7.69
C THR B 127 -5.19 -13.11 7.65
N ILE B 128 -4.61 -13.25 6.49
CA ILE B 128 -3.11 -13.12 6.36
C ILE B 128 -2.79 -11.79 5.66
N SER B 129 -1.71 -11.14 6.05
CA SER B 129 -1.33 -9.84 5.42
C SER B 129 0.11 -9.91 4.91
N PRO B 130 0.33 -10.52 3.78
CA PRO B 130 1.69 -10.65 3.19
C PRO B 130 2.42 -9.30 3.11
N ASP B 131 1.72 -8.26 2.75
CA ASP B 131 2.36 -6.92 2.66
C ASP B 131 2.77 -6.43 4.05
N GLU B 132 1.87 -6.47 4.99
CA GLU B 132 2.21 -6.00 6.36
C GLU B 132 2.93 -7.12 7.13
N GLU B 133 3.10 -8.25 6.52
CA GLU B 133 3.79 -9.38 7.22
C GLU B 133 3.14 -9.58 8.59
N LYS B 134 1.84 -9.72 8.63
CA LYS B 134 1.13 -9.93 9.93
C LYS B 134 0.05 -11.00 9.75
N ILE B 135 -0.06 -11.89 10.69
CA ILE B 135 -1.10 -12.99 10.60
C ILE B 135 -2.06 -12.88 11.78
N ILE B 136 -3.33 -13.08 11.54
CA ILE B 136 -4.35 -13.00 12.63
C ILE B 136 -5.17 -14.30 12.64
N TYR B 137 -5.24 -14.97 13.75
CA TYR B 137 -6.02 -16.24 13.82
C TYR B 137 -6.70 -16.30 15.18
N LYS B 138 -7.82 -16.95 15.28
CA LYS B 138 -8.52 -17.04 16.59
C LYS B 138 -8.86 -15.62 17.06
N GLY B 139 -8.67 -14.64 16.23
CA GLY B 139 -8.99 -13.24 16.62
C GLY B 139 -7.76 -12.58 17.25
N ARG B 140 -6.73 -13.34 17.51
CA ARG B 140 -5.51 -12.75 18.14
C ARG B 140 -4.55 -12.30 17.02
N GLU B 141 -3.90 -11.18 17.20
CA GLU B 141 -2.95 -10.67 16.16
C GLU B 141 -1.53 -11.06 16.54
N VAL B 142 -0.80 -11.65 15.62
CA VAL B 142 0.60 -12.05 15.89
C VAL B 142 1.48 -11.71 14.68
N GLU B 143 2.61 -11.09 14.91
CA GLU B 143 3.50 -10.73 13.77
C GLU B 143 4.43 -11.89 13.45
N VAL B 144 4.73 -12.10 12.19
CA VAL B 144 5.64 -13.23 11.79
C VAL B 144 6.54 -12.76 10.65
N LYS B 145 7.82 -13.02 10.76
CA LYS B 145 8.77 -12.61 9.68
C LYS B 145 9.93 -13.60 9.61
N GLY B 146 10.17 -14.18 8.48
CA GLY B 146 11.29 -15.16 8.35
C GLY B 146 11.01 -16.11 7.18
N LYS B 147 11.91 -17.02 6.92
CA LYS B 147 11.70 -17.97 5.79
C LYS B 147 10.59 -18.98 6.16
N PRO B 148 10.50 -19.39 7.41
CA PRO B 148 9.43 -20.36 7.84
C PRO B 148 8.03 -19.78 7.68
N PHE B 149 7.89 -18.48 7.79
CA PHE B 149 6.55 -17.84 7.66
C PHE B 149 6.34 -17.43 6.19
N GLU B 150 7.41 -17.14 5.50
CA GLU B 150 7.28 -16.72 4.07
C GLU B 150 6.42 -17.73 3.31
N VAL B 151 6.54 -18.99 3.63
CA VAL B 151 5.72 -20.02 2.90
C VAL B 151 4.23 -19.76 3.17
N LEU B 152 3.89 -19.42 4.38
CA LEU B 152 2.46 -19.16 4.71
C LEU B 152 1.94 -18.03 3.82
N THR B 153 2.73 -16.99 3.63
CA THR B 153 2.27 -15.87 2.78
C THR B 153 2.25 -16.28 1.30
N HIS B 154 3.16 -17.12 0.90
CA HIS B 154 3.19 -17.55 -0.53
C HIS B 154 1.87 -18.23 -0.89
N LEU B 155 1.45 -19.21 -0.14
CA LEU B 155 0.16 -19.89 -0.46
C LEU B 155 -1.00 -18.97 -0.11
N ALA B 156 -0.80 -18.04 0.77
CA ALA B 156 -1.89 -17.10 1.14
C ALA B 156 -2.40 -16.41 -0.12
N ARG B 157 -1.52 -15.84 -0.90
CA ARG B 157 -1.96 -15.16 -2.14
C ARG B 157 -2.43 -16.20 -3.14
N HIS B 158 -1.65 -17.23 -3.34
CA HIS B 158 -2.03 -18.29 -4.31
C HIS B 158 -3.12 -19.16 -3.67
N ARG B 159 -3.95 -18.58 -2.85
CA ARG B 159 -5.03 -19.37 -2.19
C ARG B 159 -5.81 -20.19 -3.22
N ASP B 160 -5.97 -19.67 -4.41
CA ASP B 160 -6.73 -20.42 -5.48
C ASP B 160 -5.84 -20.64 -6.69
N GLN B 161 -4.96 -21.62 -6.63
CA GLN B 161 -4.06 -21.89 -7.79
C GLN B 161 -3.29 -23.19 -7.55
N ILE B 162 -2.83 -23.83 -8.61
CA ILE B 162 -2.07 -25.10 -8.44
C ILE B 162 -0.57 -24.77 -8.41
N VAL B 163 0.17 -25.43 -7.54
CA VAL B 163 1.65 -25.17 -7.46
C VAL B 163 2.40 -26.51 -7.41
N SER B 164 3.54 -26.57 -8.04
CA SER B 164 4.32 -27.85 -8.05
C SER B 164 5.32 -27.87 -6.88
N LYS B 165 5.87 -29.02 -6.60
CA LYS B 165 6.85 -29.14 -5.48
C LYS B 165 8.10 -28.31 -5.79
N GLU B 166 8.62 -28.42 -6.98
CA GLU B 166 9.84 -27.66 -7.35
C GLU B 166 9.61 -26.16 -7.17
N GLN B 167 8.43 -25.69 -7.49
CA GLN B 167 8.14 -24.24 -7.35
C GLN B 167 8.34 -23.81 -5.89
N LEU B 168 7.78 -24.55 -4.97
CA LEU B 168 7.93 -24.17 -3.53
C LEU B 168 9.41 -24.18 -3.16
N LEU B 169 10.17 -25.09 -3.71
CA LEU B 169 11.62 -25.16 -3.39
C LEU B 169 12.28 -23.81 -3.67
N ASP B 170 12.38 -23.45 -4.94
CA ASP B 170 13.03 -22.16 -5.30
C ASP B 170 12.24 -20.97 -4.75
N ALA B 171 11.05 -21.19 -4.27
CA ALA B 171 10.24 -20.06 -3.74
C ALA B 171 10.83 -19.57 -2.41
N ILE B 172 10.93 -20.42 -1.43
CA ILE B 172 11.48 -19.99 -0.11
C ILE B 172 12.98 -20.30 -0.07
N TRP B 173 13.36 -21.50 -0.39
CA TRP B 173 14.81 -21.88 -0.35
C TRP B 173 15.40 -21.73 -1.75
N GLU B 174 16.45 -20.95 -1.88
CA GLU B 174 17.07 -20.75 -3.22
C GLU B 174 18.54 -20.40 -3.05
N GLU B 175 18.88 -19.67 -2.02
CA GLU B 175 20.30 -19.29 -1.80
C GLU B 175 21.09 -20.52 -1.32
N PRO B 176 20.53 -21.33 -0.47
CA PRO B 176 21.20 -22.55 0.06
C PRO B 176 20.88 -23.79 -0.77
N GLU B 177 21.36 -23.85 -1.99
CA GLU B 177 21.07 -25.04 -2.85
C GLU B 177 21.71 -26.29 -2.24
N MET B 178 22.55 -26.12 -1.26
CA MET B 178 23.21 -27.29 -0.62
C MET B 178 22.17 -28.24 -0.04
N VAL B 179 21.02 -27.73 0.34
CA VAL B 179 19.97 -28.62 0.92
C VAL B 179 19.53 -29.65 -0.12
N THR B 180 19.08 -30.80 0.32
CA THR B 180 18.65 -31.85 -0.64
C THR B 180 17.25 -31.51 -1.18
N PRO B 181 16.92 -31.99 -2.36
CA PRO B 181 15.58 -31.72 -2.98
C PRO B 181 14.47 -32.57 -2.34
N ASN B 182 14.83 -33.70 -1.79
CA ASN B 182 13.80 -34.58 -1.15
C ASN B 182 13.33 -33.95 0.16
N VAL B 183 13.87 -32.81 0.51
CA VAL B 183 13.44 -32.15 1.78
C VAL B 183 11.98 -31.73 1.69
N ILE B 184 11.52 -31.44 0.49
CA ILE B 184 10.10 -31.01 0.33
C ILE B 184 9.16 -32.03 0.97
N GLU B 185 9.43 -33.29 0.82
CA GLU B 185 8.53 -34.32 1.43
C GLU B 185 8.44 -34.06 2.93
N VAL B 186 9.51 -33.65 3.53
CA VAL B 186 9.51 -33.38 4.98
C VAL B 186 8.94 -31.99 5.26
N ALA B 187 9.51 -30.99 4.64
CA ALA B 187 9.01 -29.60 4.87
C ALA B 187 7.51 -29.52 4.59
N ILE B 188 7.01 -30.23 3.61
CA ILE B 188 5.55 -30.15 3.32
C ILE B 188 4.77 -30.94 4.38
N ASN B 189 5.24 -32.11 4.72
CA ASN B 189 4.52 -32.92 5.74
C ASN B 189 4.50 -32.15 7.06
N GLN B 190 5.57 -31.47 7.39
CA GLN B 190 5.60 -30.70 8.67
C GLN B 190 4.70 -29.47 8.55
N ILE B 191 4.83 -28.72 7.48
CA ILE B 191 3.97 -27.51 7.31
C ILE B 191 2.49 -27.92 7.43
N ARG B 192 2.14 -29.04 6.86
CA ARG B 192 0.72 -29.49 6.94
C ARG B 192 0.34 -29.76 8.39
N GLN B 193 1.20 -30.39 9.13
CA GLN B 193 0.89 -30.69 10.56
C GLN B 193 0.99 -29.40 11.38
N LYS B 194 1.84 -28.50 11.00
CA LYS B 194 2.00 -27.23 11.76
C LYS B 194 0.90 -26.23 11.37
N MET B 195 0.29 -26.41 10.23
CA MET B 195 -0.78 -25.46 9.79
C MET B 195 -2.17 -26.06 10.08
N ASP B 196 -2.31 -27.34 9.94
CA ASP B 196 -3.64 -27.98 10.20
C ASP B 196 -3.97 -27.90 11.69
N LYS B 197 -2.98 -27.70 12.53
CA LYS B 197 -3.26 -27.63 14.00
C LYS B 197 -3.78 -26.22 14.36
N PRO B 198 -2.98 -25.18 14.20
CA PRO B 198 -3.41 -23.79 14.53
C PRO B 198 -4.59 -23.32 13.69
N LEU B 199 -4.48 -23.38 12.38
CA LEU B 199 -5.60 -22.93 11.51
C LEU B 199 -6.81 -23.83 11.73
N GLY B 200 -6.59 -25.10 11.93
CA GLY B 200 -7.74 -26.03 12.14
C GLY B 200 -8.46 -26.27 10.81
N ILE B 201 -8.47 -25.29 9.95
CA ILE B 201 -9.15 -25.46 8.62
C ILE B 201 -8.12 -25.86 7.56
N SER B 202 -8.50 -26.72 6.65
CA SER B 202 -7.55 -27.16 5.59
C SER B 202 -7.74 -26.31 4.35
N THR B 203 -6.69 -26.05 3.61
CA THR B 203 -6.80 -25.23 2.38
C THR B 203 -5.84 -25.78 1.31
N VAL B 204 -5.31 -26.95 1.54
CA VAL B 204 -4.37 -27.57 0.55
C VAL B 204 -4.72 -29.04 0.37
N GLU B 205 -4.78 -29.50 -0.85
CA GLU B 205 -5.12 -30.93 -1.12
C GLU B 205 -3.92 -31.62 -1.78
N THR B 206 -3.57 -32.79 -1.30
CA THR B 206 -2.41 -33.53 -1.91
C THR B 206 -2.93 -34.50 -2.96
N VAL B 207 -2.26 -34.59 -4.09
CA VAL B 207 -2.71 -35.53 -5.17
C VAL B 207 -1.55 -36.47 -5.54
N ARG B 208 -1.86 -37.68 -5.89
CA ARG B 208 -0.79 -38.65 -6.27
C ARG B 208 -0.19 -38.26 -7.62
N ARG B 209 -0.81 -37.35 -8.32
CA ARG B 209 -0.26 -36.95 -9.65
C ARG B 209 1.04 -36.17 -9.45
N ARG B 210 1.05 -34.88 -9.67
CA ARG B 210 2.31 -34.10 -9.49
C ARG B 210 1.98 -32.69 -8.98
N GLY B 211 2.51 -32.33 -7.85
CA GLY B 211 2.25 -30.96 -7.30
C GLY B 211 1.08 -30.99 -6.31
N TYR B 212 0.86 -29.89 -5.63
CA TYR B 212 -0.27 -29.80 -4.66
C TYR B 212 -1.25 -28.75 -5.16
N ARG B 213 -2.40 -28.63 -4.54
CA ARG B 213 -3.41 -27.61 -4.99
C ARG B 213 -3.93 -26.83 -3.78
N PHE B 214 -3.97 -25.53 -3.90
CA PHE B 214 -4.48 -24.68 -2.77
C PHE B 214 -5.79 -24.01 -3.19
N CYS B 215 -6.84 -24.23 -2.45
CA CYS B 215 -8.16 -23.61 -2.79
C CYS B 215 -8.84 -23.14 -1.50
N TYR B 216 -9.84 -22.30 -1.61
CA TYR B 216 -10.54 -21.81 -0.40
C TYR B 216 -11.17 -23.00 0.35
N PRO B 217 -11.28 -22.94 1.66
CA PRO B 217 -11.88 -24.04 2.46
C PRO B 217 -13.08 -24.70 1.75
N LYS B 218 -13.12 -25.99 1.71
CA LYS B 218 -14.27 -26.68 1.04
C LYS B 218 -15.53 -26.64 1.92
N PRO B 219 -15.39 -26.71 3.23
CA PRO B 219 -16.57 -26.69 4.15
C PRO B 219 -17.44 -25.44 3.94
N ALA B 220 -16.94 -24.48 3.22
CA ALA B 220 -17.73 -23.24 2.96
C ALA B 220 -19.00 -23.60 2.19
N CYS B 221 -20.13 -23.13 2.63
CA CYS B 221 -21.40 -23.44 1.91
C CYS B 221 -22.44 -22.37 2.24
N GLU B 222 -22.02 -21.15 2.42
CA GLU B 222 -22.98 -20.06 2.74
C GLU B 222 -23.60 -19.52 1.44
N GLU B 223 -24.72 -18.85 1.54
CA GLU B 223 -25.36 -18.31 0.31
C GLU B 223 -24.52 -17.16 -0.25
N MET A 1 4.85 8.80 -15.73
CA MET A 1 4.84 9.59 -14.47
C MET A 1 4.81 11.09 -14.81
N ARG A 2 3.98 11.84 -14.13
CA ARG A 2 3.88 13.31 -14.41
C ARG A 2 3.67 14.05 -13.09
N VAL A 3 4.38 15.14 -12.90
CA VAL A 3 4.24 15.95 -11.64
C VAL A 3 3.57 17.28 -11.96
N LEU A 4 2.60 17.67 -11.16
CA LEU A 4 1.89 18.97 -11.39
C LEU A 4 2.19 19.90 -10.21
N LEU A 5 2.77 21.05 -10.50
CA LEU A 5 3.11 22.04 -9.42
C LEU A 5 2.40 23.36 -9.75
N ILE A 6 1.54 23.81 -8.87
CA ILE A 6 0.81 25.10 -9.14
C ILE A 6 1.53 26.24 -8.40
N GLU A 7 1.80 27.32 -9.08
CA GLU A 7 2.49 28.46 -8.42
C GLU A 7 2.53 29.68 -9.33
N LYS A 8 2.41 29.50 -10.62
CA LYS A 8 2.43 30.68 -11.55
C LYS A 8 3.84 31.28 -11.58
N ASN A 9 4.51 31.32 -10.47
CA ASN A 9 5.89 31.90 -10.45
C ASN A 9 6.81 31.02 -11.30
N SER A 10 7.13 31.46 -12.49
CA SER A 10 8.03 30.65 -13.35
C SER A 10 9.39 30.49 -12.68
N VAL A 11 9.75 31.39 -11.80
CA VAL A 11 11.06 31.28 -11.11
C VAL A 11 11.04 30.10 -10.13
N LEU A 12 10.08 30.06 -9.25
CA LEU A 12 9.99 28.94 -8.27
C LEU A 12 9.63 27.65 -9.01
N GLY A 13 8.80 27.73 -10.00
CA GLY A 13 8.42 26.51 -10.75
C GLY A 13 9.59 26.10 -11.64
N GLY A 14 10.39 27.06 -12.02
CA GLY A 14 11.57 26.73 -12.88
C GLY A 14 12.52 25.83 -12.11
N GLU A 15 12.88 26.21 -10.91
CA GLU A 15 13.82 25.38 -10.11
C GLU A 15 13.20 23.99 -9.87
N ILE A 16 11.95 23.93 -9.48
CA ILE A 16 11.32 22.60 -9.25
C ILE A 16 11.25 21.85 -10.59
N GLU A 17 10.98 22.57 -11.65
CA GLU A 17 10.89 21.90 -12.99
C GLU A 17 12.26 21.37 -13.39
N LYS A 18 13.29 22.15 -13.26
CA LYS A 18 14.66 21.67 -13.64
C LYS A 18 15.27 20.91 -12.47
N GLY A 19 14.53 20.75 -11.41
CA GLY A 19 15.05 20.02 -10.24
C GLY A 19 14.79 18.52 -10.40
N LEU A 20 13.55 18.15 -10.61
CA LEU A 20 13.23 16.70 -10.80
C LEU A 20 13.68 16.24 -12.18
N ASN A 21 13.84 17.14 -13.11
CA ASN A 21 14.28 16.74 -14.47
C ASN A 21 15.57 15.92 -14.37
N VAL A 22 16.40 16.23 -13.42
CA VAL A 22 17.67 15.47 -13.26
C VAL A 22 17.34 13.99 -13.07
N LYS A 23 16.42 13.70 -12.20
CA LYS A 23 16.03 12.29 -11.94
C LYS A 23 15.53 11.68 -13.25
N GLY A 24 14.57 12.32 -13.86
CA GLY A 24 14.00 11.81 -15.14
C GLY A 24 12.47 11.89 -15.10
N PHE A 25 11.92 12.72 -14.26
CA PHE A 25 10.43 12.84 -14.17
C PHE A 25 9.97 14.05 -14.98
N MET A 26 8.71 14.09 -15.35
CA MET A 26 8.18 15.24 -16.13
C MET A 26 7.43 16.17 -15.18
N ALA A 27 7.58 17.46 -15.35
CA ALA A 27 6.89 18.44 -14.46
C ALA A 27 6.12 19.46 -15.30
N ASP A 28 5.09 20.03 -14.74
CA ASP A 28 4.28 21.05 -15.49
C ASP A 28 3.84 22.14 -14.50
N VAL A 29 4.02 23.39 -14.87
CA VAL A 29 3.63 24.50 -13.97
C VAL A 29 2.28 25.06 -14.42
N THR A 30 1.35 25.21 -13.51
CA THR A 30 0.00 25.74 -13.87
C THR A 30 -0.27 27.02 -13.07
N GLU A 31 -1.16 27.85 -13.54
CA GLU A 31 -1.46 29.12 -12.82
C GLU A 31 -2.60 28.87 -11.81
N SER A 32 -3.82 29.13 -12.20
CA SER A 32 -4.96 28.93 -11.25
C SER A 32 -5.32 27.44 -11.19
N LEU A 33 -5.86 27.01 -10.09
CA LEU A 33 -6.25 25.58 -9.93
C LEU A 33 -7.20 25.18 -11.07
N GLU A 34 -8.08 26.05 -11.46
CA GLU A 34 -9.02 25.71 -12.55
C GLU A 34 -8.25 25.38 -13.82
N ASP A 35 -7.22 26.13 -14.12
CA ASP A 35 -6.42 25.86 -15.34
C ASP A 35 -5.72 24.50 -15.20
N GLY A 36 -5.20 24.21 -14.04
CA GLY A 36 -4.51 22.91 -13.84
C GLY A 36 -5.54 21.78 -13.88
N GLU A 37 -6.70 22.00 -13.32
CA GLU A 37 -7.74 20.93 -13.33
C GLU A 37 -8.19 20.67 -14.76
N TYR A 38 -8.32 21.69 -15.56
CA TYR A 38 -8.75 21.48 -16.97
C TYR A 38 -7.56 21.01 -17.81
N LEU A 39 -6.40 21.55 -17.57
CA LEU A 39 -5.21 21.14 -18.35
C LEU A 39 -4.83 19.69 -18.01
N MET A 40 -4.89 19.32 -16.77
CA MET A 40 -4.54 17.93 -16.40
C MET A 40 -5.66 16.97 -16.80
N ASP A 41 -6.86 17.47 -16.95
CA ASP A 41 -8.00 16.61 -17.35
C ASP A 41 -7.64 15.84 -18.63
N ILE A 42 -6.96 16.48 -19.55
CA ILE A 42 -6.60 15.79 -20.82
C ILE A 42 -5.31 14.98 -20.64
N ARG A 43 -4.40 15.45 -19.81
CA ARG A 43 -3.12 14.69 -19.60
C ARG A 43 -3.23 13.80 -18.36
N ASN A 44 -2.32 12.90 -18.18
CA ASN A 44 -2.36 12.01 -16.98
C ASN A 44 -1.81 12.76 -15.77
N TYR A 45 -1.69 12.11 -14.65
CA TYR A 45 -1.15 12.82 -13.45
C TYR A 45 -0.95 11.82 -12.30
N ASP A 46 0.18 11.89 -11.64
CA ASP A 46 0.46 10.96 -10.49
C ASP A 46 0.70 11.80 -9.24
N LEU A 47 1.59 12.76 -9.33
CA LEU A 47 1.88 13.66 -8.16
C LEU A 47 1.25 15.02 -8.44
N VAL A 48 0.23 15.38 -7.70
CA VAL A 48 -0.43 16.70 -7.90
C VAL A 48 -0.10 17.61 -6.72
N MET A 49 0.83 18.50 -6.89
CA MET A 49 1.24 19.42 -5.80
C MET A 49 0.67 20.81 -6.11
N VAL A 50 0.21 21.51 -5.10
CA VAL A 50 -0.39 22.86 -5.33
C VAL A 50 0.03 23.81 -4.19
N SER A 51 0.55 24.96 -4.55
CA SER A 51 0.97 25.95 -3.51
C SER A 51 0.01 27.14 -3.55
N ASP A 52 -1.07 27.02 -4.28
CA ASP A 52 -2.06 28.14 -4.36
C ASP A 52 -2.91 28.17 -3.09
N LYS A 53 -3.53 29.30 -2.83
CA LYS A 53 -4.39 29.40 -1.61
C LYS A 53 -5.76 28.81 -1.94
N ASN A 54 -6.62 28.69 -0.97
CA ASN A 54 -7.97 28.11 -1.24
C ASN A 54 -7.80 26.73 -1.87
N ALA A 55 -6.58 26.25 -1.94
CA ALA A 55 -6.34 24.91 -2.55
C ALA A 55 -6.92 23.82 -1.64
N LEU A 56 -7.00 24.10 -0.36
CA LEU A 56 -7.55 23.08 0.58
C LEU A 56 -8.82 22.44 0.02
N SER A 57 -9.68 23.23 -0.56
CA SER A 57 -10.94 22.66 -1.12
C SER A 57 -10.62 21.83 -2.38
N PHE A 58 -9.68 22.29 -3.17
CA PHE A 58 -9.34 21.54 -4.41
C PHE A 58 -8.74 20.16 -4.06
N VAL A 59 -7.83 20.11 -3.13
CA VAL A 59 -7.24 18.78 -2.79
C VAL A 59 -8.33 17.87 -2.22
N SER A 60 -9.25 18.42 -1.46
CA SER A 60 -10.33 17.58 -0.88
C SER A 60 -11.06 16.84 -2.00
N ARG A 61 -11.51 17.55 -3.00
CA ARG A 61 -12.25 16.88 -4.11
C ARG A 61 -11.29 15.95 -4.86
N ILE A 62 -10.03 16.30 -4.96
CA ILE A 62 -9.09 15.42 -5.70
C ILE A 62 -8.97 14.07 -4.98
N LYS A 63 -9.00 14.07 -3.67
CA LYS A 63 -8.88 12.80 -2.92
C LYS A 63 -10.12 11.93 -3.14
N GLU A 64 -11.30 12.47 -2.95
CA GLU A 64 -12.53 11.64 -3.14
C GLU A 64 -12.72 11.33 -4.62
N LYS A 65 -12.53 12.29 -5.48
CA LYS A 65 -12.71 12.05 -6.94
C LYS A 65 -11.59 11.15 -7.45
N HIS A 66 -10.46 11.14 -6.79
CA HIS A 66 -9.33 10.28 -7.23
C HIS A 66 -8.42 9.98 -6.04
N SER A 67 -8.93 9.28 -5.06
CA SER A 67 -8.09 8.95 -3.87
C SER A 67 -6.83 8.20 -4.31
N SER A 68 -6.89 7.52 -5.42
CA SER A 68 -5.69 6.77 -5.90
C SER A 68 -4.65 7.73 -6.48
N ILE A 69 -4.39 8.82 -5.79
CA ILE A 69 -3.38 9.80 -6.30
C ILE A 69 -2.63 10.43 -5.13
N VAL A 70 -1.45 10.96 -5.37
CA VAL A 70 -0.68 11.60 -4.27
C VAL A 70 -0.97 13.10 -4.26
N VAL A 71 -0.92 13.74 -3.12
CA VAL A 71 -1.21 15.20 -3.05
C VAL A 71 -0.20 15.86 -2.12
N LEU A 72 0.47 16.87 -2.61
CA LEU A 72 1.49 17.59 -1.80
C LEU A 72 1.15 19.09 -1.80
N VAL A 73 0.52 19.56 -0.75
CA VAL A 73 0.17 21.01 -0.68
C VAL A 73 1.36 21.78 -0.11
N SER A 74 1.41 23.08 -0.33
CA SER A 74 2.54 23.89 0.21
C SER A 74 2.00 25.18 0.82
N SER A 75 2.77 25.82 1.66
CA SER A 75 2.29 27.08 2.31
C SER A 75 3.45 27.78 3.02
N ASP A 76 3.36 29.08 3.19
CA ASP A 76 4.44 29.85 3.88
C ASP A 76 4.12 30.01 5.36
N ASN A 77 3.10 29.34 5.84
CA ASN A 77 2.70 29.46 7.28
C ASN A 77 2.56 28.07 7.91
N PRO A 78 3.58 27.27 7.85
CA PRO A 78 3.56 25.89 8.43
C PRO A 78 3.13 25.90 9.89
N THR A 79 1.85 25.89 10.14
CA THR A 79 1.32 25.89 11.53
C THR A 79 0.60 24.57 11.78
N SER A 80 0.60 24.10 13.00
CA SER A 80 -0.09 22.82 13.29
C SER A 80 -1.52 22.85 12.73
N GLU A 81 -2.14 24.01 12.72
CA GLU A 81 -3.52 24.10 12.18
C GLU A 81 -3.54 23.64 10.73
N GLU A 82 -2.52 23.95 9.97
CA GLU A 82 -2.49 23.53 8.55
C GLU A 82 -2.17 22.04 8.45
N GLU A 83 -1.38 21.52 9.35
CA GLU A 83 -1.04 20.07 9.29
C GLU A 83 -2.27 19.23 9.63
N VAL A 84 -2.95 19.53 10.70
CA VAL A 84 -4.15 18.73 11.07
C VAL A 84 -5.22 18.90 9.99
N HIS A 85 -5.42 20.09 9.51
CA HIS A 85 -6.46 20.30 8.45
C HIS A 85 -5.95 19.76 7.11
N ALA A 86 -4.65 19.69 6.93
CA ALA A 86 -4.11 19.18 5.65
C ALA A 86 -4.47 17.69 5.49
N PHE A 87 -4.33 16.91 6.53
CA PHE A 87 -4.68 15.47 6.42
C PHE A 87 -6.18 15.30 6.58
N GLU A 88 -6.79 16.12 7.39
CA GLU A 88 -8.26 16.01 7.59
C GLU A 88 -8.98 16.42 6.30
N GLN A 89 -8.64 17.56 5.77
CA GLN A 89 -9.30 18.02 4.52
C GLN A 89 -9.03 17.03 3.39
N GLY A 90 -7.78 16.66 3.18
CA GLY A 90 -7.48 15.68 2.09
C GLY A 90 -6.10 15.97 1.50
N ALA A 91 -5.04 15.70 2.23
CA ALA A 91 -3.67 15.95 1.70
C ALA A 91 -2.75 14.81 2.12
N ASP A 92 -1.88 14.36 1.24
CA ASP A 92 -0.96 13.24 1.62
C ASP A 92 0.25 13.80 2.37
N ASP A 93 0.76 14.92 1.94
CA ASP A 93 1.93 15.52 2.64
C ASP A 93 1.88 17.04 2.49
N TYR A 94 2.64 17.75 3.29
CA TYR A 94 2.64 19.25 3.23
C TYR A 94 4.09 19.76 3.28
N ILE A 95 4.45 20.67 2.39
CA ILE A 95 5.85 21.22 2.40
C ILE A 95 5.81 22.72 2.74
N ALA A 96 6.84 23.20 3.39
CA ALA A 96 6.88 24.66 3.70
C ALA A 96 7.08 25.40 2.38
N LYS A 97 6.18 26.27 2.02
CA LYS A 97 6.33 26.98 0.71
C LYS A 97 7.77 27.43 0.48
N PRO A 98 8.32 28.24 1.35
CA PRO A 98 9.66 28.80 1.13
C PRO A 98 10.69 27.77 0.62
N TYR A 99 10.27 26.55 0.42
CA TYR A 99 11.16 25.49 -0.09
C TYR A 99 12.36 25.33 0.84
N ARG A 100 12.49 24.18 1.47
CA ARG A 100 13.64 23.98 2.40
C ARG A 100 14.93 23.80 1.59
N SER A 101 14.87 23.19 0.43
CA SER A 101 16.11 23.01 -0.38
C SER A 101 15.79 22.45 -1.75
N ILE A 102 14.62 22.68 -2.27
CA ILE A 102 14.28 22.16 -3.63
C ILE A 102 14.58 20.65 -3.71
N LYS A 103 15.84 20.29 -3.71
CA LYS A 103 16.20 18.85 -3.77
C LYS A 103 15.52 18.13 -2.62
N ALA A 104 15.30 18.82 -1.53
CA ALA A 104 14.61 18.18 -0.38
C ALA A 104 13.24 17.71 -0.84
N LEU A 105 12.51 18.58 -1.51
CA LEU A 105 11.16 18.21 -2.01
C LEU A 105 11.30 17.09 -3.05
N VAL A 106 12.07 17.31 -4.08
CA VAL A 106 12.25 16.23 -5.11
C VAL A 106 12.64 14.92 -4.40
N ALA A 107 13.49 15.01 -3.41
CA ALA A 107 13.89 13.78 -2.68
C ALA A 107 12.64 13.11 -2.11
N ARG A 108 11.67 13.89 -1.74
CA ARG A 108 10.42 13.31 -1.16
C ARG A 108 9.53 12.75 -2.29
N ILE A 109 9.66 13.24 -3.49
CA ILE A 109 8.82 12.71 -4.60
C ILE A 109 9.34 11.35 -5.01
N GLU A 110 10.64 11.18 -5.04
CA GLU A 110 11.19 9.87 -5.45
C GLU A 110 11.06 8.87 -4.28
N ALA A 111 11.14 9.36 -3.08
CA ALA A 111 11.03 8.46 -1.90
C ALA A 111 9.65 7.79 -1.88
N ARG A 112 8.61 8.57 -2.00
CA ARG A 112 7.24 7.99 -1.99
C ARG A 112 7.06 7.09 -3.22
N LEU A 113 7.46 7.55 -4.38
CA LEU A 113 7.30 6.73 -5.61
C LEU A 113 8.63 6.03 -5.93
N ARG A 114 9.45 5.80 -4.94
CA ARG A 114 10.75 5.11 -5.20
C ARG A 114 10.49 3.72 -5.80
N PHE A 115 9.69 2.93 -5.15
CA PHE A 115 9.40 1.56 -5.68
C PHE A 115 8.23 1.63 -6.67
N TRP A 116 8.30 2.53 -7.62
CA TRP A 116 7.20 2.65 -8.61
C TRP A 116 7.43 1.71 -9.79
N GLY A 117 6.42 0.96 -10.18
CA GLY A 117 6.56 0.01 -11.32
C GLY A 117 6.30 -1.43 -10.84
N SER A 118 5.08 -1.88 -10.93
CA SER A 118 4.78 -3.27 -10.48
C SER A 118 3.40 -3.69 -10.98
N ASN A 119 3.14 -4.98 -11.01
CA ASN A 119 1.81 -5.48 -11.47
C ASN A 119 1.47 -6.74 -10.68
N VAL A 120 0.22 -6.92 -10.33
CA VAL A 120 -0.17 -8.14 -9.53
C VAL A 120 -0.61 -9.28 -10.45
N ILE A 121 -1.44 -9.00 -11.44
CA ILE A 121 -1.90 -10.09 -12.35
C ILE A 121 -0.99 -10.15 -13.58
N GLU A 122 -0.27 -11.24 -13.74
CA GLU A 122 0.64 -11.40 -14.92
C GLU A 122 0.19 -12.61 -15.73
N ILE A 123 -0.06 -12.43 -17.01
CA ILE A 123 -0.51 -13.58 -17.85
C ILE A 123 -0.04 -13.37 -19.30
N GLY A 124 1.00 -14.05 -19.69
CA GLY A 124 1.51 -13.90 -21.08
C GLY A 124 1.99 -12.47 -21.33
N ASP A 125 1.62 -11.90 -22.45
CA ASP A 125 2.06 -10.50 -22.77
C ASP A 125 1.04 -9.51 -22.20
N LEU A 126 -0.03 -9.99 -21.62
CA LEU A 126 -1.06 -9.07 -21.04
C LEU A 126 -0.79 -8.89 -19.55
N THR A 127 -0.77 -7.67 -19.08
CA THR A 127 -0.52 -7.40 -17.63
C THR A 127 -1.59 -6.45 -17.10
N ILE A 128 -2.12 -6.71 -15.93
CA ILE A 128 -3.17 -5.82 -15.34
C ILE A 128 -2.80 -5.47 -13.90
N SER A 129 -2.79 -4.21 -13.57
CA SER A 129 -2.44 -3.78 -12.18
C SER A 129 -3.71 -3.27 -11.48
N PRO A 130 -4.31 -4.05 -10.59
CA PRO A 130 -5.55 -3.61 -9.88
C PRO A 130 -5.23 -2.67 -8.72
N ASP A 131 -4.05 -2.76 -8.18
CA ASP A 131 -3.66 -1.88 -7.04
C ASP A 131 -3.70 -0.41 -7.49
N GLU A 132 -2.97 -0.07 -8.52
CA GLU A 132 -2.96 1.33 -9.01
C GLU A 132 -4.00 1.50 -10.13
N GLU A 133 -4.85 0.53 -10.30
CA GLU A 133 -5.88 0.62 -11.37
C GLU A 133 -5.19 1.01 -12.68
N LYS A 134 -4.25 0.21 -13.12
CA LYS A 134 -3.52 0.53 -14.40
C LYS A 134 -3.43 -0.72 -15.25
N ILE A 135 -3.74 -0.61 -16.51
CA ILE A 135 -3.68 -1.78 -17.44
C ILE A 135 -2.52 -1.59 -18.41
N ILE A 136 -1.76 -2.63 -18.67
CA ILE A 136 -0.60 -2.54 -19.62
C ILE A 136 -0.79 -3.54 -20.76
N TYR A 137 -0.88 -3.06 -21.97
CA TYR A 137 -1.08 -3.97 -23.14
C TYR A 137 -0.28 -3.44 -24.33
N LYS A 138 0.15 -4.29 -25.21
CA LYS A 138 0.96 -3.82 -26.38
C LYS A 138 2.23 -3.17 -25.84
N GLY A 139 2.45 -3.23 -24.57
CA GLY A 139 3.67 -2.60 -23.98
C GLY A 139 3.38 -1.14 -23.68
N ARG A 140 2.13 -0.76 -23.72
CA ARG A 140 1.74 0.66 -23.44
C ARG A 140 1.16 0.74 -22.02
N GLU A 141 1.43 1.80 -21.31
CA GLU A 141 0.88 1.93 -19.91
C GLU A 141 -0.21 2.99 -19.92
N VAL A 142 -1.43 2.60 -19.63
CA VAL A 142 -2.56 3.60 -19.61
C VAL A 142 -3.40 3.36 -18.35
N GLU A 143 -3.81 4.43 -17.71
CA GLU A 143 -4.61 4.29 -16.47
C GLU A 143 -6.09 4.06 -16.83
N VAL A 144 -6.78 3.31 -16.01
CA VAL A 144 -8.23 3.02 -16.28
C VAL A 144 -8.99 2.91 -14.97
N LYS A 145 -10.03 3.69 -14.81
CA LYS A 145 -10.82 3.64 -13.56
C LYS A 145 -12.22 4.20 -13.83
N GLY A 146 -13.24 3.52 -13.36
CA GLY A 146 -14.63 4.00 -13.59
C GLY A 146 -15.63 2.91 -13.24
N LYS A 147 -16.85 3.04 -13.70
CA LYS A 147 -17.90 2.02 -13.39
C LYS A 147 -17.80 0.81 -14.34
N PRO A 148 -17.36 0.99 -15.57
CA PRO A 148 -17.27 -0.15 -16.54
C PRO A 148 -15.94 -0.91 -16.44
N PHE A 149 -14.91 -0.26 -15.97
CA PHE A 149 -13.59 -0.95 -15.85
C PHE A 149 -13.49 -1.63 -14.48
N GLU A 150 -14.37 -1.33 -13.58
CA GLU A 150 -14.31 -1.96 -12.23
C GLU A 150 -14.46 -3.47 -12.37
N VAL A 151 -15.32 -3.91 -13.26
CA VAL A 151 -15.51 -5.37 -13.45
C VAL A 151 -14.26 -5.96 -14.13
N LEU A 152 -13.59 -5.16 -14.91
CA LEU A 152 -12.36 -5.64 -15.61
C LEU A 152 -11.33 -6.07 -14.55
N THR A 153 -11.14 -5.27 -13.53
CA THR A 153 -10.15 -5.61 -12.48
C THR A 153 -10.69 -6.75 -11.59
N HIS A 154 -11.97 -6.75 -11.30
CA HIS A 154 -12.52 -7.82 -10.44
C HIS A 154 -12.19 -9.19 -11.01
N LEU A 155 -12.55 -9.42 -12.25
CA LEU A 155 -12.24 -10.74 -12.87
C LEU A 155 -10.72 -10.89 -13.02
N ALA A 156 -10.04 -9.81 -13.27
CA ALA A 156 -8.56 -9.90 -13.42
C ALA A 156 -7.98 -10.64 -12.22
N ARG A 157 -8.47 -10.37 -11.04
CA ARG A 157 -7.97 -11.09 -9.83
C ARG A 157 -8.78 -12.36 -9.62
N HIS A 158 -10.07 -12.25 -9.66
CA HIS A 158 -10.93 -13.45 -9.45
C HIS A 158 -10.87 -14.35 -10.69
N ARG A 159 -9.73 -14.40 -11.33
CA ARG A 159 -9.59 -15.25 -12.55
C ARG A 159 -9.59 -16.73 -12.14
N ASP A 160 -9.64 -17.63 -13.09
CA ASP A 160 -9.64 -19.08 -12.75
C ASP A 160 -10.73 -19.37 -11.71
N GLN A 161 -11.91 -18.82 -11.90
CA GLN A 161 -13.01 -19.06 -10.92
C GLN A 161 -14.36 -19.03 -11.65
N ILE A 162 -15.40 -19.55 -11.04
CA ILE A 162 -16.73 -19.54 -11.70
C ILE A 162 -17.49 -18.30 -11.23
N VAL A 163 -17.86 -17.44 -12.15
CA VAL A 163 -18.60 -16.19 -11.76
C VAL A 163 -20.09 -16.38 -12.02
N SER A 164 -20.91 -16.23 -11.00
CA SER A 164 -22.37 -16.39 -11.19
C SER A 164 -22.95 -15.06 -11.69
N LYS A 165 -24.15 -15.09 -12.21
CA LYS A 165 -24.76 -13.83 -12.72
C LYS A 165 -24.93 -12.84 -11.55
N GLU A 166 -25.40 -13.31 -10.42
CA GLU A 166 -25.60 -12.42 -9.25
C GLU A 166 -24.25 -12.03 -8.65
N GLN A 167 -23.26 -12.88 -8.77
CA GLN A 167 -21.93 -12.55 -8.19
C GLN A 167 -21.41 -11.22 -8.76
N LEU A 168 -21.29 -11.12 -10.06
CA LEU A 168 -20.78 -9.86 -10.66
C LEU A 168 -21.81 -8.74 -10.46
N LEU A 169 -23.07 -9.04 -10.54
CA LEU A 169 -24.10 -7.97 -10.34
C LEU A 169 -23.85 -7.28 -9.01
N ASP A 170 -23.76 -8.03 -7.94
CA ASP A 170 -23.53 -7.42 -6.61
C ASP A 170 -22.08 -6.91 -6.50
N ALA A 171 -21.18 -7.53 -7.20
CA ALA A 171 -19.75 -7.10 -7.14
C ALA A 171 -19.64 -5.61 -7.43
N ILE A 172 -20.18 -5.16 -8.52
CA ILE A 172 -20.09 -3.70 -8.87
C ILE A 172 -21.29 -2.94 -8.31
N TRP A 173 -22.41 -3.61 -8.17
CA TRP A 173 -23.64 -2.94 -7.62
C TRP A 173 -24.15 -3.71 -6.41
N GLU A 174 -23.35 -3.79 -5.37
CA GLU A 174 -23.79 -4.53 -4.15
C GLU A 174 -24.95 -3.78 -3.51
N GLU A 175 -24.94 -2.49 -3.60
CA GLU A 175 -26.05 -1.69 -3.00
C GLU A 175 -27.22 -1.67 -3.99
N PRO A 176 -28.45 -1.57 -3.51
CA PRO A 176 -29.64 -1.54 -4.39
C PRO A 176 -29.42 -0.71 -5.66
N GLU A 177 -28.95 0.51 -5.50
CA GLU A 177 -28.70 1.38 -6.69
C GLU A 177 -29.90 1.30 -7.65
N MET A 178 -29.74 1.79 -8.86
CA MET A 178 -30.87 1.73 -9.84
C MET A 178 -30.71 0.50 -10.73
N VAL A 179 -30.64 -0.66 -10.15
CA VAL A 179 -30.49 -1.90 -10.98
C VAL A 179 -31.87 -2.34 -11.48
N THR A 180 -32.05 -2.43 -12.77
CA THR A 180 -33.37 -2.85 -13.31
C THR A 180 -33.46 -4.38 -13.24
N PRO A 181 -34.64 -4.95 -13.43
CA PRO A 181 -34.83 -6.43 -13.36
C PRO A 181 -33.79 -7.20 -14.19
N ASN A 182 -33.32 -6.64 -15.27
CA ASN A 182 -32.32 -7.35 -16.12
C ASN A 182 -31.30 -6.37 -16.69
N VAL A 183 -30.16 -6.24 -16.06
CA VAL A 183 -29.09 -5.31 -16.54
C VAL A 183 -27.80 -6.12 -16.74
N ILE A 184 -27.77 -7.32 -16.22
CA ILE A 184 -26.55 -8.16 -16.37
C ILE A 184 -26.30 -8.45 -17.85
N GLU A 185 -27.33 -8.76 -18.60
CA GLU A 185 -27.12 -9.06 -20.04
C GLU A 185 -26.31 -7.92 -20.67
N VAL A 186 -26.55 -6.71 -20.27
CA VAL A 186 -25.80 -5.56 -20.84
C VAL A 186 -24.38 -5.56 -20.27
N ALA A 187 -24.21 -6.01 -19.06
CA ALA A 187 -22.84 -6.03 -18.44
C ALA A 187 -22.04 -7.23 -18.95
N ILE A 188 -22.54 -8.42 -18.79
CA ILE A 188 -21.78 -9.61 -19.26
C ILE A 188 -21.46 -9.46 -20.75
N ASN A 189 -22.39 -8.94 -21.52
CA ASN A 189 -22.17 -8.79 -22.98
C ASN A 189 -21.08 -7.75 -23.29
N GLN A 190 -21.21 -6.55 -22.80
CA GLN A 190 -20.19 -5.51 -23.11
C GLN A 190 -18.80 -5.90 -22.60
N ILE A 191 -18.70 -6.62 -21.51
CA ILE A 191 -17.33 -6.98 -21.03
C ILE A 191 -16.68 -7.97 -22.00
N ARG A 192 -17.41 -8.91 -22.55
CA ARG A 192 -16.75 -9.86 -23.50
C ARG A 192 -16.24 -9.06 -24.70
N GLN A 193 -17.02 -8.13 -25.17
CA GLN A 193 -16.60 -7.31 -26.34
C GLN A 193 -15.37 -6.46 -25.97
N LYS A 194 -15.29 -6.01 -24.75
CA LYS A 194 -14.13 -5.16 -24.35
C LYS A 194 -12.87 -6.02 -24.17
N MET A 195 -13.03 -7.28 -23.86
CA MET A 195 -11.83 -8.16 -23.66
C MET A 195 -11.52 -8.90 -24.97
N ASP A 196 -12.25 -8.61 -26.02
CA ASP A 196 -12.03 -9.31 -27.33
C ASP A 196 -11.51 -8.32 -28.37
N LYS A 197 -11.57 -7.04 -28.11
CA LYS A 197 -11.09 -6.04 -29.13
C LYS A 197 -9.66 -5.58 -28.81
N PRO A 198 -9.35 -5.34 -27.56
CA PRO A 198 -8.01 -4.86 -27.13
C PRO A 198 -7.05 -6.01 -26.74
N LEU A 199 -7.36 -6.72 -25.70
CA LEU A 199 -6.47 -7.84 -25.28
C LEU A 199 -6.16 -8.73 -26.49
N GLY A 200 -7.11 -8.91 -27.36
CA GLY A 200 -6.88 -9.76 -28.56
C GLY A 200 -7.18 -11.22 -28.23
N ILE A 201 -7.39 -11.52 -26.97
CA ILE A 201 -7.69 -12.93 -26.56
C ILE A 201 -8.89 -12.94 -25.61
N SER A 202 -9.88 -13.73 -25.91
CA SER A 202 -11.09 -13.80 -25.02
C SER A 202 -10.76 -14.66 -23.79
N THR A 203 -11.10 -14.20 -22.62
CA THR A 203 -10.80 -14.98 -21.37
C THR A 203 -12.09 -15.33 -20.63
N VAL A 204 -13.17 -15.57 -21.35
CA VAL A 204 -14.45 -15.92 -20.67
C VAL A 204 -15.21 -16.97 -21.50
N GLU A 205 -15.80 -17.94 -20.84
CA GLU A 205 -16.56 -19.01 -21.54
C GLU A 205 -17.98 -19.09 -20.97
N THR A 206 -18.98 -19.14 -21.80
CA THR A 206 -20.38 -19.22 -21.30
C THR A 206 -20.76 -20.69 -21.09
N VAL A 207 -21.35 -21.02 -19.97
CA VAL A 207 -21.74 -22.44 -19.69
C VAL A 207 -23.20 -22.47 -19.27
N ARG A 208 -23.96 -23.42 -19.78
CA ARG A 208 -25.40 -23.52 -19.42
C ARG A 208 -25.56 -24.45 -18.22
N ARG A 209 -24.96 -24.12 -17.12
CA ARG A 209 -25.07 -24.97 -15.89
C ARG A 209 -25.06 -24.06 -14.67
N ARG A 210 -23.98 -23.34 -14.47
CA ARG A 210 -23.88 -22.41 -13.30
C ARG A 210 -24.08 -20.97 -13.77
N GLY A 211 -23.18 -20.47 -14.58
CA GLY A 211 -23.31 -19.06 -15.08
C GLY A 211 -22.25 -18.80 -16.15
N TYR A 212 -21.22 -18.05 -15.81
CA TYR A 212 -20.13 -17.75 -16.80
C TYR A 212 -18.79 -18.15 -16.17
N ARG A 213 -18.06 -19.01 -16.83
CA ARG A 213 -16.75 -19.48 -16.28
C ARG A 213 -15.61 -18.57 -16.73
N PHE A 214 -14.62 -18.40 -15.87
CA PHE A 214 -13.43 -17.56 -16.21
C PHE A 214 -12.16 -18.41 -16.06
N CYS A 215 -11.47 -18.66 -17.14
CA CYS A 215 -10.22 -19.49 -17.07
C CYS A 215 -9.18 -18.89 -18.01
N TYR A 216 -7.93 -19.20 -17.81
CA TYR A 216 -6.88 -18.62 -18.71
C TYR A 216 -7.18 -19.07 -20.15
N PRO A 217 -6.96 -18.22 -21.13
CA PRO A 217 -7.22 -18.57 -22.56
C PRO A 217 -6.06 -19.36 -23.17
N LYS A 218 -5.20 -19.91 -22.35
CA LYS A 218 -4.03 -20.68 -22.90
C LYS A 218 -4.50 -21.60 -24.04
N PRO A 219 -5.49 -22.46 -23.84
CA PRO A 219 -6.01 -23.35 -24.92
C PRO A 219 -6.84 -22.55 -25.93
N ALA A 220 -7.11 -21.29 -25.64
CA ALA A 220 -7.93 -20.47 -26.57
C ALA A 220 -7.32 -20.46 -27.96
N CYS A 221 -6.01 -20.40 -28.05
CA CYS A 221 -5.35 -20.36 -29.40
C CYS A 221 -4.14 -21.30 -29.39
N GLU A 222 -3.83 -21.87 -30.52
CA GLU A 222 -2.66 -22.81 -30.62
C GLU A 222 -1.55 -22.15 -31.44
N GLU A 223 -1.72 -20.90 -31.80
CA GLU A 223 -0.66 -20.22 -32.61
C GLU A 223 -0.40 -21.01 -33.88
N MET B 1 -0.54 -2.95 20.47
CA MET B 1 0.33 -1.92 19.83
C MET B 1 0.95 -1.03 20.92
N ARG B 2 2.16 -0.59 20.72
CA ARG B 2 2.82 0.29 21.74
C ARG B 2 3.61 1.39 21.02
N VAL B 3 3.83 2.49 21.69
CA VAL B 3 4.59 3.62 21.07
C VAL B 3 5.93 3.81 21.80
N LEU B 4 7.01 3.72 21.08
CA LEU B 4 8.36 3.90 21.72
C LEU B 4 8.73 5.39 21.61
N LEU B 5 8.90 6.03 22.73
CA LEU B 5 9.27 7.48 22.75
C LEU B 5 10.62 7.62 23.47
N ILE B 6 11.62 8.13 22.79
CA ILE B 6 12.96 8.30 23.43
C ILE B 6 13.30 9.78 23.52
N GLU B 7 13.11 10.39 24.67
CA GLU B 7 13.41 11.84 24.85
C GLU B 7 14.37 12.01 26.03
N LYS B 8 15.32 12.89 25.91
CA LYS B 8 16.28 13.11 27.03
C LYS B 8 15.57 13.81 28.18
N ASN B 9 14.64 14.67 27.88
CA ASN B 9 13.89 15.40 28.96
C ASN B 9 12.65 14.60 29.34
N SER B 10 12.57 14.18 30.58
CA SER B 10 11.37 13.39 31.02
C SER B 10 10.16 14.32 31.07
N VAL B 11 10.35 15.57 31.39
CA VAL B 11 9.20 16.51 31.46
C VAL B 11 8.56 16.67 30.08
N LEU B 12 9.35 16.99 29.08
CA LEU B 12 8.79 17.16 27.72
C LEU B 12 8.25 15.80 27.24
N GLY B 13 8.92 14.73 27.56
CA GLY B 13 8.42 13.40 27.12
C GLY B 13 7.15 13.08 27.90
N GLY B 14 7.02 13.63 29.07
CA GLY B 14 5.82 13.36 29.89
C GLY B 14 4.58 13.91 29.18
N GLU B 15 4.60 15.16 28.82
CA GLU B 15 3.42 15.75 28.13
C GLU B 15 3.13 14.98 26.84
N ILE B 16 4.14 14.66 26.07
CA ILE B 16 3.89 13.88 24.82
C ILE B 16 3.34 12.50 25.20
N GLU B 17 3.93 11.88 26.19
CA GLU B 17 3.45 10.53 26.61
C GLU B 17 2.00 10.62 27.07
N LYS B 18 1.67 11.62 27.84
CA LYS B 18 0.26 11.75 28.33
C LYS B 18 -0.57 12.50 27.30
N GLY B 19 0.04 12.86 26.21
CA GLY B 19 -0.71 13.61 25.15
C GLY B 19 -1.36 12.60 24.19
N LEU B 20 -0.60 11.69 23.66
CA LEU B 20 -1.18 10.69 22.72
C LEU B 20 -1.96 9.64 23.52
N ASN B 21 -1.69 9.50 24.79
CA ASN B 21 -2.43 8.49 25.60
C ASN B 21 -3.92 8.78 25.55
N VAL B 22 -4.28 10.03 25.39
CA VAL B 22 -5.72 10.39 25.34
C VAL B 22 -6.36 9.68 24.14
N LYS B 23 -5.63 9.52 23.07
CA LYS B 23 -6.18 8.85 21.87
C LYS B 23 -6.39 7.37 22.19
N GLY B 24 -5.99 6.93 23.36
CA GLY B 24 -6.18 5.50 23.74
C GLY B 24 -4.99 4.67 23.24
N PHE B 25 -3.80 5.19 23.34
CA PHE B 25 -2.59 4.44 22.88
C PHE B 25 -1.64 4.24 24.06
N MET B 26 -0.76 3.27 23.97
CA MET B 26 0.22 3.01 25.08
C MET B 26 1.58 3.53 24.63
N ALA B 27 2.27 4.25 25.49
CA ALA B 27 3.60 4.79 25.09
C ALA B 27 4.54 4.82 26.30
N ASP B 28 5.82 4.93 26.06
CA ASP B 28 6.81 4.96 27.18
C ASP B 28 7.91 5.97 26.84
N VAL B 29 8.44 6.65 27.82
CA VAL B 29 9.52 7.65 27.57
C VAL B 29 10.85 7.09 28.08
N THR B 30 11.90 7.25 27.32
CA THR B 30 13.23 6.72 27.75
C THR B 30 14.30 7.78 27.48
N GLU B 31 15.49 7.60 28.01
CA GLU B 31 16.58 8.58 27.80
C GLU B 31 17.39 8.22 26.54
N SER B 32 18.53 7.60 26.72
CA SER B 32 19.36 7.23 25.53
C SER B 32 18.81 5.97 24.87
N LEU B 33 19.26 5.68 23.68
CA LEU B 33 18.78 4.48 22.95
C LEU B 33 18.97 3.24 23.83
N GLU B 34 19.99 3.21 24.63
CA GLU B 34 20.22 2.03 25.50
C GLU B 34 18.93 1.67 26.25
N ASP B 35 18.29 2.63 26.85
CA ASP B 35 17.03 2.34 27.60
C ASP B 35 15.93 1.98 26.60
N GLY B 36 15.85 2.69 25.50
CA GLY B 36 14.80 2.39 24.49
C GLY B 36 15.09 1.02 23.85
N GLU B 37 16.33 0.75 23.56
CA GLU B 37 16.67 -0.56 22.94
C GLU B 37 16.45 -1.69 23.94
N TYR B 38 16.84 -1.50 25.17
CA TYR B 38 16.65 -2.55 26.20
C TYR B 38 15.18 -2.62 26.63
N LEU B 39 14.44 -1.55 26.43
CA LEU B 39 13.01 -1.56 26.84
C LEU B 39 12.13 -2.05 25.68
N MET B 40 12.45 -1.68 24.47
CA MET B 40 11.62 -2.11 23.30
C MET B 40 11.96 -3.56 22.93
N ASP B 41 13.15 -4.01 23.20
CA ASP B 41 13.53 -5.41 22.83
C ASP B 41 12.74 -6.41 23.69
N ILE B 42 12.35 -6.02 24.87
CA ILE B 42 11.59 -6.97 25.76
C ILE B 42 10.09 -6.85 25.50
N ARG B 43 9.65 -5.80 24.84
CA ARG B 43 8.19 -5.63 24.54
C ARG B 43 7.99 -5.34 23.06
N ASN B 44 6.87 -5.74 22.51
CA ASN B 44 6.61 -5.48 21.07
C ASN B 44 6.07 -4.06 20.89
N TYR B 45 6.10 -3.54 19.69
CA TYR B 45 5.59 -2.16 19.45
C TYR B 45 5.25 -1.99 17.97
N ASP B 46 4.80 -0.80 17.61
CA ASP B 46 4.44 -0.54 16.17
C ASP B 46 4.93 0.85 15.77
N LEU B 47 4.94 1.78 16.70
CA LEU B 47 5.41 3.17 16.37
C LEU B 47 6.79 3.40 17.02
N VAL B 48 7.80 3.57 16.22
CA VAL B 48 9.17 3.82 16.78
C VAL B 48 9.48 5.30 16.67
N MET B 49 9.30 6.05 17.73
CA MET B 49 9.57 7.51 17.69
C MET B 49 10.70 7.86 18.66
N VAL B 50 11.68 8.58 18.18
CA VAL B 50 12.83 8.97 19.06
C VAL B 50 13.26 10.40 18.72
N SER B 51 13.50 11.19 19.72
CA SER B 51 13.95 12.60 19.48
C SER B 51 15.47 12.71 19.63
N ASP B 52 16.16 11.60 19.56
CA ASP B 52 17.65 11.62 19.69
C ASP B 52 18.28 11.91 18.33
N LYS B 53 19.36 12.64 18.31
CA LYS B 53 20.02 12.96 17.00
C LYS B 53 20.81 11.74 16.50
N ASN B 54 21.51 11.07 17.37
CA ASN B 54 22.30 9.88 16.93
C ASN B 54 21.36 8.73 16.58
N ALA B 55 20.09 9.00 16.51
CA ALA B 55 19.10 7.93 16.18
C ALA B 55 19.31 7.45 14.74
N LEU B 56 19.91 8.26 13.91
CA LEU B 56 20.14 7.85 12.48
C LEU B 56 20.64 6.42 12.42
N SER B 57 21.59 6.06 13.25
CA SER B 57 22.12 4.67 13.22
C SER B 57 21.05 3.71 13.74
N PHE B 58 20.30 4.13 14.74
CA PHE B 58 19.24 3.25 15.29
C PHE B 58 18.16 3.02 14.23
N VAL B 59 17.49 4.04 13.79
CA VAL B 59 16.43 3.83 12.77
C VAL B 59 16.98 2.99 11.61
N SER B 60 18.25 3.15 11.32
CA SER B 60 18.83 2.35 10.20
C SER B 60 18.64 0.85 10.49
N ARG B 61 19.03 0.40 11.66
CA ARG B 61 18.88 -1.04 11.96
C ARG B 61 17.38 -1.39 12.12
N ILE B 62 16.58 -0.47 12.60
CA ILE B 62 15.13 -0.79 12.78
C ILE B 62 14.46 -1.01 11.42
N LYS B 63 14.73 -0.16 10.47
CA LYS B 63 14.09 -0.32 9.14
C LYS B 63 14.54 -1.61 8.45
N GLU B 64 15.82 -1.91 8.48
CA GLU B 64 16.28 -3.16 7.81
C GLU B 64 15.88 -4.38 8.64
N LYS B 65 15.95 -4.28 9.94
CA LYS B 65 15.58 -5.45 10.81
C LYS B 65 14.06 -5.45 11.02
N HIS B 66 13.41 -4.35 10.78
CA HIS B 66 11.93 -4.30 10.98
C HIS B 66 11.33 -3.21 10.09
N SER B 67 11.32 -3.42 8.80
CA SER B 67 10.75 -2.39 7.89
C SER B 67 9.23 -2.31 8.08
N SER B 68 8.62 -3.39 8.50
CA SER B 68 7.14 -3.38 8.70
C SER B 68 6.76 -2.37 9.79
N ILE B 69 7.71 -1.98 10.61
CA ILE B 69 7.39 -1.01 11.71
C ILE B 69 7.58 0.42 11.19
N VAL B 70 6.86 1.36 11.75
CA VAL B 70 6.98 2.77 11.31
C VAL B 70 8.05 3.48 12.16
N VAL B 71 8.61 4.56 11.66
CA VAL B 71 9.67 5.29 12.42
C VAL B 71 9.41 6.79 12.35
N LEU B 72 9.35 7.45 13.48
CA LEU B 72 9.11 8.92 13.53
C LEU B 72 10.34 9.61 14.14
N VAL B 73 11.14 10.25 13.34
CA VAL B 73 12.35 10.93 13.88
C VAL B 73 12.06 12.42 14.07
N SER B 74 12.39 12.96 15.22
CA SER B 74 12.12 14.42 15.46
C SER B 74 13.40 15.22 15.14
N SER B 75 13.32 16.52 15.09
CA SER B 75 14.53 17.33 14.77
C SER B 75 14.36 18.76 15.30
N ASP B 76 15.20 19.17 16.23
CA ASP B 76 15.10 20.55 16.79
C ASP B 76 15.56 21.55 15.73
N ASN B 77 16.15 21.07 14.67
CA ASN B 77 16.63 21.96 13.58
C ASN B 77 16.16 21.39 12.23
N PRO B 78 14.90 21.57 11.91
CA PRO B 78 14.33 21.05 10.65
C PRO B 78 15.10 21.53 9.41
N THR B 79 16.27 21.00 9.19
CA THR B 79 17.08 21.42 8.02
C THR B 79 16.88 20.42 6.88
N SER B 80 17.00 20.88 5.66
CA SER B 80 16.79 19.98 4.49
C SER B 80 17.86 18.87 4.48
N GLU B 81 19.00 19.11 5.07
CA GLU B 81 20.06 18.06 5.07
C GLU B 81 19.57 16.85 5.87
N GLU B 82 18.91 17.07 6.97
CA GLU B 82 18.41 15.91 7.79
C GLU B 82 17.15 15.32 7.15
N GLU B 83 16.39 16.13 6.46
CA GLU B 83 15.16 15.58 5.82
C GLU B 83 15.53 14.55 4.74
N VAL B 84 16.46 14.89 3.89
CA VAL B 84 16.86 13.93 2.82
C VAL B 84 17.58 12.73 3.46
N HIS B 85 18.44 12.98 4.41
CA HIS B 85 19.15 11.85 5.07
C HIS B 85 18.16 11.04 5.91
N ALA B 86 17.11 11.66 6.36
CA ALA B 86 16.11 10.92 7.19
C ALA B 86 15.39 9.88 6.33
N PHE B 87 14.96 10.25 5.16
CA PHE B 87 14.25 9.27 4.29
C PHE B 87 15.28 8.37 3.60
N GLU B 88 16.47 8.87 3.41
CA GLU B 88 17.51 8.04 2.74
C GLU B 88 18.06 7.03 3.74
N GLN B 89 18.46 7.47 4.89
CA GLN B 89 19.02 6.54 5.91
C GLN B 89 17.95 5.51 6.32
N GLY B 90 16.77 5.97 6.66
CA GLY B 90 15.69 5.02 7.06
C GLY B 90 14.73 5.68 8.04
N ALA B 91 13.90 6.58 7.57
CA ALA B 91 12.91 7.27 8.46
C ALA B 91 11.55 7.30 7.77
N ASP B 92 10.49 7.00 8.49
CA ASP B 92 9.14 7.01 7.86
C ASP B 92 8.53 8.40 7.97
N ASP B 93 8.99 9.19 8.90
CA ASP B 93 8.43 10.56 9.07
C ASP B 93 9.49 11.47 9.68
N TYR B 94 9.32 12.76 9.58
CA TYR B 94 10.31 13.72 10.13
C TYR B 94 9.59 14.97 10.66
N ILE B 95 9.36 15.06 11.95
CA ILE B 95 8.64 16.25 12.51
C ILE B 95 9.64 17.16 13.25
N ALA B 96 9.38 18.43 13.29
CA ALA B 96 10.31 19.35 14.02
C ALA B 96 10.22 19.02 15.51
N LYS B 97 11.31 19.00 16.22
CA LYS B 97 11.23 18.67 17.67
C LYS B 97 10.31 19.63 18.41
N PRO B 98 10.52 20.92 18.34
CA PRO B 98 9.68 21.86 19.10
C PRO B 98 8.20 21.48 19.06
N TYR B 99 7.84 20.58 18.19
CA TYR B 99 6.43 20.12 18.07
C TYR B 99 5.51 21.30 17.79
N ARG B 100 5.05 21.45 16.57
CA ARG B 100 4.12 22.58 16.27
C ARG B 100 2.94 22.48 17.23
N SER B 101 2.49 21.29 17.49
CA SER B 101 1.35 21.10 18.42
C SER B 101 1.19 19.60 18.72
N ILE B 102 1.06 19.24 19.96
CA ILE B 102 0.92 17.79 20.31
C ILE B 102 -0.21 17.19 19.46
N LYS B 103 -1.29 17.91 19.31
CA LYS B 103 -2.43 17.38 18.49
C LYS B 103 -1.94 17.12 17.06
N ALA B 104 -1.08 17.96 16.56
CA ALA B 104 -0.57 17.75 15.17
C ALA B 104 0.31 16.50 15.12
N LEU B 105 1.23 16.37 16.04
CA LEU B 105 2.11 15.18 16.05
C LEU B 105 1.26 13.92 16.22
N VAL B 106 0.38 13.90 17.18
CA VAL B 106 -0.47 12.69 17.41
C VAL B 106 -1.44 12.51 16.23
N ALA B 107 -2.05 13.57 15.78
CA ALA B 107 -3.00 13.44 14.64
C ALA B 107 -2.31 12.71 13.49
N ARG B 108 -1.09 13.04 13.21
CA ARG B 108 -0.35 12.37 12.10
C ARG B 108 -0.07 10.92 12.49
N ILE B 109 0.16 10.66 13.74
CA ILE B 109 0.43 9.25 14.17
C ILE B 109 -0.86 8.47 14.10
N GLU B 110 -1.96 9.10 14.40
CA GLU B 110 -3.26 8.39 14.34
C GLU B 110 -3.46 7.84 12.93
N ALA B 111 -3.43 8.70 11.95
CA ALA B 111 -3.63 8.25 10.55
C ALA B 111 -2.63 7.13 10.21
N ARG B 112 -1.41 7.25 10.64
CA ARG B 112 -0.42 6.20 10.32
C ARG B 112 -0.98 4.84 10.76
N LEU B 113 -1.66 4.78 11.87
CA LEU B 113 -2.24 3.48 12.33
C LEU B 113 -3.54 3.73 13.09
N ARG B 114 -4.48 4.41 12.48
CA ARG B 114 -5.77 4.67 13.17
C ARG B 114 -6.57 3.37 13.23
N PHE B 115 -6.61 2.64 12.15
CA PHE B 115 -7.38 1.36 12.13
C PHE B 115 -6.69 0.34 13.06
N TRP B 116 -5.60 0.73 13.67
CA TRP B 116 -4.88 -0.20 14.59
C TRP B 116 -4.30 -1.38 13.81
N GLY B 117 -5.13 -2.09 13.08
CA GLY B 117 -4.61 -3.26 12.31
C GLY B 117 -5.53 -3.53 11.10
N SER B 118 -5.12 -4.42 10.24
CA SER B 118 -5.96 -4.73 9.05
C SER B 118 -5.60 -6.12 8.53
N ASN B 119 -6.19 -6.50 7.44
CA ASN B 119 -5.93 -7.85 6.89
C ASN B 119 -6.19 -7.85 5.38
N VAL B 120 -5.22 -8.21 4.59
CA VAL B 120 -5.40 -8.23 3.11
C VAL B 120 -6.04 -9.55 2.66
N ILE B 121 -5.58 -10.65 3.20
CA ILE B 121 -6.16 -11.97 2.80
C ILE B 121 -7.22 -12.41 3.82
N GLU B 122 -8.37 -12.84 3.34
CA GLU B 122 -9.46 -13.29 4.25
C GLU B 122 -9.69 -14.79 4.06
N ILE B 123 -9.55 -15.57 5.11
CA ILE B 123 -9.74 -17.05 5.00
C ILE B 123 -10.66 -17.53 6.13
N GLY B 124 -11.77 -18.14 5.80
CA GLY B 124 -12.70 -18.65 6.85
C GLY B 124 -12.80 -17.64 8.01
N ASP B 125 -12.49 -18.08 9.21
CA ASP B 125 -12.57 -17.16 10.39
C ASP B 125 -11.18 -16.59 10.69
N LEU B 126 -10.15 -17.16 10.11
CA LEU B 126 -8.77 -16.65 10.36
C LEU B 126 -8.37 -15.67 9.25
N THR B 127 -7.64 -14.62 9.60
CA THR B 127 -7.21 -13.62 8.59
C THR B 127 -5.68 -13.54 8.59
N ILE B 128 -5.09 -13.30 7.44
CA ILE B 128 -3.60 -13.21 7.34
C ILE B 128 -3.19 -11.89 6.69
N SER B 129 -2.16 -11.27 7.21
CA SER B 129 -1.67 -9.97 6.66
C SER B 129 -0.24 -10.15 6.16
N PRO B 130 0.03 -10.03 4.88
CA PRO B 130 1.40 -10.20 4.33
C PRO B 130 2.25 -8.94 4.50
N ASP B 131 1.78 -7.81 4.03
CA ASP B 131 2.55 -6.56 4.17
C ASP B 131 2.77 -6.24 5.65
N GLU B 132 1.76 -6.46 6.47
CA GLU B 132 1.91 -6.17 7.92
C GLU B 132 2.47 -7.41 8.63
N GLU B 133 2.87 -8.40 7.87
CA GLU B 133 3.44 -9.66 8.46
C GLU B 133 2.75 -10.00 9.79
N LYS B 134 1.45 -10.09 9.79
CA LYS B 134 0.71 -10.44 11.05
C LYS B 134 -0.42 -11.41 10.72
N ILE B 135 -0.73 -12.31 11.62
CA ILE B 135 -1.83 -13.30 11.40
C ILE B 135 -2.81 -13.24 12.56
N ILE B 136 -4.09 -13.37 12.28
CA ILE B 136 -5.12 -13.31 13.36
C ILE B 136 -5.90 -14.63 13.39
N TYR B 137 -6.15 -15.15 14.57
CA TYR B 137 -6.91 -16.43 14.69
C TYR B 137 -7.89 -16.29 15.87
N LYS B 138 -9.11 -16.70 15.70
CA LYS B 138 -10.10 -16.58 16.82
C LYS B 138 -10.19 -15.12 17.27
N GLY B 139 -9.57 -14.22 16.54
CA GLY B 139 -9.62 -12.77 16.92
C GLY B 139 -8.37 -12.39 17.72
N ARG B 140 -7.45 -13.30 17.88
CA ARG B 140 -6.20 -12.98 18.63
C ARG B 140 -5.16 -12.44 17.66
N GLU B 141 -4.61 -11.30 17.93
CA GLU B 141 -3.58 -10.71 17.02
C GLU B 141 -2.19 -11.14 17.45
N VAL B 142 -1.46 -11.82 16.60
CA VAL B 142 -0.08 -12.27 16.94
C VAL B 142 0.85 -11.96 15.77
N GLU B 143 2.05 -11.54 16.04
CA GLU B 143 3.01 -11.20 14.93
C GLU B 143 3.89 -12.42 14.61
N VAL B 144 4.44 -12.45 13.44
CA VAL B 144 5.32 -13.59 13.04
C VAL B 144 6.36 -13.09 12.03
N LYS B 145 7.59 -13.53 12.16
CA LYS B 145 8.64 -13.07 11.20
C LYS B 145 9.87 -13.96 11.34
N GLY B 146 9.83 -15.15 10.77
CA GLY B 146 10.99 -16.06 10.85
C GLY B 146 10.94 -17.06 9.68
N LYS B 147 11.05 -18.32 9.96
CA LYS B 147 10.99 -19.33 8.86
C LYS B 147 9.53 -19.62 8.46
N PRO B 148 8.60 -19.56 9.39
CA PRO B 148 7.16 -19.84 9.09
C PRO B 148 6.39 -18.57 8.70
N PHE B 149 7.09 -17.51 8.38
CA PHE B 149 6.41 -16.24 7.99
C PHE B 149 6.38 -16.12 6.46
N GLU B 150 7.52 -16.12 5.84
CA GLU B 150 7.56 -15.99 4.35
C GLU B 150 6.82 -17.16 3.70
N VAL B 151 7.09 -18.36 4.09
CA VAL B 151 6.39 -19.52 3.45
C VAL B 151 4.89 -19.47 3.75
N LEU B 152 4.52 -19.19 4.97
CA LEU B 152 3.08 -19.14 5.33
C LEU B 152 2.37 -18.02 4.55
N THR B 153 2.85 -16.82 4.61
CA THR B 153 2.16 -15.71 3.89
C THR B 153 2.38 -15.84 2.38
N HIS B 154 3.55 -16.25 1.95
CA HIS B 154 3.78 -16.37 0.48
C HIS B 154 2.66 -17.21 -0.15
N LEU B 155 2.41 -18.39 0.36
CA LEU B 155 1.33 -19.21 -0.25
C LEU B 155 -0.04 -18.62 0.10
N ALA B 156 -0.13 -17.86 1.15
CA ALA B 156 -1.46 -17.27 1.52
C ALA B 156 -1.95 -16.31 0.43
N ARG B 157 -1.22 -15.27 0.14
CA ARG B 157 -1.70 -14.32 -0.91
C ARG B 157 -1.71 -15.04 -2.26
N HIS B 158 -0.65 -15.73 -2.59
CA HIS B 158 -0.63 -16.46 -3.88
C HIS B 158 -1.64 -17.60 -3.77
N ARG B 159 -2.00 -17.95 -2.56
CA ARG B 159 -2.95 -19.08 -2.38
C ARG B 159 -2.33 -20.30 -3.04
N ASP B 160 -1.12 -20.16 -3.53
CA ASP B 160 -0.36 -21.26 -4.18
C ASP B 160 -1.18 -21.98 -5.27
N GLN B 161 -2.45 -22.21 -5.07
CA GLN B 161 -3.25 -22.90 -6.12
C GLN B 161 -2.52 -24.17 -6.56
N ILE B 162 -2.56 -24.50 -7.82
CA ILE B 162 -1.85 -25.73 -8.29
C ILE B 162 -0.36 -25.42 -8.39
N VAL B 163 0.42 -25.94 -7.48
CA VAL B 163 1.91 -25.68 -7.50
C VAL B 163 2.64 -27.00 -7.25
N SER B 164 3.78 -27.18 -7.87
CA SER B 164 4.56 -28.44 -7.67
C SER B 164 5.64 -28.20 -6.62
N LYS B 165 6.30 -29.24 -6.17
CA LYS B 165 7.36 -29.07 -5.15
C LYS B 165 8.40 -28.08 -5.68
N GLU B 166 8.73 -28.16 -6.94
CA GLU B 166 9.72 -27.22 -7.51
C GLU B 166 9.20 -25.79 -7.41
N GLN B 167 7.93 -25.59 -7.63
CA GLN B 167 7.36 -24.21 -7.52
C GLN B 167 7.58 -23.69 -6.11
N LEU B 168 7.30 -24.48 -5.11
CA LEU B 168 7.51 -24.02 -3.71
C LEU B 168 9.00 -23.73 -3.51
N LEU B 169 9.84 -24.42 -4.23
CA LEU B 169 11.31 -24.20 -4.10
C LEU B 169 11.65 -22.80 -4.61
N ASP B 170 11.47 -22.57 -5.88
CA ASP B 170 11.79 -21.24 -6.45
C ASP B 170 10.93 -20.17 -5.78
N ALA B 171 9.87 -20.56 -5.13
CA ALA B 171 8.99 -19.57 -4.46
C ALA B 171 9.73 -18.93 -3.28
N ILE B 172 10.12 -19.71 -2.31
CA ILE B 172 10.83 -19.13 -1.12
C ILE B 172 12.34 -19.15 -1.38
N TRP B 173 12.87 -20.29 -1.70
CA TRP B 173 14.33 -20.39 -1.96
C TRP B 173 14.59 -20.15 -3.45
N GLU B 174 15.20 -19.04 -3.78
CA GLU B 174 15.49 -18.72 -5.22
C GLU B 174 16.88 -18.09 -5.33
N GLU B 175 17.30 -17.37 -4.32
CA GLU B 175 18.65 -16.74 -4.36
C GLU B 175 19.71 -17.85 -4.53
N PRO B 176 20.97 -17.50 -4.54
CA PRO B 176 22.07 -18.51 -4.69
C PRO B 176 22.05 -19.59 -3.61
N GLU B 177 21.00 -19.65 -2.83
CA GLU B 177 20.92 -20.69 -1.77
C GLU B 177 21.19 -22.07 -2.37
N MET B 178 20.65 -22.33 -3.53
CA MET B 178 20.88 -23.65 -4.18
C MET B 178 20.66 -24.77 -3.16
N VAL B 179 19.55 -24.77 -2.49
CA VAL B 179 19.30 -25.84 -1.48
C VAL B 179 19.03 -27.17 -2.19
N THR B 180 19.50 -28.26 -1.63
CA THR B 180 19.29 -29.60 -2.25
C THR B 180 17.83 -29.71 -2.75
N PRO B 181 17.59 -29.66 -4.05
CA PRO B 181 16.20 -29.78 -4.60
C PRO B 181 15.45 -31.03 -4.07
N ASN B 182 15.09 -31.01 -2.82
CA ASN B 182 14.36 -32.16 -2.22
C ASN B 182 13.95 -31.81 -0.79
N VAL B 183 14.64 -30.88 -0.18
CA VAL B 183 14.29 -30.48 1.20
C VAL B 183 12.81 -30.12 1.29
N ILE B 184 12.18 -29.92 0.15
CA ILE B 184 10.74 -29.57 0.15
C ILE B 184 9.95 -30.61 0.96
N GLU B 185 10.45 -31.81 1.05
CA GLU B 185 9.72 -32.87 1.81
C GLU B 185 9.46 -32.39 3.25
N VAL B 186 10.44 -31.81 3.89
CA VAL B 186 10.23 -31.34 5.29
C VAL B 186 9.53 -29.98 5.28
N ALA B 187 9.74 -29.18 4.27
CA ALA B 187 9.07 -27.85 4.24
C ALA B 187 7.57 -28.02 4.05
N ILE B 188 7.15 -28.87 3.17
CA ILE B 188 5.68 -29.06 2.97
C ILE B 188 5.09 -29.85 4.15
N ASN B 189 5.80 -30.84 4.61
CA ASN B 189 5.28 -31.67 5.74
C ASN B 189 5.26 -30.88 7.05
N GLN B 190 6.22 -30.02 7.28
CA GLN B 190 6.25 -29.27 8.56
C GLN B 190 5.23 -28.13 8.57
N ILE B 191 5.17 -27.34 7.53
CA ILE B 191 4.20 -26.21 7.53
C ILE B 191 2.75 -26.73 7.56
N ARG B 192 2.46 -27.76 6.83
CA ARG B 192 1.07 -28.29 6.81
C ARG B 192 0.70 -28.94 8.15
N GLN B 193 1.58 -29.71 8.72
CA GLN B 193 1.26 -30.39 10.01
C GLN B 193 1.28 -29.39 11.18
N LYS B 194 2.15 -28.43 11.16
CA LYS B 194 2.21 -27.47 12.31
C LYS B 194 1.11 -26.41 12.17
N MET B 195 0.63 -26.16 10.98
CA MET B 195 -0.44 -25.13 10.80
C MET B 195 -1.83 -25.77 10.85
N ASP B 196 -1.98 -26.95 10.30
CA ASP B 196 -3.32 -27.62 10.31
C ASP B 196 -3.81 -27.82 11.74
N LYS B 197 -2.93 -28.16 12.65
CA LYS B 197 -3.38 -28.39 14.05
C LYS B 197 -3.96 -27.09 14.66
N PRO B 198 -3.19 -26.02 14.75
CA PRO B 198 -3.70 -24.72 15.32
C PRO B 198 -4.86 -24.14 14.49
N LEU B 199 -4.63 -23.84 13.25
CA LEU B 199 -5.72 -23.27 12.41
C LEU B 199 -6.93 -24.20 12.44
N GLY B 200 -6.71 -25.49 12.34
CA GLY B 200 -7.85 -26.45 12.37
C GLY B 200 -8.50 -26.55 10.99
N ILE B 201 -8.44 -25.49 10.22
CA ILE B 201 -9.06 -25.54 8.85
C ILE B 201 -8.00 -25.98 7.83
N SER B 202 -8.31 -26.96 7.03
CA SER B 202 -7.34 -27.43 6.00
C SER B 202 -7.52 -26.61 4.73
N THR B 203 -6.44 -26.24 4.08
CA THR B 203 -6.56 -25.44 2.83
C THR B 203 -5.53 -25.93 1.81
N VAL B 204 -5.14 -27.18 1.92
CA VAL B 204 -4.13 -27.73 0.96
C VAL B 204 -4.46 -29.19 0.64
N GLU B 205 -4.20 -29.61 -0.57
CA GLU B 205 -4.49 -31.02 -0.98
C GLU B 205 -3.18 -31.75 -1.28
N THR B 206 -3.05 -32.97 -0.84
CA THR B 206 -1.81 -33.76 -1.10
C THR B 206 -2.04 -34.67 -2.31
N VAL B 207 -1.37 -34.41 -3.41
CA VAL B 207 -1.55 -35.25 -4.63
C VAL B 207 -0.19 -35.49 -5.29
N ARG B 208 0.03 -36.67 -5.81
CA ARG B 208 1.33 -36.97 -6.47
C ARG B 208 1.29 -36.50 -7.93
N ARG B 209 0.12 -36.42 -8.50
CA ARG B 209 0.00 -35.97 -9.92
C ARG B 209 0.64 -34.60 -10.10
N ARG B 210 -0.16 -33.58 -10.34
CA ARG B 210 0.42 -32.22 -10.52
C ARG B 210 1.35 -31.89 -9.35
N GLY B 211 0.93 -32.18 -8.15
CA GLY B 211 1.78 -31.88 -6.96
C GLY B 211 0.89 -31.53 -5.77
N TYR B 212 1.18 -30.44 -5.10
CA TYR B 212 0.35 -30.02 -3.93
C TYR B 212 -0.54 -28.85 -4.33
N ARG B 213 -1.81 -28.91 -4.05
CA ARG B 213 -2.74 -27.80 -4.43
C ARG B 213 -3.10 -26.97 -3.20
N PHE B 214 -3.29 -25.69 -3.39
CA PHE B 214 -3.63 -24.77 -2.27
C PHE B 214 -4.88 -23.97 -2.67
N CYS B 215 -6.03 -24.30 -2.13
CA CYS B 215 -7.29 -23.56 -2.51
C CYS B 215 -8.02 -23.08 -1.26
N TYR B 216 -9.00 -22.22 -1.43
CA TYR B 216 -9.77 -21.70 -0.27
C TYR B 216 -10.50 -22.87 0.42
N PRO B 217 -10.75 -22.77 1.70
CA PRO B 217 -11.47 -23.84 2.45
C PRO B 217 -12.95 -23.91 2.07
N LYS B 218 -13.77 -24.53 2.89
CA LYS B 218 -15.22 -24.62 2.57
C LYS B 218 -15.73 -23.23 2.17
N PRO B 219 -16.79 -23.17 1.40
CA PRO B 219 -17.37 -21.86 0.95
C PRO B 219 -17.31 -20.79 2.06
N ALA B 220 -16.71 -19.67 1.77
CA ALA B 220 -16.62 -18.59 2.79
C ALA B 220 -17.73 -17.56 2.58
N CYS B 221 -18.91 -18.02 2.24
CA CYS B 221 -20.04 -17.06 2.01
C CYS B 221 -20.58 -16.58 3.35
N GLU B 222 -19.74 -16.48 4.35
CA GLU B 222 -20.20 -16.00 5.69
C GLU B 222 -21.45 -16.79 6.09
N GLU B 223 -22.11 -16.38 7.15
CA GLU B 223 -23.33 -17.09 7.62
C GLU B 223 -24.37 -16.06 8.08
N MET A 1 2.43 8.49 -15.43
CA MET A 1 3.41 9.08 -14.48
C MET A 1 3.57 10.57 -14.76
N ARG A 2 2.85 11.40 -14.06
CA ARG A 2 2.95 12.88 -14.29
C ARG A 2 2.83 13.60 -12.94
N VAL A 3 3.45 14.76 -12.83
CA VAL A 3 3.42 15.54 -11.55
C VAL A 3 2.80 16.92 -11.80
N LEU A 4 1.90 17.33 -10.94
CA LEU A 4 1.25 18.67 -11.10
C LEU A 4 1.94 19.66 -10.15
N LEU A 5 2.57 20.67 -10.69
CA LEU A 5 3.29 21.68 -9.84
C LEU A 5 2.66 23.05 -10.04
N ILE A 6 1.80 23.48 -9.15
CA ILE A 6 1.19 24.84 -9.31
C ILE A 6 2.01 25.86 -8.52
N GLU A 7 2.55 26.84 -9.17
CA GLU A 7 3.37 27.86 -8.45
C GLU A 7 3.26 29.21 -9.16
N LYS A 8 2.81 30.22 -8.47
CA LYS A 8 2.69 31.56 -9.11
C LYS A 8 4.08 32.07 -9.45
N ASN A 9 5.06 31.73 -8.65
CA ASN A 9 6.45 32.19 -8.92
C ASN A 9 7.14 31.20 -9.86
N SER A 10 7.33 31.57 -11.09
CA SER A 10 8.00 30.66 -12.06
C SER A 10 9.45 30.41 -11.63
N VAL A 11 9.99 31.27 -10.81
CA VAL A 11 11.39 31.10 -10.36
C VAL A 11 11.50 29.91 -9.39
N LEU A 12 10.74 29.93 -8.33
CA LEU A 12 10.80 28.81 -7.34
C LEU A 12 10.19 27.55 -7.97
N GLY A 13 9.14 27.70 -8.73
CA GLY A 13 8.51 26.51 -9.36
C GLY A 13 9.40 26.05 -10.52
N GLY A 14 10.11 26.96 -11.11
CA GLY A 14 11.00 26.60 -12.24
C GLY A 14 12.08 25.64 -11.75
N GLU A 15 12.69 25.93 -10.63
CA GLU A 15 13.76 25.04 -10.10
C GLU A 15 13.16 23.69 -9.68
N ILE A 16 12.06 23.70 -8.96
CA ILE A 16 11.45 22.40 -8.56
C ILE A 16 11.01 21.65 -9.83
N GLU A 17 10.41 22.35 -10.76
CA GLU A 17 9.96 21.70 -12.01
C GLU A 17 11.12 20.94 -12.65
N LYS A 18 12.24 21.59 -12.83
CA LYS A 18 13.42 20.90 -13.44
C LYS A 18 14.19 20.16 -12.35
N GLY A 19 13.70 20.20 -11.15
CA GLY A 19 14.39 19.50 -10.04
C GLY A 19 13.99 18.03 -10.03
N LEU A 20 12.72 17.74 -9.86
CA LEU A 20 12.26 16.33 -9.84
C LEU A 20 12.40 15.73 -11.24
N ASN A 21 12.40 16.53 -12.26
CA ASN A 21 12.53 15.99 -13.64
C ASN A 21 13.85 15.21 -13.75
N VAL A 22 14.86 15.63 -13.04
CA VAL A 22 16.16 14.92 -13.12
C VAL A 22 15.97 13.46 -12.70
N LYS A 23 15.06 13.22 -11.78
CA LYS A 23 14.83 11.82 -11.32
C LYS A 23 14.18 11.02 -12.45
N GLY A 24 13.93 11.66 -13.57
CA GLY A 24 13.31 10.93 -14.72
C GLY A 24 11.78 10.96 -14.58
N PHE A 25 11.24 12.03 -14.06
CA PHE A 25 9.75 12.14 -13.89
C PHE A 25 9.23 13.28 -14.77
N MET A 26 7.95 13.27 -15.07
CA MET A 26 7.37 14.35 -15.92
C MET A 26 6.57 15.30 -15.02
N ALA A 27 6.68 16.58 -15.25
CA ALA A 27 5.94 17.54 -14.39
C ALA A 27 5.47 18.72 -15.24
N ASP A 28 4.54 19.50 -14.73
CA ASP A 28 4.03 20.67 -15.49
C ASP A 28 3.85 21.85 -14.53
N VAL A 29 4.00 23.06 -15.02
CA VAL A 29 3.85 24.27 -14.15
C VAL A 29 2.56 24.98 -14.54
N THR A 30 1.73 25.29 -13.56
CA THR A 30 0.43 25.99 -13.86
C THR A 30 0.23 27.15 -12.88
N GLU A 31 -0.71 28.02 -13.15
CA GLU A 31 -0.97 29.18 -12.24
C GLU A 31 -2.14 28.86 -11.31
N SER A 32 -3.33 29.29 -11.65
CA SER A 32 -4.50 29.02 -10.77
C SER A 32 -5.00 27.59 -10.98
N LEU A 33 -5.81 27.10 -10.09
CA LEU A 33 -6.34 25.70 -10.21
C LEU A 33 -7.02 25.54 -11.57
N GLU A 34 -7.73 26.54 -12.01
CA GLU A 34 -8.43 26.43 -13.32
C GLU A 34 -7.45 26.00 -14.40
N ASP A 35 -6.29 26.58 -14.44
CA ASP A 35 -5.30 26.19 -15.48
C ASP A 35 -4.86 24.74 -15.27
N GLY A 36 -4.63 24.35 -14.05
CA GLY A 36 -4.21 22.94 -13.79
C GLY A 36 -5.42 22.01 -13.85
N GLU A 37 -6.58 22.49 -13.51
CA GLU A 37 -7.79 21.61 -13.55
C GLU A 37 -8.11 21.23 -14.99
N TYR A 38 -8.11 22.18 -15.89
CA TYR A 38 -8.43 21.86 -17.31
C TYR A 38 -7.21 21.24 -18.00
N LEU A 39 -6.04 21.50 -17.50
CA LEU A 39 -4.81 20.92 -18.14
C LEU A 39 -4.55 19.52 -17.58
N MET A 40 -4.95 19.26 -16.35
CA MET A 40 -4.71 17.92 -15.76
C MET A 40 -5.85 16.96 -16.11
N ASP A 41 -7.06 17.44 -16.16
CA ASP A 41 -8.20 16.52 -16.48
C ASP A 41 -7.98 15.87 -17.85
N ILE A 42 -7.32 16.54 -18.75
CA ILE A 42 -7.09 15.95 -20.10
C ILE A 42 -5.96 14.92 -20.05
N ARG A 43 -5.00 15.13 -19.17
CA ARG A 43 -3.84 14.17 -19.07
C ARG A 43 -3.95 13.39 -17.75
N ASN A 44 -3.12 12.39 -17.57
CA ASN A 44 -3.17 11.59 -16.32
C ASN A 44 -2.31 12.26 -15.25
N TYR A 45 -2.68 12.14 -14.00
CA TYR A 45 -1.88 12.77 -12.90
C TYR A 45 -1.77 11.81 -11.71
N ASP A 46 -0.58 11.58 -11.23
CA ASP A 46 -0.38 10.65 -10.07
C ASP A 46 0.00 11.48 -8.84
N LEU A 47 0.84 12.46 -9.02
CA LEU A 47 1.25 13.33 -7.87
C LEU A 47 0.52 14.67 -8.01
N VAL A 48 -0.38 14.97 -7.11
CA VAL A 48 -1.13 16.25 -7.18
C VAL A 48 -0.49 17.24 -6.20
N MET A 49 0.38 18.09 -6.68
CA MET A 49 1.05 19.08 -5.78
C MET A 49 0.67 20.50 -6.19
N VAL A 50 0.13 21.25 -5.25
CA VAL A 50 -0.29 22.64 -5.54
C VAL A 50 0.26 23.57 -4.46
N SER A 51 0.85 24.66 -4.87
CA SER A 51 1.41 25.63 -3.87
C SER A 51 0.34 26.68 -3.55
N ASP A 52 -0.83 26.53 -4.09
CA ASP A 52 -1.92 27.52 -3.81
C ASP A 52 -2.54 27.24 -2.45
N LYS A 53 -2.81 28.27 -1.68
CA LYS A 53 -3.41 28.06 -0.33
C LYS A 53 -4.90 27.74 -0.46
N ASN A 54 -5.58 28.33 -1.40
CA ASN A 54 -7.03 28.06 -1.57
C ASN A 54 -7.23 26.65 -2.11
N ALA A 55 -6.19 25.86 -2.10
CA ALA A 55 -6.31 24.47 -2.62
C ALA A 55 -7.18 23.62 -1.70
N LEU A 56 -7.34 24.02 -0.46
CA LEU A 56 -8.18 23.23 0.51
C LEU A 56 -9.42 22.69 -0.19
N SER A 57 -10.15 23.52 -0.87
CA SER A 57 -11.37 23.02 -1.57
C SER A 57 -10.94 22.13 -2.74
N PHE A 58 -9.83 22.44 -3.35
CA PHE A 58 -9.35 21.62 -4.49
C PHE A 58 -8.96 20.22 -4.00
N VAL A 59 -8.03 20.13 -3.10
CA VAL A 59 -7.62 18.77 -2.62
C VAL A 59 -8.86 18.00 -2.17
N SER A 60 -9.83 18.67 -1.63
CA SER A 60 -11.06 17.97 -1.17
C SER A 60 -11.70 17.23 -2.35
N ARG A 61 -11.97 17.92 -3.43
CA ARG A 61 -12.61 17.24 -4.60
C ARG A 61 -11.62 16.23 -5.21
N ILE A 62 -10.34 16.46 -5.07
CA ILE A 62 -9.36 15.50 -5.67
C ILE A 62 -9.43 14.16 -4.94
N LYS A 63 -9.45 14.17 -3.64
CA LYS A 63 -9.50 12.89 -2.88
C LYS A 63 -10.81 12.15 -3.15
N GLU A 64 -11.94 12.82 -3.11
CA GLU A 64 -13.23 12.10 -3.35
C GLU A 64 -13.32 11.72 -4.84
N LYS A 65 -12.94 12.59 -5.73
CA LYS A 65 -13.01 12.26 -7.18
C LYS A 65 -11.86 11.32 -7.54
N HIS A 66 -10.85 11.27 -6.73
CA HIS A 66 -9.70 10.37 -7.03
C HIS A 66 -8.97 10.04 -5.72
N SER A 67 -9.58 9.30 -4.86
CA SER A 67 -8.93 8.95 -3.56
C SER A 67 -7.71 8.06 -3.83
N SER A 68 -7.60 7.49 -5.00
CA SER A 68 -6.45 6.61 -5.31
C SER A 68 -5.28 7.45 -5.87
N ILE A 69 -4.99 8.57 -5.28
CA ILE A 69 -3.86 9.42 -5.78
C ILE A 69 -3.16 10.10 -4.59
N VAL A 70 -2.02 10.71 -4.82
CA VAL A 70 -1.29 11.39 -3.71
C VAL A 70 -1.51 12.91 -3.82
N VAL A 71 -1.53 13.60 -2.71
CA VAL A 71 -1.74 15.09 -2.72
C VAL A 71 -0.68 15.77 -1.87
N LEU A 72 0.02 16.73 -2.43
CA LEU A 72 1.08 17.47 -1.67
C LEU A 72 0.72 18.95 -1.63
N VAL A 73 0.20 19.42 -0.52
CA VAL A 73 -0.16 20.86 -0.42
C VAL A 73 0.96 21.62 0.30
N SER A 74 1.41 22.72 -0.26
CA SER A 74 2.51 23.49 0.39
C SER A 74 1.91 24.56 1.31
N SER A 75 2.73 25.27 2.04
CA SER A 75 2.18 26.34 2.93
C SER A 75 3.30 27.27 3.39
N ASP A 76 3.22 28.52 3.01
CA ASP A 76 4.27 29.50 3.41
C ASP A 76 4.21 29.71 4.93
N ASN A 77 3.06 29.55 5.50
CA ASN A 77 2.90 29.74 6.98
C ASN A 77 2.66 28.38 7.65
N PRO A 78 3.66 27.52 7.72
CA PRO A 78 3.49 26.18 8.34
C PRO A 78 3.07 26.27 9.80
N THR A 79 1.81 26.50 10.04
CA THR A 79 1.29 26.60 11.44
C THR A 79 0.54 25.31 11.78
N SER A 80 0.32 25.05 13.04
CA SER A 80 -0.40 23.81 13.42
C SER A 80 -1.87 23.91 13.04
N GLU A 81 -2.42 25.10 13.02
CA GLU A 81 -3.85 25.27 12.65
C GLU A 81 -4.06 24.80 11.21
N GLU A 82 -3.20 25.20 10.31
CA GLU A 82 -3.36 24.78 8.89
C GLU A 82 -2.90 23.33 8.73
N GLU A 83 -1.96 22.90 9.54
CA GLU A 83 -1.47 21.49 9.43
C GLU A 83 -2.62 20.52 9.75
N VAL A 84 -3.21 20.64 10.90
CA VAL A 84 -4.32 19.72 11.26
C VAL A 84 -5.45 19.90 10.24
N HIS A 85 -5.74 21.12 9.89
CA HIS A 85 -6.83 21.35 8.89
C HIS A 85 -6.45 20.72 7.56
N ALA A 86 -5.19 20.73 7.23
CA ALA A 86 -4.73 20.14 5.94
C ALA A 86 -5.06 18.63 5.93
N PHE A 87 -4.91 17.97 7.05
CA PHE A 87 -5.22 16.52 7.09
C PHE A 87 -6.72 16.33 7.12
N GLU A 88 -7.43 17.26 7.70
CA GLU A 88 -8.91 17.14 7.76
C GLU A 88 -9.49 17.38 6.36
N GLN A 89 -8.91 18.28 5.61
CA GLN A 89 -9.42 18.54 4.24
C GLN A 89 -9.20 17.32 3.36
N GLY A 90 -8.00 16.80 3.33
CA GLY A 90 -7.72 15.59 2.48
C GLY A 90 -6.35 15.72 1.83
N ALA A 91 -5.35 16.15 2.58
CA ALA A 91 -3.99 16.30 2.01
C ALA A 91 -3.13 15.09 2.39
N ASP A 92 -2.39 14.56 1.47
CA ASP A 92 -1.53 13.37 1.78
C ASP A 92 -0.24 13.85 2.43
N ASP A 93 0.16 15.07 2.15
CA ASP A 93 1.42 15.60 2.75
C ASP A 93 1.30 17.11 2.93
N TYR A 94 2.05 17.67 3.84
CA TYR A 94 1.98 19.15 4.08
C TYR A 94 3.39 19.69 4.25
N ILE A 95 3.90 20.33 3.23
CA ILE A 95 5.30 20.85 3.26
C ILE A 95 5.28 22.38 3.40
N ALA A 96 6.32 22.93 3.98
CA ALA A 96 6.39 24.41 4.11
C ALA A 96 6.74 24.97 2.73
N LYS A 97 6.01 25.96 2.27
CA LYS A 97 6.29 26.50 0.92
C LYS A 97 7.78 26.85 0.74
N PRO A 98 8.36 27.66 1.60
CA PRO A 98 9.76 28.06 1.40
C PRO A 98 10.67 26.92 0.92
N TYR A 99 10.17 25.71 0.95
CA TYR A 99 10.95 24.54 0.48
C TYR A 99 12.25 24.41 1.29
N ARG A 100 12.45 23.30 1.95
CA ARG A 100 13.70 23.12 2.73
C ARG A 100 14.89 23.30 1.78
N SER A 101 14.85 22.68 0.63
CA SER A 101 15.96 22.83 -0.36
C SER A 101 15.63 22.12 -1.67
N ILE A 102 14.51 22.40 -2.27
CA ILE A 102 14.15 21.75 -3.56
C ILE A 102 14.34 20.22 -3.47
N LYS A 103 15.56 19.76 -3.38
CA LYS A 103 15.79 18.30 -3.28
C LYS A 103 15.01 17.78 -2.08
N ALA A 104 14.63 18.67 -1.21
CA ALA A 104 13.85 18.24 0.00
C ALA A 104 12.59 17.47 -0.41
N LEU A 105 11.47 18.14 -0.46
CA LEU A 105 10.20 17.43 -0.83
C LEU A 105 10.40 16.63 -2.11
N VAL A 106 11.18 17.13 -3.05
CA VAL A 106 11.40 16.37 -4.30
C VAL A 106 12.03 15.02 -3.95
N ALA A 107 12.93 14.99 -3.01
CA ALA A 107 13.56 13.69 -2.63
C ALA A 107 12.48 12.79 -2.04
N ARG A 108 11.50 13.37 -1.40
CA ARG A 108 10.40 12.56 -0.80
C ARG A 108 9.37 12.21 -1.86
N ILE A 109 9.28 13.00 -2.91
CA ILE A 109 8.29 12.70 -3.97
C ILE A 109 8.81 11.54 -4.81
N GLU A 110 10.08 11.49 -5.04
CA GLU A 110 10.64 10.38 -5.85
C GLU A 110 10.70 9.11 -4.99
N ALA A 111 10.98 9.26 -3.72
CA ALA A 111 11.06 8.07 -2.83
C ALA A 111 9.70 7.35 -2.80
N ARG A 112 8.64 8.09 -2.65
CA ARG A 112 7.30 7.45 -2.60
C ARG A 112 6.98 6.81 -3.96
N LEU A 113 7.12 7.56 -5.03
CA LEU A 113 6.83 7.01 -6.39
C LEU A 113 8.14 6.51 -7.01
N ARG A 114 9.00 5.93 -6.23
CA ARG A 114 10.29 5.43 -6.79
C ARG A 114 10.05 4.11 -7.51
N PHE A 115 9.47 3.14 -6.84
CA PHE A 115 9.21 1.82 -7.47
C PHE A 115 7.89 1.88 -8.24
N TRP A 116 7.35 3.05 -8.44
CA TRP A 116 6.07 3.16 -9.17
C TRP A 116 6.13 2.35 -10.47
N GLY A 117 5.46 1.21 -10.49
CA GLY A 117 5.49 0.37 -11.73
C GLY A 117 5.14 -1.08 -11.36
N SER A 118 5.86 -2.02 -11.91
CA SER A 118 5.57 -3.45 -11.59
C SER A 118 4.11 -3.76 -11.87
N ASN A 119 3.74 -4.99 -11.70
CA ASN A 119 2.34 -5.39 -11.99
C ASN A 119 1.99 -6.65 -11.17
N VAL A 120 0.75 -6.82 -10.82
CA VAL A 120 0.36 -8.02 -10.02
C VAL A 120 -0.04 -9.16 -10.98
N ILE A 121 -0.76 -8.84 -12.03
CA ILE A 121 -1.18 -9.90 -13.00
C ILE A 121 -0.26 -9.88 -14.22
N GLU A 122 0.15 -11.03 -14.67
CA GLU A 122 1.05 -11.09 -15.87
C GLU A 122 0.77 -12.39 -16.63
N ILE A 123 0.51 -12.28 -17.91
CA ILE A 123 0.23 -13.50 -18.72
C ILE A 123 0.58 -13.22 -20.19
N GLY A 124 1.37 -14.07 -20.79
CA GLY A 124 1.75 -13.85 -22.21
C GLY A 124 2.34 -12.43 -22.34
N ASP A 125 2.01 -11.73 -23.39
CA ASP A 125 2.54 -10.35 -23.57
C ASP A 125 1.54 -9.35 -22.99
N LEU A 126 0.51 -9.83 -22.36
CA LEU A 126 -0.53 -8.91 -21.77
C LEU A 126 -0.20 -8.69 -20.29
N THR A 127 -0.26 -7.47 -19.83
CA THR A 127 0.04 -7.19 -18.39
C THR A 127 -1.06 -6.31 -17.80
N ILE A 128 -1.48 -6.58 -16.59
CA ILE A 128 -2.55 -5.75 -15.95
C ILE A 128 -2.20 -5.52 -14.49
N SER A 129 -2.43 -4.32 -13.99
CA SER A 129 -2.11 -4.00 -12.56
C SER A 129 -3.37 -3.50 -11.87
N PRO A 130 -4.22 -4.39 -11.42
CA PRO A 130 -5.49 -4.03 -10.72
C PRO A 130 -5.24 -3.07 -9.54
N ASP A 131 -4.22 -3.31 -8.78
CA ASP A 131 -3.93 -2.42 -7.61
C ASP A 131 -3.80 -0.98 -8.11
N GLU A 132 -3.10 -0.78 -9.19
CA GLU A 132 -2.93 0.60 -9.75
C GLU A 132 -4.11 0.89 -10.69
N GLU A 133 -5.02 -0.03 -10.82
CA GLU A 133 -6.19 0.18 -11.72
C GLU A 133 -5.68 0.65 -13.08
N LYS A 134 -4.91 -0.16 -13.75
CA LYS A 134 -4.36 0.24 -15.08
C LYS A 134 -4.18 -1.00 -15.96
N ILE A 135 -4.59 -0.93 -17.20
CA ILE A 135 -4.43 -2.09 -18.14
C ILE A 135 -3.32 -1.75 -19.14
N ILE A 136 -2.45 -2.69 -19.42
CA ILE A 136 -1.33 -2.44 -20.37
C ILE A 136 -1.29 -3.54 -21.43
N TYR A 137 -1.32 -3.16 -22.69
CA TYR A 137 -1.28 -4.17 -23.79
C TYR A 137 -0.39 -3.65 -24.92
N LYS A 138 0.30 -4.52 -25.60
CA LYS A 138 1.18 -4.07 -26.71
C LYS A 138 2.17 -3.02 -26.21
N GLY A 139 2.44 -3.00 -24.94
CA GLY A 139 3.41 -2.00 -24.39
C GLY A 139 2.73 -0.64 -24.22
N ARG A 140 1.47 -0.52 -24.58
CA ARG A 140 0.77 0.79 -24.43
C ARG A 140 0.11 0.84 -23.05
N GLU A 141 0.25 1.95 -22.37
CA GLU A 141 -0.37 2.07 -21.00
C GLU A 141 -1.66 2.88 -21.09
N VAL A 142 -2.72 2.39 -20.51
CA VAL A 142 -4.03 3.11 -20.54
C VAL A 142 -4.68 3.03 -19.16
N GLU A 143 -5.05 4.14 -18.61
CA GLU A 143 -5.68 4.13 -17.26
C GLU A 143 -7.16 3.78 -17.40
N VAL A 144 -7.69 2.97 -16.52
CA VAL A 144 -9.12 2.57 -16.60
C VAL A 144 -9.71 2.47 -15.19
N LYS A 145 -10.90 2.98 -15.00
CA LYS A 145 -11.53 2.92 -13.65
C LYS A 145 -12.98 3.38 -13.75
N GLY A 146 -13.59 3.19 -14.89
CA GLY A 146 -15.00 3.64 -15.04
C GLY A 146 -15.94 2.62 -14.40
N LYS A 147 -17.10 2.43 -14.98
CA LYS A 147 -18.06 1.46 -14.40
C LYS A 147 -17.57 0.01 -14.62
N PRO A 148 -16.97 -0.29 -15.76
CA PRO A 148 -16.48 -1.65 -16.05
C PRO A 148 -15.05 -1.86 -15.52
N PHE A 149 -14.58 -0.96 -14.71
CA PHE A 149 -13.19 -1.08 -14.16
C PHE A 149 -13.22 -2.06 -12.98
N GLU A 150 -14.28 -2.07 -12.22
CA GLU A 150 -14.35 -3.00 -11.05
C GLU A 150 -14.59 -4.44 -11.52
N VAL A 151 -15.39 -4.62 -12.54
CA VAL A 151 -15.65 -6.00 -13.04
C VAL A 151 -14.43 -6.50 -13.81
N LEU A 152 -13.83 -5.65 -14.60
CA LEU A 152 -12.63 -6.08 -15.39
C LEU A 152 -11.55 -6.57 -14.43
N THR A 153 -11.30 -5.84 -13.37
CA THR A 153 -10.25 -6.26 -12.41
C THR A 153 -10.68 -7.56 -11.73
N HIS A 154 -11.95 -7.69 -11.45
CA HIS A 154 -12.44 -8.93 -10.78
C HIS A 154 -11.99 -10.16 -11.55
N LEU A 155 -12.29 -10.23 -12.82
CA LEU A 155 -11.88 -11.42 -13.62
C LEU A 155 -10.38 -11.33 -13.95
N ALA A 156 -9.81 -10.16 -13.87
CA ALA A 156 -8.35 -10.04 -14.18
C ALA A 156 -7.54 -10.89 -13.20
N ARG A 157 -7.86 -10.82 -11.93
CA ARG A 157 -7.11 -11.64 -10.92
C ARG A 157 -7.63 -13.07 -10.95
N HIS A 158 -8.91 -13.24 -10.84
CA HIS A 158 -9.49 -14.60 -10.83
C HIS A 158 -9.42 -15.18 -12.25
N ARG A 159 -8.32 -15.00 -12.92
CA ARG A 159 -8.17 -15.51 -14.30
C ARG A 159 -7.97 -17.03 -14.29
N ASP A 160 -8.53 -17.71 -13.33
CA ASP A 160 -8.35 -19.20 -13.27
C ASP A 160 -9.38 -19.81 -12.31
N GLN A 161 -10.64 -19.75 -12.63
CA GLN A 161 -11.67 -20.35 -11.73
C GLN A 161 -13.06 -20.18 -12.35
N ILE A 162 -14.08 -20.68 -11.69
CA ILE A 162 -15.46 -20.56 -12.23
C ILE A 162 -16.17 -19.37 -11.57
N VAL A 163 -16.68 -18.46 -12.36
CA VAL A 163 -17.39 -17.27 -11.79
C VAL A 163 -18.89 -17.45 -11.96
N SER A 164 -19.65 -17.22 -10.91
CA SER A 164 -21.13 -17.37 -11.01
C SER A 164 -21.74 -16.07 -11.52
N LYS A 165 -22.74 -16.17 -12.35
CA LYS A 165 -23.39 -14.92 -12.89
C LYS A 165 -23.77 -14.02 -11.70
N GLU A 166 -24.35 -14.59 -10.68
CA GLU A 166 -24.74 -13.77 -9.49
C GLU A 166 -23.50 -13.06 -8.95
N GLN A 167 -22.37 -13.72 -8.97
CA GLN A 167 -21.13 -13.08 -8.46
C GLN A 167 -20.91 -11.75 -9.17
N LEU A 168 -21.15 -11.72 -10.46
CA LEU A 168 -20.95 -10.44 -11.22
C LEU A 168 -21.90 -9.37 -10.70
N LEU A 169 -23.17 -9.68 -10.57
CA LEU A 169 -24.12 -8.65 -10.07
C LEU A 169 -23.95 -8.47 -8.55
N ASP A 170 -24.25 -9.49 -7.81
CA ASP A 170 -24.15 -9.44 -6.33
C ASP A 170 -22.91 -8.67 -5.87
N ALA A 171 -21.84 -8.70 -6.63
CA ALA A 171 -20.59 -8.00 -6.18
C ALA A 171 -20.46 -6.59 -6.78
N ILE A 172 -20.81 -6.40 -8.03
CA ILE A 172 -20.64 -5.04 -8.65
C ILE A 172 -21.84 -4.13 -8.36
N TRP A 173 -23.02 -4.51 -8.77
CA TRP A 173 -24.20 -3.62 -8.56
C TRP A 173 -24.43 -3.41 -7.05
N GLU A 174 -23.71 -4.12 -6.23
CA GLU A 174 -23.92 -3.96 -4.76
C GLU A 174 -23.71 -2.49 -4.35
N GLU A 175 -22.93 -1.74 -5.10
CA GLU A 175 -22.69 -0.32 -4.72
C GLU A 175 -23.90 0.56 -5.13
N PRO A 176 -24.15 0.70 -6.42
CA PRO A 176 -25.30 1.53 -6.91
C PRO A 176 -26.65 0.94 -6.49
N GLU A 177 -26.72 -0.36 -6.39
CA GLU A 177 -27.99 -1.02 -5.98
C GLU A 177 -29.15 -0.54 -6.85
N MET A 178 -28.86 -0.05 -8.03
CA MET A 178 -29.96 0.42 -8.93
C MET A 178 -30.62 -0.79 -9.58
N VAL A 179 -29.83 -1.68 -10.13
CA VAL A 179 -30.38 -2.90 -10.79
C VAL A 179 -31.32 -2.48 -11.95
N THR A 180 -31.11 -3.01 -13.11
CA THR A 180 -31.97 -2.65 -14.28
C THR A 180 -32.01 -3.84 -15.25
N PRO A 181 -33.06 -3.97 -16.03
CA PRO A 181 -33.20 -5.08 -17.00
C PRO A 181 -31.85 -5.47 -17.63
N ASN A 182 -31.01 -4.50 -17.89
CA ASN A 182 -29.69 -4.80 -18.47
C ASN A 182 -28.78 -5.36 -17.38
N VAL A 183 -29.30 -6.29 -16.61
CA VAL A 183 -28.50 -6.87 -15.49
C VAL A 183 -27.26 -7.59 -16.04
N ILE A 184 -26.98 -8.76 -15.54
CA ILE A 184 -25.77 -9.51 -16.01
C ILE A 184 -25.93 -9.84 -17.49
N GLU A 185 -27.14 -10.05 -17.93
CA GLU A 185 -27.38 -10.40 -19.34
C GLU A 185 -26.56 -9.49 -20.27
N VAL A 186 -26.73 -8.20 -20.15
CA VAL A 186 -25.97 -7.26 -21.02
C VAL A 186 -24.56 -7.04 -20.48
N ALA A 187 -24.42 -6.68 -19.24
CA ALA A 187 -23.06 -6.45 -18.67
C ALA A 187 -22.11 -7.58 -19.06
N ILE A 188 -22.51 -8.80 -18.92
CA ILE A 188 -21.61 -9.93 -19.29
C ILE A 188 -21.49 -10.01 -20.82
N ASN A 189 -22.58 -9.95 -21.52
CA ASN A 189 -22.51 -10.03 -23.02
C ASN A 189 -21.58 -8.95 -23.57
N GLN A 190 -21.66 -7.76 -23.03
CA GLN A 190 -20.78 -6.66 -23.54
C GLN A 190 -19.34 -6.89 -23.11
N ILE A 191 -19.10 -7.17 -21.87
CA ILE A 191 -17.69 -7.38 -21.42
C ILE A 191 -16.96 -8.35 -22.37
N ARG A 192 -17.65 -9.34 -22.87
CA ARG A 192 -16.97 -10.31 -23.78
C ARG A 192 -16.76 -9.71 -25.18
N GLN A 193 -17.82 -9.32 -25.84
CA GLN A 193 -17.69 -8.75 -27.22
C GLN A 193 -17.05 -7.36 -27.17
N LYS A 194 -16.98 -6.76 -26.03
CA LYS A 194 -16.39 -5.39 -25.91
C LYS A 194 -14.90 -5.49 -25.60
N MET A 195 -14.51 -6.46 -24.80
CA MET A 195 -13.06 -6.61 -24.46
C MET A 195 -12.37 -7.52 -25.47
N ASP A 196 -13.12 -8.07 -26.40
CA ASP A 196 -12.51 -8.98 -27.41
C ASP A 196 -11.59 -8.20 -28.35
N LYS A 197 -12.01 -7.06 -28.82
CA LYS A 197 -11.15 -6.28 -29.76
C LYS A 197 -10.01 -5.60 -28.99
N PRO A 198 -10.30 -4.83 -27.96
CA PRO A 198 -9.25 -4.14 -27.15
C PRO A 198 -8.09 -5.08 -26.79
N LEU A 199 -8.37 -6.13 -26.05
CA LEU A 199 -7.28 -7.06 -25.66
C LEU A 199 -6.82 -7.85 -26.91
N GLY A 200 -7.75 -8.31 -27.71
CA GLY A 200 -7.37 -9.08 -28.93
C GLY A 200 -7.31 -10.57 -28.62
N ILE A 201 -7.19 -10.93 -27.36
CA ILE A 201 -7.12 -12.38 -26.98
C ILE A 201 -8.38 -12.77 -26.22
N SER A 202 -8.98 -13.88 -26.58
CA SER A 202 -10.21 -14.33 -25.87
C SER A 202 -9.82 -15.11 -24.62
N THR A 203 -10.46 -14.84 -23.51
CA THR A 203 -10.12 -15.56 -22.24
C THR A 203 -11.39 -15.77 -21.42
N VAL A 204 -12.52 -15.88 -22.07
CA VAL A 204 -13.81 -16.10 -21.34
C VAL A 204 -14.63 -17.18 -22.04
N GLU A 205 -15.02 -18.20 -21.31
CA GLU A 205 -15.82 -19.31 -21.92
C GLU A 205 -17.26 -19.21 -21.41
N THR A 206 -18.21 -19.23 -22.31
CA THR A 206 -19.63 -19.14 -21.89
C THR A 206 -20.22 -20.55 -21.72
N VAL A 207 -20.68 -20.87 -20.55
CA VAL A 207 -21.27 -22.23 -20.31
C VAL A 207 -22.54 -22.09 -19.47
N ARG A 208 -23.53 -22.89 -19.74
CA ARG A 208 -24.81 -22.79 -18.97
C ARG A 208 -24.63 -23.40 -17.57
N ARG A 209 -23.82 -24.42 -17.46
CA ARG A 209 -23.61 -25.05 -16.12
C ARG A 209 -23.04 -24.02 -15.16
N ARG A 210 -23.40 -24.11 -13.90
CA ARG A 210 -22.87 -23.14 -12.90
C ARG A 210 -23.02 -21.71 -13.44
N GLY A 211 -22.02 -21.21 -14.10
CA GLY A 211 -22.10 -19.82 -14.65
C GLY A 211 -21.08 -19.65 -15.76
N TYR A 212 -20.22 -18.65 -15.65
CA TYR A 212 -19.19 -18.42 -16.70
C TYR A 212 -17.84 -18.96 -16.22
N ARG A 213 -17.07 -19.54 -17.10
CA ARG A 213 -15.74 -20.12 -16.70
C ARG A 213 -14.62 -19.25 -17.29
N PHE A 214 -13.70 -18.82 -16.46
CA PHE A 214 -12.56 -17.99 -16.95
C PHE A 214 -11.27 -18.82 -16.87
N CYS A 215 -10.57 -18.96 -17.97
CA CYS A 215 -9.31 -19.77 -17.97
C CYS A 215 -8.26 -19.10 -18.85
N TYR A 216 -7.02 -19.53 -18.76
CA TYR A 216 -5.95 -18.93 -19.59
C TYR A 216 -6.27 -19.15 -21.08
N PRO A 217 -5.84 -18.28 -21.94
CA PRO A 217 -6.12 -18.42 -23.40
C PRO A 217 -6.01 -19.88 -23.87
N LYS A 218 -6.91 -20.32 -24.70
CA LYS A 218 -6.85 -21.73 -25.18
C LYS A 218 -5.76 -21.89 -26.26
N PRO A 219 -5.58 -20.90 -27.11
CA PRO A 219 -4.56 -20.96 -28.19
C PRO A 219 -3.20 -20.38 -27.75
N ALA A 220 -2.85 -20.51 -26.50
CA ALA A 220 -1.55 -19.97 -26.02
C ALA A 220 -0.43 -20.51 -26.90
N CYS A 221 0.48 -19.67 -27.32
CA CYS A 221 1.60 -20.14 -28.17
C CYS A 221 2.72 -20.71 -27.29
N GLU A 222 2.90 -20.16 -26.12
CA GLU A 222 3.97 -20.68 -25.22
C GLU A 222 5.27 -20.84 -26.00
N GLU A 223 5.40 -20.15 -27.10
CA GLU A 223 6.66 -20.26 -27.91
C GLU A 223 6.98 -21.74 -28.14
N MET B 1 -1.64 -1.15 20.13
CA MET B 1 -0.42 -0.52 19.54
C MET B 1 0.32 0.27 20.62
N ARG B 2 1.61 0.43 20.47
CA ARG B 2 2.41 1.17 21.49
C ARG B 2 3.30 2.22 20.79
N VAL B 3 3.46 3.36 21.40
CA VAL B 3 4.30 4.44 20.79
C VAL B 3 5.60 4.58 21.59
N LEU B 4 6.72 4.44 20.93
CA LEU B 4 8.03 4.57 21.64
C LEU B 4 8.47 6.03 21.55
N LEU B 5 8.53 6.71 22.67
CA LEU B 5 8.95 8.15 22.69
C LEU B 5 10.23 8.28 23.50
N ILE B 6 11.32 8.61 22.84
CA ILE B 6 12.63 8.75 23.56
C ILE B 6 12.98 10.25 23.65
N GLU B 7 13.19 10.75 24.84
CA GLU B 7 13.52 12.19 25.01
C GLU B 7 14.60 12.32 26.10
N LYS B 8 15.74 12.88 25.76
CA LYS B 8 16.81 13.04 26.79
C LYS B 8 16.34 14.05 27.85
N ASN B 9 15.54 15.00 27.46
CA ASN B 9 15.05 16.00 28.44
C ASN B 9 14.20 15.30 29.50
N SER B 10 13.01 15.79 29.75
CA SER B 10 12.14 15.14 30.76
C SER B 10 10.71 15.67 30.63
N VAL B 11 10.52 16.93 30.94
CA VAL B 11 9.15 17.51 30.84
C VAL B 11 8.70 17.57 29.38
N LEU B 12 9.58 17.94 28.48
CA LEU B 12 9.19 18.01 27.04
C LEU B 12 8.56 16.67 26.63
N GLY B 13 9.14 15.57 27.06
CA GLY B 13 8.56 14.25 26.70
C GLY B 13 7.28 14.06 27.50
N GLY B 14 7.20 14.66 28.66
CA GLY B 14 5.97 14.51 29.48
C GLY B 14 4.78 15.11 28.74
N GLU B 15 4.90 16.33 28.29
CA GLU B 15 3.77 16.97 27.57
C GLU B 15 3.42 16.17 26.31
N ILE B 16 4.39 15.75 25.55
CA ILE B 16 4.07 14.95 24.32
C ILE B 16 3.51 13.60 24.76
N GLU B 17 4.04 13.02 25.80
CA GLU B 17 3.55 11.70 26.27
C GLU B 17 2.08 11.82 26.70
N LYS B 18 1.73 12.87 27.40
CA LYS B 18 0.32 13.03 27.84
C LYS B 18 -0.46 13.77 26.75
N GLY B 19 0.20 14.11 25.69
CA GLY B 19 -0.48 14.83 24.59
C GLY B 19 -1.16 13.82 23.67
N LEU B 20 -0.42 12.85 23.19
CA LEU B 20 -1.03 11.83 22.29
C LEU B 20 -1.91 10.88 23.10
N ASN B 21 -1.64 10.74 24.38
CA ASN B 21 -2.47 9.83 25.21
C ASN B 21 -3.94 10.29 25.18
N VAL B 22 -4.15 11.57 25.10
CA VAL B 22 -5.55 12.09 25.06
C VAL B 22 -6.30 11.44 23.89
N LYS B 23 -5.68 11.37 22.76
CA LYS B 23 -6.34 10.75 21.57
C LYS B 23 -6.80 9.34 21.96
N GLY B 24 -5.92 8.58 22.53
CA GLY B 24 -6.26 7.18 22.96
C GLY B 24 -5.16 6.21 22.54
N PHE B 25 -3.92 6.61 22.69
CA PHE B 25 -2.78 5.70 22.31
C PHE B 25 -1.91 5.43 23.53
N MET B 26 -1.12 4.38 23.49
CA MET B 26 -0.23 4.05 24.64
C MET B 26 1.18 4.53 24.29
N ALA B 27 1.89 5.10 25.22
CA ALA B 27 3.27 5.59 24.92
C ALA B 27 4.19 5.39 26.12
N ASP B 28 5.47 5.40 25.89
CA ASP B 28 6.46 5.22 27.01
C ASP B 28 7.57 6.26 26.84
N VAL B 29 8.05 6.82 27.93
CA VAL B 29 9.12 7.84 27.85
C VAL B 29 10.43 7.23 28.36
N THR B 30 11.48 7.32 27.58
CA THR B 30 12.80 6.74 28.00
C THR B 30 13.87 7.83 27.92
N GLU B 31 14.98 7.64 28.58
CA GLU B 31 16.06 8.66 28.54
C GLU B 31 16.99 8.40 27.34
N SER B 32 18.10 7.75 27.58
CA SER B 32 19.05 7.48 26.45
C SER B 32 18.54 6.30 25.62
N LEU B 33 18.89 6.28 24.37
CA LEU B 33 18.46 5.16 23.49
C LEU B 33 18.77 3.82 24.15
N GLU B 34 19.76 3.78 25.00
CA GLU B 34 20.10 2.49 25.67
C GLU B 34 18.89 1.96 26.44
N ASP B 35 18.26 2.79 27.22
CA ASP B 35 17.07 2.32 28.00
C ASP B 35 16.00 1.81 27.02
N GLY B 36 15.77 2.54 25.96
CA GLY B 36 14.75 2.09 24.98
C GLY B 36 15.27 0.87 24.22
N GLU B 37 16.56 0.78 24.06
CA GLU B 37 17.15 -0.38 23.34
C GLU B 37 16.90 -1.68 24.12
N TYR B 38 17.09 -1.64 25.41
CA TYR B 38 16.86 -2.87 26.22
C TYR B 38 15.37 -3.04 26.49
N LEU B 39 14.65 -1.95 26.63
CA LEU B 39 13.19 -2.04 26.91
C LEU B 39 12.45 -2.48 25.64
N MET B 40 12.87 -2.00 24.50
CA MET B 40 12.18 -2.38 23.23
C MET B 40 12.61 -3.80 22.83
N ASP B 41 13.73 -4.26 23.30
CA ASP B 41 14.20 -5.63 22.94
C ASP B 41 13.16 -6.65 23.41
N ILE B 42 12.55 -6.42 24.54
CA ILE B 42 11.53 -7.38 25.07
C ILE B 42 10.14 -6.99 24.59
N ARG B 43 9.92 -5.73 24.28
CA ARG B 43 8.58 -5.27 23.80
C ARG B 43 8.72 -4.56 22.45
N ASN B 44 7.82 -4.80 21.54
CA ASN B 44 7.88 -4.15 20.19
C ASN B 44 6.91 -2.97 20.14
N TYR B 45 7.29 -1.90 19.47
CA TYR B 45 6.41 -0.71 19.35
C TYR B 45 6.00 -0.53 17.89
N ASP B 46 4.80 -0.10 17.63
CA ASP B 46 4.36 0.09 16.22
C ASP B 46 4.86 1.45 15.71
N LEU B 47 4.85 2.45 16.57
CA LEU B 47 5.34 3.80 16.16
C LEU B 47 6.66 4.08 16.85
N VAL B 48 7.75 4.10 16.12
CA VAL B 48 9.08 4.37 16.73
C VAL B 48 9.40 5.85 16.61
N MET B 49 9.20 6.59 17.68
CA MET B 49 9.48 8.05 17.67
C MET B 49 10.59 8.35 18.67
N VAL B 50 11.65 8.99 18.23
CA VAL B 50 12.78 9.31 19.15
C VAL B 50 13.37 10.68 18.79
N SER B 51 13.54 11.52 19.77
CA SER B 51 14.10 12.89 19.51
C SER B 51 15.54 12.95 20.06
N ASP B 52 16.21 11.83 20.10
CA ASP B 52 17.61 11.83 20.62
C ASP B 52 18.58 12.14 19.48
N LYS B 53 19.77 12.59 19.80
CA LYS B 53 20.76 12.91 18.74
C LYS B 53 21.44 11.64 18.27
N ASN B 54 22.29 11.73 17.27
CA ASN B 54 23.00 10.53 16.75
C ASN B 54 22.01 9.36 16.62
N ALA B 55 20.73 9.66 16.62
CA ALA B 55 19.73 8.57 16.48
C ALA B 55 19.70 8.11 15.02
N LEU B 56 20.17 8.92 14.12
CA LEU B 56 20.17 8.55 12.67
C LEU B 56 20.61 7.10 12.50
N SER B 57 21.66 6.69 13.14
CA SER B 57 22.13 5.28 13.00
C SER B 57 21.08 4.33 13.59
N PHE B 58 20.46 4.72 14.67
CA PHE B 58 19.43 3.85 15.30
C PHE B 58 18.26 3.64 14.33
N VAL B 59 17.59 4.68 13.93
CA VAL B 59 16.45 4.52 13.00
C VAL B 59 16.87 3.64 11.81
N SER B 60 18.09 3.76 11.38
CA SER B 60 18.54 2.92 10.22
C SER B 60 18.37 1.44 10.55
N ARG B 61 18.94 1.00 11.63
CA ARG B 61 18.81 -0.45 11.99
C ARG B 61 17.35 -0.78 12.28
N ILE B 62 16.56 0.16 12.73
CA ILE B 62 15.13 -0.14 13.03
C ILE B 62 14.39 -0.52 11.73
N LYS B 63 14.65 0.17 10.65
CA LYS B 63 13.94 -0.18 9.38
C LYS B 63 14.42 -1.52 8.84
N GLU B 64 15.71 -1.74 8.75
CA GLU B 64 16.19 -3.04 8.21
C GLU B 64 15.81 -4.18 9.18
N LYS B 65 15.85 -3.92 10.46
CA LYS B 65 15.50 -4.99 11.44
C LYS B 65 13.97 -5.06 11.59
N HIS B 66 13.28 -3.99 11.32
CA HIS B 66 11.79 -4.00 11.44
C HIS B 66 11.19 -2.98 10.49
N SER B 67 11.29 -3.21 9.22
CA SER B 67 10.72 -2.25 8.22
C SER B 67 9.19 -2.19 8.37
N SER B 68 8.59 -3.24 8.87
CA SER B 68 7.11 -3.24 9.02
C SER B 68 6.69 -2.20 10.07
N ILE B 69 7.65 -1.63 10.78
CA ILE B 69 7.33 -0.62 11.81
C ILE B 69 7.62 0.80 11.27
N VAL B 70 6.91 1.78 11.74
CA VAL B 70 7.14 3.18 11.25
C VAL B 70 8.24 3.84 12.07
N VAL B 71 8.77 4.95 11.62
CA VAL B 71 9.87 5.63 12.37
C VAL B 71 9.75 7.15 12.20
N LEU B 72 9.63 7.86 13.30
CA LEU B 72 9.52 9.36 13.24
C LEU B 72 10.68 9.96 14.03
N VAL B 73 11.65 10.49 13.33
CA VAL B 73 12.83 11.11 14.02
C VAL B 73 12.59 12.62 14.16
N SER B 74 12.78 13.16 15.33
CA SER B 74 12.56 14.62 15.52
C SER B 74 13.87 15.37 15.24
N SER B 75 13.82 16.67 15.16
CA SER B 75 15.07 17.44 14.88
C SER B 75 14.89 18.90 15.29
N ASP B 76 15.62 19.35 16.28
CA ASP B 76 15.49 20.77 16.72
C ASP B 76 15.90 21.68 15.57
N ASN B 77 16.89 21.27 14.81
CA ASN B 77 17.37 22.09 13.66
C ASN B 77 17.04 21.34 12.36
N PRO B 78 15.86 21.52 11.80
CA PRO B 78 15.47 20.81 10.56
C PRO B 78 16.21 21.35 9.34
N THR B 79 17.42 20.94 9.18
CA THR B 79 18.22 21.39 8.01
C THR B 79 17.86 20.50 6.81
N SER B 80 17.97 21.00 5.62
CA SER B 80 17.62 20.17 4.45
C SER B 80 18.57 18.96 4.35
N GLU B 81 19.81 19.13 4.70
CA GLU B 81 20.76 17.99 4.63
C GLU B 81 20.27 16.86 5.54
N GLU B 82 19.71 17.20 6.67
CA GLU B 82 19.21 16.16 7.61
C GLU B 82 17.93 15.54 7.05
N GLU B 83 17.14 16.32 6.37
CA GLU B 83 15.87 15.78 5.81
C GLU B 83 16.18 14.69 4.79
N VAL B 84 17.02 14.98 3.83
CA VAL B 84 17.35 13.95 2.80
C VAL B 84 17.99 12.74 3.49
N HIS B 85 18.83 12.98 4.46
CA HIS B 85 19.48 11.84 5.17
C HIS B 85 18.42 11.05 5.94
N ALA B 86 17.39 11.70 6.38
CA ALA B 86 16.32 10.97 7.14
C ALA B 86 15.63 9.98 6.22
N PHE B 87 15.32 10.37 5.02
CA PHE B 87 14.64 9.45 4.07
C PHE B 87 15.68 8.51 3.47
N GLU B 88 16.87 9.00 3.24
CA GLU B 88 17.93 8.14 2.64
C GLU B 88 18.24 7.00 3.61
N GLN B 89 18.48 7.33 4.85
CA GLN B 89 18.80 6.28 5.86
C GLN B 89 17.63 5.30 5.98
N GLY B 90 16.44 5.79 6.20
CA GLY B 90 15.26 4.87 6.32
C GLY B 90 14.15 5.51 7.15
N ALA B 91 14.45 6.56 7.87
CA ALA B 91 13.39 7.21 8.70
C ALA B 91 12.09 7.36 7.89
N ASP B 92 10.99 6.99 8.47
CA ASP B 92 9.70 7.11 7.72
C ASP B 92 9.34 8.59 7.54
N ASP B 93 9.52 9.37 8.57
CA ASP B 93 9.21 10.82 8.47
C ASP B 93 10.09 11.59 9.45
N TYR B 94 10.16 12.88 9.28
CA TYR B 94 11.02 13.71 10.16
C TYR B 94 10.26 15.00 10.51
N ILE B 95 10.17 15.30 11.79
CA ILE B 95 9.42 16.53 12.23
C ILE B 95 10.34 17.42 13.08
N ALA B 96 10.09 18.71 13.07
CA ALA B 96 10.94 19.63 13.89
C ALA B 96 10.73 19.29 15.37
N LYS B 97 11.78 19.28 16.15
CA LYS B 97 11.63 18.94 17.59
C LYS B 97 10.68 19.92 18.29
N PRO B 98 10.91 21.21 18.22
CA PRO B 98 10.06 22.16 18.96
C PRO B 98 8.56 21.81 18.89
N TYR B 99 8.20 20.86 18.07
CA TYR B 99 6.77 20.45 17.94
C TYR B 99 5.93 21.66 17.51
N ARG B 100 5.31 21.59 16.37
CA ARG B 100 4.50 22.75 15.92
C ARG B 100 3.45 23.06 16.99
N SER B 101 2.88 22.05 17.61
CA SER B 101 1.86 22.31 18.68
C SER B 101 1.44 21.00 19.34
N ILE B 102 2.35 20.12 19.61
CA ILE B 102 1.98 18.82 20.27
C ILE B 102 0.82 18.15 19.52
N LYS B 103 -0.35 18.72 19.58
CA LYS B 103 -1.50 18.13 18.84
C LYS B 103 -1.12 18.06 17.37
N ALA B 104 -0.13 18.82 16.99
CA ALA B 104 0.30 18.83 15.56
C ALA B 104 0.80 17.44 15.14
N LEU B 105 2.04 17.11 15.41
CA LEU B 105 2.56 15.77 15.00
C LEU B 105 1.56 14.68 15.39
N VAL B 106 0.86 14.85 16.49
CA VAL B 106 -0.14 13.82 16.88
C VAL B 106 -1.24 13.76 15.82
N ALA B 107 -1.68 14.91 15.36
CA ALA B 107 -2.75 14.92 14.33
C ALA B 107 -2.30 14.10 13.13
N ARG B 108 -1.03 14.11 12.84
CA ARG B 108 -0.50 13.34 11.67
C ARG B 108 -0.27 11.87 12.08
N ILE B 109 0.14 11.63 13.29
CA ILE B 109 0.39 10.23 13.73
C ILE B 109 -0.95 9.52 13.91
N GLU B 110 -1.93 10.22 14.40
CA GLU B 110 -3.26 9.58 14.59
C GLU B 110 -3.93 9.41 13.23
N ALA B 111 -3.90 10.43 12.41
CA ALA B 111 -4.54 10.31 11.06
C ALA B 111 -4.07 9.04 10.38
N ARG B 112 -2.79 8.77 10.44
CA ARG B 112 -2.27 7.54 9.78
C ARG B 112 -2.79 6.31 10.53
N LEU B 113 -2.87 6.37 11.83
CA LEU B 113 -3.36 5.20 12.61
C LEU B 113 -4.89 5.09 12.52
N ARG B 114 -5.57 6.19 12.30
CA ARG B 114 -7.06 6.12 12.23
C ARG B 114 -7.49 4.98 11.31
N PHE B 115 -6.80 4.78 10.21
CA PHE B 115 -7.16 3.68 9.28
C PHE B 115 -6.87 2.33 9.96
N TRP B 116 -5.96 2.31 10.89
CA TRP B 116 -5.62 1.04 11.59
C TRP B 116 -5.28 -0.04 10.56
N GLY B 117 -5.20 0.31 9.30
CA GLY B 117 -4.87 -0.70 8.25
C GLY B 117 -6.03 -1.69 8.11
N SER B 118 -5.92 -2.59 7.17
CA SER B 118 -7.01 -3.61 6.95
C SER B 118 -6.39 -4.95 6.60
N ASN B 119 -7.18 -6.00 6.55
CA ASN B 119 -6.64 -7.35 6.20
C ASN B 119 -7.01 -7.71 4.76
N VAL B 120 -6.23 -8.54 4.13
CA VAL B 120 -6.53 -8.95 2.71
C VAL B 120 -7.11 -10.37 2.68
N ILE B 121 -6.57 -11.27 3.46
CA ILE B 121 -7.09 -12.68 3.47
C ILE B 121 -7.86 -12.94 4.76
N GLU B 122 -9.14 -13.25 4.66
CA GLU B 122 -9.96 -13.52 5.89
C GLU B 122 -10.69 -14.85 5.73
N ILE B 123 -10.75 -15.63 6.77
CA ILE B 123 -11.46 -16.93 6.68
C ILE B 123 -11.82 -17.42 8.10
N GLY B 124 -13.08 -17.56 8.39
CA GLY B 124 -13.50 -18.02 9.74
C GLY B 124 -12.85 -17.14 10.80
N ASP B 125 -12.42 -17.71 11.89
CA ASP B 125 -11.78 -16.90 12.97
C ASP B 125 -10.29 -16.75 12.67
N LEU B 126 -9.81 -17.35 11.61
CA LEU B 126 -8.36 -17.24 11.25
C LEU B 126 -8.20 -16.07 10.28
N THR B 127 -7.32 -15.15 10.56
CA THR B 127 -7.14 -13.98 9.64
C THR B 127 -5.65 -13.80 9.31
N ILE B 128 -5.33 -13.58 8.06
CA ILE B 128 -3.90 -13.38 7.66
C ILE B 128 -3.77 -12.09 6.83
N SER B 129 -2.76 -11.31 7.11
CA SER B 129 -2.55 -10.03 6.36
C SER B 129 -1.15 -10.01 5.75
N PRO B 130 -0.97 -10.65 4.62
CA PRO B 130 0.36 -10.69 3.93
C PRO B 130 0.95 -9.29 3.73
N ASP B 131 0.12 -8.34 3.39
CA ASP B 131 0.62 -6.95 3.19
C ASP B 131 1.17 -6.41 4.50
N GLU B 132 0.47 -6.65 5.59
CA GLU B 132 0.96 -6.16 6.91
C GLU B 132 1.83 -7.25 7.54
N GLU B 133 1.94 -8.38 6.90
CA GLU B 133 2.79 -9.48 7.44
C GLU B 133 2.39 -9.77 8.90
N LYS B 134 1.15 -10.07 9.13
CA LYS B 134 0.69 -10.37 10.53
C LYS B 134 -0.50 -11.33 10.48
N ILE B 135 -0.54 -12.30 11.38
CA ILE B 135 -1.67 -13.29 11.40
C ILE B 135 -2.29 -13.34 12.79
N ILE B 136 -3.60 -13.50 12.85
CA ILE B 136 -4.30 -13.57 14.17
C ILE B 136 -4.93 -14.96 14.33
N TYR B 137 -4.73 -15.59 15.47
CA TYR B 137 -5.29 -16.96 15.70
C TYR B 137 -5.85 -17.08 17.12
N LYS B 138 -6.99 -17.69 17.26
CA LYS B 138 -7.61 -17.88 18.62
C LYS B 138 -7.68 -16.55 19.37
N GLY B 139 -7.71 -15.44 18.67
CA GLY B 139 -7.81 -14.12 19.37
C GLY B 139 -6.43 -13.63 19.81
N ARG B 140 -5.38 -14.22 19.29
CA ARG B 140 -4.00 -13.77 19.67
C ARG B 140 -3.30 -13.19 18.46
N GLU B 141 -2.80 -11.99 18.57
CA GLU B 141 -2.12 -11.34 17.41
C GLU B 141 -0.61 -11.61 17.49
N VAL B 142 -0.05 -12.15 16.44
CA VAL B 142 1.42 -12.43 16.41
C VAL B 142 1.99 -11.98 15.07
N GLU B 143 3.09 -11.27 15.09
CA GLU B 143 3.69 -10.79 13.82
C GLU B 143 4.77 -11.79 13.38
N VAL B 144 4.82 -12.11 12.11
CA VAL B 144 5.85 -13.08 11.64
C VAL B 144 6.43 -12.64 10.29
N LYS B 145 7.71 -12.82 10.11
CA LYS B 145 8.37 -12.44 8.84
C LYS B 145 9.66 -13.24 8.73
N GLY B 146 9.67 -14.43 9.27
CA GLY B 146 10.89 -15.29 9.21
C GLY B 146 11.02 -15.91 7.81
N LYS B 147 11.72 -17.01 7.71
CA LYS B 147 11.88 -17.67 6.38
C LYS B 147 10.73 -18.65 6.10
N PRO B 148 10.23 -19.34 7.09
CA PRO B 148 9.14 -20.32 6.89
C PRO B 148 7.75 -19.68 6.89
N PHE B 149 7.49 -18.77 7.78
CA PHE B 149 6.14 -18.14 7.79
C PHE B 149 5.87 -17.53 6.41
N GLU B 150 6.90 -17.29 5.64
CA GLU B 150 6.70 -16.70 4.28
C GLU B 150 5.84 -17.65 3.42
N VAL B 151 5.99 -18.93 3.58
CA VAL B 151 5.17 -19.88 2.77
C VAL B 151 3.70 -19.79 3.17
N LEU B 152 3.44 -19.64 4.44
CA LEU B 152 2.02 -19.57 4.90
C LEU B 152 1.33 -18.37 4.25
N THR B 153 2.01 -17.25 4.16
CA THR B 153 1.38 -16.06 3.52
C THR B 153 1.23 -16.31 2.01
N HIS B 154 2.22 -16.91 1.42
CA HIS B 154 2.16 -17.19 -0.05
C HIS B 154 0.92 -18.01 -0.39
N LEU B 155 0.71 -19.11 0.29
CA LEU B 155 -0.50 -19.93 -0.01
C LEU B 155 -1.73 -19.22 0.51
N ALA B 156 -1.60 -18.38 1.50
CA ALA B 156 -2.79 -17.65 2.02
C ALA B 156 -3.46 -16.94 0.86
N ARG B 157 -2.69 -16.33 0.01
CA ARG B 157 -3.29 -15.63 -1.17
C ARG B 157 -3.68 -16.65 -2.23
N HIS B 158 -2.75 -17.51 -2.60
CA HIS B 158 -3.05 -18.52 -3.64
C HIS B 158 -3.90 -19.64 -3.05
N ARG B 159 -4.66 -19.35 -2.03
CA ARG B 159 -5.51 -20.41 -1.41
C ARG B 159 -6.36 -21.06 -2.51
N ASP B 160 -7.42 -20.41 -2.91
CA ASP B 160 -8.29 -20.97 -3.98
C ASP B 160 -7.50 -21.03 -5.29
N GLN B 161 -6.59 -21.96 -5.41
CA GLN B 161 -5.79 -22.06 -6.67
C GLN B 161 -4.90 -23.30 -6.59
N ILE B 162 -4.42 -23.77 -7.71
CA ILE B 162 -3.53 -24.96 -7.71
C ILE B 162 -2.09 -24.48 -7.48
N VAL B 163 -1.56 -24.72 -6.31
CA VAL B 163 -0.16 -24.28 -6.01
C VAL B 163 0.83 -25.38 -6.39
N SER B 164 1.91 -25.02 -7.03
CA SER B 164 2.93 -26.04 -7.44
C SER B 164 4.09 -26.03 -6.44
N LYS B 165 4.85 -27.09 -6.41
CA LYS B 165 6.00 -27.17 -5.46
C LYS B 165 7.06 -26.13 -5.84
N GLU B 166 7.31 -25.96 -7.11
CA GLU B 166 8.35 -24.98 -7.54
C GLU B 166 7.91 -23.54 -7.19
N GLN B 167 6.63 -23.30 -7.10
CA GLN B 167 6.16 -21.92 -6.77
C GLN B 167 6.71 -21.51 -5.40
N LEU B 168 6.41 -22.26 -4.38
CA LEU B 168 6.93 -21.91 -3.03
C LEU B 168 8.45 -21.91 -3.06
N LEU B 169 9.03 -22.83 -3.80
CA LEU B 169 10.51 -22.92 -3.89
C LEU B 169 11.09 -21.60 -4.36
N ASP B 170 10.81 -21.21 -5.57
CA ASP B 170 11.37 -19.95 -6.11
C ASP B 170 11.06 -18.75 -5.21
N ALA B 171 9.93 -18.75 -4.54
CA ALA B 171 9.58 -17.58 -3.68
C ALA B 171 10.05 -17.75 -2.24
N ILE B 172 10.55 -18.91 -1.87
CA ILE B 172 11.01 -19.13 -0.44
C ILE B 172 12.52 -19.32 -0.39
N TRP B 173 13.02 -20.41 -0.91
CA TRP B 173 14.50 -20.61 -0.85
C TRP B 173 15.17 -19.43 -1.53
N GLU B 174 16.43 -19.22 -1.26
CA GLU B 174 17.13 -18.07 -1.89
C GLU B 174 18.62 -18.18 -1.55
N GLU B 175 18.94 -18.72 -0.41
CA GLU B 175 20.37 -18.88 -0.04
C GLU B 175 21.10 -19.57 -1.21
N PRO B 176 22.41 -19.76 -1.14
CA PRO B 176 23.16 -20.41 -2.25
C PRO B 176 22.69 -21.85 -2.53
N GLU B 177 21.41 -22.04 -2.67
CA GLU B 177 20.87 -23.40 -2.96
C GLU B 177 21.55 -24.43 -2.05
N MET B 178 22.16 -25.43 -2.63
CA MET B 178 22.84 -26.47 -1.81
C MET B 178 21.86 -27.03 -0.78
N VAL B 179 20.57 -26.87 -1.00
CA VAL B 179 19.57 -27.41 -0.04
C VAL B 179 19.30 -28.88 -0.40
N THR B 180 20.36 -29.63 -0.58
CA THR B 180 20.21 -31.07 -0.95
C THR B 180 19.34 -31.17 -2.22
N PRO B 181 19.32 -32.30 -2.88
CA PRO B 181 18.51 -32.48 -4.12
C PRO B 181 17.07 -31.96 -3.95
N ASN B 182 16.29 -32.64 -3.14
CA ASN B 182 14.87 -32.20 -2.90
C ASN B 182 14.65 -32.11 -1.39
N VAL B 183 14.19 -30.97 -0.91
CA VAL B 183 13.96 -30.80 0.56
C VAL B 183 12.58 -30.17 0.80
N ILE B 184 11.95 -29.64 -0.20
CA ILE B 184 10.60 -29.04 0.03
C ILE B 184 9.64 -30.14 0.50
N GLU B 185 9.91 -31.37 0.16
CA GLU B 185 9.02 -32.49 0.58
C GLU B 185 8.97 -32.57 2.11
N VAL B 186 10.09 -32.45 2.77
CA VAL B 186 10.07 -32.51 4.25
C VAL B 186 9.54 -31.18 4.78
N ALA B 187 9.73 -30.12 4.03
CA ALA B 187 9.24 -28.79 4.48
C ALA B 187 7.71 -28.76 4.41
N ILE B 188 7.13 -29.23 3.34
CA ILE B 188 5.65 -29.20 3.24
C ILE B 188 5.06 -30.25 4.19
N ASN B 189 5.79 -31.30 4.45
CA ASN B 189 5.26 -32.34 5.37
C ASN B 189 5.17 -31.75 6.78
N GLN B 190 6.22 -31.09 7.20
CA GLN B 190 6.21 -30.48 8.57
C GLN B 190 5.23 -29.31 8.60
N ILE B 191 5.29 -28.44 7.64
CA ILE B 191 4.36 -27.28 7.62
C ILE B 191 2.93 -27.80 7.79
N ARG B 192 2.63 -28.95 7.25
CA ARG B 192 1.26 -29.50 7.39
C ARG B 192 1.02 -29.94 8.85
N GLN B 193 2.01 -30.57 9.45
CA GLN B 193 1.85 -31.01 10.87
C GLN B 193 1.97 -29.81 11.80
N LYS B 194 2.51 -28.71 11.33
CA LYS B 194 2.67 -27.51 12.20
C LYS B 194 1.45 -26.59 12.07
N MET B 195 0.76 -26.65 10.96
CA MET B 195 -0.42 -25.75 10.76
C MET B 195 -1.72 -26.50 11.14
N ASP B 196 -1.76 -27.79 10.94
CA ASP B 196 -2.99 -28.54 11.27
C ASP B 196 -3.21 -28.58 12.78
N LYS B 197 -2.17 -28.57 13.56
CA LYS B 197 -2.33 -28.61 15.04
C LYS B 197 -2.93 -27.28 15.56
N PRO B 198 -2.21 -26.19 15.43
CA PRO B 198 -2.70 -24.86 15.93
C PRO B 198 -4.03 -24.44 15.29
N LEU B 199 -4.08 -24.33 13.99
CA LEU B 199 -5.35 -23.91 13.34
C LEU B 199 -6.46 -24.90 13.67
N GLY B 200 -6.25 -26.17 13.39
CA GLY B 200 -7.30 -27.19 13.70
C GLY B 200 -8.13 -27.49 12.44
N ILE B 201 -8.20 -26.57 11.51
CA ILE B 201 -9.00 -26.81 10.26
C ILE B 201 -8.05 -27.05 9.08
N SER B 202 -8.25 -28.13 8.37
CA SER B 202 -7.37 -28.42 7.20
C SER B 202 -7.90 -27.64 6.00
N THR B 203 -7.02 -27.09 5.19
CA THR B 203 -7.49 -26.31 4.00
C THR B 203 -6.56 -26.57 2.82
N VAL B 204 -5.82 -27.64 2.85
CA VAL B 204 -4.87 -27.97 1.74
C VAL B 204 -5.15 -29.38 1.22
N GLU B 205 -5.06 -29.56 -0.08
CA GLU B 205 -5.29 -30.92 -0.68
C GLU B 205 -4.02 -31.34 -1.41
N THR B 206 -3.30 -32.29 -0.87
CA THR B 206 -2.04 -32.73 -1.53
C THR B 206 -2.37 -33.59 -2.75
N VAL B 207 -1.95 -33.17 -3.91
CA VAL B 207 -2.21 -33.94 -5.17
C VAL B 207 -0.88 -34.40 -5.77
N ARG B 208 -0.87 -35.52 -6.44
CA ARG B 208 0.39 -36.03 -7.05
C ARG B 208 0.50 -35.51 -8.49
N ARG B 209 -0.49 -34.78 -8.95
CA ARG B 209 -0.45 -34.26 -10.34
C ARG B 209 0.51 -33.07 -10.41
N ARG B 210 0.02 -31.90 -10.75
CA ARG B 210 0.89 -30.71 -10.84
C ARG B 210 1.60 -30.46 -9.51
N GLY B 211 0.87 -30.50 -8.42
CA GLY B 211 1.51 -30.27 -7.10
C GLY B 211 0.45 -30.32 -5.99
N TYR B 212 0.40 -29.30 -5.17
CA TYR B 212 -0.60 -29.28 -4.05
C TYR B 212 -1.80 -28.42 -4.46
N ARG B 213 -2.99 -28.90 -4.23
CA ARG B 213 -4.21 -28.12 -4.60
C ARG B 213 -4.79 -27.44 -3.35
N PHE B 214 -4.83 -26.14 -3.33
CA PHE B 214 -5.37 -25.40 -2.15
C PHE B 214 -6.83 -25.00 -2.44
N CYS B 215 -7.72 -25.27 -1.53
CA CYS B 215 -9.15 -24.90 -1.74
C CYS B 215 -9.86 -24.83 -0.39
N TYR B 216 -10.98 -24.17 -0.32
CA TYR B 216 -11.70 -24.08 0.97
C TYR B 216 -12.09 -25.50 1.43
N PRO B 217 -12.17 -25.74 2.71
CA PRO B 217 -12.54 -27.08 3.25
C PRO B 217 -14.02 -27.39 3.00
N LYS B 218 -14.89 -26.54 3.45
CA LYS B 218 -16.35 -26.77 3.24
C LYS B 218 -17.06 -25.41 3.20
N PRO B 219 -18.16 -25.30 2.50
CA PRO B 219 -18.92 -24.02 2.38
C PRO B 219 -18.86 -23.18 3.67
N ALA B 220 -18.29 -22.01 3.58
CA ALA B 220 -18.19 -21.13 4.79
C ALA B 220 -19.39 -20.19 4.84
N CYS B 221 -19.75 -19.74 6.02
CA CYS B 221 -20.91 -18.81 6.14
C CYS B 221 -20.42 -17.36 6.17
N GLU B 222 -21.07 -16.49 5.44
CA GLU B 222 -20.64 -15.06 5.43
C GLU B 222 -21.83 -14.18 5.04
N GLU B 223 -21.99 -13.07 5.71
CA GLU B 223 -23.13 -12.15 5.38
C GLU B 223 -22.97 -10.85 6.16
N MET A 1 5.06 8.98 -15.84
CA MET A 1 5.81 9.77 -14.82
C MET A 1 5.76 11.25 -15.19
N ARG A 2 4.89 12.00 -14.56
CA ARG A 2 4.79 13.45 -14.85
C ARG A 2 4.47 14.22 -13.56
N VAL A 3 5.06 15.38 -13.38
CA VAL A 3 4.82 16.19 -12.15
C VAL A 3 4.05 17.46 -12.51
N LEU A 4 3.05 17.79 -11.72
CA LEU A 4 2.25 19.02 -11.98
C LEU A 4 2.68 20.09 -10.96
N LEU A 5 3.20 21.20 -11.45
CA LEU A 5 3.66 22.30 -10.54
C LEU A 5 2.85 23.56 -10.82
N ILE A 6 1.96 23.90 -9.91
CA ILE A 6 1.14 25.13 -10.09
C ILE A 6 1.77 26.26 -9.29
N GLU A 7 2.49 27.14 -9.95
CA GLU A 7 3.16 28.27 -9.24
C GLU A 7 2.86 29.59 -9.97
N LYS A 8 2.32 30.55 -9.28
CA LYS A 8 2.00 31.85 -9.93
C LYS A 8 3.31 32.53 -10.35
N ASN A 9 4.35 32.35 -9.58
CA ASN A 9 5.66 32.98 -9.94
C ASN A 9 6.43 32.04 -10.86
N SER A 10 6.61 32.42 -12.09
CA SER A 10 7.36 31.55 -13.05
C SER A 10 8.81 31.42 -12.59
N VAL A 11 9.32 32.40 -11.89
CA VAL A 11 10.73 32.34 -11.43
C VAL A 11 10.89 31.23 -10.39
N LEU A 12 10.08 31.24 -9.37
CA LEU A 12 10.19 30.18 -8.32
C LEU A 12 9.92 28.81 -8.97
N GLY A 13 9.04 28.76 -9.92
CA GLY A 13 8.74 27.45 -10.57
C GLY A 13 9.94 27.07 -11.44
N GLY A 14 10.67 28.04 -11.91
CA GLY A 14 11.85 27.75 -12.76
C GLY A 14 12.88 26.98 -11.95
N GLU A 15 13.26 27.48 -10.80
CA GLU A 15 14.26 26.77 -9.96
C GLU A 15 13.75 25.38 -9.60
N ILE A 16 12.51 25.26 -9.19
CA ILE A 16 11.99 23.90 -8.84
C ILE A 16 11.99 23.04 -10.11
N GLU A 17 11.65 23.61 -11.23
CA GLU A 17 11.61 22.82 -12.49
C GLU A 17 13.01 22.31 -12.83
N LYS A 18 14.01 23.15 -12.80
CA LYS A 18 15.38 22.70 -13.13
C LYS A 18 15.98 21.96 -11.94
N GLY A 19 15.31 21.97 -10.83
CA GLY A 19 15.83 21.28 -9.63
C GLY A 19 15.47 19.79 -9.71
N LEU A 20 14.21 19.48 -9.89
CA LEU A 20 13.79 18.06 -9.98
C LEU A 20 14.25 17.48 -11.31
N ASN A 21 14.45 18.31 -12.30
CA ASN A 21 14.91 17.79 -13.63
C ASN A 21 16.20 16.99 -13.44
N VAL A 22 17.07 17.44 -12.57
CA VAL A 22 18.34 16.71 -12.34
C VAL A 22 18.02 15.25 -12.04
N LYS A 23 17.08 15.00 -11.17
CA LYS A 23 16.72 13.60 -10.85
C LYS A 23 16.39 12.87 -12.14
N GLY A 24 15.50 13.43 -12.90
CA GLY A 24 15.10 12.81 -14.20
C GLY A 24 13.56 12.72 -14.26
N PHE A 25 12.88 13.74 -13.80
CA PHE A 25 11.38 13.72 -13.82
C PHE A 25 10.88 14.85 -14.73
N MET A 26 9.66 14.76 -15.19
CA MET A 26 9.09 15.82 -16.07
C MET A 26 8.18 16.72 -15.22
N ALA A 27 8.23 18.01 -15.43
CA ALA A 27 7.37 18.92 -14.61
C ALA A 27 6.85 20.06 -15.47
N ASP A 28 5.66 20.53 -15.18
CA ASP A 28 5.06 21.66 -15.96
C ASP A 28 4.76 22.82 -15.00
N VAL A 29 4.82 24.04 -15.49
CA VAL A 29 4.56 25.22 -14.62
C VAL A 29 3.24 25.87 -15.06
N THR A 30 2.39 26.22 -14.12
CA THR A 30 1.09 26.85 -14.48
C THR A 30 0.81 28.02 -13.53
N GLU A 31 -0.17 28.83 -13.84
CA GLU A 31 -0.49 30.00 -12.97
C GLU A 31 -1.54 29.58 -11.92
N SER A 32 -2.76 30.00 -12.09
CA SER A 32 -3.82 29.64 -11.11
C SER A 32 -4.35 28.23 -11.38
N LEU A 33 -5.12 27.70 -10.48
CA LEU A 33 -5.66 26.33 -10.67
C LEU A 33 -6.39 26.25 -12.02
N GLU A 34 -6.99 27.33 -12.43
CA GLU A 34 -7.73 27.32 -13.73
C GLU A 34 -6.83 26.72 -14.82
N ASP A 35 -5.62 27.20 -14.92
CA ASP A 35 -4.70 26.66 -15.96
C ASP A 35 -4.39 25.20 -15.66
N GLY A 36 -3.98 24.91 -14.46
CA GLY A 36 -3.65 23.50 -14.09
C GLY A 36 -4.92 22.64 -14.22
N GLU A 37 -6.05 23.16 -13.84
CA GLU A 37 -7.31 22.37 -13.96
C GLU A 37 -7.60 22.07 -15.43
N TYR A 38 -7.51 23.07 -16.27
CA TYR A 38 -7.79 22.83 -17.72
C TYR A 38 -6.66 21.99 -18.32
N LEU A 39 -5.45 22.19 -17.85
CA LEU A 39 -4.30 21.40 -18.38
C LEU A 39 -4.42 19.96 -17.89
N MET A 40 -4.32 19.74 -16.61
CA MET A 40 -4.38 18.35 -16.08
C MET A 40 -5.60 17.64 -16.69
N ASP A 41 -6.56 18.37 -17.17
CA ASP A 41 -7.77 17.72 -17.76
C ASP A 41 -7.39 16.93 -19.02
N ILE A 42 -6.57 17.49 -19.86
CA ILE A 42 -6.17 16.77 -21.11
C ILE A 42 -5.04 15.78 -20.81
N ARG A 43 -4.25 16.04 -19.80
CA ARG A 43 -3.12 15.12 -19.45
C ARG A 43 -3.16 14.79 -17.95
N ASN A 44 -2.83 13.58 -17.59
CA ASN A 44 -2.86 13.19 -16.15
C ASN A 44 -1.45 13.29 -15.56
N TYR A 45 -1.34 13.56 -14.28
CA TYR A 45 -0.01 13.69 -13.62
C TYR A 45 0.04 12.77 -12.39
N ASP A 46 1.15 12.14 -12.16
CA ASP A 46 1.26 11.24 -10.98
C ASP A 46 1.46 12.07 -9.72
N LEU A 47 2.29 13.08 -9.79
CA LEU A 47 2.55 13.95 -8.59
C LEU A 47 1.79 15.27 -8.77
N VAL A 48 0.80 15.51 -7.95
CA VAL A 48 0.02 16.78 -8.05
C VAL A 48 0.54 17.74 -6.99
N MET A 49 1.40 18.65 -7.36
CA MET A 49 1.96 19.63 -6.37
C MET A 49 1.52 21.04 -6.73
N VAL A 50 1.11 21.80 -5.74
CA VAL A 50 0.64 23.18 -6.00
C VAL A 50 1.07 24.11 -4.84
N SER A 51 1.66 25.22 -5.17
CA SER A 51 2.10 26.19 -4.12
C SER A 51 1.01 27.26 -3.91
N ASP A 52 -0.15 27.07 -4.48
CA ASP A 52 -1.23 28.08 -4.30
C ASP A 52 -1.86 27.91 -2.91
N LYS A 53 -2.20 28.99 -2.27
CA LYS A 53 -2.81 28.90 -0.91
C LYS A 53 -4.27 28.44 -1.00
N ASN A 54 -5.03 29.00 -1.90
CA ASN A 54 -6.46 28.59 -2.03
C ASN A 54 -6.54 27.17 -2.56
N ALA A 55 -5.45 26.47 -2.60
CA ALA A 55 -5.46 25.06 -3.12
C ALA A 55 -6.21 24.15 -2.14
N LEU A 56 -6.33 24.54 -0.90
CA LEU A 56 -7.04 23.68 0.10
C LEU A 56 -8.31 23.11 -0.51
N SER A 57 -9.14 23.93 -1.09
CA SER A 57 -10.40 23.41 -1.70
C SER A 57 -10.06 22.56 -2.92
N PHE A 58 -9.00 22.89 -3.60
CA PHE A 58 -8.60 22.11 -4.82
C PHE A 58 -8.10 20.72 -4.41
N VAL A 59 -7.10 20.66 -3.57
CA VAL A 59 -6.57 19.33 -3.17
C VAL A 59 -7.72 18.47 -2.61
N SER A 60 -8.65 19.09 -1.96
CA SER A 60 -9.79 18.31 -1.38
C SER A 60 -10.54 17.62 -2.51
N ARG A 61 -10.98 18.35 -3.50
CA ARG A 61 -11.73 17.69 -4.61
C ARG A 61 -10.79 16.78 -5.40
N ILE A 62 -9.51 17.04 -5.39
CA ILE A 62 -8.58 16.15 -6.16
C ILE A 62 -8.68 14.73 -5.61
N LYS A 63 -8.63 14.57 -4.31
CA LYS A 63 -8.74 13.19 -3.75
C LYS A 63 -10.13 12.64 -4.06
N GLU A 64 -11.16 13.42 -3.88
CA GLU A 64 -12.53 12.94 -4.20
C GLU A 64 -12.59 12.62 -5.69
N LYS A 65 -12.17 13.54 -6.50
CA LYS A 65 -12.19 13.30 -7.97
C LYS A 65 -11.10 12.29 -8.34
N HIS A 66 -9.86 12.69 -8.23
CA HIS A 66 -8.74 11.76 -8.56
C HIS A 66 -8.20 11.14 -7.26
N SER A 67 -8.74 10.03 -6.87
CA SER A 67 -8.27 9.38 -5.61
C SER A 67 -6.97 8.63 -5.86
N SER A 68 -6.85 7.97 -6.98
CA SER A 68 -5.60 7.22 -7.28
C SER A 68 -4.51 8.18 -7.75
N ILE A 69 -4.18 9.16 -6.94
CA ILE A 69 -3.13 10.14 -7.35
C ILE A 69 -2.43 10.70 -6.10
N VAL A 70 -1.23 11.22 -6.25
CA VAL A 70 -0.50 11.78 -5.08
C VAL A 70 -0.69 13.30 -5.04
N VAL A 71 -0.74 13.89 -3.86
CA VAL A 71 -0.93 15.38 -3.77
C VAL A 71 0.07 15.98 -2.79
N LEU A 72 0.81 16.98 -3.24
CA LEU A 72 1.82 17.65 -2.34
C LEU A 72 1.50 19.15 -2.30
N VAL A 73 0.85 19.60 -1.26
CA VAL A 73 0.51 21.05 -1.17
C VAL A 73 1.62 21.77 -0.42
N SER A 74 1.80 23.04 -0.66
CA SER A 74 2.86 23.81 0.07
C SER A 74 2.21 25.06 0.68
N SER A 75 2.88 25.74 1.57
CA SER A 75 2.25 26.94 2.20
C SER A 75 3.28 27.71 3.03
N ASP A 76 3.44 28.98 2.78
CA ASP A 76 4.43 29.80 3.53
C ASP A 76 3.95 30.03 4.96
N ASN A 77 2.97 29.28 5.41
CA ASN A 77 2.45 29.46 6.81
C ASN A 77 2.19 28.09 7.46
N PRO A 78 3.24 27.39 7.82
CA PRO A 78 3.12 26.05 8.46
C PRO A 78 2.78 26.14 9.94
N THR A 79 1.53 26.43 10.23
CA THR A 79 1.07 26.52 11.65
C THR A 79 0.27 25.27 11.97
N SER A 80 0.20 24.89 13.22
CA SER A 80 -0.57 23.67 13.59
C SER A 80 -1.95 23.72 12.96
N GLU A 81 -2.45 24.89 12.66
CA GLU A 81 -3.81 25.00 12.05
C GLU A 81 -3.78 24.46 10.62
N GLU A 82 -2.85 24.92 9.82
CA GLU A 82 -2.79 24.45 8.41
C GLU A 82 -2.31 23.00 8.36
N GLU A 83 -1.53 22.59 9.33
CA GLU A 83 -1.02 21.18 9.31
C GLU A 83 -2.20 20.21 9.45
N VAL A 84 -2.98 20.34 10.49
CA VAL A 84 -4.13 19.41 10.67
C VAL A 84 -5.16 19.65 9.57
N HIS A 85 -5.40 20.89 9.23
CA HIS A 85 -6.39 21.18 8.15
C HIS A 85 -5.90 20.61 6.81
N ALA A 86 -4.63 20.71 6.56
CA ALA A 86 -4.08 20.19 5.28
C ALA A 86 -4.34 18.68 5.16
N PHE A 87 -4.15 17.96 6.23
CA PHE A 87 -4.39 16.49 6.17
C PHE A 87 -5.89 16.25 6.10
N GLU A 88 -6.67 17.10 6.70
CA GLU A 88 -8.14 16.93 6.66
C GLU A 88 -8.65 17.28 5.25
N GLN A 89 -8.05 18.24 4.62
CA GLN A 89 -8.50 18.64 3.26
C GLN A 89 -8.31 17.46 2.30
N GLY A 90 -7.10 16.94 2.19
CA GLY A 90 -6.86 15.78 1.28
C GLY A 90 -5.47 15.84 0.68
N ALA A 91 -4.52 16.43 1.38
CA ALA A 91 -3.13 16.51 0.84
C ALA A 91 -2.33 15.32 1.36
N ASP A 92 -1.67 14.60 0.50
CA ASP A 92 -0.87 13.43 0.97
C ASP A 92 0.27 13.93 1.84
N ASP A 93 0.83 15.07 1.51
CA ASP A 93 1.94 15.63 2.32
C ASP A 93 1.95 17.15 2.17
N TYR A 94 2.30 17.86 3.21
CA TYR A 94 2.34 19.36 3.15
C TYR A 94 3.74 19.84 3.51
N ILE A 95 4.36 20.56 2.61
CA ILE A 95 5.75 21.06 2.85
C ILE A 95 5.71 22.59 3.07
N ALA A 96 6.51 23.09 3.96
CA ALA A 96 6.54 24.56 4.17
C ALA A 96 7.00 25.19 2.85
N LYS A 97 6.25 26.11 2.31
CA LYS A 97 6.67 26.72 1.01
C LYS A 97 8.15 27.07 1.02
N PRO A 98 8.62 27.88 1.95
CA PRO A 98 10.02 28.29 1.92
C PRO A 98 10.95 27.10 1.62
N TYR A 99 11.22 26.87 0.37
CA TYR A 99 12.07 25.71 -0.01
C TYR A 99 13.28 25.62 0.92
N ARG A 100 13.28 24.69 1.84
CA ARG A 100 14.42 24.56 2.78
C ARG A 100 15.70 24.41 1.96
N SER A 101 15.59 23.91 0.75
CA SER A 101 16.79 23.76 -0.11
C SER A 101 16.39 23.21 -1.47
N ILE A 102 15.16 23.43 -1.88
CA ILE A 102 14.71 22.89 -3.21
C ILE A 102 15.02 21.40 -3.31
N LYS A 103 16.27 21.05 -3.39
CA LYS A 103 16.62 19.61 -3.46
C LYS A 103 16.03 18.94 -2.23
N ALA A 104 15.78 19.70 -1.19
CA ALA A 104 15.16 19.10 0.03
C ALA A 104 13.73 18.69 -0.32
N LEU A 105 13.01 19.55 -1.00
CA LEU A 105 11.61 19.22 -1.40
C LEU A 105 11.64 18.07 -2.41
N VAL A 106 12.43 18.19 -3.43
CA VAL A 106 12.53 17.08 -4.44
C VAL A 106 12.98 15.81 -3.73
N ALA A 107 13.94 15.93 -2.84
CA ALA A 107 14.42 14.73 -2.11
C ALA A 107 13.22 14.01 -1.50
N ARG A 108 12.27 14.74 -0.99
CA ARG A 108 11.08 14.10 -0.38
C ARG A 108 10.28 13.41 -1.50
N ILE A 109 10.25 14.00 -2.67
CA ILE A 109 9.50 13.36 -3.79
C ILE A 109 10.31 12.19 -4.33
N GLU A 110 11.60 12.24 -4.18
CA GLU A 110 12.46 11.13 -4.69
C GLU A 110 12.16 9.84 -3.91
N ALA A 111 12.20 9.89 -2.60
CA ALA A 111 11.94 8.66 -1.81
C ALA A 111 10.44 8.32 -1.82
N ARG A 112 9.60 9.31 -1.93
CA ARG A 112 8.13 9.04 -1.93
C ARG A 112 7.76 8.13 -3.11
N LEU A 113 8.29 8.40 -4.28
CA LEU A 113 7.97 7.52 -5.45
C LEU A 113 9.13 7.53 -6.44
N ARG A 114 10.14 6.72 -6.19
CA ARG A 114 11.31 6.66 -7.11
C ARG A 114 11.09 5.51 -8.11
N PHE A 115 10.92 4.30 -7.61
CA PHE A 115 10.70 3.15 -8.51
C PHE A 115 9.33 3.26 -9.18
N TRP A 116 8.28 3.33 -8.41
CA TRP A 116 6.90 3.44 -9.00
C TRP A 116 6.75 2.43 -10.14
N GLY A 117 6.37 1.22 -9.81
CA GLY A 117 6.21 0.19 -10.87
C GLY A 117 6.01 -1.18 -10.21
N SER A 118 4.80 -1.63 -10.11
CA SER A 118 4.54 -2.96 -9.48
C SER A 118 3.27 -3.57 -10.03
N ASN A 119 3.11 -4.84 -9.85
CA ASN A 119 1.91 -5.53 -10.39
C ASN A 119 1.67 -6.82 -9.60
N VAL A 120 0.46 -7.02 -9.13
CA VAL A 120 0.17 -8.26 -8.35
C VAL A 120 -0.32 -9.36 -9.30
N ILE A 121 -1.01 -8.97 -10.35
CA ILE A 121 -1.54 -9.97 -11.33
C ILE A 121 -0.71 -9.87 -12.63
N GLU A 122 -0.35 -10.98 -13.21
CA GLU A 122 0.45 -10.92 -14.47
C GLU A 122 0.12 -12.13 -15.35
N ILE A 123 -0.04 -11.91 -16.63
CA ILE A 123 -0.36 -13.04 -17.55
C ILE A 123 0.18 -12.71 -18.94
N GLY A 124 0.82 -13.65 -19.58
CA GLY A 124 1.38 -13.39 -20.94
C GLY A 124 2.11 -12.04 -20.96
N ASP A 125 2.00 -11.32 -22.03
CA ASP A 125 2.68 -9.99 -22.11
C ASP A 125 1.78 -8.92 -21.49
N LEU A 126 0.58 -9.28 -21.12
CA LEU A 126 -0.36 -8.30 -20.50
C LEU A 126 -0.18 -8.34 -18.98
N THR A 127 -0.14 -7.20 -18.33
CA THR A 127 0.04 -7.19 -16.84
C THR A 127 -1.01 -6.29 -16.21
N ILE A 128 -1.51 -6.64 -15.05
CA ILE A 128 -2.55 -5.82 -14.37
C ILE A 128 -2.17 -5.64 -12.89
N SER A 129 -2.33 -4.44 -12.38
CA SER A 129 -1.98 -4.16 -10.95
C SER A 129 -3.23 -3.64 -10.22
N PRO A 130 -4.07 -4.52 -9.74
CA PRO A 130 -5.32 -4.13 -9.02
C PRO A 130 -5.05 -3.18 -7.85
N ASP A 131 -4.01 -3.43 -7.09
CA ASP A 131 -3.69 -2.54 -5.94
C ASP A 131 -3.48 -1.12 -6.44
N GLU A 132 -2.72 -0.95 -7.49
CA GLU A 132 -2.46 0.41 -8.04
C GLU A 132 -3.63 0.80 -8.96
N GLU A 133 -4.52 -0.13 -9.22
CA GLU A 133 -5.68 0.17 -10.10
C GLU A 133 -5.16 0.67 -11.46
N LYS A 134 -4.38 -0.13 -12.14
CA LYS A 134 -3.85 0.29 -13.48
C LYS A 134 -3.67 -0.94 -14.36
N ILE A 135 -4.28 -0.95 -15.52
CA ILE A 135 -4.15 -2.13 -16.44
C ILE A 135 -3.05 -1.85 -17.48
N ILE A 136 -2.24 -2.84 -17.77
CA ILE A 136 -1.14 -2.66 -18.77
C ILE A 136 -1.41 -3.59 -19.96
N TYR A 137 -1.40 -3.05 -21.16
CA TYR A 137 -1.65 -3.89 -22.38
C TYR A 137 -0.65 -3.52 -23.48
N LYS A 138 0.09 -4.47 -23.96
CA LYS A 138 1.08 -4.19 -25.04
C LYS A 138 2.01 -3.05 -24.60
N GLY A 139 2.31 -2.96 -23.33
CA GLY A 139 3.22 -1.88 -22.86
C GLY A 139 2.47 -0.55 -22.75
N ARG A 140 1.17 -0.59 -22.87
CA ARG A 140 0.37 0.68 -22.77
C ARG A 140 -0.11 0.85 -21.33
N GLU A 141 0.20 1.96 -20.73
CA GLU A 141 -0.24 2.19 -19.31
C GLU A 141 -1.56 2.98 -19.31
N VAL A 142 -2.60 2.42 -18.77
CA VAL A 142 -3.92 3.13 -18.72
C VAL A 142 -4.53 2.96 -17.32
N GLU A 143 -5.09 4.01 -16.78
CA GLU A 143 -5.71 3.93 -15.43
C GLU A 143 -7.22 3.69 -15.57
N VAL A 144 -7.83 3.09 -14.59
CA VAL A 144 -9.30 2.82 -14.65
C VAL A 144 -9.94 3.10 -13.29
N LYS A 145 -11.14 3.60 -13.29
CA LYS A 145 -11.82 3.89 -11.99
C LYS A 145 -13.29 4.21 -12.24
N GLY A 146 -13.83 3.78 -13.34
CA GLY A 146 -15.26 4.05 -13.64
C GLY A 146 -16.13 2.99 -12.96
N LYS A 147 -17.41 3.02 -13.19
CA LYS A 147 -18.31 2.01 -12.56
C LYS A 147 -18.33 0.70 -13.36
N PRO A 148 -18.19 0.74 -14.67
CA PRO A 148 -18.20 -0.49 -15.51
C PRO A 148 -16.81 -1.10 -15.69
N PHE A 149 -15.77 -0.36 -15.40
CA PHE A 149 -14.39 -0.93 -15.56
C PHE A 149 -14.03 -1.77 -14.33
N GLU A 150 -14.63 -1.48 -13.21
CA GLU A 150 -14.32 -2.28 -11.98
C GLU A 150 -14.44 -3.76 -12.30
N VAL A 151 -15.33 -4.10 -13.19
CA VAL A 151 -15.49 -5.54 -13.57
C VAL A 151 -14.19 -6.04 -14.21
N LEU A 152 -13.54 -5.20 -14.98
CA LEU A 152 -12.27 -5.63 -15.63
C LEU A 152 -11.23 -5.94 -14.55
N THR A 153 -11.16 -5.13 -13.54
CA THR A 153 -10.17 -5.38 -12.45
C THR A 153 -10.62 -6.56 -11.60
N HIS A 154 -11.89 -6.71 -11.38
CA HIS A 154 -12.39 -7.85 -10.55
C HIS A 154 -12.01 -9.18 -11.20
N LEU A 155 -12.33 -9.37 -12.45
CA LEU A 155 -11.97 -10.67 -13.10
C LEU A 155 -10.45 -10.75 -13.27
N ALA A 156 -9.79 -9.63 -13.35
CA ALA A 156 -8.30 -9.68 -13.51
C ALA A 156 -7.69 -10.47 -12.37
N ARG A 157 -8.01 -10.13 -11.15
CA ARG A 157 -7.45 -10.87 -9.99
C ARG A 157 -8.03 -12.29 -9.96
N HIS A 158 -9.31 -12.44 -10.18
CA HIS A 158 -9.93 -13.79 -10.18
C HIS A 158 -10.01 -14.33 -11.61
N ARG A 159 -9.08 -13.93 -12.44
CA ARG A 159 -9.10 -14.40 -13.85
C ARG A 159 -8.96 -15.92 -13.87
N ASP A 160 -8.45 -16.50 -12.83
CA ASP A 160 -8.28 -18.00 -12.76
C ASP A 160 -9.16 -18.55 -11.64
N GLN A 161 -10.47 -18.45 -11.79
CA GLN A 161 -11.37 -18.96 -10.73
C GLN A 161 -12.79 -19.10 -11.30
N ILE A 162 -13.60 -19.93 -10.71
CA ILE A 162 -14.99 -20.11 -11.21
C ILE A 162 -15.88 -19.00 -10.66
N VAL A 163 -16.53 -18.25 -11.53
CA VAL A 163 -17.42 -17.12 -11.06
C VAL A 163 -18.84 -17.37 -11.55
N SER A 164 -19.82 -17.14 -10.71
CA SER A 164 -21.24 -17.35 -11.11
C SER A 164 -21.80 -16.05 -11.66
N LYS A 165 -22.87 -16.12 -12.42
CA LYS A 165 -23.47 -14.88 -12.99
C LYS A 165 -23.91 -13.97 -11.85
N GLU A 166 -24.55 -14.50 -10.85
CA GLU A 166 -25.01 -13.67 -9.72
C GLU A 166 -23.80 -13.06 -9.00
N GLN A 167 -22.69 -13.75 -8.99
CA GLN A 167 -21.48 -13.20 -8.31
C GLN A 167 -21.09 -11.87 -8.95
N LEU A 168 -21.08 -11.81 -10.26
CA LEU A 168 -20.70 -10.54 -10.94
C LEU A 168 -21.73 -9.46 -10.62
N LEU A 169 -22.99 -9.80 -10.67
CA LEU A 169 -24.04 -8.79 -10.38
C LEU A 169 -23.94 -8.33 -8.92
N ASP A 170 -23.75 -9.27 -8.03
CA ASP A 170 -23.64 -8.90 -6.59
C ASP A 170 -22.26 -8.28 -6.32
N ALA A 171 -21.38 -8.34 -7.27
CA ALA A 171 -20.02 -7.76 -7.07
C ALA A 171 -20.02 -6.29 -7.51
N ILE A 172 -20.42 -6.02 -8.72
CA ILE A 172 -20.43 -4.60 -9.20
C ILE A 172 -21.77 -3.94 -8.84
N TRP A 173 -22.88 -4.58 -9.15
CA TRP A 173 -24.20 -3.96 -8.83
C TRP A 173 -24.60 -4.31 -7.39
N GLU A 174 -25.35 -5.37 -7.21
CA GLU A 174 -25.80 -5.77 -5.84
C GLU A 174 -26.88 -4.80 -5.35
N GLU A 175 -26.74 -4.29 -4.15
CA GLU A 175 -27.77 -3.35 -3.61
C GLU A 175 -29.15 -4.00 -3.77
N PRO A 176 -30.21 -3.34 -3.36
CA PRO A 176 -31.60 -3.90 -3.48
C PRO A 176 -32.00 -4.14 -4.94
N GLU A 177 -31.07 -4.54 -5.76
CA GLU A 177 -31.40 -4.79 -7.19
C GLU A 177 -32.16 -3.61 -7.77
N MET A 178 -31.67 -2.41 -7.59
CA MET A 178 -32.38 -1.21 -8.12
C MET A 178 -32.56 -1.39 -9.63
N VAL A 179 -31.65 -2.06 -10.28
CA VAL A 179 -31.78 -2.27 -11.75
C VAL A 179 -32.89 -3.28 -12.03
N THR A 180 -33.26 -3.43 -13.28
CA THR A 180 -34.35 -4.40 -13.62
C THR A 180 -33.95 -5.79 -13.11
N PRO A 181 -34.92 -6.63 -12.79
CA PRO A 181 -34.65 -8.01 -12.30
C PRO A 181 -33.45 -8.65 -13.02
N ASN A 182 -33.58 -8.93 -14.28
CA ASN A 182 -32.47 -9.54 -15.05
C ASN A 182 -31.65 -8.44 -15.73
N VAL A 183 -30.36 -8.65 -15.85
CA VAL A 183 -29.51 -7.61 -16.50
C VAL A 183 -28.11 -8.18 -16.72
N ILE A 184 -27.68 -9.09 -15.89
CA ILE A 184 -26.33 -9.68 -16.05
C ILE A 184 -26.16 -10.23 -17.47
N GLU A 185 -27.17 -10.84 -18.01
CA GLU A 185 -27.05 -11.40 -19.39
C GLU A 185 -26.63 -10.27 -20.35
N VAL A 186 -27.14 -9.10 -20.14
CA VAL A 186 -26.76 -7.97 -21.04
C VAL A 186 -25.36 -7.47 -20.69
N ALA A 187 -25.00 -7.51 -19.43
CA ALA A 187 -23.64 -7.05 -19.03
C ALA A 187 -22.59 -8.05 -19.50
N ILE A 188 -22.76 -9.31 -19.20
CA ILE A 188 -21.77 -10.33 -19.62
C ILE A 188 -21.68 -10.37 -21.15
N ASN A 189 -22.77 -10.12 -21.82
CA ASN A 189 -22.74 -10.16 -23.31
C ASN A 189 -21.86 -9.02 -23.86
N GLN A 190 -22.14 -7.80 -23.49
CA GLN A 190 -21.32 -6.67 -23.99
C GLN A 190 -19.90 -6.76 -23.42
N ILE A 191 -19.78 -7.08 -22.17
CA ILE A 191 -18.43 -7.19 -21.57
C ILE A 191 -17.60 -8.20 -22.36
N ARG A 192 -18.17 -9.32 -22.70
CA ARG A 192 -17.42 -10.33 -23.49
C ARG A 192 -16.94 -9.69 -24.79
N GLN A 193 -17.79 -8.95 -25.45
CA GLN A 193 -17.37 -8.29 -26.72
C GLN A 193 -16.32 -7.22 -26.41
N LYS A 194 -16.45 -6.54 -25.30
CA LYS A 194 -15.46 -5.49 -24.95
C LYS A 194 -14.14 -6.14 -24.54
N MET A 195 -14.15 -7.41 -24.26
CA MET A 195 -12.89 -8.10 -23.85
C MET A 195 -12.21 -8.73 -25.08
N ASP A 196 -12.92 -8.85 -26.17
CA ASP A 196 -12.31 -9.48 -27.40
C ASP A 196 -11.95 -8.39 -28.41
N LYS A 197 -12.36 -7.16 -28.19
CA LYS A 197 -12.03 -6.08 -29.17
C LYS A 197 -10.69 -5.42 -28.81
N PRO A 198 -10.45 -5.16 -27.54
CA PRO A 198 -9.20 -4.52 -27.09
C PRO A 198 -8.10 -5.54 -26.75
N LEU A 199 -8.36 -6.45 -25.84
CA LEU A 199 -7.30 -7.45 -25.49
C LEU A 199 -6.97 -8.27 -26.74
N GLY A 200 -7.94 -8.51 -27.58
CA GLY A 200 -7.67 -9.30 -28.82
C GLY A 200 -7.54 -10.78 -28.46
N ILE A 201 -7.34 -11.08 -27.19
CA ILE A 201 -7.20 -12.52 -26.76
C ILE A 201 -8.38 -12.88 -25.84
N SER A 202 -9.05 -13.96 -26.11
CA SER A 202 -10.20 -14.36 -25.25
C SER A 202 -9.67 -15.04 -23.98
N THR A 203 -10.26 -14.75 -22.84
CA THR A 203 -9.78 -15.37 -21.57
C THR A 203 -10.99 -15.73 -20.70
N VAL A 204 -12.18 -15.60 -21.23
CA VAL A 204 -13.42 -15.93 -20.44
C VAL A 204 -14.11 -17.15 -21.07
N GLU A 205 -14.50 -18.10 -20.25
CA GLU A 205 -15.17 -19.32 -20.76
C GLU A 205 -16.62 -19.36 -20.25
N THR A 206 -17.56 -19.65 -21.12
CA THR A 206 -18.99 -19.70 -20.69
C THR A 206 -19.40 -21.16 -20.46
N VAL A 207 -20.17 -21.43 -19.43
CA VAL A 207 -20.60 -22.83 -19.16
C VAL A 207 -21.97 -22.82 -18.48
N ARG A 208 -22.85 -23.68 -18.89
CA ARG A 208 -24.20 -23.73 -18.26
C ARG A 208 -24.16 -24.60 -17.02
N ARG A 209 -23.11 -25.36 -16.86
CA ARG A 209 -23.00 -26.25 -15.66
C ARG A 209 -23.17 -25.41 -14.38
N ARG A 210 -22.70 -24.18 -14.40
CA ARG A 210 -22.82 -23.31 -13.20
C ARG A 210 -22.89 -21.84 -13.64
N GLY A 211 -21.85 -21.35 -14.25
CA GLY A 211 -21.86 -19.93 -14.71
C GLY A 211 -20.76 -19.72 -15.75
N TYR A 212 -19.77 -18.93 -15.44
CA TYR A 212 -18.66 -18.67 -16.41
C TYR A 212 -17.32 -18.99 -15.75
N ARG A 213 -16.54 -19.83 -16.35
CA ARG A 213 -15.21 -20.19 -15.76
C ARG A 213 -14.15 -19.22 -16.32
N PHE A 214 -13.47 -18.51 -15.47
CA PHE A 214 -12.43 -17.56 -15.93
C PHE A 214 -11.06 -18.23 -15.86
N CYS A 215 -10.36 -18.28 -16.97
CA CYS A 215 -9.01 -18.91 -16.97
C CYS A 215 -8.18 -18.31 -18.11
N TYR A 216 -6.88 -18.29 -17.97
CA TYR A 216 -6.03 -17.72 -19.05
C TYR A 216 -6.01 -18.69 -20.23
N PRO A 217 -5.96 -18.19 -21.46
CA PRO A 217 -5.94 -19.07 -22.66
C PRO A 217 -4.54 -19.60 -22.97
N LYS A 218 -3.60 -19.41 -22.07
CA LYS A 218 -2.22 -19.92 -22.34
C LYS A 218 -2.32 -21.36 -22.88
N PRO A 219 -2.97 -22.27 -22.19
CA PRO A 219 -3.13 -23.67 -22.70
C PRO A 219 -4.21 -23.74 -23.79
N ALA A 220 -4.74 -22.62 -24.19
CA ALA A 220 -5.80 -22.62 -25.24
C ALA A 220 -5.30 -23.37 -26.48
N CYS A 221 -6.17 -24.03 -27.19
CA CYS A 221 -5.76 -24.78 -28.41
C CYS A 221 -6.15 -23.98 -29.66
N GLU A 222 -5.29 -23.93 -30.63
CA GLU A 222 -5.61 -23.17 -31.88
C GLU A 222 -6.08 -21.77 -31.50
N GLU A 223 -5.20 -20.92 -31.06
CA GLU A 223 -5.61 -19.53 -30.68
C GLU A 223 -6.77 -19.60 -29.68
N MET B 1 -1.16 -1.90 19.01
CA MET B 1 -1.20 -0.41 18.91
C MET B 1 -0.33 0.20 20.02
N ARG B 2 0.93 0.45 19.72
CA ARG B 2 1.84 1.04 20.74
C ARG B 2 2.73 2.09 20.09
N VAL B 3 3.09 3.12 20.82
CA VAL B 3 3.96 4.20 20.25
C VAL B 3 5.26 4.28 21.04
N LEU B 4 6.36 4.42 20.36
CA LEU B 4 7.69 4.50 21.04
C LEU B 4 8.21 5.95 20.92
N LEU B 5 8.39 6.61 22.04
CA LEU B 5 8.89 8.01 22.04
C LEU B 5 10.22 8.08 22.81
N ILE B 6 11.32 8.13 22.11
CA ILE B 6 12.63 8.20 22.82
C ILE B 6 13.01 9.67 23.00
N GLU B 7 12.74 10.22 24.15
CA GLU B 7 13.08 11.66 24.42
C GLU B 7 13.98 11.75 25.64
N LYS B 8 14.99 12.56 25.57
CA LYS B 8 15.92 12.71 26.72
C LYS B 8 15.27 13.61 27.78
N ASN B 9 14.48 14.56 27.36
CA ASN B 9 13.80 15.46 28.34
C ASN B 9 12.45 14.86 28.74
N SER B 10 12.30 14.50 29.99
CA SER B 10 11.01 13.92 30.44
C SER B 10 9.89 14.95 30.34
N VAL B 11 10.22 16.21 30.51
CA VAL B 11 9.17 17.27 30.43
C VAL B 11 8.54 17.27 29.03
N LEU B 12 9.36 17.30 28.01
CA LEU B 12 8.80 17.31 26.62
C LEU B 12 8.08 15.99 26.36
N GLY B 13 8.52 14.92 26.97
CA GLY B 13 7.84 13.62 26.75
C GLY B 13 6.55 13.59 27.55
N GLY B 14 6.51 14.29 28.65
CA GLY B 14 5.29 14.33 29.48
C GLY B 14 4.15 14.97 28.68
N GLU B 15 4.38 16.12 28.13
CA GLU B 15 3.30 16.78 27.33
C GLU B 15 2.93 15.91 26.13
N ILE B 16 3.90 15.36 25.46
CA ILE B 16 3.59 14.49 24.29
C ILE B 16 2.83 13.25 24.77
N GLU B 17 3.22 12.73 25.90
CA GLU B 17 2.53 11.52 26.44
C GLU B 17 1.08 11.85 26.78
N LYS B 18 0.85 12.85 27.58
CA LYS B 18 -0.55 13.21 27.95
C LYS B 18 -1.24 13.85 26.77
N GLY B 19 -0.53 14.10 25.71
CA GLY B 19 -1.15 14.73 24.52
C GLY B 19 -1.80 13.65 23.65
N LEU B 20 -1.06 12.66 23.26
CA LEU B 20 -1.63 11.57 22.42
C LEU B 20 -2.53 10.66 23.27
N ASN B 21 -2.31 10.63 24.56
CA ASN B 21 -3.14 9.78 25.44
C ASN B 21 -4.62 10.10 25.20
N VAL B 22 -4.93 11.34 24.96
CA VAL B 22 -6.36 11.71 24.71
C VAL B 22 -6.91 10.87 23.57
N LYS B 23 -6.14 10.68 22.54
CA LYS B 23 -6.62 9.86 21.39
C LYS B 23 -6.81 8.42 21.86
N GLY B 24 -6.30 8.13 23.01
CA GLY B 24 -6.44 6.75 23.58
C GLY B 24 -5.34 5.84 23.02
N PHE B 25 -4.18 6.38 22.74
CA PHE B 25 -3.06 5.55 22.21
C PHE B 25 -2.08 5.26 23.34
N MET B 26 -1.27 4.23 23.21
CA MET B 26 -0.29 3.89 24.28
C MET B 26 1.07 4.43 23.86
N ALA B 27 1.81 5.01 24.77
CA ALA B 27 3.13 5.56 24.41
C ALA B 27 4.12 5.35 25.56
N ASP B 28 5.39 5.22 25.25
CA ASP B 28 6.43 5.02 26.31
C ASP B 28 7.52 6.07 26.12
N VAL B 29 8.07 6.57 27.21
CA VAL B 29 9.15 7.60 27.12
C VAL B 29 10.47 6.98 27.59
N THR B 30 11.51 7.11 26.81
CA THR B 30 12.83 6.53 27.20
C THR B 30 13.94 7.56 26.96
N GLU B 31 15.12 7.31 27.46
CA GLU B 31 16.24 8.28 27.27
C GLU B 31 17.07 7.89 26.03
N SER B 32 18.16 7.20 26.24
CA SER B 32 19.01 6.80 25.08
C SER B 32 18.40 5.60 24.35
N LEU B 33 18.86 5.33 23.16
CA LEU B 33 18.31 4.18 22.38
C LEU B 33 18.42 2.88 23.20
N GLU B 34 19.44 2.74 23.98
CA GLU B 34 19.58 1.49 24.79
C GLU B 34 18.34 1.29 25.66
N ASP B 35 17.87 2.32 26.28
CA ASP B 35 16.65 2.18 27.14
C ASP B 35 15.46 1.75 26.27
N GLY B 36 15.33 2.32 25.11
CA GLY B 36 14.21 1.95 24.21
C GLY B 36 14.56 0.64 23.48
N GLU B 37 15.81 0.34 23.35
CA GLU B 37 16.21 -0.91 22.64
C GLU B 37 15.75 -2.13 23.46
N TYR B 38 15.97 -2.11 24.74
CA TYR B 38 15.55 -3.26 25.59
C TYR B 38 14.05 -3.18 25.86
N LEU B 39 13.53 -2.00 26.02
CA LEU B 39 12.07 -1.85 26.30
C LEU B 39 11.25 -2.13 25.04
N MET B 40 11.74 -1.74 23.89
CA MET B 40 10.97 -1.99 22.63
C MET B 40 11.10 -3.46 22.23
N ASP B 41 12.23 -4.07 22.52
CA ASP B 41 12.42 -5.50 22.13
C ASP B 41 11.24 -6.34 22.62
N ILE B 42 10.71 -6.06 23.77
CA ILE B 42 9.57 -6.86 24.29
C ILE B 42 8.26 -6.43 23.60
N ARG B 43 8.13 -5.18 23.28
CA ARG B 43 6.87 -4.70 22.60
C ARG B 43 7.05 -4.72 21.09
N ASN B 44 5.98 -4.55 20.34
CA ASN B 44 6.07 -4.56 18.85
C ASN B 44 6.24 -3.13 18.34
N TYR B 45 5.90 -2.16 19.14
CA TYR B 45 6.03 -0.72 18.72
C TYR B 45 5.63 -0.53 17.26
N ASP B 46 4.41 -0.10 17.01
CA ASP B 46 3.97 0.12 15.61
C ASP B 46 4.49 1.47 15.11
N LEU B 47 4.51 2.46 15.98
CA LEU B 47 5.02 3.81 15.61
C LEU B 47 6.38 3.99 16.27
N VAL B 48 7.44 4.08 15.50
CA VAL B 48 8.80 4.27 16.11
C VAL B 48 9.17 5.74 16.05
N MET B 49 8.98 6.45 17.13
CA MET B 49 9.31 7.91 17.14
C MET B 49 10.46 8.17 18.11
N VAL B 50 11.45 8.90 17.67
CA VAL B 50 12.62 9.19 18.54
C VAL B 50 13.13 10.60 18.24
N SER B 51 13.43 11.36 19.26
CA SER B 51 13.94 12.76 19.07
C SER B 51 15.46 12.80 19.30
N ASP B 52 16.10 11.66 19.32
CA ASP B 52 17.56 11.64 19.54
C ASP B 52 18.29 12.04 18.25
N LYS B 53 19.39 12.72 18.36
CA LYS B 53 20.13 13.16 17.14
C LYS B 53 20.86 11.95 16.52
N ASN B 54 21.49 11.15 17.33
CA ASN B 54 22.23 9.97 16.78
C ASN B 54 21.24 8.90 16.32
N ALA B 55 19.99 9.26 16.21
CA ALA B 55 18.96 8.26 15.77
C ALA B 55 19.18 7.91 14.30
N LEU B 56 19.83 8.77 13.55
CA LEU B 56 20.05 8.50 12.09
C LEU B 56 20.44 7.04 11.88
N SER B 57 21.43 6.56 12.59
CA SER B 57 21.83 5.14 12.44
C SER B 57 20.70 4.23 12.93
N PHE B 58 20.01 4.66 13.95
CA PHE B 58 18.90 3.83 14.50
C PHE B 58 17.78 3.71 13.47
N VAL B 59 17.18 4.81 13.09
CA VAL B 59 16.07 4.71 12.09
C VAL B 59 16.51 3.87 10.89
N SER B 60 17.76 3.93 10.53
CA SER B 60 18.24 3.13 9.37
C SER B 60 17.99 1.64 9.63
N ARG B 61 18.46 1.14 10.74
CA ARG B 61 18.26 -0.32 11.02
C ARG B 61 16.77 -0.60 11.24
N ILE B 62 16.01 0.36 11.70
CA ILE B 62 14.56 0.10 11.93
C ILE B 62 13.86 -0.16 10.59
N LYS B 63 14.23 0.55 9.55
CA LYS B 63 13.57 0.33 8.24
C LYS B 63 13.98 -1.02 7.65
N GLU B 64 15.26 -1.33 7.63
CA GLU B 64 15.69 -2.63 7.03
C GLU B 64 15.23 -3.80 7.92
N LYS B 65 15.33 -3.65 9.21
CA LYS B 65 14.91 -4.76 10.13
C LYS B 65 13.39 -4.82 10.21
N HIS B 66 12.72 -3.73 9.95
CA HIS B 66 11.22 -3.74 10.01
C HIS B 66 10.66 -2.63 9.13
N SER B 67 10.86 -2.72 7.85
CA SER B 67 10.34 -1.68 6.93
C SER B 67 8.82 -1.56 7.10
N SER B 68 8.17 -2.62 7.49
CA SER B 68 6.70 -2.57 7.68
C SER B 68 6.34 -1.62 8.82
N ILE B 69 7.26 -1.38 9.72
CA ILE B 69 6.97 -0.45 10.85
C ILE B 69 7.16 1.00 10.39
N VAL B 70 6.56 1.94 11.09
CA VAL B 70 6.69 3.38 10.70
C VAL B 70 7.75 4.05 11.56
N VAL B 71 8.42 5.06 11.04
CA VAL B 71 9.49 5.76 11.83
C VAL B 71 9.26 7.28 11.77
N LEU B 72 9.19 7.92 12.91
CA LEU B 72 8.97 9.41 12.95
C LEU B 72 10.13 10.07 13.70
N VAL B 73 11.07 10.63 12.98
CA VAL B 73 12.23 11.29 13.66
C VAL B 73 11.93 12.78 13.83
N SER B 74 12.20 13.33 14.99
CA SER B 74 11.94 14.78 15.22
C SER B 74 13.22 15.57 14.99
N SER B 75 13.14 16.88 15.00
CA SER B 75 14.39 17.69 14.77
C SER B 75 14.23 19.08 15.39
N ASP B 76 14.99 19.38 16.41
CA ASP B 76 14.88 20.72 17.06
C ASP B 76 15.45 21.77 16.12
N ASN B 77 16.13 21.35 15.09
CA ASN B 77 16.73 22.32 14.11
C ASN B 77 16.43 21.83 12.69
N PRO B 78 15.20 21.96 12.26
CA PRO B 78 14.77 21.52 10.92
C PRO B 78 15.70 22.03 9.82
N THR B 79 16.77 21.33 9.58
CA THR B 79 17.74 21.75 8.52
C THR B 79 17.48 20.92 7.26
N SER B 80 17.78 21.47 6.10
CA SER B 80 17.55 20.71 4.84
C SER B 80 18.53 19.54 4.78
N GLU B 81 19.68 19.68 5.38
CA GLU B 81 20.68 18.58 5.35
C GLU B 81 20.13 17.39 6.15
N GLU B 82 19.44 17.66 7.22
CA GLU B 82 18.87 16.55 8.03
C GLU B 82 17.66 15.94 7.32
N GLU B 83 16.95 16.73 6.56
CA GLU B 83 15.76 16.20 5.84
C GLU B 83 16.21 15.25 4.72
N VAL B 84 17.14 15.67 3.90
CA VAL B 84 17.61 14.78 2.81
C VAL B 84 18.24 13.52 3.40
N HIS B 85 18.93 13.65 4.51
CA HIS B 85 19.56 12.47 5.14
C HIS B 85 18.49 11.66 5.90
N ALA B 86 17.39 12.27 6.24
CA ALA B 86 16.33 11.55 6.99
C ALA B 86 15.59 10.58 6.05
N PHE B 87 15.28 10.99 4.86
CA PHE B 87 14.55 10.09 3.91
C PHE B 87 15.56 9.18 3.22
N GLU B 88 16.76 9.64 3.05
CA GLU B 88 17.80 8.81 2.38
C GLU B 88 18.30 7.74 3.34
N GLN B 89 18.45 8.07 4.60
CA GLN B 89 18.94 7.05 5.58
C GLN B 89 17.84 6.03 5.87
N GLY B 90 16.64 6.47 6.13
CA GLY B 90 15.53 5.50 6.41
C GLY B 90 14.54 6.10 7.41
N ALA B 91 13.84 7.15 7.04
CA ALA B 91 12.84 7.78 7.97
C ALA B 91 11.49 7.88 7.25
N ASP B 92 10.42 7.58 7.92
CA ASP B 92 9.08 7.65 7.27
C ASP B 92 8.53 9.08 7.37
N ASP B 93 8.95 9.82 8.36
CA ASP B 93 8.46 11.21 8.52
C ASP B 93 9.51 12.06 9.25
N TYR B 94 9.50 13.34 9.00
CA TYR B 94 10.50 14.25 9.65
C TYR B 94 9.76 15.49 10.17
N ILE B 95 9.48 15.56 11.45
CA ILE B 95 8.75 16.75 12.01
C ILE B 95 9.68 17.60 12.88
N ALA B 96 9.47 18.89 12.91
CA ALA B 96 10.33 19.76 13.76
C ALA B 96 10.09 19.36 15.22
N LYS B 97 11.09 19.42 16.05
CA LYS B 97 10.87 19.03 17.48
C LYS B 97 9.92 19.98 18.19
N PRO B 98 10.21 21.27 18.23
CA PRO B 98 9.36 22.22 18.98
C PRO B 98 7.86 21.92 18.84
N TYR B 99 7.51 21.07 17.90
CA TYR B 99 6.09 20.68 17.69
C TYR B 99 5.24 21.92 17.37
N ARG B 100 4.36 21.82 16.41
CA ARG B 100 3.50 22.99 16.09
C ARG B 100 2.46 23.15 17.19
N SER B 101 1.90 22.07 17.67
CA SER B 101 0.88 22.17 18.75
C SER B 101 0.59 20.81 19.36
N ILE B 102 1.57 19.93 19.44
CA ILE B 102 1.33 18.57 20.04
C ILE B 102 0.10 17.92 19.40
N LYS B 103 -1.07 18.43 19.66
CA LYS B 103 -2.29 17.85 19.05
C LYS B 103 -2.10 17.84 17.54
N ALA B 104 -1.36 18.78 17.04
CA ALA B 104 -1.13 18.82 15.57
C ALA B 104 -0.29 17.60 15.16
N LEU B 105 0.85 17.43 15.76
CA LEU B 105 1.71 16.26 15.43
C LEU B 105 0.90 14.98 15.68
N VAL B 106 0.20 14.91 16.78
CA VAL B 106 -0.62 13.71 17.07
C VAL B 106 -1.62 13.50 15.94
N ALA B 107 -2.31 14.54 15.53
CA ALA B 107 -3.30 14.39 14.43
C ALA B 107 -2.63 13.66 13.26
N ARG B 108 -1.38 13.96 13.01
CA ARG B 108 -0.66 13.28 11.91
C ARG B 108 -0.48 11.79 12.26
N ILE B 109 -0.27 11.49 13.52
CA ILE B 109 -0.09 10.07 13.92
C ILE B 109 -1.45 9.38 13.97
N GLU B 110 -2.48 10.12 14.27
CA GLU B 110 -3.84 9.53 14.37
C GLU B 110 -4.31 9.11 12.96
N ALA B 111 -4.25 9.99 12.02
CA ALA B 111 -4.71 9.64 10.63
C ALA B 111 -3.73 8.67 10.00
N ARG B 112 -2.46 8.84 10.23
CA ARG B 112 -1.46 7.92 9.61
C ARG B 112 -1.76 6.47 10.04
N LEU B 113 -2.22 6.27 11.26
CA LEU B 113 -2.53 4.88 11.71
C LEU B 113 -3.76 4.91 12.63
N ARG B 114 -4.90 4.52 12.12
CA ARG B 114 -6.14 4.51 12.95
C ARG B 114 -6.97 3.26 12.58
N PHE B 115 -8.22 3.23 12.95
CA PHE B 115 -9.06 2.05 12.62
C PHE B 115 -8.34 0.77 13.08
N TRP B 116 -7.59 0.86 14.14
CA TRP B 116 -6.86 -0.34 14.66
C TRP B 116 -6.02 -0.96 13.55
N GLY B 117 -5.15 -1.88 13.91
CA GLY B 117 -4.29 -2.54 12.89
C GLY B 117 -5.13 -2.97 11.70
N SER B 118 -4.57 -2.91 10.51
CA SER B 118 -5.32 -3.32 9.29
C SER B 118 -5.01 -4.78 8.97
N ASN B 119 -5.70 -5.35 8.02
CA ASN B 119 -5.45 -6.78 7.65
C ASN B 119 -5.57 -6.93 6.13
N VAL B 120 -5.37 -8.12 5.61
CA VAL B 120 -5.46 -8.33 4.14
C VAL B 120 -6.16 -9.67 3.87
N ILE B 121 -5.78 -10.70 4.57
CA ILE B 121 -6.41 -12.03 4.35
C ILE B 121 -7.49 -12.24 5.41
N GLU B 122 -8.74 -12.24 5.02
CA GLU B 122 -9.86 -12.41 6.00
C GLU B 122 -10.79 -13.52 5.51
N ILE B 123 -10.73 -14.68 6.13
CA ILE B 123 -11.61 -15.81 5.70
C ILE B 123 -12.01 -16.63 6.93
N GLY B 124 -13.28 -16.78 7.16
CA GLY B 124 -13.73 -17.54 8.37
C GLY B 124 -13.08 -16.93 9.60
N ASP B 125 -13.20 -17.56 10.73
CA ASP B 125 -12.56 -17.00 11.95
C ASP B 125 -11.04 -17.01 11.77
N LEU B 126 -10.57 -17.43 10.62
CA LEU B 126 -9.10 -17.47 10.36
C LEU B 126 -8.68 -16.15 9.72
N THR B 127 -7.83 -15.39 10.38
CA THR B 127 -7.37 -14.09 9.80
C THR B 127 -5.84 -14.07 9.77
N ILE B 128 -5.27 -13.54 8.72
CA ILE B 128 -3.78 -13.51 8.61
C ILE B 128 -3.30 -12.18 8.00
N SER B 129 -2.27 -11.61 8.58
CA SER B 129 -1.72 -10.32 8.08
C SER B 129 -0.28 -10.55 7.55
N PRO B 130 -0.03 -10.39 6.26
CA PRO B 130 1.32 -10.62 5.68
C PRO B 130 2.22 -9.38 5.84
N ASP B 131 1.67 -8.22 5.65
CA ASP B 131 2.48 -6.98 5.76
C ASP B 131 2.99 -6.85 7.20
N GLU B 132 2.12 -6.98 8.17
CA GLU B 132 2.55 -6.86 9.59
C GLU B 132 3.14 -8.19 10.05
N GLU B 133 3.17 -9.17 9.19
CA GLU B 133 3.73 -10.49 9.58
C GLU B 133 3.11 -10.95 10.90
N LYS B 134 1.88 -11.39 10.86
CA LYS B 134 1.22 -11.84 12.11
C LYS B 134 0.04 -12.76 11.75
N ILE B 135 -0.04 -13.91 12.37
CA ILE B 135 -1.15 -14.85 12.08
C ILE B 135 -2.09 -14.91 13.30
N ILE B 136 -3.37 -14.73 13.09
CA ILE B 136 -4.35 -14.74 14.22
C ILE B 136 -5.33 -15.89 14.08
N TYR B 137 -5.46 -16.70 15.11
CA TYR B 137 -6.39 -17.86 15.08
C TYR B 137 -7.16 -17.91 16.40
N LYS B 138 -8.38 -18.36 16.36
CA LYS B 138 -9.21 -18.46 17.61
C LYS B 138 -9.24 -17.12 18.35
N GLY B 139 -9.27 -16.03 17.62
CA GLY B 139 -9.31 -14.69 18.29
C GLY B 139 -8.03 -14.45 19.09
N ARG B 140 -7.08 -15.33 18.94
CA ARG B 140 -5.79 -15.18 19.68
C ARG B 140 -4.71 -14.75 18.69
N GLU B 141 -4.05 -13.66 18.95
CA GLU B 141 -3.00 -13.19 18.01
C GLU B 141 -1.70 -13.96 18.26
N VAL B 142 -0.97 -14.26 17.21
CA VAL B 142 0.31 -15.01 17.35
C VAL B 142 1.37 -14.31 16.49
N GLU B 143 2.52 -14.04 17.06
CA GLU B 143 3.59 -13.37 16.27
C GLU B 143 4.37 -14.40 15.46
N VAL B 144 4.88 -14.01 14.32
CA VAL B 144 5.65 -14.98 13.48
C VAL B 144 6.66 -14.21 12.62
N LYS B 145 7.81 -14.78 12.40
CA LYS B 145 8.84 -14.10 11.56
C LYS B 145 10.05 -15.03 11.36
N GLY B 146 10.16 -15.65 10.22
CA GLY B 146 11.31 -16.57 9.99
C GLY B 146 11.20 -17.23 8.61
N LYS B 147 12.19 -17.98 8.22
CA LYS B 147 12.16 -18.65 6.89
C LYS B 147 10.99 -19.66 6.85
N PRO B 148 10.78 -20.40 7.90
CA PRO B 148 9.69 -21.42 7.97
C PRO B 148 8.29 -20.79 7.86
N PHE B 149 8.12 -19.58 8.35
CA PHE B 149 6.79 -18.92 8.28
C PHE B 149 6.70 -18.06 7.00
N GLU B 150 7.81 -17.79 6.38
CA GLU B 150 7.78 -16.95 5.16
C GLU B 150 6.93 -17.64 4.08
N VAL B 151 7.06 -18.94 3.94
CA VAL B 151 6.26 -19.66 2.90
C VAL B 151 4.80 -19.75 3.33
N LEU B 152 4.55 -20.00 4.59
CA LEU B 152 3.15 -20.11 5.06
C LEU B 152 2.41 -18.82 4.72
N THR B 153 3.11 -17.72 4.71
CA THR B 153 2.46 -16.42 4.39
C THR B 153 2.25 -16.33 2.88
N HIS B 154 3.25 -16.65 2.09
CA HIS B 154 3.11 -16.57 0.61
C HIS B 154 1.83 -17.28 0.15
N LEU B 155 1.57 -18.47 0.63
CA LEU B 155 0.33 -19.18 0.19
C LEU B 155 -0.88 -18.53 0.85
N ALA B 156 -0.74 -18.06 2.06
CA ALA B 156 -1.89 -17.41 2.75
C ALA B 156 -2.50 -16.37 1.82
N ARG B 157 -1.67 -15.70 1.06
CA ARG B 157 -2.20 -14.67 0.12
C ARG B 157 -2.76 -15.36 -1.12
N HIS B 158 -2.02 -16.29 -1.66
CA HIS B 158 -2.47 -16.99 -2.89
C HIS B 158 -3.38 -18.17 -2.55
N ARG B 159 -4.38 -17.97 -1.72
CA ARG B 159 -5.29 -19.10 -1.39
C ARG B 159 -6.18 -19.36 -2.62
N ASP B 160 -6.96 -20.42 -2.60
CA ASP B 160 -7.83 -20.70 -3.78
C ASP B 160 -7.00 -20.74 -5.06
N GLN B 161 -6.05 -21.63 -5.12
CA GLN B 161 -5.19 -21.72 -6.35
C GLN B 161 -4.31 -22.97 -6.26
N ILE B 162 -4.01 -23.58 -7.37
CA ILE B 162 -3.15 -24.80 -7.34
C ILE B 162 -1.68 -24.36 -7.32
N VAL B 163 -0.94 -24.78 -6.31
CA VAL B 163 0.51 -24.39 -6.22
C VAL B 163 1.38 -25.65 -6.24
N SER B 164 2.49 -25.60 -6.93
CA SER B 164 3.39 -26.79 -7.02
C SER B 164 4.56 -26.63 -6.05
N LYS B 165 5.21 -27.71 -5.71
CA LYS B 165 6.36 -27.64 -4.77
C LYS B 165 7.46 -26.77 -5.38
N GLU B 166 7.75 -26.97 -6.63
CA GLU B 166 8.83 -26.18 -7.29
C GLU B 166 8.62 -24.69 -7.03
N GLN B 167 7.40 -24.23 -7.07
CA GLN B 167 7.15 -22.77 -6.82
C GLN B 167 7.68 -22.39 -5.44
N LEU B 168 7.33 -23.15 -4.43
CA LEU B 168 7.81 -22.83 -3.05
C LEU B 168 9.33 -22.81 -3.04
N LEU B 169 9.94 -23.61 -3.87
CA LEU B 169 11.43 -23.67 -3.90
C LEU B 169 11.99 -22.33 -4.41
N ASP B 170 11.76 -22.01 -5.64
CA ASP B 170 12.29 -20.73 -6.22
C ASP B 170 11.61 -19.52 -5.57
N ALA B 171 10.66 -19.74 -4.68
CA ALA B 171 9.98 -18.57 -4.05
C ALA B 171 10.74 -18.12 -2.80
N ILE B 172 10.94 -19.00 -1.85
CA ILE B 172 11.67 -18.61 -0.60
C ILE B 172 13.16 -18.90 -0.75
N TRP B 173 13.53 -20.06 -1.26
CA TRP B 173 14.97 -20.36 -1.43
C TRP B 173 15.50 -19.62 -2.66
N GLU B 174 14.61 -18.98 -3.38
CA GLU B 174 15.02 -18.22 -4.59
C GLU B 174 15.99 -19.05 -5.44
N GLU B 175 17.28 -18.94 -5.20
CA GLU B 175 18.25 -19.73 -6.01
C GLU B 175 19.64 -19.68 -5.35
N PRO B 176 20.16 -18.52 -5.04
CA PRO B 176 21.51 -18.39 -4.40
C PRO B 176 21.70 -19.38 -3.25
N GLU B 177 20.65 -20.06 -2.84
CA GLU B 177 20.78 -21.02 -1.73
C GLU B 177 21.33 -22.36 -2.27
N MET B 178 21.84 -23.19 -1.40
CA MET B 178 22.38 -24.50 -1.88
C MET B 178 21.24 -25.38 -2.38
N VAL B 179 20.12 -25.37 -1.69
CA VAL B 179 18.97 -26.20 -2.12
C VAL B 179 19.41 -27.65 -2.33
N THR B 180 19.09 -28.52 -1.40
CA THR B 180 19.48 -29.95 -1.55
C THR B 180 18.47 -30.62 -2.48
N PRO B 181 18.84 -31.70 -3.14
CA PRO B 181 17.93 -32.44 -4.07
C PRO B 181 16.50 -32.53 -3.54
N ASN B 182 16.29 -32.29 -2.27
CA ASN B 182 14.90 -32.38 -1.73
C ASN B 182 14.81 -31.62 -0.40
N VAL B 183 14.16 -30.47 -0.40
CA VAL B 183 14.01 -29.66 0.86
C VAL B 183 12.52 -29.46 1.15
N ILE B 184 11.72 -29.29 0.14
CA ILE B 184 10.26 -29.08 0.37
C ILE B 184 9.67 -30.30 1.08
N GLU B 185 10.31 -31.42 1.00
CA GLU B 185 9.77 -32.65 1.66
C GLU B 185 9.75 -32.44 3.19
N VAL B 186 10.78 -31.87 3.75
CA VAL B 186 10.79 -31.66 5.22
C VAL B 186 9.93 -30.44 5.58
N ALA B 187 9.96 -29.42 4.77
CA ALA B 187 9.14 -28.20 5.07
C ALA B 187 7.66 -28.53 4.90
N ILE B 188 7.29 -29.17 3.82
CA ILE B 188 5.85 -29.49 3.61
C ILE B 188 5.35 -30.42 4.72
N ASN B 189 6.13 -31.40 5.08
CA ASN B 189 5.68 -32.34 6.16
C ASN B 189 5.40 -31.55 7.45
N GLN B 190 6.26 -30.64 7.79
CA GLN B 190 6.04 -29.84 9.04
C GLN B 190 4.91 -28.83 8.84
N ILE B 191 4.83 -28.23 7.68
CA ILE B 191 3.77 -27.22 7.43
C ILE B 191 2.38 -27.85 7.48
N ARG B 192 2.18 -28.94 6.80
CA ARG B 192 0.83 -29.58 6.82
C ARG B 192 0.56 -30.04 8.24
N GLN B 193 1.56 -30.53 8.91
CA GLN B 193 1.38 -30.97 10.31
C GLN B 193 1.03 -29.74 11.14
N LYS B 194 1.54 -28.59 10.75
CA LYS B 194 1.23 -27.33 11.49
C LYS B 194 0.03 -26.64 10.85
N MET B 195 -0.55 -27.26 9.85
CA MET B 195 -1.73 -26.64 9.17
C MET B 195 -3.02 -27.17 9.78
N ASP B 196 -2.97 -28.33 10.41
CA ASP B 196 -4.21 -28.92 11.03
C ASP B 196 -4.12 -28.98 12.55
N LYS B 197 -2.95 -29.07 13.13
CA LYS B 197 -2.86 -29.17 14.62
C LYS B 197 -3.04 -27.80 15.29
N PRO B 198 -2.17 -26.85 15.06
CA PRO B 198 -2.29 -25.49 15.69
C PRO B 198 -3.40 -24.65 15.06
N LEU B 199 -3.43 -24.55 13.76
CA LEU B 199 -4.50 -23.75 13.10
C LEU B 199 -5.88 -24.25 13.59
N GLY B 200 -6.28 -25.42 13.17
CA GLY B 200 -7.60 -25.96 13.60
C GLY B 200 -8.23 -26.74 12.44
N ILE B 201 -8.45 -26.08 11.32
CA ILE B 201 -9.07 -26.76 10.14
C ILE B 201 -8.03 -26.94 9.05
N SER B 202 -8.07 -28.03 8.34
CA SER B 202 -7.09 -28.25 7.25
C SER B 202 -7.53 -27.43 6.03
N THR B 203 -6.59 -26.80 5.34
CA THR B 203 -6.94 -25.96 4.16
C THR B 203 -6.06 -26.36 2.97
N VAL B 204 -5.27 -27.40 3.12
CA VAL B 204 -4.37 -27.85 2.01
C VAL B 204 -4.69 -29.30 1.64
N GLU B 205 -4.53 -29.65 0.38
CA GLU B 205 -4.82 -31.05 -0.06
C GLU B 205 -3.52 -31.68 -0.58
N THR B 206 -3.16 -32.82 -0.04
CA THR B 206 -1.92 -33.50 -0.50
C THR B 206 -2.23 -34.33 -1.75
N VAL B 207 -1.68 -33.94 -2.88
CA VAL B 207 -1.93 -34.70 -4.15
C VAL B 207 -0.63 -34.81 -4.94
N ARG B 208 -0.43 -35.91 -5.63
CA ARG B 208 0.83 -36.08 -6.41
C ARG B 208 0.60 -35.70 -7.88
N ARG B 209 -0.62 -35.60 -8.29
CA ARG B 209 -0.91 -35.23 -9.71
C ARG B 209 -0.11 -33.99 -10.10
N ARG B 210 0.00 -33.03 -9.20
CA ARG B 210 0.76 -31.78 -9.52
C ARG B 210 1.57 -31.36 -8.28
N GLY B 211 0.93 -31.22 -7.16
CA GLY B 211 1.65 -30.81 -5.93
C GLY B 211 0.66 -30.71 -4.76
N TYR B 212 0.27 -29.51 -4.40
CA TYR B 212 -0.69 -29.33 -3.27
C TYR B 212 -1.74 -28.29 -3.68
N ARG B 213 -2.99 -28.56 -3.42
CA ARG B 213 -4.05 -27.59 -3.79
C ARG B 213 -4.37 -26.69 -2.59
N PHE B 214 -4.31 -25.40 -2.78
CA PHE B 214 -4.61 -24.46 -1.65
C PHE B 214 -5.97 -23.80 -1.89
N CYS B 215 -6.96 -24.19 -1.14
CA CYS B 215 -8.31 -23.58 -1.32
C CYS B 215 -9.14 -23.79 -0.05
N TYR B 216 -10.28 -23.18 0.03
CA TYR B 216 -11.11 -23.34 1.24
C TYR B 216 -11.56 -24.81 1.35
N PRO B 217 -11.55 -25.40 2.52
CA PRO B 217 -11.96 -26.83 2.72
C PRO B 217 -13.48 -27.02 2.60
N LYS B 218 -14.00 -27.03 1.40
CA LYS B 218 -15.47 -27.23 1.22
C LYS B 218 -16.24 -26.14 1.96
N PRO B 219 -17.43 -25.78 1.50
CA PRO B 219 -18.25 -24.73 2.18
C PRO B 219 -18.27 -24.94 3.70
N ALA B 220 -17.29 -24.44 4.40
CA ALA B 220 -17.24 -24.63 5.89
C ALA B 220 -17.92 -23.46 6.60
N CYS B 221 -17.94 -22.30 5.99
CA CYS B 221 -18.58 -21.13 6.66
C CYS B 221 -19.96 -21.52 7.18
N GLU B 222 -20.62 -22.43 6.52
CA GLU B 222 -21.97 -22.86 6.99
C GLU B 222 -22.84 -21.63 7.26
N GLU B 223 -22.82 -20.67 6.37
CA GLU B 223 -23.65 -19.45 6.57
C GLU B 223 -23.44 -18.92 8.00
N MET A 1 2.40 8.34 -15.19
CA MET A 1 3.29 8.92 -14.14
C MET A 1 3.56 10.39 -14.46
N ARG A 2 2.79 11.28 -13.88
CA ARG A 2 2.99 12.75 -14.15
C ARG A 2 2.85 13.51 -12.83
N VAL A 3 3.52 14.64 -12.72
CA VAL A 3 3.47 15.46 -11.48
C VAL A 3 2.85 16.83 -11.79
N LEU A 4 1.94 17.30 -10.95
CA LEU A 4 1.28 18.62 -11.19
C LEU A 4 1.72 19.61 -10.09
N LEU A 5 2.30 20.73 -10.49
CA LEU A 5 2.76 21.76 -9.49
C LEU A 5 2.05 23.07 -9.78
N ILE A 6 1.04 23.40 -9.03
CA ILE A 6 0.35 24.69 -9.26
C ILE A 6 1.17 25.83 -8.65
N GLU A 7 1.85 26.60 -9.47
CA GLU A 7 2.69 27.71 -8.94
C GLU A 7 2.53 28.94 -9.86
N LYS A 8 2.12 30.05 -9.31
CA LYS A 8 1.96 31.27 -10.14
C LYS A 8 3.33 31.71 -10.66
N ASN A 9 4.36 31.51 -9.89
CA ASN A 9 5.73 31.92 -10.32
C ASN A 9 6.31 30.83 -11.23
N SER A 10 6.49 31.12 -12.49
CA SER A 10 7.05 30.11 -13.43
C SER A 10 8.48 29.76 -13.00
N VAL A 11 9.15 30.66 -12.34
CA VAL A 11 10.55 30.38 -11.90
C VAL A 11 10.56 29.25 -10.88
N LEU A 12 9.78 29.37 -9.84
CA LEU A 12 9.76 28.30 -8.80
C LEU A 12 9.27 26.98 -9.43
N GLY A 13 8.22 27.03 -10.19
CA GLY A 13 7.71 25.80 -10.84
C GLY A 13 8.70 25.36 -11.90
N GLY A 14 9.57 26.26 -12.31
CA GLY A 14 10.57 25.91 -13.34
C GLY A 14 11.67 25.04 -12.72
N GLU A 15 12.27 25.51 -11.68
CA GLU A 15 13.36 24.73 -11.02
C GLU A 15 12.82 23.34 -10.63
N ILE A 16 11.66 23.27 -10.05
CA ILE A 16 11.11 21.93 -9.68
C ILE A 16 10.90 21.10 -10.95
N GLU A 17 10.51 21.74 -12.02
CA GLU A 17 10.29 21.00 -13.29
C GLU A 17 11.58 20.27 -13.68
N LYS A 18 12.69 20.97 -13.69
CA LYS A 18 13.98 20.32 -14.04
C LYS A 18 14.61 19.71 -12.80
N GLY A 19 13.92 19.78 -11.69
CA GLY A 19 14.45 19.21 -10.43
C GLY A 19 14.17 17.71 -10.40
N LEU A 20 12.93 17.32 -10.48
CA LEU A 20 12.59 15.88 -10.44
C LEU A 20 12.95 15.22 -11.78
N ASN A 21 13.08 15.99 -12.82
CA ASN A 21 13.43 15.41 -14.15
C ASN A 21 14.66 14.51 -14.00
N VAL A 22 15.55 14.86 -13.12
CA VAL A 22 16.77 14.03 -12.92
C VAL A 22 16.33 12.62 -12.53
N LYS A 23 15.43 12.52 -11.59
CA LYS A 23 14.96 11.17 -11.16
C LYS A 23 14.42 10.42 -12.37
N GLY A 24 13.52 11.04 -13.08
CA GLY A 24 12.93 10.39 -14.30
C GLY A 24 11.40 10.54 -14.28
N PHE A 25 10.92 11.66 -13.81
CA PHE A 25 9.44 11.91 -13.75
C PHE A 25 9.09 13.13 -14.61
N MET A 26 7.85 13.25 -15.00
CA MET A 26 7.42 14.42 -15.83
C MET A 26 6.64 15.39 -14.94
N ALA A 27 6.84 16.66 -15.11
CA ALA A 27 6.12 17.66 -14.26
C ALA A 27 5.64 18.85 -15.10
N ASP A 28 4.62 19.52 -14.65
CA ASP A 28 4.09 20.70 -15.41
C ASP A 28 3.68 21.77 -14.39
N VAL A 29 3.65 23.02 -14.80
CA VAL A 29 3.26 24.13 -13.87
C VAL A 29 1.92 24.71 -14.31
N THR A 30 1.06 25.02 -13.38
CA THR A 30 -0.28 25.60 -13.73
C THR A 30 -0.54 26.85 -12.88
N GLU A 31 -1.52 27.64 -13.24
CA GLU A 31 -1.82 28.88 -12.46
C GLU A 31 -2.90 28.59 -11.42
N SER A 32 -4.12 28.99 -11.67
CA SER A 32 -5.21 28.73 -10.68
C SER A 32 -5.70 27.29 -10.79
N LEU A 33 -6.48 26.85 -9.84
CA LEU A 33 -6.99 25.46 -9.88
C LEU A 33 -7.76 25.21 -11.18
N GLU A 34 -8.40 26.22 -11.70
CA GLU A 34 -9.17 26.02 -12.96
C GLU A 34 -8.26 25.38 -14.03
N ASP A 35 -7.04 25.85 -14.14
CA ASP A 35 -6.12 25.25 -15.14
C ASP A 35 -5.81 23.81 -14.77
N GLY A 36 -5.60 23.54 -13.51
CA GLY A 36 -5.30 22.15 -13.08
C GLY A 36 -6.59 21.32 -13.11
N GLU A 37 -7.68 21.90 -12.73
CA GLU A 37 -8.97 21.14 -12.74
C GLU A 37 -9.32 20.75 -14.18
N TYR A 38 -9.07 21.62 -15.12
CA TYR A 38 -9.40 21.30 -16.53
C TYR A 38 -8.30 20.41 -17.13
N LEU A 39 -7.07 20.69 -16.80
CA LEU A 39 -5.95 19.87 -17.36
C LEU A 39 -5.99 18.46 -16.78
N MET A 40 -6.16 18.32 -15.49
CA MET A 40 -6.20 16.97 -14.88
C MET A 40 -7.40 16.18 -15.44
N ASP A 41 -8.43 16.86 -15.84
CA ASP A 41 -9.62 16.14 -16.39
C ASP A 41 -9.23 15.39 -17.67
N ILE A 42 -8.42 15.99 -18.51
CA ILE A 42 -8.03 15.31 -19.77
C ILE A 42 -6.84 14.38 -19.52
N ARG A 43 -6.05 14.65 -18.51
CA ARG A 43 -4.87 13.77 -18.20
C ARG A 43 -4.88 13.39 -16.72
N ASN A 44 -4.57 12.17 -16.41
CA ASN A 44 -4.56 11.74 -14.97
C ASN A 44 -3.15 11.86 -14.41
N TYR A 45 -3.00 12.56 -13.31
CA TYR A 45 -1.64 12.74 -12.70
C TYR A 45 -1.53 11.88 -11.44
N ASP A 46 -0.37 11.36 -11.18
CA ASP A 46 -0.19 10.50 -9.95
C ASP A 46 0.10 11.40 -8.75
N LEU A 47 0.97 12.37 -8.93
CA LEU A 47 1.31 13.30 -7.82
C LEU A 47 0.65 14.65 -8.09
N VAL A 48 -0.36 14.98 -7.34
CA VAL A 48 -1.04 16.30 -7.53
C VAL A 48 -0.61 17.24 -6.41
N MET A 49 0.30 18.14 -6.72
CA MET A 49 0.81 19.10 -5.71
C MET A 49 0.26 20.50 -6.04
N VAL A 50 -0.06 21.27 -5.03
CA VAL A 50 -0.62 22.63 -5.28
C VAL A 50 -0.12 23.60 -4.20
N SER A 51 0.35 24.75 -4.62
CA SER A 51 0.85 25.76 -3.63
C SER A 51 -0.23 26.82 -3.39
N ASP A 52 -1.38 26.65 -4.00
CA ASP A 52 -2.48 27.64 -3.80
C ASP A 52 -3.12 27.43 -2.42
N LYS A 53 -3.43 28.49 -1.73
CA LYS A 53 -4.05 28.35 -0.38
C LYS A 53 -5.50 27.90 -0.48
N ASN A 54 -6.25 28.47 -1.38
CA ASN A 54 -7.69 28.08 -1.51
C ASN A 54 -7.79 26.65 -2.05
N ALA A 55 -6.69 25.94 -2.09
CA ALA A 55 -6.72 24.54 -2.60
C ALA A 55 -7.31 23.60 -1.55
N LEU A 56 -7.29 23.98 -0.30
CA LEU A 56 -7.84 23.10 0.78
C LEU A 56 -9.12 22.41 0.31
N SER A 57 -10.07 23.16 -0.19
CA SER A 57 -11.34 22.54 -0.66
C SER A 57 -11.05 21.70 -1.91
N PHE A 58 -10.12 22.14 -2.72
CA PHE A 58 -9.81 21.39 -3.97
C PHE A 58 -9.22 20.02 -3.62
N VAL A 59 -8.27 19.96 -2.73
CA VAL A 59 -7.69 18.63 -2.38
C VAL A 59 -8.78 17.75 -1.76
N SER A 60 -9.67 18.33 -1.01
CA SER A 60 -10.75 17.51 -0.39
C SER A 60 -11.52 16.76 -1.48
N ARG A 61 -11.95 17.44 -2.50
CA ARG A 61 -12.71 16.74 -3.58
C ARG A 61 -11.78 15.81 -4.35
N ILE A 62 -10.53 16.16 -4.50
CA ILE A 62 -9.60 15.27 -5.26
C ILE A 62 -9.45 13.93 -4.53
N LYS A 63 -9.46 13.95 -3.22
CA LYS A 63 -9.31 12.67 -2.46
C LYS A 63 -10.58 11.82 -2.58
N GLU A 64 -11.73 12.38 -2.32
CA GLU A 64 -12.98 11.57 -2.42
C GLU A 64 -13.24 11.20 -3.89
N LYS A 65 -13.03 12.12 -4.79
CA LYS A 65 -13.26 11.82 -6.23
C LYS A 65 -12.13 10.92 -6.75
N HIS A 66 -10.99 10.97 -6.12
CA HIS A 66 -9.85 10.11 -6.58
C HIS A 66 -8.91 9.86 -5.41
N SER A 67 -9.36 9.15 -4.42
CA SER A 67 -8.50 8.86 -3.23
C SER A 67 -7.25 8.09 -3.66
N SER A 68 -7.37 7.27 -4.67
CA SER A 68 -6.17 6.49 -5.12
C SER A 68 -5.13 7.43 -5.73
N ILE A 69 -4.83 8.52 -5.07
CA ILE A 69 -3.83 9.48 -5.62
C ILE A 69 -3.04 10.12 -4.47
N VAL A 70 -1.91 10.70 -4.77
CA VAL A 70 -1.08 11.35 -3.69
C VAL A 70 -1.37 12.86 -3.68
N VAL A 71 -1.30 13.49 -2.54
CA VAL A 71 -1.57 14.96 -2.44
C VAL A 71 -0.47 15.64 -1.65
N LEU A 72 0.16 16.63 -2.24
CA LEU A 72 1.26 17.36 -1.55
C LEU A 72 0.96 18.86 -1.63
N VAL A 73 0.43 19.41 -0.57
CA VAL A 73 0.10 20.86 -0.57
C VAL A 73 1.28 21.64 0.01
N SER A 74 1.48 22.86 -0.43
CA SER A 74 2.61 23.70 0.10
C SER A 74 2.03 24.97 0.70
N SER A 75 2.80 25.71 1.45
CA SER A 75 2.26 26.96 2.07
C SER A 75 3.38 27.75 2.75
N ASP A 76 3.55 28.98 2.35
CA ASP A 76 4.63 29.82 2.93
C ASP A 76 4.28 30.18 4.38
N ASN A 77 3.27 29.57 4.93
CA ASN A 77 2.84 29.88 6.33
C ASN A 77 2.72 28.57 7.13
N PRO A 78 3.78 27.81 7.24
CA PRO A 78 3.77 26.53 7.98
C PRO A 78 3.38 26.71 9.45
N THR A 79 2.09 26.83 9.69
CA THR A 79 1.60 26.99 11.09
C THR A 79 1.00 25.67 11.56
N SER A 80 1.03 25.41 12.83
CA SER A 80 0.47 24.14 13.35
C SER A 80 -1.02 24.07 12.99
N GLU A 81 -1.68 25.18 12.91
CA GLU A 81 -3.14 25.16 12.56
C GLU A 81 -3.31 24.68 11.11
N GLU A 82 -2.42 25.08 10.24
CA GLU A 82 -2.54 24.65 8.82
C GLU A 82 -2.20 23.16 8.69
N GLU A 83 -1.32 22.67 9.51
CA GLU A 83 -0.94 21.23 9.44
C GLU A 83 -2.16 20.36 9.79
N VAL A 84 -2.80 20.63 10.89
CA VAL A 84 -3.99 19.83 11.28
C VAL A 84 -5.06 19.96 10.21
N HIS A 85 -5.19 21.12 9.62
CA HIS A 85 -6.22 21.30 8.56
C HIS A 85 -5.76 20.63 7.27
N ALA A 86 -4.47 20.48 7.08
CA ALA A 86 -3.96 19.84 5.84
C ALA A 86 -4.36 18.35 5.84
N PHE A 87 -4.25 17.69 6.95
CA PHE A 87 -4.64 16.24 7.00
C PHE A 87 -6.16 16.14 7.17
N GLU A 88 -6.74 17.04 7.90
CA GLU A 88 -8.21 16.99 8.11
C GLU A 88 -8.91 17.15 6.76
N GLN A 89 -8.57 18.16 6.02
CA GLN A 89 -9.21 18.39 4.70
C GLN A 89 -8.82 17.26 3.74
N GLY A 90 -7.56 17.06 3.50
CA GLY A 90 -7.14 15.97 2.57
C GLY A 90 -5.74 16.25 2.02
N ALA A 91 -4.72 16.05 2.82
CA ALA A 91 -3.32 16.28 2.34
C ALA A 91 -2.44 15.11 2.79
N ASP A 92 -1.86 14.41 1.85
CA ASP A 92 -0.99 13.26 2.23
C ASP A 92 0.30 13.80 2.87
N ASP A 93 0.77 14.92 2.40
CA ASP A 93 2.01 15.51 2.96
C ASP A 93 1.98 17.03 2.75
N TYR A 94 2.64 17.77 3.61
CA TYR A 94 2.66 19.25 3.48
C TYR A 94 4.12 19.74 3.48
N ILE A 95 4.48 20.61 2.55
CA ILE A 95 5.89 21.13 2.50
C ILE A 95 5.91 22.66 2.64
N ALA A 96 6.89 23.18 3.33
CA ALA A 96 7.00 24.66 3.47
C ALA A 96 7.21 25.25 2.08
N LYS A 97 6.33 26.09 1.63
CA LYS A 97 6.49 26.67 0.26
C LYS A 97 7.93 27.10 0.00
N PRO A 98 8.54 27.91 0.84
CA PRO A 98 9.90 28.41 0.57
C PRO A 98 10.83 27.33 0.00
N TYR A 99 10.40 26.10 0.02
CA TYR A 99 11.23 24.98 -0.52
C TYR A 99 12.55 24.90 0.23
N ARG A 100 12.61 24.10 1.25
CA ARG A 100 13.89 23.97 2.02
C ARG A 100 15.01 23.65 1.03
N SER A 101 14.74 22.84 0.05
CA SER A 101 15.77 22.49 -0.97
C SER A 101 15.12 21.68 -2.09
N ILE A 102 15.41 22.01 -3.31
CA ILE A 102 14.80 21.24 -4.45
C ILE A 102 15.07 19.75 -4.25
N LYS A 103 16.25 19.40 -3.80
CA LYS A 103 16.58 17.96 -3.59
C LYS A 103 15.72 17.41 -2.44
N ALA A 104 15.30 18.25 -1.53
CA ALA A 104 14.48 17.77 -0.39
C ALA A 104 13.04 17.50 -0.87
N LEU A 105 12.45 18.42 -1.58
CA LEU A 105 11.06 18.22 -2.06
C LEU A 105 10.99 16.94 -2.91
N VAL A 106 11.82 16.84 -3.91
CA VAL A 106 11.80 15.62 -4.77
C VAL A 106 12.09 14.39 -3.93
N ALA A 107 13.04 14.48 -3.03
CA ALA A 107 13.36 13.30 -2.17
C ALA A 107 12.08 12.79 -1.54
N ARG A 108 11.19 13.68 -1.17
CA ARG A 108 9.91 13.24 -0.55
C ARG A 108 9.02 12.59 -1.61
N ILE A 109 9.03 13.10 -2.81
CA ILE A 109 8.20 12.50 -3.88
C ILE A 109 8.75 11.11 -4.19
N GLU A 110 10.04 10.96 -4.05
CA GLU A 110 10.64 9.64 -4.32
C GLU A 110 10.14 8.63 -3.28
N ALA A 111 10.35 8.92 -2.02
CA ALA A 111 9.88 7.99 -0.96
C ALA A 111 8.43 7.56 -1.24
N ARG A 112 7.64 8.46 -1.74
CA ARG A 112 6.22 8.10 -2.05
C ARG A 112 6.13 7.40 -3.40
N LEU A 113 7.16 7.46 -4.21
CA LEU A 113 7.13 6.79 -5.55
C LEU A 113 8.43 6.02 -5.81
N ARG A 114 8.93 5.30 -4.85
CA ARG A 114 10.19 4.52 -5.08
C ARG A 114 9.85 3.28 -5.91
N PHE A 115 8.74 2.66 -5.64
CA PHE A 115 8.35 1.43 -6.39
C PHE A 115 8.04 1.80 -7.85
N TRP A 116 7.93 3.06 -8.15
CA TRP A 116 7.62 3.48 -9.55
C TRP A 116 6.41 2.69 -10.06
N GLY A 117 6.02 2.91 -11.28
CA GLY A 117 4.84 2.17 -11.83
C GLY A 117 5.03 0.67 -11.59
N SER A 118 3.96 -0.02 -11.30
CA SER A 118 4.09 -1.49 -11.04
C SER A 118 2.76 -2.17 -11.26
N ASN A 119 2.71 -3.46 -11.04
CA ASN A 119 1.46 -4.21 -11.27
C ASN A 119 1.46 -5.46 -10.38
N VAL A 120 0.42 -6.25 -10.46
CA VAL A 120 0.34 -7.49 -9.64
C VAL A 120 -0.22 -8.64 -10.50
N ILE A 121 -1.14 -8.34 -11.37
CA ILE A 121 -1.71 -9.41 -12.24
C ILE A 121 -0.89 -9.48 -13.53
N GLU A 122 -0.56 -10.67 -13.97
CA GLU A 122 0.23 -10.82 -15.22
C GLU A 122 -0.32 -11.95 -16.07
N ILE A 123 -1.00 -11.64 -17.13
CA ILE A 123 -1.58 -12.69 -18.02
C ILE A 123 -0.80 -12.73 -19.34
N GLY A 124 -0.03 -13.76 -19.55
CA GLY A 124 0.76 -13.85 -20.81
C GLY A 124 1.56 -12.57 -20.99
N ASP A 125 1.61 -12.05 -22.19
CA ASP A 125 2.38 -10.79 -22.42
C ASP A 125 1.54 -9.60 -21.96
N LEU A 126 0.32 -9.83 -21.55
CA LEU A 126 -0.55 -8.72 -21.09
C LEU A 126 -0.31 -8.51 -19.59
N THR A 127 -0.33 -7.28 -19.14
CA THR A 127 -0.11 -7.00 -17.68
C THR A 127 -1.22 -6.09 -17.16
N ILE A 128 -1.70 -6.33 -15.97
CA ILE A 128 -2.80 -5.48 -15.40
C ILE A 128 -2.43 -5.04 -13.98
N SER A 129 -2.56 -3.77 -13.69
CA SER A 129 -2.24 -3.24 -12.33
C SER A 129 -3.54 -2.88 -11.60
N PRO A 130 -3.90 -3.57 -10.53
CA PRO A 130 -5.15 -3.27 -9.78
C PRO A 130 -4.97 -2.11 -8.80
N ASP A 131 -3.99 -2.19 -7.94
CA ASP A 131 -3.75 -1.09 -6.96
C ASP A 131 -3.60 0.23 -7.72
N GLU A 132 -2.84 0.22 -8.78
CA GLU A 132 -2.64 1.47 -9.56
C GLU A 132 -3.80 1.64 -10.55
N GLU A 133 -4.64 0.65 -10.67
CA GLU A 133 -5.79 0.75 -11.60
C GLU A 133 -5.28 1.16 -12.98
N LYS A 134 -4.38 0.40 -13.54
CA LYS A 134 -3.82 0.74 -14.89
C LYS A 134 -3.68 -0.55 -15.70
N ILE A 135 -4.40 -0.65 -16.79
CA ILE A 135 -4.32 -1.89 -17.63
C ILE A 135 -3.29 -1.65 -18.77
N ILE A 136 -2.37 -2.57 -18.93
CA ILE A 136 -1.33 -2.42 -20.01
C ILE A 136 -1.49 -3.54 -21.04
N TYR A 137 -1.54 -3.18 -22.30
CA TYR A 137 -1.69 -4.21 -23.38
C TYR A 137 -0.84 -3.79 -24.56
N LYS A 138 -0.36 -4.73 -25.33
CA LYS A 138 0.50 -4.38 -26.50
C LYS A 138 1.69 -3.54 -26.03
N GLY A 139 1.84 -3.38 -24.74
CA GLY A 139 2.98 -2.58 -24.21
C GLY A 139 2.56 -1.13 -23.99
N ARG A 140 1.36 -0.79 -24.39
CA ARG A 140 0.87 0.61 -24.21
C ARG A 140 0.20 0.73 -22.84
N GLU A 141 0.41 1.83 -22.15
CA GLU A 141 -0.21 2.03 -20.82
C GLU A 141 -1.60 2.64 -21.00
N VAL A 142 -2.58 2.17 -20.28
CA VAL A 142 -3.96 2.72 -20.41
C VAL A 142 -4.56 2.93 -19.02
N GLU A 143 -5.06 4.11 -18.76
CA GLU A 143 -5.68 4.40 -17.42
C GLU A 143 -7.18 4.13 -17.49
N VAL A 144 -7.73 3.45 -16.53
CA VAL A 144 -9.19 3.17 -16.54
C VAL A 144 -9.71 3.08 -15.10
N LYS A 145 -10.88 3.60 -14.86
CA LYS A 145 -11.44 3.55 -13.48
C LYS A 145 -12.95 3.84 -13.52
N GLY A 146 -13.56 3.71 -14.66
CA GLY A 146 -15.03 3.97 -14.76
C GLY A 146 -15.77 2.81 -14.09
N LYS A 147 -17.02 3.03 -13.73
CA LYS A 147 -17.77 1.93 -13.07
C LYS A 147 -17.77 0.69 -13.99
N PRO A 148 -18.01 0.87 -15.27
CA PRO A 148 -18.02 -0.26 -16.25
C PRO A 148 -16.66 -0.95 -16.35
N PHE A 149 -15.59 -0.24 -16.10
CA PHE A 149 -14.24 -0.85 -16.19
C PHE A 149 -13.92 -1.64 -14.91
N GLU A 150 -14.61 -1.35 -13.84
CA GLU A 150 -14.35 -2.10 -12.58
C GLU A 150 -14.44 -3.59 -12.86
N VAL A 151 -15.29 -3.98 -13.76
CA VAL A 151 -15.42 -5.43 -14.08
C VAL A 151 -14.11 -5.93 -14.70
N LEU A 152 -13.48 -5.13 -15.52
CA LEU A 152 -12.20 -5.55 -16.15
C LEU A 152 -11.17 -5.83 -15.07
N THR A 153 -11.11 -5.00 -14.06
CA THR A 153 -10.12 -5.22 -12.97
C THR A 153 -10.57 -6.39 -12.07
N HIS A 154 -11.85 -6.54 -11.87
CA HIS A 154 -12.34 -7.64 -11.01
C HIS A 154 -11.91 -9.00 -11.59
N LEU A 155 -12.21 -9.25 -12.84
CA LEU A 155 -11.82 -10.56 -13.43
C LEU A 155 -10.29 -10.62 -13.57
N ALA A 156 -9.65 -9.50 -13.72
CA ALA A 156 -8.18 -9.51 -13.85
C ALA A 156 -7.56 -10.22 -12.64
N ARG A 157 -7.99 -9.86 -11.45
CA ARG A 157 -7.43 -10.52 -10.24
C ARG A 157 -7.88 -11.96 -10.18
N HIS A 158 -9.16 -12.17 -10.16
CA HIS A 158 -9.68 -13.56 -10.10
C HIS A 158 -9.06 -14.39 -11.23
N ARG A 159 -9.07 -13.88 -12.43
CA ARG A 159 -8.46 -14.63 -13.57
C ARG A 159 -8.92 -16.09 -13.54
N ASP A 160 -7.98 -17.01 -13.56
CA ASP A 160 -8.36 -18.46 -13.53
C ASP A 160 -9.34 -18.70 -12.38
N GLN A 161 -10.61 -18.60 -12.63
CA GLN A 161 -11.61 -18.83 -11.55
C GLN A 161 -13.01 -18.87 -12.15
N ILE A 162 -13.92 -19.61 -11.56
CA ILE A 162 -15.30 -19.68 -12.11
C ILE A 162 -16.07 -18.42 -11.69
N VAL A 163 -16.80 -17.81 -12.59
CA VAL A 163 -17.58 -16.58 -12.26
C VAL A 163 -19.04 -16.76 -12.69
N SER A 164 -19.95 -16.49 -11.79
CA SER A 164 -21.40 -16.64 -12.13
C SER A 164 -21.99 -15.27 -12.45
N LYS A 165 -23.01 -15.23 -13.25
CA LYS A 165 -23.63 -13.92 -13.62
C LYS A 165 -24.06 -13.19 -12.34
N GLU A 166 -24.66 -13.89 -11.42
CA GLU A 166 -25.09 -13.23 -10.15
C GLU A 166 -23.89 -12.61 -9.44
N GLN A 167 -22.74 -13.24 -9.54
CA GLN A 167 -21.54 -12.69 -8.87
C GLN A 167 -21.18 -11.33 -9.48
N LEU A 168 -21.01 -11.27 -10.78
CA LEU A 168 -20.66 -9.96 -11.42
C LEU A 168 -21.61 -8.88 -10.91
N LEU A 169 -22.89 -9.08 -10.98
CA LEU A 169 -23.80 -8.02 -10.49
C LEU A 169 -23.50 -7.71 -9.02
N ASP A 170 -23.88 -8.57 -8.12
CA ASP A 170 -23.63 -8.31 -6.67
C ASP A 170 -22.18 -7.89 -6.44
N ALA A 171 -21.35 -8.04 -7.43
CA ALA A 171 -19.91 -7.68 -7.27
C ALA A 171 -19.64 -6.25 -7.78
N ILE A 172 -20.22 -5.87 -8.88
CA ILE A 172 -19.95 -4.51 -9.43
C ILE A 172 -20.89 -3.50 -8.75
N TRP A 173 -22.17 -3.78 -8.65
CA TRP A 173 -23.09 -2.79 -8.00
C TRP A 173 -22.99 -2.94 -6.48
N GLU A 174 -22.17 -3.85 -6.00
CA GLU A 174 -22.03 -4.05 -4.52
C GLU A 174 -22.12 -2.71 -3.78
N GLU A 175 -21.62 -1.65 -4.37
CA GLU A 175 -21.71 -0.31 -3.72
C GLU A 175 -23.02 0.35 -4.18
N PRO A 176 -23.61 1.21 -3.38
CA PRO A 176 -24.89 1.88 -3.72
C PRO A 176 -25.09 2.06 -5.24
N GLU A 177 -25.67 1.09 -5.87
CA GLU A 177 -25.91 1.16 -7.34
C GLU A 177 -27.05 0.19 -7.71
N MET A 178 -28.26 0.57 -7.42
CA MET A 178 -29.42 -0.31 -7.72
C MET A 178 -29.40 -0.71 -9.19
N VAL A 179 -29.23 -1.98 -9.47
CA VAL A 179 -29.23 -2.46 -10.88
C VAL A 179 -30.59 -3.11 -11.18
N THR A 180 -31.12 -2.91 -12.34
CA THR A 180 -32.45 -3.51 -12.68
C THR A 180 -32.41 -5.02 -12.44
N PRO A 181 -33.52 -5.63 -12.10
CA PRO A 181 -33.58 -7.10 -11.84
C PRO A 181 -32.74 -7.88 -12.87
N ASN A 182 -32.60 -7.36 -14.07
CA ASN A 182 -31.80 -8.06 -15.11
C ASN A 182 -31.02 -7.03 -15.92
N VAL A 183 -29.76 -7.29 -16.16
CA VAL A 183 -28.93 -6.33 -16.93
C VAL A 183 -27.62 -6.99 -17.36
N ILE A 184 -27.16 -7.96 -16.62
CA ILE A 184 -25.88 -8.63 -16.98
C ILE A 184 -25.93 -9.08 -18.44
N GLU A 185 -27.10 -9.24 -19.00
CA GLU A 185 -27.19 -9.68 -20.43
C GLU A 185 -26.70 -8.55 -21.34
N VAL A 186 -27.20 -7.35 -21.15
CA VAL A 186 -26.75 -6.22 -22.01
C VAL A 186 -25.31 -5.85 -21.64
N ALA A 187 -24.94 -6.07 -20.40
CA ALA A 187 -23.55 -5.72 -19.97
C ALA A 187 -22.57 -6.79 -20.46
N ILE A 188 -22.79 -8.03 -20.13
CA ILE A 188 -21.85 -9.09 -20.58
C ILE A 188 -21.65 -8.98 -22.10
N ASN A 189 -22.67 -8.59 -22.81
CA ASN A 189 -22.54 -8.48 -24.30
C ASN A 189 -21.67 -7.26 -24.69
N GLN A 190 -21.85 -6.13 -24.03
CA GLN A 190 -21.05 -4.94 -24.42
C GLN A 190 -19.61 -5.03 -23.90
N ILE A 191 -19.42 -5.39 -22.64
CA ILE A 191 -18.03 -5.48 -22.11
C ILE A 191 -17.24 -6.55 -22.88
N ARG A 192 -17.84 -7.66 -23.19
CA ARG A 192 -17.10 -8.71 -23.94
C ARG A 192 -16.86 -8.20 -25.37
N GLN A 193 -17.78 -7.45 -25.88
CA GLN A 193 -17.64 -6.91 -27.26
C GLN A 193 -16.46 -5.94 -27.32
N LYS A 194 -16.28 -5.13 -26.30
CA LYS A 194 -15.15 -4.14 -26.31
C LYS A 194 -13.90 -4.74 -25.65
N MET A 195 -13.99 -5.93 -25.14
CA MET A 195 -12.80 -6.56 -24.47
C MET A 195 -12.02 -7.42 -25.48
N ASP A 196 -12.71 -8.22 -26.25
CA ASP A 196 -12.01 -9.09 -27.23
C ASP A 196 -11.21 -8.24 -28.23
N LYS A 197 -11.70 -7.07 -28.56
CA LYS A 197 -10.96 -6.21 -29.53
C LYS A 197 -9.59 -5.79 -28.95
N PRO A 198 -9.54 -5.08 -27.85
CA PRO A 198 -8.25 -4.64 -27.24
C PRO A 198 -7.38 -5.85 -26.84
N LEU A 199 -7.90 -6.73 -26.03
CA LEU A 199 -7.10 -7.92 -25.62
C LEU A 199 -6.76 -8.76 -26.85
N GLY A 200 -7.67 -8.86 -27.78
CA GLY A 200 -7.41 -9.68 -29.00
C GLY A 200 -7.46 -11.16 -28.65
N ILE A 201 -7.25 -11.49 -27.41
CA ILE A 201 -7.28 -12.93 -26.97
C ILE A 201 -8.50 -13.16 -26.09
N SER A 202 -9.19 -14.26 -26.29
CA SER A 202 -10.40 -14.54 -25.46
C SER A 202 -9.97 -15.23 -24.17
N THR A 203 -10.63 -14.93 -23.07
CA THR A 203 -10.26 -15.56 -21.76
C THR A 203 -11.53 -15.87 -20.98
N VAL A 204 -12.63 -16.09 -21.67
CA VAL A 204 -13.90 -16.40 -20.96
C VAL A 204 -14.71 -17.43 -21.77
N GLU A 205 -15.14 -18.49 -21.12
CA GLU A 205 -15.94 -19.54 -21.81
C GLU A 205 -17.41 -19.37 -21.44
N THR A 206 -18.26 -19.18 -22.41
CA THR A 206 -19.71 -19.00 -22.10
C THR A 206 -20.40 -20.36 -21.98
N VAL A 207 -20.91 -20.66 -20.83
CA VAL A 207 -21.61 -21.97 -20.63
C VAL A 207 -22.70 -21.81 -19.57
N ARG A 208 -23.78 -22.54 -19.68
CA ARG A 208 -24.87 -22.40 -18.68
C ARG A 208 -24.36 -22.86 -17.31
N ARG A 209 -25.09 -23.72 -16.65
CA ARG A 209 -24.67 -24.19 -15.31
C ARG A 209 -24.30 -23.00 -14.43
N ARG A 210 -23.03 -22.77 -14.21
CA ARG A 210 -22.62 -21.63 -13.36
C ARG A 210 -22.75 -20.33 -14.15
N GLY A 211 -22.07 -20.21 -15.26
CA GLY A 211 -22.16 -18.97 -16.07
C GLY A 211 -20.93 -18.86 -16.99
N TYR A 212 -20.06 -17.93 -16.70
CA TYR A 212 -18.83 -17.75 -17.55
C TYR A 212 -17.60 -18.20 -16.75
N ARG A 213 -16.73 -18.95 -17.37
CA ARG A 213 -15.49 -19.43 -16.66
C ARG A 213 -14.28 -18.67 -17.19
N PHE A 214 -13.45 -18.18 -16.31
CA PHE A 214 -12.23 -17.44 -16.74
C PHE A 214 -11.03 -18.39 -16.74
N CYS A 215 -10.30 -18.44 -17.82
CA CYS A 215 -9.10 -19.35 -17.88
C CYS A 215 -7.97 -18.63 -18.62
N TYR A 216 -6.75 -19.02 -18.39
CA TYR A 216 -5.61 -18.35 -19.07
C TYR A 216 -5.64 -18.71 -20.57
N PRO A 217 -5.10 -17.86 -21.41
CA PRO A 217 -5.07 -18.12 -22.89
C PRO A 217 -4.85 -19.60 -23.22
N LYS A 218 -5.38 -20.04 -24.34
CA LYS A 218 -5.22 -21.47 -24.72
C LYS A 218 -3.73 -21.76 -25.00
N PRO A 219 -3.06 -20.91 -25.74
CA PRO A 219 -1.63 -21.09 -26.08
C PRO A 219 -0.70 -20.46 -25.02
N ALA A 220 0.21 -21.23 -24.48
CA ALA A 220 1.14 -20.68 -23.46
C ALA A 220 2.23 -21.70 -23.16
N CYS A 221 3.20 -21.82 -24.02
CA CYS A 221 4.30 -22.81 -23.78
C CYS A 221 4.98 -22.48 -22.45
N GLU A 222 5.15 -21.22 -22.16
CA GLU A 222 5.80 -20.84 -20.87
C GLU A 222 7.10 -21.64 -20.70
N GLU A 223 7.54 -22.29 -21.74
CA GLU A 223 8.81 -23.08 -21.63
C GLU A 223 8.76 -23.96 -20.38
N MET B 1 -2.17 2.93 21.94
CA MET B 1 -1.07 1.96 21.67
C MET B 1 0.15 2.34 22.53
N ARG B 2 1.32 2.31 21.95
CA ARG B 2 2.56 2.67 22.71
C ARG B 2 3.44 3.57 21.84
N VAL B 3 3.78 4.72 22.35
CA VAL B 3 4.64 5.69 21.58
C VAL B 3 6.02 5.79 22.25
N LEU B 4 7.05 5.74 21.46
CA LEU B 4 8.45 5.83 22.02
C LEU B 4 9.00 7.25 21.79
N LEU B 5 9.34 7.95 22.85
CA LEU B 5 9.89 9.33 22.71
C LEU B 5 11.29 9.37 23.31
N ILE B 6 12.30 9.29 22.49
CA ILE B 6 13.69 9.35 23.02
C ILE B 6 14.08 10.82 23.21
N GLU B 7 13.98 11.32 24.41
CA GLU B 7 14.34 12.75 24.66
C GLU B 7 15.02 12.87 26.03
N LYS B 8 16.16 13.50 26.08
CA LYS B 8 16.87 13.66 27.38
C LYS B 8 16.05 14.56 28.29
N ASN B 9 15.33 15.50 27.74
CA ASN B 9 14.52 16.43 28.58
C ASN B 9 13.23 15.73 29.01
N SER B 10 13.09 15.43 30.27
CA SER B 10 11.85 14.75 30.74
C SER B 10 10.68 15.72 30.70
N VAL B 11 10.94 16.99 30.78
CA VAL B 11 9.83 18.00 30.75
C VAL B 11 9.11 17.91 29.41
N LEU B 12 9.83 17.94 28.32
CA LEU B 12 9.18 17.85 26.99
C LEU B 12 8.55 16.46 26.82
N GLY B 13 9.11 15.47 27.46
CA GLY B 13 8.53 14.11 27.34
C GLY B 13 7.31 14.00 28.25
N GLY B 14 7.25 14.83 29.26
CA GLY B 14 6.10 14.80 30.19
C GLY B 14 4.88 15.46 29.53
N GLU B 15 5.05 16.63 28.98
CA GLU B 15 3.89 17.31 28.33
C GLU B 15 3.43 16.48 27.14
N ILE B 16 4.34 15.95 26.36
CA ILE B 16 3.94 15.10 25.21
C ILE B 16 3.17 13.89 25.75
N GLU B 17 3.56 13.40 26.90
CA GLU B 17 2.86 12.23 27.48
C GLU B 17 1.41 12.60 27.80
N LYS B 18 1.20 13.76 28.37
CA LYS B 18 -0.19 14.18 28.70
C LYS B 18 -0.81 14.86 27.48
N GLY B 19 -0.09 14.91 26.40
CA GLY B 19 -0.62 15.54 25.17
C GLY B 19 -1.37 14.50 24.34
N LEU B 20 -0.73 13.40 24.04
CA LEU B 20 -1.40 12.34 23.24
C LEU B 20 -2.37 11.55 24.13
N ASN B 21 -2.17 11.57 25.42
CA ASN B 21 -3.08 10.82 26.32
C ASN B 21 -4.52 11.23 26.02
N VAL B 22 -4.73 12.46 25.68
CA VAL B 22 -6.12 12.92 25.37
C VAL B 22 -6.70 12.03 24.27
N LYS B 23 -5.93 11.77 23.25
CA LYS B 23 -6.42 10.91 22.13
C LYS B 23 -6.75 9.53 22.69
N GLY B 24 -5.81 8.94 23.37
CA GLY B 24 -6.04 7.58 23.97
C GLY B 24 -4.86 6.67 23.67
N PHE B 25 -3.66 7.21 23.66
CA PHE B 25 -2.44 6.37 23.38
C PHE B 25 -1.50 6.43 24.59
N MET B 26 -0.62 5.47 24.71
CA MET B 26 0.34 5.46 25.86
C MET B 26 1.70 5.92 25.35
N ALA B 27 2.43 6.68 26.13
CA ALA B 27 3.77 7.19 25.68
C ALA B 27 4.80 6.99 26.80
N ASP B 28 6.06 6.95 26.44
CA ASP B 28 7.14 6.78 27.43
C ASP B 28 8.35 7.63 27.01
N VAL B 29 9.24 7.93 27.92
CA VAL B 29 10.44 8.77 27.58
C VAL B 29 11.72 7.98 27.89
N THR B 30 12.71 8.08 27.04
CA THR B 30 13.99 7.36 27.27
C THR B 30 15.16 8.32 27.02
N GLU B 31 16.34 7.96 27.44
CA GLU B 31 17.52 8.85 27.24
C GLU B 31 18.22 8.48 25.93
N SER B 32 19.35 7.82 26.00
CA SER B 32 20.09 7.43 24.77
C SER B 32 19.42 6.21 24.12
N LEU B 33 19.81 5.89 22.92
CA LEU B 33 19.21 4.71 22.23
C LEU B 33 19.33 3.46 23.12
N GLU B 34 20.38 3.37 23.88
CA GLU B 34 20.55 2.17 24.75
C GLU B 34 19.27 1.95 25.57
N ASP B 35 18.77 2.98 26.20
CA ASP B 35 17.53 2.83 26.99
C ASP B 35 16.38 2.46 26.06
N GLY B 36 16.34 3.06 24.90
CA GLY B 36 15.25 2.76 23.94
C GLY B 36 15.46 1.35 23.37
N GLU B 37 16.70 0.97 23.16
CA GLU B 37 16.97 -0.38 22.60
C GLU B 37 16.56 -1.45 23.62
N TYR B 38 16.85 -1.23 24.87
CA TYR B 38 16.46 -2.23 25.90
C TYR B 38 14.98 -2.07 26.24
N LEU B 39 14.50 -0.86 26.28
CA LEU B 39 13.06 -0.63 26.60
C LEU B 39 12.19 -1.16 25.45
N MET B 40 12.58 -0.91 24.24
CA MET B 40 11.76 -1.40 23.08
C MET B 40 11.93 -2.91 22.95
N ASP B 41 12.99 -3.46 23.47
CA ASP B 41 13.19 -4.93 23.37
C ASP B 41 11.94 -5.64 23.89
N ILE B 42 11.36 -5.12 24.95
CA ILE B 42 10.14 -5.75 25.52
C ILE B 42 8.89 -5.06 24.97
N ARG B 43 8.96 -3.78 24.70
CA ARG B 43 7.78 -3.04 24.16
C ARG B 43 7.87 -2.96 22.64
N ASN B 44 6.78 -3.15 21.95
CA ASN B 44 6.81 -3.08 20.46
C ASN B 44 6.77 -1.63 20.00
N TYR B 45 6.12 -0.77 20.76
CA TYR B 45 6.03 0.67 20.36
C TYR B 45 5.51 0.76 18.92
N ASP B 46 4.25 1.05 18.75
CA ASP B 46 3.69 1.17 17.37
C ASP B 46 4.26 2.43 16.72
N LEU B 47 4.42 3.48 17.47
CA LEU B 47 4.98 4.75 16.92
C LEU B 47 6.41 4.93 17.43
N VAL B 48 7.38 4.82 16.55
CA VAL B 48 8.80 4.98 16.99
C VAL B 48 9.24 6.41 16.75
N MET B 49 9.24 7.21 17.80
CA MET B 49 9.67 8.65 17.68
C MET B 49 10.97 8.84 18.47
N VAL B 50 11.94 9.44 17.86
CA VAL B 50 13.25 9.66 18.55
C VAL B 50 13.87 10.97 18.07
N SER B 51 14.38 11.77 18.99
CA SER B 51 15.00 13.08 18.60
C SER B 51 16.52 12.97 18.66
N ASP B 52 17.05 11.79 18.83
CA ASP B 52 18.54 11.63 18.90
C ASP B 52 19.12 11.71 17.48
N LYS B 53 20.26 12.32 17.33
CA LYS B 53 20.88 12.45 15.98
C LYS B 53 21.47 11.10 15.55
N ASN B 54 22.05 10.37 16.45
CA ASN B 54 22.66 9.06 16.07
C ASN B 54 21.54 8.04 15.81
N ALA B 55 20.32 8.49 15.78
CA ALA B 55 19.18 7.54 15.54
C ALA B 55 19.14 7.15 14.06
N LEU B 56 19.73 7.93 13.20
CA LEU B 56 19.72 7.61 11.73
C LEU B 56 20.00 6.12 11.52
N SER B 57 20.92 5.56 12.26
CA SER B 57 21.23 4.11 12.08
C SER B 57 20.09 3.27 12.69
N PHE B 58 19.55 3.70 13.79
CA PHE B 58 18.44 2.93 14.43
C PHE B 58 17.22 2.91 13.52
N VAL B 59 16.80 4.04 13.02
CA VAL B 59 15.60 4.05 12.12
C VAL B 59 15.88 3.22 10.88
N SER B 60 17.09 3.24 10.39
CA SER B 60 17.42 2.45 9.18
C SER B 60 17.12 0.97 9.42
N ARG B 61 17.53 0.45 10.54
CA ARG B 61 17.26 -0.99 10.81
C ARG B 61 15.78 -1.19 11.19
N ILE B 62 15.16 -0.22 11.80
CA ILE B 62 13.72 -0.40 12.18
C ILE B 62 12.90 -0.62 10.90
N LYS B 63 13.03 0.24 9.93
CA LYS B 63 12.25 0.03 8.67
C LYS B 63 12.66 -1.27 8.02
N GLU B 64 13.94 -1.57 8.02
CA GLU B 64 14.41 -2.84 7.41
C GLU B 64 13.92 -4.01 8.28
N LYS B 65 13.95 -3.85 9.57
CA LYS B 65 13.50 -4.94 10.48
C LYS B 65 11.99 -4.85 10.67
N HIS B 66 11.53 -3.89 11.44
CA HIS B 66 10.06 -3.74 11.68
C HIS B 66 9.50 -2.66 10.76
N SER B 67 9.12 -3.04 9.56
CA SER B 67 8.56 -2.03 8.61
C SER B 67 7.11 -1.71 8.97
N SER B 68 6.39 -2.67 9.49
CA SER B 68 4.97 -2.42 9.86
C SER B 68 4.89 -1.29 10.89
N ILE B 69 5.95 -1.07 11.62
CA ILE B 69 5.94 0.01 12.64
C ILE B 69 6.27 1.36 11.97
N VAL B 70 5.75 2.44 12.49
CA VAL B 70 6.02 3.78 11.88
C VAL B 70 7.26 4.40 12.54
N VAL B 71 7.82 5.41 11.93
CA VAL B 71 9.03 6.08 12.52
C VAL B 71 8.91 7.59 12.34
N LEU B 72 9.07 8.33 13.40
CA LEU B 72 8.98 9.82 13.33
C LEU B 72 10.29 10.43 13.86
N VAL B 73 11.11 10.94 12.99
CA VAL B 73 12.40 11.55 13.45
C VAL B 73 12.18 13.04 13.70
N SER B 74 12.59 13.53 14.84
CA SER B 74 12.41 14.98 15.12
C SER B 74 13.64 15.74 14.65
N SER B 75 13.60 17.06 14.65
CA SER B 75 14.79 17.84 14.19
C SER B 75 14.78 19.23 14.81
N ASP B 76 15.72 19.50 15.68
CA ASP B 76 15.79 20.85 16.32
C ASP B 76 16.14 21.89 15.25
N ASN B 77 16.83 21.49 14.23
CA ASN B 77 17.22 22.42 13.12
C ASN B 77 16.77 21.82 11.79
N PRO B 78 15.49 21.88 11.50
CA PRO B 78 14.93 21.32 10.24
C PRO B 78 15.79 21.69 9.02
N THR B 79 16.77 20.88 8.73
CA THR B 79 17.66 21.16 7.56
C THR B 79 17.30 20.23 6.40
N SER B 80 17.48 20.70 5.19
CA SER B 80 17.16 19.84 4.01
C SER B 80 18.13 18.66 3.98
N GLU B 81 19.34 18.85 4.39
CA GLU B 81 20.32 17.73 4.39
C GLU B 81 19.77 16.57 5.21
N GLU B 82 19.13 16.87 6.31
CA GLU B 82 18.56 15.79 7.16
C GLU B 82 17.34 15.20 6.46
N GLU B 83 16.62 15.99 5.70
CA GLU B 83 15.42 15.46 5.00
C GLU B 83 15.84 14.41 3.95
N VAL B 84 16.70 14.77 3.04
CA VAL B 84 17.13 13.78 2.02
C VAL B 84 17.73 12.54 2.69
N HIS B 85 18.51 12.72 3.71
CA HIS B 85 19.12 11.55 4.41
C HIS B 85 18.04 10.84 5.23
N ALA B 86 17.02 11.54 5.64
CA ALA B 86 15.94 10.91 6.46
C ALA B 86 15.17 9.89 5.61
N PHE B 87 14.97 10.18 4.34
CA PHE B 87 14.23 9.21 3.47
C PHE B 87 15.18 8.11 3.04
N GLU B 88 16.43 8.44 2.85
CA GLU B 88 17.40 7.39 2.43
C GLU B 88 17.65 6.42 3.58
N GLN B 89 17.61 6.91 4.79
CA GLN B 89 17.83 6.01 5.96
C GLN B 89 16.57 5.19 6.23
N GLY B 90 15.51 5.83 6.65
CA GLY B 90 14.25 5.08 6.93
C GLY B 90 13.38 5.86 7.91
N ALA B 91 12.89 7.01 7.50
CA ALA B 91 12.01 7.83 8.40
C ALA B 91 10.64 8.01 7.74
N ASP B 92 9.59 7.65 8.42
CA ASP B 92 8.23 7.80 7.82
C ASP B 92 7.88 9.28 7.73
N ASP B 93 8.27 10.05 8.71
CA ASP B 93 7.96 11.51 8.70
C ASP B 93 9.05 12.26 9.46
N TYR B 94 9.08 13.56 9.31
CA TYR B 94 10.12 14.37 9.99
C TYR B 94 9.50 15.67 10.52
N ILE B 95 9.44 15.84 11.81
CA ILE B 95 8.84 17.10 12.39
C ILE B 95 9.91 17.91 13.11
N ALA B 96 9.82 19.21 13.08
CA ALA B 96 10.84 20.04 13.79
C ALA B 96 10.76 19.70 15.29
N LYS B 97 11.88 19.60 15.94
CA LYS B 97 11.84 19.26 17.40
C LYS B 97 11.02 20.28 18.19
N PRO B 98 11.35 21.55 18.13
CA PRO B 98 10.64 22.55 18.95
C PRO B 98 9.11 22.33 18.98
N TYR B 99 8.62 21.42 18.19
CA TYR B 99 7.16 21.12 18.17
C TYR B 99 6.38 22.34 17.65
N ARG B 100 5.70 22.20 16.55
CA ARG B 100 4.94 23.36 16.01
C ARG B 100 3.79 23.68 16.98
N SER B 101 3.29 22.70 17.68
CA SER B 101 2.19 22.96 18.65
C SER B 101 1.84 21.71 19.44
N ILE B 102 2.78 20.81 19.63
CA ILE B 102 2.49 19.56 20.39
C ILE B 102 1.24 18.87 19.84
N LYS B 103 0.10 19.45 20.01
CA LYS B 103 -1.14 18.83 19.48
C LYS B 103 -0.95 18.65 17.97
N ALA B 104 -0.22 19.54 17.36
CA ALA B 104 0.02 19.39 15.89
C ALA B 104 0.82 18.10 15.67
N LEU B 105 1.78 17.86 16.52
CA LEU B 105 2.59 16.62 16.40
C LEU B 105 1.69 15.41 16.65
N VAL B 106 0.81 15.51 17.60
CA VAL B 106 -0.11 14.37 17.90
C VAL B 106 -1.07 14.18 16.73
N ALA B 107 -1.57 15.24 16.16
CA ALA B 107 -2.51 15.11 15.03
C ALA B 107 -1.87 14.23 13.94
N ARG B 108 -0.66 14.51 13.59
CA ARG B 108 0.02 13.70 12.53
C ARG B 108 0.22 12.26 13.04
N ILE B 109 0.40 12.09 14.32
CA ILE B 109 0.59 10.72 14.85
C ILE B 109 -0.76 10.01 14.88
N GLU B 110 -1.80 10.74 15.12
CA GLU B 110 -3.16 10.11 15.16
C GLU B 110 -3.52 9.61 13.77
N ALA B 111 -3.04 10.27 12.74
CA ALA B 111 -3.37 9.83 11.36
C ALA B 111 -2.60 8.54 11.03
N ARG B 112 -1.30 8.56 11.14
CA ARG B 112 -0.51 7.34 10.82
C ARG B 112 -0.76 6.25 11.86
N LEU B 113 -0.83 6.61 13.12
CA LEU B 113 -1.06 5.59 14.18
C LEU B 113 -2.42 4.93 13.98
N ARG B 114 -3.40 5.66 13.52
CA ARG B 114 -4.75 5.06 13.31
C ARG B 114 -4.71 4.17 12.06
N PHE B 115 -5.73 3.37 11.87
CA PHE B 115 -5.76 2.46 10.69
C PHE B 115 -4.46 1.66 10.62
N TRP B 116 -4.09 1.03 11.72
CA TRP B 116 -2.83 0.23 11.74
C TRP B 116 -3.13 -1.24 11.45
N GLY B 117 -3.83 -1.89 12.33
CA GLY B 117 -4.16 -3.34 12.11
C GLY B 117 -4.97 -3.51 10.84
N SER B 118 -4.76 -4.58 10.12
CA SER B 118 -5.51 -4.82 8.87
C SER B 118 -5.44 -6.30 8.51
N ASN B 119 -6.14 -6.69 7.48
CA ASN B 119 -6.13 -8.13 7.10
C ASN B 119 -6.51 -8.26 5.62
N VAL B 120 -5.67 -8.92 4.84
CA VAL B 120 -5.97 -9.08 3.39
C VAL B 120 -6.58 -10.47 3.14
N ILE B 121 -6.12 -11.48 3.84
CA ILE B 121 -6.68 -12.86 3.61
C ILE B 121 -7.66 -13.20 4.73
N GLU B 122 -8.85 -13.63 4.38
CA GLU B 122 -9.85 -13.98 5.42
C GLU B 122 -10.79 -15.06 4.87
N ILE B 123 -10.86 -16.19 5.53
CA ILE B 123 -11.76 -17.29 5.06
C ILE B 123 -12.31 -18.05 6.27
N GLY B 124 -13.59 -18.31 6.28
CA GLY B 124 -14.18 -19.04 7.43
C GLY B 124 -14.03 -18.20 8.69
N ASP B 125 -13.26 -18.67 9.65
CA ASP B 125 -13.06 -17.91 10.93
C ASP B 125 -11.56 -17.62 11.10
N LEU B 126 -10.77 -17.94 10.12
CA LEU B 126 -9.30 -17.69 10.22
C LEU B 126 -8.98 -16.36 9.54
N THR B 127 -8.27 -15.48 10.23
CA THR B 127 -7.91 -14.17 9.62
C THR B 127 -6.38 -14.06 9.59
N ILE B 128 -5.82 -13.67 8.48
CA ILE B 128 -4.32 -13.55 8.39
C ILE B 128 -3.94 -12.21 7.74
N SER B 129 -3.02 -11.51 8.35
CA SER B 129 -2.56 -10.20 7.82
C SER B 129 -1.12 -10.37 7.28
N PRO B 130 -0.90 -10.31 5.98
CA PRO B 130 0.47 -10.51 5.41
C PRO B 130 1.37 -9.27 5.56
N ASP B 131 0.81 -8.10 5.45
CA ASP B 131 1.65 -6.88 5.59
C ASP B 131 2.09 -6.70 7.05
N GLU B 132 1.23 -7.03 7.98
CA GLU B 132 1.59 -6.87 9.41
C GLU B 132 2.38 -8.10 9.86
N GLU B 133 2.61 -9.04 8.98
CA GLU B 133 3.36 -10.27 9.36
C GLU B 133 2.82 -10.81 10.68
N LYS B 134 1.56 -11.14 10.71
CA LYS B 134 0.96 -11.67 11.97
C LYS B 134 -0.29 -12.49 11.63
N ILE B 135 -0.39 -13.69 12.15
CA ILE B 135 -1.58 -14.55 11.86
C ILE B 135 -2.53 -14.57 13.06
N ILE B 136 -3.79 -14.30 12.83
CA ILE B 136 -4.79 -14.29 13.94
C ILE B 136 -5.71 -15.51 13.76
N TYR B 137 -5.80 -16.37 14.76
CA TYR B 137 -6.67 -17.59 14.64
C TYR B 137 -7.66 -17.64 15.82
N LYS B 138 -8.93 -17.58 15.51
CA LYS B 138 -9.97 -17.64 16.59
C LYS B 138 -9.73 -16.54 17.62
N GLY B 139 -9.14 -15.45 17.22
CA GLY B 139 -8.90 -14.33 18.17
C GLY B 139 -7.51 -14.44 18.82
N ARG B 140 -6.73 -15.42 18.45
CA ARG B 140 -5.37 -15.55 19.06
C ARG B 140 -4.35 -14.88 18.13
N GLU B 141 -3.63 -13.92 18.63
CA GLU B 141 -2.62 -13.22 17.79
C GLU B 141 -1.25 -13.86 18.00
N VAL B 142 -0.68 -14.41 16.94
CA VAL B 142 0.67 -15.05 17.05
C VAL B 142 1.62 -14.38 16.05
N GLU B 143 2.80 -14.01 16.48
CA GLU B 143 3.76 -13.34 15.57
C GLU B 143 4.68 -14.38 14.92
N VAL B 144 4.71 -14.42 13.61
CA VAL B 144 5.58 -15.40 12.89
C VAL B 144 6.44 -14.65 11.86
N LYS B 145 7.69 -15.00 11.75
CA LYS B 145 8.58 -14.28 10.79
C LYS B 145 9.82 -15.14 10.50
N GLY B 146 9.70 -16.06 9.58
CA GLY B 146 10.87 -16.92 9.24
C GLY B 146 10.59 -17.63 7.91
N LYS B 147 11.52 -18.39 7.43
CA LYS B 147 11.31 -19.10 6.14
C LYS B 147 10.23 -20.19 6.29
N PRO B 148 10.18 -20.88 7.43
CA PRO B 148 9.17 -21.95 7.66
C PRO B 148 7.74 -21.39 7.73
N PHE B 149 7.60 -20.10 7.97
CA PHE B 149 6.24 -19.47 8.07
C PHE B 149 5.95 -18.69 6.78
N GLU B 150 6.97 -18.17 6.15
CA GLU B 150 6.78 -17.40 4.90
C GLU B 150 5.95 -18.26 3.94
N VAL B 151 6.08 -19.56 4.02
CA VAL B 151 5.30 -20.45 3.13
C VAL B 151 3.82 -20.36 3.53
N LEU B 152 3.54 -20.18 4.78
CA LEU B 152 2.11 -20.08 5.23
C LEU B 152 1.46 -18.84 4.61
N THR B 153 2.17 -17.75 4.55
CA THR B 153 1.57 -16.51 3.97
C THR B 153 1.56 -16.64 2.44
N HIS B 154 2.56 -17.26 1.87
CA HIS B 154 2.61 -17.41 0.39
C HIS B 154 1.34 -18.13 -0.11
N LEU B 155 0.97 -19.23 0.49
CA LEU B 155 -0.26 -19.92 0.02
C LEU B 155 -1.49 -19.12 0.47
N ALA B 156 -1.37 -18.38 1.53
CA ALA B 156 -2.53 -17.57 2.01
C ALA B 156 -2.98 -16.63 0.90
N ARG B 157 -2.07 -16.13 0.09
CA ARG B 157 -2.47 -15.20 -1.01
C ARG B 157 -2.70 -16.00 -2.30
N HIS B 158 -1.76 -16.81 -2.69
CA HIS B 158 -1.94 -17.61 -3.94
C HIS B 158 -3.26 -18.38 -3.86
N ARG B 159 -3.46 -19.11 -2.79
CA ARG B 159 -4.74 -19.87 -2.66
C ARG B 159 -5.01 -20.61 -3.97
N ASP B 160 -6.07 -20.27 -4.65
CA ASP B 160 -6.38 -20.95 -5.94
C ASP B 160 -5.16 -20.84 -6.87
N GLN B 161 -4.28 -21.82 -6.82
CA GLN B 161 -3.06 -21.76 -7.69
C GLN B 161 -2.41 -23.14 -7.75
N ILE B 162 -1.84 -23.49 -8.88
CA ILE B 162 -1.16 -24.81 -9.03
C ILE B 162 0.35 -24.59 -9.11
N VAL B 163 1.10 -25.26 -8.27
CA VAL B 163 2.59 -25.10 -8.28
C VAL B 163 3.23 -26.48 -8.13
N SER B 164 4.35 -26.71 -8.77
CA SER B 164 5.02 -28.03 -8.67
C SER B 164 5.95 -28.06 -7.46
N LYS B 165 6.59 -29.18 -7.22
CA LYS B 165 7.52 -29.27 -6.05
C LYS B 165 8.66 -28.27 -6.23
N GLU B 166 9.34 -28.35 -7.33
CA GLU B 166 10.49 -27.41 -7.57
C GLU B 166 10.02 -25.97 -7.36
N GLN B 167 8.79 -25.66 -7.64
CA GLN B 167 8.31 -24.26 -7.45
C GLN B 167 8.35 -23.90 -5.97
N LEU B 168 7.92 -24.79 -5.11
CA LEU B 168 7.96 -24.48 -3.65
C LEU B 168 9.40 -24.18 -3.27
N LEU B 169 10.33 -24.89 -3.85
CA LEU B 169 11.76 -24.65 -3.55
C LEU B 169 12.10 -23.19 -3.86
N ASP B 170 12.06 -22.83 -5.11
CA ASP B 170 12.38 -21.43 -5.50
C ASP B 170 11.46 -20.45 -4.78
N ALA B 171 10.27 -20.88 -4.44
CA ALA B 171 9.32 -19.97 -3.75
C ALA B 171 9.96 -19.41 -2.47
N ILE B 172 10.24 -20.23 -1.51
CA ILE B 172 10.86 -19.75 -0.24
C ILE B 172 12.38 -19.97 -0.26
N TRP B 173 12.80 -21.18 -0.51
CA TRP B 173 14.28 -21.45 -0.54
C TRP B 173 14.84 -20.95 -1.86
N GLU B 174 14.74 -19.66 -2.11
CA GLU B 174 15.26 -19.09 -3.38
C GLU B 174 16.67 -19.61 -3.64
N GLU B 175 17.58 -19.48 -2.70
CA GLU B 175 18.97 -20.00 -2.90
C GLU B 175 19.82 -19.73 -1.65
N PRO B 176 19.81 -18.52 -1.14
CA PRO B 176 20.61 -18.17 0.08
C PRO B 176 20.28 -19.06 1.27
N GLU B 177 19.11 -19.65 1.29
CA GLU B 177 18.74 -20.51 2.44
C GLU B 177 19.48 -21.86 2.32
N MET B 178 19.30 -22.71 3.29
CA MET B 178 19.98 -24.03 3.25
C MET B 178 19.06 -25.04 2.56
N VAL B 179 19.55 -25.71 1.55
CA VAL B 179 18.71 -26.70 0.80
C VAL B 179 19.33 -28.10 0.95
N THR B 180 18.50 -29.10 1.16
CA THR B 180 18.99 -30.50 1.33
C THR B 180 18.54 -31.32 0.11
N PRO B 181 19.27 -32.36 -0.24
CA PRO B 181 18.92 -33.22 -1.40
C PRO B 181 17.41 -33.42 -1.57
N ASN B 182 16.66 -33.27 -0.50
CA ASN B 182 15.19 -33.44 -0.60
C ASN B 182 14.49 -32.68 0.53
N VAL B 183 14.80 -31.43 0.69
CA VAL B 183 14.16 -30.63 1.77
C VAL B 183 12.65 -30.51 1.50
N ILE B 184 12.25 -30.69 0.27
CA ILE B 184 10.80 -30.56 -0.07
C ILE B 184 10.00 -31.70 0.57
N GLU B 185 10.52 -32.90 0.56
CA GLU B 185 9.78 -34.05 1.15
C GLU B 185 9.53 -33.82 2.64
N VAL B 186 10.56 -33.49 3.38
CA VAL B 186 10.38 -33.27 4.85
C VAL B 186 9.69 -31.92 5.09
N ALA B 187 9.83 -31.00 4.19
CA ALA B 187 9.19 -29.67 4.40
C ALA B 187 7.68 -29.76 4.14
N ILE B 188 7.28 -30.38 3.07
CA ILE B 188 5.83 -30.48 2.77
C ILE B 188 5.17 -31.43 3.79
N ASN B 189 5.92 -32.38 4.27
CA ASN B 189 5.35 -33.34 5.26
C ASN B 189 5.16 -32.64 6.61
N GLN B 190 6.16 -31.95 7.09
CA GLN B 190 6.04 -31.27 8.41
C GLN B 190 5.12 -30.05 8.29
N ILE B 191 5.30 -29.25 7.27
CA ILE B 191 4.44 -28.05 7.11
C ILE B 191 2.96 -28.47 7.15
N ARG B 192 2.57 -29.38 6.29
CA ARG B 192 1.15 -29.81 6.28
C ARG B 192 0.73 -30.28 7.67
N GLN B 193 1.52 -31.11 8.30
CA GLN B 193 1.14 -31.59 9.66
C GLN B 193 1.07 -30.39 10.62
N LYS B 194 1.88 -29.39 10.40
CA LYS B 194 1.88 -28.20 11.31
C LYS B 194 0.89 -27.14 10.80
N MET B 195 0.27 -27.37 9.67
CA MET B 195 -0.69 -26.37 9.11
C MET B 195 -2.12 -26.80 9.43
N ASP B 196 -2.30 -27.95 10.02
CA ASP B 196 -3.68 -28.44 10.39
C ASP B 196 -3.87 -28.31 11.90
N LYS B 197 -2.80 -28.14 12.63
CA LYS B 197 -2.93 -28.02 14.11
C LYS B 197 -3.36 -26.59 14.50
N PRO B 198 -2.81 -25.59 13.85
CA PRO B 198 -3.15 -24.17 14.15
C PRO B 198 -4.35 -23.69 13.34
N LEU B 199 -4.40 -24.00 12.06
CA LEU B 199 -5.56 -23.54 11.24
C LEU B 199 -6.75 -24.47 11.51
N GLY B 200 -6.51 -25.73 11.73
CA GLY B 200 -7.62 -26.69 11.99
C GLY B 200 -8.24 -27.14 10.67
N ILE B 201 -8.34 -26.26 9.71
CA ILE B 201 -8.92 -26.63 8.38
C ILE B 201 -7.81 -26.84 7.36
N SER B 202 -7.93 -27.85 6.54
CA SER B 202 -6.87 -28.11 5.52
C SER B 202 -7.19 -27.28 4.27
N THR B 203 -6.18 -26.68 3.67
CA THR B 203 -6.41 -25.84 2.46
C THR B 203 -5.35 -26.18 1.41
N VAL B 204 -4.85 -27.39 1.42
CA VAL B 204 -3.81 -27.81 0.44
C VAL B 204 -4.20 -29.15 -0.18
N GLU B 205 -3.88 -29.37 -1.44
CA GLU B 205 -4.24 -30.65 -2.12
C GLU B 205 -2.99 -31.27 -2.74
N THR B 206 -2.83 -32.57 -2.61
CA THR B 206 -1.65 -33.25 -3.19
C THR B 206 -2.01 -33.84 -4.56
N VAL B 207 -1.18 -33.63 -5.54
CA VAL B 207 -1.44 -34.17 -6.91
C VAL B 207 -0.19 -34.89 -7.42
N ARG B 208 -0.28 -36.17 -7.64
CA ARG B 208 0.92 -36.92 -8.12
C ARG B 208 1.27 -36.50 -9.56
N ARG B 209 0.28 -36.22 -10.36
CA ARG B 209 0.56 -35.82 -11.77
C ARG B 209 1.59 -34.68 -11.79
N ARG B 210 1.24 -33.54 -11.26
CA ARG B 210 2.19 -32.38 -11.27
C ARG B 210 2.85 -32.25 -9.89
N GLY B 211 2.15 -31.71 -8.93
CA GLY B 211 2.76 -31.56 -7.58
C GLY B 211 1.67 -31.27 -6.55
N TYR B 212 1.58 -30.03 -6.10
CA TYR B 212 0.56 -29.65 -5.09
C TYR B 212 -0.14 -28.35 -5.49
N ARG B 213 -1.38 -28.20 -5.13
CA ARG B 213 -2.13 -26.96 -5.47
C ARG B 213 -3.02 -26.59 -4.28
N PHE B 214 -3.35 -25.33 -4.12
CA PHE B 214 -4.18 -24.90 -2.95
C PHE B 214 -5.51 -24.30 -3.43
N CYS B 215 -6.55 -24.46 -2.64
CA CYS B 215 -7.89 -23.89 -3.00
C CYS B 215 -8.66 -23.59 -1.71
N TYR B 216 -9.70 -22.81 -1.78
CA TYR B 216 -10.48 -22.50 -0.54
C TYR B 216 -11.28 -23.74 -0.13
N PRO B 217 -11.60 -23.86 1.13
CA PRO B 217 -12.38 -25.03 1.64
C PRO B 217 -13.78 -25.10 1.02
N LYS B 218 -14.51 -26.12 1.34
CA LYS B 218 -15.88 -26.26 0.77
C LYS B 218 -16.66 -24.96 1.04
N PRO B 219 -17.68 -24.67 0.28
CA PRO B 219 -18.50 -23.44 0.43
C PRO B 219 -18.55 -22.95 1.88
N ALA B 220 -17.75 -21.95 2.21
CA ALA B 220 -17.73 -21.41 3.61
C ALA B 220 -18.19 -19.95 3.59
N CYS B 221 -19.05 -19.57 4.50
CA CYS B 221 -19.53 -18.16 4.53
C CYS B 221 -20.22 -17.87 5.87
N GLU B 222 -20.74 -16.70 6.04
CA GLU B 222 -21.44 -16.37 7.32
C GLU B 222 -22.57 -17.36 7.55
N GLU B 223 -23.16 -17.36 8.71
CA GLU B 223 -24.28 -18.30 8.98
C GLU B 223 -25.46 -17.94 8.10
N MET A 1 2.57 8.22 -15.49
CA MET A 1 3.44 8.84 -14.44
C MET A 1 3.63 10.33 -14.75
N ARG A 2 2.84 11.18 -14.14
CA ARG A 2 2.97 12.65 -14.40
C ARG A 2 2.76 13.40 -13.07
N VAL A 3 3.36 14.56 -12.95
CA VAL A 3 3.23 15.37 -11.69
C VAL A 3 2.58 16.72 -12.02
N LEU A 4 1.56 17.08 -11.28
CA LEU A 4 0.84 18.37 -11.53
C LEU A 4 1.39 19.45 -10.57
N LEU A 5 1.88 20.52 -11.12
CA LEU A 5 2.42 21.65 -10.30
C LEU A 5 1.55 22.89 -10.56
N ILE A 6 1.09 23.53 -9.52
CA ILE A 6 0.26 24.77 -9.70
C ILE A 6 0.90 25.90 -8.88
N GLU A 7 1.70 26.72 -9.51
CA GLU A 7 2.36 27.84 -8.76
C GLU A 7 2.45 29.08 -9.65
N LYS A 8 2.05 30.22 -9.15
CA LYS A 8 2.11 31.46 -9.95
C LYS A 8 3.57 31.77 -10.30
N ASN A 9 4.47 31.48 -9.40
CA ASN A 9 5.92 31.75 -9.67
C ASN A 9 6.46 30.69 -10.63
N SER A 10 6.50 30.97 -11.90
CA SER A 10 7.01 29.98 -12.88
C SER A 10 8.48 29.65 -12.57
N VAL A 11 9.20 30.59 -12.02
CA VAL A 11 10.64 30.32 -11.70
C VAL A 11 10.74 29.27 -10.60
N LEU A 12 9.96 29.38 -9.56
CA LEU A 12 10.02 28.38 -8.45
C LEU A 12 9.47 27.04 -8.94
N GLY A 13 8.33 27.06 -9.59
CA GLY A 13 7.76 25.79 -10.11
C GLY A 13 8.68 25.29 -11.20
N GLY A 14 9.46 26.16 -11.77
CA GLY A 14 10.39 25.76 -12.85
C GLY A 14 11.50 24.87 -12.27
N GLU A 15 12.23 25.38 -11.32
CA GLU A 15 13.32 24.56 -10.72
C GLU A 15 12.78 23.21 -10.26
N ILE A 16 11.64 23.18 -9.62
CA ILE A 16 11.07 21.86 -9.20
C ILE A 16 10.69 21.08 -10.46
N GLU A 17 10.17 21.74 -11.45
CA GLU A 17 9.78 21.03 -12.70
C GLU A 17 11.02 20.39 -13.31
N LYS A 18 12.10 21.10 -13.39
CA LYS A 18 13.34 20.52 -13.98
C LYS A 18 14.12 19.77 -12.91
N GLY A 19 13.63 19.77 -11.71
CA GLY A 19 14.34 19.05 -10.62
C GLY A 19 13.98 17.56 -10.66
N LEU A 20 12.71 17.24 -10.62
CA LEU A 20 12.31 15.81 -10.65
C LEU A 20 12.46 15.25 -12.07
N ASN A 21 12.48 16.10 -13.07
CA ASN A 21 12.63 15.61 -14.46
C ASN A 21 13.92 14.79 -14.58
N VAL A 22 14.92 15.14 -13.83
CA VAL A 22 16.21 14.39 -13.90
C VAL A 22 15.98 12.93 -13.53
N LYS A 23 14.96 12.67 -12.75
CA LYS A 23 14.69 11.26 -12.32
C LYS A 23 13.88 10.56 -13.42
N GLY A 24 13.71 11.22 -14.52
CA GLY A 24 12.94 10.61 -15.65
C GLY A 24 11.44 10.74 -15.40
N PHE A 25 11.01 11.84 -14.84
CA PHE A 25 9.54 12.05 -14.57
C PHE A 25 9.05 13.23 -15.40
N MET A 26 7.75 13.31 -15.63
CA MET A 26 7.18 14.44 -16.43
C MET A 26 6.32 15.30 -15.52
N ALA A 27 6.46 16.61 -15.61
CA ALA A 27 5.65 17.50 -14.74
C ALA A 27 5.30 18.78 -15.49
N ASP A 28 4.30 19.50 -15.03
CA ASP A 28 3.90 20.77 -15.72
C ASP A 28 3.51 21.81 -14.66
N VAL A 29 3.86 23.05 -14.87
CA VAL A 29 3.50 24.12 -13.89
C VAL A 29 2.34 24.94 -14.45
N THR A 30 1.31 25.15 -13.67
CA THR A 30 0.12 25.94 -14.15
C THR A 30 -0.05 27.17 -13.26
N GLU A 31 -0.90 28.08 -13.65
CA GLU A 31 -1.12 29.32 -12.83
C GLU A 31 -2.21 29.06 -11.78
N SER A 32 -3.41 29.51 -12.03
CA SER A 32 -4.51 29.30 -11.04
C SER A 32 -5.04 27.87 -11.12
N LEU A 33 -5.81 27.47 -10.14
CA LEU A 33 -6.37 26.09 -10.14
C LEU A 33 -7.15 25.84 -11.43
N GLU A 34 -7.87 26.81 -11.90
CA GLU A 34 -8.65 26.60 -13.16
C GLU A 34 -7.74 26.02 -14.24
N ASP A 35 -6.56 26.53 -14.38
CA ASP A 35 -5.64 26.00 -15.42
C ASP A 35 -5.26 24.56 -15.06
N GLY A 36 -5.10 24.28 -13.80
CA GLY A 36 -4.75 22.89 -13.38
C GLY A 36 -6.00 22.02 -13.38
N GLU A 37 -7.13 22.58 -13.03
CA GLU A 37 -8.39 21.77 -13.01
C GLU A 37 -8.72 21.29 -14.42
N TYR A 38 -8.53 22.14 -15.40
CA TYR A 38 -8.84 21.72 -16.80
C TYR A 38 -7.69 20.85 -17.32
N LEU A 39 -6.47 21.16 -16.97
CA LEU A 39 -5.33 20.35 -17.45
C LEU A 39 -5.39 18.96 -16.82
N MET A 40 -5.71 18.87 -15.56
CA MET A 40 -5.79 17.52 -14.91
C MET A 40 -7.10 16.83 -15.30
N ASP A 41 -8.03 17.57 -15.83
CA ASP A 41 -9.32 16.94 -16.23
C ASP A 41 -9.04 15.79 -17.19
N ILE A 42 -8.11 15.96 -18.09
CA ILE A 42 -7.77 14.87 -19.06
C ILE A 42 -6.60 14.04 -18.54
N ARG A 43 -5.69 14.65 -17.83
CA ARG A 43 -4.51 13.90 -17.29
C ARG A 43 -4.83 13.37 -15.90
N ASN A 44 -4.20 12.29 -15.50
CA ASN A 44 -4.48 11.72 -14.14
C ASN A 44 -3.48 12.31 -13.13
N TYR A 45 -2.27 12.56 -13.55
CA TYR A 45 -1.25 13.13 -12.62
C TYR A 45 -1.18 12.25 -11.36
N ASP A 46 -0.21 11.39 -11.28
CA ASP A 46 -0.09 10.52 -10.06
C ASP A 46 0.30 11.37 -8.86
N LEU A 47 1.01 12.45 -9.09
CA LEU A 47 1.43 13.35 -7.98
C LEU A 47 0.76 14.72 -8.15
N VAL A 48 -0.17 15.05 -7.29
CA VAL A 48 -0.86 16.36 -7.39
C VAL A 48 -0.18 17.36 -6.44
N MET A 49 0.51 18.32 -6.98
CA MET A 49 1.23 19.33 -6.12
C MET A 49 0.73 20.74 -6.47
N VAL A 50 0.36 21.49 -5.46
CA VAL A 50 -0.13 22.88 -5.70
C VAL A 50 0.44 23.84 -4.64
N SER A 51 0.99 24.94 -5.08
CA SER A 51 1.57 25.94 -4.13
C SER A 51 0.55 27.05 -3.87
N ASP A 52 -0.61 26.96 -4.44
CA ASP A 52 -1.64 28.02 -4.24
C ASP A 52 -2.26 27.86 -2.86
N LYS A 53 -2.43 28.95 -2.14
CA LYS A 53 -3.02 28.86 -0.77
C LYS A 53 -4.52 28.55 -0.85
N ASN A 54 -5.24 29.17 -1.74
CA ASN A 54 -6.70 28.91 -1.83
C ASN A 54 -6.94 27.49 -2.35
N ALA A 55 -5.91 26.69 -2.42
CA ALA A 55 -6.07 25.30 -2.91
C ALA A 55 -6.76 24.42 -1.86
N LEU A 56 -6.70 24.82 -0.60
CA LEU A 56 -7.34 24.01 0.48
C LEU A 56 -8.66 23.38 0.01
N SER A 57 -9.56 24.17 -0.50
CA SER A 57 -10.84 23.60 -0.99
C SER A 57 -10.58 22.68 -2.18
N PHE A 58 -9.64 23.04 -3.01
CA PHE A 58 -9.33 22.20 -4.20
C PHE A 58 -8.79 20.84 -3.75
N VAL A 59 -7.66 20.83 -3.08
CA VAL A 59 -7.11 19.52 -2.63
C VAL A 59 -8.19 18.69 -1.94
N SER A 60 -9.12 19.34 -1.28
CA SER A 60 -10.20 18.59 -0.60
C SER A 60 -10.98 17.77 -1.63
N ARG A 61 -11.44 18.40 -2.68
CA ARG A 61 -12.20 17.63 -3.69
C ARG A 61 -11.27 16.66 -4.43
N ILE A 62 -10.00 16.99 -4.53
CA ILE A 62 -9.06 16.05 -5.24
C ILE A 62 -9.09 14.70 -4.53
N LYS A 63 -8.93 14.68 -3.23
CA LYS A 63 -8.95 13.39 -2.51
C LYS A 63 -10.30 12.71 -2.76
N GLU A 64 -11.37 13.45 -2.63
CA GLU A 64 -12.72 12.88 -2.86
C GLU A 64 -12.83 12.46 -4.33
N LYS A 65 -12.35 13.29 -5.21
CA LYS A 65 -12.44 12.98 -6.67
C LYS A 65 -11.38 11.93 -7.06
N HIS A 66 -10.30 11.87 -6.33
CA HIS A 66 -9.25 10.86 -6.68
C HIS A 66 -8.42 10.52 -5.44
N SER A 67 -9.04 9.91 -4.47
CA SER A 67 -8.29 9.55 -3.23
C SER A 67 -7.11 8.63 -3.56
N SER A 68 -7.19 7.90 -4.64
CA SER A 68 -6.08 6.98 -5.01
C SER A 68 -4.84 7.78 -5.45
N ILE A 69 -5.00 9.05 -5.72
CA ILE A 69 -3.83 9.87 -6.17
C ILE A 69 -3.20 10.58 -4.95
N VAL A 70 -1.94 10.92 -5.05
CA VAL A 70 -1.25 11.61 -3.91
C VAL A 70 -1.52 13.12 -3.99
N VAL A 71 -1.30 13.82 -2.90
CA VAL A 71 -1.54 15.30 -2.91
C VAL A 71 -0.52 15.99 -2.01
N LEU A 72 0.30 16.84 -2.61
CA LEU A 72 1.35 17.58 -1.83
C LEU A 72 1.02 19.08 -1.89
N VAL A 73 0.42 19.60 -0.85
CA VAL A 73 0.08 21.05 -0.84
C VAL A 73 1.17 21.82 -0.11
N SER A 74 1.36 23.07 -0.44
CA SER A 74 2.43 23.87 0.25
C SER A 74 1.86 25.22 0.68
N SER A 75 2.61 25.98 1.43
CA SER A 75 2.09 27.31 1.89
C SER A 75 3.19 28.09 2.62
N ASP A 76 3.42 29.32 2.23
CA ASP A 76 4.47 30.14 2.87
C ASP A 76 4.11 30.42 4.33
N ASN A 77 3.62 29.43 5.03
CA ASN A 77 3.23 29.65 6.45
C ASN A 77 3.17 28.31 7.19
N PRO A 78 4.27 27.60 7.27
CA PRO A 78 4.31 26.28 7.96
C PRO A 78 3.85 26.40 9.43
N THR A 79 2.57 26.56 9.64
CA THR A 79 2.03 26.69 11.03
C THR A 79 1.30 25.40 11.39
N SER A 80 1.25 25.08 12.65
CA SER A 80 0.56 23.84 13.08
C SER A 80 -0.94 23.95 12.75
N GLU A 81 -1.45 25.15 12.67
CA GLU A 81 -2.90 25.31 12.35
C GLU A 81 -3.18 24.77 10.95
N GLU A 82 -2.43 25.21 9.97
CA GLU A 82 -2.66 24.72 8.58
C GLU A 82 -2.21 23.25 8.47
N GLU A 83 -1.22 22.87 9.21
CA GLU A 83 -0.74 21.47 9.14
C GLU A 83 -1.86 20.52 9.54
N VAL A 84 -2.47 20.74 10.68
CA VAL A 84 -3.59 19.85 11.12
C VAL A 84 -4.72 19.92 10.09
N HIS A 85 -5.00 21.09 9.58
CA HIS A 85 -6.09 21.21 8.58
C HIS A 85 -5.68 20.52 7.27
N ALA A 86 -4.40 20.47 6.98
CA ALA A 86 -3.95 19.82 5.72
C ALA A 86 -4.22 18.31 5.78
N PHE A 87 -3.93 17.69 6.89
CA PHE A 87 -4.18 16.22 7.00
C PHE A 87 -5.65 15.99 7.29
N GLU A 88 -6.31 16.95 7.88
CA GLU A 88 -7.76 16.78 8.19
C GLU A 88 -8.57 16.96 6.91
N GLN A 89 -8.34 18.04 6.21
CA GLN A 89 -9.10 18.29 4.95
C GLN A 89 -8.82 17.17 3.95
N GLY A 90 -7.57 16.77 3.82
CA GLY A 90 -7.24 15.67 2.85
C GLY A 90 -5.94 16.01 2.11
N ALA A 91 -4.82 15.93 2.78
CA ALA A 91 -3.51 16.23 2.12
C ALA A 91 -2.51 15.13 2.47
N ASP A 92 -1.80 14.62 1.49
CA ASP A 92 -0.81 13.54 1.80
C ASP A 92 0.36 14.15 2.56
N ASP A 93 0.78 15.32 2.17
CA ASP A 93 1.93 15.98 2.87
C ASP A 93 1.82 17.49 2.70
N TYR A 94 2.26 18.23 3.69
CA TYR A 94 2.19 19.73 3.62
C TYR A 94 3.61 20.28 3.78
N ILE A 95 4.16 20.88 2.73
CA ILE A 95 5.57 21.41 2.82
C ILE A 95 5.57 22.95 2.90
N ALA A 96 6.59 23.49 3.51
CA ALA A 96 6.69 24.97 3.61
C ALA A 96 6.98 25.52 2.21
N LYS A 97 6.17 26.39 1.71
CA LYS A 97 6.40 26.92 0.34
C LYS A 97 7.86 27.30 0.13
N PRO A 98 8.45 28.13 0.97
CA PRO A 98 9.83 28.58 0.74
C PRO A 98 10.76 27.44 0.27
N TYR A 99 10.30 26.22 0.34
CA TYR A 99 11.10 25.06 -0.09
C TYR A 99 12.39 24.99 0.72
N ARG A 100 12.63 23.90 1.40
CA ARG A 100 13.88 23.80 2.22
C ARG A 100 15.10 23.72 1.29
N SER A 101 14.95 23.13 0.13
CA SER A 101 16.12 23.05 -0.81
C SER A 101 15.69 22.44 -2.15
N ILE A 102 14.46 22.61 -2.55
CA ILE A 102 14.00 22.04 -3.86
C ILE A 102 14.40 20.56 -3.95
N LYS A 103 15.67 20.27 -4.08
CA LYS A 103 16.12 18.87 -4.16
C LYS A 103 15.57 18.12 -2.94
N ALA A 104 15.43 18.81 -1.84
CA ALA A 104 14.88 18.16 -0.63
C ALA A 104 13.45 17.70 -0.90
N LEU A 105 12.65 18.58 -1.46
CA LEU A 105 11.24 18.21 -1.77
C LEU A 105 11.23 17.21 -2.92
N VAL A 106 11.85 17.53 -4.02
CA VAL A 106 11.88 16.58 -5.16
C VAL A 106 12.38 15.22 -4.69
N ALA A 107 13.44 15.21 -3.92
CA ALA A 107 13.96 13.90 -3.42
C ALA A 107 12.82 13.16 -2.74
N ARG A 108 12.03 13.85 -1.97
CA ARG A 108 10.88 13.20 -1.29
C ARG A 108 9.91 12.66 -2.34
N ILE A 109 9.79 13.32 -3.46
CA ILE A 109 8.87 12.83 -4.51
C ILE A 109 9.50 11.61 -5.18
N GLU A 110 10.80 11.60 -5.27
CA GLU A 110 11.47 10.44 -5.91
C GLU A 110 11.09 9.16 -5.18
N ALA A 111 11.25 9.12 -3.89
CA ALA A 111 10.90 7.90 -3.12
C ALA A 111 9.37 7.76 -3.07
N ARG A 112 8.66 8.86 -3.04
CA ARG A 112 7.17 8.77 -2.98
C ARG A 112 6.66 7.90 -4.13
N LEU A 113 7.32 7.96 -5.27
CA LEU A 113 6.87 7.13 -6.43
C LEU A 113 8.08 6.80 -7.31
N ARG A 114 8.50 5.56 -7.31
CA ARG A 114 9.67 5.15 -8.15
C ARG A 114 9.43 3.72 -8.67
N PHE A 115 9.11 2.81 -7.80
CA PHE A 115 8.87 1.41 -8.24
C PHE A 115 7.42 1.29 -8.75
N TRP A 116 6.86 2.36 -9.21
CA TRP A 116 5.45 2.31 -9.71
C TRP A 116 5.31 1.18 -10.73
N GLY A 117 6.29 1.00 -11.57
CA GLY A 117 6.21 -0.08 -12.59
C GLY A 117 6.02 -1.43 -11.90
N SER A 118 4.79 -1.86 -11.73
CA SER A 118 4.54 -3.17 -11.07
C SER A 118 3.23 -3.76 -11.56
N ASN A 119 3.02 -5.02 -11.31
CA ASN A 119 1.78 -5.66 -11.79
C ASN A 119 1.54 -6.95 -10.97
N VAL A 120 0.36 -7.10 -10.43
CA VAL A 120 0.06 -8.31 -9.61
C VAL A 120 -0.34 -9.48 -10.52
N ILE A 121 -1.20 -9.23 -11.48
CA ILE A 121 -1.64 -10.32 -12.40
C ILE A 121 -0.92 -10.21 -13.75
N GLU A 122 -0.37 -11.30 -14.22
CA GLU A 122 0.36 -11.27 -15.53
C GLU A 122 -0.30 -12.29 -16.48
N ILE A 123 -0.65 -11.87 -17.68
CA ILE A 123 -1.29 -12.81 -18.64
C ILE A 123 -0.75 -12.54 -20.05
N GLY A 124 -0.02 -13.46 -20.61
CA GLY A 124 0.53 -13.26 -21.97
C GLY A 124 1.14 -11.86 -22.09
N ASP A 125 0.92 -11.19 -23.20
CA ASP A 125 1.49 -9.83 -23.36
C ASP A 125 0.62 -8.82 -22.62
N LEU A 126 -0.54 -9.22 -22.18
CA LEU A 126 -1.44 -8.28 -21.45
C LEU A 126 -1.14 -8.39 -19.96
N THR A 127 -1.05 -7.28 -19.27
CA THR A 127 -0.76 -7.31 -17.80
C THR A 127 -1.77 -6.44 -17.05
N ILE A 128 -2.38 -6.96 -16.02
CA ILE A 128 -3.38 -6.17 -15.24
C ILE A 128 -2.82 -5.92 -13.83
N SER A 129 -3.02 -4.73 -13.30
CA SER A 129 -2.49 -4.41 -11.93
C SER A 129 -3.63 -3.84 -11.08
N PRO A 130 -4.46 -4.69 -10.54
CA PRO A 130 -5.61 -4.27 -9.67
C PRO A 130 -5.15 -3.39 -8.50
N ASP A 131 -4.19 -3.85 -7.75
CA ASP A 131 -3.69 -3.05 -6.59
C ASP A 131 -3.32 -1.65 -7.08
N GLU A 132 -2.64 -1.57 -8.19
CA GLU A 132 -2.24 -0.24 -8.74
C GLU A 132 -3.37 0.31 -9.62
N GLU A 133 -4.42 -0.45 -9.78
CA GLU A 133 -5.55 0.01 -10.64
C GLU A 133 -5.00 0.49 -11.97
N LYS A 134 -4.57 -0.42 -12.80
CA LYS A 134 -4.02 -0.01 -14.12
C LYS A 134 -4.09 -1.17 -15.11
N ILE A 135 -4.74 -0.97 -16.22
CA ILE A 135 -4.85 -2.06 -17.25
C ILE A 135 -3.85 -1.79 -18.38
N ILE A 136 -3.02 -2.75 -18.69
CA ILE A 136 -2.00 -2.57 -19.77
C ILE A 136 -2.29 -3.57 -20.90
N TYR A 137 -2.44 -3.09 -22.10
CA TYR A 137 -2.72 -4.00 -23.26
C TYR A 137 -1.94 -3.53 -24.47
N LYS A 138 -1.60 -4.42 -25.36
CA LYS A 138 -0.83 -4.03 -26.58
C LYS A 138 0.46 -3.29 -26.16
N GLY A 139 0.72 -3.24 -24.87
CA GLY A 139 1.96 -2.56 -24.38
C GLY A 139 1.64 -1.13 -23.97
N ARG A 140 0.42 -0.70 -24.16
CA ARG A 140 0.04 0.70 -23.78
C ARG A 140 -0.45 0.69 -22.33
N GLU A 141 0.05 1.60 -21.53
CA GLU A 141 -0.39 1.67 -20.10
C GLU A 141 -1.55 2.64 -19.95
N VAL A 142 -2.63 2.22 -19.35
CA VAL A 142 -3.82 3.11 -19.17
C VAL A 142 -4.37 2.95 -17.74
N GLU A 143 -4.70 4.03 -17.11
CA GLU A 143 -5.25 3.95 -15.72
C GLU A 143 -6.78 3.87 -15.79
N VAL A 144 -7.39 3.11 -14.92
CA VAL A 144 -8.88 2.98 -14.94
C VAL A 144 -9.41 2.98 -13.50
N LYS A 145 -10.64 3.39 -13.32
CA LYS A 145 -11.23 3.41 -11.96
C LYS A 145 -12.74 3.62 -12.06
N GLY A 146 -13.32 3.26 -13.17
CA GLY A 146 -14.79 3.44 -13.35
C GLY A 146 -15.53 2.20 -12.84
N LYS A 147 -16.81 2.11 -13.11
CA LYS A 147 -17.61 0.94 -12.64
C LYS A 147 -17.43 -0.26 -13.58
N PRO A 148 -17.22 -0.07 -14.87
CA PRO A 148 -17.07 -1.19 -15.82
C PRO A 148 -15.63 -1.70 -15.91
N PHE A 149 -14.72 -1.05 -15.22
CA PHE A 149 -13.30 -1.50 -15.26
C PHE A 149 -13.01 -2.38 -14.04
N GLU A 150 -13.70 -2.15 -12.95
CA GLU A 150 -13.48 -2.98 -11.74
C GLU A 150 -13.75 -4.45 -12.08
N VAL A 151 -14.79 -4.71 -12.83
CA VAL A 151 -15.11 -6.12 -13.19
C VAL A 151 -13.94 -6.70 -13.99
N LEU A 152 -13.28 -5.89 -14.78
CA LEU A 152 -12.13 -6.39 -15.57
C LEU A 152 -11.06 -6.92 -14.61
N THR A 153 -10.79 -6.18 -13.57
CA THR A 153 -9.76 -6.65 -12.58
C THR A 153 -10.37 -7.78 -11.74
N HIS A 154 -11.66 -7.82 -11.61
CA HIS A 154 -12.29 -8.89 -10.80
C HIS A 154 -11.93 -10.26 -11.37
N LEU A 155 -12.12 -10.46 -12.64
CA LEU A 155 -11.77 -11.78 -13.24
C LEU A 155 -10.25 -11.89 -13.41
N ALA A 156 -9.58 -10.79 -13.56
CA ALA A 156 -8.10 -10.84 -13.71
C ALA A 156 -7.49 -11.63 -12.55
N ARG A 157 -7.91 -11.35 -11.35
CA ARG A 157 -7.36 -12.08 -10.17
C ARG A 157 -8.00 -13.47 -10.10
N HIS A 158 -9.30 -13.52 -10.18
CA HIS A 158 -10.01 -14.83 -10.10
C HIS A 158 -9.78 -15.62 -11.38
N ARG A 159 -8.63 -15.50 -11.98
CA ARG A 159 -8.35 -16.26 -13.23
C ARG A 159 -8.47 -17.76 -12.95
N ASP A 160 -8.86 -18.53 -13.92
CA ASP A 160 -8.99 -20.00 -13.71
C ASP A 160 -9.89 -20.25 -12.50
N GLN A 161 -11.02 -19.59 -12.44
CA GLN A 161 -11.95 -19.80 -11.27
C GLN A 161 -13.38 -19.56 -11.74
N ILE A 162 -14.33 -20.21 -11.13
CA ILE A 162 -15.76 -20.03 -11.53
C ILE A 162 -16.37 -18.89 -10.71
N VAL A 163 -17.06 -17.98 -11.36
CA VAL A 163 -17.69 -16.82 -10.63
C VAL A 163 -19.15 -16.69 -11.07
N SER A 164 -20.05 -16.50 -10.15
CA SER A 164 -21.49 -16.37 -10.51
C SER A 164 -21.80 -14.92 -10.85
N LYS A 165 -22.85 -14.69 -11.60
CA LYS A 165 -23.22 -13.31 -11.98
C LYS A 165 -23.50 -12.49 -10.71
N GLU A 166 -24.21 -13.05 -9.77
CA GLU A 166 -24.52 -12.31 -8.52
C GLU A 166 -23.21 -11.92 -7.83
N GLN A 167 -22.24 -12.79 -7.85
CA GLN A 167 -20.95 -12.45 -7.19
C GLN A 167 -20.37 -11.18 -7.82
N LEU A 168 -20.46 -11.06 -9.12
CA LEU A 168 -19.93 -9.84 -9.79
C LEU A 168 -20.62 -8.61 -9.20
N LEU A 169 -21.93 -8.58 -9.20
CA LEU A 169 -22.65 -7.41 -8.63
C LEU A 169 -22.31 -7.29 -7.15
N ASP A 170 -22.52 -8.33 -6.39
CA ASP A 170 -22.24 -8.31 -4.93
C ASP A 170 -20.99 -7.48 -4.61
N ALA A 171 -19.96 -7.63 -5.40
CA ALA A 171 -18.71 -6.86 -5.14
C ALA A 171 -18.68 -5.59 -6.01
N ILE A 172 -19.28 -5.62 -7.16
CA ILE A 172 -19.26 -4.41 -8.05
C ILE A 172 -20.40 -3.46 -7.65
N TRP A 173 -21.62 -3.82 -7.95
CA TRP A 173 -22.75 -2.93 -7.58
C TRP A 173 -22.67 -2.62 -6.09
N GLU A 174 -23.04 -1.44 -5.69
CA GLU A 174 -22.99 -1.08 -4.25
C GLU A 174 -23.67 0.27 -4.04
N GLU A 175 -22.90 1.32 -3.86
CA GLU A 175 -23.52 2.66 -3.66
C GLU A 175 -24.50 2.95 -4.82
N PRO A 176 -24.01 3.06 -6.03
CA PRO A 176 -24.89 3.32 -7.22
C PRO A 176 -25.86 2.15 -7.47
N GLU A 177 -26.91 2.06 -6.71
CA GLU A 177 -27.87 0.94 -6.90
C GLU A 177 -28.73 1.22 -8.14
N MET A 178 -30.03 1.15 -8.00
CA MET A 178 -30.90 1.40 -9.19
C MET A 178 -30.41 0.56 -10.37
N VAL A 179 -29.66 -0.47 -10.08
CA VAL A 179 -29.13 -1.33 -11.19
C VAL A 179 -30.25 -2.25 -11.69
N THR A 180 -31.48 -1.88 -11.46
CA THR A 180 -32.63 -2.72 -11.93
C THR A 180 -32.53 -4.13 -11.31
N PRO A 181 -33.65 -4.79 -11.11
CA PRO A 181 -33.66 -6.16 -10.53
C PRO A 181 -32.53 -7.05 -11.07
N ASN A 182 -32.40 -7.15 -12.37
CA ASN A 182 -31.33 -8.01 -12.96
C ASN A 182 -31.03 -7.56 -14.40
N VAL A 183 -29.82 -7.12 -14.66
CA VAL A 183 -29.46 -6.68 -16.04
C VAL A 183 -28.02 -7.12 -16.34
N ILE A 184 -27.44 -7.93 -15.49
CA ILE A 184 -26.04 -8.38 -15.72
C ILE A 184 -25.90 -8.89 -17.15
N GLU A 185 -26.87 -9.64 -17.63
CA GLU A 185 -26.78 -10.17 -19.03
C GLU A 185 -26.39 -9.02 -19.97
N VAL A 186 -26.83 -7.84 -19.69
CA VAL A 186 -26.47 -6.69 -20.58
C VAL A 186 -25.04 -6.23 -20.25
N ALA A 187 -24.76 -5.98 -19.00
CA ALA A 187 -23.40 -5.52 -18.63
C ALA A 187 -22.35 -6.54 -19.09
N ILE A 188 -22.53 -7.78 -18.77
CA ILE A 188 -21.53 -8.80 -19.18
C ILE A 188 -21.40 -8.80 -20.71
N ASN A 189 -22.49 -8.76 -21.42
CA ASN A 189 -22.40 -8.75 -22.91
C ASN A 189 -21.55 -7.56 -23.36
N GLN A 190 -21.78 -6.40 -22.79
CA GLN A 190 -20.99 -5.20 -23.17
C GLN A 190 -19.54 -5.37 -22.69
N ILE A 191 -19.36 -5.88 -21.50
CA ILE A 191 -17.98 -6.05 -20.98
C ILE A 191 -17.22 -7.07 -21.84
N ARG A 192 -17.91 -8.07 -22.34
CA ARG A 192 -17.22 -9.09 -23.19
C ARG A 192 -16.69 -8.43 -24.46
N GLN A 193 -17.55 -7.80 -25.22
CA GLN A 193 -17.09 -7.16 -26.48
C GLN A 193 -16.14 -6.00 -26.15
N LYS A 194 -16.38 -5.30 -25.08
CA LYS A 194 -15.48 -4.15 -24.72
C LYS A 194 -14.13 -4.69 -24.25
N MET A 195 -14.06 -5.95 -23.89
CA MET A 195 -12.77 -6.53 -23.42
C MET A 195 -12.00 -7.10 -24.61
N ASP A 196 -12.62 -7.95 -25.38
CA ASP A 196 -11.91 -8.56 -26.54
C ASP A 196 -11.49 -7.47 -27.53
N LYS A 197 -12.31 -6.47 -27.74
CA LYS A 197 -11.94 -5.40 -28.71
C LYS A 197 -10.53 -4.86 -28.39
N PRO A 198 -10.34 -4.23 -27.26
CA PRO A 198 -9.01 -3.67 -26.87
C PRO A 198 -7.96 -4.77 -26.67
N LEU A 199 -8.22 -5.73 -25.83
CA LEU A 199 -7.22 -6.82 -25.59
C LEU A 199 -7.02 -7.62 -26.88
N GLY A 200 -8.08 -7.85 -27.62
CA GLY A 200 -7.94 -8.62 -28.89
C GLY A 200 -7.96 -10.12 -28.58
N ILE A 201 -7.31 -10.53 -27.53
CA ILE A 201 -7.29 -11.99 -27.16
C ILE A 201 -8.44 -12.29 -26.20
N SER A 202 -9.09 -13.41 -26.38
CA SER A 202 -10.22 -13.77 -25.46
C SER A 202 -9.66 -14.52 -24.25
N THR A 203 -10.18 -14.26 -23.09
CA THR A 203 -9.68 -14.98 -21.87
C THR A 203 -10.85 -15.22 -20.90
N VAL A 204 -12.03 -15.46 -21.43
CA VAL A 204 -13.22 -15.70 -20.55
C VAL A 204 -14.08 -16.81 -21.16
N GLU A 205 -14.67 -17.63 -20.33
CA GLU A 205 -15.54 -18.75 -20.83
C GLU A 205 -16.94 -18.61 -20.22
N THR A 206 -17.97 -18.81 -21.00
CA THR A 206 -19.37 -18.70 -20.50
C THR A 206 -20.04 -20.07 -20.54
N VAL A 207 -20.84 -20.39 -19.56
CA VAL A 207 -21.53 -21.71 -19.55
C VAL A 207 -22.93 -21.55 -18.93
N ARG A 208 -23.91 -22.18 -19.53
CA ARG A 208 -25.30 -22.05 -18.98
C ARG A 208 -25.41 -22.84 -17.67
N ARG A 209 -24.70 -23.93 -17.56
CA ARG A 209 -24.78 -24.74 -16.31
C ARG A 209 -24.53 -23.84 -15.10
N ARG A 210 -23.64 -22.88 -15.23
CA ARG A 210 -23.34 -21.97 -14.10
C ARG A 210 -23.15 -20.55 -14.63
N GLY A 211 -22.43 -19.73 -13.93
CA GLY A 211 -22.21 -18.34 -14.39
C GLY A 211 -21.13 -18.31 -15.48
N TYR A 212 -20.09 -17.52 -15.29
CA TYR A 212 -19.00 -17.44 -16.30
C TYR A 212 -17.69 -17.92 -15.67
N ARG A 213 -16.95 -18.73 -16.39
CA ARG A 213 -15.65 -19.25 -15.87
C ARG A 213 -14.50 -18.53 -16.56
N PHE A 214 -13.59 -17.98 -15.80
CA PHE A 214 -12.43 -17.26 -16.42
C PHE A 214 -11.19 -18.16 -16.41
N CYS A 215 -10.53 -18.29 -17.52
CA CYS A 215 -9.31 -19.16 -17.59
C CYS A 215 -8.40 -18.66 -18.70
N TYR A 216 -7.13 -18.95 -18.62
CA TYR A 216 -6.20 -18.49 -19.69
C TYR A 216 -6.51 -19.26 -20.98
N PRO A 217 -6.28 -18.66 -22.13
CA PRO A 217 -6.56 -19.32 -23.44
C PRO A 217 -5.52 -20.41 -23.77
N LYS A 218 -4.54 -20.08 -24.57
CA LYS A 218 -3.50 -21.10 -24.92
C LYS A 218 -2.67 -21.40 -23.66
N PRO A 219 -2.08 -22.57 -23.57
CA PRO A 219 -1.25 -22.96 -22.40
C PRO A 219 -0.41 -21.79 -21.87
N ALA A 220 -0.16 -20.80 -22.69
CA ALA A 220 0.65 -19.63 -22.22
C ALA A 220 1.93 -20.13 -21.56
N CYS A 221 2.33 -21.34 -21.86
CA CYS A 221 3.58 -21.89 -21.25
C CYS A 221 4.20 -22.90 -22.20
N GLU A 222 3.49 -23.30 -23.22
CA GLU A 222 4.04 -24.29 -24.19
C GLU A 222 4.66 -25.47 -23.42
N GLU A 223 5.93 -25.40 -23.15
CA GLU A 223 6.59 -26.51 -22.41
C GLU A 223 5.81 -26.80 -21.13
N MET B 1 -1.94 2.95 20.25
CA MET B 1 -1.14 1.73 20.53
C MET B 1 0.04 2.09 21.44
N ARG B 2 1.17 1.45 21.24
CA ARG B 2 2.36 1.76 22.08
C ARG B 2 3.28 2.73 21.33
N VAL B 3 3.54 3.88 21.93
CA VAL B 3 4.41 4.91 21.28
C VAL B 3 5.68 5.10 22.11
N LEU B 4 6.80 5.17 21.46
CA LEU B 4 8.10 5.35 22.19
C LEU B 4 8.60 6.80 22.02
N LEU B 5 8.76 7.51 23.11
CA LEU B 5 9.27 8.92 23.04
C LEU B 5 10.59 9.01 23.80
N ILE B 6 11.69 8.92 23.11
CA ILE B 6 13.00 9.01 23.81
C ILE B 6 13.36 10.49 23.97
N GLU B 7 13.09 11.05 25.12
CA GLU B 7 13.39 12.50 25.36
C GLU B 7 14.04 12.67 26.74
N LYS B 8 15.11 13.41 26.81
CA LYS B 8 15.78 13.62 28.13
C LYS B 8 14.86 14.43 29.05
N ASN B 9 14.08 15.32 28.49
CA ASN B 9 13.17 16.14 29.32
C ASN B 9 11.92 15.31 29.67
N SER B 10 11.56 15.27 30.92
CA SER B 10 10.36 14.49 31.33
C SER B 10 9.09 15.32 31.12
N VAL B 11 9.19 16.61 31.27
CA VAL B 11 7.98 17.47 31.09
C VAL B 11 7.49 17.37 29.64
N LEU B 12 8.38 17.43 28.68
CA LEU B 12 7.96 17.34 27.26
C LEU B 12 7.40 15.94 26.99
N GLY B 13 7.94 14.94 27.64
CA GLY B 13 7.42 13.56 27.43
C GLY B 13 6.12 13.39 28.21
N GLY B 14 5.94 14.18 29.23
CA GLY B 14 4.70 14.06 30.04
C GLY B 14 3.53 14.70 29.30
N GLU B 15 3.71 15.91 28.82
CA GLU B 15 2.60 16.58 28.09
C GLU B 15 2.27 15.76 26.82
N ILE B 16 3.26 15.31 26.11
CA ILE B 16 2.98 14.50 24.90
C ILE B 16 2.23 13.24 25.32
N GLU B 17 2.56 12.71 26.46
CA GLU B 17 1.86 11.48 26.94
C GLU B 17 0.37 11.77 27.10
N LYS B 18 0.04 12.88 27.69
CA LYS B 18 -1.42 13.21 27.86
C LYS B 18 -1.93 13.89 26.60
N GLY B 19 -1.07 14.05 25.63
CA GLY B 19 -1.49 14.69 24.36
C GLY B 19 -2.08 13.64 23.42
N LEU B 20 -1.33 12.60 23.13
CA LEU B 20 -1.84 11.55 22.21
C LEU B 20 -2.87 10.68 22.95
N ASN B 21 -2.86 10.69 24.25
CA ASN B 21 -3.83 9.86 25.01
C ASN B 21 -5.25 10.17 24.53
N VAL B 22 -5.50 11.38 24.13
CA VAL B 22 -6.87 11.74 23.64
C VAL B 22 -7.20 10.83 22.46
N LYS B 23 -6.21 10.38 21.74
CA LYS B 23 -6.47 9.49 20.57
C LYS B 23 -6.61 8.05 21.06
N GLY B 24 -6.41 7.84 22.33
CA GLY B 24 -6.54 6.47 22.89
C GLY B 24 -5.27 5.67 22.61
N PHE B 25 -4.12 6.31 22.60
CA PHE B 25 -2.83 5.60 22.34
C PHE B 25 -2.00 5.58 23.63
N MET B 26 -1.06 4.68 23.73
CA MET B 26 -0.21 4.60 24.96
C MET B 26 1.17 5.14 24.62
N ALA B 27 1.79 5.86 25.53
CA ALA B 27 3.14 6.44 25.25
C ALA B 27 4.06 6.27 26.46
N ASP B 28 5.35 6.28 26.24
CA ASP B 28 6.32 6.14 27.36
C ASP B 28 7.48 7.12 27.12
N VAL B 29 8.22 7.45 28.16
CA VAL B 29 9.38 8.41 27.99
C VAL B 29 10.67 7.75 28.48
N THR B 30 11.75 7.97 27.77
CA THR B 30 13.07 7.37 28.19
C THR B 30 14.17 8.41 28.00
N GLU B 31 15.35 8.13 28.49
CA GLU B 31 16.47 9.11 28.34
C GLU B 31 17.25 8.84 27.05
N SER B 32 18.42 8.28 27.14
CA SER B 32 19.23 8.01 25.92
C SER B 32 18.75 6.73 25.24
N LEU B 33 19.19 6.48 24.04
CA LEU B 33 18.75 5.26 23.30
C LEU B 33 18.97 4.02 24.18
N GLU B 34 19.97 4.05 25.03
CA GLU B 34 20.23 2.85 25.89
C GLU B 34 18.95 2.48 26.64
N ASP B 35 18.33 3.42 27.29
CA ASP B 35 17.08 3.10 28.03
C ASP B 35 16.02 2.64 27.03
N GLY B 36 15.94 3.28 25.90
CA GLY B 36 14.94 2.87 24.89
C GLY B 36 15.34 1.50 24.32
N GLU B 37 16.61 1.24 24.23
CA GLU B 37 17.06 -0.08 23.70
C GLU B 37 16.66 -1.19 24.67
N TYR B 38 16.86 -0.97 25.94
CA TYR B 38 16.48 -2.02 26.94
C TYR B 38 14.95 -2.03 27.11
N LEU B 39 14.35 -0.87 27.06
CA LEU B 39 12.87 -0.79 27.23
C LEU B 39 12.15 -1.37 26.00
N MET B 40 12.65 -1.10 24.83
CA MET B 40 11.99 -1.63 23.60
C MET B 40 12.33 -3.11 23.42
N ASP B 41 13.37 -3.58 24.07
CA ASP B 41 13.75 -5.02 23.93
C ASP B 41 12.69 -5.89 24.61
N ILE B 42 12.25 -5.50 25.77
CA ILE B 42 11.22 -6.30 26.49
C ILE B 42 9.82 -5.88 26.04
N ARG B 43 9.70 -4.74 25.40
CA ARG B 43 8.36 -4.26 24.94
C ARG B 43 8.46 -3.84 23.47
N ASN B 44 7.47 -4.18 22.68
CA ASN B 44 7.49 -3.79 21.24
C ASN B 44 6.64 -2.54 21.03
N TYR B 45 7.18 -1.53 20.39
CA TYR B 45 6.42 -0.27 20.16
C TYR B 45 6.03 -0.15 18.68
N ASP B 46 4.82 0.23 18.40
CA ASP B 46 4.40 0.37 16.98
C ASP B 46 5.00 1.65 16.41
N LEU B 47 4.97 2.71 17.18
CA LEU B 47 5.55 4.01 16.72
C LEU B 47 6.90 4.21 17.41
N VAL B 48 7.97 4.25 16.65
CA VAL B 48 9.32 4.45 17.25
C VAL B 48 9.72 5.91 17.06
N MET B 49 9.53 6.73 18.06
CA MET B 49 9.88 8.18 17.94
C MET B 49 10.98 8.54 18.93
N VAL B 50 12.01 9.20 18.46
CA VAL B 50 13.14 9.58 19.35
C VAL B 50 13.68 10.96 18.91
N SER B 51 13.91 11.84 19.84
CA SER B 51 14.44 13.19 19.51
C SER B 51 15.97 13.20 19.65
N ASP B 52 16.58 12.05 19.71
CA ASP B 52 18.06 12.00 19.85
C ASP B 52 18.72 12.22 18.49
N LYS B 53 19.84 12.89 18.46
CA LYS B 53 20.54 13.15 17.17
C LYS B 53 21.25 11.88 16.70
N ASN B 54 21.79 11.11 17.60
CA ASN B 54 22.49 9.86 17.19
C ASN B 54 21.47 8.80 16.78
N ALA B 55 20.23 9.18 16.63
CA ALA B 55 19.19 8.19 16.23
C ALA B 55 19.44 7.70 14.81
N LEU B 56 20.11 8.48 14.01
CA LEU B 56 20.37 8.06 12.60
C LEU B 56 20.90 6.62 12.57
N SER B 57 21.75 6.28 13.49
CA SER B 57 22.30 4.88 13.50
C SER B 57 21.24 3.91 14.04
N PHE B 58 20.54 4.30 15.07
CA PHE B 58 19.50 3.40 15.65
C PHE B 58 18.39 3.16 14.62
N VAL B 59 17.88 4.18 14.01
CA VAL B 59 16.79 3.95 13.01
C VAL B 59 17.32 3.12 11.84
N SER B 60 18.54 3.34 11.45
CA SER B 60 19.11 2.57 10.32
C SER B 60 19.01 1.06 10.61
N ARG B 61 19.36 0.65 11.80
CA ARG B 61 19.29 -0.80 12.12
C ARG B 61 17.83 -1.21 12.33
N ILE B 62 17.01 -0.33 12.84
CA ILE B 62 15.58 -0.70 13.07
C ILE B 62 14.94 -1.10 11.74
N LYS B 63 15.02 -0.27 10.75
CA LYS B 63 14.41 -0.64 9.43
C LYS B 63 15.10 -1.88 8.89
N GLU B 64 16.40 -1.96 9.01
CA GLU B 64 17.13 -3.15 8.52
C GLU B 64 16.73 -4.36 9.39
N LYS B 65 16.59 -4.14 10.67
CA LYS B 65 16.19 -5.26 11.57
C LYS B 65 14.67 -5.36 11.63
N HIS B 66 14.03 -4.48 12.35
CA HIS B 66 12.53 -4.51 12.43
C HIS B 66 11.95 -3.60 11.36
N SER B 67 11.67 -4.13 10.19
CA SER B 67 11.11 -3.29 9.10
C SER B 67 9.62 -3.04 9.34
N SER B 68 8.89 -4.04 9.77
CA SER B 68 7.43 -3.85 10.01
C SER B 68 7.22 -2.90 11.19
N ILE B 69 7.80 -1.73 11.16
CA ILE B 69 7.63 -0.77 12.29
C ILE B 69 7.74 0.67 11.76
N VAL B 70 7.13 1.61 12.41
CA VAL B 70 7.19 3.03 11.95
C VAL B 70 8.28 3.77 12.74
N VAL B 71 8.89 4.79 12.16
CA VAL B 71 9.95 5.55 12.88
C VAL B 71 9.76 7.05 12.67
N LEU B 72 9.78 7.81 13.74
CA LEU B 72 9.61 9.29 13.65
C LEU B 72 10.84 9.97 14.26
N VAL B 73 11.68 10.51 13.43
CA VAL B 73 12.91 11.20 13.95
C VAL B 73 12.63 12.69 14.13
N SER B 74 12.90 13.21 15.30
CA SER B 74 12.67 14.67 15.56
C SER B 74 14.00 15.41 15.43
N SER B 75 13.98 16.69 15.17
CA SER B 75 15.27 17.43 15.03
C SER B 75 15.09 18.92 15.33
N ASP B 76 15.98 19.49 16.11
CA ASP B 76 15.89 20.93 16.43
C ASP B 76 16.61 21.73 15.35
N ASN B 77 17.01 21.05 14.31
CA ASN B 77 17.73 21.72 13.18
C ASN B 77 17.16 21.21 11.86
N PRO B 78 15.88 21.39 11.64
CA PRO B 78 15.21 20.92 10.39
C PRO B 78 15.82 21.55 9.15
N THR B 79 16.94 21.02 8.71
CA THR B 79 17.61 21.55 7.49
C THR B 79 17.42 20.56 6.35
N SER B 80 17.41 21.03 5.14
CA SER B 80 17.23 20.12 3.97
C SER B 80 18.30 19.03 4.02
N GLU B 81 19.40 19.29 4.69
CA GLU B 81 20.48 18.26 4.77
C GLU B 81 19.99 17.09 5.62
N GLU B 82 19.45 17.36 6.77
CA GLU B 82 18.96 16.25 7.64
C GLU B 82 17.65 15.70 7.08
N GLU B 83 16.90 16.51 6.38
CA GLU B 83 15.61 16.02 5.82
C GLU B 83 15.88 14.87 4.84
N VAL B 84 16.69 15.10 3.85
CA VAL B 84 16.99 14.02 2.87
C VAL B 84 17.71 12.87 3.58
N HIS B 85 18.65 13.20 4.42
CA HIS B 85 19.40 12.13 5.15
C HIS B 85 18.42 11.32 6.00
N ALA B 86 17.43 11.97 6.55
CA ALA B 86 16.44 11.25 7.39
C ALA B 86 15.68 10.22 6.54
N PHE B 87 15.31 10.58 5.34
CA PHE B 87 14.57 9.61 4.49
C PHE B 87 15.55 8.60 3.93
N GLU B 88 16.73 9.04 3.56
CA GLU B 88 17.73 8.10 3.00
C GLU B 88 18.14 7.11 4.08
N GLN B 89 18.29 7.56 5.30
CA GLN B 89 18.68 6.63 6.40
C GLN B 89 17.59 5.57 6.56
N GLY B 90 16.34 5.97 6.60
CA GLY B 90 15.23 4.99 6.75
C GLY B 90 14.11 5.58 7.61
N ALA B 91 14.32 6.74 8.16
CA ALA B 91 13.25 7.35 9.01
C ALA B 91 11.93 7.35 8.23
N ASP B 92 10.86 6.95 8.86
CA ASP B 92 9.54 6.92 8.16
C ASP B 92 8.92 8.32 8.22
N ASP B 93 9.38 9.15 9.12
CA ASP B 93 8.83 10.52 9.24
C ASP B 93 9.90 11.44 9.82
N TYR B 94 9.72 12.73 9.71
CA TYR B 94 10.74 13.68 10.24
C TYR B 94 10.04 14.99 10.64
N ILE B 95 9.91 15.24 11.93
CA ILE B 95 9.23 16.49 12.41
C ILE B 95 10.24 17.38 13.14
N ALA B 96 9.95 18.65 13.27
CA ALA B 96 10.87 19.56 13.99
C ALA B 96 10.82 19.23 15.48
N LYS B 97 11.95 19.02 16.09
CA LYS B 97 11.96 18.69 17.55
C LYS B 97 11.10 19.65 18.35
N PRO B 98 11.40 20.93 18.32
CA PRO B 98 10.68 21.91 19.15
C PRO B 98 9.15 21.70 19.13
N TYR B 99 8.69 20.75 18.36
CA TYR B 99 7.25 20.43 18.28
C TYR B 99 6.49 21.63 17.74
N ARG B 100 5.76 21.47 16.66
CA ARG B 100 5.00 22.62 16.11
C ARG B 100 3.78 22.90 17.01
N SER B 101 3.14 21.89 17.53
CA SER B 101 1.95 22.12 18.41
C SER B 101 1.45 20.83 19.02
N ILE B 102 2.32 19.90 19.35
CA ILE B 102 1.85 18.61 19.97
C ILE B 102 0.70 18.01 19.15
N LYS B 103 -0.45 18.62 19.18
CA LYS B 103 -1.59 18.09 18.39
C LYS B 103 -1.15 17.93 16.95
N ALA B 104 -0.26 18.78 16.49
CA ALA B 104 0.23 18.66 15.10
C ALA B 104 1.04 17.36 14.98
N LEU B 105 1.91 17.13 15.93
CA LEU B 105 2.73 15.89 15.90
C LEU B 105 1.80 14.67 16.01
N VAL B 106 0.83 14.74 16.89
CA VAL B 106 -0.12 13.61 17.04
C VAL B 106 -0.97 13.48 15.79
N ALA B 107 -1.36 14.58 15.20
CA ALA B 107 -2.20 14.51 13.97
C ALA B 107 -1.52 13.62 12.94
N ARG B 108 -0.25 13.82 12.72
CA ARG B 108 0.47 12.98 11.72
C ARG B 108 0.60 11.55 12.23
N ILE B 109 0.68 11.36 13.52
CA ILE B 109 0.81 9.98 14.05
C ILE B 109 -0.55 9.29 13.95
N GLU B 110 -1.61 10.05 14.07
CA GLU B 110 -2.96 9.44 13.97
C GLU B 110 -3.25 9.08 12.52
N ALA B 111 -3.22 10.05 11.65
CA ALA B 111 -3.51 9.76 10.21
C ALA B 111 -2.64 8.60 9.74
N ARG B 112 -1.43 8.50 10.24
CA ARG B 112 -0.54 7.39 9.81
C ARG B 112 -1.13 6.05 10.28
N LEU B 113 -1.59 5.98 11.50
CA LEU B 113 -2.16 4.70 12.03
C LEU B 113 -3.49 4.98 12.76
N ARG B 114 -4.48 5.45 12.06
CA ARG B 114 -5.80 5.72 12.72
C ARG B 114 -6.33 4.40 13.31
N PHE B 115 -6.24 3.33 12.56
CA PHE B 115 -6.73 2.01 13.05
C PHE B 115 -5.79 0.90 12.58
N TRP B 116 -6.23 0.09 11.66
CA TRP B 116 -5.35 -1.01 11.15
C TRP B 116 -5.69 -1.27 9.68
N GLY B 117 -4.82 -1.94 8.97
CA GLY B 117 -5.08 -2.23 7.53
C GLY B 117 -6.21 -3.24 7.41
N SER B 118 -6.93 -3.23 6.32
CA SER B 118 -8.06 -4.19 6.14
C SER B 118 -7.50 -5.52 5.65
N ASN B 119 -6.31 -5.84 6.03
CA ASN B 119 -5.74 -7.14 5.63
C ASN B 119 -5.81 -7.28 4.10
N VAL B 120 -5.17 -8.30 3.56
CA VAL B 120 -5.19 -8.52 2.07
C VAL B 120 -5.81 -9.88 1.77
N ILE B 121 -5.52 -10.87 2.60
CA ILE B 121 -6.09 -12.25 2.38
C ILE B 121 -7.11 -12.56 3.48
N GLU B 122 -8.26 -13.06 3.11
CA GLU B 122 -9.30 -13.39 4.13
C GLU B 122 -10.20 -14.51 3.60
N ILE B 123 -10.20 -15.64 4.25
CA ILE B 123 -11.07 -16.76 3.77
C ILE B 123 -11.24 -17.81 4.87
N GLY B 124 -12.43 -18.34 5.01
CA GLY B 124 -12.67 -19.39 6.05
C GLY B 124 -12.62 -18.76 7.44
N ASP B 125 -13.03 -17.53 7.57
CA ASP B 125 -13.01 -16.87 8.91
C ASP B 125 -11.55 -16.60 9.32
N LEU B 126 -10.62 -17.10 8.55
CA LEU B 126 -9.17 -16.88 8.88
C LEU B 126 -8.72 -15.61 8.17
N THR B 127 -7.85 -14.83 8.78
CA THR B 127 -7.36 -13.58 8.11
C THR B 127 -5.83 -13.57 8.14
N ILE B 128 -5.21 -13.40 6.99
CA ILE B 128 -3.71 -13.37 6.92
C ILE B 128 -3.27 -12.11 6.19
N SER B 129 -2.32 -11.39 6.76
CA SER B 129 -1.81 -10.13 6.12
C SER B 129 -0.33 -10.32 5.73
N PRO B 130 0.03 -10.18 4.47
CA PRO B 130 1.44 -10.35 4.04
C PRO B 130 2.29 -9.10 4.37
N ASP B 131 1.77 -7.93 4.10
CA ASP B 131 2.54 -6.69 4.40
C ASP B 131 2.78 -6.60 5.91
N GLU B 132 1.76 -6.82 6.69
CA GLU B 132 1.92 -6.75 8.17
C GLU B 132 2.37 -8.11 8.69
N GLU B 133 2.66 -9.04 7.79
CA GLU B 133 3.10 -10.42 8.20
C GLU B 133 2.50 -10.81 9.55
N LYS B 134 1.20 -10.84 9.63
CA LYS B 134 0.52 -11.19 10.91
C LYS B 134 -0.73 -12.03 10.60
N ILE B 135 -0.96 -13.08 11.37
CA ILE B 135 -2.16 -13.95 11.11
C ILE B 135 -3.19 -13.78 12.24
N ILE B 136 -4.45 -13.73 11.89
CA ILE B 136 -5.54 -13.58 12.92
C ILE B 136 -6.42 -14.82 12.92
N TYR B 137 -6.71 -15.35 14.09
CA TYR B 137 -7.58 -16.56 14.18
C TYR B 137 -8.51 -16.42 15.39
N LYS B 138 -9.79 -16.53 15.17
CA LYS B 138 -10.77 -16.40 16.30
C LYS B 138 -10.56 -15.06 17.03
N GLY B 139 -10.19 -14.03 16.31
CA GLY B 139 -10.00 -12.69 16.96
C GLY B 139 -8.69 -12.64 17.73
N ARG B 140 -7.80 -13.57 17.50
CA ARG B 140 -6.50 -13.58 18.24
C ARG B 140 -5.40 -13.01 17.33
N GLU B 141 -4.66 -12.04 17.81
CA GLU B 141 -3.58 -11.43 16.99
C GLU B 141 -2.26 -12.13 17.30
N VAL B 142 -1.66 -12.77 16.32
CA VAL B 142 -0.35 -13.47 16.54
C VAL B 142 0.67 -12.95 15.53
N GLU B 143 1.77 -12.39 16.00
CA GLU B 143 2.79 -11.86 15.06
C GLU B 143 3.65 -13.01 14.53
N VAL B 144 3.98 -12.97 13.27
CA VAL B 144 4.81 -14.05 12.66
C VAL B 144 5.77 -13.44 11.63
N LYS B 145 7.00 -13.87 11.62
CA LYS B 145 7.98 -13.30 10.64
C LYS B 145 9.24 -14.17 10.61
N GLY B 146 9.56 -14.73 9.47
CA GLY B 146 10.78 -15.58 9.38
C GLY B 146 10.61 -16.54 8.20
N LYS B 147 11.57 -17.41 7.99
CA LYS B 147 11.45 -18.37 6.85
C LYS B 147 10.33 -19.39 7.12
N PRO B 148 10.15 -19.82 8.35
CA PRO B 148 9.07 -20.80 8.69
C PRO B 148 7.67 -20.25 8.36
N PHE B 149 7.48 -18.97 8.56
CA PHE B 149 6.15 -18.35 8.27
C PHE B 149 6.12 -17.85 6.82
N GLU B 150 7.25 -17.51 6.28
CA GLU B 150 7.29 -17.00 4.87
C GLU B 150 6.55 -17.98 3.96
N VAL B 151 6.85 -19.25 4.06
CA VAL B 151 6.15 -20.23 3.18
C VAL B 151 4.66 -20.26 3.57
N LEU B 152 4.35 -20.08 4.82
CA LEU B 152 2.92 -20.08 5.25
C LEU B 152 2.21 -18.90 4.58
N THR B 153 2.90 -17.79 4.46
CA THR B 153 2.29 -16.59 3.84
C THR B 153 2.24 -16.79 2.31
N HIS B 154 3.16 -17.53 1.77
CA HIS B 154 3.16 -17.74 0.30
C HIS B 154 1.89 -18.47 -0.12
N LEU B 155 1.60 -19.59 0.48
CA LEU B 155 0.35 -20.33 0.09
C LEU B 155 -0.85 -19.49 0.51
N ALA B 156 -0.74 -18.72 1.56
CA ALA B 156 -1.88 -17.88 1.99
C ALA B 156 -2.38 -17.06 0.79
N ARG B 157 -1.49 -16.37 0.12
CA ARG B 157 -1.92 -15.56 -1.06
C ARG B 157 -2.48 -16.50 -2.12
N HIS B 158 -1.74 -17.53 -2.46
CA HIS B 158 -2.20 -18.50 -3.49
C HIS B 158 -3.01 -19.62 -2.83
N ARG B 159 -3.78 -19.30 -1.83
CA ARG B 159 -4.58 -20.37 -1.16
C ARG B 159 -5.87 -20.62 -1.95
N ASP B 160 -5.79 -20.64 -3.26
CA ASP B 160 -7.00 -20.88 -4.07
C ASP B 160 -6.59 -21.18 -5.52
N GLN B 161 -5.66 -22.08 -5.71
CA GLN B 161 -5.22 -22.42 -7.11
C GLN B 161 -4.22 -23.57 -7.07
N ILE B 162 -3.61 -23.87 -8.18
CA ILE B 162 -2.62 -24.99 -8.23
C ILE B 162 -1.21 -24.46 -7.99
N VAL B 163 -0.39 -25.21 -7.29
CA VAL B 163 1.01 -24.77 -7.01
C VAL B 163 1.96 -25.94 -7.26
N SER B 164 2.95 -25.74 -8.09
CA SER B 164 3.91 -26.85 -8.38
C SER B 164 4.95 -26.96 -7.26
N LYS B 165 5.62 -28.07 -7.20
CA LYS B 165 6.65 -28.27 -6.13
C LYS B 165 7.80 -27.26 -6.32
N GLU B 166 8.36 -27.20 -7.49
CA GLU B 166 9.47 -26.25 -7.74
C GLU B 166 9.00 -24.82 -7.42
N GLN B 167 7.72 -24.57 -7.56
CA GLN B 167 7.20 -23.20 -7.26
C GLN B 167 7.59 -22.83 -5.83
N LEU B 168 7.31 -23.69 -4.88
CA LEU B 168 7.68 -23.39 -3.47
C LEU B 168 9.19 -23.24 -3.37
N LEU B 169 9.91 -24.03 -4.11
CA LEU B 169 11.39 -23.95 -4.07
C LEU B 169 11.85 -22.59 -4.58
N ASP B 170 11.56 -22.29 -5.82
CA ASP B 170 12.00 -20.98 -6.39
C ASP B 170 11.35 -19.81 -5.63
N ALA B 171 10.23 -20.03 -5.02
CA ALA B 171 9.55 -18.92 -4.27
C ALA B 171 10.33 -18.59 -3.00
N ILE B 172 10.71 -19.59 -2.23
CA ILE B 172 11.47 -19.32 -0.96
C ILE B 172 12.96 -19.55 -1.17
N TRP B 173 13.36 -20.76 -1.48
CA TRP B 173 14.81 -21.04 -1.68
C TRP B 173 15.25 -20.55 -3.05
N GLU B 174 15.22 -19.26 -3.27
CA GLU B 174 15.64 -18.73 -4.61
C GLU B 174 17.18 -18.66 -4.69
N GLU B 175 17.82 -18.19 -3.64
CA GLU B 175 19.32 -18.10 -3.68
C GLU B 175 19.90 -17.83 -2.28
N PRO B 176 19.24 -17.04 -1.43
CA PRO B 176 19.76 -16.75 -0.06
C PRO B 176 19.82 -18.04 0.79
N GLU B 177 18.93 -18.97 0.53
CA GLU B 177 18.90 -20.25 1.28
C GLU B 177 19.13 -21.40 0.31
N MET B 178 20.36 -21.81 0.13
CA MET B 178 20.63 -22.91 -0.82
C MET B 178 20.07 -24.22 -0.27
N VAL B 179 19.42 -24.99 -1.10
CA VAL B 179 18.83 -26.28 -0.62
C VAL B 179 18.99 -27.35 -1.71
N THR B 180 18.77 -28.59 -1.37
CA THR B 180 18.90 -29.70 -2.35
C THR B 180 17.50 -30.10 -2.84
N PRO B 181 17.20 -30.02 -4.13
CA PRO B 181 15.85 -30.42 -4.66
C PRO B 181 15.35 -31.74 -4.06
N ASN B 182 14.80 -31.68 -2.87
CA ASN B 182 14.30 -32.92 -2.20
C ASN B 182 13.71 -32.54 -0.84
N VAL B 183 14.10 -31.42 -0.30
CA VAL B 183 13.57 -31.01 1.02
C VAL B 183 12.14 -30.50 0.86
N ILE B 184 11.69 -30.31 -0.36
CA ILE B 184 10.31 -29.82 -0.56
C ILE B 184 9.34 -30.68 0.26
N GLU B 185 9.72 -31.90 0.53
CA GLU B 185 8.83 -32.81 1.32
C GLU B 185 8.62 -32.22 2.71
N VAL B 186 9.64 -31.65 3.27
CA VAL B 186 9.52 -31.07 4.63
C VAL B 186 8.80 -29.72 4.56
N ALA B 187 9.00 -28.96 3.53
CA ALA B 187 8.32 -27.64 3.43
C ALA B 187 6.81 -27.81 3.23
N ILE B 188 6.40 -28.77 2.45
CA ILE B 188 4.94 -28.96 2.23
C ILE B 188 4.31 -29.65 3.45
N ASN B 189 4.97 -30.63 3.98
CA ASN B 189 4.42 -31.36 5.16
C ASN B 189 4.47 -30.47 6.41
N GLN B 190 5.48 -29.67 6.56
CA GLN B 190 5.56 -28.82 7.79
C GLN B 190 4.52 -27.69 7.75
N ILE B 191 4.40 -26.99 6.65
CA ILE B 191 3.38 -25.88 6.62
C ILE B 191 1.99 -26.47 6.86
N ARG B 192 1.71 -27.62 6.30
CA ARG B 192 0.37 -28.23 6.51
C ARG B 192 0.16 -28.53 8.00
N GLN B 193 1.22 -28.92 8.69
CA GLN B 193 1.09 -29.22 10.14
C GLN B 193 1.03 -27.94 10.96
N LYS B 194 1.58 -26.87 10.46
CA LYS B 194 1.58 -25.58 11.22
C LYS B 194 0.21 -24.89 11.10
N MET B 195 -0.52 -25.17 10.05
CA MET B 195 -1.85 -24.49 9.88
C MET B 195 -2.98 -25.37 10.43
N ASP B 196 -2.87 -26.66 10.31
CA ASP B 196 -3.95 -27.56 10.82
C ASP B 196 -4.01 -27.52 12.35
N LYS B 197 -2.93 -27.18 12.99
CA LYS B 197 -2.94 -27.15 14.49
C LYS B 197 -3.71 -25.91 14.99
N PRO B 198 -3.27 -24.72 14.68
CA PRO B 198 -3.96 -23.46 15.14
C PRO B 198 -5.35 -23.29 14.51
N LEU B 199 -5.50 -23.60 13.25
CA LEU B 199 -6.85 -23.44 12.61
C LEU B 199 -7.76 -24.61 12.98
N GLY B 200 -7.34 -25.81 12.71
CA GLY B 200 -8.18 -27.02 13.03
C GLY B 200 -8.97 -27.43 11.78
N ILE B 201 -8.92 -26.63 10.75
CA ILE B 201 -9.66 -26.97 9.48
C ILE B 201 -8.67 -27.44 8.43
N SER B 202 -8.98 -28.49 7.73
CA SER B 202 -8.05 -29.00 6.65
C SER B 202 -8.41 -28.32 5.33
N THR B 203 -7.43 -27.82 4.61
CA THR B 203 -7.74 -27.14 3.32
C THR B 203 -6.61 -27.37 2.32
N VAL B 204 -6.20 -28.60 2.12
CA VAL B 204 -5.10 -28.88 1.13
C VAL B 204 -5.36 -30.21 0.42
N GLU B 205 -5.40 -30.19 -0.89
CA GLU B 205 -5.63 -31.45 -1.67
C GLU B 205 -4.33 -31.82 -2.38
N THR B 206 -3.74 -32.92 -2.01
CA THR B 206 -2.45 -33.34 -2.66
C THR B 206 -2.74 -34.33 -3.78
N VAL B 207 -2.27 -34.04 -4.97
CA VAL B 207 -2.52 -34.96 -6.12
C VAL B 207 -1.27 -35.00 -7.01
N ARG B 208 -0.95 -36.14 -7.56
CA ARG B 208 0.25 -36.23 -8.43
C ARG B 208 -0.08 -35.73 -9.84
N ARG B 209 -1.26 -35.18 -10.02
CA ARG B 209 -1.65 -34.66 -11.35
C ARG B 209 -0.65 -33.61 -11.82
N ARG B 210 -0.18 -32.77 -10.94
CA ARG B 210 0.78 -31.70 -11.33
C ARG B 210 1.53 -31.20 -10.09
N GLY B 211 0.83 -31.10 -8.98
CA GLY B 211 1.49 -30.61 -7.73
C GLY B 211 0.45 -30.54 -6.61
N TYR B 212 0.63 -29.64 -5.67
CA TYR B 212 -0.36 -29.53 -4.55
C TYR B 212 -1.40 -28.48 -4.92
N ARG B 213 -2.65 -28.75 -4.63
CA ARG B 213 -3.75 -27.80 -4.97
C ARG B 213 -4.34 -27.22 -3.68
N PHE B 214 -4.25 -25.92 -3.52
CA PHE B 214 -4.80 -25.28 -2.29
C PHE B 214 -6.21 -24.75 -2.60
N CYS B 215 -7.17 -25.03 -1.76
CA CYS B 215 -8.57 -24.55 -2.01
C CYS B 215 -9.25 -24.21 -0.68
N TYR B 216 -10.40 -23.57 -0.74
CA TYR B 216 -11.13 -23.20 0.50
C TYR B 216 -11.77 -24.47 1.09
N PRO B 217 -12.10 -24.48 2.36
CA PRO B 217 -12.72 -25.67 3.02
C PRO B 217 -14.00 -26.12 2.31
N LYS B 218 -14.14 -27.40 2.06
CA LYS B 218 -15.35 -27.91 1.37
C LYS B 218 -16.52 -28.03 2.36
N PRO B 219 -16.26 -28.40 3.60
CA PRO B 219 -17.35 -28.54 4.61
C PRO B 219 -18.07 -27.21 4.85
N ALA B 220 -17.65 -26.17 4.18
CA ALA B 220 -18.31 -24.84 4.36
C ALA B 220 -19.80 -24.96 4.06
N CYS B 221 -20.49 -25.86 4.73
CA CYS B 221 -21.95 -26.00 4.47
C CYS B 221 -22.71 -24.89 5.19
N GLU B 222 -22.20 -24.44 6.31
CA GLU B 222 -22.89 -23.36 7.06
C GLU B 222 -23.00 -22.13 6.16
N GLU B 223 -22.26 -22.11 5.08
CA GLU B 223 -22.30 -20.94 4.14
C GLU B 223 -22.74 -21.42 2.75
N MET A 1 4.45 7.98 -14.77
CA MET A 1 4.63 8.90 -13.61
C MET A 1 4.43 10.34 -14.08
N ARG A 2 3.58 11.08 -13.42
CA ARG A 2 3.34 12.51 -13.82
C ARG A 2 3.19 13.36 -12.57
N VAL A 3 3.73 14.55 -12.58
CA VAL A 3 3.67 15.45 -11.39
C VAL A 3 2.95 16.76 -11.77
N LEU A 4 2.18 17.28 -10.85
CA LEU A 4 1.44 18.56 -11.09
C LEU A 4 2.01 19.62 -10.14
N LEU A 5 2.61 20.64 -10.69
CA LEU A 5 3.20 21.74 -9.84
C LEU A 5 2.50 23.06 -10.18
N ILE A 6 1.62 23.51 -9.32
CA ILE A 6 0.91 24.79 -9.59
C ILE A 6 1.64 25.91 -8.86
N GLU A 7 2.38 26.72 -9.58
CA GLU A 7 3.14 27.84 -8.95
C GLU A 7 2.82 29.14 -9.69
N LYS A 8 2.27 30.11 -9.01
CA LYS A 8 1.94 31.40 -9.67
C LYS A 8 3.18 32.30 -9.70
N ASN A 9 4.26 31.85 -9.10
CA ASN A 9 5.50 32.66 -9.10
C ASN A 9 6.24 32.47 -10.42
N SER A 10 7.49 32.10 -10.37
CA SER A 10 8.25 31.89 -11.63
C SER A 10 9.55 31.12 -11.35
N VAL A 11 10.54 31.79 -10.82
CA VAL A 11 11.85 31.12 -10.54
C VAL A 11 11.65 29.97 -9.55
N LEU A 12 10.90 30.18 -8.51
CA LEU A 12 10.69 29.10 -7.49
C LEU A 12 10.06 27.87 -8.18
N GLY A 13 9.19 28.08 -9.12
CA GLY A 13 8.56 26.92 -9.82
C GLY A 13 9.54 26.39 -10.86
N GLY A 14 10.33 27.26 -11.43
CA GLY A 14 11.31 26.82 -12.45
C GLY A 14 12.38 25.94 -11.81
N GLU A 15 12.93 26.34 -10.70
CA GLU A 15 13.98 25.50 -10.05
C GLU A 15 13.35 24.18 -9.59
N ILE A 16 12.19 24.21 -9.00
CA ILE A 16 11.54 22.93 -8.56
C ILE A 16 11.22 22.11 -9.82
N GLU A 17 10.69 22.74 -10.83
CA GLU A 17 10.36 22.00 -12.07
C GLU A 17 11.62 21.35 -12.63
N LYS A 18 12.68 22.10 -12.79
CA LYS A 18 13.94 21.53 -13.33
C LYS A 18 14.68 20.80 -12.21
N GLY A 19 14.12 20.75 -11.05
CA GLY A 19 14.80 20.07 -9.92
C GLY A 19 14.45 18.58 -9.95
N LEU A 20 13.19 18.25 -9.87
CA LEU A 20 12.78 16.82 -9.87
C LEU A 20 12.89 16.25 -11.29
N ASN A 21 12.93 17.09 -12.28
CA ASN A 21 13.03 16.59 -13.68
C ASN A 21 14.29 15.73 -13.82
N VAL A 22 15.32 16.04 -13.08
CA VAL A 22 16.57 15.26 -13.17
C VAL A 22 16.32 13.81 -12.77
N LYS A 23 15.51 13.60 -11.77
CA LYS A 23 15.22 12.21 -11.32
C LYS A 23 14.43 11.47 -12.40
N GLY A 24 14.12 12.12 -13.49
CA GLY A 24 13.36 11.44 -14.59
C GLY A 24 11.86 11.56 -14.33
N PHE A 25 11.44 12.59 -13.63
CA PHE A 25 9.98 12.78 -13.35
C PHE A 25 9.41 13.80 -14.34
N MET A 26 8.14 13.69 -14.65
CA MET A 26 7.51 14.65 -15.59
C MET A 26 6.69 15.64 -14.76
N ALA A 27 6.88 16.92 -14.96
CA ALA A 27 6.13 17.92 -14.14
C ALA A 27 5.66 19.08 -15.02
N ASP A 28 4.46 19.55 -14.79
CA ASP A 28 3.91 20.69 -15.57
C ASP A 28 3.76 21.90 -14.64
N VAL A 29 4.09 23.07 -15.12
CA VAL A 29 3.97 24.29 -14.27
C VAL A 29 2.75 25.09 -14.73
N THR A 30 1.84 25.38 -13.83
CA THR A 30 0.62 26.15 -14.20
C THR A 30 0.46 27.34 -13.24
N GLU A 31 -0.40 28.27 -13.57
CA GLU A 31 -0.60 29.45 -12.68
C GLU A 31 -1.61 29.10 -11.58
N SER A 32 -2.83 29.54 -11.70
CA SER A 32 -3.84 29.23 -10.67
C SER A 32 -4.40 27.82 -10.90
N LEU A 33 -5.00 27.24 -9.90
CA LEU A 33 -5.57 25.87 -10.07
C LEU A 33 -6.48 25.84 -11.30
N GLU A 34 -7.07 26.95 -11.65
CA GLU A 34 -7.96 26.97 -12.84
C GLU A 34 -7.26 26.32 -14.02
N ASP A 35 -6.07 26.77 -14.35
CA ASP A 35 -5.34 26.17 -15.48
C ASP A 35 -5.11 24.68 -15.19
N GLY A 36 -4.80 24.36 -13.95
CA GLY A 36 -4.58 22.93 -13.59
C GLY A 36 -5.90 22.18 -13.68
N GLU A 37 -7.00 22.82 -13.36
CA GLU A 37 -8.32 22.14 -13.43
C GLU A 37 -8.65 21.84 -14.90
N TYR A 38 -8.43 22.79 -15.77
CA TYR A 38 -8.74 22.56 -17.21
C TYR A 38 -7.65 21.69 -17.84
N LEU A 39 -6.48 21.66 -17.26
CA LEU A 39 -5.38 20.82 -17.82
C LEU A 39 -5.47 19.39 -17.27
N MET A 40 -5.95 19.24 -16.07
CA MET A 40 -6.05 17.87 -15.46
C MET A 40 -7.37 17.20 -15.87
N ASP A 41 -8.36 17.96 -16.22
CA ASP A 41 -9.67 17.34 -16.61
C ASP A 41 -9.44 16.42 -17.81
N ILE A 42 -8.46 16.72 -18.63
CA ILE A 42 -8.19 15.86 -19.83
C ILE A 42 -7.16 14.79 -19.48
N ARG A 43 -6.25 15.07 -18.57
CA ARG A 43 -5.21 14.06 -18.19
C ARG A 43 -5.16 13.93 -16.67
N ASN A 44 -4.83 12.76 -16.18
CA ASN A 44 -4.76 12.54 -14.70
C ASN A 44 -3.29 12.64 -14.25
N TYR A 45 -3.08 12.87 -12.97
CA TYR A 45 -1.69 12.97 -12.44
C TYR A 45 -1.54 12.09 -11.19
N ASP A 46 -0.34 11.74 -10.82
CA ASP A 46 -0.14 10.88 -9.62
C ASP A 46 0.24 11.76 -8.42
N LEU A 47 1.13 12.68 -8.62
CA LEU A 47 1.56 13.59 -7.51
C LEU A 47 0.87 14.94 -7.69
N VAL A 48 -0.07 15.26 -6.85
CA VAL A 48 -0.79 16.57 -6.96
C VAL A 48 -0.16 17.57 -6.00
N MET A 49 0.68 18.44 -6.49
CA MET A 49 1.33 19.45 -5.62
C MET A 49 0.89 20.85 -6.03
N VAL A 50 0.54 21.68 -5.08
CA VAL A 50 0.09 23.06 -5.41
C VAL A 50 0.60 24.02 -4.33
N SER A 51 1.25 25.07 -4.73
CA SER A 51 1.78 26.07 -3.74
C SER A 51 0.68 27.10 -3.45
N ASP A 52 -0.50 26.90 -3.97
CA ASP A 52 -1.60 27.87 -3.73
C ASP A 52 -2.23 27.60 -2.35
N LYS A 53 -2.53 28.63 -1.61
CA LYS A 53 -3.14 28.43 -0.26
C LYS A 53 -4.64 28.20 -0.40
N ASN A 54 -5.27 28.80 -1.37
CA ASN A 54 -6.74 28.63 -1.54
C ASN A 54 -7.03 27.22 -2.09
N ALA A 55 -6.03 26.38 -2.15
CA ALA A 55 -6.23 25.01 -2.69
C ALA A 55 -6.98 24.16 -1.65
N LEU A 56 -6.94 24.54 -0.40
CA LEU A 56 -7.62 23.73 0.67
C LEU A 56 -8.96 23.19 0.17
N SER A 57 -9.74 23.99 -0.50
CA SER A 57 -11.04 23.48 -1.01
C SER A 57 -10.80 22.58 -2.22
N PHE A 58 -9.83 22.92 -3.03
CA PHE A 58 -9.53 22.09 -4.23
C PHE A 58 -9.04 20.70 -3.81
N VAL A 59 -8.13 20.63 -2.87
CA VAL A 59 -7.65 19.29 -2.45
C VAL A 59 -8.80 18.50 -1.82
N SER A 60 -9.65 19.16 -1.09
CA SER A 60 -10.80 18.45 -0.46
C SER A 60 -11.56 17.68 -1.53
N ARG A 61 -11.90 18.33 -2.62
CA ARG A 61 -12.66 17.61 -3.68
C ARG A 61 -11.75 16.60 -4.39
N ILE A 62 -10.49 16.90 -4.56
CA ILE A 62 -9.59 15.92 -5.25
C ILE A 62 -9.46 14.66 -4.39
N LYS A 63 -9.49 14.82 -3.09
CA LYS A 63 -9.36 13.63 -2.20
C LYS A 63 -10.60 12.74 -2.34
N GLU A 64 -11.77 13.30 -2.20
CA GLU A 64 -13.01 12.46 -2.32
C GLU A 64 -13.22 12.05 -3.77
N LYS A 65 -13.05 12.96 -4.70
CA LYS A 65 -13.26 12.62 -6.12
C LYS A 65 -12.14 11.69 -6.60
N HIS A 66 -11.02 11.71 -5.93
CA HIS A 66 -9.89 10.82 -6.34
C HIS A 66 -8.97 10.58 -5.14
N SER A 67 -9.47 9.92 -4.12
CA SER A 67 -8.62 9.66 -2.92
C SER A 67 -7.40 8.82 -3.32
N SER A 68 -7.55 7.99 -4.31
CA SER A 68 -6.39 7.14 -4.74
C SER A 68 -5.32 8.02 -5.38
N ILE A 69 -4.97 9.10 -4.75
CA ILE A 69 -3.92 10.01 -5.34
C ILE A 69 -3.14 10.69 -4.21
N VAL A 70 -1.98 11.22 -4.51
CA VAL A 70 -1.17 11.90 -3.46
C VAL A 70 -1.44 13.41 -3.53
N VAL A 71 -1.26 14.12 -2.44
CA VAL A 71 -1.51 15.59 -2.45
C VAL A 71 -0.48 16.30 -1.57
N LEU A 72 0.36 17.09 -2.18
CA LEU A 72 1.42 17.83 -1.42
C LEU A 72 1.08 19.32 -1.42
N VAL A 73 0.52 19.80 -0.35
CA VAL A 73 0.16 21.25 -0.27
C VAL A 73 1.32 22.01 0.38
N SER A 74 1.88 22.96 -0.32
CA SER A 74 3.01 23.75 0.26
C SER A 74 2.46 25.05 0.82
N SER A 75 3.27 25.82 1.50
CA SER A 75 2.76 27.11 2.06
C SER A 75 3.90 27.91 2.67
N ASP A 76 4.12 29.11 2.19
CA ASP A 76 5.23 29.94 2.73
C ASP A 76 4.93 30.31 4.18
N ASN A 77 3.83 29.82 4.70
CA ASN A 77 3.45 30.12 6.12
C ASN A 77 3.37 28.81 6.91
N PRO A 78 4.46 28.11 7.06
CA PRO A 78 4.49 26.82 7.80
C PRO A 78 4.09 27.00 9.27
N THR A 79 2.82 27.20 9.52
CA THR A 79 2.33 27.36 10.92
C THR A 79 1.62 26.07 11.32
N SER A 80 1.65 25.75 12.58
CA SER A 80 0.99 24.50 13.04
C SER A 80 -0.52 24.56 12.74
N GLU A 81 -1.08 25.74 12.71
CA GLU A 81 -2.54 25.86 12.42
C GLU A 81 -2.84 25.35 11.00
N GLU A 82 -1.97 25.61 10.07
CA GLU A 82 -2.21 25.14 8.67
C GLU A 82 -1.89 23.64 8.58
N GLU A 83 -0.92 23.17 9.31
CA GLU A 83 -0.56 21.73 9.24
C GLU A 83 -1.77 20.89 9.68
N VAL A 84 -2.33 21.18 10.82
CA VAL A 84 -3.50 20.39 11.29
C VAL A 84 -4.66 20.58 10.31
N HIS A 85 -4.86 21.78 9.85
CA HIS A 85 -5.98 22.03 8.88
C HIS A 85 -5.69 21.29 7.57
N ALA A 86 -4.44 21.11 7.24
CA ALA A 86 -4.09 20.40 5.98
C ALA A 86 -4.48 18.92 6.09
N PHE A 87 -4.31 18.34 7.25
CA PHE A 87 -4.68 16.90 7.41
C PHE A 87 -6.19 16.80 7.60
N GLU A 88 -6.77 17.76 8.26
CA GLU A 88 -8.24 17.72 8.48
C GLU A 88 -8.97 18.03 7.16
N GLN A 89 -8.44 18.95 6.39
CA GLN A 89 -9.11 19.29 5.10
C GLN A 89 -8.93 18.14 4.12
N GLY A 90 -7.71 17.80 3.78
CA GLY A 90 -7.48 16.69 2.82
C GLY A 90 -6.12 16.86 2.13
N ALA A 91 -5.04 16.65 2.84
CA ALA A 91 -3.68 16.79 2.22
C ALA A 91 -2.82 15.59 2.62
N ASP A 92 -2.18 14.96 1.67
CA ASP A 92 -1.32 13.78 1.99
C ASP A 92 -0.10 14.26 2.77
N ASP A 93 0.48 15.36 2.36
CA ASP A 93 1.69 15.89 3.07
C ASP A 93 1.66 17.41 3.02
N TYR A 94 2.43 18.05 3.86
CA TYR A 94 2.46 19.55 3.90
C TYR A 94 3.92 20.00 4.02
N ILE A 95 4.39 20.82 3.11
CA ILE A 95 5.83 21.26 3.17
C ILE A 95 5.95 22.79 3.16
N ALA A 96 6.98 23.30 3.79
CA ALA A 96 7.17 24.77 3.80
C ALA A 96 7.53 25.21 2.38
N LYS A 97 6.76 26.08 1.80
CA LYS A 97 7.05 26.52 0.41
C LYS A 97 8.54 26.81 0.21
N PRO A 98 9.14 27.67 0.98
CA PRO A 98 10.55 28.04 0.75
C PRO A 98 11.42 26.83 0.39
N TYR A 99 10.89 25.65 0.58
CA TYR A 99 11.64 24.40 0.24
C TYR A 99 12.92 24.34 1.08
N ARG A 100 13.13 23.28 1.81
CA ARG A 100 14.37 23.20 2.65
C ARG A 100 15.60 23.21 1.74
N SER A 101 15.53 22.56 0.61
CA SER A 101 16.70 22.57 -0.33
C SER A 101 16.34 21.89 -1.64
N ILE A 102 15.21 22.22 -2.22
CA ILE A 102 14.82 21.60 -3.52
C ILE A 102 15.01 20.07 -3.49
N LYS A 103 16.23 19.63 -3.44
CA LYS A 103 16.50 18.17 -3.40
C LYS A 103 15.71 17.56 -2.24
N ALA A 104 15.55 18.29 -1.17
CA ALA A 104 14.78 17.74 -0.01
C ALA A 104 13.32 17.53 -0.43
N LEU A 105 12.72 18.53 -1.01
CA LEU A 105 11.30 18.39 -1.46
C LEU A 105 11.20 17.21 -2.42
N VAL A 106 12.06 17.14 -3.38
CA VAL A 106 12.01 16.00 -4.34
C VAL A 106 12.21 14.68 -3.60
N ALA A 107 13.09 14.65 -2.65
CA ALA A 107 13.33 13.38 -1.90
C ALA A 107 11.98 12.86 -1.38
N ARG A 108 11.13 13.74 -0.93
CA ARG A 108 9.80 13.28 -0.42
C ARG A 108 8.91 12.85 -1.60
N ILE A 109 9.08 13.45 -2.75
CA ILE A 109 8.23 13.07 -3.91
C ILE A 109 8.67 11.71 -4.43
N GLU A 110 9.94 11.50 -4.57
CA GLU A 110 10.40 10.20 -5.09
C GLU A 110 10.16 9.10 -4.04
N ALA A 111 10.54 9.34 -2.82
CA ALA A 111 10.32 8.30 -1.78
C ALA A 111 8.83 8.00 -1.66
N ARG A 112 8.00 8.97 -1.94
CA ARG A 112 6.52 8.74 -1.85
C ARG A 112 6.08 7.86 -3.02
N LEU A 113 6.33 8.31 -4.23
CA LEU A 113 5.95 7.53 -5.45
C LEU A 113 7.19 7.36 -6.32
N ARG A 114 8.17 6.64 -5.83
CA ARG A 114 9.44 6.44 -6.60
C ARG A 114 9.13 6.21 -8.09
N PHE A 115 8.74 5.01 -8.44
CA PHE A 115 8.43 4.73 -9.87
C PHE A 115 7.62 3.44 -9.94
N TRP A 116 6.32 3.56 -10.02
CA TRP A 116 5.46 2.33 -10.08
C TRP A 116 6.02 1.36 -11.12
N GLY A 117 5.55 1.42 -12.33
CA GLY A 117 6.06 0.48 -13.38
C GLY A 117 5.88 -0.96 -12.89
N SER A 118 5.04 -1.16 -11.91
CA SER A 118 4.79 -2.54 -11.37
C SER A 118 3.46 -3.07 -11.89
N ASN A 119 3.23 -4.34 -11.73
CA ASN A 119 1.93 -4.93 -12.21
C ASN A 119 1.75 -6.31 -11.56
N VAL A 120 0.62 -6.55 -10.95
CA VAL A 120 0.40 -7.87 -10.29
C VAL A 120 -0.07 -8.91 -11.32
N ILE A 121 -0.91 -8.52 -12.25
CA ILE A 121 -1.41 -9.50 -13.26
C ILE A 121 -0.56 -9.42 -14.53
N GLU A 122 -0.16 -10.55 -15.05
CA GLU A 122 0.67 -10.57 -16.28
C GLU A 122 0.37 -11.85 -17.06
N ILE A 123 0.05 -11.73 -18.32
CA ILE A 123 -0.28 -12.95 -19.13
C ILE A 123 0.03 -12.67 -20.61
N GLY A 124 0.70 -13.58 -21.26
CA GLY A 124 1.04 -13.39 -22.70
C GLY A 124 1.79 -12.06 -22.87
N ASP A 125 1.07 -10.97 -22.98
CA ASP A 125 1.73 -9.65 -23.13
C ASP A 125 0.86 -8.56 -22.50
N LEU A 126 -0.30 -8.92 -22.02
CA LEU A 126 -1.19 -7.90 -21.38
C LEU A 126 -0.85 -7.80 -19.89
N THR A 127 -0.86 -6.62 -19.35
CA THR A 127 -0.55 -6.45 -17.89
C THR A 127 -1.63 -5.55 -17.25
N ILE A 128 -2.14 -5.95 -16.12
CA ILE A 128 -3.20 -5.13 -15.43
C ILE A 128 -2.82 -4.93 -13.96
N SER A 129 -2.96 -3.72 -13.47
CA SER A 129 -2.63 -3.43 -12.03
C SER A 129 -3.94 -3.18 -11.27
N PRO A 130 -4.32 -4.05 -10.36
CA PRO A 130 -5.59 -3.87 -9.59
C PRO A 130 -5.44 -2.94 -8.39
N ASP A 131 -4.34 -3.02 -7.68
CA ASP A 131 -4.16 -2.14 -6.50
C ASP A 131 -4.06 -0.67 -6.95
N GLU A 132 -3.25 -0.39 -7.93
CA GLU A 132 -3.12 1.02 -8.41
C GLU A 132 -4.27 1.32 -9.39
N GLU A 133 -5.05 0.33 -9.72
CA GLU A 133 -6.19 0.54 -10.65
C GLU A 133 -5.67 1.12 -11.97
N LYS A 134 -4.87 0.38 -12.68
CA LYS A 134 -4.32 0.88 -13.98
C LYS A 134 -4.16 -0.30 -14.95
N ILE A 135 -4.65 -0.16 -16.16
CA ILE A 135 -4.55 -1.26 -17.16
C ILE A 135 -3.51 -0.87 -18.21
N ILE A 136 -2.70 -1.81 -18.66
CA ILE A 136 -1.65 -1.50 -19.68
C ILE A 136 -1.76 -2.49 -20.84
N TYR A 137 -1.97 -2.00 -22.03
CA TYR A 137 -2.09 -2.89 -23.22
C TYR A 137 -1.37 -2.26 -24.42
N LYS A 138 -0.69 -3.05 -25.19
CA LYS A 138 0.03 -2.50 -26.39
C LYS A 138 0.93 -1.34 -25.97
N GLY A 139 1.29 -1.27 -24.71
CA GLY A 139 2.19 -0.17 -24.25
C GLY A 139 1.38 1.11 -23.98
N ARG A 140 0.09 0.99 -23.84
CA ARG A 140 -0.78 2.19 -23.57
C ARG A 140 -1.25 2.15 -22.12
N GLU A 141 -0.99 3.19 -21.37
CA GLU A 141 -1.41 3.22 -19.93
C GLU A 141 -2.71 4.02 -19.79
N VAL A 142 -3.73 3.44 -19.22
CA VAL A 142 -5.02 4.17 -19.05
C VAL A 142 -5.61 3.86 -17.67
N GLU A 143 -6.18 4.82 -17.02
CA GLU A 143 -6.78 4.58 -15.67
C GLU A 143 -8.21 4.06 -15.85
N VAL A 144 -8.58 3.04 -15.11
CA VAL A 144 -9.97 2.48 -15.22
C VAL A 144 -10.56 2.31 -13.81
N LYS A 145 -11.72 2.84 -13.59
CA LYS A 145 -12.35 2.71 -12.24
C LYS A 145 -13.77 3.28 -12.28
N GLY A 146 -14.73 2.54 -11.82
CA GLY A 146 -16.13 3.05 -11.81
C GLY A 146 -17.09 1.89 -11.51
N LYS A 147 -18.22 1.87 -12.17
CA LYS A 147 -19.22 0.79 -11.92
C LYS A 147 -18.89 -0.45 -12.78
N PRO A 148 -18.56 -0.28 -14.03
CA PRO A 148 -18.26 -1.40 -14.95
C PRO A 148 -16.77 -1.79 -14.96
N PHE A 149 -15.92 -1.03 -14.32
CA PHE A 149 -14.47 -1.38 -14.32
C PHE A 149 -14.15 -2.31 -13.15
N GLU A 150 -14.83 -2.15 -12.04
CA GLU A 150 -14.55 -3.04 -10.88
C GLU A 150 -14.57 -4.49 -11.34
N VAL A 151 -15.49 -4.85 -12.18
CA VAL A 151 -15.55 -6.25 -12.69
C VAL A 151 -14.28 -6.54 -13.51
N LEU A 152 -13.78 -5.56 -14.20
CA LEU A 152 -12.55 -5.80 -15.03
C LEU A 152 -11.40 -6.23 -14.12
N THR A 153 -11.26 -5.61 -12.98
CA THR A 153 -10.15 -6.00 -12.06
C THR A 153 -10.50 -7.34 -11.40
N HIS A 154 -11.75 -7.56 -11.12
CA HIS A 154 -12.16 -8.83 -10.49
C HIS A 154 -11.61 -10.02 -11.28
N LEU A 155 -11.91 -10.08 -12.55
CA LEU A 155 -11.39 -11.22 -13.37
C LEU A 155 -9.89 -11.03 -13.59
N ALA A 156 -9.41 -9.82 -13.54
CA ALA A 156 -7.95 -9.59 -13.75
C ALA A 156 -7.17 -10.43 -12.72
N ARG A 157 -7.76 -10.67 -11.58
CA ARG A 157 -7.07 -11.49 -10.54
C ARG A 157 -7.59 -12.92 -10.62
N HIS A 158 -8.88 -13.09 -10.56
CA HIS A 158 -9.46 -14.46 -10.64
C HIS A 158 -9.29 -15.00 -12.06
N ARG A 159 -8.15 -14.79 -12.63
CA ARG A 159 -7.89 -15.28 -14.01
C ARG A 159 -8.21 -16.77 -14.12
N ASP A 160 -7.21 -17.61 -14.13
CA ASP A 160 -7.44 -19.08 -14.24
C ASP A 160 -8.45 -19.52 -13.18
N GLN A 161 -9.72 -19.44 -13.49
CA GLN A 161 -10.77 -19.86 -12.52
C GLN A 161 -12.14 -19.76 -13.20
N ILE A 162 -13.20 -20.10 -12.50
CA ILE A 162 -14.56 -20.02 -13.10
C ILE A 162 -15.25 -18.74 -12.66
N VAL A 163 -15.77 -17.98 -13.60
CA VAL A 163 -16.47 -16.70 -13.26
C VAL A 163 -17.96 -16.87 -13.48
N SER A 164 -18.74 -16.81 -12.43
CA SER A 164 -20.22 -16.95 -12.57
C SER A 164 -20.82 -15.55 -12.77
N LYS A 165 -21.76 -15.43 -13.67
CA LYS A 165 -22.39 -14.10 -13.90
C LYS A 165 -22.97 -13.57 -12.59
N GLU A 166 -23.53 -14.44 -11.78
CA GLU A 166 -24.12 -13.99 -10.48
C GLU A 166 -23.01 -13.43 -9.58
N GLN A 167 -21.86 -14.04 -9.60
CA GLN A 167 -20.75 -13.53 -8.74
C GLN A 167 -20.44 -12.09 -9.13
N LEU A 168 -20.43 -11.79 -10.40
CA LEU A 168 -20.13 -10.40 -10.84
C LEU A 168 -21.20 -9.46 -10.30
N LEU A 169 -22.44 -9.75 -10.53
CA LEU A 169 -23.53 -8.87 -10.01
C LEU A 169 -23.50 -8.86 -8.49
N ASP A 170 -23.67 -10.00 -7.87
CA ASP A 170 -23.68 -10.07 -6.39
C ASP A 170 -22.60 -9.18 -5.78
N ALA A 171 -21.44 -9.13 -6.36
CA ALA A 171 -20.32 -8.30 -5.78
C ALA A 171 -20.28 -6.90 -6.41
N ILE A 172 -20.65 -6.76 -7.65
CA ILE A 172 -20.59 -5.41 -8.30
C ILE A 172 -21.82 -4.59 -7.89
N TRP A 173 -22.98 -4.95 -8.35
CA TRP A 173 -24.18 -4.16 -7.96
C TRP A 173 -24.29 -4.19 -6.43
N GLU A 174 -24.76 -3.14 -5.84
CA GLU A 174 -24.89 -3.11 -4.35
C GLU A 174 -25.64 -1.84 -3.96
N GLU A 175 -24.97 -0.71 -3.98
CA GLU A 175 -25.66 0.57 -3.63
C GLU A 175 -26.43 1.08 -4.86
N PRO A 176 -25.82 1.02 -6.03
CA PRO A 176 -26.45 1.48 -7.30
C PRO A 176 -27.62 0.57 -7.71
N GLU A 177 -28.46 0.21 -6.77
CA GLU A 177 -29.62 -0.67 -7.09
C GLU A 177 -30.44 -0.07 -8.23
N MET A 178 -30.10 1.11 -8.68
CA MET A 178 -30.87 1.73 -9.79
C MET A 178 -30.93 0.75 -10.97
N VAL A 179 -29.97 -0.12 -11.08
CA VAL A 179 -29.98 -1.09 -12.21
C VAL A 179 -31.18 -2.02 -12.07
N THR A 180 -31.85 -2.30 -13.16
CA THR A 180 -33.03 -3.21 -13.08
C THR A 180 -32.56 -4.61 -12.67
N PRO A 181 -33.42 -5.40 -12.05
CA PRO A 181 -33.05 -6.77 -11.62
C PRO A 181 -32.14 -7.48 -12.62
N ASN A 182 -32.55 -7.57 -13.86
CA ASN A 182 -31.70 -8.22 -14.90
C ASN A 182 -30.88 -7.15 -15.60
N VAL A 183 -29.58 -7.18 -15.45
CA VAL A 183 -28.72 -6.16 -16.11
C VAL A 183 -27.39 -6.79 -16.52
N ILE A 184 -26.93 -7.74 -15.76
CA ILE A 184 -25.64 -8.41 -16.09
C ILE A 184 -25.68 -8.88 -17.55
N GLU A 185 -26.85 -9.22 -18.04
CA GLU A 185 -26.96 -9.69 -19.46
C GLU A 185 -26.39 -8.63 -20.40
N VAL A 186 -26.85 -7.41 -20.31
CA VAL A 186 -26.34 -6.35 -21.22
C VAL A 186 -24.92 -5.94 -20.79
N ALA A 187 -24.59 -6.13 -19.55
CA ALA A 187 -23.23 -5.74 -19.07
C ALA A 187 -22.18 -6.71 -19.64
N ILE A 188 -22.37 -7.99 -19.45
CA ILE A 188 -21.38 -8.96 -19.97
C ILE A 188 -21.34 -8.90 -21.50
N ASN A 189 -22.45 -8.63 -22.12
CA ASN A 189 -22.45 -8.57 -23.62
C ASN A 189 -21.60 -7.39 -24.09
N GLN A 190 -21.86 -6.21 -23.62
CA GLN A 190 -21.06 -5.03 -24.06
C GLN A 190 -19.62 -5.15 -23.53
N ILE A 191 -19.45 -5.61 -22.32
CA ILE A 191 -18.07 -5.74 -21.77
C ILE A 191 -17.27 -6.71 -22.65
N ARG A 192 -17.81 -7.86 -22.96
CA ARG A 192 -17.06 -8.83 -23.81
C ARG A 192 -16.60 -8.13 -25.09
N GLN A 193 -17.50 -7.53 -25.80
CA GLN A 193 -17.13 -6.84 -27.06
C GLN A 193 -16.10 -5.75 -26.76
N LYS A 194 -16.25 -5.08 -25.64
CA LYS A 194 -15.28 -3.99 -25.29
C LYS A 194 -14.01 -4.60 -24.67
N MET A 195 -13.98 -5.90 -24.48
CA MET A 195 -12.78 -6.56 -23.88
C MET A 195 -12.06 -7.37 -24.95
N ASP A 196 -12.70 -7.63 -26.06
CA ASP A 196 -12.06 -8.43 -27.15
C ASP A 196 -11.73 -7.52 -28.34
N LYS A 197 -12.31 -6.35 -28.39
CA LYS A 197 -12.00 -5.43 -29.52
C LYS A 197 -10.65 -4.72 -29.33
N PRO A 198 -10.30 -4.39 -28.10
CA PRO A 198 -9.02 -3.69 -27.82
C PRO A 198 -7.87 -4.67 -27.55
N LEU A 199 -8.09 -5.63 -26.69
CA LEU A 199 -7.01 -6.62 -26.40
C LEU A 199 -6.75 -7.47 -27.64
N GLY A 200 -7.77 -7.72 -28.42
CA GLY A 200 -7.58 -8.55 -29.65
C GLY A 200 -7.38 -10.01 -29.26
N ILE A 201 -7.42 -10.31 -27.99
CA ILE A 201 -7.24 -11.73 -27.53
C ILE A 201 -8.45 -12.15 -26.70
N SER A 202 -9.05 -13.26 -27.02
CA SER A 202 -10.22 -13.74 -26.24
C SER A 202 -9.71 -14.55 -25.05
N THR A 203 -10.22 -14.31 -23.88
CA THR A 203 -9.74 -15.05 -22.67
C THR A 203 -10.94 -15.50 -21.82
N VAL A 204 -12.08 -15.69 -22.43
CA VAL A 204 -13.28 -16.13 -21.67
C VAL A 204 -14.16 -17.02 -22.54
N GLU A 205 -14.87 -17.94 -21.93
CA GLU A 205 -15.76 -18.87 -22.70
C GLU A 205 -17.18 -18.81 -22.11
N THR A 206 -18.16 -18.54 -22.94
CA THR A 206 -19.56 -18.48 -22.43
C THR A 206 -20.10 -19.91 -22.30
N VAL A 207 -20.31 -20.37 -21.08
CA VAL A 207 -20.82 -21.76 -20.85
C VAL A 207 -22.22 -21.69 -20.22
N ARG A 208 -23.14 -22.45 -20.74
CA ARG A 208 -24.52 -22.45 -20.17
C ARG A 208 -24.52 -23.19 -18.83
N ARG A 209 -23.67 -24.16 -18.67
CA ARG A 209 -23.64 -24.94 -17.41
C ARG A 209 -23.38 -24.00 -16.22
N ARG A 210 -22.15 -23.66 -15.95
CA ARG A 210 -21.85 -22.76 -14.80
C ARG A 210 -22.08 -21.30 -15.19
N GLY A 211 -21.55 -20.90 -16.32
CA GLY A 211 -21.73 -19.48 -16.77
C GLY A 211 -20.55 -19.09 -17.66
N TYR A 212 -19.70 -18.21 -17.18
CA TYR A 212 -18.50 -17.79 -17.98
C TYR A 212 -17.24 -18.32 -17.30
N ARG A 213 -16.28 -18.78 -18.06
CA ARG A 213 -15.02 -19.32 -17.46
C ARG A 213 -13.82 -18.53 -18.00
N PHE A 214 -12.96 -18.05 -17.11
CA PHE A 214 -11.76 -17.29 -17.56
C PHE A 214 -10.57 -18.22 -17.63
N CYS A 215 -9.98 -18.38 -18.79
CA CYS A 215 -8.78 -19.30 -18.92
C CYS A 215 -7.66 -18.57 -19.66
N TYR A 216 -6.46 -19.06 -19.54
CA TYR A 216 -5.32 -18.41 -20.24
C TYR A 216 -5.41 -18.68 -21.74
N PRO A 217 -4.91 -17.80 -22.58
CA PRO A 217 -4.96 -18.00 -24.06
C PRO A 217 -4.70 -19.46 -24.45
N LYS A 218 -5.47 -19.99 -25.35
CA LYS A 218 -5.26 -21.40 -25.77
C LYS A 218 -4.09 -21.48 -26.77
N PRO A 219 -3.95 -20.52 -27.65
CA PRO A 219 -2.84 -20.51 -28.66
C PRO A 219 -1.46 -20.60 -27.99
N ALA A 220 -1.31 -20.00 -26.84
CA ALA A 220 0.00 -20.05 -26.14
C ALA A 220 0.32 -21.50 -25.79
N CYS A 221 1.34 -22.05 -26.39
CA CYS A 221 1.71 -23.46 -26.10
C CYS A 221 3.15 -23.73 -26.53
N GLU A 222 3.85 -24.56 -25.80
CA GLU A 222 5.27 -24.88 -26.14
C GLU A 222 6.13 -23.62 -26.13
N GLU A 223 5.89 -22.71 -27.04
CA GLU A 223 6.69 -21.45 -27.08
C GLU A 223 6.83 -20.87 -25.66
N MET B 1 -1.15 -0.61 19.55
CA MET B 1 -1.10 0.87 19.38
C MET B 1 -0.25 1.48 20.50
N ARG B 2 1.04 1.56 20.30
CA ARG B 2 1.94 2.14 21.34
C ARG B 2 2.97 3.06 20.66
N VAL B 3 3.27 4.19 21.26
CA VAL B 3 4.25 5.13 20.67
C VAL B 3 5.53 5.16 21.52
N LEU B 4 6.67 5.09 20.88
CA LEU B 4 7.97 5.09 21.63
C LEU B 4 8.60 6.49 21.52
N LEU B 5 8.80 7.14 22.64
CA LEU B 5 9.44 8.50 22.64
C LEU B 5 10.79 8.42 23.34
N ILE B 6 11.85 8.26 22.61
CA ILE B 6 13.19 8.19 23.27
C ILE B 6 13.65 9.61 23.56
N GLU B 7 13.47 10.07 24.78
CA GLU B 7 13.89 11.47 25.15
C GLU B 7 14.56 11.46 26.52
N LYS B 8 15.76 11.96 26.61
CA LYS B 8 16.47 12.01 27.91
C LYS B 8 15.76 13.02 28.82
N ASN B 9 15.20 14.04 28.25
CA ASN B 9 14.49 15.07 29.06
C ASN B 9 13.05 14.62 29.33
N SER B 10 12.72 14.31 30.55
CA SER B 10 11.34 13.86 30.86
C SER B 10 10.37 15.04 30.68
N VAL B 11 10.86 16.24 30.76
CA VAL B 11 9.96 17.42 30.59
C VAL B 11 9.42 17.44 29.17
N LEU B 12 10.27 17.37 28.18
CA LEU B 12 9.79 17.39 26.77
C LEU B 12 8.98 16.14 26.48
N GLY B 13 9.38 15.01 27.03
CA GLY B 13 8.63 13.76 26.77
C GLY B 13 7.30 13.84 27.52
N GLY B 14 7.27 14.56 28.60
CA GLY B 14 6.01 14.68 29.39
C GLY B 14 4.95 15.36 28.54
N GLU B 15 5.25 16.51 28.00
CA GLU B 15 4.25 17.24 27.17
C GLU B 15 3.82 16.36 25.98
N ILE B 16 4.75 15.75 25.29
CA ILE B 16 4.35 14.88 24.14
C ILE B 16 3.56 13.70 24.68
N GLU B 17 3.97 13.15 25.78
CA GLU B 17 3.24 11.98 26.36
C GLU B 17 1.81 12.40 26.71
N LYS B 18 1.64 13.55 27.32
CA LYS B 18 0.27 14.01 27.68
C LYS B 18 -0.34 14.73 26.49
N GLY B 19 0.38 14.79 25.41
CA GLY B 19 -0.14 15.47 24.19
C GLY B 19 -0.93 14.49 23.34
N LEU B 20 -0.33 13.39 22.97
CA LEU B 20 -1.05 12.39 22.14
C LEU B 20 -2.08 11.64 22.99
N ASN B 21 -1.91 11.65 24.28
CA ASN B 21 -2.87 10.94 25.17
C ASN B 21 -4.30 11.37 24.83
N VAL B 22 -4.48 12.60 24.43
CA VAL B 22 -5.85 13.07 24.08
C VAL B 22 -6.41 12.21 22.96
N LYS B 23 -5.58 11.80 22.03
CA LYS B 23 -6.06 10.95 20.92
C LYS B 23 -6.41 9.56 21.45
N GLY B 24 -5.99 9.25 22.64
CA GLY B 24 -6.30 7.89 23.22
C GLY B 24 -5.21 6.90 22.84
N PHE B 25 -3.97 7.34 22.83
CA PHE B 25 -2.83 6.43 22.46
C PHE B 25 -1.93 6.23 23.69
N MET B 26 -1.15 5.18 23.70
CA MET B 26 -0.25 4.92 24.86
C MET B 26 1.18 5.30 24.46
N ALA B 27 1.92 5.91 25.34
CA ALA B 27 3.32 6.31 24.98
C ALA B 27 4.25 6.06 26.17
N ASP B 28 5.52 5.88 25.90
CA ASP B 28 6.52 5.63 26.98
C ASP B 28 7.75 6.50 26.72
N VAL B 29 8.54 6.79 27.73
CA VAL B 29 9.76 7.65 27.53
C VAL B 29 11.01 6.87 27.92
N THR B 30 12.06 7.01 27.16
CA THR B 30 13.34 6.28 27.47
C THR B 30 14.51 7.25 27.34
N GLU B 31 15.69 6.85 27.77
CA GLU B 31 16.88 7.75 27.68
C GLU B 31 17.65 7.47 26.38
N SER B 32 18.77 6.82 26.48
CA SER B 32 19.57 6.51 25.25
C SER B 32 18.96 5.32 24.51
N LEU B 33 19.49 5.03 23.36
CA LEU B 33 18.95 3.88 22.55
C LEU B 33 18.98 2.61 23.40
N GLU B 34 20.01 2.42 24.17
CA GLU B 34 20.09 1.18 25.01
C GLU B 34 18.76 0.94 25.71
N ASP B 35 18.19 1.95 26.30
CA ASP B 35 16.88 1.75 27.00
C ASP B 35 15.78 1.52 25.96
N GLY B 36 15.84 2.24 24.86
CA GLY B 36 14.80 2.06 23.82
C GLY B 36 14.94 0.66 23.21
N GLU B 37 16.14 0.24 22.94
CA GLU B 37 16.36 -1.10 22.34
C GLU B 37 15.97 -2.18 23.36
N TYR B 38 16.32 -1.98 24.61
CA TYR B 38 15.98 -2.99 25.65
C TYR B 38 14.47 -2.94 25.94
N LEU B 39 13.90 -1.77 25.94
CA LEU B 39 12.44 -1.67 26.23
C LEU B 39 11.62 -2.21 25.05
N MET B 40 11.93 -1.80 23.85
CA MET B 40 11.17 -2.28 22.67
C MET B 40 11.41 -3.78 22.48
N ASP B 41 12.48 -4.30 23.03
CA ASP B 41 12.76 -5.75 22.86
C ASP B 41 11.63 -6.59 23.46
N ILE B 42 11.11 -6.19 24.60
CA ILE B 42 10.01 -6.98 25.23
C ILE B 42 8.67 -6.60 24.62
N ARG B 43 8.52 -5.37 24.16
CA ARG B 43 7.22 -4.94 23.55
C ARG B 43 7.48 -4.26 22.20
N ASN B 44 6.61 -4.46 21.24
CA ASN B 44 6.80 -3.84 19.90
C ASN B 44 5.97 -2.55 19.82
N TYR B 45 6.57 -1.46 19.39
CA TYR B 45 5.82 -0.17 19.29
C TYR B 45 5.39 0.06 17.83
N ASP B 46 4.20 0.55 17.62
CA ASP B 46 3.74 0.79 16.22
C ASP B 46 4.43 2.03 15.68
N LEU B 47 4.63 3.03 16.51
CA LEU B 47 5.31 4.29 16.08
C LEU B 47 6.65 4.40 16.80
N VAL B 48 7.73 4.39 16.05
CA VAL B 48 9.08 4.50 16.70
C VAL B 48 9.53 5.95 16.59
N MET B 49 9.36 6.71 17.64
CA MET B 49 9.75 8.15 17.62
C MET B 49 10.95 8.36 18.55
N VAL B 50 11.96 9.02 18.07
CA VAL B 50 13.18 9.26 18.91
C VAL B 50 13.78 10.63 18.58
N SER B 51 14.15 11.37 19.58
CA SER B 51 14.75 12.72 19.35
C SER B 51 16.27 12.63 19.45
N ASP B 52 16.81 11.44 19.42
CA ASP B 52 18.29 11.28 19.51
C ASP B 52 18.91 11.48 18.12
N LYS B 53 20.04 12.15 18.06
CA LYS B 53 20.69 12.39 16.73
C LYS B 53 21.34 11.10 16.23
N ASN B 54 21.96 10.34 17.11
CA ASN B 54 22.63 9.08 16.66
C ASN B 54 21.57 8.04 16.30
N ALA B 55 20.33 8.45 16.21
CA ALA B 55 19.24 7.48 15.87
C ALA B 55 19.43 6.96 14.44
N LEU B 56 20.12 7.70 13.61
CA LEU B 56 20.32 7.25 12.20
C LEU B 56 20.71 5.77 12.17
N SER B 57 21.62 5.35 13.00
CA SER B 57 22.03 3.92 12.99
C SER B 57 20.89 3.07 13.55
N PHE B 58 20.21 3.56 14.55
CA PHE B 58 19.09 2.78 15.13
C PHE B 58 17.95 2.65 14.11
N VAL B 59 17.38 3.73 13.66
CA VAL B 59 16.29 3.61 12.68
C VAL B 59 16.72 2.72 11.52
N SER B 60 17.97 2.76 11.15
CA SER B 60 18.45 1.90 10.04
C SER B 60 18.13 0.44 10.35
N ARG B 61 18.52 -0.04 11.50
CA ARG B 61 18.24 -1.46 11.83
C ARG B 61 16.73 -1.67 12.05
N ILE B 62 16.03 -0.69 12.55
CA ILE B 62 14.56 -0.87 12.78
C ILE B 62 13.85 -1.05 11.44
N LYS B 63 14.20 -0.27 10.46
CA LYS B 63 13.52 -0.38 9.14
C LYS B 63 13.81 -1.73 8.49
N GLU B 64 15.06 -2.13 8.41
CA GLU B 64 15.36 -3.44 7.77
C GLU B 64 14.84 -4.59 8.65
N LYS B 65 15.02 -4.49 9.93
CA LYS B 65 14.53 -5.58 10.84
C LYS B 65 13.02 -5.42 11.06
N HIS B 66 12.49 -4.26 10.80
CA HIS B 66 11.02 -4.06 10.99
C HIS B 66 10.53 -2.93 10.08
N SER B 67 10.54 -3.15 8.80
CA SER B 67 10.07 -2.09 7.86
C SER B 67 8.56 -1.87 8.04
N SER B 68 7.86 -2.87 8.52
CA SER B 68 6.40 -2.73 8.72
C SER B 68 6.11 -1.65 9.78
N ILE B 69 7.03 -1.43 10.68
CA ILE B 69 6.81 -0.40 11.74
C ILE B 69 7.14 0.99 11.18
N VAL B 70 6.52 2.01 11.71
CA VAL B 70 6.79 3.40 11.22
C VAL B 70 7.87 4.05 12.09
N VAL B 71 8.59 5.00 11.56
CA VAL B 71 9.67 5.67 12.36
C VAL B 71 9.58 7.19 12.19
N LEU B 72 9.60 7.91 13.29
CA LEU B 72 9.51 9.41 13.23
C LEU B 72 10.74 9.99 13.94
N VAL B 73 11.69 10.48 13.19
CA VAL B 73 12.91 11.07 13.83
C VAL B 73 12.72 12.58 13.94
N SER B 74 13.10 13.15 15.06
CA SER B 74 12.94 14.62 15.25
C SER B 74 14.26 15.32 14.93
N SER B 75 14.25 16.63 14.85
CA SER B 75 15.52 17.36 14.54
C SER B 75 15.44 18.80 15.05
N ASP B 76 16.25 19.16 16.00
CA ASP B 76 16.23 20.55 16.54
C ASP B 76 16.71 21.52 15.45
N ASN B 77 17.44 21.01 14.48
CA ASN B 77 17.94 21.86 13.36
C ASN B 77 17.52 21.23 12.04
N PRO B 78 16.27 21.38 11.68
CA PRO B 78 15.74 20.79 10.41
C PRO B 78 16.70 21.03 9.24
N THR B 79 17.65 20.16 9.07
CA THR B 79 18.65 20.31 7.96
C THR B 79 18.20 19.50 6.75
N SER B 80 18.56 19.95 5.58
CA SER B 80 18.17 19.22 4.33
C SER B 80 19.07 17.99 4.16
N GLU B 81 20.35 18.13 4.39
CA GLU B 81 21.26 16.97 4.24
C GLU B 81 20.77 15.84 5.15
N GLU B 82 20.25 16.17 6.30
CA GLU B 82 19.75 15.12 7.21
C GLU B 82 18.44 14.57 6.66
N GLU B 83 17.64 15.40 6.05
CA GLU B 83 16.34 14.92 5.49
C GLU B 83 16.60 13.93 4.35
N VAL B 84 17.35 14.33 3.35
CA VAL B 84 17.63 13.40 2.23
C VAL B 84 18.18 12.09 2.79
N HIS B 85 19.07 12.18 3.75
CA HIS B 85 19.64 10.95 4.34
C HIS B 85 18.60 10.27 5.24
N ALA B 86 17.61 11.00 5.68
CA ALA B 86 16.59 10.38 6.57
C ALA B 86 15.75 9.36 5.80
N PHE B 87 15.37 9.66 4.58
CA PHE B 87 14.55 8.70 3.79
C PHE B 87 15.47 7.65 3.16
N GLU B 88 16.68 8.02 2.83
CA GLU B 88 17.62 7.04 2.21
C GLU B 88 18.17 6.12 3.31
N GLN B 89 18.55 6.68 4.42
CA GLN B 89 19.10 5.83 5.52
C GLN B 89 18.00 4.92 6.05
N GLY B 90 16.88 5.46 6.46
CA GLY B 90 15.78 4.58 6.98
C GLY B 90 14.88 5.37 7.94
N ALA B 91 14.08 6.26 7.41
CA ALA B 91 13.16 7.06 8.28
C ALA B 91 11.81 7.20 7.57
N ASP B 92 10.71 7.12 8.29
CA ASP B 92 9.38 7.25 7.64
C ASP B 92 8.89 8.70 7.74
N ASP B 93 9.39 9.44 8.69
CA ASP B 93 8.95 10.86 8.84
C ASP B 93 10.07 11.70 9.46
N TYR B 94 10.04 12.98 9.27
CA TYR B 94 11.12 13.87 9.83
C TYR B 94 10.48 15.19 10.29
N ILE B 95 10.32 15.39 11.58
CA ILE B 95 9.69 16.67 12.08
C ILE B 95 10.71 17.49 12.87
N ALA B 96 10.56 18.78 12.88
CA ALA B 96 11.51 19.63 13.66
C ALA B 96 11.33 19.30 15.15
N LYS B 97 12.38 19.32 15.91
CA LYS B 97 12.23 18.97 17.36
C LYS B 97 11.36 20.00 18.09
N PRO B 98 11.67 21.28 18.02
CA PRO B 98 10.90 22.28 18.78
C PRO B 98 9.38 22.03 18.74
N TYR B 99 8.93 21.09 17.95
CA TYR B 99 7.48 20.79 17.85
C TYR B 99 6.72 22.04 17.42
N ARG B 100 6.20 22.06 16.21
CA ARG B 100 5.46 23.27 15.76
C ARG B 100 4.31 23.54 16.73
N SER B 101 3.70 22.51 17.28
CA SER B 101 2.60 22.73 18.25
C SER B 101 2.15 21.41 18.86
N ILE B 102 3.03 20.47 19.06
CA ILE B 102 2.64 19.16 19.66
C ILE B 102 1.40 18.60 18.95
N LYS B 103 0.26 19.22 19.11
CA LYS B 103 -0.96 18.74 18.43
C LYS B 103 -0.63 18.59 16.95
N ALA B 104 0.26 19.42 16.46
CA ALA B 104 0.65 19.33 15.03
C ALA B 104 1.41 18.02 14.82
N LEU B 105 2.27 17.66 15.75
CA LEU B 105 3.04 16.40 15.62
C LEU B 105 2.07 15.21 15.70
N VAL B 106 1.17 15.23 16.66
CA VAL B 106 0.20 14.11 16.78
C VAL B 106 -0.73 14.10 15.57
N ALA B 107 -1.16 15.26 15.14
CA ALA B 107 -2.08 15.31 13.96
C ALA B 107 -1.47 14.52 12.81
N ARG B 108 -0.20 14.70 12.55
CA ARG B 108 0.45 13.96 11.44
C ARG B 108 0.55 12.48 11.79
N ILE B 109 0.73 12.17 13.04
CA ILE B 109 0.83 10.73 13.45
C ILE B 109 -0.55 10.10 13.35
N GLU B 110 -1.57 10.88 13.54
CA GLU B 110 -2.95 10.32 13.44
C GLU B 110 -3.22 9.92 11.99
N ALA B 111 -3.14 10.85 11.09
CA ALA B 111 -3.39 10.53 9.66
C ALA B 111 -2.49 9.36 9.25
N ARG B 112 -1.33 9.26 9.84
CA ARG B 112 -0.42 8.14 9.48
C ARG B 112 -1.12 6.81 9.78
N LEU B 113 -1.67 6.66 10.96
CA LEU B 113 -2.36 5.37 11.30
C LEU B 113 -3.55 5.64 12.22
N ARG B 114 -4.74 5.62 11.69
CA ARG B 114 -5.96 5.85 12.54
C ARG B 114 -6.56 4.49 12.93
N PHE B 115 -6.41 4.09 14.15
CA PHE B 115 -6.98 2.78 14.58
C PHE B 115 -6.55 1.69 13.59
N TRP B 116 -5.39 1.11 13.80
CA TRP B 116 -4.92 0.04 12.87
C TRP B 116 -5.56 -1.29 13.26
N GLY B 117 -5.91 -2.10 12.30
CA GLY B 117 -6.53 -3.42 12.62
C GLY B 117 -7.21 -3.99 11.37
N SER B 118 -6.47 -4.69 10.55
CA SER B 118 -7.07 -5.27 9.32
C SER B 118 -6.23 -6.44 8.84
N ASN B 119 -6.59 -6.99 7.72
CA ASN B 119 -5.85 -8.17 7.21
C ASN B 119 -5.96 -8.22 5.68
N VAL B 120 -4.89 -8.52 5.00
CA VAL B 120 -4.95 -8.58 3.52
C VAL B 120 -5.72 -9.83 3.08
N ILE B 121 -5.58 -10.92 3.80
CA ILE B 121 -6.30 -12.17 3.43
C ILE B 121 -7.49 -12.36 4.37
N GLU B 122 -8.65 -12.66 3.84
CA GLU B 122 -9.85 -12.87 4.69
C GLU B 122 -10.61 -14.11 4.21
N ILE B 123 -10.76 -15.09 5.05
CA ILE B 123 -11.48 -16.33 4.65
C ILE B 123 -12.23 -16.90 5.86
N GLY B 124 -13.50 -17.20 5.69
CA GLY B 124 -14.29 -17.74 6.83
C GLY B 124 -14.03 -16.91 8.08
N ASP B 125 -14.16 -17.48 9.24
CA ASP B 125 -13.91 -16.71 10.49
C ASP B 125 -12.40 -16.64 10.75
N LEU B 126 -11.62 -17.20 9.85
CA LEU B 126 -10.14 -17.17 10.02
C LEU B 126 -9.59 -15.99 9.22
N THR B 127 -8.69 -15.22 9.79
CA THR B 127 -8.10 -14.05 9.06
C THR B 127 -6.57 -14.10 9.17
N ILE B 128 -5.88 -13.68 8.14
CA ILE B 128 -4.38 -13.70 8.17
C ILE B 128 -3.85 -12.35 7.64
N SER B 129 -2.81 -11.84 8.26
CA SER B 129 -2.23 -10.53 7.82
C SER B 129 -0.74 -10.73 7.48
N PRO B 130 -0.45 -11.19 6.30
CA PRO B 130 0.95 -11.44 5.87
C PRO B 130 1.84 -10.20 6.06
N ASP B 131 1.39 -9.05 5.62
CA ASP B 131 2.23 -7.83 5.77
C ASP B 131 2.64 -7.69 7.24
N GLU B 132 1.72 -7.86 8.15
CA GLU B 132 2.06 -7.75 9.60
C GLU B 132 2.56 -9.10 10.10
N GLU B 133 2.65 -10.07 9.24
CA GLU B 133 3.13 -11.41 9.66
C GLU B 133 2.30 -11.89 10.85
N LYS B 134 1.15 -11.30 11.07
CA LYS B 134 0.28 -11.71 12.21
C LYS B 134 -0.85 -12.60 11.70
N ILE B 135 -1.06 -13.73 12.34
CA ILE B 135 -2.16 -14.65 11.90
C ILE B 135 -3.23 -14.70 13.00
N ILE B 136 -4.49 -14.59 12.62
CA ILE B 136 -5.60 -14.63 13.62
C ILE B 136 -6.46 -15.88 13.39
N TYR B 137 -6.74 -16.62 14.43
CA TYR B 137 -7.57 -17.86 14.29
C TYR B 137 -8.58 -17.95 15.43
N LYS B 138 -9.84 -18.11 15.11
CA LYS B 138 -10.89 -18.21 16.15
C LYS B 138 -10.81 -17.02 17.11
N GLY B 139 -10.46 -15.86 16.62
CA GLY B 139 -10.38 -14.67 17.51
C GLY B 139 -9.10 -14.68 18.33
N ARG B 140 -8.15 -15.53 17.98
CA ARG B 140 -6.86 -15.60 18.74
C ARG B 140 -5.74 -15.01 17.88
N GLU B 141 -5.06 -14.01 18.38
CA GLU B 141 -3.95 -13.40 17.58
C GLU B 141 -2.63 -14.08 17.95
N VAL B 142 -1.83 -14.40 16.97
CA VAL B 142 -0.51 -15.07 17.23
C VAL B 142 0.57 -14.42 16.38
N GLU B 143 1.72 -14.13 16.96
CA GLU B 143 2.81 -13.51 16.17
C GLU B 143 3.66 -14.61 15.52
N VAL B 144 3.83 -14.54 14.22
CA VAL B 144 4.63 -15.59 13.52
C VAL B 144 5.42 -14.95 12.38
N LYS B 145 6.72 -15.12 12.37
CA LYS B 145 7.55 -14.52 11.29
C LYS B 145 8.86 -15.31 11.16
N GLY B 146 8.90 -16.50 11.71
CA GLY B 146 10.14 -17.32 11.62
C GLY B 146 10.37 -17.71 10.16
N LYS B 147 11.57 -18.15 9.84
CA LYS B 147 11.85 -18.54 8.44
C LYS B 147 10.85 -19.65 8.00
N PRO B 148 10.62 -20.62 8.86
CA PRO B 148 9.68 -21.74 8.54
C PRO B 148 8.24 -21.26 8.36
N PHE B 149 7.91 -20.10 8.87
CA PHE B 149 6.52 -19.57 8.74
C PHE B 149 6.39 -18.77 7.44
N GLU B 150 7.48 -18.26 6.92
CA GLU B 150 7.40 -17.46 5.68
C GLU B 150 6.60 -18.23 4.62
N VAL B 151 6.82 -19.51 4.51
CA VAL B 151 6.06 -20.31 3.50
C VAL B 151 4.59 -20.34 3.91
N LEU B 152 4.31 -20.33 5.19
CA LEU B 152 2.90 -20.36 5.65
C LEU B 152 2.16 -19.18 5.02
N THR B 153 2.75 -18.02 5.01
CA THR B 153 2.08 -16.84 4.40
C THR B 153 2.10 -16.98 2.88
N HIS B 154 3.10 -17.62 2.33
CA HIS B 154 3.18 -17.78 0.85
C HIS B 154 1.90 -18.43 0.33
N LEU B 155 1.53 -19.57 0.88
CA LEU B 155 0.30 -20.24 0.41
C LEU B 155 -0.93 -19.46 0.89
N ALA B 156 -0.82 -18.80 2.00
CA ALA B 156 -1.98 -18.02 2.52
C ALA B 156 -2.50 -17.08 1.44
N ARG B 157 -1.64 -16.33 0.82
CA ARG B 157 -2.08 -15.40 -0.25
C ARG B 157 -2.48 -16.20 -1.48
N HIS B 158 -1.67 -17.16 -1.85
CA HIS B 158 -2.00 -17.96 -3.07
C HIS B 158 -3.12 -18.94 -2.75
N ARG B 159 -3.88 -18.68 -1.72
CA ARG B 159 -5.00 -19.60 -1.38
C ARG B 159 -5.90 -19.79 -2.61
N ASP B 160 -6.86 -20.68 -2.54
CA ASP B 160 -7.77 -20.92 -3.69
C ASP B 160 -6.97 -20.95 -5.01
N GLN B 161 -5.89 -21.68 -5.03
CA GLN B 161 -5.08 -21.75 -6.28
C GLN B 161 -4.16 -22.97 -6.23
N ILE B 162 -3.73 -23.45 -7.36
CA ILE B 162 -2.83 -24.64 -7.38
C ILE B 162 -1.38 -24.18 -7.33
N VAL B 163 -0.58 -24.76 -6.46
CA VAL B 163 0.86 -24.37 -6.36
C VAL B 163 1.73 -25.61 -6.54
N SER B 164 2.79 -25.48 -7.31
CA SER B 164 3.69 -26.65 -7.53
C SER B 164 4.67 -26.78 -6.37
N LYS B 165 5.23 -27.94 -6.18
CA LYS B 165 6.20 -28.14 -5.07
C LYS B 165 7.42 -27.24 -5.29
N GLU B 166 7.90 -27.19 -6.51
CA GLU B 166 9.09 -26.34 -6.80
C GLU B 166 8.74 -24.87 -6.61
N GLN B 167 7.53 -24.49 -6.91
CA GLN B 167 7.14 -23.06 -6.74
C GLN B 167 7.52 -22.59 -5.33
N LEU B 168 7.16 -23.35 -4.33
CA LEU B 168 7.50 -22.94 -2.93
C LEU B 168 9.01 -23.01 -2.75
N LEU B 169 9.65 -24.01 -3.30
CA LEU B 169 11.13 -24.12 -3.15
C LEU B 169 11.78 -22.78 -3.49
N ASP B 170 11.58 -22.30 -4.69
CA ASP B 170 12.20 -21.01 -5.10
C ASP B 170 11.57 -19.85 -4.30
N ALA B 171 10.27 -19.88 -4.13
CA ALA B 171 9.59 -18.78 -3.38
C ALA B 171 10.40 -18.40 -2.13
N ILE B 172 10.81 -19.36 -1.36
CA ILE B 172 11.59 -19.05 -0.11
C ILE B 172 13.10 -19.14 -0.41
N TRP B 173 13.48 -19.64 -1.55
CA TRP B 173 14.95 -19.74 -1.85
C TRP B 173 15.19 -19.56 -3.36
N GLU B 174 14.63 -18.54 -3.96
CA GLU B 174 14.86 -18.33 -5.42
C GLU B 174 16.26 -17.76 -5.63
N GLU B 175 16.74 -16.98 -4.70
CA GLU B 175 18.10 -16.39 -4.84
C GLU B 175 19.14 -17.53 -5.02
N PRO B 176 20.25 -17.25 -5.65
CA PRO B 176 21.31 -18.27 -5.87
C PRO B 176 21.55 -19.17 -4.64
N GLU B 177 21.04 -18.78 -3.50
CA GLU B 177 21.25 -19.60 -2.27
C GLU B 177 20.97 -21.07 -2.59
N MET B 178 21.94 -21.93 -2.37
CA MET B 178 21.74 -23.37 -2.64
C MET B 178 21.18 -24.06 -1.39
N VAL B 179 20.03 -24.69 -1.51
CA VAL B 179 19.42 -25.39 -0.34
C VAL B 179 19.64 -26.89 -0.48
N THR B 180 19.87 -27.57 0.61
CA THR B 180 20.10 -29.04 0.56
C THR B 180 18.83 -29.75 0.03
N PRO B 181 18.96 -30.69 -0.89
CA PRO B 181 17.79 -31.42 -1.45
C PRO B 181 16.75 -31.79 -0.37
N ASN B 182 15.61 -32.28 -0.78
CA ASN B 182 14.56 -32.66 0.21
C ASN B 182 14.13 -31.42 0.99
N VAL B 183 14.02 -30.30 0.34
CA VAL B 183 13.61 -29.05 1.03
C VAL B 183 12.08 -29.04 1.23
N ILE B 184 11.34 -29.30 0.20
CA ILE B 184 9.86 -29.30 0.32
C ILE B 184 9.39 -30.49 1.15
N GLU B 185 10.17 -31.55 1.20
CA GLU B 185 9.73 -32.73 2.00
C GLU B 185 9.66 -32.34 3.48
N VAL B 186 10.65 -31.64 3.96
CA VAL B 186 10.63 -31.23 5.40
C VAL B 186 9.68 -30.05 5.59
N ALA B 187 9.54 -29.22 4.60
CA ALA B 187 8.63 -28.04 4.74
C ALA B 187 7.17 -28.51 4.63
N ILE B 188 6.84 -29.27 3.63
CA ILE B 188 5.44 -29.73 3.48
C ILE B 188 5.01 -30.54 4.71
N ASN B 189 5.84 -31.43 5.18
CA ASN B 189 5.46 -32.23 6.37
C ASN B 189 5.21 -31.31 7.56
N GLN B 190 6.06 -30.33 7.75
CA GLN B 190 5.88 -29.40 8.90
C GLN B 190 4.64 -28.53 8.66
N ILE B 191 4.49 -27.98 7.49
CA ILE B 191 3.29 -27.14 7.25
C ILE B 191 2.01 -27.92 7.58
N ARG B 192 2.04 -29.21 7.42
CA ARG B 192 0.81 -30.02 7.73
C ARG B 192 0.58 -30.12 9.23
N GLN B 193 1.51 -30.68 9.96
CA GLN B 193 1.32 -30.82 11.43
C GLN B 193 1.42 -29.45 12.12
N LYS B 194 2.23 -28.59 11.58
CA LYS B 194 2.42 -27.23 12.18
C LYS B 194 1.17 -26.36 11.94
N MET B 195 0.43 -26.62 10.89
CA MET B 195 -0.78 -25.78 10.61
C MET B 195 -2.02 -26.43 11.26
N ASP B 196 -2.17 -27.72 11.13
CA ASP B 196 -3.37 -28.38 11.73
C ASP B 196 -3.33 -28.25 13.26
N LYS B 197 -2.19 -27.99 13.82
CA LYS B 197 -2.10 -27.85 15.30
C LYS B 197 -2.87 -26.58 15.73
N PRO B 198 -2.41 -25.41 15.34
CA PRO B 198 -3.10 -24.14 15.70
C PRO B 198 -4.49 -24.06 15.07
N LEU B 199 -4.58 -24.30 13.78
CA LEU B 199 -5.89 -24.27 13.08
C LEU B 199 -6.42 -25.71 13.00
N GLY B 200 -7.68 -25.92 13.31
CA GLY B 200 -8.24 -27.30 13.28
C GLY B 200 -8.99 -27.56 11.96
N ILE B 201 -9.18 -26.55 11.17
CA ILE B 201 -9.91 -26.75 9.88
C ILE B 201 -8.90 -27.06 8.77
N SER B 202 -9.07 -28.16 8.09
CA SER B 202 -8.12 -28.51 6.99
C SER B 202 -8.42 -27.67 5.75
N THR B 203 -7.40 -27.15 5.12
CA THR B 203 -7.62 -26.31 3.90
C THR B 203 -6.47 -26.54 2.92
N VAL B 204 -5.87 -27.71 2.96
CA VAL B 204 -4.73 -28.01 2.03
C VAL B 204 -4.90 -29.41 1.44
N GLU B 205 -4.64 -29.57 0.17
CA GLU B 205 -4.78 -30.90 -0.49
C GLU B 205 -3.47 -31.26 -1.20
N THR B 206 -3.03 -32.49 -1.07
CA THR B 206 -1.76 -32.90 -1.74
C THR B 206 -2.08 -33.55 -3.08
N VAL B 207 -1.30 -33.25 -4.09
CA VAL B 207 -1.54 -33.84 -5.45
C VAL B 207 -0.22 -34.39 -6.00
N ARG B 208 -0.20 -35.65 -6.35
CA ARG B 208 1.05 -36.25 -6.90
C ARG B 208 1.27 -35.80 -8.35
N ARG B 209 0.21 -35.64 -9.09
CA ARG B 209 0.35 -35.20 -10.51
C ARG B 209 1.14 -33.89 -10.57
N ARG B 210 0.61 -32.84 -10.01
CA ARG B 210 1.32 -31.52 -10.03
C ARG B 210 2.06 -31.31 -8.70
N GLY B 211 1.35 -30.97 -7.66
CA GLY B 211 2.01 -30.75 -6.35
C GLY B 211 0.96 -30.67 -5.25
N TYR B 212 0.71 -29.49 -4.72
CA TYR B 212 -0.31 -29.32 -3.65
C TYR B 212 -1.39 -28.34 -4.12
N ARG B 213 -2.65 -28.69 -3.91
CA ARG B 213 -3.76 -27.78 -4.33
C ARG B 213 -4.34 -27.09 -3.09
N PHE B 214 -4.42 -25.79 -3.11
CA PHE B 214 -4.99 -25.04 -1.93
C PHE B 214 -6.43 -24.62 -2.25
N CYS B 215 -7.35 -24.97 -1.40
CA CYS B 215 -8.78 -24.60 -1.64
C CYS B 215 -9.45 -24.26 -0.30
N TYR B 216 -10.47 -23.44 -0.33
CA TYR B 216 -11.17 -23.07 0.93
C TYR B 216 -11.80 -24.34 1.54
N PRO B 217 -12.00 -24.37 2.84
CA PRO B 217 -12.60 -25.56 3.51
C PRO B 217 -13.73 -26.18 2.68
N LYS B 218 -13.90 -27.47 2.77
CA LYS B 218 -14.96 -28.14 1.96
C LYS B 218 -16.36 -27.84 2.51
N PRO B 219 -16.52 -27.75 3.81
CA PRO B 219 -17.85 -27.47 4.43
C PRO B 219 -18.12 -25.96 4.56
N ALA B 220 -17.33 -25.16 3.91
CA ALA B 220 -17.55 -23.68 4.00
C ALA B 220 -18.94 -23.34 3.46
N CYS B 221 -19.58 -22.35 4.02
CA CYS B 221 -20.94 -21.97 3.55
C CYS B 221 -21.07 -20.44 3.54
N GLU B 222 -21.92 -19.91 2.72
CA GLU B 222 -22.10 -18.43 2.66
C GLU B 222 -23.47 -18.09 2.09
N GLU B 223 -23.93 -16.88 2.25
CA GLU B 223 -25.26 -16.50 1.71
C GLU B 223 -26.31 -17.48 2.22
N MET A 1 2.77 8.20 -14.88
CA MET A 1 3.79 8.76 -13.96
C MET A 1 4.02 10.24 -14.30
N ARG A 2 3.13 11.11 -13.89
CA ARG A 2 3.29 12.57 -14.19
C ARG A 2 3.12 13.36 -12.88
N VAL A 3 3.65 14.56 -12.84
CA VAL A 3 3.55 15.39 -11.59
C VAL A 3 2.80 16.69 -11.91
N LEU A 4 1.74 16.96 -11.19
CA LEU A 4 0.95 18.20 -11.40
C LEU A 4 1.47 19.28 -10.44
N LEU A 5 1.99 20.34 -10.98
CA LEU A 5 2.52 21.46 -10.13
C LEU A 5 1.72 22.73 -10.47
N ILE A 6 1.04 23.30 -9.51
CA ILE A 6 0.24 24.53 -9.77
C ILE A 6 0.89 25.72 -9.06
N GLU A 7 1.64 26.52 -9.79
CA GLU A 7 2.32 27.72 -9.17
C GLU A 7 1.89 28.98 -9.92
N LYS A 8 1.53 30.01 -9.20
CA LYS A 8 1.10 31.27 -9.87
C LYS A 8 2.29 31.89 -10.61
N ASN A 9 3.47 31.75 -10.05
CA ASN A 9 4.67 32.33 -10.72
C ASN A 9 5.17 31.37 -11.80
N SER A 10 6.46 31.36 -12.07
CA SER A 10 7.00 30.44 -13.11
C SER A 10 8.46 30.10 -12.79
N VAL A 11 9.22 31.06 -12.32
CA VAL A 11 10.64 30.78 -11.99
C VAL A 11 10.72 29.77 -10.84
N LEU A 12 9.92 29.94 -9.83
CA LEU A 12 9.94 29.00 -8.68
C LEU A 12 9.49 27.62 -9.15
N GLY A 13 8.51 27.57 -10.01
CA GLY A 13 8.03 26.25 -10.51
C GLY A 13 9.08 25.70 -11.45
N GLY A 14 9.83 26.58 -12.08
CA GLY A 14 10.89 26.12 -13.02
C GLY A 14 11.94 25.32 -12.27
N GLU A 15 12.39 25.80 -11.15
CA GLU A 15 13.44 25.06 -10.39
C GLU A 15 12.87 23.73 -9.88
N ILE A 16 11.69 23.73 -9.29
CA ILE A 16 11.12 22.43 -8.82
C ILE A 16 10.83 21.56 -10.05
N GLU A 17 10.40 22.16 -11.12
CA GLU A 17 10.10 21.38 -12.36
C GLU A 17 11.39 20.77 -12.91
N LYS A 18 12.44 21.56 -13.02
CA LYS A 18 13.71 21.02 -13.56
C LYS A 18 14.49 20.33 -12.46
N GLY A 19 13.95 20.30 -11.28
CA GLY A 19 14.66 19.63 -10.16
C GLY A 19 14.34 18.14 -10.16
N LEU A 20 13.09 17.79 -10.13
CA LEU A 20 12.71 16.34 -10.12
C LEU A 20 12.87 15.76 -11.53
N ASN A 21 12.85 16.59 -12.54
CA ASN A 21 13.02 16.06 -13.93
C ASN A 21 14.30 15.24 -14.01
N VAL A 22 15.31 15.60 -13.25
CA VAL A 22 16.58 14.85 -13.29
C VAL A 22 16.33 13.40 -12.89
N LYS A 23 15.47 13.18 -11.94
CA LYS A 23 15.17 11.79 -11.50
C LYS A 23 14.56 11.01 -12.67
N GLY A 24 13.92 11.69 -13.58
CA GLY A 24 13.30 11.01 -14.76
C GLY A 24 11.77 11.10 -14.68
N PHE A 25 11.24 12.07 -13.98
CA PHE A 25 9.75 12.21 -13.87
C PHE A 25 9.30 13.37 -14.74
N MET A 26 8.04 13.38 -15.14
CA MET A 26 7.52 14.49 -15.99
C MET A 26 6.66 15.39 -15.10
N ALA A 27 6.80 16.68 -15.25
CA ALA A 27 6.00 17.61 -14.40
C ALA A 27 5.60 18.86 -15.20
N ASP A 28 4.60 19.56 -14.77
CA ASP A 28 4.15 20.79 -15.50
C ASP A 28 3.78 21.88 -14.50
N VAL A 29 4.04 23.12 -14.82
CA VAL A 29 3.68 24.25 -13.90
C VAL A 29 2.43 24.95 -14.43
N THR A 30 1.49 25.23 -13.58
CA THR A 30 0.23 25.91 -14.04
C THR A 30 -0.07 27.11 -13.13
N GLU A 31 -1.03 27.92 -13.48
CA GLU A 31 -1.38 29.10 -12.64
C GLU A 31 -2.46 28.74 -11.62
N SER A 32 -3.68 29.16 -11.86
CA SER A 32 -4.78 28.85 -10.90
C SER A 32 -5.27 27.43 -11.09
N LEU A 33 -6.05 26.94 -10.17
CA LEU A 33 -6.57 25.55 -10.27
C LEU A 33 -7.28 25.36 -11.62
N GLU A 34 -7.85 26.40 -12.15
CA GLU A 34 -8.57 26.27 -13.46
C GLU A 34 -7.68 25.50 -14.45
N ASP A 35 -6.45 25.88 -14.59
CA ASP A 35 -5.56 25.16 -15.53
C ASP A 35 -5.29 23.75 -15.01
N GLY A 36 -5.13 23.62 -13.71
CA GLY A 36 -4.86 22.27 -13.13
C GLY A 36 -6.14 21.42 -13.24
N GLU A 37 -7.26 21.98 -12.91
CA GLU A 37 -8.54 21.20 -13.00
C GLU A 37 -8.82 20.88 -14.47
N TYR A 38 -8.55 21.79 -15.35
CA TYR A 38 -8.81 21.52 -16.80
C TYR A 38 -7.74 20.59 -17.35
N LEU A 39 -6.52 20.74 -16.91
CA LEU A 39 -5.42 19.87 -17.43
C LEU A 39 -5.56 18.45 -16.85
N MET A 40 -5.77 18.34 -15.56
CA MET A 40 -5.90 16.99 -14.95
C MET A 40 -7.13 16.27 -15.49
N ASP A 41 -8.13 17.00 -15.88
CA ASP A 41 -9.37 16.35 -16.42
C ASP A 41 -9.04 15.64 -17.74
N ILE A 42 -8.23 16.23 -18.57
CA ILE A 42 -7.89 15.59 -19.88
C ILE A 42 -6.77 14.57 -19.69
N ARG A 43 -5.90 14.79 -18.72
CA ARG A 43 -4.76 13.83 -18.48
C ARG A 43 -4.71 13.47 -17.00
N ASN A 44 -4.32 12.26 -16.68
CA ASN A 44 -4.25 11.84 -15.25
C ASN A 44 -2.86 12.12 -14.70
N TYR A 45 -2.72 12.17 -13.40
CA TYR A 45 -1.39 12.44 -12.78
C TYR A 45 -1.24 11.60 -11.52
N ASP A 46 -0.03 11.28 -11.13
CA ASP A 46 0.18 10.45 -9.90
C ASP A 46 0.45 11.37 -8.71
N LEU A 47 1.23 12.40 -8.91
CA LEU A 47 1.55 13.35 -7.80
C LEU A 47 0.75 14.65 -8.01
N VAL A 48 -0.15 14.96 -7.10
CA VAL A 48 -0.94 16.22 -7.22
C VAL A 48 -0.35 17.26 -6.27
N MET A 49 0.47 18.14 -6.78
CA MET A 49 1.11 19.16 -5.91
C MET A 49 0.62 20.56 -6.29
N VAL A 50 0.20 21.34 -5.32
CA VAL A 50 -0.30 22.71 -5.59
C VAL A 50 0.22 23.67 -4.53
N SER A 51 0.79 24.77 -4.95
CA SER A 51 1.32 25.77 -3.98
C SER A 51 0.24 26.81 -3.69
N ASP A 52 -0.93 26.63 -4.24
CA ASP A 52 -2.03 27.61 -4.01
C ASP A 52 -2.62 27.40 -2.61
N LYS A 53 -2.90 28.46 -1.90
CA LYS A 53 -3.47 28.32 -0.54
C LYS A 53 -4.88 27.75 -0.61
N ASN A 54 -5.63 28.11 -1.62
CA ASN A 54 -7.03 27.58 -1.74
C ASN A 54 -6.98 26.10 -2.11
N ALA A 55 -5.87 25.45 -1.93
CA ALA A 55 -5.76 24.01 -2.27
C ALA A 55 -6.77 23.20 -1.44
N LEU A 56 -7.08 23.64 -0.26
CA LEU A 56 -8.05 22.89 0.60
C LEU A 56 -9.28 22.48 -0.24
N SER A 57 -9.79 23.37 -1.04
CA SER A 57 -10.99 23.02 -1.86
C SER A 57 -10.57 22.08 -3.00
N PHE A 58 -9.43 22.34 -3.60
CA PHE A 58 -8.97 21.47 -4.71
C PHE A 58 -8.68 20.06 -4.21
N VAL A 59 -7.81 19.92 -3.24
CA VAL A 59 -7.50 18.57 -2.73
C VAL A 59 -8.79 17.85 -2.34
N SER A 60 -9.72 18.57 -1.76
CA SER A 60 -11.00 17.92 -1.35
C SER A 60 -11.63 17.21 -2.55
N ARG A 61 -11.80 17.91 -3.64
CA ARG A 61 -12.43 17.26 -4.83
C ARG A 61 -11.47 16.22 -5.43
N ILE A 62 -10.18 16.42 -5.32
CA ILE A 62 -9.23 15.43 -5.91
C ILE A 62 -9.31 14.10 -5.15
N LYS A 63 -9.27 14.13 -3.85
CA LYS A 63 -9.31 12.87 -3.07
C LYS A 63 -10.64 12.14 -3.30
N GLU A 64 -11.74 12.84 -3.30
CA GLU A 64 -13.05 12.13 -3.51
C GLU A 64 -13.18 11.73 -4.98
N LYS A 65 -12.79 12.59 -5.89
CA LYS A 65 -12.90 12.26 -7.34
C LYS A 65 -11.75 11.32 -7.71
N HIS A 66 -10.70 11.30 -6.93
CA HIS A 66 -9.55 10.42 -7.24
C HIS A 66 -8.79 10.09 -5.94
N SER A 67 -9.39 9.33 -5.08
CA SER A 67 -8.72 8.99 -3.79
C SER A 67 -7.45 8.19 -4.05
N SER A 68 -7.40 7.47 -5.15
CA SER A 68 -6.17 6.68 -5.45
C SER A 68 -5.08 7.58 -6.02
N ILE A 69 -4.81 8.69 -5.39
CA ILE A 69 -3.76 9.61 -5.91
C ILE A 69 -3.04 10.30 -4.72
N VAL A 70 -1.84 10.76 -4.92
CA VAL A 70 -1.10 11.44 -3.81
C VAL A 70 -1.34 12.95 -3.88
N VAL A 71 -1.23 13.64 -2.77
CA VAL A 71 -1.46 15.12 -2.77
C VAL A 71 -0.39 15.82 -1.94
N LEU A 72 0.29 16.79 -2.52
CA LEU A 72 1.37 17.54 -1.80
C LEU A 72 0.96 19.02 -1.72
N VAL A 73 0.47 19.46 -0.61
CA VAL A 73 0.06 20.89 -0.48
C VAL A 73 1.19 21.70 0.14
N SER A 74 1.43 22.89 -0.35
CA SER A 74 2.53 23.74 0.21
C SER A 74 1.92 25.08 0.65
N SER A 75 2.60 25.81 1.49
CA SER A 75 2.03 27.12 1.95
C SER A 75 3.07 27.89 2.77
N ASP A 76 3.41 29.08 2.33
CA ASP A 76 4.43 29.88 3.05
C ASP A 76 3.93 30.24 4.45
N ASN A 77 3.74 29.26 5.29
CA ASN A 77 3.25 29.56 6.67
C ASN A 77 3.15 28.25 7.48
N PRO A 78 4.23 27.49 7.53
CA PRO A 78 4.25 26.21 8.28
C PRO A 78 3.68 26.37 9.70
N THR A 79 2.38 26.28 9.84
CA THR A 79 1.74 26.41 11.18
C THR A 79 1.08 25.08 11.56
N SER A 80 0.98 24.79 12.82
CA SER A 80 0.37 23.51 13.25
C SER A 80 -1.13 23.53 12.90
N GLU A 81 -1.73 24.69 12.86
CA GLU A 81 -3.19 24.77 12.53
C GLU A 81 -3.42 24.28 11.10
N GLU A 82 -2.56 24.64 10.19
CA GLU A 82 -2.74 24.19 8.78
C GLU A 82 -2.31 22.73 8.65
N GLU A 83 -1.42 22.29 9.51
CA GLU A 83 -0.96 20.87 9.44
C GLU A 83 -2.10 19.94 9.83
N VAL A 84 -2.79 20.23 10.89
CA VAL A 84 -3.93 19.34 11.30
C VAL A 84 -5.07 19.45 10.29
N HIS A 85 -5.35 20.63 9.83
CA HIS A 85 -6.46 20.80 8.84
C HIS A 85 -6.03 20.24 7.49
N ALA A 86 -4.76 20.31 7.18
CA ALA A 86 -4.27 19.79 5.88
C ALA A 86 -4.44 18.28 5.81
N PHE A 87 -4.19 17.59 6.89
CA PHE A 87 -4.34 16.10 6.87
C PHE A 87 -5.83 15.77 6.98
N GLU A 88 -6.57 16.54 7.73
CA GLU A 88 -8.02 16.27 7.86
C GLU A 88 -8.71 16.55 6.52
N GLN A 89 -8.30 17.58 5.82
CA GLN A 89 -8.93 17.90 4.52
C GLN A 89 -8.65 16.76 3.53
N GLY A 90 -7.43 16.28 3.48
CA GLY A 90 -7.10 15.17 2.54
C GLY A 90 -5.63 15.27 2.10
N ALA A 91 -5.02 16.40 2.31
CA ALA A 91 -3.59 16.54 1.89
C ALA A 91 -2.78 15.38 2.46
N ASP A 92 -1.96 14.76 1.64
CA ASP A 92 -1.14 13.61 2.14
C ASP A 92 0.09 14.15 2.87
N ASP A 93 0.61 15.27 2.44
CA ASP A 93 1.81 15.85 3.11
C ASP A 93 1.80 17.37 2.91
N TYR A 94 1.96 18.10 3.97
CA TYR A 94 1.97 19.60 3.88
C TYR A 94 3.42 20.10 4.01
N ILE A 95 3.95 20.72 2.98
CA ILE A 95 5.38 21.21 3.05
C ILE A 95 5.43 22.73 3.19
N ALA A 96 6.46 23.22 3.84
CA ALA A 96 6.62 24.69 3.98
C ALA A 96 6.97 25.23 2.60
N LYS A 97 6.14 26.06 2.03
CA LYS A 97 6.43 26.59 0.68
C LYS A 97 7.89 26.97 0.51
N PRO A 98 8.45 27.81 1.36
CA PRO A 98 9.84 28.26 1.18
C PRO A 98 10.77 27.11 0.76
N TYR A 99 10.30 25.89 0.84
CA TYR A 99 11.10 24.71 0.44
C TYR A 99 12.40 24.67 1.25
N ARG A 100 12.59 23.67 2.07
CA ARG A 100 13.84 23.61 2.87
C ARG A 100 15.05 23.66 1.93
N SER A 101 14.96 23.02 0.79
CA SER A 101 16.10 23.06 -0.18
C SER A 101 15.72 22.38 -1.49
N ILE A 102 14.51 22.58 -1.97
CA ILE A 102 14.10 21.94 -3.26
C ILE A 102 14.46 20.45 -3.27
N LYS A 103 15.72 20.13 -3.31
CA LYS A 103 16.13 18.70 -3.31
C LYS A 103 15.46 18.02 -2.12
N ALA A 104 15.23 18.75 -1.07
CA ALA A 104 14.56 18.14 0.12
C ALA A 104 13.16 17.69 -0.28
N LEU A 105 12.36 18.60 -0.80
CA LEU A 105 10.98 18.23 -1.23
C LEU A 105 11.07 17.20 -2.35
N VAL A 106 11.76 17.51 -3.41
CA VAL A 106 11.90 16.53 -4.53
C VAL A 106 12.30 15.16 -3.96
N ALA A 107 13.26 15.14 -3.07
CA ALA A 107 13.67 13.84 -2.49
C ALA A 107 12.44 13.16 -1.91
N ARG A 108 11.53 13.92 -1.36
CA ARG A 108 10.30 13.33 -0.78
C ARG A 108 9.38 12.82 -1.91
N ILE A 109 9.43 13.44 -3.06
CA ILE A 109 8.58 12.98 -4.18
C ILE A 109 9.16 11.69 -4.75
N GLU A 110 10.46 11.57 -4.71
CA GLU A 110 11.09 10.34 -5.25
C GLU A 110 10.89 9.18 -4.27
N ALA A 111 11.20 9.40 -3.02
CA ALA A 111 11.03 8.31 -2.02
C ALA A 111 9.59 7.79 -2.06
N ARG A 112 8.63 8.68 -2.15
CA ARG A 112 7.22 8.22 -2.20
C ARG A 112 6.97 7.43 -3.50
N LEU A 113 7.54 7.87 -4.59
CA LEU A 113 7.34 7.14 -5.89
C LEU A 113 8.67 7.12 -6.66
N ARG A 114 9.45 6.08 -6.51
CA ARG A 114 10.75 6.01 -7.23
C ARG A 114 10.50 5.45 -8.64
N PHE A 115 10.18 4.19 -8.75
CA PHE A 115 9.93 3.60 -10.09
C PHE A 115 9.18 2.26 -9.93
N TRP A 116 9.47 1.54 -8.87
CA TRP A 116 8.79 0.22 -8.61
C TRP A 116 8.59 -0.53 -9.94
N GLY A 117 7.44 -0.39 -10.55
CA GLY A 117 7.18 -1.11 -11.82
C GLY A 117 6.88 -2.58 -11.54
N SER A 118 5.74 -2.87 -11.00
CA SER A 118 5.38 -4.29 -10.69
C SER A 118 3.88 -4.49 -10.85
N ASN A 119 3.44 -5.71 -10.75
CA ASN A 119 1.99 -6.00 -10.94
C ASN A 119 1.60 -7.25 -10.13
N VAL A 120 0.38 -7.32 -9.67
CA VAL A 120 -0.05 -8.52 -8.87
C VAL A 120 -0.58 -9.61 -9.81
N ILE A 121 -1.20 -9.22 -10.90
CA ILE A 121 -1.77 -10.23 -11.87
C ILE A 121 -1.04 -10.11 -13.20
N GLU A 122 -0.18 -11.04 -13.52
CA GLU A 122 0.56 -11.00 -14.81
C GLU A 122 0.05 -12.09 -15.74
N ILE A 123 -0.54 -11.71 -16.85
CA ILE A 123 -1.08 -12.72 -17.83
C ILE A 123 -0.31 -12.62 -19.15
N GLY A 124 0.55 -13.55 -19.42
CA GLY A 124 1.31 -13.51 -20.70
C GLY A 124 1.88 -12.10 -20.93
N ASP A 125 1.90 -11.66 -22.16
CA ASP A 125 2.43 -10.30 -22.45
C ASP A 125 1.48 -9.27 -21.84
N LEU A 126 0.25 -9.64 -21.60
CA LEU A 126 -0.72 -8.68 -21.00
C LEU A 126 -0.47 -8.64 -19.49
N THR A 127 0.00 -7.52 -18.98
CA THR A 127 0.27 -7.42 -17.51
C THR A 127 -0.79 -6.51 -16.86
N ILE A 128 -1.17 -6.83 -15.65
CA ILE A 128 -2.21 -6.01 -14.94
C ILE A 128 -1.73 -5.70 -13.50
N SER A 129 -1.76 -4.45 -13.13
CA SER A 129 -1.33 -4.04 -11.76
C SER A 129 -2.54 -3.41 -11.03
N PRO A 130 -3.28 -4.17 -10.27
CA PRO A 130 -4.47 -3.63 -9.55
C PRO A 130 -4.08 -2.82 -8.30
N ASP A 131 -2.92 -3.06 -7.76
CA ASP A 131 -2.50 -2.31 -6.55
C ASP A 131 -2.47 -0.80 -6.87
N GLU A 132 -1.85 -0.43 -7.96
CA GLU A 132 -1.80 1.01 -8.34
C GLU A 132 -2.91 1.29 -9.37
N GLU A 133 -3.77 0.35 -9.58
CA GLU A 133 -4.89 0.54 -10.56
C GLU A 133 -4.35 0.97 -11.91
N LYS A 134 -3.88 0.04 -12.68
CA LYS A 134 -3.34 0.38 -14.03
C LYS A 134 -3.22 -0.91 -14.84
N ILE A 135 -3.53 -0.85 -16.11
CA ILE A 135 -3.46 -2.08 -16.98
C ILE A 135 -2.43 -1.86 -18.09
N ILE A 136 -1.79 -2.92 -18.53
CA ILE A 136 -0.77 -2.81 -19.63
C ILE A 136 -1.06 -3.89 -20.67
N TYR A 137 -1.38 -3.50 -21.88
CA TYR A 137 -1.70 -4.51 -22.95
C TYR A 137 -0.59 -4.55 -24.00
N LYS A 138 -0.04 -5.72 -24.24
CA LYS A 138 1.03 -5.86 -25.25
C LYS A 138 2.13 -4.81 -25.04
N GLY A 139 2.28 -4.31 -23.84
CA GLY A 139 3.34 -3.29 -23.57
C GLY A 139 2.79 -1.88 -23.72
N ARG A 140 1.49 -1.73 -23.76
CA ARG A 140 0.88 -0.36 -23.90
C ARG A 140 0.30 0.08 -22.55
N GLU A 141 0.72 1.21 -22.05
CA GLU A 141 0.19 1.68 -20.73
C GLU A 141 -1.17 2.38 -20.89
N VAL A 142 -2.18 1.89 -20.22
CA VAL A 142 -3.53 2.52 -20.28
C VAL A 142 -4.04 2.69 -18.85
N GLU A 143 -4.65 3.82 -18.56
CA GLU A 143 -5.15 4.05 -17.18
C GLU A 143 -6.51 3.38 -17.00
N VAL A 144 -6.98 3.27 -15.77
CA VAL A 144 -8.31 2.65 -15.51
C VAL A 144 -9.12 3.59 -14.61
N LYS A 145 -10.32 3.90 -15.00
CA LYS A 145 -11.17 4.82 -14.19
C LYS A 145 -12.56 4.93 -14.82
N GLY A 146 -12.67 4.69 -16.11
CA GLY A 146 -14.00 4.78 -16.77
C GLY A 146 -14.92 3.69 -16.21
N LYS A 147 -16.09 3.53 -16.79
CA LYS A 147 -17.03 2.49 -16.30
C LYS A 147 -16.51 1.08 -16.61
N PRO A 148 -15.93 0.87 -17.77
CA PRO A 148 -15.41 -0.46 -18.17
C PRO A 148 -13.98 -0.73 -17.65
N PHE A 149 -13.52 0.04 -16.70
CA PHE A 149 -12.15 -0.17 -16.14
C PHE A 149 -12.24 -0.99 -14.86
N GLU A 150 -13.09 -0.59 -13.95
CA GLU A 150 -13.23 -1.34 -12.66
C GLU A 150 -13.56 -2.81 -12.97
N VAL A 151 -14.46 -3.06 -13.88
CA VAL A 151 -14.81 -4.46 -14.22
C VAL A 151 -13.59 -5.17 -14.80
N LEU A 152 -12.82 -4.48 -15.59
CA LEU A 152 -11.60 -5.12 -16.18
C LEU A 152 -10.69 -5.61 -15.05
N THR A 153 -10.51 -4.81 -14.03
CA THR A 153 -9.63 -5.22 -12.90
C THR A 153 -10.33 -6.32 -12.08
N HIS A 154 -11.64 -6.32 -12.07
CA HIS A 154 -12.38 -7.36 -11.29
C HIS A 154 -12.09 -8.75 -11.86
N LEU A 155 -12.31 -8.94 -13.14
CA LEU A 155 -12.04 -10.29 -13.72
C LEU A 155 -10.53 -10.55 -13.70
N ALA A 156 -9.73 -9.52 -13.73
CA ALA A 156 -8.26 -9.73 -13.71
C ALA A 156 -7.91 -10.57 -12.49
N ARG A 157 -8.35 -10.18 -11.32
CA ARG A 157 -8.04 -10.96 -10.09
C ARG A 157 -8.76 -12.32 -10.17
N HIS A 158 -10.03 -12.30 -10.41
CA HIS A 158 -10.82 -13.57 -10.50
C HIS A 158 -10.79 -14.08 -11.95
N ARG A 159 -9.67 -13.94 -12.62
CA ARG A 159 -9.59 -14.42 -14.03
C ARG A 159 -9.71 -15.95 -14.08
N ASP A 160 -9.52 -16.60 -12.95
CA ASP A 160 -9.63 -18.10 -12.90
C ASP A 160 -10.62 -18.47 -11.80
N GLN A 161 -11.89 -18.23 -12.02
CA GLN A 161 -12.91 -18.57 -10.98
C GLN A 161 -14.31 -18.44 -11.58
N ILE A 162 -15.29 -19.07 -10.98
CA ILE A 162 -16.68 -18.96 -11.50
C ILE A 162 -17.31 -17.67 -11.01
N VAL A 163 -18.00 -16.95 -11.87
CA VAL A 163 -18.64 -15.66 -11.46
C VAL A 163 -20.10 -15.64 -11.92
N SER A 164 -20.99 -15.20 -11.05
CA SER A 164 -22.43 -15.13 -11.42
C SER A 164 -22.77 -13.70 -11.86
N LYS A 165 -23.83 -13.54 -12.60
CA LYS A 165 -24.22 -12.18 -13.07
C LYS A 165 -24.41 -11.25 -11.86
N GLU A 166 -24.94 -11.76 -10.78
CA GLU A 166 -25.17 -10.90 -9.58
C GLU A 166 -23.84 -10.40 -9.03
N GLN A 167 -22.84 -11.24 -8.97
CA GLN A 167 -21.52 -10.80 -8.44
C GLN A 167 -21.07 -9.55 -9.19
N LEU A 168 -21.09 -9.58 -10.50
CA LEU A 168 -20.66 -8.39 -11.29
C LEU A 168 -21.57 -7.21 -10.96
N LEU A 169 -22.85 -7.46 -10.82
CA LEU A 169 -23.80 -6.36 -10.52
C LEU A 169 -23.34 -5.63 -9.25
N ASP A 170 -23.25 -6.32 -8.15
CA ASP A 170 -22.84 -5.66 -6.87
C ASP A 170 -21.40 -5.14 -6.95
N ALA A 171 -20.51 -5.87 -7.56
CA ALA A 171 -19.09 -5.42 -7.64
C ALA A 171 -19.00 -3.99 -8.21
N ILE A 172 -19.55 -3.74 -9.37
CA ILE A 172 -19.46 -2.37 -9.97
C ILE A 172 -20.71 -1.56 -9.60
N TRP A 173 -21.87 -2.02 -10.00
CA TRP A 173 -23.12 -1.26 -9.69
C TRP A 173 -23.57 -1.56 -8.26
N GLU A 174 -23.64 -0.55 -7.42
CA GLU A 174 -24.07 -0.77 -6.01
C GLU A 174 -24.92 0.41 -5.52
N GLU A 175 -24.44 1.62 -5.67
CA GLU A 175 -25.23 2.80 -5.21
C GLU A 175 -26.23 3.29 -6.28
N PRO A 176 -25.89 3.18 -7.55
CA PRO A 176 -26.79 3.65 -8.64
C PRO A 176 -28.20 3.07 -8.53
N GLU A 177 -28.31 1.78 -8.34
CA GLU A 177 -29.66 1.15 -8.23
C GLU A 177 -30.58 1.69 -9.32
N MET A 178 -31.86 1.62 -9.14
CA MET A 178 -32.81 2.13 -10.18
C MET A 178 -32.52 1.46 -11.52
N VAL A 179 -31.98 0.27 -11.48
CA VAL A 179 -31.66 -0.47 -12.74
C VAL A 179 -32.14 -1.92 -12.62
N THR A 180 -32.61 -2.49 -13.69
CA THR A 180 -33.08 -3.90 -13.62
C THR A 180 -31.87 -4.81 -13.38
N PRO A 181 -32.05 -5.95 -12.76
CA PRO A 181 -30.93 -6.89 -12.47
C PRO A 181 -30.48 -7.66 -13.72
N ASN A 182 -31.34 -7.80 -14.68
CA ASN A 182 -30.97 -8.55 -15.92
C ASN A 182 -30.19 -7.65 -16.88
N VAL A 183 -29.87 -6.45 -16.47
CA VAL A 183 -29.11 -5.55 -17.38
C VAL A 183 -27.70 -6.11 -17.59
N ILE A 184 -27.28 -7.01 -16.75
CA ILE A 184 -25.92 -7.59 -16.91
C ILE A 184 -25.79 -8.27 -18.28
N GLU A 185 -26.89 -8.77 -18.79
CA GLU A 185 -26.84 -9.45 -20.12
C GLU A 185 -26.31 -8.48 -21.18
N VAL A 186 -26.66 -7.22 -21.08
CA VAL A 186 -26.16 -6.23 -22.06
C VAL A 186 -24.75 -5.78 -21.68
N ALA A 187 -24.54 -5.49 -20.42
CA ALA A 187 -23.20 -5.04 -19.97
C ALA A 187 -22.15 -6.12 -20.24
N ILE A 188 -22.51 -7.38 -20.10
CA ILE A 188 -21.52 -8.46 -20.36
C ILE A 188 -21.35 -8.63 -21.87
N ASN A 189 -22.43 -8.61 -22.60
CA ASN A 189 -22.32 -8.75 -24.07
C ASN A 189 -21.46 -7.62 -24.63
N GLN A 190 -21.55 -6.45 -24.03
CA GLN A 190 -20.74 -5.30 -24.53
C GLN A 190 -19.29 -5.42 -24.02
N ILE A 191 -19.12 -5.66 -22.75
CA ILE A 191 -17.74 -5.78 -22.21
C ILE A 191 -16.97 -6.86 -22.99
N ARG A 192 -17.62 -7.96 -23.27
CA ARG A 192 -16.92 -9.04 -24.04
C ARG A 192 -16.57 -8.53 -25.43
N GLN A 193 -17.52 -7.94 -26.12
CA GLN A 193 -17.23 -7.41 -27.48
C GLN A 193 -16.17 -6.31 -27.37
N LYS A 194 -16.16 -5.60 -26.28
CA LYS A 194 -15.15 -4.51 -26.09
C LYS A 194 -13.85 -5.10 -25.54
N MET A 195 -13.87 -6.35 -25.17
CA MET A 195 -12.64 -7.00 -24.60
C MET A 195 -11.96 -7.87 -25.65
N ASP A 196 -12.71 -8.59 -26.44
CA ASP A 196 -12.10 -9.47 -27.47
C ASP A 196 -11.57 -8.64 -28.65
N LYS A 197 -11.96 -7.41 -28.76
CA LYS A 197 -11.47 -6.58 -29.90
C LYS A 197 -10.06 -6.04 -29.59
N PRO A 198 -9.92 -5.18 -28.59
CA PRO A 198 -8.59 -4.60 -28.22
C PRO A 198 -7.56 -5.67 -27.82
N LEU A 199 -7.91 -6.58 -26.94
CA LEU A 199 -6.93 -7.63 -26.53
C LEU A 199 -6.62 -8.53 -27.74
N GLY A 200 -7.23 -9.68 -27.79
CA GLY A 200 -6.98 -10.61 -28.93
C GLY A 200 -7.31 -12.04 -28.48
N ILE A 201 -6.96 -12.37 -27.26
CA ILE A 201 -7.24 -13.75 -26.75
C ILE A 201 -8.43 -13.69 -25.79
N SER A 202 -9.43 -14.51 -26.00
CA SER A 202 -10.61 -14.50 -25.10
C SER A 202 -10.29 -15.37 -23.88
N THR A 203 -10.57 -14.89 -22.69
CA THR A 203 -10.28 -15.67 -21.45
C THR A 203 -11.57 -15.90 -20.67
N VAL A 204 -12.70 -15.62 -21.28
CA VAL A 204 -14.01 -15.82 -20.57
C VAL A 204 -14.76 -17.00 -21.18
N GLU A 205 -15.52 -17.70 -20.38
CA GLU A 205 -16.29 -18.88 -20.88
C GLU A 205 -17.78 -18.69 -20.57
N THR A 206 -18.60 -18.58 -21.57
CA THR A 206 -20.07 -18.40 -21.33
C THR A 206 -20.72 -19.78 -21.17
N VAL A 207 -21.22 -20.07 -19.99
CA VAL A 207 -21.87 -21.41 -19.74
C VAL A 207 -23.31 -21.20 -19.31
N ARG A 208 -24.19 -22.09 -19.68
CA ARG A 208 -25.61 -21.96 -19.29
C ARG A 208 -25.76 -22.19 -17.78
N ARG A 209 -24.99 -23.10 -17.24
CA ARG A 209 -25.08 -23.38 -15.78
C ARG A 209 -24.46 -22.23 -14.99
N ARG A 210 -24.79 -22.11 -13.72
CA ARG A 210 -24.21 -21.01 -12.91
C ARG A 210 -24.33 -19.70 -13.68
N GLY A 211 -23.26 -19.23 -14.26
CA GLY A 211 -23.31 -17.97 -15.04
C GLY A 211 -22.14 -17.94 -16.02
N TYR A 212 -21.22 -17.03 -15.83
CA TYR A 212 -20.03 -16.93 -16.73
C TYR A 212 -18.79 -17.40 -15.98
N ARG A 213 -17.99 -18.24 -16.59
CA ARG A 213 -16.76 -18.77 -15.92
C ARG A 213 -15.49 -18.21 -16.57
N PHE A 214 -14.60 -17.66 -15.79
CA PHE A 214 -13.33 -17.11 -16.35
C PHE A 214 -12.22 -18.15 -16.15
N CYS A 215 -11.50 -18.48 -17.19
CA CYS A 215 -10.42 -19.50 -17.05
C CYS A 215 -9.29 -19.23 -18.04
N TYR A 216 -8.18 -19.90 -17.88
CA TYR A 216 -7.03 -19.71 -18.79
C TYR A 216 -7.44 -20.07 -20.24
N PRO A 217 -7.15 -19.24 -21.21
CA PRO A 217 -7.51 -19.51 -22.63
C PRO A 217 -7.39 -20.99 -23.00
N LYS A 218 -8.29 -21.48 -23.82
CA LYS A 218 -8.24 -22.92 -24.23
C LYS A 218 -7.46 -23.12 -25.53
N PRO A 219 -7.47 -22.18 -26.45
CA PRO A 219 -6.75 -22.31 -27.74
C PRO A 219 -5.29 -21.87 -27.63
N ALA A 220 -4.69 -22.04 -26.48
CA ALA A 220 -3.27 -21.65 -26.30
C ALA A 220 -2.38 -22.86 -26.53
N CYS A 221 -1.08 -22.65 -26.61
CA CYS A 221 -0.15 -23.80 -26.83
C CYS A 221 -0.47 -24.46 -28.18
N GLU A 222 0.46 -25.18 -28.75
CA GLU A 222 0.21 -25.84 -30.07
C GLU A 222 -0.34 -27.25 -29.82
N GLU A 223 -1.32 -27.65 -30.59
CA GLU A 223 -1.90 -29.02 -30.41
C GLU A 223 -2.68 -29.41 -31.66
N MET B 1 -1.70 -1.18 20.98
CA MET B 1 -0.59 -0.41 20.37
C MET B 1 0.07 0.48 21.42
N ARG B 2 1.33 0.79 21.26
CA ARG B 2 2.04 1.66 22.26
C ARG B 2 2.96 2.64 21.52
N VAL B 3 3.21 3.77 22.13
CA VAL B 3 4.10 4.79 21.50
C VAL B 3 5.42 4.88 22.28
N LEU B 4 6.53 4.92 21.60
CA LEU B 4 7.86 4.99 22.27
C LEU B 4 8.45 6.39 22.12
N LEU B 5 8.67 7.09 23.21
CA LEU B 5 9.28 8.46 23.16
C LEU B 5 10.64 8.43 23.83
N ILE B 6 11.69 8.32 23.07
CA ILE B 6 13.05 8.30 23.70
C ILE B 6 13.50 9.74 23.93
N GLU B 7 13.32 10.25 25.12
CA GLU B 7 13.74 11.66 25.42
C GLU B 7 14.32 11.74 26.82
N LYS B 8 15.50 12.28 26.97
CA LYS B 8 16.12 12.39 28.32
C LYS B 8 15.28 13.37 29.17
N ASN B 9 14.72 14.36 28.55
CA ASN B 9 13.89 15.35 29.30
C ASN B 9 12.52 14.74 29.61
N SER B 10 12.27 14.39 30.83
CA SER B 10 10.95 13.79 31.18
C SER B 10 9.85 14.85 31.04
N VAL B 11 10.21 16.10 31.14
CA VAL B 11 9.19 17.18 31.02
C VAL B 11 8.58 17.15 29.62
N LEU B 12 9.39 17.12 28.60
CA LEU B 12 8.85 17.10 27.21
C LEU B 12 8.10 15.78 26.97
N GLY B 13 8.60 14.70 27.51
CA GLY B 13 7.91 13.40 27.32
C GLY B 13 6.63 13.40 28.14
N GLY B 14 6.61 14.14 29.21
CA GLY B 14 5.39 14.19 30.07
C GLY B 14 4.25 14.80 29.27
N GLU B 15 4.45 15.96 28.71
CA GLU B 15 3.36 16.62 27.93
C GLU B 15 2.92 15.70 26.78
N ILE B 16 3.85 15.12 26.06
CA ILE B 16 3.43 14.21 24.95
C ILE B 16 2.74 12.98 25.54
N GLU B 17 3.25 12.46 26.62
CA GLU B 17 2.63 11.26 27.25
C GLU B 17 1.19 11.60 27.64
N LYS B 18 0.97 12.73 28.25
CA LYS B 18 -0.41 13.11 28.65
C LYS B 18 -1.10 13.80 27.47
N GLY B 19 -0.41 13.90 26.37
CA GLY B 19 -1.01 14.55 25.17
C GLY B 19 -1.79 13.50 24.38
N LEU B 20 -1.13 12.46 23.93
CA LEU B 20 -1.84 11.42 23.14
C LEU B 20 -2.83 10.68 24.05
N ASN B 21 -2.60 10.70 25.34
CA ASN B 21 -3.52 9.99 26.27
C ASN B 21 -4.95 10.47 26.02
N VAL B 22 -5.12 11.72 25.68
CA VAL B 22 -6.48 12.24 25.42
C VAL B 22 -7.14 11.42 24.32
N LYS B 23 -6.43 11.18 23.24
CA LYS B 23 -6.99 10.38 22.13
C LYS B 23 -7.34 8.98 22.64
N GLY B 24 -6.37 8.33 23.24
CA GLY B 24 -6.62 6.96 23.79
C GLY B 24 -5.45 6.03 23.45
N PHE B 25 -4.23 6.53 23.51
CA PHE B 25 -3.03 5.68 23.19
C PHE B 25 -2.10 5.63 24.40
N MET B 26 -1.24 4.65 24.46
CA MET B 26 -0.29 4.53 25.61
C MET B 26 1.10 4.96 25.15
N ALA B 27 1.82 5.67 25.99
CA ALA B 27 3.19 6.13 25.60
C ALA B 27 4.17 5.89 26.76
N ASP B 28 5.44 5.85 26.46
CA ASP B 28 6.47 5.63 27.53
C ASP B 28 7.65 6.55 27.27
N VAL B 29 8.46 6.82 28.27
CA VAL B 29 9.65 7.72 28.08
C VAL B 29 10.92 6.98 28.47
N THR B 30 11.97 7.16 27.70
CA THR B 30 13.28 6.50 28.01
C THR B 30 14.41 7.51 27.86
N GLU B 31 15.60 7.17 28.29
CA GLU B 31 16.74 8.12 28.19
C GLU B 31 17.48 7.91 26.85
N SER B 32 18.65 7.33 26.90
CA SER B 32 19.42 7.11 25.64
C SER B 32 18.87 5.88 24.92
N LEU B 33 19.30 5.68 23.70
CA LEU B 33 18.81 4.50 22.92
C LEU B 33 19.00 3.22 23.74
N GLU B 34 19.99 3.18 24.59
CA GLU B 34 20.21 1.95 25.40
C GLU B 34 18.91 1.56 26.11
N ASP B 35 18.30 2.48 26.81
CA ASP B 35 17.04 2.15 27.52
C ASP B 35 15.95 1.82 26.49
N GLY B 36 15.90 2.55 25.42
CA GLY B 36 14.87 2.28 24.38
C GLY B 36 15.18 0.94 23.70
N GLU B 37 16.41 0.70 23.39
CA GLU B 37 16.77 -0.58 22.73
C GLU B 37 16.53 -1.75 23.69
N TYR B 38 16.82 -1.56 24.95
CA TYR B 38 16.60 -2.65 25.94
C TYR B 38 15.10 -2.79 26.24
N LEU B 39 14.41 -1.68 26.35
CA LEU B 39 12.95 -1.75 26.66
C LEU B 39 12.17 -2.24 25.43
N MET B 40 12.47 -1.71 24.27
CA MET B 40 11.73 -2.15 23.05
C MET B 40 12.03 -3.62 22.77
N ASP B 41 13.17 -4.10 23.18
CA ASP B 41 13.52 -5.53 22.92
C ASP B 41 12.46 -6.44 23.55
N ILE B 42 12.07 -6.18 24.77
CA ILE B 42 11.05 -7.03 25.43
C ILE B 42 9.64 -6.50 25.13
N ARG B 43 9.46 -5.20 25.16
CA ARG B 43 8.11 -4.62 24.86
C ARG B 43 8.08 -4.18 23.40
N ASN B 44 6.95 -4.33 22.75
CA ASN B 44 6.82 -3.92 21.32
C ASN B 44 6.05 -2.60 21.24
N TYR B 45 6.31 -1.80 20.23
CA TYR B 45 5.61 -0.50 20.08
C TYR B 45 5.24 -0.29 18.60
N ASP B 46 4.07 0.23 18.35
CA ASP B 46 3.66 0.46 16.93
C ASP B 46 4.31 1.74 16.42
N LEU B 47 4.41 2.74 17.27
CA LEU B 47 5.04 4.04 16.85
C LEU B 47 6.42 4.16 17.51
N VAL B 48 7.46 4.20 16.72
CA VAL B 48 8.83 4.34 17.29
C VAL B 48 9.26 5.79 17.16
N MET B 49 9.13 6.56 18.21
CA MET B 49 9.51 8.01 18.15
C MET B 49 10.73 8.27 19.04
N VAL B 50 11.69 8.97 18.54
CA VAL B 50 12.92 9.28 19.34
C VAL B 50 13.44 10.68 18.96
N SER B 51 13.77 11.47 19.95
CA SER B 51 14.29 12.85 19.67
C SER B 51 15.82 12.85 19.75
N ASP B 52 16.41 11.68 19.82
CA ASP B 52 17.90 11.61 19.90
C ASP B 52 18.50 11.88 18.51
N LYS B 53 19.57 12.63 18.46
CA LYS B 53 20.20 12.93 17.13
C LYS B 53 20.93 11.71 16.60
N ASN B 54 21.60 10.98 17.45
CA ASN B 54 22.35 9.78 16.98
C ASN B 54 21.35 8.65 16.65
N ALA B 55 20.09 8.98 16.58
CA ALA B 55 19.07 7.94 16.26
C ALA B 55 19.23 7.47 14.81
N LEU B 56 19.84 8.27 13.98
CA LEU B 56 20.01 7.88 12.53
C LEU B 56 20.39 6.40 12.43
N SER B 57 21.36 5.96 13.17
CA SER B 57 21.76 4.53 13.10
C SER B 57 20.64 3.67 13.71
N PHE B 58 19.99 4.18 14.72
CA PHE B 58 18.90 3.41 15.37
C PHE B 58 17.73 3.24 14.41
N VAL B 59 17.12 4.32 13.98
CA VAL B 59 15.99 4.20 13.04
C VAL B 59 16.36 3.28 11.88
N SER B 60 17.59 3.31 11.46
CA SER B 60 18.02 2.44 10.33
C SER B 60 17.74 0.98 10.68
N ARG B 61 18.25 0.52 11.80
CA ARG B 61 18.01 -0.91 12.18
C ARG B 61 16.53 -1.14 12.47
N ILE B 62 15.82 -0.14 12.92
CA ILE B 62 14.37 -0.34 13.22
C ILE B 62 13.60 -0.62 11.92
N LYS B 63 13.98 0.01 10.84
CA LYS B 63 13.26 -0.22 9.56
C LYS B 63 13.58 -1.62 9.01
N GLU B 64 14.84 -1.98 8.95
CA GLU B 64 15.17 -3.32 8.40
C GLU B 64 14.71 -4.42 9.37
N LYS B 65 14.90 -4.21 10.64
CA LYS B 65 14.47 -5.25 11.64
C LYS B 65 12.95 -5.23 11.78
N HIS B 66 12.31 -4.13 11.46
CA HIS B 66 10.83 -4.07 11.60
C HIS B 66 10.28 -2.99 10.66
N SER B 67 10.44 -3.15 9.39
CA SER B 67 9.93 -2.12 8.43
C SER B 67 8.43 -1.93 8.64
N SER B 68 7.75 -2.96 9.07
CA SER B 68 6.27 -2.84 9.29
C SER B 68 5.99 -1.79 10.37
N ILE B 69 6.91 -1.58 11.27
CA ILE B 69 6.68 -0.57 12.35
C ILE B 69 6.91 0.83 11.79
N VAL B 70 6.31 1.82 12.40
CA VAL B 70 6.49 3.23 11.93
C VAL B 70 7.59 3.91 12.75
N VAL B 71 8.26 4.89 12.19
CA VAL B 71 9.36 5.58 12.93
C VAL B 71 9.21 7.09 12.80
N LEU B 72 9.21 7.80 13.90
CA LEU B 72 9.07 9.29 13.86
C LEU B 72 10.30 9.91 14.51
N VAL B 73 11.23 10.36 13.71
CA VAL B 73 12.46 10.99 14.26
C VAL B 73 12.27 12.50 14.33
N SER B 74 12.64 13.12 15.41
CA SER B 74 12.48 14.60 15.53
C SER B 74 13.86 15.26 15.41
N SER B 75 13.91 16.57 15.36
CA SER B 75 15.24 17.24 15.22
C SER B 75 15.11 18.74 15.54
N ASP B 76 15.82 19.20 16.53
CA ASP B 76 15.75 20.64 16.90
C ASP B 76 16.36 21.48 15.78
N ASN B 77 17.09 20.86 14.90
CA ASN B 77 17.74 21.59 13.76
C ASN B 77 17.16 21.06 12.43
N PRO B 78 15.91 21.34 12.14
CA PRO B 78 15.28 20.85 10.89
C PRO B 78 15.96 21.44 9.65
N THR B 79 17.09 20.90 9.29
CA THR B 79 17.83 21.39 8.10
C THR B 79 17.57 20.44 6.93
N SER B 80 18.02 20.78 5.76
CA SER B 80 17.78 19.89 4.59
C SER B 80 18.73 18.69 4.62
N GLU B 81 19.87 18.82 5.24
CA GLU B 81 20.82 17.67 5.29
C GLU B 81 20.22 16.54 6.13
N GLU B 82 19.57 16.87 7.22
CA GLU B 82 18.97 15.82 8.07
C GLU B 82 17.66 15.34 7.45
N GLU B 83 16.95 16.21 6.79
CA GLU B 83 15.66 15.78 6.17
C GLU B 83 15.93 14.72 5.09
N VAL B 84 16.81 15.00 4.18
CA VAL B 84 17.11 14.01 3.11
C VAL B 84 17.73 12.75 3.74
N HIS B 85 18.59 12.93 4.70
CA HIS B 85 19.22 11.74 5.35
C HIS B 85 18.16 10.97 6.14
N ALA B 86 17.17 11.65 6.66
CA ALA B 86 16.12 10.95 7.45
C ALA B 86 15.34 10.00 6.53
N PHE B 87 15.02 10.44 5.34
CA PHE B 87 14.26 9.55 4.41
C PHE B 87 15.23 8.57 3.76
N GLU B 88 16.48 8.93 3.68
CA GLU B 88 17.48 8.01 3.05
C GLU B 88 17.82 6.88 4.03
N GLN B 89 18.17 7.23 5.23
CA GLN B 89 18.53 6.19 6.24
C GLN B 89 17.32 5.28 6.48
N GLY B 90 16.16 5.85 6.69
CA GLY B 90 14.94 5.01 6.94
C GLY B 90 14.07 5.66 8.02
N ALA B 91 13.42 6.75 7.71
CA ALA B 91 12.54 7.44 8.71
C ALA B 91 11.14 7.56 8.12
N ASP B 92 10.12 7.27 8.88
CA ASP B 92 8.73 7.38 8.34
C ASP B 92 8.23 8.82 8.48
N ASP B 93 8.79 9.57 9.40
CA ASP B 93 8.34 10.98 9.58
C ASP B 93 9.49 11.81 10.15
N TYR B 94 9.46 13.10 9.94
CA TYR B 94 10.54 14.00 10.44
C TYR B 94 9.88 15.26 11.01
N ILE B 95 9.74 15.37 12.32
CA ILE B 95 9.07 16.59 12.91
C ILE B 95 10.11 17.49 13.60
N ALA B 96 9.90 18.78 13.58
CA ALA B 96 10.86 19.69 14.26
C ALA B 96 10.76 19.43 15.76
N LYS B 97 11.85 19.15 16.40
CA LYS B 97 11.80 18.87 17.86
C LYS B 97 10.94 19.89 18.60
N PRO B 98 11.20 21.17 18.47
CA PRO B 98 10.43 22.17 19.22
C PRO B 98 8.92 21.86 19.26
N TYR B 99 8.48 20.90 18.48
CA TYR B 99 7.06 20.51 18.45
C TYR B 99 6.18 21.69 18.06
N ARG B 100 5.83 21.80 16.80
CA ARG B 100 4.97 22.93 16.37
C ARG B 100 3.73 22.96 17.26
N SER B 101 3.21 21.82 17.58
CA SER B 101 2.01 21.74 18.46
C SER B 101 1.71 20.28 18.78
N ILE B 102 1.56 19.94 20.03
CA ILE B 102 1.27 18.52 20.38
C ILE B 102 0.06 18.05 19.56
N LYS B 103 -0.89 18.92 19.34
CA LYS B 103 -2.08 18.52 18.54
C LYS B 103 -1.63 18.13 17.14
N ALA B 104 -0.66 18.82 16.61
CA ALA B 104 -0.17 18.48 15.24
C ALA B 104 0.58 17.15 15.27
N LEU B 105 1.55 17.02 16.14
CA LEU B 105 2.32 15.75 16.23
C LEU B 105 1.34 14.61 16.54
N VAL B 106 0.51 14.76 17.53
CA VAL B 106 -0.47 13.69 17.87
C VAL B 106 -1.47 13.50 16.73
N ALA B 107 -1.91 14.58 16.13
CA ALA B 107 -2.89 14.45 15.02
C ALA B 107 -2.31 13.56 13.92
N ARG B 108 -1.05 13.68 13.65
CA ARG B 108 -0.43 12.84 12.59
C ARG B 108 -0.19 11.42 13.11
N ILE B 109 -0.05 11.27 14.41
CA ILE B 109 0.20 9.91 14.97
C ILE B 109 -1.13 9.16 15.07
N GLU B 110 -2.15 9.80 15.53
CA GLU B 110 -3.46 9.10 15.66
C GLU B 110 -4.02 8.79 14.27
N ALA B 111 -3.86 9.68 13.34
CA ALA B 111 -4.39 9.43 11.97
C ALA B 111 -3.62 8.26 11.32
N ARG B 112 -2.32 8.31 11.36
CA ARG B 112 -1.51 7.21 10.74
C ARG B 112 -1.75 5.91 11.51
N LEU B 113 -1.75 5.95 12.80
CA LEU B 113 -1.97 4.70 13.60
C LEU B 113 -3.38 4.18 13.34
N ARG B 114 -4.38 4.99 13.56
CA ARG B 114 -5.78 4.53 13.31
C ARG B 114 -5.89 3.92 11.92
N PHE B 115 -5.10 4.39 10.99
CA PHE B 115 -5.17 3.84 9.60
C PHE B 115 -4.30 2.57 9.50
N TRP B 116 -3.74 2.13 10.59
CA TRP B 116 -2.89 0.91 10.55
C TRP B 116 -3.76 -0.32 10.24
N GLY B 117 -5.04 -0.21 10.46
CA GLY B 117 -5.94 -1.37 10.19
C GLY B 117 -6.00 -1.63 8.68
N SER B 118 -5.48 -2.75 8.24
CA SER B 118 -5.52 -3.06 6.79
C SER B 118 -5.49 -4.56 6.58
N ASN B 119 -5.82 -5.00 5.40
CA ASN B 119 -5.85 -6.46 5.14
C ASN B 119 -5.73 -6.69 3.63
N VAL B 120 -5.46 -7.90 3.22
CA VAL B 120 -5.33 -8.20 1.76
C VAL B 120 -5.87 -9.61 1.49
N ILE B 121 -5.52 -10.56 2.32
CA ILE B 121 -6.00 -11.97 2.13
C ILE B 121 -7.05 -12.29 3.19
N GLU B 122 -8.20 -12.77 2.77
CA GLU B 122 -9.28 -13.12 3.74
C GLU B 122 -9.63 -14.61 3.61
N ILE B 123 -9.45 -15.37 4.65
CA ILE B 123 -9.76 -16.83 4.61
C ILE B 123 -10.75 -17.15 5.73
N GLY B 124 -11.98 -17.43 5.38
CA GLY B 124 -13.00 -17.75 6.42
C GLY B 124 -12.92 -16.73 7.55
N ASP B 125 -12.93 -17.19 8.77
CA ASP B 125 -12.85 -16.25 9.93
C ASP B 125 -11.38 -15.88 10.20
N LEU B 126 -10.48 -16.46 9.45
CA LEU B 126 -9.03 -16.17 9.65
C LEU B 126 -8.65 -15.00 8.73
N THR B 127 -7.74 -14.16 9.17
CA THR B 127 -7.31 -13.01 8.31
C THR B 127 -5.79 -12.98 8.25
N ILE B 128 -5.24 -12.78 7.07
CA ILE B 128 -3.75 -12.74 6.92
C ILE B 128 -3.36 -11.58 6.00
N SER B 129 -2.26 -10.93 6.29
CA SER B 129 -1.81 -9.78 5.42
C SER B 129 -0.28 -9.88 5.23
N PRO B 130 0.21 -9.94 4.00
CA PRO B 130 1.67 -10.03 3.74
C PRO B 130 2.36 -8.67 3.82
N ASP B 131 1.74 -7.64 3.32
CA ASP B 131 2.37 -6.30 3.37
C ASP B 131 2.83 -6.00 4.79
N GLU B 132 1.96 -6.16 5.75
CA GLU B 132 2.35 -5.90 7.17
C GLU B 132 2.99 -7.16 7.76
N GLU B 133 2.95 -8.24 7.03
CA GLU B 133 3.54 -9.51 7.54
C GLU B 133 2.95 -9.83 8.92
N LYS B 134 1.68 -10.17 8.97
CA LYS B 134 1.05 -10.50 10.28
C LYS B 134 -0.05 -11.55 10.07
N ILE B 135 -0.21 -12.45 11.01
CA ILE B 135 -1.25 -13.52 10.90
C ILE B 135 -2.24 -13.37 12.06
N ILE B 136 -3.51 -13.51 11.78
CA ILE B 136 -4.56 -13.39 12.86
C ILE B 136 -5.44 -14.64 12.85
N TYR B 137 -5.54 -15.33 13.96
CA TYR B 137 -6.39 -16.56 14.01
C TYR B 137 -7.13 -16.63 15.35
N LYS B 138 -8.34 -17.12 15.33
CA LYS B 138 -9.14 -17.23 16.60
C LYS B 138 -9.20 -15.88 17.30
N GLY B 139 -9.18 -14.80 16.56
CA GLY B 139 -9.24 -13.46 17.20
C GLY B 139 -7.90 -13.11 17.85
N ARG B 140 -6.98 -14.04 17.87
CA ARG B 140 -5.65 -13.76 18.48
C ARG B 140 -4.73 -13.16 17.41
N GLU B 141 -4.09 -12.05 17.71
CA GLU B 141 -3.19 -11.40 16.71
C GLU B 141 -1.74 -11.77 17.01
N VAL B 142 -1.01 -12.21 16.03
CA VAL B 142 0.42 -12.59 16.24
C VAL B 142 1.26 -12.04 15.08
N GLU B 143 2.36 -11.40 15.38
CA GLU B 143 3.23 -10.86 14.30
C GLU B 143 4.13 -11.97 13.77
N VAL B 144 4.26 -12.09 12.48
CA VAL B 144 5.13 -13.16 11.88
C VAL B 144 5.98 -12.55 10.77
N LYS B 145 7.24 -12.89 10.73
CA LYS B 145 8.13 -12.33 9.67
C LYS B 145 9.45 -13.12 9.65
N GLY B 146 9.45 -14.31 10.17
CA GLY B 146 10.70 -15.13 10.18
C GLY B 146 10.79 -15.98 8.91
N LYS B 147 11.89 -16.66 8.72
CA LYS B 147 12.05 -17.51 7.50
C LYS B 147 11.02 -18.66 7.52
N PRO B 148 11.05 -19.54 8.49
CA PRO B 148 10.08 -20.68 8.57
C PRO B 148 8.63 -20.21 8.51
N PHE B 149 8.38 -18.99 8.92
CA PHE B 149 6.98 -18.47 8.88
C PHE B 149 6.71 -17.84 7.51
N GLU B 150 7.72 -17.59 6.75
CA GLU B 150 7.52 -16.98 5.41
C GLU B 150 6.69 -17.92 4.54
N VAL B 151 7.01 -19.20 4.53
CA VAL B 151 6.23 -20.16 3.71
C VAL B 151 4.75 -20.07 4.13
N LEU B 152 4.50 -19.83 5.38
CA LEU B 152 3.09 -19.73 5.86
C LEU B 152 2.40 -18.58 5.13
N THR B 153 3.03 -17.43 5.11
CA THR B 153 2.44 -16.26 4.40
C THR B 153 2.51 -16.52 2.90
N HIS B 154 3.49 -17.25 2.46
CA HIS B 154 3.61 -17.52 1.00
C HIS B 154 2.31 -18.14 0.47
N LEU B 155 1.92 -19.27 0.99
CA LEU B 155 0.66 -19.91 0.49
C LEU B 155 -0.54 -19.05 0.89
N ALA B 156 -0.42 -18.28 1.94
CA ALA B 156 -1.56 -17.43 2.36
C ALA B 156 -2.03 -16.56 1.19
N ARG B 157 -1.11 -15.96 0.48
CA ARG B 157 -1.53 -15.07 -0.66
C ARG B 157 -1.80 -15.89 -1.92
N HIS B 158 -0.95 -16.83 -2.26
CA HIS B 158 -1.22 -17.64 -3.49
C HIS B 158 -2.64 -18.17 -3.42
N ARG B 159 -2.85 -19.26 -2.74
CA ARG B 159 -4.22 -19.82 -2.60
C ARG B 159 -4.83 -20.08 -3.99
N ASP B 160 -5.73 -21.03 -4.07
CA ASP B 160 -6.40 -21.34 -5.39
C ASP B 160 -5.35 -21.33 -6.51
N GLN B 161 -4.27 -22.04 -6.34
CA GLN B 161 -3.23 -22.06 -7.40
C GLN B 161 -2.39 -23.34 -7.30
N ILE B 162 -1.95 -23.86 -8.42
CA ILE B 162 -1.13 -25.10 -8.39
C ILE B 162 0.35 -24.70 -8.29
N VAL B 163 1.05 -25.22 -7.31
CA VAL B 163 2.49 -24.87 -7.13
C VAL B 163 3.29 -26.14 -6.84
N SER B 164 4.43 -26.28 -7.46
CA SER B 164 5.25 -27.51 -7.24
C SER B 164 6.07 -27.38 -5.95
N LYS B 165 6.62 -28.48 -5.49
CA LYS B 165 7.43 -28.47 -4.25
C LYS B 165 8.71 -27.66 -4.47
N GLU B 166 9.39 -27.90 -5.56
CA GLU B 166 10.65 -27.16 -5.83
C GLU B 166 10.40 -25.66 -5.86
N GLN B 167 9.28 -25.23 -6.37
CA GLN B 167 8.98 -23.77 -6.42
C GLN B 167 9.11 -23.17 -5.01
N LEU B 168 8.56 -23.82 -4.02
CA LEU B 168 8.66 -23.28 -2.64
C LEU B 168 10.12 -23.32 -2.19
N LEU B 169 10.83 -24.35 -2.54
CA LEU B 169 12.26 -24.46 -2.13
C LEU B 169 13.00 -23.21 -2.59
N ASP B 170 12.93 -22.91 -3.87
CA ASP B 170 13.65 -21.71 -4.39
C ASP B 170 12.97 -20.43 -3.86
N ALA B 171 11.77 -20.55 -3.36
CA ALA B 171 11.06 -19.34 -2.85
C ALA B 171 11.65 -18.90 -1.49
N ILE B 172 11.65 -19.76 -0.51
CA ILE B 172 12.20 -19.36 0.81
C ILE B 172 13.73 -19.45 0.77
N TRP B 173 14.25 -20.51 0.22
CA TRP B 173 15.73 -20.67 0.15
C TRP B 173 16.23 -20.16 -1.21
N GLU B 174 15.95 -18.93 -1.53
CA GLU B 174 16.42 -18.37 -2.83
C GLU B 174 17.95 -18.31 -2.82
N GLU B 175 18.56 -18.60 -1.70
CA GLU B 175 20.05 -18.58 -1.62
C GLU B 175 20.61 -19.37 -2.81
N PRO B 176 21.92 -19.37 -3.01
CA PRO B 176 22.56 -20.12 -4.15
C PRO B 176 22.23 -21.63 -4.12
N GLU B 177 21.02 -21.98 -3.81
CA GLU B 177 20.64 -23.42 -3.77
C GLU B 177 21.65 -24.20 -2.93
N MET B 178 22.14 -25.29 -3.43
CA MET B 178 23.13 -26.10 -2.65
C MET B 178 22.59 -26.34 -1.24
N VAL B 179 21.32 -26.12 -1.05
CA VAL B 179 20.73 -26.34 0.31
C VAL B 179 20.41 -27.82 0.49
N THR B 180 19.14 -28.16 0.54
CA THR B 180 18.74 -29.60 0.71
C THR B 180 17.62 -29.94 -0.28
N PRO B 181 17.95 -30.16 -1.53
CA PRO B 181 16.93 -30.49 -2.56
C PRO B 181 16.50 -31.96 -2.48
N ASN B 182 16.35 -32.47 -1.29
CA ASN B 182 15.93 -33.89 -1.12
C ASN B 182 15.12 -34.02 0.17
N VAL B 183 15.18 -33.03 1.02
CA VAL B 183 14.40 -33.08 2.30
C VAL B 183 13.10 -32.30 2.14
N ILE B 184 12.79 -31.87 0.95
CA ILE B 184 11.54 -31.10 0.73
C ILE B 184 10.35 -31.92 1.23
N GLU B 185 10.33 -33.19 0.96
CA GLU B 185 9.18 -34.04 1.43
C GLU B 185 9.01 -33.87 2.94
N VAL B 186 10.07 -33.53 3.63
CA VAL B 186 9.96 -33.34 5.10
C VAL B 186 9.34 -31.98 5.39
N ALA B 187 9.92 -30.93 4.85
CA ALA B 187 9.37 -29.56 5.10
C ALA B 187 7.89 -29.53 4.77
N ILE B 188 7.50 -30.04 3.64
CA ILE B 188 6.05 -30.01 3.28
C ILE B 188 5.26 -30.82 4.31
N ASN B 189 5.76 -31.96 4.70
CA ASN B 189 5.03 -32.77 5.71
C ASN B 189 4.93 -31.98 7.02
N GLN B 190 5.99 -31.30 7.40
CA GLN B 190 5.95 -30.51 8.65
C GLN B 190 5.00 -29.33 8.50
N ILE B 191 5.05 -28.66 7.38
CA ILE B 191 4.14 -27.49 7.18
C ILE B 191 2.68 -27.93 7.30
N ARG B 192 2.35 -29.07 6.77
CA ARG B 192 0.94 -29.56 6.85
C ARG B 192 0.57 -29.81 8.30
N GLN B 193 1.46 -30.37 9.07
CA GLN B 193 1.15 -30.66 10.50
C GLN B 193 1.18 -29.36 11.33
N LYS B 194 2.09 -28.47 11.04
CA LYS B 194 2.14 -27.21 11.84
C LYS B 194 0.97 -26.29 11.46
N MET B 195 0.34 -26.54 10.34
CA MET B 195 -0.79 -25.67 9.90
C MET B 195 -2.12 -26.27 10.35
N ASP B 196 -2.17 -27.56 10.57
CA ASP B 196 -3.44 -28.21 11.01
C ASP B 196 -3.49 -28.35 12.54
N LYS B 197 -2.44 -27.98 13.22
CA LYS B 197 -2.43 -28.11 14.71
C LYS B 197 -2.92 -26.80 15.36
N PRO B 198 -2.48 -25.67 14.86
CA PRO B 198 -2.88 -24.35 15.41
C PRO B 198 -4.17 -23.81 14.76
N LEU B 199 -4.23 -23.77 13.45
CA LEU B 199 -5.46 -23.25 12.79
C LEU B 199 -6.59 -24.26 12.96
N GLY B 200 -6.29 -25.53 12.86
CA GLY B 200 -7.36 -26.57 13.02
C GLY B 200 -8.09 -26.79 11.70
N ILE B 201 -8.01 -25.84 10.79
CA ILE B 201 -8.70 -25.99 9.48
C ILE B 201 -7.67 -26.33 8.39
N SER B 202 -7.99 -27.25 7.52
CA SER B 202 -7.02 -27.63 6.44
C SER B 202 -7.34 -26.84 5.17
N THR B 203 -6.33 -26.35 4.50
CA THR B 203 -6.55 -25.57 3.25
C THR B 203 -5.46 -25.91 2.24
N VAL B 204 -5.01 -27.13 2.24
CA VAL B 204 -3.93 -27.55 1.28
C VAL B 204 -4.31 -28.89 0.63
N GLU B 205 -4.17 -28.97 -0.67
CA GLU B 205 -4.50 -30.23 -1.40
C GLU B 205 -3.22 -30.83 -1.98
N THR B 206 -2.99 -32.09 -1.79
CA THR B 206 -1.75 -32.73 -2.33
C THR B 206 -2.01 -33.28 -3.73
N VAL B 207 -1.05 -33.13 -4.61
CA VAL B 207 -1.22 -33.64 -6.01
C VAL B 207 0.10 -34.29 -6.46
N ARG B 208 0.06 -35.54 -6.85
CA ARG B 208 1.30 -36.23 -7.29
C ARG B 208 1.68 -35.76 -8.70
N ARG B 209 0.72 -35.68 -9.58
CA ARG B 209 1.03 -35.24 -10.98
C ARG B 209 1.83 -33.94 -10.97
N ARG B 210 1.27 -32.90 -10.40
CA ARG B 210 2.02 -31.60 -10.35
C ARG B 210 2.75 -31.48 -9.01
N GLY B 211 2.02 -31.29 -7.94
CA GLY B 211 2.68 -31.16 -6.61
C GLY B 211 1.62 -30.89 -5.54
N TYR B 212 1.38 -29.64 -5.23
CA TYR B 212 0.35 -29.30 -4.20
C TYR B 212 -0.52 -28.15 -4.71
N ARG B 213 -1.79 -28.20 -4.44
CA ARG B 213 -2.73 -27.12 -4.88
C ARG B 213 -3.38 -26.50 -3.64
N PHE B 214 -3.33 -25.19 -3.53
CA PHE B 214 -3.94 -24.52 -2.34
C PHE B 214 -5.30 -23.96 -2.71
N CYS B 215 -6.28 -24.10 -1.84
CA CYS B 215 -7.64 -23.58 -2.13
C CYS B 215 -8.36 -23.25 -0.82
N TYR B 216 -9.47 -22.56 -0.91
CA TYR B 216 -10.22 -22.20 0.34
C TYR B 216 -10.94 -23.45 0.88
N PRO B 217 -11.15 -23.54 2.17
CA PRO B 217 -11.85 -24.71 2.79
C PRO B 217 -13.37 -24.64 2.58
N LYS B 218 -13.93 -25.62 1.91
CA LYS B 218 -15.40 -25.63 1.68
C LYS B 218 -15.81 -24.36 0.91
N PRO B 219 -16.87 -24.41 0.13
CA PRO B 219 -17.33 -23.22 -0.64
C PRO B 219 -17.20 -21.92 0.17
N ALA B 220 -17.16 -22.04 1.47
CA ALA B 220 -17.02 -20.81 2.31
C ALA B 220 -18.06 -19.77 1.86
N CYS B 221 -19.06 -20.18 1.13
CA CYS B 221 -20.10 -19.22 0.66
C CYS B 221 -21.49 -19.85 0.85
N GLU B 222 -22.50 -19.04 1.01
CA GLU B 222 -23.87 -19.58 1.20
C GLU B 222 -24.90 -18.53 0.79
N GLU B 223 -26.10 -18.94 0.48
CA GLU B 223 -27.14 -17.97 0.06
C GLU B 223 -26.60 -17.09 -1.06
N MET A 1 3.39 8.17 -15.22
CA MET A 1 3.37 9.00 -13.99
C MET A 1 3.74 10.45 -14.35
N ARG A 2 3.05 11.41 -13.79
CA ARG A 2 3.35 12.84 -14.10
C ARG A 2 3.26 13.66 -12.81
N VAL A 3 3.93 14.79 -12.77
CA VAL A 3 3.90 15.66 -11.54
C VAL A 3 3.19 16.99 -11.87
N LEU A 4 2.18 17.33 -11.12
CA LEU A 4 1.44 18.60 -11.37
C LEU A 4 1.94 19.67 -10.38
N LEU A 5 2.50 20.74 -10.88
CA LEU A 5 3.01 21.84 -10.00
C LEU A 5 2.27 23.14 -10.33
N ILE A 6 1.58 23.70 -9.36
CA ILE A 6 0.85 24.99 -9.61
C ILE A 6 1.60 26.12 -8.91
N GLU A 7 2.09 27.07 -9.65
CA GLU A 7 2.85 28.20 -9.02
C GLU A 7 2.70 29.45 -9.89
N LYS A 8 2.30 30.55 -9.30
CA LYS A 8 2.14 31.80 -10.09
C LYS A 8 3.52 32.42 -10.32
N ASN A 9 4.47 32.12 -9.47
CA ASN A 9 5.83 32.68 -9.63
C ASN A 9 6.40 32.27 -11.00
N SER A 10 7.70 32.18 -11.11
CA SER A 10 8.31 31.78 -12.41
C SER A 10 9.69 31.18 -12.16
N VAL A 11 10.56 31.91 -11.51
CA VAL A 11 11.92 31.37 -11.23
C VAL A 11 11.82 30.15 -10.32
N LEU A 12 11.02 30.23 -9.30
CA LEU A 12 10.87 29.06 -8.37
C LEU A 12 10.18 27.91 -9.12
N GLY A 13 9.26 28.22 -9.98
CA GLY A 13 8.56 27.14 -10.73
C GLY A 13 9.51 26.64 -11.83
N GLY A 14 10.48 27.44 -12.17
CA GLY A 14 11.44 27.04 -13.23
C GLY A 14 12.50 26.10 -12.65
N GLU A 15 13.13 26.47 -11.56
CA GLU A 15 14.17 25.59 -10.97
C GLU A 15 13.54 24.24 -10.60
N ILE A 16 12.37 24.25 -10.01
CA ILE A 16 11.72 22.95 -9.65
C ILE A 16 11.46 22.18 -10.95
N GLU A 17 10.92 22.82 -11.94
CA GLU A 17 10.65 22.13 -13.23
C GLU A 17 11.86 21.28 -13.64
N LYS A 18 13.03 21.88 -13.67
CA LYS A 18 14.25 21.10 -14.06
C LYS A 18 14.87 20.49 -12.82
N GLY A 19 14.24 20.64 -11.69
CA GLY A 19 14.80 20.06 -10.43
C GLY A 19 14.37 18.60 -10.30
N LEU A 20 13.09 18.34 -10.28
CA LEU A 20 12.62 16.94 -10.15
C LEU A 20 12.81 16.18 -11.46
N ASN A 21 12.97 16.89 -12.55
CA ASN A 21 13.17 16.20 -13.86
C ASN A 21 14.39 15.27 -13.78
N VAL A 22 15.41 15.69 -13.10
CA VAL A 22 16.63 14.83 -12.99
C VAL A 22 16.22 13.45 -12.50
N LYS A 23 15.19 13.39 -11.69
CA LYS A 23 14.74 12.07 -11.16
C LYS A 23 13.99 11.33 -12.26
N GLY A 24 13.88 11.94 -13.41
CA GLY A 24 13.19 11.29 -14.55
C GLY A 24 11.67 11.45 -14.41
N PHE A 25 11.23 12.49 -13.77
CA PHE A 25 9.75 12.73 -13.60
C PHE A 25 9.32 13.86 -14.54
N MET A 26 8.05 13.90 -14.89
CA MET A 26 7.55 14.98 -15.79
C MET A 26 7.01 16.12 -14.94
N ALA A 27 7.60 17.28 -15.06
CA ALA A 27 7.12 18.45 -14.24
C ALA A 27 6.19 19.33 -15.08
N ASP A 28 5.07 19.71 -14.52
CA ASP A 28 4.11 20.60 -15.27
C ASP A 28 3.85 21.86 -14.45
N VAL A 29 3.94 23.01 -15.06
CA VAL A 29 3.71 24.29 -14.33
C VAL A 29 2.36 24.85 -14.78
N THR A 30 1.53 25.27 -13.86
CA THR A 30 0.20 25.82 -14.23
C THR A 30 -0.08 27.08 -13.40
N GLU A 31 -1.11 27.82 -13.75
CA GLU A 31 -1.44 29.07 -13.00
C GLU A 31 -2.48 28.76 -11.92
N SER A 32 -3.71 29.13 -12.15
CA SER A 32 -4.77 28.87 -11.12
C SER A 32 -5.22 27.41 -11.18
N LEU A 33 -5.93 26.97 -10.17
CA LEU A 33 -6.40 25.56 -10.14
C LEU A 33 -7.15 25.23 -11.44
N GLU A 34 -7.83 26.18 -12.01
CA GLU A 34 -8.57 25.90 -13.27
C GLU A 34 -7.64 25.28 -14.30
N ASP A 35 -6.48 25.85 -14.50
CA ASP A 35 -5.54 25.27 -15.49
C ASP A 35 -5.16 23.85 -15.07
N GLY A 36 -5.01 23.63 -13.80
CA GLY A 36 -4.65 22.27 -13.31
C GLY A 36 -5.88 21.35 -13.41
N GLU A 37 -7.04 21.88 -13.13
CA GLU A 37 -8.27 21.05 -13.21
C GLU A 37 -8.48 20.58 -14.65
N TYR A 38 -8.21 21.43 -15.61
CA TYR A 38 -8.40 21.03 -17.03
C TYR A 38 -7.23 20.14 -17.46
N LEU A 39 -6.04 20.44 -17.00
CA LEU A 39 -4.85 19.63 -17.39
C LEU A 39 -4.97 18.22 -16.81
N MET A 40 -5.31 18.11 -15.55
CA MET A 40 -5.43 16.77 -14.92
C MET A 40 -6.65 16.03 -15.49
N ASP A 41 -7.62 16.76 -15.98
CA ASP A 41 -8.83 16.09 -16.53
C ASP A 41 -8.46 15.30 -17.79
N ILE A 42 -7.61 15.84 -18.62
CA ILE A 42 -7.22 15.11 -19.86
C ILE A 42 -6.18 14.03 -19.53
N ARG A 43 -5.32 14.28 -18.58
CA ARG A 43 -4.27 13.27 -18.20
C ARG A 43 -4.28 13.08 -16.69
N ASN A 44 -3.97 11.89 -16.24
CA ASN A 44 -3.96 11.62 -14.77
C ASN A 44 -2.54 11.84 -14.22
N TYR A 45 -2.42 12.55 -13.13
CA TYR A 45 -1.07 12.80 -12.53
C TYR A 45 -0.92 11.98 -11.26
N ASP A 46 0.25 11.47 -11.00
CA ASP A 46 0.47 10.66 -9.77
C ASP A 46 0.77 11.59 -8.60
N LEU A 47 1.58 12.60 -8.83
CA LEU A 47 1.92 13.57 -7.74
C LEU A 47 1.18 14.88 -7.98
N VAL A 48 0.25 15.23 -7.12
CA VAL A 48 -0.49 16.51 -7.29
C VAL A 48 0.11 17.56 -6.36
N MET A 49 0.97 18.39 -6.89
CA MET A 49 1.63 19.45 -6.07
C MET A 49 1.02 20.81 -6.42
N VAL A 50 0.52 21.52 -5.43
CA VAL A 50 -0.10 22.84 -5.68
C VAL A 50 0.39 23.85 -4.63
N SER A 51 0.79 25.02 -5.07
CA SER A 51 1.28 26.07 -4.13
C SER A 51 0.18 27.12 -3.92
N ASP A 52 -0.98 26.90 -4.49
CA ASP A 52 -2.09 27.89 -4.33
C ASP A 52 -2.70 27.76 -2.93
N LYS A 53 -3.16 28.84 -2.37
CA LYS A 53 -3.75 28.79 -1.00
C LYS A 53 -5.21 28.31 -1.09
N ASN A 54 -5.94 28.77 -2.07
CA ASN A 54 -7.37 28.35 -2.19
C ASN A 54 -7.43 26.87 -2.60
N ALA A 55 -6.30 26.21 -2.62
CA ALA A 55 -6.28 24.78 -3.02
C ALA A 55 -6.96 23.92 -1.97
N LEU A 56 -7.07 24.39 -0.76
CA LEU A 56 -7.72 23.58 0.33
C LEU A 56 -8.98 22.90 -0.20
N SER A 57 -9.83 23.62 -0.88
CA SER A 57 -11.07 22.98 -1.41
C SER A 57 -10.71 22.04 -2.55
N PHE A 58 -9.74 22.41 -3.35
CA PHE A 58 -9.32 21.57 -4.51
C PHE A 58 -8.67 20.27 -4.00
N VAL A 59 -7.59 20.38 -3.28
CA VAL A 59 -6.91 19.15 -2.78
C VAL A 59 -7.93 18.27 -2.06
N SER A 60 -8.85 18.86 -1.36
CA SER A 60 -9.86 18.06 -0.63
C SER A 60 -10.60 17.16 -1.63
N ARG A 61 -11.18 17.72 -2.65
CA ARG A 61 -11.91 16.87 -3.64
C ARG A 61 -10.92 15.99 -4.41
N ILE A 62 -9.69 16.40 -4.56
CA ILE A 62 -8.73 15.54 -5.30
C ILE A 62 -8.68 14.18 -4.59
N LYS A 63 -8.73 14.18 -3.29
CA LYS A 63 -8.71 12.89 -2.54
C LYS A 63 -10.06 12.19 -2.71
N GLU A 64 -11.14 12.92 -2.64
CA GLU A 64 -12.48 12.28 -2.82
C GLU A 64 -12.62 11.78 -4.25
N LYS A 65 -12.35 12.63 -5.19
CA LYS A 65 -12.47 12.24 -6.63
C LYS A 65 -11.36 11.24 -6.98
N HIS A 66 -10.27 11.27 -6.26
CA HIS A 66 -9.15 10.33 -6.57
C HIS A 66 -8.37 10.03 -5.28
N SER A 67 -8.97 9.35 -4.35
CA SER A 67 -8.27 9.03 -3.07
C SER A 67 -6.98 8.27 -3.37
N SER A 68 -6.95 7.53 -4.44
CA SER A 68 -5.71 6.75 -4.76
C SER A 68 -4.70 7.66 -5.47
N ILE A 69 -4.44 8.82 -4.93
CA ILE A 69 -3.46 9.76 -5.56
C ILE A 69 -2.64 10.47 -4.47
N VAL A 70 -1.47 10.93 -4.81
CA VAL A 70 -0.63 11.65 -3.81
C VAL A 70 -0.85 13.16 -3.95
N VAL A 71 -0.73 13.90 -2.87
CA VAL A 71 -0.95 15.38 -2.96
C VAL A 71 0.08 16.10 -2.10
N LEU A 72 0.77 17.05 -2.67
CA LEU A 72 1.81 17.83 -1.91
C LEU A 72 1.37 19.29 -1.82
N VAL A 73 0.90 19.71 -0.68
CA VAL A 73 0.46 21.14 -0.52
C VAL A 73 1.60 21.95 0.08
N SER A 74 1.94 23.06 -0.52
CA SER A 74 3.05 23.90 0.02
C SER A 74 2.50 24.97 0.95
N SER A 75 3.36 25.69 1.65
CA SER A 75 2.86 26.74 2.56
C SER A 75 3.97 27.74 2.89
N ASP A 76 3.78 28.98 2.52
CA ASP A 76 4.81 30.02 2.78
C ASP A 76 4.98 30.21 4.30
N ASN A 77 3.93 29.98 5.05
CA ASN A 77 4.01 30.13 6.55
C ASN A 77 3.65 28.81 7.22
N PRO A 78 4.58 27.89 7.30
CA PRO A 78 4.34 26.57 7.93
C PRO A 78 3.69 26.71 9.31
N THR A 79 2.38 26.78 9.33
CA THR A 79 1.66 26.93 10.62
C THR A 79 1.15 25.56 11.09
N SER A 80 1.04 25.38 12.38
CA SER A 80 0.56 24.08 12.91
C SER A 80 -0.95 23.95 12.64
N GLU A 81 -1.68 25.01 12.83
CA GLU A 81 -3.15 24.95 12.58
C GLU A 81 -3.39 24.52 11.14
N GLU A 82 -2.59 24.99 10.23
CA GLU A 82 -2.76 24.60 8.80
C GLU A 82 -2.24 23.17 8.61
N GLU A 83 -1.32 22.74 9.44
CA GLU A 83 -0.79 21.36 9.31
C GLU A 83 -1.90 20.34 9.48
N VAL A 84 -2.58 20.38 10.60
CA VAL A 84 -3.70 19.40 10.83
C VAL A 84 -4.80 19.66 9.80
N HIS A 85 -5.09 20.90 9.52
CA HIS A 85 -6.15 21.20 8.52
C HIS A 85 -5.74 20.64 7.16
N ALA A 86 -4.47 20.68 6.86
CA ALA A 86 -4.01 20.16 5.54
C ALA A 86 -4.26 18.65 5.45
N PHE A 87 -4.05 17.93 6.51
CA PHE A 87 -4.29 16.45 6.46
C PHE A 87 -5.78 16.19 6.58
N GLU A 88 -6.48 17.00 7.33
CA GLU A 88 -7.94 16.78 7.47
C GLU A 88 -8.64 17.14 6.16
N GLN A 89 -8.18 18.16 5.48
CA GLN A 89 -8.82 18.55 4.19
C GLN A 89 -8.58 17.48 3.14
N GLY A 90 -7.36 17.02 3.00
CA GLY A 90 -7.06 15.96 1.98
C GLY A 90 -5.65 16.18 1.41
N ALA A 91 -4.67 16.37 2.25
CA ALA A 91 -3.26 16.58 1.77
C ALA A 91 -2.41 15.37 2.17
N ASP A 92 -1.63 14.86 1.26
CA ASP A 92 -0.76 13.68 1.60
C ASP A 92 0.54 14.19 2.24
N ASP A 93 0.89 15.41 1.96
CA ASP A 93 2.15 15.98 2.53
C ASP A 93 1.99 17.50 2.71
N TYR A 94 2.84 18.10 3.49
CA TYR A 94 2.74 19.57 3.73
C TYR A 94 4.16 20.14 3.90
N ILE A 95 4.70 20.77 2.87
CA ILE A 95 6.09 21.33 2.97
C ILE A 95 6.05 22.86 2.95
N ALA A 96 7.06 23.49 3.48
CA ALA A 96 7.10 24.97 3.47
C ALA A 96 7.26 25.45 2.03
N LYS A 97 6.69 26.56 1.68
CA LYS A 97 6.82 27.05 0.27
C LYS A 97 8.26 27.46 -0.04
N PRO A 98 8.86 28.36 0.71
CA PRO A 98 10.20 28.84 0.39
C PRO A 98 11.16 27.72 -0.05
N TYR A 99 10.74 26.49 0.10
CA TYR A 99 11.57 25.33 -0.32
C TYR A 99 12.81 25.23 0.58
N ARG A 100 12.89 24.24 1.43
CA ARG A 100 14.09 24.13 2.31
C ARG A 100 15.32 24.05 1.41
N SER A 101 15.20 23.44 0.25
CA SER A 101 16.36 23.36 -0.68
C SER A 101 15.93 22.70 -1.99
N ILE A 102 14.67 22.75 -2.32
CA ILE A 102 14.18 22.13 -3.60
C ILE A 102 14.69 20.68 -3.70
N LYS A 103 15.97 20.49 -3.85
CA LYS A 103 16.50 19.11 -3.93
C LYS A 103 16.02 18.37 -2.69
N ALA A 104 15.89 19.07 -1.60
CA ALA A 104 15.39 18.42 -0.36
C ALA A 104 13.91 18.09 -0.56
N LEU A 105 13.18 19.00 -1.15
CA LEU A 105 11.73 18.77 -1.40
C LEU A 105 11.59 17.55 -2.32
N VAL A 106 12.36 17.50 -3.38
CA VAL A 106 12.27 16.35 -4.32
C VAL A 106 12.67 15.07 -3.58
N ALA A 107 13.69 15.16 -2.75
CA ALA A 107 14.11 13.95 -2.00
C ALA A 107 12.91 13.36 -1.27
N ARG A 108 12.06 14.20 -0.73
CA ARG A 108 10.87 13.69 -0.01
C ARG A 108 9.90 13.06 -1.03
N ILE A 109 9.80 13.62 -2.21
CA ILE A 109 8.88 13.05 -3.22
C ILE A 109 9.43 11.70 -3.67
N GLU A 110 10.74 11.60 -3.74
CA GLU A 110 11.34 10.33 -4.18
C GLU A 110 10.92 9.20 -3.23
N ALA A 111 11.17 9.37 -1.96
CA ALA A 111 10.80 8.32 -0.98
C ALA A 111 9.30 8.02 -1.08
N ARG A 112 8.50 9.01 -1.36
CA ARG A 112 7.03 8.76 -1.46
C ARG A 112 6.75 7.75 -2.58
N LEU A 113 7.46 7.80 -3.67
CA LEU A 113 7.19 6.81 -4.77
C LEU A 113 8.45 6.62 -5.63
N ARG A 114 9.47 6.01 -5.09
CA ARG A 114 10.72 5.77 -5.88
C ARG A 114 10.33 5.05 -7.18
N PHE A 115 10.04 5.78 -8.21
CA PHE A 115 9.67 5.14 -9.50
C PHE A 115 8.54 4.13 -9.26
N TRP A 116 7.31 4.58 -9.35
CA TRP A 116 6.16 3.66 -9.13
C TRP A 116 5.80 2.97 -10.46
N GLY A 117 5.45 1.73 -10.42
CA GLY A 117 5.08 1.02 -11.68
C GLY A 117 5.10 -0.50 -11.45
N SER A 118 3.96 -1.09 -11.21
CA SER A 118 3.92 -2.56 -10.98
C SER A 118 2.54 -3.09 -11.30
N ASN A 119 2.36 -4.37 -11.19
CA ASN A 119 1.04 -4.97 -11.52
C ASN A 119 0.78 -6.17 -10.60
N VAL A 120 -0.35 -6.20 -9.96
CA VAL A 120 -0.66 -7.33 -9.05
C VAL A 120 -0.98 -8.58 -9.87
N ILE A 121 -1.52 -8.42 -11.06
CA ILE A 121 -1.87 -9.60 -11.91
C ILE A 121 -1.08 -9.54 -13.22
N GLU A 122 -0.47 -10.64 -13.59
CA GLU A 122 0.33 -10.67 -14.85
C GLU A 122 0.12 -12.03 -15.52
N ILE A 123 -0.61 -12.07 -16.60
CA ILE A 123 -0.85 -13.36 -17.33
C ILE A 123 -0.56 -13.16 -18.81
N GLY A 124 0.01 -14.15 -19.45
CA GLY A 124 0.32 -14.00 -20.90
C GLY A 124 1.04 -12.67 -21.13
N ASP A 125 0.91 -12.12 -22.31
CA ASP A 125 1.57 -10.81 -22.58
C ASP A 125 0.67 -9.69 -22.10
N LEU A 126 -0.34 -10.03 -21.34
CA LEU A 126 -1.31 -9.01 -20.82
C LEU A 126 -1.01 -8.76 -19.33
N THR A 127 -1.00 -7.52 -18.91
CA THR A 127 -0.73 -7.22 -17.46
C THR A 127 -1.82 -6.28 -16.94
N ILE A 128 -2.16 -6.39 -15.67
CA ILE A 128 -3.22 -5.52 -15.09
C ILE A 128 -2.80 -5.04 -13.69
N SER A 129 -3.01 -3.76 -13.42
CA SER A 129 -2.64 -3.19 -12.07
C SER A 129 -3.89 -2.49 -11.48
N PRO A 130 -4.61 -3.14 -10.59
CA PRO A 130 -5.85 -2.55 -9.98
C PRO A 130 -5.55 -1.58 -8.83
N ASP A 131 -4.52 -1.86 -8.07
CA ASP A 131 -4.18 -0.95 -6.94
C ASP A 131 -3.94 0.45 -7.46
N GLU A 132 -3.21 0.56 -8.55
CA GLU A 132 -2.92 1.90 -9.14
C GLU A 132 -3.91 2.18 -10.27
N GLU A 133 -4.96 1.40 -10.35
CA GLU A 133 -5.97 1.62 -11.43
C GLU A 133 -5.26 1.82 -12.77
N LYS A 134 -4.77 0.76 -13.36
CA LYS A 134 -4.07 0.91 -14.66
C LYS A 134 -3.95 -0.44 -15.35
N ILE A 135 -3.94 -0.46 -16.66
CA ILE A 135 -3.82 -1.76 -17.41
C ILE A 135 -2.84 -1.59 -18.57
N ILE A 136 -2.06 -2.60 -18.87
CA ILE A 136 -1.06 -2.50 -20.00
C ILE A 136 -1.33 -3.62 -21.03
N TYR A 137 -1.38 -3.27 -22.30
CA TYR A 137 -1.62 -4.29 -23.36
C TYR A 137 -0.70 -3.99 -24.54
N LYS A 138 0.04 -4.95 -25.00
CA LYS A 138 0.97 -4.71 -26.14
C LYS A 138 1.89 -3.53 -25.78
N GLY A 139 2.17 -3.35 -24.53
CA GLY A 139 3.07 -2.24 -24.10
C GLY A 139 2.31 -0.91 -24.08
N ARG A 140 1.04 -0.91 -24.39
CA ARG A 140 0.28 0.38 -24.37
C ARG A 140 -0.29 0.61 -22.97
N GLU A 141 0.02 1.72 -22.37
CA GLU A 141 -0.50 2.01 -21.01
C GLU A 141 -1.85 2.71 -21.13
N VAL A 142 -2.83 2.32 -20.33
CA VAL A 142 -4.17 2.96 -20.40
C VAL A 142 -4.64 3.33 -18.99
N GLU A 143 -5.04 4.57 -18.79
CA GLU A 143 -5.52 5.01 -17.45
C GLU A 143 -7.02 4.74 -17.37
N VAL A 144 -7.45 3.98 -16.39
CA VAL A 144 -8.91 3.68 -16.26
C VAL A 144 -9.31 3.65 -14.79
N LYS A 145 -10.44 4.21 -14.46
CA LYS A 145 -10.90 4.24 -13.06
C LYS A 145 -12.38 4.66 -13.00
N GLY A 146 -13.17 4.18 -13.94
CA GLY A 146 -14.63 4.56 -13.97
C GLY A 146 -15.48 3.35 -13.56
N LYS A 147 -16.70 3.29 -14.02
CA LYS A 147 -17.59 2.14 -13.66
C LYS A 147 -17.39 0.97 -14.64
N PRO A 148 -17.19 1.24 -15.90
CA PRO A 148 -16.96 0.17 -16.93
C PRO A 148 -15.68 -0.62 -16.64
N PHE A 149 -14.69 0.04 -16.09
CA PHE A 149 -13.40 -0.65 -15.78
C PHE A 149 -13.49 -1.32 -14.41
N GLU A 150 -14.52 -1.04 -13.65
CA GLU A 150 -14.64 -1.66 -12.31
C GLU A 150 -14.87 -3.17 -12.47
N VAL A 151 -15.68 -3.57 -13.41
CA VAL A 151 -15.91 -5.02 -13.62
C VAL A 151 -14.64 -5.66 -14.17
N LEU A 152 -13.92 -4.96 -14.99
CA LEU A 152 -12.67 -5.55 -15.55
C LEU A 152 -11.67 -5.78 -14.42
N THR A 153 -11.68 -4.93 -13.43
CA THR A 153 -10.75 -5.13 -12.29
C THR A 153 -11.20 -6.37 -11.49
N HIS A 154 -12.48 -6.60 -11.45
CA HIS A 154 -13.00 -7.78 -10.69
C HIS A 154 -12.50 -9.08 -11.33
N LEU A 155 -12.80 -9.30 -12.58
CA LEU A 155 -12.34 -10.56 -13.24
C LEU A 155 -10.81 -10.57 -13.31
N ALA A 156 -10.20 -9.42 -13.33
CA ALA A 156 -8.71 -9.40 -13.39
C ALA A 156 -8.14 -10.17 -12.21
N ARG A 157 -8.58 -9.84 -11.02
CA ARG A 157 -8.06 -10.57 -9.81
C ARG A 157 -8.66 -11.97 -9.76
N HIS A 158 -9.96 -12.05 -9.86
CA HIS A 158 -10.63 -13.38 -9.80
C HIS A 158 -10.67 -14.01 -11.20
N ARG A 159 -9.66 -13.77 -12.00
CA ARG A 159 -9.63 -14.36 -13.38
C ARG A 159 -9.99 -15.85 -13.28
N ASP A 160 -9.01 -16.71 -13.20
CA ASP A 160 -9.30 -18.17 -13.11
C ASP A 160 -10.30 -18.40 -11.96
N GLN A 161 -11.58 -18.35 -12.25
CA GLN A 161 -12.58 -18.57 -11.17
C GLN A 161 -13.99 -18.63 -11.80
N ILE A 162 -14.92 -19.30 -11.15
CA ILE A 162 -16.30 -19.37 -11.70
C ILE A 162 -17.09 -18.17 -11.19
N VAL A 163 -17.70 -17.42 -12.08
CA VAL A 163 -18.47 -16.20 -11.66
C VAL A 163 -19.94 -16.37 -12.07
N SER A 164 -20.85 -16.12 -11.15
CA SER A 164 -22.31 -16.25 -11.48
C SER A 164 -22.84 -14.86 -11.87
N LYS A 165 -23.98 -14.82 -12.49
CA LYS A 165 -24.55 -13.50 -12.89
C LYS A 165 -24.86 -12.67 -11.65
N GLU A 166 -25.44 -13.28 -10.64
CA GLU A 166 -25.78 -12.53 -9.41
C GLU A 166 -24.51 -11.93 -8.81
N GLN A 167 -23.42 -12.66 -8.86
CA GLN A 167 -22.15 -12.14 -8.29
C GLN A 167 -21.79 -10.82 -8.97
N LEU A 168 -21.87 -10.77 -10.28
CA LEU A 168 -21.53 -9.52 -11.01
C LEU A 168 -22.50 -8.41 -10.59
N LEU A 169 -23.74 -8.75 -10.41
CA LEU A 169 -24.76 -7.73 -10.02
C LEU A 169 -24.30 -7.01 -8.74
N ASP A 170 -24.27 -7.71 -7.64
CA ASP A 170 -23.86 -7.08 -6.35
C ASP A 170 -22.43 -6.54 -6.44
N ALA A 171 -21.57 -7.24 -7.12
CA ALA A 171 -20.16 -6.77 -7.24
C ALA A 171 -20.11 -5.31 -7.68
N ILE A 172 -20.67 -4.99 -8.80
CA ILE A 172 -20.65 -3.57 -9.30
C ILE A 172 -21.92 -2.86 -8.84
N TRP A 173 -23.05 -3.31 -9.29
CA TRP A 173 -24.33 -2.64 -8.90
C TRP A 173 -24.77 -3.12 -7.52
N GLU A 174 -24.85 -2.23 -6.57
CA GLU A 174 -25.29 -2.63 -5.20
C GLU A 174 -26.13 -1.49 -4.60
N GLU A 175 -25.60 -0.30 -4.57
CA GLU A 175 -26.38 0.85 -4.01
C GLU A 175 -27.70 0.94 -4.79
N PRO A 176 -28.72 1.51 -4.20
CA PRO A 176 -30.06 1.64 -4.85
C PRO A 176 -29.95 1.86 -6.37
N GLU A 177 -29.83 0.77 -7.11
CA GLU A 177 -29.70 0.87 -8.59
C GLU A 177 -31.08 0.75 -9.25
N MET A 178 -32.01 0.11 -8.59
CA MET A 178 -33.38 -0.05 -9.17
C MET A 178 -33.31 -0.72 -10.55
N VAL A 179 -32.24 -1.40 -10.87
CA VAL A 179 -32.13 -2.07 -12.20
C VAL A 179 -32.75 -3.47 -12.10
N THR A 180 -33.22 -4.01 -13.19
CA THR A 180 -33.83 -5.37 -13.15
C THR A 180 -32.75 -6.42 -12.89
N PRO A 181 -33.07 -7.52 -12.24
CA PRO A 181 -32.09 -8.59 -11.95
C PRO A 181 -31.79 -9.46 -13.19
N ASN A 182 -31.83 -8.88 -14.36
CA ASN A 182 -31.56 -9.67 -15.59
C ASN A 182 -30.80 -8.80 -16.61
N VAL A 183 -30.70 -7.52 -16.34
CA VAL A 183 -29.98 -6.64 -17.29
C VAL A 183 -28.54 -7.13 -17.46
N ILE A 184 -28.11 -8.02 -16.62
CA ILE A 184 -26.71 -8.55 -16.74
C ILE A 184 -26.56 -9.21 -18.11
N GLU A 185 -27.63 -9.63 -18.72
CA GLU A 185 -27.53 -10.28 -20.06
C GLU A 185 -26.94 -9.31 -21.08
N VAL A 186 -27.39 -8.09 -21.10
CA VAL A 186 -26.83 -7.12 -22.08
C VAL A 186 -25.44 -6.68 -21.62
N ALA A 187 -25.22 -6.65 -20.33
CA ALA A 187 -23.89 -6.21 -19.83
C ALA A 187 -22.82 -7.26 -20.18
N ILE A 188 -23.07 -8.51 -19.87
CA ILE A 188 -22.06 -9.55 -20.18
C ILE A 188 -21.87 -9.70 -21.69
N ASN A 189 -22.94 -9.62 -22.44
CA ASN A 189 -22.78 -9.76 -23.92
C ASN A 189 -21.84 -8.69 -24.45
N GLN A 190 -21.98 -7.48 -23.97
CA GLN A 190 -21.08 -6.38 -24.44
C GLN A 190 -19.69 -6.52 -23.81
N ILE A 191 -19.63 -6.73 -22.53
CA ILE A 191 -18.31 -6.87 -21.86
C ILE A 191 -17.47 -7.92 -22.59
N ARG A 192 -18.06 -9.06 -22.87
CA ARG A 192 -17.31 -10.14 -23.56
C ARG A 192 -16.83 -9.65 -24.93
N GLN A 193 -17.74 -9.12 -25.72
CA GLN A 193 -17.34 -8.63 -27.06
C GLN A 193 -16.30 -7.52 -26.95
N LYS A 194 -16.38 -6.71 -25.93
CA LYS A 194 -15.39 -5.60 -25.78
C LYS A 194 -14.15 -6.11 -25.02
N MET A 195 -14.18 -7.34 -24.58
CA MET A 195 -13.01 -7.92 -23.85
C MET A 195 -12.08 -8.60 -24.86
N ASP A 196 -12.59 -9.56 -25.58
CA ASP A 196 -11.73 -10.27 -26.58
C ASP A 196 -11.30 -9.29 -27.67
N LYS A 197 -12.12 -8.32 -27.98
CA LYS A 197 -11.75 -7.35 -29.05
C LYS A 197 -10.36 -6.76 -28.74
N PRO A 198 -10.20 -6.02 -27.67
CA PRO A 198 -8.89 -5.41 -27.30
C PRO A 198 -7.83 -6.47 -26.98
N LEU A 199 -8.12 -7.36 -26.06
CA LEU A 199 -7.13 -8.41 -25.72
C LEU A 199 -6.88 -9.31 -26.95
N GLY A 200 -7.86 -9.43 -27.80
CA GLY A 200 -7.68 -10.28 -29.01
C GLY A 200 -7.73 -11.75 -28.63
N ILE A 201 -7.37 -12.07 -27.41
CA ILE A 201 -7.39 -13.51 -26.97
C ILE A 201 -8.65 -13.76 -26.13
N SER A 202 -9.38 -14.79 -26.45
CA SER A 202 -10.61 -15.09 -25.66
C SER A 202 -10.23 -15.82 -24.37
N THR A 203 -10.75 -15.38 -23.26
CA THR A 203 -10.43 -16.03 -21.95
C THR A 203 -11.72 -16.21 -21.15
N VAL A 204 -12.83 -15.85 -21.73
CA VAL A 204 -14.15 -15.98 -21.01
C VAL A 204 -14.91 -17.19 -21.57
N GLU A 205 -15.52 -17.95 -20.71
CA GLU A 205 -16.28 -19.17 -21.16
C GLU A 205 -17.73 -19.06 -20.68
N THR A 206 -18.67 -19.39 -21.53
CA THR A 206 -20.11 -19.33 -21.14
C THR A 206 -20.58 -20.74 -20.77
N VAL A 207 -21.26 -20.88 -19.65
CA VAL A 207 -21.75 -22.22 -19.23
C VAL A 207 -23.20 -22.09 -18.74
N ARG A 208 -24.05 -23.00 -19.13
CA ARG A 208 -25.47 -22.95 -18.69
C ARG A 208 -25.59 -23.54 -17.28
N ARG A 209 -24.54 -24.16 -16.80
CA ARG A 209 -24.59 -24.76 -15.44
C ARG A 209 -24.97 -23.70 -14.41
N ARG A 210 -24.40 -22.53 -14.51
CA ARG A 210 -24.74 -21.45 -13.54
C ARG A 210 -24.65 -20.08 -14.23
N GLY A 211 -23.47 -19.68 -14.62
CA GLY A 211 -23.31 -18.36 -15.30
C GLY A 211 -22.17 -18.43 -16.31
N TYR A 212 -21.08 -17.75 -16.03
CA TYR A 212 -19.91 -17.76 -16.96
C TYR A 212 -18.66 -18.16 -16.19
N ARG A 213 -17.75 -18.86 -16.82
CA ARG A 213 -16.50 -19.31 -16.13
C ARG A 213 -15.30 -18.59 -16.74
N PHE A 214 -14.42 -18.07 -15.91
CA PHE A 214 -13.21 -17.35 -16.41
C PHE A 214 -12.02 -18.31 -16.35
N CYS A 215 -11.26 -18.40 -17.43
CA CYS A 215 -10.08 -19.31 -17.44
C CYS A 215 -8.92 -18.65 -18.18
N TYR A 216 -7.74 -19.20 -18.06
CA TYR A 216 -6.56 -18.60 -18.74
C TYR A 216 -6.53 -19.07 -20.20
N PRO A 217 -5.96 -18.29 -21.10
CA PRO A 217 -5.86 -18.66 -22.54
C PRO A 217 -5.57 -20.16 -22.74
N LYS A 218 -6.16 -20.77 -23.73
CA LYS A 218 -5.91 -22.21 -23.98
C LYS A 218 -4.64 -22.42 -24.81
N PRO A 219 -4.31 -21.53 -25.73
CA PRO A 219 -3.11 -21.67 -26.58
C PRO A 219 -1.87 -21.04 -25.93
N ALA A 220 -1.91 -20.83 -24.64
CA ALA A 220 -0.74 -20.22 -23.95
C ALA A 220 0.52 -21.07 -24.22
N CYS A 221 0.39 -22.36 -24.20
CA CYS A 221 1.58 -23.23 -24.45
C CYS A 221 2.71 -22.83 -23.51
N GLU A 222 2.43 -22.72 -22.24
CA GLU A 222 3.49 -22.33 -21.26
C GLU A 222 4.63 -23.35 -21.32
N GLU A 223 5.80 -22.98 -20.88
CA GLU A 223 6.95 -23.93 -20.90
C GLU A 223 8.06 -23.41 -19.98
N MET B 1 -2.40 -0.57 20.37
CA MET B 1 -1.04 -0.20 19.86
C MET B 1 -0.23 0.44 21.00
N ARG B 2 1.06 0.54 20.83
CA ARG B 2 1.93 1.16 21.89
C ARG B 2 2.86 2.17 21.23
N VAL B 3 3.17 3.24 21.92
CA VAL B 3 4.07 4.30 21.36
C VAL B 3 5.34 4.40 22.21
N LEU B 4 6.47 4.56 21.56
CA LEU B 4 7.77 4.67 22.30
C LEU B 4 8.29 6.11 22.22
N LEU B 5 8.44 6.76 23.36
CA LEU B 5 8.96 8.16 23.39
C LEU B 5 10.29 8.17 24.12
N ILE B 6 11.38 8.15 23.41
CA ILE B 6 12.70 8.16 24.07
C ILE B 6 13.10 9.61 24.37
N GLU B 7 12.87 10.08 25.56
CA GLU B 7 13.22 11.49 25.92
C GLU B 7 14.21 11.49 27.09
N LYS B 8 15.31 12.18 26.95
CA LYS B 8 16.31 12.23 28.06
C LYS B 8 15.89 13.31 29.06
N ASN B 9 15.09 14.25 28.62
CA ASN B 9 14.64 15.32 29.53
C ASN B 9 13.50 14.80 30.42
N SER B 10 12.41 15.49 30.48
CA SER B 10 11.28 15.02 31.33
C SER B 10 10.01 15.83 30.98
N VAL B 11 10.09 17.13 31.06
CA VAL B 11 8.90 17.96 30.73
C VAL B 11 8.60 17.85 29.23
N LEU B 12 9.61 17.90 28.40
CA LEU B 12 9.37 17.80 26.93
C LEU B 12 8.69 16.47 26.61
N GLY B 13 9.11 15.40 27.23
CA GLY B 13 8.48 14.09 26.96
C GLY B 13 7.10 14.08 27.62
N GLY B 14 6.96 14.82 28.68
CA GLY B 14 5.64 14.86 29.38
C GLY B 14 4.58 15.47 28.46
N GLU B 15 4.88 16.57 27.84
CA GLU B 15 3.88 17.21 26.94
C GLU B 15 3.58 16.28 25.76
N ILE B 16 4.58 15.69 25.16
CA ILE B 16 4.30 14.76 24.02
C ILE B 16 3.57 13.53 24.56
N GLU B 17 3.95 13.07 25.71
CA GLU B 17 3.27 11.86 26.29
C GLU B 17 1.81 12.19 26.59
N LYS B 18 1.54 13.35 27.15
CA LYS B 18 0.13 13.72 27.46
C LYS B 18 -0.50 14.38 26.24
N GLY B 19 0.25 14.48 25.17
CA GLY B 19 -0.30 15.11 23.95
C GLY B 19 -1.01 14.04 23.11
N LEU B 20 -0.34 12.96 22.82
CA LEU B 20 -0.98 11.89 22.01
C LEU B 20 -1.96 11.08 22.87
N ASN B 21 -1.80 11.11 24.17
CA ASN B 21 -2.71 10.36 25.06
C ASN B 21 -4.16 10.79 24.80
N VAL B 22 -4.35 12.03 24.42
CA VAL B 22 -5.74 12.51 24.14
C VAL B 22 -6.34 11.67 23.02
N LYS B 23 -5.55 11.28 22.07
CA LYS B 23 -6.08 10.47 20.94
C LYS B 23 -6.44 9.06 21.45
N GLY B 24 -6.08 8.75 22.67
CA GLY B 24 -6.42 7.41 23.23
C GLY B 24 -5.34 6.40 22.84
N PHE B 25 -4.09 6.79 22.94
CA PHE B 25 -2.96 5.87 22.59
C PHE B 25 -2.13 5.59 23.83
N MET B 26 -1.37 4.52 23.84
CA MET B 26 -0.51 4.19 25.02
C MET B 26 0.92 4.63 24.70
N ALA B 27 1.60 5.22 25.63
CA ALA B 27 3.00 5.66 25.36
C ALA B 27 3.87 5.49 26.59
N ASP B 28 5.15 5.36 26.41
CA ASP B 28 6.09 5.20 27.56
C ASP B 28 7.28 6.16 27.37
N VAL B 29 8.00 6.46 28.42
CA VAL B 29 9.17 7.39 28.32
C VAL B 29 10.45 6.67 28.72
N THR B 30 11.52 6.91 28.01
CA THR B 30 12.83 6.25 28.33
C THR B 30 13.94 7.30 28.27
N GLU B 31 15.12 6.96 28.72
CA GLU B 31 16.25 7.93 28.68
C GLU B 31 17.06 7.76 27.39
N SER B 32 18.24 7.21 27.48
CA SER B 32 19.08 7.03 26.27
C SER B 32 18.61 5.80 25.49
N LEU B 33 19.09 5.65 24.28
CA LEU B 33 18.68 4.48 23.45
C LEU B 33 18.90 3.18 24.23
N GLU B 34 19.86 3.16 25.12
CA GLU B 34 20.12 1.93 25.90
C GLU B 34 18.83 1.45 26.56
N ASP B 35 18.14 2.32 27.24
CA ASP B 35 16.87 1.91 27.89
C ASP B 35 15.84 1.51 26.83
N GLY B 36 15.77 2.24 25.76
CA GLY B 36 14.80 1.91 24.68
C GLY B 36 15.25 0.63 23.96
N GLU B 37 16.52 0.50 23.70
CA GLU B 37 17.03 -0.71 23.00
C GLU B 37 16.84 -1.93 23.91
N TYR B 38 17.04 -1.78 25.18
CA TYR B 38 16.87 -2.94 26.11
C TYR B 38 15.39 -3.15 26.42
N LEU B 39 14.66 -2.09 26.63
CA LEU B 39 13.21 -2.22 26.96
C LEU B 39 12.44 -2.69 25.72
N MET B 40 12.72 -2.14 24.58
CA MET B 40 11.98 -2.57 23.35
C MET B 40 12.26 -4.04 23.06
N ASP B 41 13.38 -4.54 23.49
CA ASP B 41 13.71 -5.98 23.24
C ASP B 41 12.70 -6.88 23.94
N ILE B 42 12.30 -6.53 25.14
CA ILE B 42 11.31 -7.38 25.88
C ILE B 42 9.89 -7.02 25.46
N ARG B 43 9.66 -5.80 25.01
CA ARG B 43 8.30 -5.38 24.58
C ARG B 43 8.37 -4.74 23.19
N ASN B 44 7.44 -5.04 22.33
CA ASN B 44 7.45 -4.45 20.96
C ASN B 44 6.61 -3.18 20.93
N TYR B 45 6.83 -2.33 19.96
CA TYR B 45 6.04 -1.06 19.85
C TYR B 45 5.64 -0.84 18.39
N ASP B 46 4.53 -0.19 18.15
CA ASP B 46 4.09 0.06 16.74
C ASP B 46 4.63 1.40 16.26
N LEU B 47 4.73 2.37 17.14
CA LEU B 47 5.24 3.73 16.75
C LEU B 47 6.58 3.97 17.46
N VAL B 48 7.67 3.98 16.72
CA VAL B 48 8.99 4.23 17.36
C VAL B 48 9.31 5.73 17.26
N MET B 49 9.10 6.45 18.34
CA MET B 49 9.38 7.93 18.34
C MET B 49 10.53 8.21 19.31
N VAL B 50 11.53 8.92 18.85
CA VAL B 50 12.69 9.24 19.73
C VAL B 50 13.21 10.65 19.42
N SER B 51 13.52 11.41 20.44
CA SER B 51 14.04 12.79 20.24
C SER B 51 15.56 12.80 20.43
N ASP B 52 16.19 11.66 20.39
CA ASP B 52 17.66 11.61 20.57
C ASP B 52 18.35 11.90 19.23
N LYS B 53 19.37 12.70 19.24
CA LYS B 53 20.08 13.04 17.97
C LYS B 53 20.89 11.83 17.48
N ASN B 54 21.41 11.05 18.38
CA ASN B 54 22.22 9.86 17.95
C ASN B 54 21.29 8.74 17.48
N ALA B 55 20.01 8.98 17.45
CA ALA B 55 19.06 7.93 17.01
C ALA B 55 19.19 7.68 15.50
N LEU B 56 19.72 8.64 14.78
CA LEU B 56 19.87 8.47 13.30
C LEU B 56 20.37 7.06 12.96
N SER B 57 21.33 6.57 13.70
CA SER B 57 21.86 5.21 13.42
C SER B 57 20.83 4.17 13.85
N PHE B 58 20.15 4.41 14.94
CA PHE B 58 19.14 3.44 15.43
C PHE B 58 17.96 3.37 14.46
N VAL B 59 17.38 4.48 14.11
CA VAL B 59 16.22 4.44 13.16
C VAL B 59 16.65 3.80 11.84
N SER B 60 17.86 4.03 11.43
CA SER B 60 18.35 3.44 10.16
C SER B 60 18.23 1.91 10.23
N ARG B 61 18.75 1.32 11.27
CA ARG B 61 18.64 -0.16 11.37
C ARG B 61 17.19 -0.57 11.60
N ILE B 62 16.41 0.25 12.27
CA ILE B 62 14.99 -0.13 12.51
C ILE B 62 14.34 -0.43 11.16
N LYS B 63 14.51 0.42 10.19
CA LYS B 63 13.91 0.14 8.86
C LYS B 63 14.51 -1.16 8.32
N GLU B 64 15.80 -1.33 8.47
CA GLU B 64 16.44 -2.58 7.98
C GLU B 64 15.93 -3.76 8.81
N LYS B 65 15.84 -3.57 10.10
CA LYS B 65 15.36 -4.67 10.98
C LYS B 65 13.83 -4.71 10.99
N HIS B 66 13.20 -3.81 11.71
CA HIS B 66 11.71 -3.80 11.76
C HIS B 66 11.16 -2.76 10.76
N SER B 67 10.96 -3.16 9.54
CA SER B 67 10.43 -2.20 8.53
C SER B 67 8.91 -2.04 8.69
N SER B 68 8.25 -3.06 9.15
CA SER B 68 6.76 -2.98 9.32
C SER B 68 6.43 -1.91 10.37
N ILE B 69 7.30 -1.70 11.31
CA ILE B 69 7.02 -0.68 12.36
C ILE B 69 7.33 0.73 11.82
N VAL B 70 6.62 1.71 12.31
CA VAL B 70 6.84 3.11 11.84
C VAL B 70 7.94 3.77 12.69
N VAL B 71 8.47 4.88 12.25
CA VAL B 71 9.56 5.56 13.03
C VAL B 71 9.42 7.07 12.89
N LEU B 72 9.35 7.78 13.99
CA LEU B 72 9.22 9.27 13.95
C LEU B 72 10.42 9.87 14.70
N VAL B 73 11.39 10.38 13.99
CA VAL B 73 12.58 10.98 14.67
C VAL B 73 12.40 12.50 14.71
N SER B 74 12.87 13.15 15.75
CA SER B 74 12.73 14.64 15.85
C SER B 74 14.12 15.28 15.72
N SER B 75 14.17 16.59 15.61
CA SER B 75 15.51 17.26 15.46
C SER B 75 15.34 18.78 15.56
N ASP B 76 16.03 19.39 16.50
CA ASP B 76 15.91 20.86 16.69
C ASP B 76 16.73 21.60 15.62
N ASN B 77 16.89 21.03 14.46
CA ASN B 77 17.70 21.70 13.40
C ASN B 77 17.18 21.29 12.02
N PRO B 78 15.91 21.48 11.77
CA PRO B 78 15.28 21.12 10.46
C PRO B 78 15.98 21.80 9.27
N THR B 79 17.07 21.23 8.84
CA THR B 79 17.81 21.79 7.67
C THR B 79 17.63 20.84 6.48
N SER B 80 17.65 21.36 5.29
CA SER B 80 17.47 20.47 4.11
C SER B 80 18.57 19.39 4.11
N GLU B 81 19.72 19.70 4.63
CA GLU B 81 20.81 18.70 4.67
C GLU B 81 20.38 17.53 5.57
N GLU B 82 19.88 17.83 6.74
CA GLU B 82 19.45 16.74 7.65
C GLU B 82 18.19 16.09 7.09
N GLU B 83 17.40 16.84 6.37
CA GLU B 83 16.15 16.26 5.79
C GLU B 83 16.51 15.05 4.93
N VAL B 84 17.38 15.22 3.97
CA VAL B 84 17.76 14.06 3.11
C VAL B 84 18.39 12.99 3.99
N HIS B 85 19.17 13.38 4.97
CA HIS B 85 19.81 12.37 5.86
C HIS B 85 18.72 11.60 6.62
N ALA B 86 17.64 12.26 6.95
CA ALA B 86 16.55 11.57 7.70
C ALA B 86 15.94 10.47 6.82
N PHE B 87 15.70 10.75 5.58
CA PHE B 87 15.11 9.72 4.67
C PHE B 87 16.21 8.74 4.29
N GLU B 88 17.42 9.22 4.19
CA GLU B 88 18.55 8.31 3.83
C GLU B 88 18.76 7.31 4.96
N GLN B 89 18.79 7.80 6.18
CA GLN B 89 18.99 6.89 7.34
C GLN B 89 17.87 5.85 7.37
N GLY B 90 16.65 6.26 7.60
CA GLY B 90 15.53 5.29 7.64
C GLY B 90 14.44 5.77 8.60
N ALA B 91 13.98 6.99 8.44
CA ALA B 91 12.91 7.54 9.33
C ALA B 91 11.60 7.64 8.53
N ASP B 92 10.52 7.17 9.07
CA ASP B 92 9.22 7.27 8.33
C ASP B 92 8.82 8.73 8.22
N ASP B 93 9.06 9.49 9.26
CA ASP B 93 8.71 10.93 9.22
C ASP B 93 9.65 11.70 10.16
N TYR B 94 9.82 12.98 9.94
CA TYR B 94 10.73 13.80 10.79
C TYR B 94 9.95 15.01 11.34
N ILE B 95 9.97 15.20 12.63
CA ILE B 95 9.24 16.37 13.25
C ILE B 95 10.25 17.38 13.79
N ALA B 96 10.05 18.65 13.51
CA ALA B 96 10.99 19.65 14.07
C ALA B 96 10.90 19.55 15.60
N LYS B 97 11.98 19.24 16.27
CA LYS B 97 11.91 19.08 17.75
C LYS B 97 11.05 20.17 18.39
N PRO B 98 11.34 21.43 18.16
CA PRO B 98 10.59 22.51 18.84
C PRO B 98 9.07 22.22 18.88
N TYR B 99 8.64 21.22 18.17
CA TYR B 99 7.20 20.84 18.15
C TYR B 99 6.36 22.02 17.69
N ARG B 100 5.87 21.98 16.48
CA ARG B 100 5.05 23.11 15.98
C ARG B 100 3.80 23.24 16.84
N SER B 101 3.27 22.14 17.31
CA SER B 101 2.05 22.21 18.17
C SER B 101 1.73 20.83 18.74
N ILE B 102 2.72 20.03 19.02
CA ILE B 102 2.46 18.67 19.60
C ILE B 102 1.38 17.94 18.79
N LYS B 103 0.13 18.24 19.04
CA LYS B 103 -0.97 17.59 18.28
C LYS B 103 -0.62 17.58 16.80
N ALA B 104 0.28 18.43 16.40
CA ALA B 104 0.69 18.49 14.96
C ALA B 104 1.16 17.10 14.52
N LEU B 105 2.26 16.64 15.04
CA LEU B 105 2.77 15.30 14.62
C LEU B 105 1.73 14.23 14.98
N VAL B 106 1.06 14.37 16.10
CA VAL B 106 0.04 13.34 16.44
C VAL B 106 -0.98 13.25 15.31
N ALA B 107 -1.43 14.38 14.82
CA ALA B 107 -2.40 14.36 13.70
C ALA B 107 -1.77 13.61 12.52
N ARG B 108 -0.47 13.70 12.40
CA ARG B 108 0.23 13.00 11.29
C ARG B 108 0.39 11.51 11.63
N ILE B 109 0.37 11.16 12.89
CA ILE B 109 0.53 9.73 13.27
C ILE B 109 -0.80 9.00 13.04
N GLU B 110 -1.89 9.65 13.37
CA GLU B 110 -3.20 8.98 13.17
C GLU B 110 -3.54 8.95 11.69
N ALA B 111 -3.28 10.01 10.98
CA ALA B 111 -3.59 10.04 9.52
C ALA B 111 -2.80 8.94 8.81
N ARG B 112 -1.52 8.90 9.00
CA ARG B 112 -0.70 7.84 8.34
C ARG B 112 -1.10 6.46 8.89
N LEU B 113 -1.45 6.40 10.15
CA LEU B 113 -1.84 5.09 10.75
C LEU B 113 -3.29 4.77 10.37
N ARG B 114 -4.24 5.17 11.18
CA ARG B 114 -5.67 4.87 10.89
C ARG B 114 -5.79 3.39 10.49
N PHE B 115 -6.94 2.99 10.00
CA PHE B 115 -7.13 1.56 9.61
C PHE B 115 -7.07 0.66 10.85
N TRP B 116 -6.20 0.95 11.77
CA TRP B 116 -6.11 0.11 13.00
C TRP B 116 -5.94 -1.36 12.58
N GLY B 117 -5.12 -1.63 11.61
CA GLY B 117 -4.92 -3.03 11.16
C GLY B 117 -6.04 -3.43 10.19
N SER B 118 -5.95 -2.98 8.96
CA SER B 118 -7.01 -3.35 7.97
C SER B 118 -6.73 -4.75 7.41
N ASN B 119 -5.60 -5.31 7.73
CA ASN B 119 -5.25 -6.67 7.25
C ASN B 119 -5.37 -6.72 5.72
N VAL B 120 -5.02 -7.85 5.15
CA VAL B 120 -5.09 -8.01 3.66
C VAL B 120 -5.56 -9.44 3.35
N ILE B 121 -5.12 -10.39 4.15
CA ILE B 121 -5.52 -11.81 3.92
C ILE B 121 -6.35 -12.28 5.13
N GLU B 122 -7.58 -12.65 4.91
CA GLU B 122 -8.42 -13.10 6.06
C GLU B 122 -9.53 -14.04 5.57
N ILE B 123 -9.82 -15.06 6.33
CA ILE B 123 -10.89 -16.01 5.95
C ILE B 123 -11.54 -16.58 7.21
N GLY B 124 -12.82 -16.84 7.18
CA GLY B 124 -13.50 -17.39 8.39
C GLY B 124 -13.07 -16.61 9.63
N ASP B 125 -12.79 -17.28 10.71
CA ASP B 125 -12.35 -16.59 11.96
C ASP B 125 -10.82 -16.47 11.96
N LEU B 126 -10.18 -16.83 10.88
CA LEU B 126 -8.69 -16.75 10.81
C LEU B 126 -8.30 -15.41 10.17
N THR B 127 -7.29 -14.77 10.69
CA THR B 127 -6.85 -13.46 10.11
C THR B 127 -5.34 -13.53 9.85
N ILE B 128 -4.89 -13.09 8.69
CA ILE B 128 -3.43 -13.15 8.37
C ILE B 128 -2.98 -11.87 7.66
N SER B 129 -1.80 -11.39 7.98
CA SER B 129 -1.26 -10.16 7.33
C SER B 129 0.23 -10.38 6.99
N PRO B 130 0.62 -10.35 5.72
CA PRO B 130 2.04 -10.56 5.33
C PRO B 130 2.89 -9.30 5.50
N ASP B 131 2.43 -8.19 5.01
CA ASP B 131 3.22 -6.92 5.13
C ASP B 131 3.54 -6.66 6.60
N GLU B 132 2.63 -6.96 7.48
CA GLU B 132 2.89 -6.71 8.93
C GLU B 132 3.72 -7.86 9.50
N GLU B 133 4.03 -8.83 8.69
CA GLU B 133 4.84 -9.99 9.18
C GLU B 133 4.22 -10.51 10.49
N LYS B 134 2.97 -10.89 10.45
CA LYS B 134 2.31 -11.38 11.68
C LYS B 134 1.12 -12.27 11.31
N ILE B 135 0.94 -13.36 12.03
CA ILE B 135 -0.18 -14.30 11.75
C ILE B 135 -1.03 -14.47 13.01
N ILE B 136 -2.33 -14.37 12.89
CA ILE B 136 -3.23 -14.51 14.09
C ILE B 136 -4.28 -15.60 13.85
N TYR B 137 -4.43 -16.49 14.79
CA TYR B 137 -5.45 -17.59 14.66
C TYR B 137 -6.37 -17.58 15.89
N LYS B 138 -7.66 -17.59 15.66
CA LYS B 138 -8.62 -17.60 16.81
C LYS B 138 -8.30 -16.48 17.81
N GLY B 139 -7.87 -15.34 17.34
CA GLY B 139 -7.58 -14.21 18.27
C GLY B 139 -6.21 -14.36 18.94
N ARG B 140 -5.49 -15.42 18.67
CA ARG B 140 -4.15 -15.58 19.30
C ARG B 140 -3.10 -14.87 18.45
N GLU B 141 -2.36 -13.97 19.03
CA GLU B 141 -1.32 -13.23 18.26
C GLU B 141 -0.03 -14.07 18.20
N VAL B 142 0.45 -14.36 17.02
CA VAL B 142 1.70 -15.17 16.88
C VAL B 142 2.69 -14.42 15.97
N GLU B 143 3.93 -14.34 16.37
CA GLU B 143 4.96 -13.62 15.56
C GLU B 143 5.77 -14.65 14.76
N VAL B 144 6.13 -14.33 13.54
CA VAL B 144 6.92 -15.28 12.70
C VAL B 144 7.89 -14.51 11.80
N LYS B 145 8.99 -15.12 11.44
CA LYS B 145 9.98 -14.43 10.56
C LYS B 145 11.15 -15.39 10.25
N GLY B 146 11.32 -15.76 9.02
CA GLY B 146 12.44 -16.69 8.66
C GLY B 146 12.02 -17.59 7.51
N LYS B 147 12.35 -18.85 7.58
CA LYS B 147 11.97 -19.79 6.47
C LYS B 147 10.46 -20.07 6.55
N PRO B 148 9.94 -20.32 7.73
CA PRO B 148 8.49 -20.61 7.91
C PRO B 148 7.62 -19.41 7.49
N PHE B 149 7.97 -18.25 7.97
CA PHE B 149 7.20 -17.02 7.61
C PHE B 149 7.21 -16.84 6.10
N GLU B 150 8.18 -17.38 5.43
CA GLU B 150 8.26 -17.22 3.94
C GLU B 150 7.16 -18.05 3.26
N VAL B 151 7.15 -19.34 3.46
CA VAL B 151 6.10 -20.17 2.80
C VAL B 151 4.74 -19.84 3.40
N LEU B 152 4.68 -19.52 4.66
CA LEU B 152 3.38 -19.17 5.29
C LEU B 152 2.76 -17.99 4.53
N THR B 153 3.57 -17.02 4.18
CA THR B 153 3.01 -15.83 3.45
C THR B 153 2.85 -16.15 1.96
N HIS B 154 3.50 -17.17 1.47
CA HIS B 154 3.36 -17.50 0.02
C HIS B 154 1.97 -18.07 -0.23
N LEU B 155 1.58 -19.07 0.52
CA LEU B 155 0.25 -19.68 0.30
C LEU B 155 -0.84 -18.81 0.91
N ALA B 156 -0.52 -18.00 1.90
CA ALA B 156 -1.56 -17.13 2.51
C ALA B 156 -2.08 -16.15 1.46
N ARG B 157 -1.20 -15.42 0.83
CA ARG B 157 -1.65 -14.46 -0.21
C ARG B 157 -2.24 -15.23 -1.38
N HIS B 158 -1.47 -16.14 -1.91
CA HIS B 158 -1.94 -16.94 -3.07
C HIS B 158 -2.78 -18.14 -2.60
N ARG B 159 -3.58 -17.96 -1.58
CA ARG B 159 -4.41 -19.11 -1.10
C ARG B 159 -5.54 -19.37 -2.08
N ASP B 160 -5.23 -19.38 -3.36
CA ASP B 160 -6.30 -19.64 -4.37
C ASP B 160 -5.66 -19.85 -5.74
N GLN B 161 -4.84 -20.87 -5.88
CA GLN B 161 -4.18 -21.11 -7.19
C GLN B 161 -3.49 -22.48 -7.18
N ILE B 162 -3.14 -22.97 -8.34
CA ILE B 162 -2.45 -24.30 -8.42
C ILE B 162 -0.96 -24.11 -8.09
N VAL B 163 -0.41 -24.93 -7.25
CA VAL B 163 1.03 -24.79 -6.87
C VAL B 163 1.73 -26.15 -6.97
N SER B 164 2.86 -26.20 -7.63
CA SER B 164 3.62 -27.49 -7.75
C SER B 164 4.75 -27.50 -6.72
N LYS B 165 5.26 -28.65 -6.40
CA LYS B 165 6.35 -28.71 -5.39
C LYS B 165 7.51 -27.81 -5.84
N GLU B 166 7.81 -27.81 -7.12
CA GLU B 166 8.92 -26.96 -7.62
C GLU B 166 8.62 -25.49 -7.35
N GLN B 167 7.39 -25.08 -7.52
CA GLN B 167 7.05 -23.65 -7.26
C GLN B 167 7.53 -23.26 -5.86
N LEU B 168 7.23 -24.08 -4.88
CA LEU B 168 7.67 -23.76 -3.50
C LEU B 168 9.20 -23.58 -3.51
N LEU B 169 9.90 -24.52 -4.07
CA LEU B 169 11.38 -24.39 -4.13
C LEU B 169 11.75 -23.01 -4.68
N ASP B 170 11.27 -22.68 -5.84
CA ASP B 170 11.61 -21.38 -6.47
C ASP B 170 11.27 -20.18 -5.57
N ALA B 171 10.17 -20.20 -4.88
CA ALA B 171 9.78 -19.00 -4.05
C ALA B 171 10.27 -19.09 -2.60
N ILE B 172 10.61 -20.24 -2.09
CA ILE B 172 11.05 -20.32 -0.66
C ILE B 172 12.57 -20.16 -0.53
N TRP B 173 13.34 -20.95 -1.24
CA TRP B 173 14.84 -20.85 -1.09
C TRP B 173 15.40 -19.79 -2.06
N GLU B 174 14.56 -18.97 -2.62
CA GLU B 174 15.08 -17.96 -3.58
C GLU B 174 16.28 -17.23 -2.96
N GLU B 175 16.27 -17.06 -1.67
CA GLU B 175 17.41 -16.38 -0.99
C GLU B 175 18.45 -17.45 -0.65
N PRO B 176 19.70 -17.07 -0.47
CA PRO B 176 20.80 -18.02 -0.14
C PRO B 176 20.30 -19.17 0.75
N GLU B 177 19.80 -20.21 0.15
CA GLU B 177 19.27 -21.36 0.93
C GLU B 177 19.60 -22.67 0.20
N MET B 178 19.35 -23.79 0.83
CA MET B 178 19.63 -25.11 0.18
C MET B 178 18.52 -26.08 0.57
N VAL B 179 17.34 -25.87 0.04
CA VAL B 179 16.19 -26.76 0.38
C VAL B 179 16.29 -28.08 -0.38
N THR B 180 17.18 -28.18 -1.33
CA THR B 180 17.33 -29.44 -2.13
C THR B 180 15.96 -29.81 -2.75
N PRO B 181 15.95 -30.55 -3.85
CA PRO B 181 14.68 -30.95 -4.52
C PRO B 181 13.99 -32.13 -3.83
N ASN B 182 14.67 -33.23 -3.63
CA ASN B 182 14.04 -34.41 -2.99
C ASN B 182 13.60 -34.10 -1.56
N VAL B 183 14.31 -33.26 -0.86
CA VAL B 183 13.94 -32.93 0.55
C VAL B 183 12.60 -32.18 0.59
N ILE B 184 12.15 -31.66 -0.52
CA ILE B 184 10.85 -30.92 -0.52
C ILE B 184 9.73 -31.86 -0.08
N GLU B 185 9.92 -33.14 -0.25
CA GLU B 185 8.85 -34.11 0.15
C GLU B 185 8.56 -33.98 1.65
N VAL B 186 9.58 -33.88 2.45
CA VAL B 186 9.34 -33.76 3.92
C VAL B 186 8.90 -32.33 4.26
N ALA B 187 9.40 -31.34 3.56
CA ALA B 187 8.99 -29.94 3.86
C ALA B 187 7.47 -29.83 3.78
N ILE B 188 6.88 -30.26 2.71
CA ILE B 188 5.40 -30.15 2.59
C ILE B 188 4.75 -31.07 3.64
N ASN B 189 5.30 -32.22 3.87
CA ASN B 189 4.69 -33.14 4.88
C ASN B 189 4.63 -32.44 6.23
N GLN B 190 5.70 -31.80 6.63
CA GLN B 190 5.71 -31.10 7.95
C GLN B 190 4.86 -29.84 7.88
N ILE B 191 5.03 -29.04 6.86
CA ILE B 191 4.24 -27.79 6.76
C ILE B 191 2.75 -28.12 6.84
N ARG B 192 2.33 -29.18 6.21
CA ARG B 192 0.88 -29.57 6.27
C ARG B 192 0.49 -29.87 7.71
N GLN B 193 1.22 -30.73 8.37
CA GLN B 193 0.88 -31.08 9.77
C GLN B 193 0.94 -29.81 10.64
N LYS B 194 1.89 -28.95 10.38
CA LYS B 194 2.01 -27.70 11.17
C LYS B 194 0.88 -26.74 10.78
N MET B 195 0.25 -26.98 9.66
CA MET B 195 -0.85 -26.07 9.21
C MET B 195 -2.19 -26.54 9.78
N ASP B 196 -2.56 -27.76 9.51
CA ASP B 196 -3.87 -28.28 10.00
C ASP B 196 -3.98 -28.14 11.52
N LYS B 197 -2.91 -28.37 12.23
CA LYS B 197 -2.98 -28.27 13.73
C LYS B 197 -3.52 -26.88 14.14
N PRO B 198 -2.79 -25.82 13.87
CA PRO B 198 -3.25 -24.43 14.23
C PRO B 198 -4.54 -24.03 13.51
N LEU B 199 -4.54 -24.08 12.20
CA LEU B 199 -5.76 -23.69 11.45
C LEU B 199 -6.91 -24.65 11.79
N GLY B 200 -6.60 -25.88 12.08
CA GLY B 200 -7.67 -26.85 12.43
C GLY B 200 -8.45 -27.24 11.17
N ILE B 201 -8.73 -26.29 10.32
CA ILE B 201 -9.49 -26.60 9.07
C ILE B 201 -8.49 -26.87 7.94
N SER B 202 -8.66 -27.97 7.24
CA SER B 202 -7.72 -28.29 6.13
C SER B 202 -8.09 -27.44 4.91
N THR B 203 -7.11 -26.98 4.18
CA THR B 203 -7.39 -26.14 2.97
C THR B 203 -6.42 -26.50 1.85
N VAL B 204 -5.59 -27.50 2.07
CA VAL B 204 -4.60 -27.93 1.01
C VAL B 204 -4.97 -29.33 0.52
N GLU B 205 -4.95 -29.53 -0.78
CA GLU B 205 -5.30 -30.87 -1.34
C GLU B 205 -4.03 -31.56 -1.85
N THR B 206 -3.88 -32.82 -1.57
CA THR B 206 -2.66 -33.56 -2.04
C THR B 206 -3.01 -34.29 -3.34
N VAL B 207 -2.32 -33.97 -4.41
CA VAL B 207 -2.59 -34.63 -5.72
C VAL B 207 -1.27 -35.10 -6.35
N ARG B 208 -1.21 -36.33 -6.78
CA ARG B 208 0.04 -36.85 -7.41
C ARG B 208 0.20 -36.24 -8.80
N ARG B 209 -0.88 -35.90 -9.44
CA ARG B 209 -0.80 -35.31 -10.81
C ARG B 209 0.10 -34.07 -10.78
N ARG B 210 -0.48 -32.90 -10.88
CA ARG B 210 0.35 -31.67 -10.87
C ARG B 210 1.08 -31.53 -9.53
N GLY B 211 0.36 -31.33 -8.46
CA GLY B 211 1.03 -31.19 -7.14
C GLY B 211 -0.02 -30.93 -6.05
N TYR B 212 0.08 -29.81 -5.38
CA TYR B 212 -0.90 -29.48 -4.29
C TYR B 212 -1.77 -28.30 -4.73
N ARG B 213 -3.04 -28.32 -4.39
CA ARG B 213 -3.96 -27.19 -4.77
C ARG B 213 -4.26 -26.36 -3.53
N PHE B 214 -4.14 -25.06 -3.62
CA PHE B 214 -4.43 -24.19 -2.43
C PHE B 214 -5.73 -23.43 -2.68
N CYS B 215 -6.79 -23.81 -2.01
CA CYS B 215 -8.10 -23.12 -2.20
C CYS B 215 -8.89 -23.14 -0.89
N TYR B 216 -9.97 -22.40 -0.83
CA TYR B 216 -10.78 -22.37 0.42
C TYR B 216 -11.68 -23.63 0.47
N PRO B 217 -12.00 -24.11 1.64
CA PRO B 217 -12.87 -25.32 1.78
C PRO B 217 -14.31 -25.02 1.36
N LYS B 218 -15.25 -25.81 1.79
CA LYS B 218 -16.67 -25.56 1.40
C LYS B 218 -17.06 -24.13 1.82
N PRO B 219 -17.98 -23.51 1.12
CA PRO B 219 -18.43 -22.13 1.43
C PRO B 219 -18.45 -21.85 2.94
N ALA B 220 -17.39 -21.31 3.46
CA ALA B 220 -17.33 -21.02 4.92
C ALA B 220 -18.52 -20.13 5.32
N CYS B 221 -19.09 -19.42 4.38
CA CYS B 221 -20.24 -18.53 4.71
C CYS B 221 -21.19 -18.45 3.51
N GLU B 222 -22.41 -18.05 3.74
CA GLU B 222 -23.40 -17.93 2.64
C GLU B 222 -24.52 -16.98 3.06
N GLU B 223 -25.11 -16.27 2.14
CA GLU B 223 -26.21 -15.34 2.51
C GLU B 223 -27.39 -16.14 3.07
N MET A 1 4.70 9.07 -16.11
CA MET A 1 4.20 9.83 -14.93
C MET A 1 4.48 11.32 -15.12
N ARG A 2 3.78 12.17 -14.42
CA ARG A 2 4.01 13.64 -14.55
C ARG A 2 3.84 14.31 -13.19
N VAL A 3 4.44 15.47 -13.01
CA VAL A 3 4.33 16.20 -11.71
C VAL A 3 3.63 17.53 -11.92
N LEU A 4 2.62 17.80 -11.12
CA LEU A 4 1.88 19.09 -11.25
C LEU A 4 2.38 20.06 -10.19
N LEU A 5 2.95 21.17 -10.60
CA LEU A 5 3.48 22.18 -9.63
C LEU A 5 2.75 23.51 -9.86
N ILE A 6 1.85 23.88 -8.99
CA ILE A 6 1.11 25.17 -9.16
C ILE A 6 1.78 26.25 -8.32
N GLU A 7 2.03 27.40 -8.90
CA GLU A 7 2.68 28.50 -8.14
C GLU A 7 2.49 29.82 -8.87
N LYS A 8 2.06 30.84 -8.19
CA LYS A 8 1.87 32.16 -8.87
C LYS A 8 3.23 32.82 -9.09
N ASN A 9 4.28 32.22 -8.59
CA ASN A 9 5.63 32.81 -8.78
C ASN A 9 6.08 32.57 -10.22
N SER A 10 7.35 32.36 -10.43
CA SER A 10 7.83 32.12 -11.82
C SER A 10 9.20 31.43 -11.78
N VAL A 11 10.22 32.12 -11.35
CA VAL A 11 11.56 31.49 -11.30
C VAL A 11 11.57 30.35 -10.27
N LEU A 12 10.87 30.50 -9.18
CA LEU A 12 10.85 29.40 -8.16
C LEU A 12 10.46 28.09 -8.86
N GLY A 13 9.51 28.15 -9.75
CA GLY A 13 9.10 26.90 -10.46
C GLY A 13 10.17 26.55 -11.49
N GLY A 14 10.87 27.54 -11.98
CA GLY A 14 11.94 27.27 -12.97
C GLY A 14 13.04 26.43 -12.34
N GLU A 15 13.47 26.78 -11.16
CA GLU A 15 14.54 26.01 -10.49
C GLU A 15 14.04 24.60 -10.14
N ILE A 16 12.84 24.48 -9.64
CA ILE A 16 12.32 23.13 -9.30
C ILE A 16 12.06 22.35 -10.59
N GLU A 17 11.58 23.00 -11.62
CA GLU A 17 11.31 22.29 -12.90
C GLU A 17 12.61 21.66 -13.41
N LYS A 18 13.68 22.39 -13.41
CA LYS A 18 14.98 21.83 -13.91
C LYS A 18 15.69 21.11 -12.77
N GLY A 19 15.14 21.16 -11.60
CA GLY A 19 15.77 20.46 -10.45
C GLY A 19 15.36 18.99 -10.47
N LEU A 20 14.08 18.72 -10.43
CA LEU A 20 13.61 17.31 -10.44
C LEU A 20 13.95 16.68 -11.79
N ASN A 21 14.01 17.47 -12.84
CA ASN A 21 14.34 16.91 -14.17
C ASN A 21 15.64 16.12 -14.08
N VAL A 22 16.56 16.55 -13.27
CA VAL A 22 17.86 15.81 -13.13
C VAL A 22 17.56 14.36 -12.76
N LYS A 23 16.62 14.15 -11.89
CA LYS A 23 16.28 12.76 -11.48
C LYS A 23 15.59 12.04 -12.65
N GLY A 24 15.11 12.80 -13.61
CA GLY A 24 14.44 12.17 -14.79
C GLY A 24 12.91 12.18 -14.60
N PHE A 25 12.37 13.25 -14.09
CA PHE A 25 10.88 13.33 -13.88
C PHE A 25 10.33 14.48 -14.74
N MET A 26 9.07 14.43 -15.07
CA MET A 26 8.46 15.51 -15.92
C MET A 26 7.62 16.40 -15.00
N ALA A 27 7.66 17.69 -15.21
CA ALA A 27 6.87 18.61 -14.34
C ALA A 27 6.34 19.78 -15.17
N ASP A 28 5.32 20.43 -14.68
CA ASP A 28 4.74 21.60 -15.42
C ASP A 28 4.37 22.69 -14.41
N VAL A 29 4.51 23.93 -14.78
CA VAL A 29 4.17 25.05 -13.86
C VAL A 29 2.85 25.68 -14.31
N THR A 30 1.91 25.82 -13.40
CA THR A 30 0.59 26.42 -13.77
C THR A 30 0.25 27.54 -12.79
N GLU A 31 -0.71 28.36 -13.12
CA GLU A 31 -1.09 29.49 -12.21
C GLU A 31 -2.26 29.06 -11.31
N SER A 32 -3.46 29.43 -11.65
CA SER A 32 -4.63 29.05 -10.81
C SER A 32 -5.04 27.60 -11.10
N LEU A 33 -5.85 27.03 -10.24
CA LEU A 33 -6.29 25.62 -10.45
C LEU A 33 -6.97 25.48 -11.81
N GLU A 34 -7.70 26.47 -12.24
CA GLU A 34 -8.40 26.38 -13.55
C GLU A 34 -7.40 26.03 -14.65
N ASP A 35 -6.24 26.62 -14.61
CA ASP A 35 -5.22 26.33 -15.67
C ASP A 35 -4.64 24.93 -15.45
N GLY A 36 -4.39 24.56 -14.22
CA GLY A 36 -3.81 23.22 -13.94
C GLY A 36 -4.91 22.16 -14.04
N GLU A 37 -6.08 22.45 -13.55
CA GLU A 37 -7.19 21.45 -13.61
C GLU A 37 -7.54 21.15 -15.07
N TYR A 38 -7.73 22.15 -15.87
CA TYR A 38 -8.08 21.92 -17.30
C TYR A 38 -6.90 21.25 -18.03
N LEU A 39 -5.70 21.62 -17.68
CA LEU A 39 -4.52 21.02 -18.37
C LEU A 39 -4.31 19.57 -17.90
N MET A 40 -4.25 19.34 -16.62
CA MET A 40 -4.03 17.96 -16.12
C MET A 40 -5.22 17.06 -16.49
N ASP A 41 -6.38 17.64 -16.69
CA ASP A 41 -7.57 16.82 -17.05
C ASP A 41 -7.26 15.97 -18.29
N ILE A 42 -6.60 16.54 -19.27
CA ILE A 42 -6.28 15.76 -20.51
C ILE A 42 -4.93 15.05 -20.33
N ARG A 43 -4.00 15.64 -19.63
CA ARG A 43 -2.67 14.98 -19.44
C ARG A 43 -2.73 14.06 -18.23
N ASN A 44 -2.00 12.97 -18.25
CA ASN A 44 -2.00 12.02 -17.10
C ASN A 44 -0.94 12.46 -16.09
N TYR A 45 -1.13 12.16 -14.84
CA TYR A 45 -0.12 12.56 -13.81
C TYR A 45 -0.22 11.64 -12.60
N ASP A 46 0.72 11.75 -11.68
CA ASP A 46 0.69 10.88 -10.46
C ASP A 46 1.02 11.74 -9.23
N LEU A 47 1.84 12.76 -9.39
CA LEU A 47 2.19 13.63 -8.23
C LEU A 47 1.40 14.93 -8.33
N VAL A 48 0.44 15.12 -7.47
CA VAL A 48 -0.38 16.37 -7.51
C VAL A 48 0.16 17.36 -6.48
N MET A 49 0.98 18.29 -6.89
CA MET A 49 1.54 19.31 -5.94
C MET A 49 1.00 20.68 -6.29
N VAL A 50 0.43 21.37 -5.32
CA VAL A 50 -0.15 22.71 -5.57
C VAL A 50 0.31 23.67 -4.46
N SER A 51 0.67 24.88 -4.84
CA SER A 51 1.13 25.89 -3.84
C SER A 51 0.01 26.91 -3.59
N ASP A 52 -1.14 26.72 -4.19
CA ASP A 52 -2.26 27.67 -3.98
C ASP A 52 -2.90 27.43 -2.61
N LYS A 53 -3.26 28.48 -1.92
CA LYS A 53 -3.88 28.31 -0.58
C LYS A 53 -5.32 27.81 -0.72
N ASN A 54 -6.07 28.35 -1.65
CA ASN A 54 -7.47 27.90 -1.83
C ASN A 54 -7.50 26.49 -2.42
N ALA A 55 -6.39 25.81 -2.40
CA ALA A 55 -6.33 24.43 -2.96
C ALA A 55 -7.00 23.44 -2.00
N LEU A 56 -7.14 23.79 -0.75
CA LEU A 56 -7.78 22.86 0.23
C LEU A 56 -9.00 22.20 -0.40
N SER A 57 -9.89 22.97 -0.96
CA SER A 57 -11.10 22.37 -1.61
C SER A 57 -10.65 21.54 -2.82
N PHE A 58 -9.62 21.97 -3.49
CA PHE A 58 -9.14 21.22 -4.69
C PHE A 58 -8.65 19.83 -4.25
N VAL A 59 -7.64 19.77 -3.42
CA VAL A 59 -7.14 18.44 -2.99
C VAL A 59 -8.31 17.57 -2.53
N SER A 60 -9.31 18.18 -1.94
CA SER A 60 -10.48 17.39 -1.47
C SER A 60 -11.09 16.62 -2.65
N ARG A 61 -11.39 17.30 -3.73
CA ARG A 61 -11.99 16.60 -4.89
C ARG A 61 -10.95 15.66 -5.53
N ILE A 62 -9.69 16.01 -5.49
CA ILE A 62 -8.67 15.11 -6.11
C ILE A 62 -8.60 13.79 -5.34
N LYS A 63 -8.78 13.84 -4.04
CA LYS A 63 -8.71 12.59 -3.23
C LYS A 63 -9.94 11.70 -3.53
N GLU A 64 -11.12 12.26 -3.55
CA GLU A 64 -12.32 11.41 -3.81
C GLU A 64 -12.38 11.05 -5.30
N LYS A 65 -12.11 11.98 -6.17
CA LYS A 65 -12.16 11.69 -7.63
C LYS A 65 -10.99 10.77 -8.00
N HIS A 66 -9.91 10.85 -7.27
CA HIS A 66 -8.73 9.98 -7.58
C HIS A 66 -7.98 9.69 -6.28
N SER A 67 -8.57 8.95 -5.39
CA SER A 67 -7.88 8.63 -4.11
C SER A 67 -6.58 7.87 -4.39
N SER A 68 -6.53 7.14 -5.45
CA SER A 68 -5.29 6.37 -5.78
C SER A 68 -4.25 7.31 -6.38
N ILE A 69 -4.01 8.44 -5.76
CA ILE A 69 -3.00 9.40 -6.31
C ILE A 69 -2.28 10.09 -5.14
N VAL A 70 -1.19 10.77 -5.40
CA VAL A 70 -0.45 11.47 -4.32
C VAL A 70 -0.83 12.94 -4.29
N VAL A 71 -0.68 13.60 -3.18
CA VAL A 71 -1.04 15.05 -3.08
C VAL A 71 -0.03 15.75 -2.18
N LEU A 72 0.66 16.73 -2.70
CA LEU A 72 1.68 17.47 -1.91
C LEU A 72 1.25 18.93 -1.77
N VAL A 73 0.76 19.30 -0.61
CA VAL A 73 0.32 20.71 -0.41
C VAL A 73 1.48 21.51 0.19
N SER A 74 1.90 22.56 -0.48
CA SER A 74 3.03 23.38 0.04
C SER A 74 2.48 24.48 0.94
N SER A 75 3.33 25.16 1.66
CA SER A 75 2.83 26.26 2.55
C SER A 75 3.97 27.18 2.95
N ASP A 76 3.84 28.45 2.67
CA ASP A 76 4.92 29.42 3.02
C ASP A 76 4.83 29.75 4.51
N ASN A 77 3.76 29.32 5.15
CA ASN A 77 3.57 29.58 6.60
C ASN A 77 3.25 28.27 7.32
N PRO A 78 4.17 27.33 7.34
CA PRO A 78 3.94 26.01 7.99
C PRO A 78 3.37 26.15 9.40
N THR A 79 2.07 26.21 9.50
CA THR A 79 1.42 26.35 10.85
C THR A 79 0.80 25.00 11.22
N SER A 80 0.73 24.70 12.49
CA SER A 80 0.14 23.41 12.91
C SER A 80 -1.33 23.36 12.48
N GLU A 81 -2.00 24.48 12.48
CA GLU A 81 -3.43 24.49 12.08
C GLU A 81 -3.55 24.01 10.63
N GLU A 82 -2.64 24.39 9.79
CA GLU A 82 -2.70 23.95 8.37
C GLU A 82 -2.26 22.49 8.26
N GLU A 83 -1.36 22.07 9.11
CA GLU A 83 -0.89 20.66 9.05
C GLU A 83 -2.06 19.71 9.35
N VAL A 84 -2.75 19.93 10.43
CA VAL A 84 -3.90 19.04 10.77
C VAL A 84 -4.97 19.15 9.68
N HIS A 85 -5.27 20.35 9.25
CA HIS A 85 -6.31 20.51 8.20
C HIS A 85 -5.85 19.83 6.91
N ALA A 86 -4.57 19.81 6.65
CA ALA A 86 -4.07 19.16 5.41
C ALA A 86 -4.27 17.64 5.49
N PHE A 87 -4.09 17.06 6.64
CA PHE A 87 -4.27 15.58 6.77
C PHE A 87 -5.75 15.27 6.97
N GLU A 88 -6.44 16.11 7.71
CA GLU A 88 -7.88 15.86 7.94
C GLU A 88 -8.65 15.93 6.62
N GLN A 89 -8.22 16.78 5.72
CA GLN A 89 -8.92 16.90 4.41
C GLN A 89 -8.47 15.77 3.48
N GLY A 90 -7.20 15.69 3.18
CA GLY A 90 -6.73 14.60 2.28
C GLY A 90 -5.40 15.00 1.63
N ALA A 91 -4.39 15.26 2.41
CA ALA A 91 -3.05 15.64 1.86
C ALA A 91 -2.07 14.49 2.08
N ASP A 92 -1.44 14.02 1.03
CA ASP A 92 -0.48 12.89 1.20
C ASP A 92 0.74 13.38 1.96
N ASP A 93 1.15 14.61 1.71
CA ASP A 93 2.34 15.15 2.43
C ASP A 93 2.20 16.67 2.56
N TYR A 94 2.95 17.26 3.46
CA TYR A 94 2.87 18.74 3.68
C TYR A 94 4.29 19.28 3.78
N ILE A 95 4.66 20.17 2.88
CA ILE A 95 6.06 20.72 2.89
C ILE A 95 6.04 22.26 2.95
N ALA A 96 7.02 22.84 3.57
CA ALA A 96 7.08 24.33 3.64
C ALA A 96 7.36 24.85 2.23
N LYS A 97 6.63 25.85 1.80
CA LYS A 97 6.86 26.36 0.41
C LYS A 97 8.32 26.73 0.18
N PRO A 98 8.92 27.57 0.98
CA PRO A 98 10.30 28.02 0.72
C PRO A 98 11.22 26.88 0.24
N TYR A 99 10.76 25.67 0.30
CA TYR A 99 11.58 24.50 -0.15
C TYR A 99 12.89 24.45 0.63
N ARG A 100 13.13 23.39 1.35
CA ARG A 100 14.41 23.31 2.13
C ARG A 100 15.59 23.32 1.16
N SER A 101 15.50 22.61 0.07
CA SER A 101 16.63 22.60 -0.90
C SER A 101 16.20 22.01 -2.24
N ILE A 102 14.96 22.18 -2.63
CA ILE A 102 14.50 21.62 -3.93
C ILE A 102 14.90 20.15 -4.04
N LYS A 103 16.16 19.88 -4.20
CA LYS A 103 16.61 18.46 -4.31
C LYS A 103 16.06 17.70 -3.10
N ALA A 104 15.95 18.37 -1.99
CA ALA A 104 15.41 17.69 -0.78
C ALA A 104 13.96 17.30 -1.05
N LEU A 105 13.16 18.25 -1.48
CA LEU A 105 11.74 17.94 -1.79
C LEU A 105 11.70 16.83 -2.85
N VAL A 106 12.56 16.92 -3.84
CA VAL A 106 12.59 15.87 -4.89
C VAL A 106 12.93 14.54 -4.24
N ALA A 107 13.80 14.55 -3.27
CA ALA A 107 14.19 13.27 -2.59
C ALA A 107 12.93 12.63 -2.01
N ARG A 108 12.00 13.42 -1.55
CA ARG A 108 10.75 12.86 -0.98
C ARG A 108 9.79 12.48 -2.11
N ILE A 109 9.88 13.13 -3.24
CA ILE A 109 8.96 12.80 -4.36
C ILE A 109 9.47 11.54 -5.09
N GLU A 110 10.76 11.42 -5.24
CA GLU A 110 11.28 10.22 -5.93
C GLU A 110 11.14 9.00 -5.02
N ALA A 111 11.33 9.18 -3.74
CA ALA A 111 11.20 8.04 -2.80
C ALA A 111 9.75 7.54 -2.81
N ARG A 112 8.81 8.43 -2.74
CA ARG A 112 7.38 8.00 -2.75
C ARG A 112 7.11 7.24 -4.06
N LEU A 113 7.67 7.70 -5.15
CA LEU A 113 7.45 7.02 -6.46
C LEU A 113 8.77 7.06 -7.25
N ARG A 114 9.68 6.16 -6.96
CA ARG A 114 10.97 6.15 -7.68
C ARG A 114 10.75 5.79 -9.15
N PHE A 115 9.92 4.81 -9.42
CA PHE A 115 9.67 4.41 -10.84
C PHE A 115 8.33 3.67 -10.92
N TRP A 116 8.34 2.39 -10.67
CA TRP A 116 7.07 1.61 -10.74
C TRP A 116 7.18 0.38 -9.85
N GLY A 117 6.07 -0.13 -9.36
CA GLY A 117 6.11 -1.33 -8.48
C GLY A 117 4.83 -1.39 -7.65
N SER A 118 3.71 -1.58 -8.29
CA SER A 118 2.43 -1.66 -7.53
C SER A 118 1.39 -2.45 -8.35
N ASN A 119 1.25 -3.71 -8.08
CA ASN A 119 0.26 -4.53 -8.83
C ASN A 119 -0.19 -5.72 -7.96
N VAL A 120 -1.14 -6.47 -8.43
CA VAL A 120 -1.62 -7.65 -7.64
C VAL A 120 -1.93 -8.81 -8.60
N ILE A 121 -2.44 -8.50 -9.77
CA ILE A 121 -2.79 -9.56 -10.75
C ILE A 121 -1.72 -9.59 -11.86
N GLU A 122 -1.13 -10.73 -12.11
CA GLU A 122 -0.08 -10.81 -13.18
C GLU A 122 -0.28 -12.12 -13.96
N ILE A 123 -0.48 -12.03 -15.24
CA ILE A 123 -0.66 -13.25 -16.07
C ILE A 123 -0.17 -13.00 -17.49
N GLY A 124 0.57 -13.93 -18.05
CA GLY A 124 1.09 -13.73 -19.44
C GLY A 124 1.63 -12.31 -19.61
N ASP A 125 1.48 -11.75 -20.77
CA ASP A 125 1.98 -10.36 -21.01
C ASP A 125 0.91 -9.36 -20.56
N LEU A 126 -0.19 -9.85 -20.05
CA LEU A 126 -1.28 -8.93 -19.59
C LEU A 126 -1.08 -8.68 -18.09
N THR A 127 -1.13 -7.44 -17.67
CA THR A 127 -0.94 -7.12 -16.21
C THR A 127 -2.06 -6.18 -15.76
N ILE A 128 -2.67 -6.46 -14.63
CA ILE A 128 -3.76 -5.58 -14.11
C ILE A 128 -3.50 -5.29 -12.63
N SER A 129 -3.62 -4.04 -12.23
CA SER A 129 -3.38 -3.65 -10.80
C SER A 129 -4.65 -3.03 -10.22
N PRO A 130 -5.56 -3.85 -9.73
CA PRO A 130 -6.83 -3.36 -9.12
C PRO A 130 -6.59 -2.33 -8.01
N ASP A 131 -5.65 -2.60 -7.14
CA ASP A 131 -5.36 -1.64 -6.05
C ASP A 131 -4.90 -0.30 -6.64
N GLU A 132 -4.07 -0.35 -7.65
CA GLU A 132 -3.59 0.91 -8.29
C GLU A 132 -4.68 1.41 -9.25
N GLU A 133 -5.69 0.62 -9.48
CA GLU A 133 -6.78 1.04 -10.40
C GLU A 133 -6.18 1.39 -11.76
N LYS A 134 -5.54 0.45 -12.40
CA LYS A 134 -4.94 0.72 -13.74
C LYS A 134 -4.79 -0.59 -14.51
N ILE A 135 -5.17 -0.59 -15.76
CA ILE A 135 -5.06 -1.83 -16.60
C ILE A 135 -3.92 -1.66 -17.61
N ILE A 136 -3.16 -2.69 -17.85
CA ILE A 136 -2.02 -2.60 -18.83
C ILE A 136 -2.13 -3.75 -19.85
N TYR A 137 -2.22 -3.42 -21.11
CA TYR A 137 -2.31 -4.48 -22.17
C TYR A 137 -1.42 -4.08 -23.36
N LYS A 138 -0.73 -5.03 -23.94
CA LYS A 138 0.14 -4.71 -25.11
C LYS A 138 1.14 -3.60 -24.74
N GLY A 139 1.44 -3.46 -23.47
CA GLY A 139 2.40 -2.41 -23.06
C GLY A 139 1.69 -1.05 -22.97
N ARG A 140 0.46 -0.98 -23.41
CA ARG A 140 -0.29 0.31 -23.34
C ARG A 140 -0.99 0.42 -21.98
N GLU A 141 -0.80 1.50 -21.29
CA GLU A 141 -1.45 1.68 -19.96
C GLU A 141 -2.71 2.51 -20.10
N VAL A 142 -3.77 2.15 -19.42
CA VAL A 142 -5.05 2.92 -19.50
C VAL A 142 -5.63 3.09 -18.10
N GLU A 143 -6.14 4.25 -17.79
CA GLU A 143 -6.74 4.47 -16.43
C GLU A 143 -8.23 4.20 -16.46
N VAL A 144 -8.77 3.59 -15.44
CA VAL A 144 -10.23 3.29 -15.40
C VAL A 144 -10.77 3.54 -13.99
N LYS A 145 -12.03 3.84 -13.86
CA LYS A 145 -12.60 4.11 -12.51
C LYS A 145 -14.12 4.22 -12.60
N GLY A 146 -14.75 3.34 -13.32
CA GLY A 146 -16.24 3.40 -13.45
C GLY A 146 -16.76 2.07 -14.01
N LYS A 147 -17.25 2.08 -15.22
CA LYS A 147 -17.77 0.82 -15.82
C LYS A 147 -16.60 -0.11 -16.19
N PRO A 148 -15.49 0.42 -16.65
CA PRO A 148 -14.31 -0.41 -17.04
C PRO A 148 -13.34 -0.62 -15.87
N PHE A 149 -13.82 -0.48 -14.65
CA PHE A 149 -12.94 -0.66 -13.45
C PHE A 149 -13.61 -1.62 -12.46
N GLU A 150 -14.81 -1.35 -12.05
CA GLU A 150 -15.49 -2.24 -11.06
C GLU A 150 -15.60 -3.67 -11.63
N VAL A 151 -16.23 -3.83 -12.75
CA VAL A 151 -16.37 -5.20 -13.32
C VAL A 151 -15.01 -5.68 -13.86
N LEU A 152 -14.21 -4.78 -14.38
CA LEU A 152 -12.88 -5.18 -14.91
C LEU A 152 -12.04 -5.74 -13.75
N THR A 153 -12.09 -5.10 -12.61
CA THR A 153 -11.29 -5.58 -11.45
C THR A 153 -11.93 -6.84 -10.86
N HIS A 154 -13.23 -6.95 -10.93
CA HIS A 154 -13.90 -8.14 -10.36
C HIS A 154 -13.37 -9.41 -11.04
N LEU A 155 -13.36 -9.43 -12.34
CA LEU A 155 -12.84 -10.62 -13.06
C LEU A 155 -11.31 -10.66 -13.00
N ALA A 156 -10.69 -9.51 -12.86
CA ALA A 156 -9.20 -9.49 -12.79
C ALA A 156 -8.72 -10.41 -11.67
N ARG A 157 -9.34 -10.32 -10.52
CA ARG A 157 -8.92 -11.19 -9.39
C ARG A 157 -9.48 -12.59 -9.62
N HIS A 158 -10.72 -12.69 -10.03
CA HIS A 158 -11.32 -14.03 -10.28
C HIS A 158 -10.92 -14.51 -11.68
N ARG A 159 -9.81 -14.05 -12.17
CA ARG A 159 -9.35 -14.46 -13.53
C ARG A 159 -9.41 -15.99 -13.65
N ASP A 160 -9.23 -16.70 -12.56
CA ASP A 160 -9.27 -18.19 -12.59
C ASP A 160 -10.31 -18.69 -11.60
N GLN A 161 -11.57 -18.56 -11.93
CA GLN A 161 -12.64 -19.02 -10.99
C GLN A 161 -13.99 -18.97 -11.69
N ILE A 162 -14.93 -19.80 -11.29
CA ILE A 162 -16.27 -19.79 -11.93
C ILE A 162 -17.14 -18.71 -11.30
N VAL A 163 -17.62 -17.78 -12.10
CA VAL A 163 -18.47 -16.67 -11.56
C VAL A 163 -19.91 -16.81 -12.08
N SER A 164 -20.88 -16.61 -11.23
CA SER A 164 -22.30 -16.73 -11.67
C SER A 164 -22.83 -15.34 -12.06
N LYS A 165 -23.84 -15.31 -12.88
CA LYS A 165 -24.40 -13.99 -13.31
C LYS A 165 -24.84 -13.20 -12.07
N GLU A 166 -25.48 -13.85 -11.14
CA GLU A 166 -25.93 -13.12 -9.92
C GLU A 166 -24.74 -12.44 -9.25
N GLN A 167 -23.59 -13.07 -9.28
CA GLN A 167 -22.39 -12.45 -8.65
C GLN A 167 -22.09 -11.11 -9.33
N LEU A 168 -22.21 -11.05 -10.63
CA LEU A 168 -21.94 -9.77 -11.34
C LEU A 168 -22.96 -8.72 -10.90
N LEU A 169 -24.16 -9.13 -10.61
CA LEU A 169 -25.21 -8.17 -10.17
C LEU A 169 -24.81 -7.54 -8.83
N ASP A 170 -24.56 -8.35 -7.84
CA ASP A 170 -24.18 -7.80 -6.51
C ASP A 170 -22.76 -7.21 -6.57
N ALA A 171 -21.90 -7.79 -7.36
CA ALA A 171 -20.50 -7.26 -7.44
C ALA A 171 -20.51 -5.79 -7.87
N ILE A 172 -21.25 -5.45 -8.89
CA ILE A 172 -21.30 -4.04 -9.35
C ILE A 172 -22.53 -3.37 -8.75
N TRP A 173 -23.70 -3.81 -9.13
CA TRP A 173 -24.94 -3.20 -8.59
C TRP A 173 -25.29 -3.86 -7.26
N GLU A 174 -24.79 -3.33 -6.17
CA GLU A 174 -25.09 -3.93 -4.83
C GLU A 174 -26.21 -3.15 -4.15
N GLU A 175 -25.92 -1.97 -3.68
CA GLU A 175 -26.97 -1.16 -3.00
C GLU A 175 -28.13 -0.89 -3.98
N PRO A 176 -29.33 -0.70 -3.50
CA PRO A 176 -30.51 -0.42 -4.38
C PRO A 176 -30.18 0.55 -5.53
N GLU A 177 -29.65 0.05 -6.61
CA GLU A 177 -29.31 0.94 -7.76
C GLU A 177 -30.51 1.00 -8.71
N MET A 178 -31.65 0.51 -8.28
CA MET A 178 -32.85 0.53 -9.15
C MET A 178 -32.50 -0.10 -10.51
N VAL A 179 -32.23 -1.38 -10.52
CA VAL A 179 -31.87 -2.07 -11.80
C VAL A 179 -32.69 -3.36 -11.92
N THR A 180 -32.98 -3.79 -13.13
CA THR A 180 -33.77 -5.03 -13.33
C THR A 180 -32.81 -6.23 -13.45
N PRO A 181 -32.80 -7.15 -12.51
CA PRO A 181 -31.89 -8.34 -12.58
C PRO A 181 -31.84 -8.97 -13.97
N ASN A 182 -32.73 -8.60 -14.85
CA ASN A 182 -32.73 -9.19 -16.23
C ASN A 182 -31.96 -8.28 -17.18
N VAL A 183 -30.79 -7.82 -16.80
CA VAL A 183 -29.98 -6.92 -17.68
C VAL A 183 -28.55 -7.44 -17.77
N ILE A 184 -28.22 -8.47 -17.04
CA ILE A 184 -26.84 -9.01 -17.10
C ILE A 184 -26.58 -9.59 -18.50
N GLU A 185 -27.61 -10.07 -19.16
CA GLU A 185 -27.41 -10.64 -20.51
C GLU A 185 -26.88 -9.56 -21.46
N VAL A 186 -27.42 -8.38 -21.38
CA VAL A 186 -26.94 -7.28 -22.27
C VAL A 186 -25.64 -6.70 -21.71
N ALA A 187 -25.47 -6.75 -20.42
CA ALA A 187 -24.22 -6.20 -19.81
C ALA A 187 -23.04 -7.12 -20.13
N ILE A 188 -23.23 -8.41 -20.04
CA ILE A 188 -22.10 -9.33 -20.34
C ILE A 188 -21.88 -9.39 -21.86
N ASN A 189 -22.91 -9.20 -22.62
CA ASN A 189 -22.77 -9.24 -24.10
C ASN A 189 -22.00 -8.02 -24.59
N GLN A 190 -22.32 -6.86 -24.08
CA GLN A 190 -21.61 -5.63 -24.53
C GLN A 190 -20.21 -5.56 -23.92
N ILE A 191 -20.07 -5.92 -22.66
CA ILE A 191 -18.72 -5.87 -22.03
C ILE A 191 -17.77 -6.81 -22.77
N ARG A 192 -18.25 -7.93 -23.24
CA ARG A 192 -17.36 -8.87 -23.98
C ARG A 192 -17.03 -8.26 -25.34
N GLN A 193 -18.00 -7.65 -25.96
CA GLN A 193 -17.76 -7.02 -27.28
C GLN A 193 -16.84 -5.81 -27.10
N LYS A 194 -16.97 -5.12 -26.00
CA LYS A 194 -16.11 -3.92 -25.76
C LYS A 194 -14.78 -4.36 -25.13
N MET A 195 -14.67 -5.61 -24.77
CA MET A 195 -13.40 -6.11 -24.14
C MET A 195 -12.50 -6.69 -25.22
N ASP A 196 -12.97 -7.66 -25.96
CA ASP A 196 -12.13 -8.27 -27.02
C ASP A 196 -11.71 -7.21 -28.04
N LYS A 197 -12.53 -6.23 -28.27
CA LYS A 197 -12.17 -5.16 -29.26
C LYS A 197 -10.83 -4.51 -28.86
N PRO A 198 -10.78 -3.82 -27.74
CA PRO A 198 -9.52 -3.14 -27.28
C PRO A 198 -8.42 -4.15 -26.94
N LEU A 199 -8.67 -5.05 -26.03
CA LEU A 199 -7.62 -6.04 -25.64
C LEU A 199 -7.23 -6.89 -26.85
N GLY A 200 -8.19 -7.31 -27.63
CA GLY A 200 -7.86 -8.14 -28.83
C GLY A 200 -7.77 -9.62 -28.44
N ILE A 201 -7.24 -9.91 -27.27
CA ILE A 201 -7.12 -11.33 -26.82
C ILE A 201 -8.36 -11.71 -26.01
N SER A 202 -8.84 -12.91 -26.17
CA SER A 202 -10.05 -13.35 -25.40
C SER A 202 -9.61 -13.89 -24.04
N THR A 203 -10.40 -13.67 -23.01
CA THR A 203 -10.02 -14.16 -21.65
C THR A 203 -11.28 -14.55 -20.89
N VAL A 204 -12.33 -14.94 -21.58
CA VAL A 204 -13.59 -15.32 -20.90
C VAL A 204 -14.25 -16.48 -21.66
N GLU A 205 -14.69 -17.48 -20.95
CA GLU A 205 -15.36 -18.66 -21.62
C GLU A 205 -16.86 -18.63 -21.31
N THR A 206 -17.69 -18.67 -22.31
CA THR A 206 -19.16 -18.65 -22.08
C THR A 206 -19.68 -20.09 -22.01
N VAL A 207 -20.26 -20.48 -20.92
CA VAL A 207 -20.79 -21.87 -20.79
C VAL A 207 -22.02 -21.88 -19.89
N ARG A 208 -23.00 -22.66 -20.23
CA ARG A 208 -24.24 -22.72 -19.39
C ARG A 208 -23.88 -23.25 -18.00
N ARG A 209 -22.83 -24.01 -17.90
CA ARG A 209 -22.41 -24.56 -16.58
C ARG A 209 -22.44 -23.45 -15.52
N ARG A 210 -23.44 -23.45 -14.69
CA ARG A 210 -23.53 -22.41 -13.63
C ARG A 210 -23.60 -21.01 -14.27
N GLY A 211 -22.50 -20.51 -14.75
CA GLY A 211 -22.50 -19.16 -15.39
C GLY A 211 -21.31 -19.02 -16.33
N TYR A 212 -20.54 -17.97 -16.17
CA TYR A 212 -19.36 -17.76 -17.06
C TYR A 212 -18.08 -18.18 -16.31
N ARG A 213 -17.15 -18.77 -17.01
CA ARG A 213 -15.88 -19.22 -16.36
C ARG A 213 -14.72 -18.29 -16.78
N PHE A 214 -14.02 -17.74 -15.83
CA PHE A 214 -12.88 -16.84 -16.15
C PHE A 214 -11.57 -17.63 -16.08
N CYS A 215 -10.77 -17.57 -17.11
CA CYS A 215 -9.47 -18.30 -17.11
C CYS A 215 -8.47 -17.56 -17.99
N TYR A 216 -7.21 -17.74 -17.75
CA TYR A 216 -6.18 -17.04 -18.57
C TYR A 216 -6.25 -17.56 -20.02
N PRO A 217 -5.86 -16.77 -20.99
CA PRO A 217 -5.89 -17.19 -22.42
C PRO A 217 -5.37 -18.62 -22.62
N LYS A 218 -5.42 -19.12 -23.83
CA LYS A 218 -4.91 -20.49 -24.10
C LYS A 218 -3.55 -20.67 -23.42
N PRO A 219 -3.17 -21.88 -23.10
CA PRO A 219 -1.87 -22.16 -22.43
C PRO A 219 -0.75 -21.20 -22.87
N ALA A 220 -0.67 -20.07 -22.24
CA ALA A 220 0.38 -19.07 -22.61
C ALA A 220 1.77 -19.69 -22.39
N CYS A 221 1.89 -20.57 -21.43
CA CYS A 221 3.20 -21.20 -21.16
C CYS A 221 3.73 -21.85 -22.45
N GLU A 222 2.87 -22.42 -23.23
CA GLU A 222 3.34 -23.06 -24.50
C GLU A 222 4.00 -22.01 -25.38
N GLU A 223 5.06 -22.37 -26.05
CA GLU A 223 5.75 -21.39 -26.93
C GLU A 223 4.74 -20.72 -27.85
N MET B 1 0.07 -2.52 20.69
CA MET B 1 -0.29 -1.09 20.47
C MET B 1 0.42 -0.22 21.50
N ARG B 2 1.66 0.13 21.26
CA ARG B 2 2.41 0.99 22.23
C ARG B 2 3.24 2.02 21.46
N VAL B 3 3.44 3.18 22.04
CA VAL B 3 4.23 4.26 21.37
C VAL B 3 5.52 4.50 22.15
N LEU B 4 6.62 4.66 21.46
CA LEU B 4 7.94 4.89 22.14
C LEU B 4 8.40 6.34 21.90
N LEU B 5 8.57 7.10 22.95
CA LEU B 5 9.05 8.51 22.82
C LEU B 5 10.40 8.64 23.53
N ILE B 6 11.48 8.56 22.80
CA ILE B 6 12.81 8.69 23.46
C ILE B 6 13.15 10.16 23.61
N GLU B 7 12.93 10.72 24.78
CA GLU B 7 13.23 12.17 25.01
C GLU B 7 14.05 12.33 26.29
N LYS B 8 15.15 13.04 26.22
CA LYS B 8 16.00 13.23 27.43
C LYS B 8 15.21 14.03 28.48
N ASN B 9 14.46 15.01 28.05
CA ASN B 9 13.67 15.83 29.01
C ASN B 9 12.35 15.11 29.33
N SER B 10 12.16 14.73 30.56
CA SER B 10 10.89 14.02 30.93
C SER B 10 9.71 14.98 30.79
N VAL B 11 9.94 16.26 30.94
CA VAL B 11 8.83 17.24 30.83
C VAL B 11 8.29 17.26 29.38
N LEU B 12 9.16 17.42 28.42
CA LEU B 12 8.71 17.46 27.01
C LEU B 12 8.08 16.11 26.64
N GLY B 13 8.64 15.02 27.10
CA GLY B 13 8.08 13.70 26.78
C GLY B 13 6.79 13.52 27.57
N GLY B 14 6.71 14.13 28.72
CA GLY B 14 5.49 14.00 29.54
C GLY B 14 4.29 14.58 28.80
N GLU B 15 4.42 15.78 28.29
CA GLU B 15 3.29 16.40 27.55
C GLU B 15 2.94 15.56 26.32
N ILE B 16 3.91 15.15 25.54
CA ILE B 16 3.59 14.31 24.35
C ILE B 16 3.00 12.99 24.84
N GLU B 17 3.54 12.44 25.89
CA GLU B 17 3.01 11.15 26.42
C GLU B 17 1.56 11.33 26.87
N LYS B 18 1.28 12.41 27.56
CA LYS B 18 -0.12 12.63 28.04
C LYS B 18 -0.92 13.33 26.95
N GLY B 19 -0.31 13.56 25.84
CA GLY B 19 -1.03 14.23 24.72
C GLY B 19 -1.74 13.17 23.87
N LEU B 20 -0.99 12.23 23.35
CA LEU B 20 -1.61 11.16 22.51
C LEU B 20 -2.43 10.22 23.39
N ASN B 21 -2.16 10.19 24.68
CA ASN B 21 -2.93 9.29 25.58
C ASN B 21 -4.42 9.64 25.49
N VAL B 22 -4.73 10.87 25.22
CA VAL B 22 -6.16 11.27 25.12
C VAL B 22 -6.82 10.45 24.01
N LYS B 23 -6.11 10.20 22.95
CA LYS B 23 -6.69 9.42 21.82
C LYS B 23 -6.97 7.98 22.30
N GLY B 24 -6.31 7.55 23.35
CA GLY B 24 -6.54 6.16 23.88
C GLY B 24 -5.39 5.25 23.47
N PHE B 25 -4.17 5.74 23.51
CA PHE B 25 -2.98 4.91 23.14
C PHE B 25 -2.03 4.82 24.34
N MET B 26 -1.16 3.85 24.34
CA MET B 26 -0.19 3.69 25.46
C MET B 26 1.15 4.27 25.03
N ALA B 27 1.83 4.97 25.90
CA ALA B 27 3.14 5.57 25.52
C ALA B 27 4.12 5.53 26.69
N ASP B 28 5.39 5.52 26.39
CA ASP B 28 6.43 5.49 27.47
C ASP B 28 7.56 6.45 27.07
N VAL B 29 8.30 6.98 28.02
CA VAL B 29 9.41 7.92 27.69
C VAL B 29 10.74 7.37 28.18
N THR B 30 11.79 7.52 27.40
CA THR B 30 13.13 7.00 27.80
C THR B 30 14.17 8.13 27.61
N GLU B 31 15.37 7.92 28.07
CA GLU B 31 16.42 8.98 27.92
C GLU B 31 17.21 8.74 26.63
N SER B 32 18.42 8.26 26.74
CA SER B 32 19.25 8.01 25.52
C SER B 32 18.81 6.72 24.83
N LEU B 33 19.26 6.51 23.63
CA LEU B 33 18.89 5.28 22.89
C LEU B 33 19.16 4.05 23.74
N GLU B 34 20.15 4.10 24.60
CA GLU B 34 20.46 2.92 25.45
C GLU B 34 19.21 2.48 26.20
N ASP B 35 18.55 3.38 26.87
CA ASP B 35 17.31 2.99 27.61
C ASP B 35 16.26 2.50 26.62
N GLY B 36 16.15 3.13 25.50
CA GLY B 36 15.15 2.69 24.49
C GLY B 36 15.58 1.35 23.90
N GLU B 37 16.85 1.17 23.68
CA GLU B 37 17.34 -0.11 23.11
C GLU B 37 17.13 -1.24 24.13
N TYR B 38 17.34 -0.97 25.38
CA TYR B 38 17.15 -2.02 26.41
C TYR B 38 15.66 -2.17 26.74
N LEU B 39 14.94 -1.08 26.76
CA LEU B 39 13.49 -1.14 27.09
C LEU B 39 12.71 -1.79 25.92
N MET B 40 13.03 -1.43 24.71
CA MET B 40 12.30 -2.02 23.55
C MET B 40 12.62 -3.51 23.43
N ASP B 41 13.75 -3.93 23.92
CA ASP B 41 14.12 -5.36 23.82
C ASP B 41 13.09 -6.23 24.55
N ILE B 42 12.62 -5.78 25.69
CA ILE B 42 11.62 -6.59 26.44
C ILE B 42 10.22 -6.38 25.86
N ARG B 43 9.94 -5.20 25.35
CA ARG B 43 8.59 -4.92 24.76
C ARG B 43 8.75 -4.31 23.37
N ASN B 44 7.89 -4.68 22.45
CA ASN B 44 7.99 -4.12 21.07
C ASN B 44 6.99 -2.97 20.90
N TYR B 45 7.41 -1.87 20.36
CA TYR B 45 6.49 -0.70 20.18
C TYR B 45 6.05 -0.62 18.71
N ASP B 46 4.80 -0.35 18.48
CA ASP B 46 4.31 -0.26 17.07
C ASP B 46 4.77 1.07 16.46
N LEU B 47 4.83 2.11 17.27
CA LEU B 47 5.28 3.45 16.76
C LEU B 47 6.64 3.79 17.41
N VAL B 48 7.68 3.79 16.64
CA VAL B 48 9.03 4.11 17.20
C VAL B 48 9.33 5.60 16.98
N MET B 49 9.15 6.41 18.00
CA MET B 49 9.40 7.87 17.87
C MET B 49 10.58 8.26 18.78
N VAL B 50 11.54 8.96 18.24
CA VAL B 50 12.73 9.38 19.04
C VAL B 50 13.19 10.77 18.58
N SER B 51 13.42 11.66 19.52
CA SER B 51 13.88 13.03 19.15
C SER B 51 15.41 13.09 19.21
N ASP B 52 16.06 11.97 19.32
CA ASP B 52 17.55 11.97 19.39
C ASP B 52 18.13 12.10 17.98
N LYS B 53 19.16 12.89 17.82
CA LYS B 53 19.76 13.07 16.47
C LYS B 53 20.58 11.83 16.08
N ASN B 54 21.27 11.25 17.03
CA ASN B 54 22.09 10.04 16.72
C ASN B 54 21.16 8.84 16.45
N ALA B 55 19.89 9.08 16.34
CA ALA B 55 18.93 7.97 16.09
C ALA B 55 19.17 7.37 14.70
N LEU B 56 19.79 8.10 13.82
CA LEU B 56 20.05 7.58 12.44
C LEU B 56 20.52 6.12 12.50
N SER B 57 21.36 5.80 13.45
CA SER B 57 21.85 4.40 13.54
C SER B 57 20.76 3.52 14.16
N PHE B 58 20.05 4.02 15.13
CA PHE B 58 18.98 3.21 15.78
C PHE B 58 17.85 2.93 14.78
N VAL B 59 17.46 3.90 14.01
CA VAL B 59 16.36 3.65 13.04
C VAL B 59 16.85 2.68 11.96
N SER B 60 18.08 2.80 11.55
CA SER B 60 18.60 1.88 10.51
C SER B 60 18.40 0.44 10.95
N ARG B 61 18.78 0.12 12.16
CA ARG B 61 18.61 -1.29 12.62
C ARG B 61 17.12 -1.60 12.83
N ILE B 62 16.33 -0.64 13.25
CA ILE B 62 14.88 -0.92 13.45
C ILE B 62 14.23 -1.27 12.12
N LYS B 63 14.58 -0.58 11.07
CA LYS B 63 13.96 -0.86 9.75
C LYS B 63 14.34 -2.27 9.27
N GLU B 64 15.60 -2.61 9.30
CA GLU B 64 16.00 -3.97 8.82
C GLU B 64 15.55 -5.03 9.83
N LYS B 65 15.65 -4.74 11.10
CA LYS B 65 15.24 -5.74 12.13
C LYS B 65 13.71 -5.74 12.29
N HIS B 66 13.07 -4.65 11.91
CA HIS B 66 11.58 -4.59 12.04
C HIS B 66 11.03 -3.59 11.03
N SER B 67 11.14 -3.86 9.77
CA SER B 67 10.62 -2.92 8.74
C SER B 67 9.11 -2.75 8.93
N SER B 68 8.45 -3.74 9.46
CA SER B 68 6.97 -3.64 9.65
C SER B 68 6.65 -2.54 10.67
N ILE B 69 7.57 -2.23 11.54
CA ILE B 69 7.29 -1.17 12.56
C ILE B 69 7.48 0.21 11.93
N VAL B 70 6.80 1.21 12.44
CA VAL B 70 6.93 2.59 11.88
C VAL B 70 8.02 3.35 12.64
N VAL B 71 8.55 4.39 12.05
CA VAL B 71 9.63 5.18 12.73
C VAL B 71 9.39 6.68 12.53
N LEU B 72 9.24 7.40 13.60
CA LEU B 72 9.01 8.88 13.51
C LEU B 72 10.25 9.59 14.05
N VAL B 73 11.06 10.15 13.19
CA VAL B 73 12.30 10.84 13.66
C VAL B 73 12.02 12.34 13.79
N SER B 74 12.40 12.93 14.89
CA SER B 74 12.16 14.40 15.10
C SER B 74 13.49 15.15 14.93
N SER B 75 13.44 16.44 14.71
CA SER B 75 14.71 17.21 14.54
C SER B 75 14.52 18.67 14.95
N ASP B 76 15.47 19.22 15.66
CA ASP B 76 15.36 20.65 16.09
C ASP B 76 16.02 21.54 15.03
N ASN B 77 16.44 20.95 13.95
CA ASN B 77 17.08 21.75 12.85
C ASN B 77 16.64 21.17 11.51
N PRO B 78 15.38 21.31 11.18
CA PRO B 78 14.83 20.77 9.91
C PRO B 78 15.63 21.29 8.70
N THR B 79 16.76 20.69 8.45
CA THR B 79 17.60 21.11 7.30
C THR B 79 17.45 20.11 6.16
N SER B 80 17.63 20.54 4.94
CA SER B 80 17.49 19.61 3.80
C SER B 80 18.54 18.49 3.92
N GLU B 81 19.67 18.78 4.49
CA GLU B 81 20.71 17.72 4.64
C GLU B 81 20.19 16.60 5.54
N GLU B 82 19.63 16.95 6.66
CA GLU B 82 19.10 15.91 7.59
C GLU B 82 17.83 15.30 6.98
N GLU B 83 17.13 16.05 6.17
CA GLU B 83 15.87 15.53 5.56
C GLU B 83 16.20 14.34 4.66
N VAL B 84 17.08 14.51 3.71
CA VAL B 84 17.43 13.38 2.80
C VAL B 84 18.05 12.25 3.62
N HIS B 85 18.87 12.56 4.58
CA HIS B 85 19.50 11.49 5.41
C HIS B 85 18.40 10.77 6.20
N ALA B 86 17.36 11.47 6.58
CA ALA B 86 16.28 10.82 7.37
C ALA B 86 15.58 9.75 6.52
N PHE B 87 15.25 10.06 5.30
CA PHE B 87 14.55 9.05 4.45
C PHE B 87 15.58 8.07 3.89
N GLU B 88 16.77 8.53 3.60
CA GLU B 88 17.80 7.61 3.06
C GLU B 88 18.26 6.65 4.16
N GLN B 89 18.42 7.13 5.36
CA GLN B 89 18.87 6.23 6.46
C GLN B 89 17.79 5.19 6.73
N GLY B 90 16.57 5.61 6.94
CA GLY B 90 15.47 4.62 7.20
C GLY B 90 14.44 5.21 8.17
N ALA B 91 13.84 6.32 7.81
CA ALA B 91 12.81 6.95 8.71
C ALA B 91 11.46 6.97 7.99
N ASP B 92 10.40 6.63 8.68
CA ASP B 92 9.06 6.63 8.01
C ASP B 92 8.50 8.05 8.00
N ASP B 93 8.99 8.91 8.87
CA ASP B 93 8.48 10.31 8.91
C ASP B 93 9.56 11.23 9.46
N TYR B 94 9.40 12.52 9.27
CA TYR B 94 10.41 13.49 9.78
C TYR B 94 9.68 14.76 10.23
N ILE B 95 9.41 14.89 11.51
CA ILE B 95 8.69 16.12 12.01
C ILE B 95 9.66 17.05 12.72
N ALA B 96 9.51 18.33 12.54
CA ALA B 96 10.43 19.27 13.24
C ALA B 96 10.27 19.04 14.74
N LYS B 97 11.34 18.75 15.45
CA LYS B 97 11.22 18.50 16.92
C LYS B 97 10.31 19.52 17.56
N PRO B 98 10.63 20.78 17.50
CA PRO B 98 9.83 21.80 18.18
C PRO B 98 8.34 21.56 17.92
N TYR B 99 7.73 20.79 18.77
CA TYR B 99 6.29 20.42 18.59
C TYR B 99 5.48 21.62 18.08
N ARG B 100 5.25 21.69 16.80
CA ARG B 100 4.44 22.82 16.26
C ARG B 100 3.13 22.86 17.03
N SER B 101 2.65 21.71 17.43
CA SER B 101 1.39 21.61 18.21
C SER B 101 1.18 20.14 18.58
N ILE B 102 0.95 19.86 19.83
CA ILE B 102 0.73 18.44 20.24
C ILE B 102 -0.36 17.83 19.35
N LYS B 103 -1.34 18.61 19.00
CA LYS B 103 -2.43 18.08 18.13
C LYS B 103 -1.86 17.77 16.73
N ALA B 104 -0.93 18.56 16.28
CA ALA B 104 -0.34 18.32 14.92
C ALA B 104 0.48 17.03 14.94
N LEU B 105 1.46 16.94 15.78
CA LEU B 105 2.30 15.70 15.84
C LEU B 105 1.38 14.50 16.06
N VAL B 106 0.55 14.53 17.07
CA VAL B 106 -0.35 13.37 17.32
C VAL B 106 -1.28 13.18 16.12
N ALA B 107 -1.80 14.25 15.59
CA ALA B 107 -2.71 14.13 14.41
C ALA B 107 -2.02 13.28 13.34
N ARG B 108 -0.74 13.44 13.18
CA ARG B 108 -0.02 12.64 12.15
C ARG B 108 0.06 11.18 12.62
N ILE B 109 0.19 10.96 13.90
CA ILE B 109 0.27 9.55 14.39
C ILE B 109 -1.13 8.95 14.37
N GLU B 110 -2.14 9.78 14.46
CA GLU B 110 -3.53 9.26 14.44
C GLU B 110 -3.93 8.90 13.01
N ALA B 111 -3.87 9.85 12.12
CA ALA B 111 -4.25 9.56 10.71
C ALA B 111 -3.45 8.37 10.18
N ARG B 112 -2.17 8.33 10.43
CA ARG B 112 -1.34 7.20 9.93
C ARG B 112 -1.82 5.89 10.57
N LEU B 113 -1.77 5.80 11.88
CA LEU B 113 -2.22 4.54 12.54
C LEU B 113 -3.69 4.28 12.22
N ARG B 114 -4.49 5.31 12.11
CA ARG B 114 -5.93 5.09 11.80
C ARG B 114 -6.05 4.24 10.53
N PHE B 115 -7.19 3.63 10.33
CA PHE B 115 -7.39 2.77 9.13
C PHE B 115 -6.66 1.43 9.31
N TRP B 116 -5.94 1.29 10.39
CA TRP B 116 -5.20 0.02 10.64
C TRP B 116 -4.32 -0.32 9.45
N GLY B 117 -3.73 -1.48 9.43
CA GLY B 117 -2.86 -1.89 8.31
C GLY B 117 -3.67 -2.64 7.27
N SER B 118 -4.95 -2.73 7.48
CA SER B 118 -5.81 -3.45 6.51
C SER B 118 -5.22 -4.82 6.23
N ASN B 119 -5.80 -5.53 5.30
CA ASN B 119 -5.29 -6.90 5.01
C ASN B 119 -5.58 -7.23 3.54
N VAL B 120 -4.67 -7.90 2.88
CA VAL B 120 -4.89 -8.26 1.45
C VAL B 120 -5.67 -9.58 1.35
N ILE B 121 -5.31 -10.57 2.14
CA ILE B 121 -6.01 -11.90 2.08
C ILE B 121 -6.68 -12.18 3.43
N GLU B 122 -7.72 -12.97 3.43
CA GLU B 122 -8.42 -13.30 4.70
C GLU B 122 -8.91 -14.76 4.65
N ILE B 123 -8.63 -15.54 5.67
CA ILE B 123 -9.06 -16.98 5.66
C ILE B 123 -9.66 -17.34 7.02
N GLY B 124 -10.95 -17.52 7.08
CA GLY B 124 -11.62 -17.89 8.35
C GLY B 124 -11.30 -16.86 9.43
N ASP B 125 -11.38 -17.25 10.67
CA ASP B 125 -11.08 -16.30 11.78
C ASP B 125 -9.64 -15.82 11.68
N LEU B 126 -8.91 -16.29 10.70
CA LEU B 126 -7.48 -15.87 10.55
C LEU B 126 -7.39 -14.70 9.59
N THR B 127 -6.45 -13.82 9.78
CA THR B 127 -6.27 -12.65 8.86
C THR B 127 -4.82 -12.65 8.37
N ILE B 128 -4.61 -12.50 7.09
CA ILE B 128 -3.21 -12.51 6.53
C ILE B 128 -2.90 -11.20 5.81
N SER B 129 -1.77 -10.61 6.13
CA SER B 129 -1.35 -9.32 5.49
C SER B 129 0.09 -9.48 4.96
N PRO B 130 0.27 -9.68 3.67
CA PRO B 130 1.63 -9.86 3.08
C PRO B 130 2.33 -8.51 2.84
N ASP B 131 1.61 -7.53 2.37
CA ASP B 131 2.24 -6.20 2.13
C ASP B 131 2.95 -5.75 3.40
N GLU B 132 2.41 -6.10 4.54
CA GLU B 132 3.04 -5.70 5.84
C GLU B 132 3.75 -6.91 6.45
N GLU B 133 3.77 -8.03 5.76
CA GLU B 133 4.45 -9.24 6.31
C GLU B 133 3.96 -9.49 7.74
N LYS B 134 2.68 -9.68 7.91
CA LYS B 134 2.14 -9.92 9.28
C LYS B 134 0.88 -10.78 9.19
N ILE B 135 0.67 -11.63 10.16
CA ILE B 135 -0.55 -12.51 10.15
C ILE B 135 -1.12 -12.56 11.57
N ILE B 136 -2.42 -12.40 11.68
CA ILE B 136 -3.07 -12.39 13.04
C ILE B 136 -3.87 -13.70 13.22
N TYR B 137 -3.77 -14.31 14.39
CA TYR B 137 -4.55 -15.56 14.65
C TYR B 137 -5.36 -15.36 15.92
N LYS B 138 -6.63 -15.68 15.87
CA LYS B 138 -7.49 -15.52 17.09
C LYS B 138 -7.40 -14.06 17.59
N GLY B 139 -6.90 -13.17 16.77
CA GLY B 139 -6.81 -11.74 17.18
C GLY B 139 -5.44 -11.44 17.80
N ARG B 140 -4.58 -12.42 17.86
CA ARG B 140 -3.22 -12.19 18.43
C ARG B 140 -2.28 -11.78 17.29
N GLU B 141 -1.45 -10.81 17.51
CA GLU B 141 -0.53 -10.36 16.42
C GLU B 141 0.71 -11.25 16.36
N VAL B 142 1.00 -11.78 15.20
CA VAL B 142 2.20 -12.66 15.03
C VAL B 142 3.05 -12.13 13.88
N GLU B 143 4.33 -11.94 14.11
CA GLU B 143 5.21 -11.42 13.01
C GLU B 143 5.86 -12.60 12.29
N VAL B 144 6.10 -12.47 11.01
CA VAL B 144 6.74 -13.58 10.24
C VAL B 144 7.70 -12.99 9.23
N LYS B 145 8.97 -13.27 9.37
CA LYS B 145 9.98 -12.73 8.40
C LYS B 145 11.10 -13.74 8.19
N GLY B 146 11.56 -13.89 6.98
CA GLY B 146 12.68 -14.84 6.68
C GLY B 146 12.17 -16.02 5.84
N LYS B 147 12.20 -17.20 6.40
CA LYS B 147 11.76 -18.41 5.66
C LYS B 147 10.29 -18.77 5.95
N PRO B 148 9.76 -18.48 7.12
CA PRO B 148 8.36 -18.84 7.45
C PRO B 148 7.32 -17.86 6.87
N PHE B 149 7.74 -16.69 6.48
CA PHE B 149 6.78 -15.71 5.90
C PHE B 149 6.63 -15.98 4.39
N GLU B 150 7.70 -16.33 3.74
CA GLU B 150 7.65 -16.59 2.28
C GLU B 150 6.68 -17.74 1.98
N VAL B 151 6.76 -18.82 2.72
CA VAL B 151 5.83 -19.95 2.45
C VAL B 151 4.40 -19.56 2.84
N LEU B 152 4.24 -18.88 3.94
CA LEU B 152 2.88 -18.49 4.38
C LEU B 152 2.28 -17.49 3.38
N THR B 153 2.97 -16.41 3.13
CA THR B 153 2.43 -15.39 2.19
C THR B 153 2.33 -15.98 0.77
N HIS B 154 3.21 -16.86 0.40
CA HIS B 154 3.14 -17.43 -0.97
C HIS B 154 1.79 -18.13 -1.18
N LEU B 155 1.47 -19.11 -0.38
CA LEU B 155 0.17 -19.82 -0.57
C LEU B 155 -0.98 -18.90 -0.18
N ALA B 156 -0.73 -17.90 0.60
CA ALA B 156 -1.82 -16.96 0.99
C ALA B 156 -2.37 -16.29 -0.27
N ARG B 157 -1.52 -15.68 -1.05
CA ARG B 157 -2.00 -14.99 -2.28
C ARG B 157 -2.43 -16.03 -3.32
N HIS B 158 -1.58 -16.96 -3.60
CA HIS B 158 -1.93 -18.00 -4.62
C HIS B 158 -2.93 -18.99 -4.02
N ARG B 159 -3.82 -18.51 -3.20
CA ARG B 159 -4.84 -19.42 -2.58
C ARG B 159 -5.67 -20.07 -3.69
N ASP B 160 -6.41 -21.11 -3.38
CA ASP B 160 -7.25 -21.77 -4.42
C ASP B 160 -6.44 -21.94 -5.70
N GLN B 161 -5.40 -22.73 -5.66
CA GLN B 161 -4.56 -22.92 -6.89
C GLN B 161 -3.80 -24.24 -6.78
N ILE B 162 -3.35 -24.77 -7.89
CA ILE B 162 -2.60 -26.06 -7.86
C ILE B 162 -1.10 -25.76 -7.81
N VAL B 163 -0.45 -26.09 -6.72
CA VAL B 163 1.02 -25.84 -6.58
C VAL B 163 1.77 -27.17 -6.50
N SER B 164 2.79 -27.33 -7.30
CA SER B 164 3.58 -28.60 -7.27
C SER B 164 4.75 -28.44 -6.30
N LYS B 165 5.39 -29.52 -5.95
CA LYS B 165 6.55 -29.43 -5.01
C LYS B 165 7.53 -28.37 -5.52
N GLU B 166 7.70 -28.28 -6.82
CA GLU B 166 8.65 -27.27 -7.37
C GLU B 166 8.05 -25.86 -7.29
N GLN B 167 6.76 -25.74 -7.27
CA GLN B 167 6.16 -24.37 -7.19
C GLN B 167 6.56 -23.73 -5.86
N LEU B 168 6.25 -24.38 -4.76
CA LEU B 168 6.64 -23.81 -3.44
C LEU B 168 8.15 -23.59 -3.40
N LEU B 169 8.91 -24.62 -3.63
CA LEU B 169 10.40 -24.45 -3.62
C LEU B 169 10.76 -23.28 -4.54
N ASP B 170 10.34 -23.33 -5.77
CA ASP B 170 10.66 -22.22 -6.72
C ASP B 170 10.49 -20.86 -6.03
N ALA B 171 9.55 -20.74 -5.14
CA ALA B 171 9.32 -19.43 -4.44
C ALA B 171 10.13 -19.37 -3.14
N ILE B 172 10.25 -20.45 -2.42
CA ILE B 172 11.02 -20.42 -1.14
C ILE B 172 12.49 -20.72 -1.43
N TRP B 173 12.79 -21.93 -1.82
CA TRP B 173 14.21 -22.30 -2.11
C TRP B 173 14.80 -21.31 -3.12
N GLU B 174 14.03 -20.37 -3.60
CA GLU B 174 14.55 -19.39 -4.59
C GLU B 174 15.88 -18.82 -4.10
N GLU B 175 16.18 -18.94 -2.83
CA GLU B 175 17.46 -18.40 -2.30
C GLU B 175 18.62 -18.97 -3.13
N PRO B 176 19.85 -18.67 -2.78
CA PRO B 176 21.05 -19.17 -3.53
C PRO B 176 21.13 -20.70 -3.54
N GLU B 177 20.03 -21.37 -3.69
CA GLU B 177 20.05 -22.87 -3.72
C GLU B 177 20.90 -23.39 -2.56
N MET B 178 21.33 -24.62 -2.63
CA MET B 178 22.16 -25.19 -1.52
C MET B 178 21.39 -25.06 -0.20
N VAL B 179 20.11 -25.27 -0.23
CA VAL B 179 19.29 -25.17 1.01
C VAL B 179 18.82 -26.57 1.44
N THR B 180 19.72 -27.37 1.94
CA THR B 180 19.35 -28.74 2.39
C THR B 180 18.48 -29.41 1.32
N PRO B 181 19.08 -29.98 0.31
CA PRO B 181 18.32 -30.67 -0.77
C PRO B 181 17.31 -31.69 -0.21
N ASN B 182 16.38 -32.13 -1.01
CA ASN B 182 15.38 -33.12 -0.53
C ASN B 182 14.78 -32.66 0.80
N VAL B 183 14.13 -31.51 0.80
CA VAL B 183 13.49 -30.98 2.06
C VAL B 183 11.98 -30.85 1.84
N ILE B 184 11.50 -31.28 0.71
CA ILE B 184 10.04 -31.18 0.44
C ILE B 184 9.26 -32.02 1.45
N GLU B 185 9.59 -33.28 1.56
CA GLU B 185 8.86 -34.17 2.51
C GLU B 185 9.00 -33.66 3.94
N VAL B 186 10.17 -33.21 4.32
CA VAL B 186 10.36 -32.71 5.71
C VAL B 186 9.68 -31.34 5.89
N ALA B 187 9.91 -30.43 4.99
CA ALA B 187 9.30 -29.08 5.13
C ALA B 187 7.79 -29.15 4.92
N ILE B 188 7.32 -29.83 3.90
CA ILE B 188 5.86 -29.88 3.65
C ILE B 188 5.15 -30.72 4.72
N ASN B 189 5.76 -31.78 5.17
CA ASN B 189 5.10 -32.61 6.21
C ASN B 189 4.97 -31.79 7.50
N GLN B 190 6.02 -31.15 7.91
CA GLN B 190 5.95 -30.33 9.16
C GLN B 190 5.01 -29.15 8.96
N ILE B 191 5.13 -28.44 7.87
CA ILE B 191 4.22 -27.28 7.65
C ILE B 191 2.76 -27.73 7.77
N ARG B 192 2.43 -28.88 7.21
CA ARG B 192 1.02 -29.38 7.29
C ARG B 192 0.62 -29.57 8.76
N GLN B 193 1.46 -30.16 9.56
CA GLN B 193 1.11 -30.38 10.99
C GLN B 193 1.22 -29.06 11.77
N LYS B 194 2.14 -28.22 11.40
CA LYS B 194 2.32 -26.93 12.12
C LYS B 194 1.16 -25.99 11.82
N MET B 195 0.51 -26.16 10.71
CA MET B 195 -0.65 -25.27 10.37
C MET B 195 -1.95 -25.93 10.82
N ASP B 196 -1.92 -27.18 11.17
CA ASP B 196 -3.15 -27.90 11.62
C ASP B 196 -3.19 -28.01 13.15
N LYS B 197 -2.13 -27.64 13.83
CA LYS B 197 -2.12 -27.75 15.33
C LYS B 197 -2.51 -26.41 15.96
N PRO B 198 -1.90 -25.32 15.54
CA PRO B 198 -2.18 -23.98 16.14
C PRO B 198 -3.41 -23.28 15.53
N LEU B 199 -3.62 -23.40 14.24
CA LEU B 199 -4.80 -22.72 13.63
C LEU B 199 -6.06 -23.51 13.97
N GLY B 200 -6.02 -24.80 13.81
CA GLY B 200 -7.24 -25.62 14.12
C GLY B 200 -8.10 -25.71 12.86
N ILE B 201 -7.65 -25.10 11.79
CA ILE B 201 -8.42 -25.13 10.50
C ILE B 201 -7.52 -25.65 9.39
N SER B 202 -7.95 -26.67 8.70
CA SER B 202 -7.13 -27.21 7.57
C SER B 202 -7.47 -26.39 6.31
N THR B 203 -6.49 -26.02 5.54
CA THR B 203 -6.76 -25.20 4.31
C THR B 203 -5.92 -25.72 3.13
N VAL B 204 -5.31 -26.86 3.27
CA VAL B 204 -4.47 -27.42 2.16
C VAL B 204 -4.94 -28.84 1.83
N GLU B 205 -5.20 -29.09 0.57
CA GLU B 205 -5.66 -30.45 0.15
C GLU B 205 -4.44 -31.29 -0.21
N THR B 206 -4.12 -32.26 0.61
CA THR B 206 -2.95 -33.12 0.32
C THR B 206 -3.36 -34.25 -0.63
N VAL B 207 -2.67 -34.41 -1.72
CA VAL B 207 -3.04 -35.50 -2.68
C VAL B 207 -1.80 -35.94 -3.47
N ARG B 208 -1.83 -37.11 -4.04
CA ARG B 208 -0.65 -37.60 -4.81
C ARG B 208 -0.71 -37.08 -6.25
N ARG B 209 -1.87 -37.03 -6.83
CA ARG B 209 -1.98 -36.53 -8.23
C ARG B 209 -1.39 -35.13 -8.32
N ARG B 210 -0.86 -34.76 -9.46
CA ARG B 210 -0.25 -33.40 -9.60
C ARG B 210 0.76 -33.19 -8.46
N GLY B 211 0.30 -32.65 -7.36
CA GLY B 211 1.21 -32.42 -6.21
C GLY B 211 0.38 -31.98 -5.00
N TYR B 212 0.47 -30.72 -4.63
CA TYR B 212 -0.33 -30.21 -3.47
C TYR B 212 -1.25 -29.10 -3.97
N ARG B 213 -2.46 -29.06 -3.47
CA ARG B 213 -3.44 -28.01 -3.92
C ARG B 213 -3.97 -27.23 -2.72
N PHE B 214 -3.85 -25.93 -2.76
CA PHE B 214 -4.34 -25.07 -1.64
C PHE B 214 -5.79 -24.65 -1.94
N CYS B 215 -6.67 -24.77 -0.97
CA CYS B 215 -8.10 -24.38 -1.20
C CYS B 215 -8.70 -23.81 0.08
N TYR B 216 -9.83 -23.18 -0.01
CA TYR B 216 -10.47 -22.62 1.21
C TYR B 216 -11.03 -23.78 2.05
N PRO B 217 -11.10 -23.63 3.35
CA PRO B 217 -11.63 -24.70 4.25
C PRO B 217 -13.13 -24.92 4.04
N LYS B 218 -13.65 -26.04 4.46
CA LYS B 218 -15.10 -26.31 4.28
C LYS B 218 -15.91 -25.10 4.79
N PRO B 219 -15.84 -24.79 6.07
CA PRO B 219 -16.58 -23.63 6.65
C PRO B 219 -16.06 -22.30 6.08
N ALA B 220 -16.50 -21.20 6.60
CA ALA B 220 -16.03 -19.87 6.08
C ALA B 220 -16.09 -19.87 4.56
N CYS B 221 -17.24 -20.07 3.98
CA CYS B 221 -17.35 -20.07 2.49
C CYS B 221 -18.84 -20.01 2.11
N GLU B 222 -19.14 -19.43 0.98
CA GLU B 222 -20.57 -19.33 0.56
C GLU B 222 -21.42 -18.84 1.73
N GLU B 223 -21.60 -17.54 1.83
CA GLU B 223 -22.43 -17.00 2.95
C GLU B 223 -23.73 -17.80 3.08
N MET A 1 3.22 8.85 -16.75
CA MET A 1 2.98 9.56 -15.46
C MET A 1 3.34 11.04 -15.61
N ARG A 2 2.70 11.90 -14.86
CA ARG A 2 3.01 13.36 -14.95
C ARG A 2 2.96 13.98 -13.55
N VAL A 3 3.58 15.12 -13.39
CA VAL A 3 3.59 15.81 -12.06
C VAL A 3 2.91 17.18 -12.20
N LEU A 4 1.91 17.43 -11.40
CA LEU A 4 1.18 18.74 -11.46
C LEU A 4 1.71 19.67 -10.36
N LEU A 5 2.33 20.76 -10.76
CA LEU A 5 2.87 21.74 -9.77
C LEU A 5 2.19 23.08 -10.01
N ILE A 6 1.35 23.51 -9.12
CA ILE A 6 0.65 24.82 -9.32
C ILE A 6 1.44 25.93 -8.64
N GLU A 7 2.06 26.79 -9.40
CA GLU A 7 2.85 27.91 -8.79
C GLU A 7 2.89 29.09 -9.76
N LYS A 8 2.39 30.23 -9.34
CA LYS A 8 2.40 31.43 -10.22
C LYS A 8 3.85 31.85 -10.48
N ASN A 9 4.69 31.76 -9.48
CA ASN A 9 6.11 32.17 -9.67
C ASN A 9 6.80 31.19 -10.62
N SER A 10 7.06 31.61 -11.83
CA SER A 10 7.73 30.71 -12.81
C SER A 10 9.16 30.43 -12.35
N VAL A 11 9.74 31.33 -11.60
CA VAL A 11 11.14 31.11 -11.12
C VAL A 11 11.16 29.98 -10.09
N LEU A 12 10.35 30.07 -9.08
CA LEU A 12 10.33 29.00 -8.03
C LEU A 12 9.82 27.70 -8.65
N GLY A 13 8.88 27.77 -9.56
CA GLY A 13 8.37 26.54 -10.20
C GLY A 13 9.40 26.05 -11.20
N GLY A 14 10.19 26.94 -11.73
CA GLY A 14 11.23 26.54 -12.71
C GLY A 14 12.26 25.65 -12.02
N GLU A 15 12.76 26.08 -10.89
CA GLU A 15 13.78 25.25 -10.17
C GLU A 15 13.17 23.91 -9.79
N ILE A 16 11.97 23.90 -9.27
CA ILE A 16 11.34 22.59 -8.90
C ILE A 16 11.15 21.79 -10.18
N GLU A 17 10.77 22.44 -11.25
CA GLU A 17 10.56 21.72 -12.54
C GLU A 17 11.88 21.14 -13.04
N LYS A 18 12.90 21.94 -13.12
CA LYS A 18 14.23 21.45 -13.61
C LYS A 18 14.91 20.67 -12.49
N GLY A 19 14.31 20.63 -11.35
CA GLY A 19 14.92 19.88 -10.21
C GLY A 19 14.50 18.42 -10.30
N LEU A 20 13.22 18.18 -10.45
CA LEU A 20 12.73 16.77 -10.55
C LEU A 20 13.06 16.22 -11.94
N ASN A 21 13.12 17.08 -12.93
CA ASN A 21 13.44 16.59 -14.29
C ASN A 21 14.71 15.75 -14.24
N VAL A 22 15.63 16.11 -13.37
CA VAL A 22 16.88 15.32 -13.26
C VAL A 22 16.52 13.86 -13.00
N LYS A 23 15.62 13.63 -12.08
CA LYS A 23 15.20 12.22 -11.79
C LYS A 23 14.75 11.59 -13.09
N GLY A 24 13.82 12.21 -13.75
CA GLY A 24 13.32 11.68 -15.06
C GLY A 24 11.78 11.64 -15.07
N PHE A 25 11.13 12.65 -14.53
CA PHE A 25 9.62 12.66 -14.54
C PHE A 25 9.15 13.89 -15.33
N MET A 26 7.93 13.89 -15.79
CA MET A 26 7.41 15.04 -16.56
C MET A 26 6.61 15.92 -15.62
N ALA A 27 6.75 17.22 -15.71
CA ALA A 27 6.00 18.12 -14.80
C ALA A 27 5.57 19.38 -15.56
N ASP A 28 4.59 20.08 -15.05
CA ASP A 28 4.11 21.32 -15.72
C ASP A 28 3.75 22.36 -14.66
N VAL A 29 3.87 23.62 -14.97
CA VAL A 29 3.53 24.69 -13.97
C VAL A 29 2.20 25.32 -14.36
N THR A 30 1.32 25.51 -13.41
CA THR A 30 -0.02 26.12 -13.72
C THR A 30 -0.28 27.27 -12.74
N GLU A 31 -1.21 28.13 -13.06
CA GLU A 31 -1.52 29.27 -12.15
C GLU A 31 -2.63 28.88 -11.18
N SER A 32 -3.86 29.24 -11.46
CA SER A 32 -4.98 28.89 -10.55
C SER A 32 -5.37 27.43 -10.73
N LEU A 33 -6.15 26.91 -9.82
CA LEU A 33 -6.58 25.49 -9.89
C LEU A 33 -7.25 25.23 -11.25
N GLU A 34 -8.02 26.17 -11.73
CA GLU A 34 -8.72 25.96 -13.03
C GLU A 34 -7.71 25.56 -14.11
N ASP A 35 -6.58 26.19 -14.16
CA ASP A 35 -5.56 25.84 -15.19
C ASP A 35 -5.09 24.40 -14.97
N GLY A 36 -4.94 24.01 -13.73
CA GLY A 36 -4.47 22.62 -13.45
C GLY A 36 -5.62 21.63 -13.65
N GLU A 37 -6.78 21.94 -13.14
CA GLU A 37 -7.94 21.01 -13.28
C GLU A 37 -8.27 20.83 -14.77
N TYR A 38 -8.16 21.88 -15.54
CA TYR A 38 -8.48 21.79 -16.99
C TYR A 38 -7.32 21.15 -17.75
N LEU A 39 -6.11 21.28 -17.25
CA LEU A 39 -4.94 20.70 -17.96
C LEU A 39 -4.73 19.23 -17.55
N MET A 40 -5.07 18.89 -16.33
CA MET A 40 -4.88 17.48 -15.88
C MET A 40 -6.06 16.60 -16.31
N ASP A 41 -7.24 17.14 -16.34
CA ASP A 41 -8.42 16.33 -16.73
C ASP A 41 -8.23 15.72 -18.13
N ILE A 42 -7.50 16.38 -18.99
CA ILE A 42 -7.30 15.83 -20.36
C ILE A 42 -6.12 14.85 -20.38
N ARG A 43 -5.08 15.13 -19.64
CA ARG A 43 -3.89 14.21 -19.63
C ARG A 43 -3.90 13.35 -18.37
N ASN A 44 -3.16 12.27 -18.36
CA ASN A 44 -3.12 11.38 -17.16
C ASN A 44 -1.96 11.81 -16.27
N TYR A 45 -2.12 11.73 -14.96
CA TYR A 45 -1.03 12.16 -14.04
C TYR A 45 -0.97 11.21 -12.84
N ASP A 46 -0.07 11.43 -11.93
CA ASP A 46 0.05 10.55 -10.73
C ASP A 46 0.41 11.37 -9.49
N LEU A 47 1.16 12.44 -9.67
CA LEU A 47 1.55 13.30 -8.50
C LEU A 47 0.79 14.62 -8.58
N VAL A 48 -0.11 14.86 -7.65
CA VAL A 48 -0.88 16.14 -7.65
C VAL A 48 -0.27 17.08 -6.61
N MET A 49 0.54 18.01 -7.05
CA MET A 49 1.18 18.98 -6.11
C MET A 49 0.66 20.39 -6.38
N VAL A 50 0.27 21.09 -5.35
CA VAL A 50 -0.27 22.47 -5.53
C VAL A 50 0.21 23.36 -4.37
N SER A 51 0.64 24.56 -4.69
CA SER A 51 1.12 25.50 -3.64
C SER A 51 0.04 26.55 -3.34
N ASP A 52 -1.09 26.44 -3.98
CA ASP A 52 -2.19 27.44 -3.73
C ASP A 52 -2.87 27.12 -2.38
N LYS A 53 -3.31 28.13 -1.68
CA LYS A 53 -3.98 27.89 -0.36
C LYS A 53 -5.42 27.42 -0.58
N ASN A 54 -6.15 28.07 -1.45
CA ASN A 54 -7.58 27.67 -1.69
C ASN A 54 -7.62 26.23 -2.20
N ALA A 55 -6.49 25.63 -2.42
CA ALA A 55 -6.48 24.23 -2.93
C ALA A 55 -7.12 23.30 -1.89
N LEU A 56 -7.14 23.69 -0.64
CA LEU A 56 -7.72 22.83 0.43
C LEU A 56 -9.00 22.14 -0.08
N SER A 57 -9.94 22.88 -0.56
CA SER A 57 -11.20 22.24 -1.06
C SER A 57 -10.88 21.43 -2.33
N PHE A 58 -9.92 21.88 -3.09
CA PHE A 58 -9.57 21.16 -4.34
C PHE A 58 -8.99 19.79 -4.01
N VAL A 59 -8.07 19.71 -3.08
CA VAL A 59 -7.49 18.38 -2.75
C VAL A 59 -8.59 17.47 -2.20
N SER A 60 -9.52 18.01 -1.47
CA SER A 60 -10.61 17.17 -0.91
C SER A 60 -11.33 16.43 -2.05
N ARG A 61 -11.74 17.15 -3.06
CA ARG A 61 -12.45 16.49 -4.18
C ARG A 61 -11.48 15.58 -4.94
N ILE A 62 -10.23 15.96 -5.05
CA ILE A 62 -9.27 15.10 -5.81
C ILE A 62 -9.13 13.76 -5.10
N LYS A 63 -9.32 13.73 -3.80
CA LYS A 63 -9.19 12.45 -3.06
C LYS A 63 -10.42 11.56 -3.32
N GLU A 64 -11.60 12.05 -3.02
CA GLU A 64 -12.82 11.21 -3.25
C GLU A 64 -12.95 10.92 -4.75
N LYS A 65 -12.55 11.84 -5.59
CA LYS A 65 -12.67 11.61 -7.06
C LYS A 65 -11.44 10.84 -7.56
N HIS A 66 -10.37 10.83 -6.81
CA HIS A 66 -9.16 10.10 -7.26
C HIS A 66 -8.28 9.77 -6.04
N SER A 67 -8.76 8.93 -5.17
CA SER A 67 -7.97 8.56 -3.96
C SER A 67 -6.71 7.78 -4.37
N SER A 68 -6.75 7.15 -5.52
CA SER A 68 -5.57 6.36 -5.97
C SER A 68 -4.39 7.30 -6.30
N ILE A 69 -4.66 8.54 -6.56
CA ILE A 69 -3.56 9.50 -6.92
C ILE A 69 -3.01 10.12 -5.62
N VAL A 70 -1.76 10.55 -5.63
CA VAL A 70 -1.15 11.15 -4.40
C VAL A 70 -1.35 12.67 -4.41
N VAL A 71 -1.28 13.31 -3.26
CA VAL A 71 -1.46 14.79 -3.18
C VAL A 71 -0.33 15.41 -2.33
N LEU A 72 0.37 16.37 -2.88
CA LEU A 72 1.49 17.03 -2.12
C LEU A 72 1.17 18.52 -1.96
N VAL A 73 0.72 18.91 -0.80
CA VAL A 73 0.38 20.34 -0.57
C VAL A 73 1.61 21.07 0.00
N SER A 74 1.87 22.26 -0.49
CA SER A 74 3.04 23.05 0.01
C SER A 74 2.52 24.23 0.83
N SER A 75 3.31 24.76 1.72
CA SER A 75 2.85 25.90 2.56
C SER A 75 4.04 26.75 3.00
N ASP A 76 3.95 28.04 2.86
CA ASP A 76 5.07 28.93 3.27
C ASP A 76 4.88 29.32 4.74
N ASN A 77 3.86 28.79 5.36
CA ASN A 77 3.59 29.12 6.79
C ASN A 77 3.18 27.84 7.53
N PRO A 78 4.01 26.83 7.49
CA PRO A 78 3.72 25.54 8.17
C PRO A 78 3.29 25.74 9.61
N THR A 79 2.01 25.94 9.82
CA THR A 79 1.47 26.17 11.20
C THR A 79 0.65 24.95 11.61
N SER A 80 0.56 24.70 12.89
CA SER A 80 -0.22 23.53 13.36
C SER A 80 -1.65 23.61 12.83
N GLU A 81 -2.19 24.80 12.71
CA GLU A 81 -3.59 24.93 12.20
C GLU A 81 -3.67 24.44 10.76
N GLU A 82 -2.83 24.95 9.89
CA GLU A 82 -2.87 24.52 8.46
C GLU A 82 -2.61 23.02 8.37
N GLU A 83 -1.80 22.49 9.24
CA GLU A 83 -1.50 21.03 9.18
C GLU A 83 -2.78 20.23 9.46
N VAL A 84 -3.51 20.61 10.47
CA VAL A 84 -4.76 19.86 10.79
C VAL A 84 -5.69 19.86 9.57
N HIS A 85 -5.87 21.00 8.94
CA HIS A 85 -6.76 21.04 7.75
C HIS A 85 -6.11 20.27 6.60
N ALA A 86 -4.81 20.23 6.55
CA ALA A 86 -4.13 19.50 5.45
C ALA A 86 -4.53 18.02 5.47
N PHE A 87 -4.58 17.41 6.62
CA PHE A 87 -4.97 15.98 6.70
C PHE A 87 -6.49 15.85 6.71
N GLU A 88 -7.15 16.79 7.32
CA GLU A 88 -8.65 16.72 7.37
C GLU A 88 -9.19 16.87 5.95
N GLN A 89 -8.68 17.83 5.24
CA GLN A 89 -9.15 18.06 3.84
C GLN A 89 -8.81 16.84 2.99
N GLY A 90 -7.57 16.41 2.98
CA GLY A 90 -7.19 15.22 2.17
C GLY A 90 -5.81 15.43 1.52
N ALA A 91 -4.79 15.61 2.33
CA ALA A 91 -3.41 15.81 1.77
C ALA A 91 -2.56 14.57 2.09
N ASP A 92 -1.84 14.06 1.13
CA ASP A 92 -1.00 12.85 1.40
C ASP A 92 0.35 13.32 1.94
N ASP A 93 0.69 14.55 1.72
CA ASP A 93 1.99 15.10 2.22
C ASP A 93 1.84 16.59 2.45
N TYR A 94 2.74 17.16 3.20
CA TYR A 94 2.66 18.63 3.50
C TYR A 94 4.08 19.16 3.71
N ILE A 95 4.72 19.72 2.69
CA ILE A 95 6.12 20.24 2.87
C ILE A 95 6.10 21.76 2.93
N ALA A 96 7.09 22.35 3.56
CA ALA A 96 7.14 23.83 3.60
C ALA A 96 7.23 24.33 2.15
N LYS A 97 6.62 25.43 1.83
CA LYS A 97 6.65 25.88 0.41
C LYS A 97 8.05 26.30 -0.02
N PRO A 98 8.68 27.24 0.63
CA PRO A 98 9.97 27.73 0.14
C PRO A 98 11.00 26.61 -0.10
N TYR A 99 10.55 25.40 -0.01
CA TYR A 99 11.42 24.22 -0.25
C TYR A 99 12.63 24.24 0.68
N ARG A 100 12.85 23.19 1.43
CA ARG A 100 14.03 23.18 2.34
C ARG A 100 15.30 23.15 1.49
N SER A 101 15.27 22.47 0.38
CA SER A 101 16.47 22.42 -0.51
C SER A 101 16.10 21.90 -1.89
N ILE A 102 14.92 22.20 -2.37
CA ILE A 102 14.51 21.73 -3.72
C ILE A 102 14.72 20.22 -3.85
N LYS A 103 15.96 19.78 -3.89
CA LYS A 103 16.22 18.32 -3.98
C LYS A 103 15.51 17.65 -2.81
N ALA A 104 15.36 18.35 -1.73
CA ALA A 104 14.67 17.76 -0.55
C ALA A 104 13.22 17.45 -0.93
N LEU A 105 12.56 18.38 -1.57
CA LEU A 105 11.15 18.16 -1.98
C LEU A 105 11.09 16.96 -2.94
N VAL A 106 11.83 17.02 -4.02
CA VAL A 106 11.84 15.89 -4.99
C VAL A 106 12.23 14.60 -4.26
N ALA A 107 13.19 14.66 -3.39
CA ALA A 107 13.61 13.44 -2.65
C ALA A 107 12.37 12.77 -2.05
N ARG A 108 11.49 13.52 -1.49
CA ARG A 108 10.26 12.93 -0.90
C ARG A 108 9.36 12.39 -2.02
N ILE A 109 9.40 12.99 -3.18
CA ILE A 109 8.55 12.49 -4.29
C ILE A 109 9.20 11.24 -4.89
N GLU A 110 10.49 11.15 -4.84
CA GLU A 110 11.18 9.97 -5.43
C GLU A 110 10.96 8.75 -4.52
N ALA A 111 11.36 8.82 -3.29
CA ALA A 111 11.18 7.66 -2.37
C ALA A 111 9.69 7.34 -2.24
N ARG A 112 8.87 8.32 -2.03
CA ARG A 112 7.40 8.04 -1.90
C ARG A 112 6.90 7.38 -3.19
N LEU A 113 7.48 7.71 -4.31
CA LEU A 113 7.02 7.09 -5.59
C LEU A 113 8.14 7.17 -6.62
N ARG A 114 8.94 6.15 -6.72
CA ARG A 114 10.06 6.16 -7.72
C ARG A 114 9.48 5.85 -9.11
N PHE A 115 9.11 4.61 -9.35
CA PHE A 115 8.55 4.24 -10.68
C PHE A 115 7.37 3.26 -10.50
N TRP A 116 7.03 2.97 -9.27
CA TRP A 116 5.90 2.02 -8.99
C TRP A 116 5.95 0.83 -9.96
N GLY A 117 7.09 0.58 -10.52
CA GLY A 117 7.21 -0.58 -11.48
C GLY A 117 6.78 -1.86 -10.77
N SER A 118 5.51 -2.19 -10.84
CA SER A 118 5.04 -3.44 -10.17
C SER A 118 3.76 -3.91 -10.83
N ASN A 119 3.41 -5.14 -10.58
CA ASN A 119 2.20 -5.71 -11.22
C ASN A 119 1.78 -6.97 -10.43
N VAL A 120 0.56 -7.02 -9.97
CA VAL A 120 0.10 -8.21 -9.20
C VAL A 120 -0.34 -9.31 -10.16
N ILE A 121 -1.18 -9.00 -11.12
CA ILE A 121 -1.67 -10.03 -12.08
C ILE A 121 -0.90 -9.89 -13.40
N GLU A 122 -0.30 -10.96 -13.87
CA GLU A 122 0.48 -10.91 -15.15
C GLU A 122 0.02 -12.07 -16.05
N ILE A 123 -0.39 -11.76 -17.25
CA ILE A 123 -0.85 -12.83 -18.18
C ILE A 123 -0.50 -12.44 -19.62
N GLY A 124 0.12 -13.33 -20.35
CA GLY A 124 0.50 -13.01 -21.76
C GLY A 124 1.14 -11.63 -21.83
N ASP A 125 0.87 -10.89 -22.88
CA ASP A 125 1.47 -9.53 -23.00
C ASP A 125 0.58 -8.53 -22.26
N LEU A 126 -0.52 -8.97 -21.73
CA LEU A 126 -1.44 -8.04 -20.98
C LEU A 126 -1.09 -8.13 -19.49
N THR A 127 -0.92 -7.02 -18.83
CA THR A 127 -0.59 -7.03 -17.37
C THR A 127 -1.55 -6.09 -16.62
N ILE A 128 -2.25 -6.60 -15.64
CA ILE A 128 -3.20 -5.75 -14.85
C ILE A 128 -2.64 -5.56 -13.43
N SER A 129 -2.79 -4.38 -12.88
CA SER A 129 -2.27 -4.11 -11.50
C SER A 129 -3.40 -3.50 -10.66
N PRO A 130 -4.30 -4.32 -10.18
CA PRO A 130 -5.45 -3.85 -9.34
C PRO A 130 -5.01 -2.95 -8.18
N ASP A 131 -4.07 -3.39 -7.39
CA ASP A 131 -3.61 -2.55 -6.25
C ASP A 131 -3.18 -1.17 -6.76
N GLU A 132 -2.48 -1.13 -7.87
CA GLU A 132 -2.05 0.17 -8.43
C GLU A 132 -3.13 0.73 -9.37
N GLU A 133 -4.20 0.00 -9.54
CA GLU A 133 -5.28 0.48 -10.45
C GLU A 133 -4.68 0.93 -11.77
N LYS A 134 -3.69 0.23 -12.25
CA LYS A 134 -3.03 0.61 -13.54
C LYS A 134 -3.06 -0.60 -14.50
N ILE A 135 -3.23 -0.36 -15.78
CA ILE A 135 -3.28 -1.47 -16.77
C ILE A 135 -2.24 -1.21 -17.88
N ILE A 136 -1.54 -2.23 -18.30
CA ILE A 136 -0.52 -2.06 -19.38
C ILE A 136 -0.91 -2.93 -20.58
N TYR A 137 -1.00 -2.34 -21.75
CA TYR A 137 -1.37 -3.11 -22.97
C TYR A 137 -0.49 -2.67 -24.14
N LYS A 138 0.07 -3.61 -24.86
CA LYS A 138 0.95 -3.27 -26.01
C LYS A 138 2.10 -2.36 -25.53
N GLY A 139 2.45 -2.43 -24.28
CA GLY A 139 3.56 -1.58 -23.75
C GLY A 139 3.05 -0.18 -23.41
N ARG A 140 1.78 0.08 -23.62
CA ARG A 140 1.23 1.43 -23.29
C ARG A 140 0.75 1.43 -21.83
N GLU A 141 1.23 2.36 -21.05
CA GLU A 141 0.81 2.44 -19.62
C GLU A 141 -0.30 3.47 -19.46
N VAL A 142 -1.47 3.04 -19.05
CA VAL A 142 -2.61 3.98 -18.87
C VAL A 142 -3.38 3.63 -17.59
N GLU A 143 -3.83 4.61 -16.87
CA GLU A 143 -4.58 4.31 -15.60
C GLU A 143 -6.06 4.17 -15.92
N VAL A 144 -6.77 3.33 -15.19
CA VAL A 144 -8.22 3.14 -15.44
C VAL A 144 -8.97 3.09 -14.11
N LYS A 145 -10.13 3.68 -14.06
CA LYS A 145 -10.91 3.66 -12.79
C LYS A 145 -12.36 4.10 -13.09
N GLY A 146 -13.31 3.27 -12.77
CA GLY A 146 -14.73 3.63 -13.02
C GLY A 146 -15.63 2.43 -12.73
N LYS A 147 -16.85 2.48 -13.19
CA LYS A 147 -17.78 1.34 -12.94
C LYS A 147 -17.47 0.14 -13.86
N PRO A 148 -17.04 0.38 -15.08
CA PRO A 148 -16.74 -0.71 -16.04
C PRO A 148 -15.27 -1.18 -15.95
N PHE A 149 -14.47 -0.52 -15.16
CA PHE A 149 -13.03 -0.92 -15.02
C PHE A 149 -12.86 -1.82 -13.79
N GLU A 150 -13.63 -1.58 -12.76
CA GLU A 150 -13.49 -2.41 -11.53
C GLU A 150 -13.78 -3.87 -11.88
N VAL A 151 -14.76 -4.10 -12.71
CA VAL A 151 -15.08 -5.51 -13.10
C VAL A 151 -13.87 -6.12 -13.80
N LEU A 152 -13.11 -5.32 -14.50
CA LEU A 152 -11.91 -5.85 -15.21
C LEU A 152 -10.90 -6.36 -14.17
N THR A 153 -10.63 -5.60 -13.15
CA THR A 153 -9.65 -6.04 -12.12
C THR A 153 -10.26 -7.17 -11.27
N HIS A 154 -11.55 -7.16 -11.09
CA HIS A 154 -12.19 -8.23 -10.27
C HIS A 154 -11.89 -9.60 -10.88
N LEU A 155 -12.18 -9.78 -12.14
CA LEU A 155 -11.91 -11.10 -12.78
C LEU A 155 -10.40 -11.28 -12.96
N ALA A 156 -9.67 -10.20 -13.04
CA ALA A 156 -8.20 -10.31 -13.21
C ALA A 156 -7.63 -11.16 -12.07
N ARG A 157 -7.89 -10.79 -10.84
CA ARG A 157 -7.38 -11.58 -9.70
C ARG A 157 -8.12 -12.92 -9.65
N HIS A 158 -9.42 -12.87 -9.68
CA HIS A 158 -10.22 -14.13 -9.62
C HIS A 158 -10.15 -14.82 -10.99
N ARG A 159 -8.98 -15.22 -11.41
CA ARG A 159 -8.83 -15.91 -12.73
C ARG A 159 -8.76 -17.43 -12.50
N ASP A 160 -9.41 -18.19 -13.34
CA ASP A 160 -9.38 -19.69 -13.20
C ASP A 160 -10.38 -20.15 -12.13
N GLN A 161 -11.64 -19.88 -12.30
CA GLN A 161 -12.64 -20.34 -11.29
C GLN A 161 -14.06 -20.18 -11.86
N ILE A 162 -15.05 -20.72 -11.18
CA ILE A 162 -16.45 -20.61 -11.67
C ILE A 162 -17.10 -19.37 -11.06
N VAL A 163 -17.83 -18.60 -11.84
CA VAL A 163 -18.48 -17.37 -11.31
C VAL A 163 -19.87 -17.22 -11.92
N SER A 164 -20.84 -16.85 -11.13
CA SER A 164 -22.23 -16.67 -11.65
C SER A 164 -22.41 -15.23 -12.13
N LYS A 165 -23.31 -15.01 -13.06
CA LYS A 165 -23.52 -13.63 -13.58
C LYS A 165 -23.96 -12.71 -12.42
N GLU A 166 -24.83 -13.21 -11.57
CA GLU A 166 -25.31 -12.39 -10.42
C GLU A 166 -24.11 -11.89 -9.61
N GLN A 167 -23.09 -12.68 -9.49
CA GLN A 167 -21.91 -12.23 -8.70
C GLN A 167 -21.39 -10.92 -9.28
N LEU A 168 -21.26 -10.84 -10.57
CA LEU A 168 -20.77 -9.58 -11.18
C LEU A 168 -21.71 -8.43 -10.81
N LEU A 169 -22.99 -8.70 -10.77
CA LEU A 169 -23.97 -7.64 -10.41
C LEU A 169 -23.66 -7.08 -9.02
N ASP A 170 -23.88 -7.86 -7.99
CA ASP A 170 -23.63 -7.36 -6.60
C ASP A 170 -22.14 -7.07 -6.38
N ALA A 171 -21.27 -7.83 -6.99
CA ALA A 171 -19.81 -7.59 -6.80
C ALA A 171 -19.47 -6.12 -7.06
N ILE A 172 -19.92 -5.57 -8.16
CA ILE A 172 -19.61 -4.14 -8.46
C ILE A 172 -20.77 -3.27 -7.96
N TRP A 173 -21.93 -3.43 -8.52
CA TRP A 173 -23.09 -2.61 -8.08
C TRP A 173 -23.70 -3.22 -6.81
N GLU A 174 -23.10 -2.96 -5.67
CA GLU A 174 -23.63 -3.52 -4.40
C GLU A 174 -24.66 -2.56 -3.79
N GLU A 175 -24.27 -1.34 -3.52
CA GLU A 175 -25.23 -0.36 -2.91
C GLU A 175 -26.16 0.22 -3.99
N PRO A 176 -25.68 0.46 -5.18
CA PRO A 176 -26.51 1.04 -6.29
C PRO A 176 -27.72 0.16 -6.63
N GLU A 177 -28.61 -0.03 -5.69
CA GLU A 177 -29.82 -0.87 -5.97
C GLU A 177 -30.69 -0.19 -7.03
N MET A 178 -30.59 1.10 -7.15
CA MET A 178 -31.42 1.81 -8.16
C MET A 178 -31.30 1.14 -9.52
N VAL A 179 -30.19 0.48 -9.77
CA VAL A 179 -30.01 -0.20 -11.08
C VAL A 179 -31.21 -1.11 -11.35
N THR A 180 -31.56 -1.30 -12.60
CA THR A 180 -32.72 -2.18 -12.93
C THR A 180 -32.57 -3.51 -12.16
N PRO A 181 -33.66 -4.17 -11.88
CA PRO A 181 -33.63 -5.48 -11.13
C PRO A 181 -33.15 -6.65 -12.00
N ASN A 182 -32.99 -6.45 -13.28
CA ASN A 182 -32.52 -7.58 -14.14
C ASN A 182 -31.95 -7.03 -15.45
N VAL A 183 -30.66 -6.93 -15.55
CA VAL A 183 -30.03 -6.43 -16.81
C VAL A 183 -28.62 -7.00 -16.94
N ILE A 184 -28.31 -8.03 -16.21
CA ILE A 184 -26.96 -8.63 -16.29
C ILE A 184 -26.68 -9.08 -17.72
N GLU A 185 -27.66 -9.61 -18.39
CA GLU A 185 -27.45 -10.06 -19.80
C GLU A 185 -26.80 -8.93 -20.59
N VAL A 186 -27.21 -7.71 -20.36
CA VAL A 186 -26.62 -6.57 -21.10
C VAL A 186 -25.20 -6.29 -20.57
N ALA A 187 -25.00 -6.44 -19.29
CA ALA A 187 -23.65 -6.18 -18.71
C ALA A 187 -22.65 -7.19 -19.28
N ILE A 188 -22.95 -8.46 -19.17
CA ILE A 188 -22.00 -9.48 -19.70
C ILE A 188 -21.82 -9.28 -21.22
N ASN A 189 -22.84 -8.85 -21.89
CA ASN A 189 -22.73 -8.63 -23.37
C ASN A 189 -21.78 -7.46 -23.66
N GLN A 190 -22.08 -6.29 -23.15
CA GLN A 190 -21.20 -5.12 -23.42
C GLN A 190 -19.82 -5.38 -22.80
N ILE A 191 -19.78 -5.98 -21.65
CA ILE A 191 -18.48 -6.28 -21.00
C ILE A 191 -17.63 -7.11 -21.97
N ARG A 192 -18.26 -7.96 -22.72
CA ARG A 192 -17.51 -8.83 -23.68
C ARG A 192 -16.94 -7.97 -24.83
N GLN A 193 -17.73 -7.06 -25.35
CA GLN A 193 -17.24 -6.21 -26.47
C GLN A 193 -16.32 -5.12 -25.94
N LYS A 194 -16.50 -4.70 -24.71
CA LYS A 194 -15.65 -3.62 -24.14
C LYS A 194 -14.34 -4.21 -23.57
N MET A 195 -14.33 -5.47 -23.25
CA MET A 195 -13.08 -6.08 -22.69
C MET A 195 -12.26 -6.71 -23.82
N ASP A 196 -12.90 -7.36 -24.75
CA ASP A 196 -12.15 -8.00 -25.87
C ASP A 196 -11.48 -6.92 -26.72
N LYS A 197 -12.09 -5.78 -26.85
CA LYS A 197 -11.48 -4.69 -27.66
C LYS A 197 -10.09 -4.34 -27.10
N PRO A 198 -10.01 -3.84 -25.89
CA PRO A 198 -8.69 -3.48 -25.27
C PRO A 198 -7.79 -4.70 -25.08
N LEU A 199 -8.25 -5.69 -24.37
CA LEU A 199 -7.42 -6.91 -24.15
C LEU A 199 -7.09 -7.56 -25.50
N GLY A 200 -7.99 -7.48 -26.43
CA GLY A 200 -7.74 -8.11 -27.77
C GLY A 200 -7.85 -9.63 -27.65
N ILE A 201 -7.19 -10.20 -26.68
CA ILE A 201 -7.26 -11.69 -26.50
C ILE A 201 -8.40 -12.03 -25.53
N SER A 202 -9.15 -13.05 -25.84
CA SER A 202 -10.27 -13.44 -24.93
C SER A 202 -9.72 -14.19 -23.72
N THR A 203 -10.35 -14.04 -22.59
CA THR A 203 -9.87 -14.73 -21.35
C THR A 203 -11.08 -15.19 -20.54
N VAL A 204 -12.23 -15.31 -21.16
CA VAL A 204 -13.45 -15.76 -20.43
C VAL A 204 -14.18 -16.81 -21.27
N GLU A 205 -14.85 -17.74 -20.63
CA GLU A 205 -15.59 -18.81 -21.37
C GLU A 205 -17.06 -18.80 -20.94
N THR A 206 -17.96 -18.85 -21.89
CA THR A 206 -19.42 -18.85 -21.54
C THR A 206 -19.95 -20.28 -21.59
N VAL A 207 -20.77 -20.65 -20.63
CA VAL A 207 -21.34 -22.03 -20.62
C VAL A 207 -22.77 -21.99 -20.10
N ARG A 208 -23.66 -22.71 -20.71
CA ARG A 208 -25.07 -22.72 -20.25
C ARG A 208 -25.23 -23.67 -19.06
N ARG A 209 -25.00 -23.18 -17.87
CA ARG A 209 -25.12 -24.05 -16.67
C ARG A 209 -25.04 -23.19 -15.40
N ARG A 210 -24.17 -23.53 -14.49
CA ARG A 210 -24.04 -22.73 -13.25
C ARG A 210 -23.76 -21.27 -13.59
N GLY A 211 -22.93 -21.04 -14.58
CA GLY A 211 -22.61 -19.63 -14.96
C GLY A 211 -21.41 -19.62 -15.91
N TYR A 212 -20.63 -18.57 -15.87
CA TYR A 212 -19.44 -18.47 -16.77
C TYR A 212 -18.17 -18.73 -15.96
N ARG A 213 -17.14 -19.24 -16.59
CA ARG A 213 -15.86 -19.52 -15.88
C ARG A 213 -14.73 -18.70 -16.52
N PHE A 214 -13.88 -18.11 -15.73
CA PHE A 214 -12.77 -17.28 -16.28
C PHE A 214 -11.45 -18.05 -16.13
N CYS A 215 -10.73 -18.21 -17.21
CA CYS A 215 -9.42 -18.95 -17.14
C CYS A 215 -8.50 -18.45 -18.26
N TYR A 216 -7.23 -18.67 -18.13
CA TYR A 216 -6.29 -18.19 -19.19
C TYR A 216 -6.61 -18.93 -20.51
N PRO A 217 -6.35 -18.31 -21.64
CA PRO A 217 -6.62 -18.93 -22.97
C PRO A 217 -5.58 -20.00 -23.32
N LYS A 218 -6.03 -21.21 -23.58
CA LYS A 218 -5.07 -22.31 -23.94
C LYS A 218 -4.03 -22.47 -22.82
N PRO A 219 -3.44 -23.64 -22.69
CA PRO A 219 -2.41 -23.90 -21.64
C PRO A 219 -1.21 -22.95 -21.78
N ALA A 220 -1.09 -22.30 -22.91
CA ALA A 220 0.06 -21.35 -23.11
C ALA A 220 1.36 -22.02 -22.66
N CYS A 221 2.42 -21.27 -22.59
CA CYS A 221 3.73 -21.85 -22.17
C CYS A 221 3.78 -21.95 -20.64
N GLU A 222 4.42 -22.96 -20.13
CA GLU A 222 4.51 -23.11 -18.65
C GLU A 222 5.35 -21.97 -18.06
N GLU A 223 6.31 -21.50 -18.81
CA GLU A 223 7.16 -20.38 -18.30
C GLU A 223 8.05 -19.86 -19.44
N MET B 1 -1.08 -1.41 20.47
CA MET B 1 -1.17 0.06 20.29
C MET B 1 -0.30 0.76 21.34
N ARG B 2 0.96 0.94 21.05
CA ARG B 2 1.87 1.62 22.04
C ARG B 2 2.80 2.57 21.29
N VAL B 3 3.12 3.70 21.90
CA VAL B 3 4.02 4.69 21.24
C VAL B 3 5.35 4.77 21.99
N LEU B 4 6.44 4.85 21.27
CA LEU B 4 7.79 4.91 21.91
C LEU B 4 8.38 6.31 21.73
N LEU B 5 8.67 6.97 22.83
CA LEU B 5 9.26 8.36 22.77
C LEU B 5 10.65 8.33 23.42
N ILE B 6 11.69 8.49 22.64
CA ILE B 6 13.07 8.50 23.20
C ILE B 6 13.55 9.94 23.31
N GLU B 7 13.75 10.43 24.50
CA GLU B 7 14.21 11.84 24.68
C GLU B 7 15.03 11.94 25.97
N LYS B 8 15.76 13.02 26.13
CA LYS B 8 16.59 13.20 27.36
C LYS B 8 15.82 14.04 28.38
N ASN B 9 14.90 14.85 27.92
CA ASN B 9 14.11 15.70 28.86
C ASN B 9 12.85 14.96 29.30
N SER B 10 12.79 14.54 30.54
CA SER B 10 11.58 13.83 31.02
C SER B 10 10.35 14.74 30.93
N VAL B 11 10.50 15.99 31.27
CA VAL B 11 9.35 16.92 31.20
C VAL B 11 8.81 16.94 29.77
N LEU B 12 9.68 17.01 28.80
CA LEU B 12 9.22 17.02 27.38
C LEU B 12 8.42 15.76 27.11
N GLY B 13 8.80 14.67 27.71
CA GLY B 13 8.05 13.40 27.50
C GLY B 13 6.72 13.51 28.24
N GLY B 14 6.68 14.30 29.28
CA GLY B 14 5.43 14.46 30.04
C GLY B 14 4.35 15.09 29.13
N GLU B 15 4.66 16.18 28.51
CA GLU B 15 3.67 16.84 27.63
C GLU B 15 3.25 15.89 26.50
N ILE B 16 4.19 15.25 25.85
CA ILE B 16 3.80 14.30 24.76
C ILE B 16 3.00 13.15 25.37
N GLU B 17 3.43 12.66 26.51
CA GLU B 17 2.68 11.53 27.15
C GLU B 17 1.24 11.98 27.43
N LYS B 18 1.06 13.16 27.96
CA LYS B 18 -0.32 13.64 28.25
C LYS B 18 -0.92 14.25 27.00
N GLY B 19 -0.18 14.26 25.93
CA GLY B 19 -0.71 14.83 24.66
C GLY B 19 -1.49 13.77 23.90
N LEU B 20 -0.86 12.68 23.57
CA LEU B 20 -1.56 11.59 22.83
C LEU B 20 -2.57 10.89 23.75
N ASN B 21 -2.36 10.97 25.04
CA ASN B 21 -3.30 10.30 25.99
C ASN B 21 -4.73 10.73 25.67
N VAL B 22 -4.93 11.95 25.27
CA VAL B 22 -6.30 12.41 24.94
C VAL B 22 -6.89 11.44 23.91
N LYS B 23 -6.07 10.91 23.06
CA LYS B 23 -6.56 9.95 22.03
C LYS B 23 -6.71 8.57 22.67
N GLY B 24 -6.31 8.45 23.90
CA GLY B 24 -6.43 7.14 24.61
C GLY B 24 -5.29 6.22 24.17
N PHE B 25 -4.19 6.77 23.73
CA PHE B 25 -3.04 5.92 23.28
C PHE B 25 -2.05 5.78 24.45
N MET B 26 -1.21 4.78 24.41
CA MET B 26 -0.21 4.58 25.51
C MET B 26 1.16 5.01 25.00
N ALA B 27 1.95 5.64 25.83
CA ALA B 27 3.30 6.09 25.39
C ALA B 27 4.32 5.78 26.48
N ASP B 28 5.58 5.70 26.12
CA ASP B 28 6.65 5.41 27.12
C ASP B 28 7.80 6.40 26.90
N VAL B 29 8.46 6.81 27.95
CA VAL B 29 9.59 7.78 27.83
C VAL B 29 10.90 7.06 28.13
N THR B 30 11.93 7.36 27.38
CA THR B 30 13.26 6.70 27.62
C THR B 30 14.38 7.73 27.48
N GLU B 31 15.57 7.37 27.87
CA GLU B 31 16.71 8.33 27.77
C GLU B 31 17.43 8.13 26.44
N SER B 32 18.60 7.56 26.47
CA SER B 32 19.37 7.33 25.21
C SER B 32 18.81 6.10 24.49
N LEU B 33 19.21 5.91 23.26
CA LEU B 33 18.73 4.74 22.49
C LEU B 33 18.94 3.46 23.29
N GLU B 34 19.95 3.42 24.11
CA GLU B 34 20.20 2.19 24.92
C GLU B 34 18.93 1.76 25.64
N ASP B 35 18.31 2.68 26.36
CA ASP B 35 17.07 2.31 27.08
C ASP B 35 15.98 1.91 26.08
N GLY B 36 15.92 2.59 24.97
CA GLY B 36 14.89 2.24 23.94
C GLY B 36 15.21 0.86 23.36
N GLU B 37 16.47 0.57 23.15
CA GLU B 37 16.83 -0.76 22.58
C GLU B 37 16.53 -1.85 23.60
N TYR B 38 16.85 -1.63 24.84
CA TYR B 38 16.58 -2.67 25.88
C TYR B 38 15.08 -2.71 26.18
N LEU B 39 14.43 -1.57 26.14
CA LEU B 39 12.97 -1.54 26.44
C LEU B 39 12.18 -2.12 25.26
N MET B 40 12.44 -1.67 24.07
CA MET B 40 11.68 -2.19 22.89
C MET B 40 11.93 -3.69 22.74
N ASP B 41 13.07 -4.16 23.18
CA ASP B 41 13.38 -5.62 23.05
C ASP B 41 12.32 -6.45 23.79
N ILE B 42 11.90 -6.00 24.95
CA ILE B 42 10.88 -6.78 25.72
C ILE B 42 9.47 -6.40 25.27
N ARG B 43 9.28 -5.21 24.75
CA ARG B 43 7.93 -4.78 24.30
C ARG B 43 8.00 -4.24 22.86
N ASN B 44 7.02 -4.54 22.05
CA ASN B 44 7.02 -4.06 20.63
C ASN B 44 6.12 -2.82 20.53
N TYR B 45 6.63 -1.75 19.99
CA TYR B 45 5.81 -0.50 19.85
C TYR B 45 5.32 -0.37 18.41
N ASP B 46 4.12 0.08 18.21
CA ASP B 46 3.60 0.24 16.82
C ASP B 46 4.13 1.55 16.23
N LEU B 47 4.34 2.54 17.07
CA LEU B 47 4.86 3.85 16.59
C LEU B 47 6.24 4.09 17.20
N VAL B 48 7.27 4.04 16.40
CA VAL B 48 8.65 4.26 16.92
C VAL B 48 9.03 5.72 16.72
N MET B 49 8.96 6.51 17.77
CA MET B 49 9.30 7.96 17.67
C MET B 49 10.52 8.26 18.55
N VAL B 50 11.48 8.96 18.03
CA VAL B 50 12.71 9.28 18.81
C VAL B 50 13.20 10.68 18.43
N SER B 51 13.63 11.45 19.40
CA SER B 51 14.14 12.83 19.13
C SER B 51 15.67 12.86 19.25
N ASP B 52 16.29 11.70 19.25
CA ASP B 52 17.78 11.66 19.36
C ASP B 52 18.39 11.87 17.97
N LYS B 53 19.52 12.53 17.89
CA LYS B 53 20.16 12.78 16.57
C LYS B 53 20.87 11.51 16.09
N ASN B 54 21.51 10.80 16.97
CA ASN B 54 22.22 9.56 16.55
C ASN B 54 21.21 8.46 16.26
N ALA B 55 19.95 8.80 16.20
CA ALA B 55 18.91 7.78 15.93
C ALA B 55 19.06 7.23 14.50
N LEU B 56 19.72 7.96 13.64
CA LEU B 56 19.91 7.51 12.23
C LEU B 56 20.24 6.00 12.19
N SER B 57 21.10 5.55 13.05
CA SER B 57 21.46 4.10 13.04
C SER B 57 20.32 3.30 13.69
N PHE B 58 19.68 3.86 14.69
CA PHE B 58 18.58 3.14 15.37
C PHE B 58 17.38 2.98 14.42
N VAL B 59 17.07 3.97 13.65
CA VAL B 59 15.91 3.84 12.73
C VAL B 59 16.27 2.88 11.59
N SER B 60 17.49 2.90 11.15
CA SER B 60 17.90 1.98 10.05
C SER B 60 17.61 0.54 10.47
N ARG B 61 18.00 0.16 11.66
CA ARG B 61 17.75 -1.23 12.11
C ARG B 61 16.25 -1.46 12.33
N ILE B 62 15.54 -0.45 12.79
CA ILE B 62 14.08 -0.63 13.04
C ILE B 62 13.37 -0.95 11.72
N LYS B 63 13.82 -0.40 10.63
CA LYS B 63 13.17 -0.67 9.32
C LYS B 63 13.49 -2.09 8.84
N GLU B 64 14.75 -2.44 8.78
CA GLU B 64 15.11 -3.81 8.31
C GLU B 64 14.61 -4.87 9.30
N LYS B 65 14.67 -4.58 10.57
CA LYS B 65 14.22 -5.57 11.59
C LYS B 65 12.70 -5.50 11.76
N HIS B 66 12.10 -4.38 11.45
CA HIS B 66 10.62 -4.26 11.61
C HIS B 66 10.07 -3.23 10.62
N SER B 67 10.13 -3.52 9.35
CA SER B 67 9.60 -2.56 8.33
C SER B 67 8.10 -2.34 8.56
N SER B 68 7.41 -3.34 9.05
CA SER B 68 5.94 -3.19 9.28
C SER B 68 5.68 -2.10 10.32
N ILE B 69 6.62 -1.83 11.18
CA ILE B 69 6.40 -0.78 12.23
C ILE B 69 6.64 0.61 11.63
N VAL B 70 6.06 1.63 12.21
CA VAL B 70 6.25 3.01 11.67
C VAL B 70 7.40 3.70 12.41
N VAL B 71 7.97 4.73 11.82
CA VAL B 71 9.09 5.46 12.47
C VAL B 71 8.88 6.97 12.33
N LEU B 72 8.93 7.69 13.43
CA LEU B 72 8.72 9.17 13.39
C LEU B 72 9.98 9.86 13.97
N VAL B 73 10.82 10.37 13.12
CA VAL B 73 12.05 11.05 13.60
C VAL B 73 11.79 12.55 13.74
N SER B 74 12.08 13.13 14.88
CA SER B 74 11.84 14.59 15.07
C SER B 74 13.12 15.36 14.73
N SER B 75 13.06 16.67 14.68
CA SER B 75 14.28 17.46 14.36
C SER B 75 14.14 18.90 14.84
N ASP B 76 14.98 19.31 15.76
CA ASP B 76 14.90 20.70 16.29
C ASP B 76 15.14 21.71 15.16
N ASN B 77 16.01 21.39 14.24
CA ASN B 77 16.31 22.30 13.10
C ASN B 77 15.94 21.62 11.78
N PRO B 78 14.69 21.65 11.40
CA PRO B 78 14.22 21.00 10.14
C PRO B 78 15.13 21.36 8.95
N THR B 79 16.21 20.65 8.80
CA THR B 79 17.15 20.92 7.68
C THR B 79 16.95 19.88 6.59
N SER B 80 17.23 20.25 5.36
CA SER B 80 17.05 19.29 4.24
C SER B 80 18.05 18.14 4.39
N GLU B 81 19.23 18.41 4.88
CA GLU B 81 20.23 17.32 5.04
C GLU B 81 19.69 16.25 5.99
N GLU B 82 19.11 16.65 7.08
CA GLU B 82 18.55 15.66 8.04
C GLU B 82 17.24 15.09 7.49
N GLU B 83 16.51 15.89 6.75
CA GLU B 83 15.22 15.40 6.18
C GLU B 83 15.48 14.26 5.20
N VAL B 84 16.32 14.48 4.22
CA VAL B 84 16.60 13.40 3.23
C VAL B 84 17.28 12.22 3.94
N HIS B 85 18.22 12.50 4.80
CA HIS B 85 18.91 11.40 5.53
C HIS B 85 17.89 10.65 6.39
N ALA B 86 16.85 11.32 6.80
CA ALA B 86 15.83 10.64 7.65
C ALA B 86 15.05 9.62 6.82
N PHE B 87 14.61 9.98 5.65
CA PHE B 87 13.84 9.02 4.81
C PHE B 87 14.81 8.03 4.16
N GLU B 88 16.00 8.46 3.87
CA GLU B 88 16.98 7.53 3.24
C GLU B 88 17.47 6.52 4.28
N GLN B 89 17.79 6.97 5.46
CA GLN B 89 18.28 6.03 6.51
C GLN B 89 17.20 5.01 6.84
N GLY B 90 16.00 5.45 7.15
CA GLY B 90 14.91 4.49 7.48
C GLY B 90 13.84 5.16 8.35
N ALA B 91 13.45 6.36 7.99
CA ALA B 91 12.40 7.09 8.78
C ALA B 91 11.11 7.17 7.95
N ASP B 92 9.99 6.92 8.56
CA ASP B 92 8.70 6.99 7.80
C ASP B 92 8.20 8.43 7.80
N ASP B 93 8.69 9.24 8.70
CA ASP B 93 8.24 10.67 8.75
C ASP B 93 9.36 11.54 9.34
N TYR B 94 9.28 12.82 9.13
CA TYR B 94 10.32 13.76 9.66
C TYR B 94 9.63 15.06 10.09
N ILE B 95 9.32 15.20 11.36
CA ILE B 95 8.63 16.45 11.84
C ILE B 95 9.60 17.31 12.65
N ALA B 96 9.33 18.59 12.73
CA ALA B 96 10.21 19.49 13.53
C ALA B 96 10.08 19.11 15.01
N LYS B 97 11.09 19.33 15.80
CA LYS B 97 11.00 18.96 17.24
C LYS B 97 10.12 19.94 18.01
N PRO B 98 10.41 21.22 17.99
CA PRO B 98 9.62 22.18 18.79
C PRO B 98 8.11 21.89 18.79
N TYR B 99 7.69 20.99 17.94
CA TYR B 99 6.26 20.62 17.87
C TYR B 99 5.40 21.85 17.56
N ARG B 100 4.71 21.84 16.45
CA ARG B 100 3.87 23.02 16.10
C ARG B 100 2.73 23.15 17.12
N SER B 101 2.24 22.05 17.63
CA SER B 101 1.14 22.14 18.64
C SER B 101 0.86 20.78 19.26
N ILE B 102 1.83 19.91 19.33
CA ILE B 102 1.60 18.55 19.93
C ILE B 102 0.35 17.91 19.35
N LYS B 103 -0.81 18.44 19.64
CA LYS B 103 -2.06 17.86 19.08
C LYS B 103 -1.92 17.81 17.57
N ALA B 104 -1.23 18.76 17.01
CA ALA B 104 -1.03 18.77 15.53
C ALA B 104 -0.22 17.53 15.14
N LEU B 105 0.82 17.25 15.86
CA LEU B 105 1.65 16.06 15.54
C LEU B 105 0.85 14.79 15.85
N VAL B 106 0.15 14.77 16.95
CA VAL B 106 -0.67 13.57 17.29
C VAL B 106 -1.68 13.33 16.18
N ALA B 107 -2.34 14.36 15.73
CA ALA B 107 -3.33 14.17 14.64
C ALA B 107 -2.65 13.47 13.47
N ARG B 108 -1.46 13.88 13.15
CA ARG B 108 -0.72 13.22 12.04
C ARG B 108 -0.48 11.75 12.41
N ILE B 109 -0.17 11.49 13.65
CA ILE B 109 0.06 10.09 14.08
C ILE B 109 -1.27 9.35 14.03
N GLU B 110 -2.35 10.07 14.23
CA GLU B 110 -3.68 9.43 14.18
C GLU B 110 -3.97 9.01 12.74
N ALA B 111 -3.87 9.92 11.82
CA ALA B 111 -4.12 9.57 10.39
C ALA B 111 -3.37 8.29 10.05
N ARG B 112 -2.16 8.16 10.53
CA ARG B 112 -1.39 6.92 10.23
C ARG B 112 -2.12 5.71 10.83
N LEU B 113 -2.66 5.85 12.02
CA LEU B 113 -3.39 4.72 12.66
C LEU B 113 -4.66 5.25 13.33
N ARG B 114 -5.68 5.51 12.55
CA ARG B 114 -6.96 6.02 13.14
C ARG B 114 -7.68 4.86 13.83
N PHE B 115 -8.29 3.99 13.08
CA PHE B 115 -9.01 2.85 13.71
C PHE B 115 -8.02 1.73 14.01
N TRP B 116 -7.45 1.13 13.00
CA TRP B 116 -6.47 0.03 13.24
C TRP B 116 -5.57 -0.11 12.00
N GLY B 117 -5.03 -1.28 11.79
CA GLY B 117 -4.14 -1.48 10.60
C GLY B 117 -4.98 -1.83 9.37
N SER B 118 -4.54 -2.78 8.58
CA SER B 118 -5.31 -3.16 7.37
C SER B 118 -5.04 -4.61 7.03
N ASN B 119 -5.70 -5.11 6.02
CA ASN B 119 -5.52 -6.52 5.63
C ASN B 119 -5.76 -6.66 4.13
N VAL B 120 -5.35 -7.75 3.53
CA VAL B 120 -5.55 -7.94 2.07
C VAL B 120 -6.02 -9.38 1.80
N ILE B 121 -5.51 -10.34 2.51
CA ILE B 121 -5.92 -11.76 2.30
C ILE B 121 -6.99 -12.14 3.33
N GLU B 122 -8.01 -12.84 2.91
CA GLU B 122 -9.10 -13.25 3.86
C GLU B 122 -9.49 -14.70 3.57
N ILE B 123 -9.59 -15.51 4.60
CA ILE B 123 -9.97 -16.95 4.39
C ILE B 123 -10.87 -17.40 5.55
N GLY B 124 -12.12 -17.68 5.27
CA GLY B 124 -13.03 -18.13 6.36
C GLY B 124 -12.97 -17.11 7.52
N ASP B 125 -12.52 -17.55 8.67
CA ASP B 125 -12.41 -16.63 9.84
C ASP B 125 -10.93 -16.29 10.08
N LEU B 126 -10.06 -16.78 9.23
CA LEU B 126 -8.60 -16.50 9.39
C LEU B 126 -8.22 -15.32 8.47
N THR B 127 -7.40 -14.41 8.92
CA THR B 127 -7.00 -13.24 8.06
C THR B 127 -5.48 -13.09 8.05
N ILE B 128 -4.91 -12.84 6.89
CA ILE B 128 -3.42 -12.68 6.78
C ILE B 128 -3.10 -11.39 6.03
N SER B 129 -2.06 -10.69 6.44
CA SER B 129 -1.67 -9.41 5.77
C SER B 129 -0.22 -9.53 5.25
N PRO B 130 0.05 -9.25 3.99
CA PRO B 130 1.44 -9.36 3.44
C PRO B 130 2.32 -8.14 3.80
N ASP B 131 1.94 -6.96 3.38
CA ASP B 131 2.76 -5.76 3.69
C ASP B 131 3.00 -5.67 5.20
N GLU B 132 1.98 -5.83 6.00
CA GLU B 132 2.17 -5.74 7.48
C GLU B 132 2.66 -7.09 8.02
N GLU B 133 2.65 -8.12 7.22
CA GLU B 133 3.12 -9.45 7.70
C GLU B 133 2.44 -9.75 9.05
N LYS B 134 1.19 -10.11 9.03
CA LYS B 134 0.47 -10.40 10.30
C LYS B 134 -0.61 -11.47 10.05
N ILE B 135 -0.63 -12.49 10.87
CA ILE B 135 -1.65 -13.58 10.71
C ILE B 135 -2.65 -13.50 11.87
N ILE B 136 -3.93 -13.57 11.58
CA ILE B 136 -4.97 -13.48 12.66
C ILE B 136 -5.67 -14.82 12.80
N TYR B 137 -5.72 -15.35 14.00
CA TYR B 137 -6.40 -16.66 14.22
C TYR B 137 -7.11 -16.59 15.57
N LYS B 138 -8.29 -17.17 15.67
CA LYS B 138 -9.01 -17.14 16.96
C LYS B 138 -9.19 -15.68 17.42
N GLY B 139 -8.95 -14.73 16.55
CA GLY B 139 -9.13 -13.29 16.92
C GLY B 139 -7.86 -12.76 17.58
N ARG B 140 -6.81 -13.55 17.62
CA ARG B 140 -5.54 -13.08 18.26
C ARG B 140 -4.61 -12.54 17.17
N GLU B 141 -3.89 -11.48 17.45
CA GLU B 141 -2.95 -10.91 16.43
C GLU B 141 -1.53 -11.45 16.68
N VAL B 142 -0.94 -12.07 15.69
CA VAL B 142 0.44 -12.62 15.85
C VAL B 142 1.28 -12.25 14.62
N GLU B 143 2.48 -11.75 14.83
CA GLU B 143 3.34 -11.37 13.67
C GLU B 143 4.21 -12.56 13.26
N VAL B 144 4.67 -12.58 12.04
CA VAL B 144 5.52 -13.71 11.56
C VAL B 144 6.69 -13.18 10.74
N LYS B 145 7.85 -13.76 10.90
CA LYS B 145 9.04 -13.31 10.13
C LYS B 145 10.24 -14.21 10.44
N GLY B 146 10.41 -15.26 9.69
CA GLY B 146 11.57 -16.18 9.95
C GLY B 146 11.88 -16.96 8.68
N LYS B 147 12.73 -17.95 8.77
CA LYS B 147 13.08 -18.76 7.57
C LYS B 147 11.97 -19.79 7.26
N PRO B 148 11.25 -20.30 8.25
CA PRO B 148 10.18 -21.30 8.01
C PRO B 148 8.81 -20.64 7.77
N PHE B 149 8.58 -19.48 8.33
CA PHE B 149 7.25 -18.82 8.13
C PHE B 149 7.26 -18.01 6.83
N GLU B 150 8.42 -17.79 6.25
CA GLU B 150 8.49 -17.01 4.99
C GLU B 150 7.54 -17.62 3.96
N VAL B 151 7.48 -18.92 3.89
CA VAL B 151 6.56 -19.56 2.91
C VAL B 151 5.11 -19.33 3.35
N LEU B 152 4.86 -19.38 4.63
CA LEU B 152 3.47 -19.15 5.13
C LEU B 152 2.91 -17.88 4.46
N THR B 153 3.72 -16.85 4.40
CA THR B 153 3.24 -15.59 3.76
C THR B 153 3.12 -15.77 2.24
N HIS B 154 4.06 -16.44 1.64
CA HIS B 154 4.04 -16.62 0.15
C HIS B 154 2.75 -17.31 -0.33
N LEU B 155 2.52 -18.55 0.05
CA LEU B 155 1.28 -19.23 -0.45
C LEU B 155 0.04 -18.60 0.20
N ALA B 156 0.19 -17.92 1.30
CA ALA B 156 -1.00 -17.28 1.93
C ALA B 156 -1.65 -16.31 0.92
N ARG B 157 -0.86 -15.47 0.31
CA ARG B 157 -1.45 -14.50 -0.67
C ARG B 157 -1.76 -15.20 -1.99
N HIS B 158 -0.95 -16.15 -2.41
CA HIS B 158 -1.23 -16.86 -3.69
C HIS B 158 -2.29 -17.94 -3.48
N ARG B 159 -3.09 -17.82 -2.46
CA ARG B 159 -4.14 -18.84 -2.19
C ARG B 159 -5.08 -18.90 -3.41
N ASP B 160 -5.86 -19.95 -3.53
CA ASP B 160 -6.79 -20.06 -4.69
C ASP B 160 -5.97 -20.13 -5.99
N GLN B 161 -4.93 -20.92 -5.99
CA GLN B 161 -4.09 -21.04 -7.23
C GLN B 161 -3.31 -22.34 -7.20
N ILE B 162 -2.94 -22.84 -8.36
CA ILE B 162 -2.16 -24.11 -8.40
C ILE B 162 -0.68 -23.78 -8.12
N VAL B 163 -0.20 -24.10 -6.95
CA VAL B 163 1.24 -23.80 -6.61
C VAL B 163 2.07 -25.07 -6.73
N SER B 164 3.16 -25.00 -7.44
CA SER B 164 4.03 -26.21 -7.60
C SER B 164 5.01 -26.30 -6.44
N LYS B 165 5.63 -27.43 -6.24
CA LYS B 165 6.58 -27.58 -5.11
C LYS B 165 7.84 -26.73 -5.38
N GLU B 166 8.37 -26.81 -6.56
CA GLU B 166 9.59 -26.01 -6.89
C GLU B 166 9.31 -24.52 -6.71
N GLN B 167 8.07 -24.12 -6.83
CA GLN B 167 7.76 -22.68 -6.66
C GLN B 167 8.19 -22.22 -5.26
N LEU B 168 7.91 -23.01 -4.27
CA LEU B 168 8.32 -22.64 -2.87
C LEU B 168 9.84 -22.77 -2.74
N LEU B 169 10.36 -23.94 -2.97
CA LEU B 169 11.84 -24.13 -2.88
C LEU B 169 12.52 -23.03 -3.68
N ASP B 170 12.22 -22.96 -4.93
CA ASP B 170 12.84 -21.93 -5.82
C ASP B 170 12.72 -20.53 -5.25
N ALA B 171 11.66 -20.22 -4.54
CA ALA B 171 11.48 -18.83 -4.02
C ALA B 171 11.99 -18.65 -2.58
N ILE B 172 11.95 -19.67 -1.76
CA ILE B 172 12.43 -19.50 -0.36
C ILE B 172 13.94 -19.66 -0.30
N TRP B 173 14.45 -20.81 -0.63
CA TRP B 173 15.93 -20.98 -0.58
C TRP B 173 16.53 -20.08 -1.67
N GLU B 174 17.66 -19.48 -1.41
CA GLU B 174 18.26 -18.58 -2.44
C GLU B 174 19.67 -18.18 -2.00
N GLU B 175 19.80 -17.29 -1.06
CA GLU B 175 21.15 -16.87 -0.61
C GLU B 175 21.85 -18.06 0.08
N PRO B 176 21.23 -18.67 1.06
CA PRO B 176 21.84 -19.84 1.76
C PRO B 176 21.64 -21.16 0.98
N GLU B 177 22.50 -21.44 0.05
CA GLU B 177 22.36 -22.69 -0.74
C GLU B 177 22.96 -23.86 0.02
N MET B 178 23.79 -24.65 -0.62
CA MET B 178 24.41 -25.80 0.08
C MET B 178 23.28 -26.67 0.67
N VAL B 179 22.08 -26.47 0.22
CA VAL B 179 20.94 -27.27 0.76
C VAL B 179 20.89 -28.64 0.07
N THR B 180 20.36 -29.63 0.72
CA THR B 180 20.27 -30.98 0.11
C THR B 180 19.64 -30.86 -1.29
N PRO B 181 19.88 -31.82 -2.16
CA PRO B 181 19.31 -31.80 -3.54
C PRO B 181 17.87 -31.29 -3.56
N ASN B 182 17.00 -31.92 -2.81
CA ASN B 182 15.58 -31.48 -2.77
C ASN B 182 14.89 -32.12 -1.57
N VAL B 183 14.33 -31.31 -0.69
CA VAL B 183 13.64 -31.86 0.51
C VAL B 183 12.35 -31.09 0.73
N ILE B 184 11.95 -30.31 -0.25
CA ILE B 184 10.71 -29.52 -0.12
C ILE B 184 9.56 -30.48 0.23
N GLU B 185 9.64 -31.70 -0.21
CA GLU B 185 8.58 -32.70 0.11
C GLU B 185 8.43 -32.81 1.62
N VAL B 186 9.52 -32.71 2.33
CA VAL B 186 9.47 -32.81 3.80
C VAL B 186 8.90 -31.52 4.38
N ALA B 187 9.34 -30.40 3.90
CA ALA B 187 8.84 -29.11 4.44
C ALA B 187 7.33 -28.98 4.20
N ILE B 188 6.87 -29.25 3.00
CA ILE B 188 5.40 -29.12 2.74
C ILE B 188 4.62 -30.13 3.58
N ASN B 189 5.09 -31.34 3.69
CA ASN B 189 4.36 -32.35 4.51
C ASN B 189 4.34 -31.89 5.97
N GLN B 190 5.38 -31.25 6.42
CA GLN B 190 5.42 -30.79 7.84
C GLN B 190 4.55 -29.54 8.01
N ILE B 191 4.75 -28.55 7.18
CA ILE B 191 3.94 -27.30 7.30
C ILE B 191 2.45 -27.66 7.38
N ARG B 192 2.00 -28.53 6.51
CA ARG B 192 0.56 -28.91 6.54
C ARG B 192 0.22 -29.58 7.88
N GLN B 193 1.01 -30.54 8.29
CA GLN B 193 0.73 -31.22 9.59
C GLN B 193 0.84 -30.22 10.73
N LYS B 194 1.55 -29.14 10.52
CA LYS B 194 1.73 -28.13 11.60
C LYS B 194 0.55 -27.13 11.59
N MET B 195 0.07 -26.76 10.44
CA MET B 195 -1.07 -25.78 10.38
C MET B 195 -2.39 -26.54 10.34
N ASP B 196 -2.39 -27.81 10.62
CA ASP B 196 -3.66 -28.60 10.61
C ASP B 196 -4.23 -28.70 12.03
N LYS B 197 -3.40 -28.51 13.02
CA LYS B 197 -3.90 -28.60 14.44
C LYS B 197 -4.29 -27.20 14.92
N PRO B 198 -3.47 -26.21 14.67
CA PRO B 198 -3.75 -24.81 15.09
C PRO B 198 -4.99 -24.25 14.36
N LEU B 199 -4.92 -24.18 13.05
CA LEU B 199 -6.08 -23.66 12.28
C LEU B 199 -7.29 -24.59 12.49
N GLY B 200 -7.05 -25.87 12.53
CA GLY B 200 -8.16 -26.84 12.74
C GLY B 200 -8.94 -27.04 11.44
N ILE B 201 -8.80 -26.15 10.48
CA ILE B 201 -9.54 -26.29 9.19
C ILE B 201 -8.57 -26.63 8.06
N SER B 202 -8.89 -27.61 7.27
CA SER B 202 -7.99 -27.99 6.14
C SER B 202 -8.31 -27.08 4.95
N THR B 203 -7.30 -26.56 4.29
CA THR B 203 -7.55 -25.66 3.12
C THR B 203 -6.52 -25.94 2.04
N VAL B 204 -6.05 -27.16 1.95
CA VAL B 204 -5.05 -27.52 0.91
C VAL B 204 -5.42 -28.87 0.28
N GLU B 205 -5.21 -29.00 -1.00
CA GLU B 205 -5.53 -30.29 -1.70
C GLU B 205 -4.30 -30.78 -2.44
N THR B 206 -3.76 -31.90 -2.04
CA THR B 206 -2.55 -32.44 -2.73
C THR B 206 -2.95 -33.36 -3.87
N VAL B 207 -2.74 -32.95 -5.09
CA VAL B 207 -3.08 -33.79 -6.27
C VAL B 207 -1.78 -34.21 -6.96
N ARG B 208 -1.61 -35.46 -7.25
CA ARG B 208 -0.34 -35.91 -7.88
C ARG B 208 0.01 -35.00 -9.07
N ARG B 209 -0.97 -34.47 -9.75
CA ARG B 209 -0.67 -33.58 -10.90
C ARG B 209 -0.01 -32.29 -10.38
N ARG B 210 0.86 -31.70 -11.15
CA ARG B 210 1.52 -30.44 -10.70
C ARG B 210 2.12 -30.65 -9.30
N GLY B 211 1.62 -29.95 -8.32
CA GLY B 211 2.17 -30.10 -6.93
C GLY B 211 1.02 -30.02 -5.93
N TYR B 212 0.75 -28.85 -5.42
CA TYR B 212 -0.36 -28.68 -4.42
C TYR B 212 -1.32 -27.58 -4.88
N ARG B 213 -2.53 -27.61 -4.41
CA ARG B 213 -3.55 -26.58 -4.80
C ARG B 213 -4.08 -25.89 -3.54
N PHE B 214 -3.93 -24.60 -3.46
CA PHE B 214 -4.41 -23.86 -2.24
C PHE B 214 -5.75 -23.18 -2.51
N CYS B 215 -6.75 -23.48 -1.72
CA CYS B 215 -8.09 -22.86 -1.90
C CYS B 215 -8.76 -22.70 -0.54
N TYR B 216 -9.80 -21.91 -0.46
CA TYR B 216 -10.49 -21.73 0.86
C TYR B 216 -11.10 -23.07 1.27
N PRO B 217 -11.44 -23.23 2.53
CA PRO B 217 -12.04 -24.49 3.04
C PRO B 217 -13.05 -25.09 2.06
N LYS B 218 -13.40 -26.34 2.23
CA LYS B 218 -14.37 -27.00 1.30
C LYS B 218 -15.80 -26.68 1.73
N PRO B 219 -16.23 -27.12 2.90
CA PRO B 219 -17.62 -26.85 3.40
C PRO B 219 -17.80 -25.38 3.77
N ALA B 220 -17.16 -24.49 3.05
CA ALA B 220 -17.27 -23.04 3.37
C ALA B 220 -18.74 -22.67 3.55
N CYS B 221 -19.02 -21.79 4.48
CA CYS B 221 -20.43 -21.37 4.72
C CYS B 221 -20.78 -20.23 3.76
N GLU B 222 -21.86 -20.35 3.04
CA GLU B 222 -22.25 -19.27 2.09
C GLU B 222 -22.58 -17.99 2.86
N GLU B 223 -22.11 -16.87 2.38
CA GLU B 223 -22.40 -15.59 3.08
C GLU B 223 -21.91 -14.42 2.21
N MET A 1 5.49 8.21 -14.69
CA MET A 1 4.69 9.06 -13.75
C MET A 1 4.84 10.53 -14.15
N ARG A 2 4.00 11.38 -13.61
CA ARG A 2 4.08 12.84 -13.95
C ARG A 2 3.84 13.66 -12.69
N VAL A 3 4.51 14.78 -12.56
CA VAL A 3 4.36 15.65 -11.36
C VAL A 3 3.70 16.97 -11.78
N LEU A 4 2.68 17.39 -11.06
CA LEU A 4 1.98 18.67 -11.40
C LEU A 4 2.27 19.71 -10.31
N LEU A 5 2.77 20.86 -10.70
CA LEU A 5 3.09 21.94 -9.70
C LEU A 5 2.29 23.20 -10.05
N ILE A 6 1.23 23.46 -9.33
CA ILE A 6 0.42 24.69 -9.62
C ILE A 6 1.00 25.86 -8.83
N GLU A 7 1.56 26.83 -9.50
CA GLU A 7 2.15 28.00 -8.77
C GLU A 7 2.15 29.23 -9.69
N LYS A 8 1.50 30.28 -9.28
CA LYS A 8 1.46 31.50 -10.13
C LYS A 8 2.88 32.06 -10.27
N ASN A 9 3.70 31.89 -9.27
CA ASN A 9 5.09 32.42 -9.34
C ASN A 9 5.91 31.55 -10.28
N SER A 10 6.15 32.02 -11.48
CA SER A 10 6.94 31.22 -12.45
C SER A 10 8.38 31.07 -11.95
N VAL A 11 8.85 32.00 -11.15
CA VAL A 11 10.25 31.92 -10.64
C VAL A 11 10.39 30.72 -9.70
N LEU A 12 9.51 30.60 -8.74
CA LEU A 12 9.59 29.45 -7.78
C LEU A 12 9.20 28.16 -8.51
N GLY A 13 8.18 28.21 -9.33
CA GLY A 13 7.76 26.98 -10.06
C GLY A 13 8.84 26.65 -11.09
N GLY A 14 9.57 27.64 -11.51
CA GLY A 14 10.64 27.40 -12.51
C GLY A 14 11.73 26.53 -11.91
N GLU A 15 12.29 26.94 -10.80
CA GLU A 15 13.37 26.14 -10.16
C GLU A 15 12.86 24.72 -9.88
N ILE A 16 11.68 24.57 -9.33
CA ILE A 16 11.16 23.19 -9.08
C ILE A 16 10.96 22.48 -10.42
N GLU A 17 10.32 23.12 -11.36
CA GLU A 17 10.10 22.47 -12.69
C GLU A 17 11.40 21.81 -13.16
N LYS A 18 12.45 22.57 -13.27
CA LYS A 18 13.75 21.97 -13.72
C LYS A 18 14.48 21.38 -12.53
N GLY A 19 13.86 21.41 -11.40
CA GLY A 19 14.51 20.85 -10.18
C GLY A 19 14.28 19.34 -10.12
N LEU A 20 13.08 18.92 -9.86
CA LEU A 20 12.80 17.45 -9.79
C LEU A 20 13.18 16.80 -11.13
N ASN A 21 13.23 17.57 -12.18
CA ASN A 21 13.59 17.00 -13.51
C ASN A 21 14.97 16.33 -13.42
N VAL A 22 15.87 16.90 -12.68
CA VAL A 22 17.23 16.30 -12.56
C VAL A 22 17.10 14.85 -12.11
N LYS A 23 16.20 14.57 -11.21
CA LYS A 23 16.02 13.16 -10.73
C LYS A 23 15.54 12.29 -11.90
N GLY A 24 14.95 12.89 -12.91
CA GLY A 24 14.46 12.11 -14.09
C GLY A 24 12.93 11.97 -14.04
N PHE A 25 12.23 12.99 -13.61
CA PHE A 25 10.74 12.93 -13.55
C PHE A 25 10.15 13.99 -14.48
N MET A 26 8.92 13.83 -14.88
CA MET A 26 8.30 14.84 -15.80
C MET A 26 7.61 15.91 -14.95
N ALA A 27 8.09 17.12 -15.00
CA ALA A 27 7.47 18.21 -14.18
C ALA A 27 6.53 19.04 -15.04
N ASP A 28 5.49 19.56 -14.45
CA ASP A 28 4.51 20.40 -15.21
C ASP A 28 4.11 21.59 -14.34
N VAL A 29 4.19 22.79 -14.86
CA VAL A 29 3.83 24.00 -14.07
C VAL A 29 2.56 24.62 -14.65
N THR A 30 1.65 25.06 -13.81
CA THR A 30 0.39 25.68 -14.31
C THR A 30 0.10 26.95 -13.51
N GLU A 31 -0.94 27.66 -13.86
CA GLU A 31 -1.28 28.92 -13.13
C GLU A 31 -2.33 28.63 -12.04
N SER A 32 -3.54 29.07 -12.25
CA SER A 32 -4.61 28.84 -11.22
C SER A 32 -5.14 27.41 -11.33
N LEU A 33 -5.88 26.99 -10.35
CA LEU A 33 -6.43 25.61 -10.37
C LEU A 33 -7.14 25.34 -11.70
N GLU A 34 -7.74 26.35 -12.27
CA GLU A 34 -8.46 26.13 -13.57
C GLU A 34 -7.52 25.41 -14.54
N ASP A 35 -6.34 25.91 -14.74
CA ASP A 35 -5.41 25.25 -15.68
C ASP A 35 -5.10 23.84 -15.16
N GLY A 36 -4.98 23.69 -13.87
CA GLY A 36 -4.69 22.35 -13.30
C GLY A 36 -5.90 21.43 -13.52
N GLU A 37 -7.09 21.97 -13.36
CA GLU A 37 -8.30 21.13 -13.57
C GLU A 37 -8.40 20.70 -15.02
N TYR A 38 -8.14 21.60 -15.94
CA TYR A 38 -8.22 21.23 -17.38
C TYR A 38 -7.00 20.37 -17.74
N LEU A 39 -5.86 20.68 -17.20
CA LEU A 39 -4.64 19.88 -17.52
C LEU A 39 -4.78 18.47 -16.93
N MET A 40 -5.21 18.37 -15.70
CA MET A 40 -5.34 17.01 -15.08
C MET A 40 -6.57 16.30 -15.66
N ASP A 41 -7.45 17.02 -16.28
CA ASP A 41 -8.66 16.37 -16.86
C ASP A 41 -8.23 15.26 -17.82
N ILE A 42 -7.20 15.50 -18.59
CA ILE A 42 -6.74 14.45 -19.54
C ILE A 42 -5.73 13.53 -18.86
N ARG A 43 -4.82 14.08 -18.09
CA ARG A 43 -3.80 13.24 -17.38
C ARG A 43 -4.16 13.14 -15.90
N ASN A 44 -4.02 11.97 -15.32
CA ASN A 44 -4.37 11.80 -13.88
C ASN A 44 -3.20 12.29 -13.01
N TYR A 45 -2.01 12.28 -13.54
CA TYR A 45 -0.81 12.74 -12.76
C TYR A 45 -0.67 11.91 -11.48
N ASP A 46 0.53 11.49 -11.16
CA ASP A 46 0.74 10.69 -9.92
C ASP A 46 0.94 11.63 -8.73
N LEU A 47 1.82 12.58 -8.88
CA LEU A 47 2.07 13.57 -7.78
C LEU A 47 1.43 14.89 -8.17
N VAL A 48 0.34 15.25 -7.53
CA VAL A 48 -0.34 16.54 -7.83
C VAL A 48 -0.06 17.51 -6.69
N MET A 49 0.83 18.45 -6.91
CA MET A 49 1.20 19.43 -5.86
C MET A 49 0.73 20.83 -6.26
N VAL A 50 0.32 21.62 -5.29
CA VAL A 50 -0.17 23.00 -5.58
C VAL A 50 0.35 23.96 -4.51
N SER A 51 0.81 25.11 -4.93
CA SER A 51 1.33 26.14 -3.96
C SER A 51 0.31 27.26 -3.83
N ASP A 52 -0.87 27.08 -4.36
CA ASP A 52 -1.92 28.14 -4.26
C ASP A 52 -2.53 28.14 -2.85
N LYS A 53 -3.07 29.24 -2.43
CA LYS A 53 -3.68 29.30 -1.07
C LYS A 53 -5.04 28.59 -1.08
N ASN A 54 -5.80 28.77 -2.13
CA ASN A 54 -7.15 28.12 -2.19
C ASN A 54 -6.98 26.62 -2.44
N ALA A 55 -5.81 26.09 -2.19
CA ALA A 55 -5.58 24.64 -2.42
C ALA A 55 -6.52 23.82 -1.55
N LEU A 56 -6.82 24.28 -0.36
CA LEU A 56 -7.72 23.52 0.55
C LEU A 56 -8.93 22.99 -0.22
N SER A 57 -9.62 23.84 -0.94
CA SER A 57 -10.81 23.37 -1.70
C SER A 57 -10.33 22.43 -2.81
N PHE A 58 -9.18 22.70 -3.36
CA PHE A 58 -8.65 21.83 -4.45
C PHE A 58 -8.34 20.44 -3.91
N VAL A 59 -7.42 20.33 -2.98
CA VAL A 59 -7.08 18.97 -2.45
C VAL A 59 -8.36 18.23 -2.08
N SER A 60 -9.36 18.93 -1.62
CA SER A 60 -10.63 18.25 -1.24
C SER A 60 -11.21 17.52 -2.45
N ARG A 61 -11.41 18.21 -3.54
CA ARG A 61 -11.98 17.54 -4.74
C ARG A 61 -11.00 16.51 -5.29
N ILE A 62 -9.71 16.69 -5.07
CA ILE A 62 -8.73 15.70 -5.60
C ILE A 62 -8.90 14.35 -4.90
N LYS A 63 -8.95 14.34 -3.60
CA LYS A 63 -9.09 13.03 -2.89
C LYS A 63 -10.42 12.36 -3.22
N GLU A 64 -11.50 13.09 -3.24
CA GLU A 64 -12.81 12.43 -3.53
C GLU A 64 -12.87 12.04 -5.03
N LYS A 65 -12.37 12.89 -5.89
CA LYS A 65 -12.40 12.57 -7.35
C LYS A 65 -11.26 11.61 -7.69
N HIS A 66 -10.25 11.55 -6.86
CA HIS A 66 -9.10 10.64 -7.15
C HIS A 66 -8.40 10.28 -5.84
N SER A 67 -9.06 9.53 -5.00
CA SER A 67 -8.44 9.14 -3.69
C SER A 67 -7.13 8.38 -3.94
N SER A 68 -7.06 7.66 -5.03
CA SER A 68 -5.81 6.88 -5.31
C SER A 68 -4.75 7.78 -5.93
N ILE A 69 -4.50 8.92 -5.34
CA ILE A 69 -3.45 9.85 -5.90
C ILE A 69 -2.71 10.53 -4.74
N VAL A 70 -1.51 11.00 -4.98
CA VAL A 70 -0.75 11.69 -3.89
C VAL A 70 -1.05 13.18 -3.93
N VAL A 71 -1.18 13.82 -2.79
CA VAL A 71 -1.48 15.29 -2.75
C VAL A 71 -0.45 15.99 -1.87
N LEU A 72 0.24 16.94 -2.44
CA LEU A 72 1.28 17.70 -1.67
C LEU A 72 0.88 19.18 -1.64
N VAL A 73 0.36 19.64 -0.53
CA VAL A 73 -0.06 21.06 -0.42
C VAL A 73 1.04 21.86 0.28
N SER A 74 1.48 22.95 -0.29
CA SER A 74 2.55 23.76 0.35
C SER A 74 1.93 24.79 1.29
N SER A 75 2.74 25.53 2.01
CA SER A 75 2.17 26.55 2.94
C SER A 75 3.25 27.53 3.37
N ASP A 76 3.09 28.79 3.06
CA ASP A 76 4.10 29.80 3.44
C ASP A 76 4.07 30.02 4.96
N ASN A 77 2.94 29.75 5.58
CA ASN A 77 2.81 29.94 7.06
C ASN A 77 2.63 28.57 7.73
N PRO A 78 3.65 27.74 7.74
CA PRO A 78 3.54 26.39 8.38
C PRO A 78 3.10 26.48 9.84
N THR A 79 1.82 26.60 10.06
CA THR A 79 1.29 26.69 11.45
C THR A 79 0.67 25.35 11.84
N SER A 80 0.67 25.02 13.10
CA SER A 80 0.08 23.72 13.55
C SER A 80 -1.42 23.70 13.21
N GLU A 81 -2.08 24.81 13.33
CA GLU A 81 -3.54 24.84 13.02
C GLU A 81 -3.75 24.39 11.58
N GLU A 82 -2.94 24.83 10.68
CA GLU A 82 -3.10 24.43 9.25
C GLU A 82 -2.62 22.98 9.07
N GLU A 83 -1.68 22.55 9.86
CA GLU A 83 -1.18 21.15 9.74
C GLU A 83 -2.33 20.17 9.99
N VAL A 84 -2.99 20.29 11.11
CA VAL A 84 -4.11 19.36 11.41
C VAL A 84 -5.21 19.55 10.38
N HIS A 85 -5.50 20.77 10.01
CA HIS A 85 -6.57 21.02 9.01
C HIS A 85 -6.16 20.42 7.66
N ALA A 86 -4.88 20.43 7.37
CA ALA A 86 -4.42 19.86 6.06
C ALA A 86 -4.72 18.36 6.01
N PHE A 87 -4.45 17.64 7.06
CA PHE A 87 -4.75 16.18 7.07
C PHE A 87 -6.25 15.99 7.28
N GLU A 88 -6.87 16.90 7.99
CA GLU A 88 -8.32 16.78 8.23
C GLU A 88 -9.05 16.80 6.89
N GLN A 89 -8.75 17.78 6.07
CA GLN A 89 -9.41 17.87 4.74
C GLN A 89 -9.05 16.66 3.90
N GLY A 90 -7.79 16.47 3.61
CA GLY A 90 -7.38 15.29 2.79
C GLY A 90 -6.06 15.58 2.06
N ALA A 91 -5.01 15.88 2.80
CA ALA A 91 -3.68 16.16 2.16
C ALA A 91 -2.74 14.99 2.45
N ASP A 92 -2.03 14.52 1.45
CA ASP A 92 -1.09 13.38 1.69
C ASP A 92 0.14 13.90 2.43
N ASP A 93 0.53 15.12 2.18
CA ASP A 93 1.72 15.69 2.87
C ASP A 93 1.57 17.21 2.97
N TYR A 94 2.25 17.82 3.90
CA TYR A 94 2.18 19.30 4.09
C TYR A 94 3.59 19.85 4.20
N ILE A 95 4.01 20.63 3.23
CA ILE A 95 5.41 21.19 3.23
C ILE A 95 5.37 22.72 3.31
N ALA A 96 6.39 23.31 3.87
CA ALA A 96 6.44 24.79 3.97
C ALA A 96 6.70 25.36 2.57
N LYS A 97 6.02 26.42 2.20
CA LYS A 97 6.23 26.98 0.84
C LYS A 97 7.67 27.41 0.62
N PRO A 98 8.23 28.26 1.46
CA PRO A 98 9.60 28.77 1.22
C PRO A 98 10.57 27.66 0.73
N TYR A 99 10.14 26.43 0.78
CA TYR A 99 10.97 25.30 0.30
C TYR A 99 12.29 25.25 1.10
N ARG A 100 12.39 24.39 2.06
CA ARG A 100 13.65 24.31 2.85
C ARG A 100 14.80 24.05 1.86
N SER A 101 14.57 23.22 0.88
CA SER A 101 15.62 22.93 -0.13
C SER A 101 15.02 22.04 -1.23
N ILE A 102 15.16 22.42 -2.47
CA ILE A 102 14.60 21.60 -3.57
C ILE A 102 15.06 20.15 -3.40
N LYS A 103 16.29 19.94 -3.03
CA LYS A 103 16.79 18.55 -2.84
C LYS A 103 16.03 17.89 -1.69
N ALA A 104 15.70 18.64 -0.68
CA ALA A 104 14.96 18.05 0.48
C ALA A 104 13.55 17.62 0.03
N LEU A 105 12.76 18.55 -0.42
CA LEU A 105 11.38 18.21 -0.87
C LEU A 105 11.44 17.11 -1.94
N VAL A 106 12.22 17.31 -2.97
CA VAL A 106 12.32 16.28 -4.03
C VAL A 106 12.83 14.97 -3.44
N ALA A 107 13.81 15.05 -2.58
CA ALA A 107 14.35 13.80 -1.96
C ALA A 107 13.20 13.01 -1.34
N ARG A 108 12.17 13.68 -0.89
CA ARG A 108 11.01 12.97 -0.28
C ARG A 108 10.07 12.47 -1.37
N ILE A 109 10.01 13.13 -2.49
CA ILE A 109 9.09 12.68 -3.57
C ILE A 109 9.70 11.46 -4.23
N GLU A 110 10.98 11.46 -4.43
CA GLU A 110 11.62 10.29 -5.07
C GLU A 110 11.64 9.12 -4.08
N ALA A 111 11.84 9.42 -2.82
CA ALA A 111 11.87 8.33 -1.80
C ALA A 111 10.54 7.57 -1.85
N ARG A 112 9.43 8.29 -1.91
CA ARG A 112 8.12 7.60 -1.96
C ARG A 112 8.03 6.75 -3.24
N LEU A 113 8.51 7.29 -4.34
CA LEU A 113 8.46 6.53 -5.64
C LEU A 113 9.85 6.57 -6.29
N ARG A 114 10.82 5.95 -5.67
CA ARG A 114 12.19 5.94 -6.24
C ARG A 114 12.17 5.27 -7.62
N PHE A 115 11.26 4.34 -7.82
CA PHE A 115 11.18 3.64 -9.14
C PHE A 115 9.77 3.06 -9.32
N TRP A 116 8.83 3.89 -9.68
CA TRP A 116 7.44 3.38 -9.88
C TRP A 116 7.44 2.28 -10.94
N GLY A 117 6.77 1.19 -10.69
CA GLY A 117 6.73 0.08 -11.69
C GLY A 117 6.49 -1.25 -10.96
N SER A 118 5.25 -1.63 -10.83
CA SER A 118 4.94 -2.92 -10.13
C SER A 118 3.64 -3.48 -10.66
N ASN A 119 3.35 -4.71 -10.32
CA ASN A 119 2.12 -5.35 -10.83
C ASN A 119 1.69 -6.45 -9.86
N VAL A 120 0.61 -7.13 -10.15
CA VAL A 120 0.12 -8.22 -9.25
C VAL A 120 -0.36 -9.39 -10.11
N ILE A 121 -1.02 -9.12 -11.22
CA ILE A 121 -1.52 -10.22 -12.10
C ILE A 121 -0.64 -10.28 -13.36
N GLU A 122 -0.19 -11.47 -13.72
CA GLU A 122 0.65 -11.63 -14.94
C GLU A 122 0.04 -12.74 -15.80
N ILE A 123 -0.70 -12.38 -16.82
CA ILE A 123 -1.34 -13.41 -17.70
C ILE A 123 -0.77 -13.29 -19.12
N GLY A 124 -0.20 -14.34 -19.62
CA GLY A 124 0.38 -14.28 -20.99
C GLY A 124 1.22 -13.02 -21.15
N ASP A 125 1.46 -12.60 -22.37
CA ASP A 125 2.28 -11.37 -22.58
C ASP A 125 1.50 -10.15 -22.07
N LEU A 126 0.29 -10.34 -21.62
CA LEU A 126 -0.50 -9.17 -21.10
C LEU A 126 -0.30 -9.07 -19.59
N THR A 127 -0.08 -7.88 -19.09
CA THR A 127 0.12 -7.68 -17.63
C THR A 127 -0.97 -6.74 -17.12
N ILE A 128 -1.62 -7.10 -16.03
CA ILE A 128 -2.70 -6.22 -15.46
C ILE A 128 -2.29 -5.82 -14.03
N SER A 129 -2.22 -4.53 -13.78
CA SER A 129 -1.84 -4.03 -12.44
C SER A 129 -3.09 -3.43 -11.76
N PRO A 130 -3.63 -4.07 -10.74
CA PRO A 130 -4.85 -3.56 -10.05
C PRO A 130 -4.54 -2.45 -9.04
N ASP A 131 -3.37 -2.45 -8.45
CA ASP A 131 -3.02 -1.39 -7.48
C ASP A 131 -3.25 -0.02 -8.12
N GLU A 132 -2.45 0.34 -9.08
CA GLU A 132 -2.62 1.65 -9.75
C GLU A 132 -3.71 1.53 -10.82
N GLU A 133 -4.35 0.39 -10.90
CA GLU A 133 -5.42 0.19 -11.92
C GLU A 133 -4.87 0.54 -13.30
N LYS A 134 -4.17 -0.38 -13.92
CA LYS A 134 -3.60 -0.11 -15.28
C LYS A 134 -3.53 -1.42 -16.07
N ILE A 135 -3.92 -1.38 -17.32
CA ILE A 135 -3.87 -2.62 -18.17
C ILE A 135 -2.86 -2.41 -19.30
N ILE A 136 -1.99 -3.37 -19.51
CA ILE A 136 -0.96 -3.25 -20.59
C ILE A 136 -1.08 -4.46 -21.53
N TYR A 137 -1.43 -4.22 -22.77
CA TYR A 137 -1.58 -5.34 -23.75
C TYR A 137 -0.81 -5.01 -25.04
N LYS A 138 -0.07 -5.96 -25.56
CA LYS A 138 0.71 -5.72 -26.82
C LYS A 138 1.62 -4.50 -26.68
N GLY A 139 1.98 -4.13 -25.48
CA GLY A 139 2.88 -2.95 -25.28
C GLY A 139 2.06 -1.66 -25.21
N ARG A 140 0.76 -1.75 -25.31
CA ARG A 140 -0.08 -0.51 -25.25
C ARG A 140 -0.42 -0.23 -23.78
N GLU A 141 -0.14 0.97 -23.32
CA GLU A 141 -0.45 1.32 -21.90
C GLU A 141 -1.75 2.12 -21.82
N VAL A 142 -2.68 1.70 -21.01
CA VAL A 142 -3.98 2.44 -20.87
C VAL A 142 -4.37 2.53 -19.40
N GLU A 143 -4.81 3.68 -18.96
CA GLU A 143 -5.23 3.85 -17.53
C GLU A 143 -6.74 3.71 -17.40
N VAL A 144 -7.22 3.11 -16.35
CA VAL A 144 -8.69 2.94 -16.19
C VAL A 144 -9.03 2.79 -14.70
N LYS A 145 -10.23 3.13 -14.31
CA LYS A 145 -10.63 3.01 -12.89
C LYS A 145 -12.06 3.51 -12.72
N GLY A 146 -12.98 2.65 -12.36
CA GLY A 146 -14.38 3.11 -12.19
C GLY A 146 -15.31 1.89 -12.09
N LYS A 147 -16.58 2.11 -11.85
CA LYS A 147 -17.53 0.97 -11.73
C LYS A 147 -17.53 0.17 -13.06
N PRO A 148 -17.56 0.85 -14.17
CA PRO A 148 -17.58 0.19 -15.52
C PRO A 148 -16.34 -0.69 -15.75
N PHE A 149 -15.20 -0.27 -15.25
CA PHE A 149 -13.95 -1.07 -15.44
C PHE A 149 -13.76 -2.00 -14.24
N GLU A 150 -14.47 -1.77 -13.18
CA GLU A 150 -14.30 -2.65 -11.98
C GLU A 150 -14.53 -4.12 -12.36
N VAL A 151 -15.48 -4.38 -13.21
CA VAL A 151 -15.73 -5.80 -13.61
C VAL A 151 -14.48 -6.35 -14.31
N LEU A 152 -13.82 -5.54 -15.07
CA LEU A 152 -12.60 -6.01 -15.80
C LEU A 152 -11.51 -6.44 -14.81
N THR A 153 -11.19 -5.59 -13.86
CA THR A 153 -10.12 -5.95 -12.88
C THR A 153 -10.66 -6.97 -11.87
N HIS A 154 -11.95 -6.97 -11.60
CA HIS A 154 -12.50 -7.94 -10.62
C HIS A 154 -12.18 -9.36 -11.07
N LEU A 155 -12.59 -9.72 -12.26
CA LEU A 155 -12.32 -11.08 -12.77
C LEU A 155 -10.84 -11.23 -13.11
N ALA A 156 -10.18 -10.15 -13.44
CA ALA A 156 -8.72 -10.26 -13.77
C ALA A 156 -8.02 -10.94 -12.60
N ARG A 157 -8.19 -10.44 -11.41
CA ARG A 157 -7.54 -11.09 -10.23
C ARG A 157 -8.11 -12.49 -10.05
N HIS A 158 -9.41 -12.61 -10.17
CA HIS A 158 -10.06 -13.94 -9.98
C HIS A 158 -10.07 -14.71 -11.31
N ARG A 159 -9.08 -14.50 -12.15
CA ARG A 159 -9.04 -15.24 -13.45
C ARG A 159 -9.20 -16.74 -13.15
N ASP A 160 -9.64 -17.50 -14.10
CA ASP A 160 -9.82 -18.95 -13.87
C ASP A 160 -10.76 -19.15 -12.68
N GLN A 161 -12.04 -19.01 -12.91
CA GLN A 161 -13.02 -19.18 -11.79
C GLN A 161 -14.44 -19.18 -12.34
N ILE A 162 -15.36 -19.80 -11.65
CA ILE A 162 -16.77 -19.82 -12.13
C ILE A 162 -17.50 -18.57 -11.62
N VAL A 163 -17.92 -17.71 -12.50
CA VAL A 163 -18.65 -16.47 -12.09
C VAL A 163 -20.09 -16.55 -12.59
N SER A 164 -21.03 -16.49 -11.69
CA SER A 164 -22.46 -16.57 -12.09
C SER A 164 -22.97 -15.18 -12.46
N LYS A 165 -24.09 -15.12 -13.14
CA LYS A 165 -24.64 -13.80 -13.55
C LYS A 165 -24.95 -12.96 -12.30
N GLU A 166 -25.60 -13.54 -11.33
CA GLU A 166 -25.92 -12.77 -10.09
C GLU A 166 -24.62 -12.27 -9.46
N GLN A 167 -23.58 -13.05 -9.53
CA GLN A 167 -22.28 -12.60 -8.93
C GLN A 167 -21.91 -11.24 -9.54
N LEU A 168 -22.04 -11.10 -10.83
CA LEU A 168 -21.70 -9.81 -11.48
C LEU A 168 -22.62 -8.73 -10.89
N LEU A 169 -23.85 -9.07 -10.63
CA LEU A 169 -24.80 -8.07 -10.06
C LEU A 169 -24.33 -7.70 -8.65
N ASP A 170 -24.28 -8.67 -7.77
CA ASP A 170 -23.86 -8.41 -6.36
C ASP A 170 -22.41 -7.92 -6.31
N ALA A 171 -21.66 -8.10 -7.36
CA ALA A 171 -20.23 -7.67 -7.33
C ALA A 171 -20.08 -6.20 -7.73
N ILE A 172 -20.69 -5.80 -8.82
CA ILE A 172 -20.55 -4.37 -9.28
C ILE A 172 -21.78 -3.56 -8.87
N TRP A 173 -22.95 -4.01 -9.21
CA TRP A 173 -24.17 -3.23 -8.83
C TRP A 173 -24.66 -3.67 -7.45
N GLU A 174 -23.76 -3.98 -6.57
CA GLU A 174 -24.17 -4.40 -5.20
C GLU A 174 -25.16 -3.37 -4.65
N GLU A 175 -24.97 -2.13 -4.99
CA GLU A 175 -25.90 -1.07 -4.50
C GLU A 175 -27.14 -1.03 -5.42
N PRO A 176 -28.27 -0.58 -4.92
CA PRO A 176 -29.51 -0.51 -5.73
C PRO A 176 -29.23 -0.07 -7.18
N GLU A 177 -28.62 1.08 -7.36
CA GLU A 177 -28.31 1.56 -8.73
C GLU A 177 -29.52 1.37 -9.63
N MET A 178 -30.67 1.18 -9.05
CA MET A 178 -31.90 0.99 -9.88
C MET A 178 -31.64 -0.02 -10.99
N VAL A 179 -31.52 -1.28 -10.65
CA VAL A 179 -31.27 -2.35 -11.69
C VAL A 179 -32.37 -3.40 -11.59
N THR A 180 -32.84 -3.89 -12.71
CA THR A 180 -33.92 -4.91 -12.67
C THR A 180 -33.30 -6.31 -12.51
N PRO A 181 -33.96 -7.23 -11.82
CA PRO A 181 -33.42 -8.60 -11.64
C PRO A 181 -32.81 -9.18 -12.91
N ASN A 182 -33.56 -9.23 -13.98
CA ASN A 182 -33.03 -9.78 -15.26
C ASN A 182 -32.36 -8.67 -16.08
N VAL A 183 -31.11 -8.39 -15.82
CA VAL A 183 -30.40 -7.32 -16.58
C VAL A 183 -28.95 -7.75 -16.87
N ILE A 184 -28.42 -8.64 -16.08
CA ILE A 184 -27.02 -9.10 -16.30
C ILE A 184 -26.86 -9.65 -17.72
N GLU A 185 -27.91 -10.19 -18.28
CA GLU A 185 -27.80 -10.74 -19.67
C GLU A 185 -27.38 -9.62 -20.61
N VAL A 186 -27.90 -8.45 -20.43
CA VAL A 186 -27.54 -7.32 -21.32
C VAL A 186 -26.12 -6.84 -21.03
N ALA A 187 -25.79 -6.65 -19.78
CA ALA A 187 -24.42 -6.16 -19.44
C ALA A 187 -23.37 -7.21 -19.82
N ILE A 188 -23.60 -8.46 -19.52
CA ILE A 188 -22.59 -9.49 -19.86
C ILE A 188 -22.37 -9.54 -21.38
N ASN A 189 -23.43 -9.49 -22.15
CA ASN A 189 -23.25 -9.53 -23.63
C ASN A 189 -22.44 -8.31 -24.08
N GLN A 190 -22.74 -7.15 -23.55
CA GLN A 190 -22.01 -5.92 -23.94
C GLN A 190 -20.55 -6.02 -23.47
N ILE A 191 -20.33 -6.42 -22.26
CA ILE A 191 -18.93 -6.53 -21.74
C ILE A 191 -18.13 -7.48 -22.65
N ARG A 192 -18.75 -8.53 -23.12
CA ARG A 192 -18.02 -9.47 -24.02
C ARG A 192 -17.59 -8.74 -25.30
N GLN A 193 -18.45 -7.93 -25.83
CA GLN A 193 -18.12 -7.19 -27.08
C GLN A 193 -17.18 -6.01 -26.77
N LYS A 194 -17.28 -5.45 -25.61
CA LYS A 194 -16.41 -4.29 -25.25
C LYS A 194 -15.08 -4.78 -24.68
N MET A 195 -15.00 -6.03 -24.29
CA MET A 195 -13.73 -6.56 -23.72
C MET A 195 -12.86 -7.20 -24.81
N ASP A 196 -13.47 -7.90 -25.72
CA ASP A 196 -12.68 -8.58 -26.79
C ASP A 196 -11.94 -7.55 -27.64
N LYS A 197 -12.50 -6.38 -27.83
CA LYS A 197 -11.80 -5.36 -28.66
C LYS A 197 -10.49 -4.93 -28.00
N PRO A 198 -10.53 -4.29 -26.84
CA PRO A 198 -9.30 -3.84 -26.14
C PRO A 198 -8.37 -5.02 -25.81
N LEU A 199 -8.90 -6.07 -25.23
CA LEU A 199 -8.05 -7.25 -24.88
C LEU A 199 -7.63 -7.94 -26.18
N GLY A 200 -8.52 -8.06 -27.13
CA GLY A 200 -8.17 -8.71 -28.43
C GLY A 200 -8.34 -10.23 -28.32
N ILE A 201 -7.84 -10.81 -27.26
CA ILE A 201 -7.97 -12.29 -27.09
C ILE A 201 -9.22 -12.61 -26.27
N SER A 202 -10.02 -13.55 -26.70
CA SER A 202 -11.23 -13.92 -25.92
C SER A 202 -10.80 -14.75 -24.71
N THR A 203 -11.35 -14.48 -23.55
CA THR A 203 -10.94 -15.26 -22.33
C THR A 203 -12.13 -15.45 -21.40
N VAL A 204 -13.27 -15.83 -21.93
CA VAL A 204 -14.46 -16.06 -21.06
C VAL A 204 -15.33 -17.16 -21.67
N GLU A 205 -15.69 -18.16 -20.91
CA GLU A 205 -16.52 -19.27 -21.46
C GLU A 205 -18.00 -18.95 -21.24
N THR A 206 -18.76 -18.87 -22.30
CA THR A 206 -20.22 -18.57 -22.16
C THR A 206 -21.00 -19.88 -22.09
N VAL A 207 -21.58 -20.19 -20.96
CA VAL A 207 -22.37 -21.45 -20.82
C VAL A 207 -23.64 -21.16 -20.02
N ARG A 208 -24.78 -21.55 -20.52
CA ARG A 208 -26.05 -21.28 -19.78
C ARG A 208 -25.96 -21.87 -18.38
N ARG A 209 -25.46 -23.07 -18.26
CA ARG A 209 -25.35 -23.69 -16.92
C ARG A 209 -24.50 -22.78 -16.03
N ARG A 210 -24.80 -22.73 -14.75
CA ARG A 210 -24.03 -21.84 -13.83
C ARG A 210 -24.10 -20.40 -14.35
N GLY A 211 -23.31 -20.07 -15.34
CA GLY A 211 -23.33 -18.69 -15.89
C GLY A 211 -22.13 -18.49 -16.80
N TYR A 212 -21.20 -17.66 -16.40
CA TYR A 212 -19.98 -17.41 -17.24
C TYR A 212 -18.75 -17.88 -16.48
N ARG A 213 -17.99 -18.76 -17.08
CA ARG A 213 -16.76 -19.30 -16.40
C ARG A 213 -15.51 -18.72 -17.07
N PHE A 214 -14.60 -18.19 -16.28
CA PHE A 214 -13.36 -17.61 -16.88
C PHE A 214 -12.30 -18.72 -16.98
N CYS A 215 -11.57 -18.75 -18.06
CA CYS A 215 -10.51 -19.77 -18.24
C CYS A 215 -9.44 -19.18 -19.17
N TYR A 216 -8.22 -19.59 -19.02
CA TYR A 216 -7.15 -19.02 -19.90
C TYR A 216 -7.50 -19.34 -21.37
N PRO A 217 -7.09 -18.50 -22.29
CA PRO A 217 -7.39 -18.71 -23.74
C PRO A 217 -6.84 -20.05 -24.25
N LYS A 218 -5.58 -20.13 -24.57
CA LYS A 218 -5.02 -21.42 -25.05
C LYS A 218 -3.48 -21.33 -25.14
N PRO A 219 -2.96 -20.24 -25.67
CA PRO A 219 -1.48 -20.05 -25.79
C PRO A 219 -0.80 -19.92 -24.41
N ALA A 220 -1.58 -19.79 -23.38
CA ALA A 220 -0.99 -19.65 -22.02
C ALA A 220 -0.06 -20.83 -21.77
N CYS A 221 1.22 -20.62 -21.91
CA CYS A 221 2.18 -21.73 -21.69
C CYS A 221 2.14 -22.18 -20.23
N GLU A 222 1.94 -23.45 -20.00
CA GLU A 222 1.89 -23.96 -18.60
C GLU A 222 3.30 -24.38 -18.18
N GLU A 223 3.80 -23.85 -17.11
CA GLU A 223 5.17 -24.22 -16.67
C GLU A 223 6.16 -23.98 -17.81
N MET B 1 -2.16 0.71 19.70
CA MET B 1 -0.77 0.28 19.37
C MET B 1 0.20 0.85 20.42
N ARG B 2 1.48 0.82 20.14
CA ARG B 2 2.49 1.36 21.10
C ARG B 2 3.37 2.39 20.41
N VAL B 3 3.73 3.44 21.11
CA VAL B 3 4.59 4.51 20.51
C VAL B 3 5.90 4.61 21.30
N LEU B 4 7.01 4.61 20.60
CA LEU B 4 8.34 4.71 21.27
C LEU B 4 8.82 6.16 21.20
N LEU B 5 8.97 6.79 22.34
CA LEU B 5 9.45 8.21 22.39
C LEU B 5 10.81 8.23 23.09
N ILE B 6 11.87 8.48 22.37
CA ILE B 6 13.23 8.52 23.01
C ILE B 6 13.64 9.98 23.22
N GLU B 7 13.48 10.48 24.42
CA GLU B 7 13.85 11.90 24.70
C GLU B 7 14.39 12.00 26.14
N LYS B 8 15.53 12.62 26.30
CA LYS B 8 16.12 12.76 27.66
C LYS B 8 15.21 13.64 28.53
N ASN B 9 14.56 14.61 27.94
CA ASN B 9 13.67 15.50 28.72
C ASN B 9 12.38 14.75 29.07
N SER B 10 12.23 14.33 30.30
CA SER B 10 11.01 13.59 30.70
C SER B 10 9.80 14.53 30.65
N VAL B 11 10.01 15.81 30.81
CA VAL B 11 8.87 16.76 30.78
C VAL B 11 8.19 16.73 29.41
N LEU B 12 8.97 16.82 28.35
CA LEU B 12 8.36 16.79 26.99
C LEU B 12 7.77 15.40 26.72
N GLY B 13 8.29 14.38 27.35
CA GLY B 13 7.75 13.01 27.12
C GLY B 13 6.49 12.84 27.96
N GLY B 14 6.47 13.42 29.13
CA GLY B 14 5.27 13.29 30.00
C GLY B 14 4.07 13.97 29.35
N GLU B 15 4.23 15.16 28.85
CA GLU B 15 3.08 15.85 28.20
C GLU B 15 2.70 15.11 26.92
N ILE B 16 3.67 14.72 26.12
CA ILE B 16 3.33 13.97 24.88
C ILE B 16 2.67 12.65 25.26
N GLU B 17 3.13 12.02 26.31
CA GLU B 17 2.53 10.73 26.74
C GLU B 17 1.05 10.95 27.08
N LYS B 18 0.75 12.02 27.77
CA LYS B 18 -0.67 12.28 28.13
C LYS B 18 -1.34 13.05 27.00
N GLY B 19 -0.61 13.33 25.97
CA GLY B 19 -1.19 14.07 24.81
C GLY B 19 -1.84 13.07 23.85
N LEU B 20 -1.10 12.11 23.37
CA LEU B 20 -1.69 11.11 22.44
C LEU B 20 -2.64 10.19 23.20
N ASN B 21 -2.46 10.06 24.49
CA ASN B 21 -3.36 9.17 25.28
C ASN B 21 -4.82 9.53 24.99
N VAL B 22 -5.08 10.80 24.80
CA VAL B 22 -6.48 11.22 24.50
C VAL B 22 -7.00 10.43 23.31
N LYS B 23 -6.20 10.34 22.27
CA LYS B 23 -6.63 9.58 21.07
C LYS B 23 -6.90 8.13 21.46
N GLY B 24 -5.95 7.51 22.10
CA GLY B 24 -6.13 6.09 22.55
C GLY B 24 -4.87 5.28 22.19
N PHE B 25 -3.71 5.87 22.29
CA PHE B 25 -2.44 5.14 21.99
C PHE B 25 -1.55 5.08 23.23
N MET B 26 -0.62 4.17 23.27
CA MET B 26 0.29 4.05 24.45
C MET B 26 1.66 4.62 24.07
N ALA B 27 2.31 5.30 24.98
CA ALA B 27 3.66 5.88 24.66
C ALA B 27 4.58 5.72 25.86
N ASP B 28 5.87 5.60 25.61
CA ASP B 28 6.86 5.45 26.72
C ASP B 28 8.02 6.44 26.49
N VAL B 29 8.74 6.79 27.52
CA VAL B 29 9.89 7.74 27.38
C VAL B 29 11.19 7.04 27.77
N THR B 30 12.23 7.26 27.01
CA THR B 30 13.55 6.62 27.31
C THR B 30 14.66 7.67 27.15
N GLU B 31 15.85 7.35 27.55
CA GLU B 31 16.98 8.32 27.44
C GLU B 31 17.72 8.12 26.11
N SER B 32 18.91 7.56 26.16
CA SER B 32 19.68 7.34 24.91
C SER B 32 19.16 6.11 24.17
N LEU B 33 19.61 5.91 22.97
CA LEU B 33 19.15 4.74 22.17
C LEU B 33 19.38 3.45 22.97
N GLU B 34 20.41 3.41 23.78
CA GLU B 34 20.68 2.18 24.57
C GLU B 34 19.41 1.76 25.32
N ASP B 35 18.77 2.68 25.99
CA ASP B 35 17.54 2.33 26.74
C ASP B 35 16.44 1.92 25.75
N GLY B 36 16.30 2.65 24.68
CA GLY B 36 15.25 2.29 23.68
C GLY B 36 15.60 0.96 23.02
N GLU B 37 16.85 0.75 22.70
CA GLU B 37 17.25 -0.53 22.05
C GLU B 37 17.04 -1.68 23.04
N TYR B 38 17.38 -1.48 24.28
CA TYR B 38 17.20 -2.56 25.30
C TYR B 38 15.73 -2.67 25.68
N LEU B 39 14.96 -1.64 25.47
CA LEU B 39 13.51 -1.68 25.84
C LEU B 39 12.69 -2.25 24.67
N MET B 40 13.06 -1.92 23.45
CA MET B 40 12.30 -2.43 22.28
C MET B 40 12.70 -3.87 21.95
N ASP B 41 13.91 -4.25 22.25
CA ASP B 41 14.34 -5.65 21.94
C ASP B 41 13.36 -6.65 22.56
N ILE B 42 12.78 -6.30 23.69
CA ILE B 42 11.82 -7.24 24.34
C ILE B 42 10.43 -7.06 23.74
N ARG B 43 10.07 -5.85 23.39
CA ARG B 43 8.73 -5.59 22.78
C ARG B 43 8.88 -4.74 21.52
N ASN B 44 8.10 -5.02 20.51
CA ASN B 44 8.20 -4.22 19.25
C ASN B 44 7.12 -3.13 19.24
N TYR B 45 7.47 -1.93 18.87
CA TYR B 45 6.48 -0.81 18.83
C TYR B 45 6.04 -0.58 17.40
N ASP B 46 4.92 0.09 17.20
CA ASP B 46 4.44 0.36 15.82
C ASP B 46 4.99 1.70 15.34
N LEU B 47 4.99 2.69 16.20
CA LEU B 47 5.53 4.04 15.82
C LEU B 47 6.90 4.22 16.46
N VAL B 48 7.94 4.21 15.68
CA VAL B 48 9.31 4.40 16.24
C VAL B 48 9.65 5.89 16.19
N MET B 49 9.51 6.57 17.29
CA MET B 49 9.80 8.04 17.34
C MET B 49 11.00 8.29 18.24
N VAL B 50 11.97 9.04 17.77
CA VAL B 50 13.17 9.34 18.60
C VAL B 50 13.70 10.73 18.23
N SER B 51 13.86 11.59 19.20
CA SER B 51 14.38 12.96 18.93
C SER B 51 15.91 12.98 19.06
N ASP B 52 16.52 11.83 19.07
CA ASP B 52 18.01 11.78 19.20
C ASP B 52 18.64 12.16 17.86
N LYS B 53 19.77 12.82 17.89
CA LYS B 53 20.43 13.22 16.62
C LYS B 53 21.15 12.02 16.00
N ASN B 54 21.73 11.17 16.82
CA ASN B 54 22.45 9.99 16.28
C ASN B 54 21.43 8.92 15.86
N ALA B 55 20.18 9.29 15.79
CA ALA B 55 19.14 8.30 15.38
C ALA B 55 19.39 7.81 13.96
N LEU B 56 20.04 8.60 13.15
CA LEU B 56 20.31 8.19 11.74
C LEU B 56 20.84 6.74 11.72
N SER B 57 21.63 6.36 12.67
CA SER B 57 22.16 4.96 12.68
C SER B 57 21.05 3.99 13.12
N PHE B 58 20.34 4.31 14.16
CA PHE B 58 19.26 3.41 14.64
C PHE B 58 18.15 3.30 13.58
N VAL B 59 17.66 4.41 13.11
CA VAL B 59 16.58 4.34 12.08
C VAL B 59 17.06 3.57 10.85
N SER B 60 18.31 3.74 10.49
CA SER B 60 18.85 3.02 9.31
C SER B 60 18.66 1.50 9.48
N ARG B 61 19.06 0.98 10.61
CA ARG B 61 18.90 -0.49 10.82
C ARG B 61 17.41 -0.84 11.00
N ILE B 62 16.62 0.08 11.48
CA ILE B 62 15.17 -0.24 11.67
C ILE B 62 14.55 -0.55 10.31
N LYS B 63 14.74 0.31 9.33
CA LYS B 63 14.14 0.04 8.00
C LYS B 63 14.78 -1.23 7.41
N GLU B 64 16.06 -1.39 7.58
CA GLU B 64 16.73 -2.60 7.04
C GLU B 64 16.24 -3.83 7.83
N LYS B 65 16.13 -3.69 9.13
CA LYS B 65 15.67 -4.83 9.96
C LYS B 65 14.14 -4.91 9.90
N HIS B 66 13.46 -4.04 10.62
CA HIS B 66 11.97 -4.06 10.60
C HIS B 66 11.47 -3.08 9.54
N SER B 67 11.27 -3.55 8.33
CA SER B 67 10.80 -2.63 7.25
C SER B 67 9.30 -2.35 7.41
N SER B 68 8.56 -3.28 7.95
CA SER B 68 7.10 -3.06 8.12
C SER B 68 6.84 -2.26 9.41
N ILE B 69 7.47 -1.13 9.54
CA ILE B 69 7.27 -0.30 10.77
C ILE B 69 7.37 1.19 10.40
N VAL B 70 6.85 2.05 11.22
CA VAL B 70 6.91 3.52 10.91
C VAL B 70 8.08 4.15 11.70
N VAL B 71 8.63 5.23 11.22
CA VAL B 71 9.77 5.88 11.94
C VAL B 71 9.66 7.39 11.82
N LEU B 72 9.60 8.06 12.94
CA LEU B 72 9.49 9.56 12.95
C LEU B 72 10.68 10.12 13.75
N VAL B 73 11.68 10.57 13.06
CA VAL B 73 12.86 11.15 13.77
C VAL B 73 12.65 12.65 13.95
N SER B 74 12.76 13.14 15.14
CA SER B 74 12.55 14.61 15.37
C SER B 74 13.92 15.32 15.32
N SER B 75 13.93 16.62 15.32
CA SER B 75 15.25 17.33 15.26
C SER B 75 15.09 18.78 15.73
N ASP B 76 15.77 19.16 16.77
CA ASP B 76 15.66 20.55 17.28
C ASP B 76 16.27 21.51 16.25
N ASN B 77 16.78 20.99 15.16
CA ASN B 77 17.38 21.86 14.10
C ASN B 77 16.86 21.40 12.73
N PRO B 78 15.65 21.76 12.40
CA PRO B 78 15.01 21.38 11.10
C PRO B 78 15.84 21.86 9.90
N THR B 79 16.92 21.19 9.62
CA THR B 79 17.78 21.61 8.46
C THR B 79 17.45 20.71 7.26
N SER B 80 17.57 21.24 6.07
CA SER B 80 17.26 20.42 4.86
C SER B 80 18.27 19.29 4.74
N GLU B 81 19.50 19.51 5.16
CA GLU B 81 20.52 18.43 5.07
C GLU B 81 20.09 17.26 5.93
N GLU B 82 19.42 17.51 7.01
CA GLU B 82 18.96 16.41 7.90
C GLU B 82 17.80 15.68 7.22
N GLU B 83 16.92 16.41 6.57
CA GLU B 83 15.77 15.75 5.89
C GLU B 83 16.28 14.71 4.90
N VAL B 84 17.18 15.09 4.03
CA VAL B 84 17.70 14.11 3.04
C VAL B 84 18.37 12.95 3.78
N HIS B 85 19.07 13.23 4.85
CA HIS B 85 19.74 12.13 5.61
C HIS B 85 18.67 11.26 6.26
N ALA B 86 17.59 11.84 6.70
CA ALA B 86 16.52 11.04 7.35
C ALA B 86 15.89 10.08 6.34
N PHE B 87 15.75 10.49 5.11
CA PHE B 87 15.16 9.60 4.08
C PHE B 87 16.24 8.69 3.52
N GLU B 88 17.42 9.21 3.33
CA GLU B 88 18.52 8.36 2.78
C GLU B 88 18.91 7.30 3.82
N GLN B 89 19.04 7.70 5.06
CA GLN B 89 19.42 6.71 6.11
C GLN B 89 18.29 5.69 6.29
N GLY B 90 17.08 6.14 6.44
CA GLY B 90 15.93 5.20 6.61
C GLY B 90 14.93 5.77 7.62
N ALA B 91 14.16 6.74 7.22
CA ALA B 91 13.15 7.35 8.16
C ALA B 91 11.83 7.55 7.42
N ASP B 92 10.73 7.26 8.05
CA ASP B 92 9.41 7.43 7.37
C ASP B 92 9.08 8.93 7.28
N ASP B 93 9.29 9.65 8.35
CA ASP B 93 8.99 11.11 8.34
C ASP B 93 9.86 11.82 9.36
N TYR B 94 9.92 13.12 9.29
CA TYR B 94 10.77 13.89 10.22
C TYR B 94 9.99 15.13 10.70
N ILE B 95 10.09 15.47 11.96
CA ILE B 95 9.35 16.65 12.49
C ILE B 95 10.27 17.53 13.33
N ALA B 96 10.01 18.82 13.39
CA ALA B 96 10.88 19.71 14.21
C ALA B 96 10.69 19.33 15.68
N LYS B 97 11.76 19.02 16.36
CA LYS B 97 11.62 18.62 17.79
C LYS B 97 10.70 19.59 18.54
N PRO B 98 10.97 20.88 18.54
CA PRO B 98 10.15 21.83 19.30
C PRO B 98 8.64 21.53 19.20
N TYR B 99 8.27 20.65 18.30
CA TYR B 99 6.84 20.28 18.12
C TYR B 99 6.05 21.53 17.70
N ARG B 100 5.29 21.44 16.64
CA ARG B 100 4.52 22.64 16.21
C ARG B 100 3.36 22.87 17.17
N SER B 101 2.84 21.83 17.78
CA SER B 101 1.71 22.02 18.76
C SER B 101 1.33 20.71 19.44
N ILE B 102 2.28 19.82 19.64
CA ILE B 102 1.94 18.52 20.32
C ILE B 102 0.76 17.85 19.62
N LYS B 103 -0.42 18.39 19.74
CA LYS B 103 -1.59 17.79 19.07
C LYS B 103 -1.31 17.75 17.57
N ALA B 104 -0.58 18.70 17.08
CA ALA B 104 -0.26 18.69 15.62
C ALA B 104 0.55 17.44 15.32
N LEU B 105 1.51 17.14 16.16
CA LEU B 105 2.34 15.91 15.95
C LEU B 105 1.44 14.69 16.09
N VAL B 106 0.62 14.65 17.11
CA VAL B 106 -0.29 13.49 17.29
C VAL B 106 -1.19 13.36 16.07
N ALA B 107 -1.68 14.47 15.57
CA ALA B 107 -2.56 14.41 14.37
C ALA B 107 -1.82 13.71 13.23
N ARG B 108 -0.55 13.93 13.13
CA ARG B 108 0.22 13.28 12.03
C ARG B 108 0.55 11.83 12.41
N ILE B 109 0.62 11.53 13.68
CA ILE B 109 0.93 10.13 14.10
C ILE B 109 -0.33 9.28 13.93
N GLU B 110 -1.45 9.80 14.33
CA GLU B 110 -2.70 9.01 14.17
C GLU B 110 -3.06 8.94 12.69
N ALA B 111 -2.66 9.93 11.93
CA ALA B 111 -2.95 9.92 10.47
C ALA B 111 -2.24 8.73 9.81
N ARG B 112 -0.97 8.55 10.08
CA ARG B 112 -0.23 7.42 9.47
C ARG B 112 -0.87 6.09 9.92
N LEU B 113 -1.21 5.98 11.19
CA LEU B 113 -1.82 4.72 11.72
C LEU B 113 -3.21 5.02 12.27
N ARG B 114 -4.03 5.71 11.53
CA ARG B 114 -5.40 6.03 12.03
C ARG B 114 -6.20 4.74 12.18
N PHE B 115 -6.36 3.99 11.12
CA PHE B 115 -7.13 2.72 11.21
C PHE B 115 -6.33 1.70 12.02
N TRP B 116 -5.07 1.54 11.71
CA TRP B 116 -4.23 0.56 12.46
C TRP B 116 -4.98 -0.77 12.61
N GLY B 117 -5.36 -1.37 11.52
CA GLY B 117 -6.10 -2.66 11.61
C GLY B 117 -6.62 -3.05 10.22
N SER B 118 -5.88 -3.85 9.50
CA SER B 118 -6.32 -4.26 8.14
C SER B 118 -5.89 -5.70 7.89
N ASN B 119 -6.37 -6.26 6.82
CA ASN B 119 -6.03 -7.67 6.51
C ASN B 119 -6.21 -7.91 5.00
N VAL B 120 -5.18 -8.37 4.34
CA VAL B 120 -5.29 -8.62 2.87
C VAL B 120 -6.03 -9.93 2.62
N ILE B 121 -5.85 -10.92 3.44
CA ILE B 121 -6.55 -12.24 3.23
C ILE B 121 -7.55 -12.47 4.36
N GLU B 122 -8.69 -13.02 4.05
CA GLU B 122 -9.73 -13.28 5.11
C GLU B 122 -10.49 -14.56 4.77
N ILE B 123 -10.42 -15.55 5.64
CA ILE B 123 -11.15 -16.84 5.38
C ILE B 123 -11.96 -17.21 6.63
N GLY B 124 -13.20 -17.53 6.47
CA GLY B 124 -14.04 -17.90 7.65
C GLY B 124 -13.79 -16.93 8.80
N ASP B 125 -13.65 -17.42 9.99
CA ASP B 125 -13.39 -16.52 11.15
C ASP B 125 -11.88 -16.34 11.31
N LEU B 126 -11.11 -16.94 10.45
CA LEU B 126 -9.62 -16.81 10.52
C LEU B 126 -9.18 -15.72 9.55
N THR B 127 -8.30 -14.84 9.98
CA THR B 127 -7.83 -13.74 9.07
C THR B 127 -6.30 -13.69 9.11
N ILE B 128 -5.69 -13.40 7.98
CA ILE B 128 -4.19 -13.33 7.92
C ILE B 128 -3.76 -11.99 7.30
N SER B 129 -2.88 -11.28 7.97
CA SER B 129 -2.39 -9.96 7.46
C SER B 129 -0.87 -10.04 7.26
N PRO B 130 -0.40 -10.37 6.07
CA PRO B 130 1.05 -10.48 5.78
C PRO B 130 1.73 -9.12 5.58
N ASP B 131 0.97 -8.12 5.24
CA ASP B 131 1.59 -6.77 5.03
C ASP B 131 2.41 -6.41 6.27
N GLU B 132 1.86 -6.62 7.44
CA GLU B 132 2.61 -6.30 8.70
C GLU B 132 3.10 -7.60 9.32
N GLU B 133 3.12 -8.67 8.56
CA GLU B 133 3.58 -9.97 9.10
C GLU B 133 2.83 -10.26 10.40
N LYS B 134 1.52 -10.31 10.32
CA LYS B 134 0.70 -10.58 11.54
C LYS B 134 -0.41 -11.57 11.19
N ILE B 135 -0.49 -12.67 11.90
CA ILE B 135 -1.55 -13.69 11.62
C ILE B 135 -2.60 -13.64 12.74
N ILE B 136 -3.87 -13.56 12.38
CA ILE B 136 -4.95 -13.49 13.40
C ILE B 136 -5.73 -14.81 13.41
N TYR B 137 -5.86 -15.43 14.56
CA TYR B 137 -6.61 -16.71 14.64
C TYR B 137 -7.44 -16.70 15.93
N LYS B 138 -8.58 -17.34 15.92
CA LYS B 138 -9.42 -17.37 17.15
C LYS B 138 -9.69 -15.93 17.62
N GLY B 139 -9.27 -14.95 16.86
CA GLY B 139 -9.52 -13.52 17.23
C GLY B 139 -8.30 -12.97 17.98
N ARG B 140 -7.32 -13.80 18.24
CA ARG B 140 -6.11 -13.31 18.96
C ARG B 140 -5.09 -12.80 17.94
N GLU B 141 -4.39 -11.75 18.25
CA GLU B 141 -3.38 -11.20 17.29
C GLU B 141 -2.00 -11.77 17.60
N VAL B 142 -1.32 -12.31 16.61
CA VAL B 142 0.03 -12.90 16.83
C VAL B 142 1.00 -12.35 15.77
N GLU B 143 2.13 -11.85 16.19
CA GLU B 143 3.13 -11.30 15.23
C GLU B 143 4.22 -12.35 14.97
N VAL B 144 4.70 -12.45 13.76
CA VAL B 144 5.76 -13.45 13.45
C VAL B 144 6.76 -12.84 12.46
N LYS B 145 7.96 -13.35 12.43
CA LYS B 145 8.98 -12.81 11.48
C LYS B 145 10.16 -13.78 11.38
N GLY B 146 10.38 -14.33 10.22
CA GLY B 146 11.50 -15.28 10.02
C GLY B 146 11.33 -15.97 8.67
N LYS B 147 12.23 -16.87 8.33
CA LYS B 147 12.10 -17.56 7.01
C LYS B 147 11.05 -18.68 7.11
N PRO B 148 11.07 -19.45 8.16
CA PRO B 148 10.09 -20.57 8.37
C PRO B 148 8.64 -20.07 8.46
N PHE B 149 8.45 -18.79 8.68
CA PHE B 149 7.08 -18.22 8.80
C PHE B 149 6.67 -17.55 7.49
N GLU B 150 7.60 -16.93 6.81
CA GLU B 150 7.26 -16.25 5.53
C GLU B 150 6.67 -17.28 4.57
N VAL B 151 7.03 -18.52 4.72
CA VAL B 151 6.46 -19.57 3.83
C VAL B 151 4.97 -19.68 4.11
N LEU B 152 4.59 -19.71 5.36
CA LEU B 152 3.14 -19.81 5.71
C LEU B 152 2.40 -18.66 5.03
N THR B 153 2.98 -17.49 5.04
CA THR B 153 2.30 -16.32 4.40
C THR B 153 2.35 -16.48 2.87
N HIS B 154 3.35 -17.14 2.37
CA HIS B 154 3.45 -17.32 0.89
C HIS B 154 2.21 -18.05 0.38
N LEU B 155 1.94 -19.23 0.88
CA LEU B 155 0.74 -19.96 0.41
C LEU B 155 -0.53 -19.23 0.89
N ALA B 156 -0.42 -18.46 1.93
CA ALA B 156 -1.62 -17.73 2.44
C ALA B 156 -2.19 -16.83 1.32
N ARG B 157 -1.36 -16.04 0.71
CA ARG B 157 -1.85 -15.14 -0.38
C ARG B 157 -2.21 -15.98 -1.60
N HIS B 158 -1.38 -16.95 -1.92
CA HIS B 158 -1.66 -17.79 -3.10
C HIS B 158 -2.73 -18.83 -2.76
N ARG B 159 -3.69 -18.47 -1.95
CA ARG B 159 -4.77 -19.44 -1.59
C ARG B 159 -5.65 -19.66 -2.82
N ASP B 160 -6.43 -20.72 -2.82
CA ASP B 160 -7.32 -20.98 -4.00
C ASP B 160 -6.49 -20.95 -5.28
N GLN B 161 -5.34 -21.58 -5.27
CA GLN B 161 -4.48 -21.58 -6.50
C GLN B 161 -3.58 -22.82 -6.51
N ILE B 162 -2.72 -22.92 -7.48
CA ILE B 162 -1.79 -24.09 -7.58
C ILE B 162 -0.35 -23.61 -7.34
N VAL B 163 0.42 -24.36 -6.59
CA VAL B 163 1.84 -23.96 -6.31
C VAL B 163 2.74 -25.17 -6.54
N SER B 164 3.88 -24.97 -7.14
CA SER B 164 4.82 -26.10 -7.40
C SER B 164 5.82 -26.23 -6.27
N LYS B 165 6.45 -27.37 -6.15
CA LYS B 165 7.46 -27.57 -5.06
C LYS B 165 8.62 -26.59 -5.26
N GLU B 166 9.15 -26.52 -6.44
CA GLU B 166 10.29 -25.60 -6.70
C GLU B 166 9.85 -24.16 -6.47
N GLN B 167 8.62 -23.84 -6.80
CA GLN B 167 8.14 -22.44 -6.59
C GLN B 167 8.27 -22.08 -5.11
N LEU B 168 8.04 -23.02 -4.22
CA LEU B 168 8.14 -22.71 -2.77
C LEU B 168 9.61 -22.45 -2.41
N LEU B 169 10.49 -23.34 -2.80
CA LEU B 169 11.94 -23.13 -2.48
C LEU B 169 12.41 -21.81 -3.09
N ASP B 170 12.03 -21.54 -4.31
CA ASP B 170 12.47 -20.26 -4.96
C ASP B 170 11.66 -19.09 -4.40
N ALA B 171 10.50 -19.35 -3.86
CA ALA B 171 9.68 -18.24 -3.31
C ALA B 171 10.35 -17.67 -2.06
N ILE B 172 10.78 -18.52 -1.16
CA ILE B 172 11.43 -18.04 0.09
C ILE B 172 12.94 -18.03 -0.11
N TRP B 173 13.51 -19.15 -0.49
CA TRP B 173 14.99 -19.22 -0.70
C TRP B 173 15.32 -18.95 -2.16
N GLU B 174 15.11 -17.75 -2.62
CA GLU B 174 15.42 -17.42 -4.04
C GLU B 174 16.94 -17.26 -4.18
N GLU B 175 17.59 -16.79 -3.16
CA GLU B 175 19.07 -16.62 -3.23
C GLU B 175 19.73 -18.00 -3.41
N PRO B 176 20.90 -18.05 -4.00
CA PRO B 176 21.61 -19.34 -4.20
C PRO B 176 22.13 -19.91 -2.88
N GLU B 177 21.23 -20.26 -1.99
CA GLU B 177 21.65 -20.81 -0.66
C GLU B 177 21.99 -22.30 -0.81
N MET B 178 22.12 -22.99 0.29
CA MET B 178 22.45 -24.45 0.25
C MET B 178 21.18 -25.28 0.43
N VAL B 179 20.25 -25.17 -0.49
CA VAL B 179 18.98 -25.95 -0.37
C VAL B 179 19.17 -27.33 -1.01
N THR B 180 18.93 -28.38 -0.27
CA THR B 180 19.09 -29.75 -0.84
C THR B 180 17.79 -30.13 -1.56
N PRO B 181 17.86 -30.98 -2.56
CA PRO B 181 16.66 -31.42 -3.32
C PRO B 181 15.76 -32.33 -2.46
N ASN B 182 15.64 -32.03 -1.19
CA ASN B 182 14.81 -32.87 -0.29
C ASN B 182 14.19 -32.00 0.82
N VAL B 183 14.61 -30.77 0.93
CA VAL B 183 14.05 -29.88 1.99
C VAL B 183 12.54 -29.74 1.80
N ILE B 184 12.07 -29.94 0.60
CA ILE B 184 10.59 -29.81 0.34
C ILE B 184 9.79 -30.72 1.28
N GLU B 185 10.18 -31.96 1.40
CA GLU B 185 9.42 -32.90 2.27
C GLU B 185 9.49 -32.44 3.74
N VAL B 186 10.60 -31.91 4.14
CA VAL B 186 10.75 -31.48 5.56
C VAL B 186 9.96 -30.18 5.81
N ALA B 187 10.03 -29.24 4.91
CA ALA B 187 9.29 -27.97 5.13
C ALA B 187 7.79 -28.17 4.94
N ILE B 188 7.39 -28.83 3.89
CA ILE B 188 5.93 -29.03 3.65
C ILE B 188 5.32 -29.91 4.75
N ASN B 189 6.00 -30.96 5.15
CA ASN B 189 5.45 -31.85 6.20
C ASN B 189 5.25 -31.05 7.50
N GLN B 190 6.25 -30.31 7.91
CA GLN B 190 6.12 -29.53 9.16
C GLN B 190 5.04 -28.46 9.02
N ILE B 191 5.09 -27.68 7.97
CA ILE B 191 4.06 -26.61 7.79
C ILE B 191 2.66 -27.22 7.97
N ARG B 192 2.47 -28.44 7.57
CA ARG B 192 1.13 -29.08 7.72
C ARG B 192 0.85 -29.29 9.22
N GLN B 193 1.78 -29.85 9.94
CA GLN B 193 1.58 -30.10 11.39
C GLN B 193 1.62 -28.77 12.16
N LYS B 194 2.27 -27.78 11.62
CA LYS B 194 2.37 -26.46 12.31
C LYS B 194 1.18 -25.59 11.90
N MET B 195 0.54 -25.90 10.80
CA MET B 195 -0.62 -25.07 10.33
C MET B 195 -1.94 -25.78 10.62
N ASP B 196 -2.01 -27.06 10.34
CA ASP B 196 -3.29 -27.80 10.58
C ASP B 196 -3.68 -27.74 12.07
N LYS B 197 -2.72 -27.84 12.94
CA LYS B 197 -3.04 -27.81 14.40
C LYS B 197 -3.73 -26.49 14.76
N PRO B 198 -3.07 -25.37 14.64
CA PRO B 198 -3.68 -24.06 15.01
C PRO B 198 -4.97 -23.79 14.23
N LEU B 199 -4.93 -23.87 12.93
CA LEU B 199 -6.17 -23.61 12.14
C LEU B 199 -7.22 -24.68 12.50
N GLY B 200 -6.78 -25.89 12.78
CA GLY B 200 -7.75 -26.97 13.13
C GLY B 200 -8.48 -27.44 11.87
N ILE B 201 -8.78 -26.55 10.99
CA ILE B 201 -9.50 -26.93 9.73
C ILE B 201 -8.48 -27.21 8.62
N SER B 202 -8.62 -28.30 7.93
CA SER B 202 -7.65 -28.61 6.83
C SER B 202 -7.99 -27.75 5.62
N THR B 203 -7.00 -27.17 5.00
CA THR B 203 -7.27 -26.31 3.80
C THR B 203 -6.13 -26.47 2.79
N VAL B 204 -5.65 -27.67 2.61
CA VAL B 204 -4.54 -27.90 1.63
C VAL B 204 -4.77 -29.20 0.87
N GLU B 205 -4.45 -29.23 -0.40
CA GLU B 205 -4.64 -30.46 -1.22
C GLU B 205 -3.29 -30.87 -1.80
N THR B 206 -2.98 -32.14 -1.77
CA THR B 206 -1.67 -32.64 -2.32
C THR B 206 -1.90 -33.36 -3.64
N VAL B 207 -1.08 -33.09 -4.63
CA VAL B 207 -1.24 -33.76 -5.96
C VAL B 207 0.16 -34.08 -6.53
N ARG B 208 0.35 -35.28 -6.98
CA ARG B 208 1.69 -35.66 -7.54
C ARG B 208 1.80 -35.14 -8.98
N ARG B 209 0.70 -34.95 -9.65
CA ARG B 209 0.75 -34.47 -11.05
C ARG B 209 1.68 -33.25 -11.15
N ARG B 210 1.81 -32.50 -10.08
CA ARG B 210 2.70 -31.31 -10.11
C ARG B 210 3.25 -31.02 -8.72
N GLY B 211 2.40 -30.64 -7.79
CA GLY B 211 2.90 -30.36 -6.42
C GLY B 211 1.72 -30.34 -5.44
N TYR B 212 1.26 -29.17 -5.08
CA TYR B 212 0.11 -29.07 -4.11
C TYR B 212 -0.86 -28.00 -4.60
N ARG B 213 -2.10 -28.06 -4.16
CA ARG B 213 -3.12 -27.05 -4.58
C ARG B 213 -3.85 -26.50 -3.36
N PHE B 214 -3.86 -25.21 -3.21
CA PHE B 214 -4.56 -24.58 -2.05
C PHE B 214 -6.04 -24.40 -2.41
N CYS B 215 -6.93 -25.02 -1.67
CA CYS B 215 -8.40 -24.89 -1.96
C CYS B 215 -9.14 -24.59 -0.65
N TYR B 216 -10.22 -23.87 -0.73
CA TYR B 216 -11.00 -23.55 0.52
C TYR B 216 -11.41 -24.87 1.20
N PRO B 217 -11.81 -24.79 2.44
CA PRO B 217 -12.25 -25.98 3.21
C PRO B 217 -13.60 -26.52 2.72
N LYS B 218 -14.26 -27.31 3.51
CA LYS B 218 -15.59 -27.85 3.10
C LYS B 218 -16.53 -26.67 2.78
N PRO B 219 -17.50 -26.87 1.91
CA PRO B 219 -18.46 -25.81 1.54
C PRO B 219 -18.82 -24.90 2.72
N ALA B 220 -18.05 -23.86 2.93
CA ALA B 220 -18.34 -22.94 4.06
C ALA B 220 -19.68 -22.23 3.83
N CYS B 221 -20.01 -21.96 2.59
CA CYS B 221 -21.30 -21.27 2.30
C CYS B 221 -22.45 -22.29 2.35
N GLU B 222 -23.43 -22.05 3.17
CA GLU B 222 -24.57 -23.00 3.25
C GLU B 222 -25.26 -23.11 1.89
N GLU B 223 -25.66 -24.29 1.50
CA GLU B 223 -26.33 -24.46 0.18
C GLU B 223 -25.55 -23.72 -0.90
N MET A 1 4.24 8.32 -15.27
CA MET A 1 3.85 9.15 -14.10
C MET A 1 4.01 10.64 -14.45
N ARG A 2 3.23 11.48 -13.83
CA ARG A 2 3.33 12.95 -14.11
C ARG A 2 3.16 13.74 -12.81
N VAL A 3 3.79 14.88 -12.71
CA VAL A 3 3.68 15.71 -11.47
C VAL A 3 2.96 17.02 -11.80
N LEU A 4 2.12 17.48 -10.90
CA LEU A 4 1.34 18.74 -11.14
C LEU A 4 1.83 19.83 -10.16
N LEU A 5 2.34 20.92 -10.68
CA LEU A 5 2.83 22.04 -9.80
C LEU A 5 1.97 23.28 -10.06
N ILE A 6 1.04 23.57 -9.19
CA ILE A 6 0.19 24.78 -9.38
C ILE A 6 0.76 25.93 -8.54
N GLU A 7 1.35 26.90 -9.18
CA GLU A 7 1.93 28.04 -8.43
C GLU A 7 1.90 29.31 -9.30
N LYS A 8 1.39 30.40 -8.77
CA LYS A 8 1.34 31.65 -9.56
C LYS A 8 2.76 32.10 -9.90
N ASN A 9 3.69 31.84 -9.03
CA ASN A 9 5.10 32.25 -9.31
C ASN A 9 5.73 31.27 -10.32
N SER A 10 5.69 31.62 -11.58
CA SER A 10 6.28 30.71 -12.60
C SER A 10 7.77 30.53 -12.34
N VAL A 11 8.39 31.47 -11.68
CA VAL A 11 9.85 31.34 -11.40
C VAL A 11 10.09 30.23 -10.37
N LEU A 12 9.43 30.29 -9.25
CA LEU A 12 9.62 29.22 -8.21
C LEU A 12 9.14 27.88 -8.75
N GLY A 13 8.00 27.86 -9.40
CA GLY A 13 7.50 26.59 -9.96
C GLY A 13 8.40 26.18 -11.11
N GLY A 14 9.05 27.14 -11.71
CA GLY A 14 9.95 26.84 -12.85
C GLY A 14 11.15 26.03 -12.35
N GLU A 15 11.87 26.55 -11.40
CA GLU A 15 13.05 25.81 -10.88
C GLU A 15 12.64 24.39 -10.46
N ILE A 16 11.55 24.26 -9.75
CA ILE A 16 11.12 22.88 -9.34
C ILE A 16 10.70 22.11 -10.59
N GLU A 17 9.92 22.70 -11.46
CA GLU A 17 9.49 21.99 -12.68
C GLU A 17 10.71 21.40 -13.39
N LYS A 18 11.74 22.19 -13.57
CA LYS A 18 12.97 21.68 -14.26
C LYS A 18 13.87 21.02 -13.22
N GLY A 19 13.47 21.03 -11.99
CA GLY A 19 14.30 20.41 -10.93
C GLY A 19 14.08 18.90 -10.92
N LEU A 20 12.87 18.46 -10.72
CA LEU A 20 12.62 16.99 -10.68
C LEU A 20 12.74 16.40 -12.09
N ASN A 21 12.62 17.22 -13.11
CA ASN A 21 12.73 16.71 -14.50
C ASN A 21 14.08 16.01 -14.68
N VAL A 22 15.10 16.47 -14.00
CA VAL A 22 16.43 15.84 -14.13
C VAL A 22 16.33 14.36 -13.74
N LYS A 23 15.44 14.05 -12.85
CA LYS A 23 15.28 12.63 -12.42
C LYS A 23 14.55 11.85 -13.50
N GLY A 24 14.29 12.48 -14.61
CA GLY A 24 13.58 11.80 -15.73
C GLY A 24 12.08 11.78 -15.47
N PHE A 25 11.59 12.71 -14.70
CA PHE A 25 10.12 12.76 -14.40
C PHE A 25 9.46 13.85 -15.26
N MET A 26 8.18 13.74 -15.50
CA MET A 26 7.46 14.76 -16.33
C MET A 26 6.59 15.61 -15.40
N ALA A 27 6.58 16.90 -15.59
CA ALA A 27 5.76 17.78 -14.71
C ALA A 27 5.19 18.95 -15.51
N ASP A 28 4.23 19.63 -14.96
CA ASP A 28 3.61 20.80 -15.68
C ASP A 28 3.37 21.93 -14.67
N VAL A 29 3.40 23.16 -15.12
CA VAL A 29 3.18 24.32 -14.22
C VAL A 29 1.90 25.04 -14.61
N THR A 30 1.12 25.46 -13.66
CA THR A 30 -0.16 26.17 -13.97
C THR A 30 -0.32 27.36 -13.02
N GLU A 31 -1.35 28.16 -13.21
CA GLU A 31 -1.57 29.34 -12.32
C GLU A 31 -2.58 28.99 -11.22
N SER A 32 -3.79 29.46 -11.34
CA SER A 32 -4.83 29.17 -10.31
C SER A 32 -5.37 27.75 -10.49
N LEU A 33 -6.07 27.26 -9.50
CA LEU A 33 -6.64 25.88 -9.58
C LEU A 33 -7.40 25.72 -10.90
N GLU A 34 -8.06 26.75 -11.36
CA GLU A 34 -8.84 26.63 -12.62
C GLU A 34 -7.96 26.07 -13.74
N ASP A 35 -6.79 26.62 -13.93
CA ASP A 35 -5.89 26.10 -15.00
C ASP A 35 -5.49 24.66 -14.67
N GLY A 36 -5.23 24.38 -13.42
CA GLY A 36 -4.84 23.01 -13.03
C GLY A 36 -6.06 22.09 -13.12
N GLU A 37 -7.21 22.58 -12.75
CA GLU A 37 -8.44 21.75 -12.82
C GLU A 37 -8.74 21.39 -14.29
N TYR A 38 -8.60 22.33 -15.17
CA TYR A 38 -8.87 22.04 -16.61
C TYR A 38 -7.74 21.18 -17.18
N LEU A 39 -6.53 21.38 -16.72
CA LEU A 39 -5.38 20.59 -17.24
C LEU A 39 -5.47 19.15 -16.73
N MET A 40 -5.67 18.96 -15.45
CA MET A 40 -5.75 17.58 -14.91
C MET A 40 -7.02 16.89 -15.42
N ASP A 41 -8.01 17.65 -15.81
CA ASP A 41 -9.27 17.05 -16.31
C ASP A 41 -8.98 16.17 -17.53
N ILE A 42 -8.08 16.59 -18.38
CA ILE A 42 -7.76 15.78 -19.60
C ILE A 42 -6.70 14.72 -19.27
N ARG A 43 -5.83 14.99 -18.32
CA ARG A 43 -4.78 13.99 -17.96
C ARG A 43 -4.75 13.79 -16.44
N ASN A 44 -4.49 12.58 -16.00
CA ASN A 44 -4.44 12.31 -14.53
C ASN A 44 -2.98 12.32 -14.07
N TYR A 45 -2.67 13.08 -13.05
CA TYR A 45 -1.27 13.15 -12.54
C TYR A 45 -1.13 12.25 -11.29
N ASP A 46 0.00 11.63 -11.13
CA ASP A 46 0.19 10.75 -9.93
C ASP A 46 0.48 11.61 -8.71
N LEU A 47 1.21 12.69 -8.90
CA LEU A 47 1.55 13.60 -7.75
C LEU A 47 0.77 14.91 -7.92
N VAL A 48 -0.11 15.22 -7.00
CA VAL A 48 -0.89 16.50 -7.10
C VAL A 48 -0.29 17.50 -6.12
N MET A 49 0.51 18.41 -6.63
CA MET A 49 1.16 19.43 -5.74
C MET A 49 0.66 20.82 -6.08
N VAL A 50 0.37 21.62 -5.08
CA VAL A 50 -0.14 23.01 -5.32
C VAL A 50 0.39 23.94 -4.24
N SER A 51 0.92 25.07 -4.63
CA SER A 51 1.45 26.05 -3.63
C SER A 51 0.35 27.05 -3.27
N ASP A 52 -0.82 26.88 -3.83
CA ASP A 52 -1.94 27.82 -3.53
C ASP A 52 -2.52 27.51 -2.14
N LYS A 53 -2.90 28.51 -1.40
CA LYS A 53 -3.46 28.27 -0.04
C LYS A 53 -4.94 27.89 -0.14
N ASN A 54 -5.64 28.41 -1.13
CA ASN A 54 -7.08 28.07 -1.28
C ASN A 54 -7.22 26.64 -1.80
N ALA A 55 -6.14 25.91 -1.82
CA ALA A 55 -6.19 24.50 -2.33
C ALA A 55 -7.03 23.63 -1.38
N LEU A 56 -7.20 24.05 -0.15
CA LEU A 56 -7.99 23.24 0.82
C LEU A 56 -9.26 22.70 0.15
N SER A 57 -9.99 23.54 -0.52
CA SER A 57 -11.23 23.07 -1.21
C SER A 57 -10.82 22.16 -2.37
N PHE A 58 -9.74 22.47 -3.02
CA PHE A 58 -9.28 21.64 -4.16
C PHE A 58 -8.89 20.25 -3.65
N VAL A 59 -7.88 20.15 -2.84
CA VAL A 59 -7.47 18.80 -2.34
C VAL A 59 -8.70 18.06 -1.83
N SER A 60 -9.65 18.77 -1.29
CA SER A 60 -10.88 18.09 -0.78
C SER A 60 -11.52 17.29 -1.92
N ARG A 61 -11.73 17.92 -3.05
CA ARG A 61 -12.35 17.18 -4.18
C ARG A 61 -11.35 16.18 -4.78
N ILE A 62 -10.08 16.50 -4.80
CA ILE A 62 -9.11 15.53 -5.39
C ILE A 62 -9.02 14.30 -4.49
N LYS A 63 -9.17 14.49 -3.20
CA LYS A 63 -9.08 13.33 -2.27
C LYS A 63 -10.28 12.39 -2.48
N GLU A 64 -11.47 12.91 -2.51
CA GLU A 64 -12.66 12.03 -2.69
C GLU A 64 -12.76 11.57 -4.15
N LYS A 65 -12.51 12.45 -5.07
CA LYS A 65 -12.61 12.06 -6.51
C LYS A 65 -11.42 11.18 -6.90
N HIS A 66 -10.34 11.25 -6.17
CA HIS A 66 -9.17 10.40 -6.50
C HIS A 66 -8.30 10.20 -5.27
N SER A 67 -8.83 9.53 -4.27
CA SER A 67 -8.04 9.29 -3.03
C SER A 67 -6.78 8.48 -3.36
N SER A 68 -6.84 7.67 -4.39
CA SER A 68 -5.66 6.84 -4.76
C SER A 68 -4.49 7.74 -5.18
N ILE A 69 -4.77 8.96 -5.56
CA ILE A 69 -3.68 9.86 -5.99
C ILE A 69 -3.02 10.50 -4.77
N VAL A 70 -1.81 10.99 -4.91
CA VAL A 70 -1.10 11.63 -3.77
C VAL A 70 -1.31 13.15 -3.83
N VAL A 71 -1.32 13.81 -2.70
CA VAL A 71 -1.52 15.30 -2.68
C VAL A 71 -0.44 15.96 -1.82
N LEU A 72 0.25 16.93 -2.36
CA LEU A 72 1.33 17.63 -1.59
C LEU A 72 1.01 19.12 -1.53
N VAL A 73 0.50 19.58 -0.42
CA VAL A 73 0.16 21.03 -0.29
C VAL A 73 1.38 21.78 0.26
N SER A 74 1.57 23.00 -0.16
CA SER A 74 2.73 23.80 0.34
C SER A 74 2.22 25.16 0.85
N SER A 75 2.94 25.80 1.73
CA SER A 75 2.46 27.11 2.25
C SER A 75 3.58 27.85 2.98
N ASP A 76 3.61 29.16 2.87
CA ASP A 76 4.68 29.97 3.55
C ASP A 76 4.24 30.29 4.98
N ASN A 77 3.30 29.56 5.51
CA ASN A 77 2.82 29.84 6.89
C ASN A 77 2.61 28.51 7.64
N PRO A 78 3.63 27.69 7.70
CA PRO A 78 3.54 26.37 8.39
C PRO A 78 3.13 26.53 9.86
N THR A 79 1.87 26.74 10.09
CA THR A 79 1.37 26.91 11.50
C THR A 79 0.68 25.61 11.91
N SER A 80 0.32 25.49 13.16
CA SER A 80 -0.34 24.24 13.62
C SER A 80 -1.80 24.21 13.15
N GLU A 81 -2.36 25.35 12.82
CA GLU A 81 -3.78 25.37 12.36
C GLU A 81 -3.88 24.71 10.98
N GLU A 82 -3.04 25.12 10.06
CA GLU A 82 -3.08 24.51 8.69
C GLU A 82 -2.49 23.11 8.74
N GLU A 83 -1.60 22.86 9.66
CA GLU A 83 -0.98 21.50 9.75
C GLU A 83 -2.06 20.45 10.02
N VAL A 84 -2.81 20.61 11.08
CA VAL A 84 -3.86 19.61 11.41
C VAL A 84 -4.95 19.64 10.33
N HIS A 85 -5.35 20.81 9.90
CA HIS A 85 -6.41 20.89 8.86
C HIS A 85 -5.90 20.26 7.55
N ALA A 86 -4.62 20.34 7.30
CA ALA A 86 -4.07 19.76 6.05
C ALA A 86 -4.22 18.23 6.08
N PHE A 87 -3.88 17.61 7.19
CA PHE A 87 -4.00 16.13 7.27
C PHE A 87 -5.46 15.77 7.55
N GLU A 88 -6.17 16.61 8.24
CA GLU A 88 -7.60 16.31 8.54
C GLU A 88 -8.42 16.45 7.26
N GLN A 89 -8.29 17.56 6.58
CA GLN A 89 -9.06 17.77 5.34
C GLN A 89 -8.69 16.69 4.31
N GLY A 90 -7.41 16.46 4.10
CA GLY A 90 -6.99 15.41 3.13
C GLY A 90 -5.70 15.83 2.42
N ALA A 91 -4.60 15.82 3.13
CA ALA A 91 -3.28 16.20 2.52
C ALA A 91 -2.30 15.04 2.72
N ASP A 92 -1.70 14.55 1.67
CA ASP A 92 -0.74 13.42 1.83
C ASP A 92 0.58 13.95 2.37
N ASP A 93 0.89 15.18 2.08
CA ASP A 93 2.18 15.77 2.57
C ASP A 93 2.00 17.28 2.74
N TYR A 94 2.87 17.91 3.47
CA TYR A 94 2.75 19.39 3.69
C TYR A 94 4.15 19.99 3.85
N ILE A 95 4.67 20.63 2.82
CA ILE A 95 6.05 21.23 2.94
C ILE A 95 5.96 22.76 3.07
N ALA A 96 6.92 23.35 3.74
CA ALA A 96 6.92 24.83 3.88
C ALA A 96 7.15 25.41 2.49
N LYS A 97 6.26 26.25 2.04
CA LYS A 97 6.41 26.84 0.68
C LYS A 97 7.83 27.26 0.38
N PRO A 98 8.41 28.13 1.17
CA PRO A 98 9.75 28.65 0.87
C PRO A 98 10.72 27.55 0.39
N TYR A 99 10.29 26.32 0.48
CA TYR A 99 11.10 25.17 0.02
C TYR A 99 12.44 25.15 0.76
N ARG A 100 12.73 24.08 1.47
CA ARG A 100 14.03 24.02 2.19
C ARG A 100 15.17 24.07 1.19
N SER A 101 15.08 23.35 0.12
CA SER A 101 16.18 23.38 -0.89
C SER A 101 15.78 22.61 -2.15
N ILE A 102 14.59 22.85 -2.67
CA ILE A 102 14.15 22.14 -3.92
C ILE A 102 14.57 20.66 -3.92
N LYS A 103 15.85 20.40 -3.99
CA LYS A 103 16.33 18.99 -3.99
C LYS A 103 15.63 18.21 -2.88
N ALA A 104 15.22 18.90 -1.85
CA ALA A 104 14.52 18.20 -0.73
C ALA A 104 13.11 17.79 -1.16
N LEU A 105 12.38 18.68 -1.78
CA LEU A 105 11.00 18.34 -2.22
C LEU A 105 11.04 17.15 -3.19
N VAL A 106 11.78 17.25 -4.27
CA VAL A 106 11.86 16.10 -5.21
C VAL A 106 12.24 14.84 -4.44
N ALA A 107 13.16 14.95 -3.53
CA ALA A 107 13.58 13.75 -2.75
C ALA A 107 12.34 13.07 -2.19
N ARG A 108 11.42 13.82 -1.64
CA ARG A 108 10.19 13.21 -1.08
C ARG A 108 9.38 12.59 -2.22
N ILE A 109 9.39 13.20 -3.38
CA ILE A 109 8.62 12.63 -4.51
C ILE A 109 9.33 11.37 -5.01
N GLU A 110 10.62 11.29 -4.79
CA GLU A 110 11.37 10.10 -5.24
C GLU A 110 10.91 8.88 -4.44
N ALA A 111 11.04 8.94 -3.14
CA ALA A 111 10.61 7.78 -2.30
C ALA A 111 9.16 7.44 -2.63
N ARG A 112 8.33 8.43 -2.81
CA ARG A 112 6.90 8.15 -3.14
C ARG A 112 6.82 7.41 -4.47
N LEU A 113 7.74 7.66 -5.36
CA LEU A 113 7.71 6.97 -6.68
C LEU A 113 9.12 6.93 -7.28
N ARG A 114 9.82 5.84 -7.13
CA ARG A 114 11.20 5.74 -7.69
C ARG A 114 11.13 5.14 -9.11
N PHE A 115 11.02 3.83 -9.20
CA PHE A 115 10.95 3.19 -10.55
C PHE A 115 9.52 3.30 -11.09
N TRP A 116 8.66 2.41 -10.66
CA TRP A 116 7.25 2.45 -11.15
C TRP A 116 6.32 1.91 -10.06
N GLY A 117 5.06 1.79 -10.35
CA GLY A 117 4.10 1.26 -9.34
C GLY A 117 4.27 -0.25 -9.22
N SER A 118 3.25 -0.95 -8.79
CA SER A 118 3.34 -2.44 -8.66
C SER A 118 2.11 -3.09 -9.24
N ASN A 119 2.18 -4.36 -9.46
CA ASN A 119 1.03 -5.08 -10.07
C ASN A 119 0.87 -6.44 -9.39
N VAL A 120 -0.31 -6.73 -8.91
CA VAL A 120 -0.53 -8.05 -8.23
C VAL A 120 -0.95 -9.09 -9.27
N ILE A 121 -1.44 -8.66 -10.41
CA ILE A 121 -1.88 -9.64 -11.46
C ILE A 121 -1.02 -9.42 -12.71
N GLU A 122 -0.30 -10.44 -13.13
CA GLU A 122 0.57 -10.31 -14.34
C GLU A 122 0.52 -11.59 -15.16
N ILE A 123 0.13 -11.48 -16.42
CA ILE A 123 0.06 -12.69 -17.30
C ILE A 123 0.62 -12.35 -18.68
N GLY A 124 1.50 -13.14 -19.20
CA GLY A 124 2.07 -12.85 -20.53
C GLY A 124 2.59 -11.40 -20.56
N ASP A 125 2.30 -10.66 -21.59
CA ASP A 125 2.78 -9.25 -21.67
C ASP A 125 1.71 -8.32 -21.08
N LEU A 126 0.55 -8.82 -20.78
CA LEU A 126 -0.52 -7.95 -20.20
C LEU A 126 -0.33 -7.88 -18.69
N THR A 127 -0.44 -6.72 -18.11
CA THR A 127 -0.29 -6.58 -16.62
C THR A 127 -1.48 -5.79 -16.08
N ILE A 128 -2.01 -6.21 -14.95
CA ILE A 128 -3.17 -5.49 -14.35
C ILE A 128 -2.90 -5.22 -12.87
N SER A 129 -3.14 -3.99 -12.45
CA SER A 129 -2.91 -3.60 -11.02
C SER A 129 -4.21 -2.97 -10.49
N PRO A 130 -4.92 -3.61 -9.58
CA PRO A 130 -6.20 -3.04 -9.05
C PRO A 130 -5.95 -1.92 -8.03
N ASP A 131 -4.95 -2.07 -7.20
CA ASP A 131 -4.67 -1.01 -6.20
C ASP A 131 -4.24 0.27 -6.92
N GLU A 132 -3.41 0.14 -7.92
CA GLU A 132 -2.95 1.35 -8.66
C GLU A 132 -3.93 1.67 -9.79
N GLU A 133 -5.08 1.04 -9.79
CA GLU A 133 -6.12 1.27 -10.85
C GLU A 133 -5.46 1.57 -12.20
N LYS A 134 -4.70 0.64 -12.73
CA LYS A 134 -4.02 0.89 -14.04
C LYS A 134 -3.78 -0.44 -14.77
N ILE A 135 -3.81 -0.42 -16.08
CA ILE A 135 -3.57 -1.67 -16.87
C ILE A 135 -2.62 -1.35 -18.03
N ILE A 136 -1.76 -2.28 -18.37
CA ILE A 136 -0.80 -2.06 -19.49
C ILE A 136 -0.95 -3.20 -20.50
N TYR A 137 -0.99 -2.90 -21.78
CA TYR A 137 -1.13 -3.98 -22.80
C TYR A 137 -0.24 -3.69 -24.01
N LYS A 138 0.45 -4.71 -24.49
CA LYS A 138 1.33 -4.53 -25.66
C LYS A 138 2.33 -3.39 -25.41
N GLY A 139 2.69 -3.16 -24.18
CA GLY A 139 3.68 -2.09 -23.88
C GLY A 139 3.01 -0.71 -23.88
N ARG A 140 1.71 -0.66 -23.81
CA ARG A 140 0.98 0.65 -23.81
C ARG A 140 0.37 0.89 -22.43
N GLU A 141 0.68 2.02 -21.82
CA GLU A 141 0.14 2.32 -20.47
C GLU A 141 -1.16 3.12 -20.58
N VAL A 142 -2.22 2.62 -20.02
CA VAL A 142 -3.53 3.35 -20.06
C VAL A 142 -4.17 3.26 -18.68
N GLU A 143 -4.76 4.34 -18.21
CA GLU A 143 -5.39 4.33 -16.85
C GLU A 143 -6.90 4.14 -16.96
N VAL A 144 -7.48 3.42 -16.03
CA VAL A 144 -8.95 3.20 -16.04
C VAL A 144 -9.46 3.21 -14.60
N LYS A 145 -10.51 3.96 -14.33
CA LYS A 145 -11.02 4.02 -12.94
C LYS A 145 -12.53 4.28 -12.96
N GLY A 146 -13.18 4.02 -14.08
CA GLY A 146 -14.65 4.25 -14.15
C GLY A 146 -15.38 3.01 -13.63
N LYS A 147 -16.67 3.07 -13.51
CA LYS A 147 -17.42 1.89 -13.00
C LYS A 147 -17.40 0.76 -14.04
N PRO A 148 -17.48 1.08 -15.32
CA PRO A 148 -17.45 0.04 -16.40
C PRO A 148 -16.11 -0.70 -16.45
N PHE A 149 -15.08 -0.15 -15.86
CA PHE A 149 -13.74 -0.81 -15.88
C PHE A 149 -13.54 -1.62 -14.60
N GLU A 150 -14.12 -1.18 -13.52
CA GLU A 150 -13.96 -1.94 -12.24
C GLU A 150 -14.27 -3.41 -12.48
N VAL A 151 -15.21 -3.70 -13.33
CA VAL A 151 -15.55 -5.12 -13.61
C VAL A 151 -14.34 -5.81 -14.24
N LEU A 152 -13.56 -5.07 -15.00
CA LEU A 152 -12.36 -5.67 -15.65
C LEU A 152 -11.34 -6.03 -14.57
N THR A 153 -11.20 -5.20 -13.57
CA THR A 153 -10.21 -5.51 -12.50
C THR A 153 -10.77 -6.62 -11.61
N HIS A 154 -12.06 -6.71 -11.48
CA HIS A 154 -12.65 -7.78 -10.63
C HIS A 154 -12.27 -9.16 -11.18
N LEU A 155 -12.61 -9.44 -12.41
CA LEU A 155 -12.27 -10.76 -12.99
C LEU A 155 -10.74 -10.89 -13.07
N ALA A 156 -10.05 -9.79 -13.23
CA ALA A 156 -8.56 -9.87 -13.30
C ALA A 156 -8.04 -10.62 -12.08
N ARG A 157 -8.53 -10.30 -10.92
CA ARG A 157 -8.05 -11.03 -9.70
C ARG A 157 -8.64 -12.44 -9.70
N HIS A 158 -9.91 -12.55 -9.96
CA HIS A 158 -10.57 -13.88 -9.97
C HIS A 158 -10.27 -14.60 -11.29
N ARG A 159 -9.15 -14.32 -11.89
CA ARG A 159 -8.81 -14.98 -13.18
C ARG A 159 -8.48 -16.46 -12.93
N ASP A 160 -9.26 -17.14 -12.13
CA ASP A 160 -8.96 -18.57 -11.87
C ASP A 160 -10.12 -19.21 -11.09
N GLN A 161 -11.34 -18.99 -11.51
CA GLN A 161 -12.48 -19.59 -10.79
C GLN A 161 -13.76 -19.44 -11.61
N ILE A 162 -14.86 -19.95 -11.12
CA ILE A 162 -16.15 -19.84 -11.86
C ILE A 162 -16.95 -18.64 -11.32
N VAL A 163 -17.58 -17.89 -12.19
CA VAL A 163 -18.36 -16.68 -11.74
C VAL A 163 -19.74 -16.70 -12.40
N SER A 164 -20.77 -16.35 -11.67
CA SER A 164 -22.16 -16.35 -12.25
C SER A 164 -22.54 -14.92 -12.66
N LYS A 165 -23.62 -14.79 -13.38
CA LYS A 165 -24.07 -13.43 -13.82
C LYS A 165 -24.49 -12.60 -12.61
N GLU A 166 -25.28 -13.16 -11.74
CA GLU A 166 -25.75 -12.41 -10.54
C GLU A 166 -24.54 -11.83 -9.80
N GLN A 167 -23.45 -12.55 -9.75
CA GLN A 167 -22.25 -12.04 -9.03
C GLN A 167 -21.79 -10.74 -9.68
N LEU A 168 -21.64 -10.72 -10.98
CA LEU A 168 -21.19 -9.47 -11.66
C LEU A 168 -22.08 -8.31 -11.19
N LEU A 169 -23.36 -8.55 -11.07
CA LEU A 169 -24.28 -7.47 -10.62
C LEU A 169 -23.88 -6.98 -9.22
N ASP A 170 -23.98 -7.83 -8.24
CA ASP A 170 -23.63 -7.43 -6.84
C ASP A 170 -22.12 -7.15 -6.73
N ALA A 171 -21.36 -7.50 -7.73
CA ALA A 171 -19.89 -7.26 -7.66
C ALA A 171 -19.60 -5.77 -7.82
N ILE A 172 -20.10 -5.15 -8.86
CA ILE A 172 -19.84 -3.68 -9.07
C ILE A 172 -21.00 -2.88 -8.51
N TRP A 173 -22.20 -3.20 -8.91
CA TRP A 173 -23.40 -2.45 -8.40
C TRP A 173 -24.01 -3.22 -7.23
N GLU A 174 -23.96 -2.67 -6.05
CA GLU A 174 -24.54 -3.37 -4.87
C GLU A 174 -25.10 -2.34 -3.89
N GLU A 175 -25.12 -1.09 -4.27
CA GLU A 175 -25.65 -0.03 -3.37
C GLU A 175 -25.52 1.34 -4.04
N PRO A 176 -24.36 1.67 -4.55
CA PRO A 176 -24.13 2.99 -5.23
C PRO A 176 -25.26 3.36 -6.19
N GLU A 177 -25.78 2.39 -6.91
CA GLU A 177 -26.89 2.69 -7.87
C GLU A 177 -27.82 1.48 -7.96
N MET A 178 -29.10 1.72 -8.13
CA MET A 178 -30.07 0.60 -8.23
C MET A 178 -30.22 0.21 -9.71
N VAL A 179 -30.04 -1.06 -10.01
CA VAL A 179 -30.15 -1.52 -11.44
C VAL A 179 -31.00 -2.79 -11.50
N THR A 180 -31.84 -2.90 -12.49
CA THR A 180 -32.70 -4.11 -12.61
C THR A 180 -31.82 -5.28 -13.10
N PRO A 181 -31.94 -6.47 -12.53
CA PRO A 181 -31.08 -7.63 -12.94
C PRO A 181 -31.36 -8.07 -14.39
N ASN A 182 -32.42 -7.60 -14.97
CA ASN A 182 -32.75 -7.99 -16.37
C ASN A 182 -31.91 -7.14 -17.34
N VAL A 183 -30.69 -6.79 -16.97
CA VAL A 183 -29.83 -5.95 -17.87
C VAL A 183 -28.44 -6.59 -18.02
N ILE A 184 -28.10 -7.55 -17.20
CA ILE A 184 -26.75 -8.17 -17.33
C ILE A 184 -26.58 -8.72 -18.76
N GLU A 185 -27.66 -9.08 -19.38
CA GLU A 185 -27.58 -9.62 -20.78
C GLU A 185 -26.79 -8.64 -21.65
N VAL A 186 -27.14 -7.38 -21.61
CA VAL A 186 -26.43 -6.38 -22.45
C VAL A 186 -25.04 -6.11 -21.87
N ALA A 187 -24.87 -6.25 -20.58
CA ALA A 187 -23.55 -5.97 -19.96
C ALA A 187 -22.54 -7.06 -20.31
N ILE A 188 -22.92 -8.30 -20.30
CA ILE A 188 -21.94 -9.38 -20.62
C ILE A 188 -21.68 -9.42 -22.13
N ASN A 189 -22.68 -9.14 -22.91
CA ASN A 189 -22.51 -9.18 -24.38
C ASN A 189 -21.54 -8.07 -24.83
N GLN A 190 -21.84 -6.85 -24.49
CA GLN A 190 -20.95 -5.72 -24.90
C GLN A 190 -19.56 -5.89 -24.30
N ILE A 191 -19.47 -6.39 -23.09
CA ILE A 191 -18.14 -6.55 -22.45
C ILE A 191 -17.36 -7.67 -23.16
N ARG A 192 -18.00 -8.74 -23.50
CA ARG A 192 -17.26 -9.85 -24.19
C ARG A 192 -16.62 -9.30 -25.47
N GLN A 193 -17.32 -8.44 -26.16
CA GLN A 193 -16.75 -7.87 -27.42
C GLN A 193 -15.74 -6.75 -27.06
N LYS A 194 -16.01 -6.00 -26.03
CA LYS A 194 -15.09 -4.89 -25.64
C LYS A 194 -13.95 -5.44 -24.75
N MET A 195 -13.93 -6.73 -24.50
CA MET A 195 -12.86 -7.31 -23.64
C MET A 195 -11.76 -7.93 -24.51
N ASP A 196 -12.14 -8.69 -25.50
CA ASP A 196 -11.12 -9.33 -26.39
C ASP A 196 -10.43 -8.26 -27.24
N LYS A 197 -11.14 -7.22 -27.58
CA LYS A 197 -10.53 -6.15 -28.42
C LYS A 197 -9.25 -5.62 -27.74
N PRO A 198 -9.37 -5.02 -26.58
CA PRO A 198 -8.18 -4.47 -25.84
C PRO A 198 -7.21 -5.58 -25.41
N LEU A 199 -7.69 -6.59 -24.71
CA LEU A 199 -6.78 -7.68 -24.27
C LEU A 199 -6.05 -8.27 -25.48
N GLY A 200 -6.76 -8.72 -26.47
CA GLY A 200 -6.12 -9.30 -27.68
C GLY A 200 -6.14 -10.84 -27.60
N ILE A 201 -6.35 -11.38 -26.43
CA ILE A 201 -6.39 -12.88 -26.28
C ILE A 201 -7.67 -13.26 -25.54
N SER A 202 -8.23 -14.41 -25.84
CA SER A 202 -9.48 -14.83 -25.14
C SER A 202 -9.13 -15.36 -23.75
N THR A 203 -9.88 -14.98 -22.75
CA THR A 203 -9.60 -15.45 -21.36
C THR A 203 -10.93 -15.69 -20.63
N VAL A 204 -12.01 -15.79 -21.36
CA VAL A 204 -13.35 -16.02 -20.71
C VAL A 204 -14.04 -17.22 -21.36
N GLU A 205 -14.89 -17.89 -20.60
CA GLU A 205 -15.63 -19.08 -21.15
C GLU A 205 -17.13 -18.88 -20.90
N THR A 206 -17.94 -19.07 -21.91
CA THR A 206 -19.42 -18.90 -21.72
C THR A 206 -20.06 -20.28 -21.54
N VAL A 207 -20.83 -20.44 -20.48
CA VAL A 207 -21.48 -21.78 -20.24
C VAL A 207 -22.85 -21.55 -19.59
N ARG A 208 -23.83 -22.34 -20.00
CA ARG A 208 -25.20 -22.18 -19.41
C ARG A 208 -25.28 -22.93 -18.08
N ARG A 209 -24.46 -23.93 -17.90
CA ARG A 209 -24.48 -24.71 -16.63
C ARG A 209 -24.44 -23.75 -15.44
N ARG A 210 -23.91 -22.57 -15.62
CA ARG A 210 -23.84 -21.60 -14.49
C ARG A 210 -23.85 -20.17 -15.03
N GLY A 211 -22.76 -19.74 -15.61
CA GLY A 211 -22.70 -18.35 -16.16
C GLY A 211 -21.46 -18.22 -17.04
N TYR A 212 -20.42 -17.59 -16.53
CA TYR A 212 -19.18 -17.42 -17.32
C TYR A 212 -17.96 -17.74 -16.44
N ARG A 213 -17.03 -18.50 -16.95
CA ARG A 213 -15.82 -18.88 -16.14
C ARG A 213 -14.66 -17.96 -16.51
N PHE A 214 -13.92 -17.50 -15.53
CA PHE A 214 -12.76 -16.61 -15.81
C PHE A 214 -11.46 -17.41 -15.62
N CYS A 215 -10.69 -17.54 -16.65
CA CYS A 215 -9.41 -18.31 -16.54
C CYS A 215 -8.42 -17.79 -17.58
N TYR A 216 -7.15 -18.10 -17.40
CA TYR A 216 -6.13 -17.63 -18.37
C TYR A 216 -6.35 -18.33 -19.72
N PRO A 217 -5.92 -17.74 -20.81
CA PRO A 217 -6.08 -18.34 -22.16
C PRO A 217 -5.93 -19.85 -22.14
N LYS A 218 -6.76 -20.55 -22.87
CA LYS A 218 -6.67 -22.04 -22.88
C LYS A 218 -5.37 -22.51 -23.56
N PRO A 219 -4.97 -21.87 -24.63
CA PRO A 219 -3.71 -22.26 -25.36
C PRO A 219 -2.50 -22.31 -24.42
N ALA A 220 -2.66 -21.86 -23.20
CA ALA A 220 -1.53 -21.87 -22.24
C ALA A 220 -1.12 -23.32 -21.93
N CYS A 221 -2.05 -24.14 -21.51
CA CYS A 221 -1.70 -25.55 -21.20
C CYS A 221 -0.45 -25.59 -20.32
N GLU A 222 0.45 -26.50 -20.58
CA GLU A 222 1.70 -26.57 -19.77
C GLU A 222 2.46 -25.25 -19.90
N GLU A 223 2.49 -24.69 -21.08
CA GLU A 223 3.21 -23.40 -21.28
C GLU A 223 2.50 -22.30 -20.50
N MET B 1 0.72 -2.06 20.66
CA MET B 1 0.20 -0.66 20.51
C MET B 1 0.90 0.24 21.52
N ARG B 2 2.13 0.61 21.26
CA ARG B 2 2.89 1.50 22.20
C ARG B 2 3.66 2.55 21.40
N VAL B 3 3.93 3.68 22.01
CA VAL B 3 4.69 4.77 21.32
C VAL B 3 6.02 4.98 22.03
N LEU B 4 7.10 4.91 21.30
CA LEU B 4 8.45 5.10 21.91
C LEU B 4 8.92 6.55 21.67
N LEU B 5 9.14 7.29 22.72
CA LEU B 5 9.61 8.71 22.58
C LEU B 5 10.96 8.85 23.29
N ILE B 6 12.03 8.85 22.55
CA ILE B 6 13.38 9.00 23.19
C ILE B 6 13.73 10.49 23.25
N GLU B 7 13.60 11.09 24.41
CA GLU B 7 13.92 12.54 24.56
C GLU B 7 14.78 12.74 25.81
N LYS B 8 15.88 13.43 25.67
CA LYS B 8 16.77 13.67 26.85
C LYS B 8 16.02 14.55 27.85
N ASN B 9 15.20 15.45 27.38
CA ASN B 9 14.45 16.35 28.30
C ASN B 9 13.12 15.68 28.70
N SER B 10 13.00 15.29 29.93
CA SER B 10 11.74 14.63 30.38
C SER B 10 10.59 15.66 30.37
N VAL B 11 10.91 16.91 30.54
CA VAL B 11 9.83 17.95 30.55
C VAL B 11 9.12 17.96 29.19
N LEU B 12 9.87 18.05 28.12
CA LEU B 12 9.24 18.06 26.77
C LEU B 12 8.53 16.73 26.52
N GLY B 13 9.04 15.66 27.09
CA GLY B 13 8.38 14.35 26.88
C GLY B 13 7.12 14.28 27.75
N GLY B 14 7.14 14.96 28.86
CA GLY B 14 5.96 14.96 29.76
C GLY B 14 4.76 15.57 29.05
N GLU B 15 4.92 16.74 28.49
CA GLU B 15 3.78 17.39 27.79
C GLU B 15 3.37 16.56 26.57
N ILE B 16 4.31 16.06 25.82
CA ILE B 16 3.95 15.23 24.63
C ILE B 16 3.31 13.92 25.12
N GLU B 17 3.76 13.40 26.22
CA GLU B 17 3.18 12.13 26.75
C GLU B 17 1.71 12.37 27.14
N LYS B 18 1.44 13.44 27.84
CA LYS B 18 0.04 13.73 28.24
C LYS B 18 -0.72 14.33 27.08
N GLY B 19 -0.02 14.66 26.03
CA GLY B 19 -0.69 15.26 24.85
C GLY B 19 -1.29 14.14 24.00
N LEU B 20 -0.51 13.16 23.65
CA LEU B 20 -1.02 12.04 22.81
C LEU B 20 -1.97 11.18 23.66
N ASN B 21 -1.77 11.15 24.95
CA ASN B 21 -2.65 10.33 25.82
C ASN B 21 -4.10 10.73 25.58
N VAL B 22 -4.34 11.98 25.31
CA VAL B 22 -5.75 12.43 25.06
C VAL B 22 -6.33 11.57 23.94
N LYS B 23 -5.58 11.36 22.89
CA LYS B 23 -6.08 10.53 21.76
C LYS B 23 -6.46 9.16 22.31
N GLY B 24 -5.55 8.55 23.02
CA GLY B 24 -5.82 7.20 23.62
C GLY B 24 -4.71 6.21 23.24
N PHE B 25 -3.47 6.64 23.26
CA PHE B 25 -2.34 5.72 22.91
C PHE B 25 -1.40 5.61 24.12
N MET B 26 -0.61 4.57 24.19
CA MET B 26 0.34 4.40 25.34
C MET B 26 1.70 4.89 24.89
N ALA B 27 2.41 5.60 25.73
CA ALA B 27 3.75 6.12 25.32
C ALA B 27 4.70 6.11 26.52
N ASP B 28 5.98 6.15 26.25
CA ASP B 28 6.99 6.15 27.35
C ASP B 28 8.15 7.06 26.96
N VAL B 29 8.83 7.64 27.92
CA VAL B 29 9.98 8.55 27.61
C VAL B 29 11.28 7.91 28.09
N THR B 30 12.31 7.99 27.29
CA THR B 30 13.63 7.39 27.70
C THR B 30 14.75 8.38 27.39
N GLU B 31 15.94 8.10 27.86
CA GLU B 31 17.09 9.03 27.62
C GLU B 31 17.87 8.58 26.36
N SER B 32 18.97 7.88 26.56
CA SER B 32 19.78 7.43 25.39
C SER B 32 19.14 6.21 24.73
N LEU B 33 19.61 5.85 23.57
CA LEU B 33 19.05 4.68 22.84
C LEU B 33 19.13 3.43 23.74
N GLU B 34 20.12 3.34 24.57
CA GLU B 34 20.26 2.13 25.45
C GLU B 34 18.95 1.91 26.19
N ASP B 35 18.36 2.94 26.73
CA ASP B 35 17.08 2.76 27.48
C ASP B 35 15.94 2.51 26.50
N GLY B 36 15.94 3.18 25.38
CA GLY B 36 14.86 2.97 24.39
C GLY B 36 15.01 1.60 23.74
N GLU B 37 16.21 1.24 23.35
CA GLU B 37 16.43 -0.08 22.71
C GLU B 37 16.16 -1.20 23.73
N TYR B 38 16.64 -1.05 24.94
CA TYR B 38 16.42 -2.09 25.96
C TYR B 38 14.94 -2.12 26.38
N LEU B 39 14.33 -0.98 26.52
CA LEU B 39 12.90 -0.94 26.95
C LEU B 39 12.00 -1.46 25.83
N MET B 40 12.24 -1.05 24.61
CA MET B 40 11.37 -1.52 23.49
C MET B 40 11.70 -2.97 23.14
N ASP B 41 12.91 -3.41 23.38
CA ASP B 41 13.27 -4.81 23.05
C ASP B 41 12.48 -5.79 23.92
N ILE B 42 12.12 -5.40 25.12
CA ILE B 42 11.37 -6.32 26.01
C ILE B 42 9.86 -6.23 25.74
N ARG B 43 9.40 -5.18 25.11
CA ARG B 43 7.92 -5.05 24.82
C ARG B 43 7.70 -4.71 23.35
N ASN B 44 6.55 -5.04 22.82
CA ASN B 44 6.25 -4.75 21.39
C ASN B 44 5.75 -3.32 21.24
N TYR B 45 5.88 -2.74 20.08
CA TYR B 45 5.41 -1.34 19.88
C TYR B 45 4.97 -1.15 18.42
N ASP B 46 4.63 0.05 18.04
CA ASP B 46 4.18 0.30 16.63
C ASP B 46 4.73 1.64 16.14
N LEU B 47 4.85 2.60 17.03
CA LEU B 47 5.38 3.94 16.63
C LEU B 47 6.78 4.14 17.25
N VAL B 48 7.79 4.23 16.43
CA VAL B 48 9.18 4.44 16.96
C VAL B 48 9.55 5.90 16.77
N MET B 49 9.39 6.70 17.80
CA MET B 49 9.71 8.15 17.70
C MET B 49 10.92 8.48 18.59
N VAL B 50 11.90 9.17 18.03
CA VAL B 50 13.12 9.51 18.82
C VAL B 50 13.63 10.89 18.39
N SER B 51 14.04 11.70 19.33
CA SER B 51 14.55 13.08 19.01
C SER B 51 16.08 13.12 19.13
N ASP B 52 16.70 12.01 19.43
CA ASP B 52 18.19 12.02 19.57
C ASP B 52 18.83 12.04 18.18
N LYS B 53 19.97 12.68 18.06
CA LYS B 53 20.64 12.77 16.73
C LYS B 53 21.26 11.42 16.36
N ASN B 54 22.13 10.90 17.18
CA ASN B 54 22.77 9.58 16.87
C ASN B 54 21.70 8.57 16.46
N ALA B 55 20.46 8.89 16.68
CA ALA B 55 19.36 7.95 16.32
C ALA B 55 19.39 7.63 14.82
N LEU B 56 19.95 8.51 14.01
CA LEU B 56 19.99 8.25 12.54
C LEU B 56 20.44 6.79 12.29
N SER B 57 21.48 6.36 12.93
CA SER B 57 21.94 4.96 12.73
C SER B 57 20.91 4.01 13.33
N PHE B 58 20.27 4.42 14.39
CA PHE B 58 19.24 3.56 15.05
C PHE B 58 18.05 3.38 14.11
N VAL B 59 17.38 4.43 13.74
CA VAL B 59 16.22 4.27 12.84
C VAL B 59 16.61 3.42 11.63
N SER B 60 17.81 3.55 11.16
CA SER B 60 18.24 2.73 9.98
C SER B 60 18.05 1.25 10.29
N ARG B 61 18.63 0.78 11.38
CA ARG B 61 18.48 -0.67 11.70
C ARG B 61 17.02 -0.98 12.02
N ILE B 62 16.28 -0.05 12.55
CA ILE B 62 14.85 -0.35 12.89
C ILE B 62 14.07 -0.62 11.59
N LYS B 63 14.36 0.10 10.55
CA LYS B 63 13.62 -0.12 9.27
C LYS B 63 13.97 -1.49 8.68
N GLU B 64 15.24 -1.79 8.53
CA GLU B 64 15.61 -3.11 7.94
C GLU B 64 15.22 -4.24 8.90
N LYS B 65 15.37 -4.02 10.18
CA LYS B 65 15.02 -5.08 11.17
C LYS B 65 13.51 -5.07 11.43
N HIS B 66 12.86 -3.97 11.14
CA HIS B 66 11.39 -3.89 11.37
C HIS B 66 10.78 -2.83 10.46
N SER B 67 10.83 -3.04 9.17
CA SER B 67 10.25 -2.04 8.22
C SER B 67 8.74 -1.93 8.45
N SER B 68 8.12 -2.99 8.90
CA SER B 68 6.64 -2.96 9.13
C SER B 68 6.31 -1.91 10.19
N ILE B 69 7.24 -1.61 11.07
CA ILE B 69 6.96 -0.59 12.13
C ILE B 69 7.19 0.81 11.56
N VAL B 70 6.50 1.79 12.09
CA VAL B 70 6.66 3.18 11.59
C VAL B 70 7.75 3.88 12.41
N VAL B 71 8.39 4.88 11.84
CA VAL B 71 9.49 5.61 12.58
C VAL B 71 9.30 7.12 12.41
N LEU B 72 9.28 7.84 13.50
CA LEU B 72 9.11 9.33 13.44
C LEU B 72 10.35 10.01 14.03
N VAL B 73 11.20 10.53 13.20
CA VAL B 73 12.42 11.23 13.73
C VAL B 73 12.14 12.73 13.82
N SER B 74 12.44 13.33 14.94
CA SER B 74 12.19 14.79 15.10
C SER B 74 13.39 15.55 14.55
N SER B 75 13.32 16.86 14.48
CA SER B 75 14.49 17.62 13.94
C SER B 75 14.54 19.04 14.52
N ASP B 76 15.50 19.32 15.36
CA ASP B 76 15.62 20.67 15.95
C ASP B 76 16.07 21.65 14.85
N ASN B 77 16.68 21.12 13.83
CA ASN B 77 17.17 21.96 12.69
C ASN B 77 16.60 21.40 11.39
N PRO B 78 15.33 21.59 11.13
CA PRO B 78 14.68 21.05 9.89
C PRO B 78 15.29 21.68 8.63
N THR B 79 16.41 21.16 8.21
CA THR B 79 17.07 21.67 6.98
C THR B 79 16.96 20.62 5.88
N SER B 80 16.96 21.03 4.64
CA SER B 80 16.84 20.06 3.52
C SER B 80 17.88 18.93 3.68
N GLU B 81 19.02 19.23 4.22
CA GLU B 81 20.05 18.17 4.38
C GLU B 81 19.53 17.04 5.29
N GLU B 82 18.78 17.39 6.31
CA GLU B 82 18.26 16.34 7.23
C GLU B 82 17.05 15.64 6.60
N GLU B 83 16.23 16.37 5.89
CA GLU B 83 15.03 15.74 5.27
C GLU B 83 15.48 14.61 4.34
N VAL B 84 16.39 14.87 3.46
CA VAL B 84 16.86 13.82 2.53
C VAL B 84 17.61 12.74 3.30
N HIS B 85 18.40 13.13 4.26
CA HIS B 85 19.16 12.13 5.06
C HIS B 85 18.19 11.28 5.88
N ALA B 86 17.05 11.81 6.21
CA ALA B 86 16.05 11.05 7.02
C ALA B 86 15.39 9.97 6.15
N PHE B 87 15.03 10.30 4.94
CA PHE B 87 14.38 9.30 4.06
C PHE B 87 15.45 8.43 3.40
N GLU B 88 16.60 9.00 3.13
CA GLU B 88 17.68 8.21 2.49
C GLU B 88 18.21 7.17 3.48
N GLN B 89 18.23 7.50 4.75
CA GLN B 89 18.74 6.53 5.76
C GLN B 89 17.64 5.52 6.10
N GLY B 90 16.55 5.97 6.66
CA GLY B 90 15.45 5.02 7.01
C GLY B 90 14.49 5.65 8.01
N ALA B 91 13.74 6.65 7.59
CA ALA B 91 12.75 7.32 8.50
C ALA B 91 11.39 7.34 7.81
N ASP B 92 10.34 7.05 8.53
CA ASP B 92 8.98 7.04 7.91
C ASP B 92 8.46 8.48 7.82
N ASP B 93 8.78 9.29 8.79
CA ASP B 93 8.31 10.70 8.78
C ASP B 93 9.33 11.58 9.48
N TYR B 94 9.23 12.87 9.29
CA TYR B 94 10.19 13.82 9.92
C TYR B 94 9.42 15.05 10.40
N ILE B 95 9.35 15.27 11.69
CA ILE B 95 8.59 16.45 12.23
C ILE B 95 9.56 17.41 12.93
N ALA B 96 9.28 18.68 12.88
CA ALA B 96 10.18 19.66 13.55
C ALA B 96 10.18 19.38 15.06
N LYS B 97 11.31 19.47 15.69
CA LYS B 97 11.37 19.18 17.16
C LYS B 97 10.66 20.26 17.96
N PRO B 98 10.81 21.49 17.60
CA PRO B 98 10.23 22.56 18.41
C PRO B 98 8.74 22.35 18.70
N TYR B 99 8.19 21.27 18.24
CA TYR B 99 6.75 20.98 18.50
C TYR B 99 5.90 22.14 18.01
N ARG B 100 5.31 22.03 16.84
CA ARG B 100 4.48 23.15 16.33
C ARG B 100 3.33 23.39 17.32
N SER B 101 2.80 22.35 17.93
CA SER B 101 1.71 22.53 18.92
C SER B 101 1.37 21.21 19.60
N ILE B 102 2.33 20.40 19.92
CA ILE B 102 2.04 19.10 20.59
C ILE B 102 0.98 18.33 19.79
N LYS B 103 -0.24 18.80 19.79
CA LYS B 103 -1.30 18.10 19.02
C LYS B 103 -0.81 18.03 17.58
N ALA B 104 0.18 18.81 17.26
CA ALA B 104 0.73 18.82 15.87
C ALA B 104 1.25 17.43 15.50
N LEU B 105 2.43 17.07 15.96
CA LEU B 105 2.98 15.73 15.61
C LEU B 105 1.94 14.65 15.93
N VAL B 106 1.27 14.76 17.04
CA VAL B 106 0.24 13.73 17.39
C VAL B 106 -0.79 13.67 16.26
N ALA B 107 -1.25 14.80 15.79
CA ALA B 107 -2.25 14.80 14.70
C ALA B 107 -1.68 14.01 13.51
N ARG B 108 -0.38 14.03 13.35
CA ARG B 108 0.24 13.29 12.22
C ARG B 108 0.36 11.80 12.59
N ILE B 109 0.42 11.49 13.86
CA ILE B 109 0.55 10.07 14.28
C ILE B 109 -0.82 9.40 14.22
N GLU B 110 -1.86 10.09 14.60
CA GLU B 110 -3.20 9.47 14.55
C GLU B 110 -3.66 9.35 13.09
N ALA B 111 -3.41 10.35 12.30
CA ALA B 111 -3.83 10.29 10.88
C ALA B 111 -3.09 9.14 10.18
N ARG B 112 -1.81 9.02 10.42
CA ARG B 112 -1.03 7.93 9.78
C ARG B 112 -1.56 6.58 10.25
N LEU B 113 -2.05 6.51 11.47
CA LEU B 113 -2.59 5.23 12.01
C LEU B 113 -3.78 5.52 12.92
N ARG B 114 -4.88 5.94 12.37
CA ARG B 114 -6.07 6.25 13.21
C ARG B 114 -6.55 4.98 13.91
N PHE B 115 -6.64 3.89 13.19
CA PHE B 115 -7.10 2.62 13.82
C PHE B 115 -5.93 1.95 14.55
N TRP B 116 -5.36 0.92 13.97
CA TRP B 116 -4.22 0.24 14.63
C TRP B 116 -3.47 -0.63 13.62
N GLY B 117 -4.16 -1.12 12.62
CA GLY B 117 -3.49 -1.98 11.60
C GLY B 117 -4.41 -2.17 10.40
N SER B 118 -4.02 -3.01 9.49
CA SER B 118 -4.86 -3.27 8.28
C SER B 118 -4.75 -4.72 7.87
N ASN B 119 -5.30 -5.06 6.74
CA ASN B 119 -5.25 -6.48 6.30
C ASN B 119 -5.26 -6.54 4.77
N VAL B 120 -4.83 -7.64 4.21
CA VAL B 120 -4.81 -7.78 2.71
C VAL B 120 -5.40 -9.13 2.34
N ILE B 121 -5.12 -10.16 3.10
CA ILE B 121 -5.66 -11.53 2.80
C ILE B 121 -6.70 -11.89 3.86
N GLU B 122 -7.83 -12.39 3.46
CA GLU B 122 -8.89 -12.78 4.43
C GLU B 122 -9.49 -14.12 4.01
N ILE B 123 -9.84 -14.95 4.95
CA ILE B 123 -10.42 -16.28 4.59
C ILE B 123 -11.28 -16.81 5.74
N GLY B 124 -12.50 -17.16 5.47
CA GLY B 124 -13.39 -17.68 6.54
C GLY B 124 -13.32 -16.77 7.76
N ASP B 125 -13.54 -17.31 8.93
CA ASP B 125 -13.48 -16.47 10.15
C ASP B 125 -12.02 -16.18 10.50
N LEU B 126 -11.11 -16.75 9.74
CA LEU B 126 -9.66 -16.51 10.00
C LEU B 126 -9.23 -15.27 9.23
N THR B 127 -8.30 -14.51 9.75
CA THR B 127 -7.83 -13.28 9.03
C THR B 127 -6.32 -13.33 8.90
N ILE B 128 -5.80 -13.04 7.73
CA ILE B 128 -4.31 -13.07 7.52
C ILE B 128 -3.84 -11.72 6.96
N SER B 129 -2.90 -11.09 7.62
CA SER B 129 -2.37 -9.77 7.15
C SER B 129 -0.85 -9.87 6.97
N PRO B 130 -0.34 -9.86 5.75
CA PRO B 130 1.12 -9.95 5.52
C PRO B 130 1.82 -8.59 5.74
N ASP B 131 1.10 -7.52 5.59
CA ASP B 131 1.71 -6.18 5.79
C ASP B 131 2.20 -6.07 7.24
N GLU B 132 1.41 -6.52 8.17
CA GLU B 132 1.81 -6.45 9.61
C GLU B 132 2.53 -7.75 9.99
N GLU B 133 2.74 -8.62 9.04
CA GLU B 133 3.43 -9.91 9.34
C GLU B 133 2.77 -10.56 10.55
N LYS B 134 1.52 -10.95 10.44
CA LYS B 134 0.83 -11.58 11.60
C LYS B 134 -0.39 -12.37 11.11
N ILE B 135 -0.61 -13.53 11.70
CA ILE B 135 -1.78 -14.38 11.31
C ILE B 135 -2.68 -14.56 12.53
N ILE B 136 -3.98 -14.46 12.34
CA ILE B 136 -4.94 -14.60 13.49
C ILE B 136 -5.91 -15.74 13.21
N TYR B 137 -6.07 -16.63 14.15
CA TYR B 137 -7.01 -17.79 13.97
C TYR B 137 -7.76 -18.04 15.28
N LYS B 138 -8.99 -18.42 15.19
CA LYS B 138 -9.79 -18.66 16.44
C LYS B 138 -9.75 -17.40 17.31
N GLY B 139 -9.42 -16.28 16.72
CA GLY B 139 -9.38 -15.01 17.50
C GLY B 139 -8.04 -14.88 18.23
N ARG B 140 -7.16 -15.82 18.06
CA ARG B 140 -5.84 -15.75 18.75
C ARG B 140 -4.84 -14.98 17.87
N GLU B 141 -4.19 -13.99 18.42
CA GLU B 141 -3.20 -13.21 17.63
C GLU B 141 -1.82 -13.84 17.79
N VAL B 142 -1.20 -14.24 16.70
CA VAL B 142 0.15 -14.86 16.79
C VAL B 142 1.06 -14.29 15.70
N GLU B 143 2.26 -13.91 16.05
CA GLU B 143 3.21 -13.34 15.05
C GLU B 143 4.15 -14.45 14.58
N VAL B 144 4.69 -14.33 13.40
CA VAL B 144 5.63 -15.39 12.89
C VAL B 144 6.87 -14.73 12.27
N LYS B 145 8.02 -15.21 12.63
CA LYS B 145 9.28 -14.63 12.08
C LYS B 145 10.41 -15.65 12.22
N GLY B 146 11.13 -15.90 11.16
CA GLY B 146 12.25 -16.88 11.21
C GLY B 146 12.31 -17.63 9.89
N LYS B 147 12.17 -18.93 9.91
CA LYS B 147 12.22 -19.74 8.66
C LYS B 147 10.80 -20.13 8.20
N PRO B 148 9.89 -20.42 9.10
CA PRO B 148 8.51 -20.84 8.73
C PRO B 148 7.52 -19.66 8.66
N PHE B 149 7.99 -18.45 8.73
CA PHE B 149 7.04 -17.29 8.67
C PHE B 149 6.79 -16.88 7.21
N GLU B 150 7.81 -16.89 6.41
CA GLU B 150 7.65 -16.48 4.99
C GLU B 150 6.82 -17.53 4.23
N VAL B 151 6.94 -18.79 4.57
CA VAL B 151 6.14 -19.81 3.85
C VAL B 151 4.66 -19.61 4.18
N LEU B 152 4.36 -19.30 5.41
CA LEU B 152 2.94 -19.09 5.80
C LEU B 152 2.34 -17.94 4.96
N THR B 153 2.98 -16.82 4.96
CA THR B 153 2.45 -15.65 4.19
C THR B 153 2.60 -15.86 2.68
N HIS B 154 3.61 -16.56 2.25
CA HIS B 154 3.78 -16.76 0.78
C HIS B 154 2.55 -17.45 0.19
N LEU B 155 2.15 -18.56 0.75
CA LEU B 155 0.96 -19.27 0.19
C LEU B 155 -0.33 -18.49 0.52
N ALA B 156 -0.34 -17.77 1.61
CA ALA B 156 -1.56 -17.00 1.96
C ALA B 156 -1.93 -16.05 0.82
N ARG B 157 -1.00 -15.28 0.35
CA ARG B 157 -1.31 -14.32 -0.76
C ARG B 157 -1.49 -15.10 -2.06
N HIS B 158 -0.50 -15.84 -2.46
CA HIS B 158 -0.61 -16.62 -3.72
C HIS B 158 -1.77 -17.60 -3.63
N ARG B 159 -2.47 -17.61 -2.53
CA ARG B 159 -3.61 -18.57 -2.38
C ARG B 159 -4.56 -18.44 -3.59
N ASP B 160 -5.43 -19.40 -3.75
CA ASP B 160 -6.40 -19.36 -4.89
C ASP B 160 -5.64 -19.38 -6.23
N GLN B 161 -4.63 -20.20 -6.34
CA GLN B 161 -3.87 -20.26 -7.62
C GLN B 161 -3.16 -21.61 -7.73
N ILE B 162 -2.52 -21.87 -8.84
CA ILE B 162 -1.79 -23.17 -9.00
C ILE B 162 -0.34 -22.98 -8.58
N VAL B 163 0.19 -23.86 -7.78
CA VAL B 163 1.62 -23.73 -7.32
C VAL B 163 2.36 -25.05 -7.56
N SER B 164 3.58 -24.95 -8.03
CA SER B 164 4.40 -26.19 -8.30
C SER B 164 5.39 -26.42 -7.15
N LYS B 165 6.01 -27.57 -7.13
CA LYS B 165 6.99 -27.88 -6.05
C LYS B 165 8.23 -27.00 -6.20
N GLU B 166 8.78 -26.92 -7.39
CA GLU B 166 10.01 -26.11 -7.60
C GLU B 166 9.78 -24.65 -7.19
N GLN B 167 8.64 -24.10 -7.51
CA GLN B 167 8.38 -22.67 -7.14
C GLN B 167 8.67 -22.46 -5.65
N LEU B 168 8.32 -23.41 -4.82
CA LEU B 168 8.59 -23.24 -3.36
C LEU B 168 10.09 -23.40 -3.09
N LEU B 169 10.72 -24.33 -3.74
CA LEU B 169 12.19 -24.54 -3.53
C LEU B 169 12.95 -23.29 -3.93
N ASP B 170 12.59 -22.68 -5.02
CA ASP B 170 13.34 -21.46 -5.43
C ASP B 170 12.76 -20.21 -4.75
N ALA B 171 11.60 -20.31 -4.17
CA ALA B 171 11.00 -19.11 -3.51
C ALA B 171 11.33 -19.06 -2.01
N ILE B 172 11.35 -20.21 -1.35
CA ILE B 172 11.64 -20.23 0.12
C ILE B 172 12.95 -20.96 0.39
N TRP B 173 13.52 -21.60 -0.59
CA TRP B 173 14.80 -22.33 -0.40
C TRP B 173 14.56 -23.58 0.43
N GLU B 174 13.33 -23.79 0.84
CA GLU B 174 13.01 -25.03 1.61
C GLU B 174 13.76 -25.05 2.94
N GLU B 175 15.07 -25.02 2.90
CA GLU B 175 15.88 -25.06 4.17
C GLU B 175 17.16 -24.28 3.90
N PRO B 176 17.87 -23.88 4.94
CA PRO B 176 19.14 -23.13 4.79
C PRO B 176 19.93 -23.60 3.56
N GLU B 177 20.53 -24.76 3.64
CA GLU B 177 21.28 -25.29 2.46
C GLU B 177 21.38 -26.81 2.59
N MET B 178 20.86 -27.36 3.65
CA MET B 178 20.91 -28.83 3.84
C MET B 178 19.99 -29.48 2.81
N VAL B 179 19.45 -28.69 1.92
CA VAL B 179 18.54 -29.23 0.88
C VAL B 179 19.14 -30.50 0.27
N THR B 180 18.30 -31.38 -0.23
CA THR B 180 18.80 -32.66 -0.85
C THR B 180 18.02 -32.90 -2.15
N PRO B 181 18.59 -33.62 -3.08
CA PRO B 181 17.91 -33.92 -4.39
C PRO B 181 16.41 -34.16 -4.22
N ASN B 182 15.99 -34.54 -3.04
CA ASN B 182 14.52 -34.78 -2.80
C ASN B 182 14.19 -34.45 -1.35
N VAL B 183 13.30 -33.52 -1.13
CA VAL B 183 12.95 -33.14 0.28
C VAL B 183 11.54 -32.51 0.34
N ILE B 184 11.00 -32.11 -0.78
CA ILE B 184 9.63 -31.49 -0.75
C ILE B 184 8.67 -32.40 0.01
N GLU B 185 8.89 -33.69 -0.05
CA GLU B 185 7.97 -34.62 0.69
C GLU B 185 7.92 -34.18 2.15
N VAL B 186 9.02 -33.70 2.66
CA VAL B 186 9.06 -33.26 4.08
C VAL B 186 8.44 -31.86 4.20
N ALA B 187 8.97 -30.90 3.48
CA ALA B 187 8.40 -29.52 3.57
C ALA B 187 6.89 -29.57 3.34
N ILE B 188 6.44 -30.19 2.29
CA ILE B 188 4.97 -30.24 2.05
C ILE B 188 4.31 -30.90 3.26
N ASN B 189 4.87 -31.97 3.77
CA ASN B 189 4.26 -32.63 4.96
C ASN B 189 4.25 -31.65 6.14
N GLN B 190 5.30 -30.87 6.28
CA GLN B 190 5.35 -29.90 7.40
C GLN B 190 4.32 -28.79 7.18
N ILE B 191 4.32 -28.20 6.03
CA ILE B 191 3.35 -27.10 5.76
C ILE B 191 1.93 -27.59 6.06
N ARG B 192 1.59 -28.78 5.62
CA ARG B 192 0.23 -29.30 5.88
C ARG B 192 -0.01 -29.39 7.39
N GLN B 193 0.96 -29.87 8.12
CA GLN B 193 0.79 -29.97 9.59
C GLN B 193 0.74 -28.57 10.20
N LYS B 194 1.52 -27.67 9.69
CA LYS B 194 1.51 -26.28 10.23
C LYS B 194 0.22 -25.58 9.83
N MET B 195 -0.51 -26.17 8.90
CA MET B 195 -1.79 -25.56 8.45
C MET B 195 -2.98 -26.29 9.11
N ASP B 196 -2.84 -27.57 9.34
CA ASP B 196 -3.96 -28.33 9.97
C ASP B 196 -3.94 -28.16 11.49
N LYS B 197 -2.88 -27.63 12.04
CA LYS B 197 -2.81 -27.46 13.53
C LYS B 197 -3.40 -26.09 13.93
N PRO B 198 -2.76 -24.99 13.55
CA PRO B 198 -3.27 -23.64 13.90
C PRO B 198 -4.64 -23.34 13.25
N LEU B 199 -4.68 -23.18 11.96
CA LEU B 199 -5.98 -22.89 11.30
C LEU B 199 -6.97 -24.00 11.65
N GLY B 200 -6.51 -25.22 11.70
CA GLY B 200 -7.42 -26.35 12.06
C GLY B 200 -8.27 -26.72 10.85
N ILE B 201 -8.01 -26.12 9.71
CA ILE B 201 -8.80 -26.44 8.48
C ILE B 201 -7.85 -26.65 7.31
N SER B 202 -8.14 -27.61 6.47
CA SER B 202 -7.23 -27.88 5.31
C SER B 202 -7.51 -26.84 4.22
N THR B 203 -6.51 -26.46 3.47
CA THR B 203 -6.72 -25.46 2.38
C THR B 203 -5.81 -25.79 1.20
N VAL B 204 -5.42 -27.03 1.05
CA VAL B 204 -4.52 -27.43 -0.09
C VAL B 204 -4.97 -28.77 -0.66
N GLU B 205 -4.82 -28.96 -1.94
CA GLU B 205 -5.21 -30.25 -2.59
C GLU B 205 -3.98 -30.88 -3.24
N THR B 206 -3.75 -32.15 -3.01
CA THR B 206 -2.56 -32.83 -3.61
C THR B 206 -2.98 -33.68 -4.80
N VAL B 207 -2.35 -33.49 -5.94
CA VAL B 207 -2.71 -34.29 -7.15
C VAL B 207 -1.44 -34.57 -7.96
N ARG B 208 -1.33 -35.73 -8.55
CA ARG B 208 -0.12 -36.06 -9.35
C ARG B 208 -0.29 -35.56 -10.79
N ARG B 209 0.32 -34.45 -11.11
CA ARG B 209 0.22 -33.91 -12.49
C ARG B 209 1.19 -32.73 -12.63
N ARG B 210 0.85 -31.60 -12.09
CA ARG B 210 1.75 -30.41 -12.17
C ARG B 210 2.37 -30.16 -10.79
N GLY B 211 1.58 -30.26 -9.75
CA GLY B 211 2.12 -30.04 -8.38
C GLY B 211 0.96 -30.05 -7.38
N TYR B 212 0.76 -28.97 -6.67
CA TYR B 212 -0.35 -28.90 -5.66
C TYR B 212 -1.16 -27.63 -5.90
N ARG B 213 -2.41 -27.62 -5.47
CA ARG B 213 -3.28 -26.42 -5.67
C ARG B 213 -3.56 -25.77 -4.32
N PHE B 214 -3.65 -24.47 -4.27
CA PHE B 214 -3.92 -23.74 -2.99
C PHE B 214 -5.22 -22.95 -3.13
N CYS B 215 -6.23 -23.33 -2.37
CA CYS B 215 -7.54 -22.61 -2.46
C CYS B 215 -8.23 -22.63 -1.08
N TYR B 216 -9.28 -21.89 -0.93
CA TYR B 216 -10.00 -21.86 0.39
C TYR B 216 -10.79 -23.17 0.56
N PRO B 217 -10.99 -23.61 1.78
CA PRO B 217 -11.76 -24.87 2.06
C PRO B 217 -12.94 -25.05 1.11
N LYS B 218 -13.40 -26.26 0.93
CA LYS B 218 -14.55 -26.52 0.01
C LYS B 218 -15.81 -25.84 0.57
N PRO B 219 -16.31 -26.28 1.71
CA PRO B 219 -17.54 -25.70 2.33
C PRO B 219 -17.37 -24.20 2.66
N ALA B 220 -16.18 -23.78 3.02
CA ALA B 220 -15.98 -22.35 3.36
C ALA B 220 -16.97 -21.92 4.44
N CYS B 221 -17.42 -22.85 5.24
CA CYS B 221 -18.39 -22.50 6.32
C CYS B 221 -19.68 -21.99 5.67
N GLU B 222 -20.12 -22.61 4.61
CA GLU B 222 -21.36 -22.17 3.93
C GLU B 222 -22.58 -22.74 4.67
N GLU B 223 -23.69 -22.05 4.64
CA GLU B 223 -24.90 -22.56 5.33
C GLU B 223 -25.31 -23.90 4.71
N MET A 1 5.11 8.72 -15.86
CA MET A 1 4.53 9.51 -14.73
C MET A 1 4.70 11.01 -15.02
N ARG A 2 3.83 11.83 -14.47
CA ARG A 2 3.93 13.30 -14.71
C ARG A 2 3.71 14.04 -13.38
N VAL A 3 4.31 15.20 -13.24
CA VAL A 3 4.16 15.99 -11.98
C VAL A 3 3.41 17.29 -12.26
N LEU A 4 2.39 17.56 -11.49
CA LEU A 4 1.60 18.82 -11.69
C LEU A 4 2.10 19.86 -10.69
N LEU A 5 2.62 20.96 -11.17
CA LEU A 5 3.12 22.04 -10.26
C LEU A 5 2.34 23.32 -10.51
N ILE A 6 1.50 23.70 -9.59
CA ILE A 6 0.70 24.95 -9.75
C ILE A 6 1.35 26.07 -8.92
N GLU A 7 1.96 27.04 -9.57
CA GLU A 7 2.63 28.14 -8.83
C GLU A 7 2.32 29.47 -9.51
N LYS A 8 1.77 30.41 -8.78
CA LYS A 8 1.46 31.73 -9.39
C LYS A 8 2.77 32.45 -9.71
N ASN A 9 3.80 32.21 -8.92
CA ASN A 9 5.11 32.86 -9.17
C ASN A 9 5.91 32.04 -10.17
N SER A 10 6.30 32.63 -11.27
CA SER A 10 7.08 31.88 -12.29
C SER A 10 8.52 31.68 -11.79
N VAL A 11 8.95 32.49 -10.87
CA VAL A 11 10.35 32.35 -10.35
C VAL A 11 10.47 31.09 -9.50
N LEU A 12 9.64 30.96 -8.50
CA LEU A 12 9.72 29.75 -7.62
C LEU A 12 9.27 28.53 -8.42
N GLY A 13 8.32 28.68 -9.29
CA GLY A 13 7.86 27.51 -10.09
C GLY A 13 8.89 27.22 -11.17
N GLY A 14 9.57 28.23 -11.63
CA GLY A 14 10.60 28.01 -12.69
C GLY A 14 11.73 27.14 -12.14
N GLU A 15 12.24 27.46 -10.99
CA GLU A 15 13.35 26.64 -10.42
C GLU A 15 12.86 25.22 -10.14
N ILE A 16 11.72 25.07 -9.52
CA ILE A 16 11.22 23.70 -9.24
C ILE A 16 10.93 22.99 -10.57
N GLU A 17 10.23 23.63 -11.45
CA GLU A 17 9.90 22.98 -12.77
C GLU A 17 11.16 22.33 -13.34
N LYS A 18 12.20 23.10 -13.53
CA LYS A 18 13.46 22.52 -14.09
C LYS A 18 14.28 21.91 -12.97
N GLY A 19 13.75 21.93 -11.78
CA GLY A 19 14.49 21.35 -10.63
C GLY A 19 14.33 19.83 -10.62
N LEU A 20 13.13 19.35 -10.41
CA LEU A 20 12.93 17.87 -10.38
C LEU A 20 13.17 17.28 -11.77
N ASN A 21 13.04 18.07 -12.80
CA ASN A 21 13.28 17.54 -14.18
C ASN A 21 14.67 16.93 -14.27
N VAL A 22 15.64 17.51 -13.61
CA VAL A 22 17.01 16.96 -13.67
C VAL A 22 17.01 15.49 -13.25
N LYS A 23 16.24 15.16 -12.26
CA LYS A 23 16.18 13.74 -11.80
C LYS A 23 15.63 12.85 -12.93
N GLY A 24 15.07 13.46 -13.95
CA GLY A 24 14.53 12.66 -15.10
C GLY A 24 13.01 12.50 -14.96
N PHE A 25 12.33 13.52 -14.49
CA PHE A 25 10.84 13.45 -14.33
C PHE A 25 10.20 14.53 -15.19
N MET A 26 8.93 14.38 -15.49
CA MET A 26 8.21 15.40 -16.31
C MET A 26 7.40 16.28 -15.39
N ALA A 27 7.38 17.57 -15.63
CA ALA A 27 6.61 18.49 -14.74
C ALA A 27 5.93 19.57 -15.58
N ASP A 28 4.91 20.20 -15.04
CA ASP A 28 4.18 21.28 -15.78
C ASP A 28 3.93 22.46 -14.83
N VAL A 29 3.98 23.66 -15.34
CA VAL A 29 3.76 24.86 -14.48
C VAL A 29 2.43 25.52 -14.90
N THR A 30 1.59 25.82 -13.95
CA THR A 30 0.27 26.47 -14.28
C THR A 30 0.03 27.63 -13.31
N GLU A 31 -0.98 28.43 -13.58
CA GLU A 31 -1.27 29.59 -12.68
C GLU A 31 -2.32 29.18 -11.65
N SER A 32 -3.55 29.59 -11.84
CA SER A 32 -4.62 29.24 -10.86
C SER A 32 -5.09 27.79 -11.10
N LEU A 33 -5.83 27.25 -10.18
CA LEU A 33 -6.32 25.85 -10.32
C LEU A 33 -7.07 25.71 -11.65
N GLU A 34 -7.72 26.75 -12.11
CA GLU A 34 -8.48 26.66 -13.38
C GLU A 34 -7.57 26.04 -14.46
N ASP A 35 -6.38 26.53 -14.59
CA ASP A 35 -5.46 25.96 -15.62
C ASP A 35 -5.18 24.49 -15.27
N GLY A 36 -5.03 24.21 -14.01
CA GLY A 36 -4.76 22.80 -13.60
C GLY A 36 -5.97 21.93 -13.92
N GLU A 37 -7.16 22.47 -13.76
CA GLU A 37 -8.38 21.68 -14.06
C GLU A 37 -8.47 21.44 -15.57
N TYR A 38 -8.20 22.43 -16.36
CA TYR A 38 -8.26 22.26 -17.83
C TYR A 38 -7.10 21.39 -18.32
N LEU A 39 -5.94 21.56 -17.73
CA LEU A 39 -4.77 20.76 -18.17
C LEU A 39 -4.87 19.32 -17.63
N MET A 40 -5.20 19.16 -16.38
CA MET A 40 -5.30 17.79 -15.81
C MET A 40 -6.44 17.02 -16.48
N ASP A 41 -7.48 17.69 -16.87
CA ASP A 41 -8.63 16.99 -17.53
C ASP A 41 -8.17 16.34 -18.83
N ILE A 42 -7.32 17.00 -19.58
CA ILE A 42 -6.85 16.43 -20.88
C ILE A 42 -5.70 15.45 -20.62
N ARG A 43 -4.92 15.67 -19.59
CA ARG A 43 -3.78 14.76 -19.28
C ARG A 43 -3.83 14.34 -17.82
N ASN A 44 -3.52 13.11 -17.53
CA ASN A 44 -3.56 12.63 -16.11
C ASN A 44 -2.18 12.84 -15.47
N TYR A 45 -2.13 12.92 -14.16
CA TYR A 45 -0.82 13.12 -13.46
C TYR A 45 -0.76 12.22 -12.23
N ASP A 46 0.42 11.80 -11.83
CA ASP A 46 0.54 10.91 -10.64
C ASP A 46 0.84 11.76 -9.41
N LEU A 47 1.67 12.76 -9.54
CA LEU A 47 2.00 13.65 -8.37
C LEU A 47 1.24 14.97 -8.49
N VAL A 48 0.27 15.18 -7.65
CA VAL A 48 -0.51 16.45 -7.71
C VAL A 48 0.09 17.43 -6.71
N MET A 49 0.93 18.32 -7.18
CA MET A 49 1.57 19.31 -6.26
C MET A 49 1.04 20.71 -6.57
N VAL A 50 0.64 21.43 -5.55
CA VAL A 50 0.08 22.80 -5.75
C VAL A 50 0.58 23.73 -4.64
N SER A 51 1.04 24.90 -5.01
CA SER A 51 1.52 25.88 -3.98
C SER A 51 0.45 26.94 -3.75
N ASP A 52 -0.72 26.77 -4.32
CA ASP A 52 -1.81 27.78 -4.11
C ASP A 52 -2.40 27.61 -2.71
N LYS A 53 -2.72 28.69 -2.06
CA LYS A 53 -3.30 28.60 -0.68
C LYS A 53 -4.75 28.10 -0.74
N ASN A 54 -5.53 28.63 -1.65
CA ASN A 54 -6.97 28.19 -1.73
C ASN A 54 -7.03 26.77 -2.29
N ALA A 55 -5.94 26.07 -2.29
CA ALA A 55 -5.94 24.69 -2.83
C ALA A 55 -6.60 23.73 -1.84
N LEU A 56 -6.66 24.11 -0.58
CA LEU A 56 -7.29 23.21 0.45
C LEU A 56 -8.55 22.54 -0.12
N SER A 57 -9.46 23.31 -0.64
CA SER A 57 -10.70 22.72 -1.21
C SER A 57 -10.33 21.89 -2.45
N PHE A 58 -9.33 22.32 -3.18
CA PHE A 58 -8.92 21.58 -4.41
C PHE A 58 -8.37 20.20 -4.04
N VAL A 59 -7.41 20.14 -3.16
CA VAL A 59 -6.85 18.81 -2.79
C VAL A 59 -7.96 17.90 -2.28
N SER A 60 -8.93 18.45 -1.59
CA SER A 60 -10.03 17.60 -1.06
C SER A 60 -10.73 16.89 -2.23
N ARG A 61 -11.21 17.63 -3.20
CA ARG A 61 -11.90 16.98 -4.34
C ARG A 61 -10.93 16.07 -5.10
N ILE A 62 -9.67 16.37 -5.08
CA ILE A 62 -8.69 15.52 -5.82
C ILE A 62 -8.62 14.12 -5.17
N LYS A 63 -8.82 14.04 -3.89
CA LYS A 63 -8.75 12.71 -3.21
C LYS A 63 -10.04 11.92 -3.46
N GLU A 64 -11.19 12.50 -3.25
CA GLU A 64 -12.45 11.73 -3.48
C GLU A 64 -12.62 11.46 -4.98
N LYS A 65 -12.32 12.43 -5.82
CA LYS A 65 -12.48 12.21 -7.28
C LYS A 65 -11.37 11.27 -7.79
N HIS A 66 -10.26 11.24 -7.11
CA HIS A 66 -9.14 10.35 -7.55
C HIS A 66 -8.29 9.97 -6.34
N SER A 67 -8.84 9.25 -5.41
CA SER A 67 -8.06 8.85 -4.20
C SER A 67 -6.79 8.11 -4.62
N SER A 68 -6.82 7.39 -5.71
CA SER A 68 -5.62 6.64 -6.15
C SER A 68 -4.58 7.62 -6.72
N ILE A 69 -4.31 8.70 -6.04
CA ILE A 69 -3.32 9.69 -6.56
C ILE A 69 -2.57 10.33 -5.37
N VAL A 70 -1.41 10.89 -5.60
CA VAL A 70 -0.65 11.54 -4.50
C VAL A 70 -0.94 13.04 -4.51
N VAL A 71 -0.81 13.70 -3.37
CA VAL A 71 -1.09 15.17 -3.32
C VAL A 71 -0.10 15.85 -2.38
N LEU A 72 0.69 16.77 -2.90
CA LEU A 72 1.69 17.49 -2.06
C LEU A 72 1.36 18.98 -2.09
N VAL A 73 0.71 19.48 -1.07
CA VAL A 73 0.37 20.93 -1.02
C VAL A 73 1.46 21.65 -0.25
N SER A 74 1.68 22.91 -0.52
CA SER A 74 2.74 23.69 0.21
C SER A 74 2.07 24.83 0.98
N SER A 75 2.81 25.49 1.85
CA SER A 75 2.19 26.61 2.63
C SER A 75 3.28 27.41 3.35
N ASP A 76 3.34 28.70 3.11
CA ASP A 76 4.38 29.54 3.75
C ASP A 76 4.01 29.80 5.22
N ASN A 77 3.11 29.03 5.77
CA ASN A 77 2.71 29.25 7.20
C ASN A 77 2.51 27.89 7.90
N PRO A 78 3.53 27.07 7.93
CA PRO A 78 3.45 25.73 8.58
C PRO A 78 2.98 25.82 10.04
N THR A 79 1.69 25.85 10.24
CA THR A 79 1.11 25.91 11.61
C THR A 79 0.50 24.54 11.93
N SER A 80 0.50 24.16 13.17
CA SER A 80 -0.08 22.82 13.51
C SER A 80 -1.56 22.79 13.12
N GLU A 81 -2.23 23.90 13.19
CA GLU A 81 -3.67 23.92 12.80
C GLU A 81 -3.80 23.60 11.31
N GLU A 82 -2.95 24.16 10.49
CA GLU A 82 -3.03 23.88 9.03
C GLU A 82 -2.43 22.50 8.74
N GLU A 83 -1.41 22.12 9.45
CA GLU A 83 -0.79 20.79 9.22
C GLU A 83 -1.82 19.69 9.39
N VAL A 84 -2.46 19.62 10.53
CA VAL A 84 -3.49 18.57 10.75
C VAL A 84 -4.61 18.75 9.74
N HIS A 85 -5.00 19.97 9.46
CA HIS A 85 -6.09 20.20 8.48
C HIS A 85 -5.69 19.64 7.12
N ALA A 86 -4.44 19.75 6.76
CA ALA A 86 -3.99 19.22 5.45
C ALA A 86 -4.17 17.70 5.40
N PHE A 87 -3.77 17.01 6.44
CA PHE A 87 -3.93 15.53 6.45
C PHE A 87 -5.40 15.21 6.69
N GLU A 88 -6.10 16.07 7.36
CA GLU A 88 -7.53 15.82 7.64
C GLU A 88 -8.32 15.93 6.33
N GLN A 89 -8.13 17.00 5.61
CA GLN A 89 -8.87 17.18 4.34
C GLN A 89 -8.58 16.01 3.40
N GLY A 90 -7.34 15.66 3.19
CA GLY A 90 -7.04 14.52 2.28
C GLY A 90 -5.64 14.67 1.66
N ALA A 91 -5.01 15.80 1.83
CA ALA A 91 -3.65 15.98 1.26
C ALA A 91 -2.76 14.80 1.67
N ASP A 92 -1.95 14.30 0.78
CA ASP A 92 -1.06 13.16 1.15
C ASP A 92 0.09 13.67 2.00
N ASP A 93 0.64 14.81 1.65
CA ASP A 93 1.78 15.37 2.44
C ASP A 93 1.79 16.90 2.31
N TYR A 94 2.39 17.57 3.26
CA TYR A 94 2.45 19.06 3.23
C TYR A 94 3.91 19.50 3.40
N ILE A 95 4.37 20.43 2.59
CA ILE A 95 5.79 20.90 2.70
C ILE A 95 5.82 22.42 2.94
N ALA A 96 6.69 22.87 3.80
CA ALA A 96 6.77 24.33 4.05
C ALA A 96 7.10 25.03 2.73
N LYS A 97 6.25 25.90 2.27
CA LYS A 97 6.52 26.59 0.97
C LYS A 97 7.97 27.03 0.86
N PRO A 98 8.50 27.79 1.81
CA PRO A 98 9.87 28.31 1.70
C PRO A 98 10.86 27.29 1.09
N TYR A 99 10.45 26.05 0.99
CA TYR A 99 11.32 25.00 0.41
C TYR A 99 12.66 24.95 1.15
N ARG A 100 12.83 24.00 2.04
CA ARG A 100 14.13 23.92 2.76
C ARG A 100 15.25 23.80 1.72
N SER A 101 15.03 23.00 0.72
CA SER A 101 16.05 22.84 -0.35
C SER A 101 15.43 22.06 -1.51
N ILE A 102 15.60 22.54 -2.72
CA ILE A 102 15.00 21.82 -3.88
C ILE A 102 15.40 20.34 -3.83
N LYS A 103 16.65 20.07 -3.53
CA LYS A 103 17.09 18.65 -3.47
C LYS A 103 16.33 17.91 -2.36
N ALA A 104 16.02 18.59 -1.28
CA ALA A 104 15.28 17.93 -0.17
C ALA A 104 13.85 17.61 -0.62
N LEU A 105 13.12 18.59 -1.06
CA LEU A 105 11.72 18.33 -1.51
C LEU A 105 11.71 17.27 -2.62
N VAL A 106 12.42 17.51 -3.69
CA VAL A 106 12.44 16.51 -4.80
C VAL A 106 12.83 15.14 -4.25
N ALA A 107 13.81 15.09 -3.39
CA ALA A 107 14.21 13.77 -2.82
C ALA A 107 12.98 13.08 -2.24
N ARG A 108 12.15 13.81 -1.55
CA ARG A 108 10.93 13.20 -0.96
C ARG A 108 9.98 12.79 -2.09
N ILE A 109 9.91 13.56 -3.14
CA ILE A 109 9.01 13.19 -4.26
C ILE A 109 9.56 11.92 -4.91
N GLU A 110 10.86 11.79 -4.92
CA GLU A 110 11.46 10.59 -5.51
C GLU A 110 10.95 9.37 -4.76
N ALA A 111 10.89 9.46 -3.46
CA ALA A 111 10.39 8.31 -2.66
C ALA A 111 8.98 7.95 -3.10
N ARG A 112 8.10 8.91 -3.18
CA ARG A 112 6.71 8.60 -3.61
C ARG A 112 6.72 7.98 -5.01
N LEU A 113 7.39 8.60 -5.95
CA LEU A 113 7.44 8.04 -7.33
C LEU A 113 8.16 6.69 -7.31
N ARG A 114 9.18 6.56 -6.50
CA ARG A 114 9.94 5.28 -6.44
C ARG A 114 8.97 4.13 -6.11
N PHE A 115 8.00 4.39 -5.26
CA PHE A 115 7.04 3.31 -4.91
C PHE A 115 6.02 3.15 -6.04
N TRP A 116 6.48 2.93 -7.24
CA TRP A 116 5.54 2.76 -8.37
C TRP A 116 4.62 1.56 -8.11
N GLY A 117 3.41 1.61 -8.59
CA GLY A 117 2.46 0.49 -8.36
C GLY A 117 3.13 -0.83 -8.75
N SER A 118 3.14 -1.79 -7.86
CA SER A 118 3.77 -3.10 -8.17
C SER A 118 2.77 -4.01 -8.88
N ASN A 119 1.59 -3.50 -9.16
CA ASN A 119 0.57 -4.33 -9.86
C ASN A 119 0.39 -5.64 -9.11
N VAL A 120 -0.48 -6.50 -9.59
CA VAL A 120 -0.71 -7.81 -8.90
C VAL A 120 -0.91 -8.91 -9.95
N ILE A 121 -1.71 -8.66 -10.96
CA ILE A 121 -1.95 -9.70 -12.01
C ILE A 121 -1.06 -9.41 -13.23
N GLU A 122 -0.27 -10.37 -13.64
CA GLU A 122 0.63 -10.17 -14.82
C GLU A 122 0.52 -11.38 -15.75
N ILE A 123 -0.10 -11.21 -16.88
CA ILE A 123 -0.26 -12.35 -17.84
C ILE A 123 0.07 -11.86 -19.26
N GLY A 124 0.90 -12.57 -19.96
CA GLY A 124 1.27 -12.15 -21.34
C GLY A 124 1.66 -10.66 -21.34
N ASP A 125 1.35 -9.96 -22.39
CA ASP A 125 1.70 -8.50 -22.44
C ASP A 125 0.58 -7.69 -21.77
N LEU A 126 -0.44 -8.36 -21.31
CA LEU A 126 -1.58 -7.63 -20.64
C LEU A 126 -1.37 -7.67 -19.13
N THR A 127 -1.46 -6.56 -18.46
CA THR A 127 -1.26 -6.53 -16.97
C THR A 127 -2.42 -5.78 -16.32
N ILE A 128 -3.04 -6.37 -15.32
CA ILE A 128 -4.17 -5.69 -14.61
C ILE A 128 -3.76 -5.38 -13.17
N SER A 129 -4.02 -4.18 -12.73
CA SER A 129 -3.65 -3.76 -11.33
C SER A 129 -4.94 -3.46 -10.54
N PRO A 130 -5.45 -4.40 -9.77
CA PRO A 130 -6.69 -4.18 -8.98
C PRO A 130 -6.44 -3.36 -7.71
N ASP A 131 -5.32 -3.58 -7.07
CA ASP A 131 -5.01 -2.82 -5.84
C ASP A 131 -4.76 -1.35 -6.21
N GLU A 132 -4.03 -1.10 -7.26
CA GLU A 132 -3.75 0.30 -7.67
C GLU A 132 -4.83 0.77 -8.65
N GLU A 133 -5.75 -0.10 -8.99
CA GLU A 133 -6.84 0.29 -9.92
C GLU A 133 -6.24 0.86 -11.22
N LYS A 134 -5.49 0.06 -11.93
CA LYS A 134 -4.88 0.56 -13.21
C LYS A 134 -4.71 -0.63 -14.17
N ILE A 135 -4.96 -0.41 -15.43
CA ILE A 135 -4.81 -1.50 -16.45
C ILE A 135 -3.80 -1.07 -17.51
N ILE A 136 -2.90 -1.94 -17.88
CA ILE A 136 -1.87 -1.60 -18.91
C ILE A 136 -2.05 -2.49 -20.13
N TYR A 137 -2.10 -1.89 -21.30
CA TYR A 137 -2.28 -2.68 -22.56
C TYR A 137 -1.38 -2.11 -23.65
N LYS A 138 -0.73 -2.96 -24.41
CA LYS A 138 0.17 -2.47 -25.49
C LYS A 138 1.19 -1.48 -24.92
N GLY A 139 1.57 -1.66 -23.68
CA GLY A 139 2.58 -0.74 -23.07
C GLY A 139 1.95 0.62 -22.78
N ARG A 140 0.65 0.70 -22.78
CA ARG A 140 -0.03 2.00 -22.49
C ARG A 140 -0.68 1.94 -21.10
N GLU A 141 -0.35 2.88 -20.25
CA GLU A 141 -0.94 2.87 -18.88
C GLU A 141 -2.17 3.78 -18.84
N VAL A 142 -3.30 3.27 -18.39
CA VAL A 142 -4.54 4.09 -18.33
C VAL A 142 -5.26 3.81 -17.00
N GLU A 143 -5.81 4.82 -16.39
CA GLU A 143 -6.53 4.61 -15.10
C GLU A 143 -7.98 4.20 -15.39
N VAL A 144 -8.54 3.35 -14.58
CA VAL A 144 -9.94 2.90 -14.80
C VAL A 144 -10.62 2.62 -13.46
N LYS A 145 -11.84 3.05 -13.29
CA LYS A 145 -12.55 2.81 -12.00
C LYS A 145 -14.06 2.86 -12.24
N GLY A 146 -14.48 2.68 -13.47
CA GLY A 146 -15.94 2.70 -13.76
C GLY A 146 -16.57 1.36 -13.36
N LYS A 147 -17.84 1.20 -13.58
CA LYS A 147 -18.50 -0.08 -13.22
C LYS A 147 -17.93 -1.22 -14.08
N PRO A 148 -17.70 -0.98 -15.35
CA PRO A 148 -17.15 -2.01 -16.28
C PRO A 148 -15.76 -2.49 -15.85
N PHE A 149 -15.03 -1.68 -15.14
CA PHE A 149 -13.67 -2.08 -14.70
C PHE A 149 -13.76 -2.96 -13.44
N GLU A 150 -14.60 -2.62 -12.52
CA GLU A 150 -14.72 -3.42 -11.28
C GLU A 150 -14.90 -4.90 -11.66
N VAL A 151 -15.75 -5.19 -12.60
CA VAL A 151 -15.95 -6.60 -13.02
C VAL A 151 -14.72 -7.08 -13.79
N LEU A 152 -14.11 -6.20 -14.56
CA LEU A 152 -12.90 -6.59 -15.33
C LEU A 152 -11.81 -7.05 -14.36
N THR A 153 -11.70 -6.40 -13.24
CA THR A 153 -10.65 -6.79 -12.25
C THR A 153 -11.02 -8.12 -11.60
N HIS A 154 -12.27 -8.30 -11.25
CA HIS A 154 -12.70 -9.57 -10.60
C HIS A 154 -12.26 -10.77 -11.44
N LEU A 155 -12.57 -10.77 -12.72
CA LEU A 155 -12.16 -11.92 -13.57
C LEU A 155 -10.65 -11.86 -13.83
N ALA A 156 -10.08 -10.69 -13.75
CA ALA A 156 -8.61 -10.57 -13.99
C ALA A 156 -7.85 -11.44 -12.99
N ARG A 157 -8.11 -11.27 -11.73
CA ARG A 157 -7.41 -12.10 -10.70
C ARG A 157 -7.90 -13.54 -10.82
N HIS A 158 -9.15 -13.73 -11.15
CA HIS A 158 -9.71 -15.12 -11.29
C HIS A 158 -9.64 -15.53 -12.76
N ARG A 159 -8.45 -15.65 -13.29
CA ARG A 159 -8.31 -16.05 -14.72
C ARG A 159 -8.46 -17.57 -14.88
N ASP A 160 -8.61 -18.28 -13.79
CA ASP A 160 -8.74 -19.77 -13.89
C ASP A 160 -9.70 -20.28 -12.83
N GLN A 161 -10.92 -19.80 -12.82
CA GLN A 161 -11.92 -20.27 -11.81
C GLN A 161 -13.32 -20.22 -12.41
N ILE A 162 -14.32 -20.60 -11.66
CA ILE A 162 -15.73 -20.57 -12.18
C ILE A 162 -16.46 -19.39 -11.53
N VAL A 163 -17.01 -18.50 -12.33
CA VAL A 163 -17.75 -17.32 -11.79
C VAL A 163 -19.21 -17.38 -12.23
N SER A 164 -20.12 -17.23 -11.30
CA SER A 164 -21.58 -17.28 -11.66
C SER A 164 -22.11 -15.85 -11.83
N LYS A 165 -23.20 -15.70 -12.53
CA LYS A 165 -23.77 -14.34 -12.74
C LYS A 165 -24.11 -13.71 -11.39
N GLU A 166 -24.71 -14.46 -10.52
CA GLU A 166 -25.06 -13.89 -9.18
C GLU A 166 -23.81 -13.35 -8.51
N GLN A 167 -22.68 -13.96 -8.75
CA GLN A 167 -21.42 -13.46 -8.14
C GLN A 167 -21.15 -12.04 -8.62
N LEU A 168 -21.27 -11.80 -9.90
CA LEU A 168 -21.03 -10.42 -10.42
C LEU A 168 -22.00 -9.45 -9.75
N LEU A 169 -23.17 -9.93 -9.40
CA LEU A 169 -24.16 -9.03 -8.74
C LEU A 169 -23.64 -8.63 -7.36
N ASP A 170 -23.68 -9.51 -6.41
CA ASP A 170 -23.21 -9.17 -5.04
C ASP A 170 -21.78 -8.64 -5.07
N ALA A 171 -21.11 -8.73 -6.19
CA ALA A 171 -19.69 -8.25 -6.24
C ALA A 171 -19.57 -6.80 -6.74
N ILE A 172 -20.16 -6.48 -7.88
CA ILE A 172 -20.01 -5.09 -8.43
C ILE A 172 -21.24 -4.22 -8.13
N TRP A 173 -22.43 -4.74 -8.22
CA TRP A 173 -23.63 -3.89 -7.95
C TRP A 173 -23.58 -3.42 -6.47
N GLU A 174 -22.56 -3.77 -5.76
CA GLU A 174 -22.47 -3.36 -4.33
C GLU A 174 -22.73 -1.86 -4.22
N GLU A 175 -22.65 -1.15 -5.31
CA GLU A 175 -22.89 0.32 -5.27
C GLU A 175 -24.26 0.56 -4.61
N PRO A 176 -24.70 1.79 -4.54
CA PRO A 176 -26.02 2.14 -3.92
C PRO A 176 -27.21 1.44 -4.61
N GLU A 177 -27.02 0.23 -5.06
CA GLU A 177 -28.13 -0.51 -5.73
C GLU A 177 -28.78 0.40 -6.79
N MET A 178 -29.98 0.09 -7.18
CA MET A 178 -30.66 0.92 -8.21
C MET A 178 -29.84 0.91 -9.49
N VAL A 179 -29.50 -0.26 -9.98
CA VAL A 179 -28.69 -0.37 -11.22
C VAL A 179 -29.26 -1.48 -12.12
N THR A 180 -30.56 -1.62 -12.13
CA THR A 180 -31.18 -2.68 -12.98
C THR A 180 -30.44 -4.01 -12.77
N PRO A 181 -30.71 -4.69 -11.68
CA PRO A 181 -30.05 -5.99 -11.37
C PRO A 181 -30.01 -6.95 -12.57
N ASN A 182 -31.01 -6.89 -13.41
CA ASN A 182 -31.02 -7.81 -14.59
C ASN A 182 -30.02 -7.30 -15.63
N VAL A 183 -29.52 -6.10 -15.46
CA VAL A 183 -28.54 -5.56 -16.44
C VAL A 183 -27.35 -6.51 -16.58
N ILE A 184 -27.21 -7.44 -15.68
CA ILE A 184 -26.07 -8.39 -15.76
C ILE A 184 -26.00 -9.01 -17.15
N GLU A 185 -27.12 -9.40 -17.71
CA GLU A 185 -27.11 -10.01 -19.06
C GLU A 185 -26.54 -9.00 -20.07
N VAL A 186 -26.97 -7.77 -19.99
CA VAL A 186 -26.45 -6.74 -20.94
C VAL A 186 -24.99 -6.42 -20.60
N ALA A 187 -24.64 -6.53 -19.35
CA ALA A 187 -23.23 -6.24 -18.95
C ALA A 187 -22.30 -7.34 -19.44
N ILE A 188 -22.56 -8.56 -19.08
CA ILE A 188 -21.67 -9.67 -19.53
C ILE A 188 -21.66 -9.73 -21.06
N ASN A 189 -22.71 -9.27 -21.69
CA ASN A 189 -22.75 -9.31 -23.18
C ASN A 189 -21.82 -8.24 -23.76
N GLN A 190 -22.00 -7.01 -23.38
CA GLN A 190 -21.12 -5.92 -23.92
C GLN A 190 -19.70 -6.10 -23.38
N ILE A 191 -19.55 -6.45 -22.12
CA ILE A 191 -18.19 -6.62 -21.56
C ILE A 191 -17.41 -7.63 -22.42
N ARG A 192 -17.99 -8.76 -22.70
CA ARG A 192 -17.29 -9.78 -23.52
C ARG A 192 -16.90 -9.18 -24.87
N GLN A 193 -17.80 -8.46 -25.49
CA GLN A 193 -17.49 -7.85 -26.80
C GLN A 193 -16.42 -6.77 -26.63
N LYS A 194 -16.46 -6.04 -25.55
CA LYS A 194 -15.45 -4.97 -25.31
C LYS A 194 -14.19 -5.58 -24.68
N MET A 195 -14.21 -6.86 -24.42
CA MET A 195 -13.01 -7.51 -23.81
C MET A 195 -12.08 -8.00 -24.91
N ASP A 196 -12.61 -8.34 -26.05
CA ASP A 196 -11.77 -8.85 -27.18
C ASP A 196 -11.54 -7.75 -28.21
N LYS A 197 -12.25 -6.66 -28.13
CA LYS A 197 -12.06 -5.56 -29.12
C LYS A 197 -10.78 -4.77 -28.79
N PRO A 198 -10.55 -4.47 -27.54
CA PRO A 198 -9.35 -3.71 -27.11
C PRO A 198 -8.15 -4.63 -26.81
N LEU A 199 -8.39 -5.82 -26.34
CA LEU A 199 -7.25 -6.74 -26.05
C LEU A 199 -6.87 -7.50 -27.32
N GLY A 200 -7.35 -8.71 -27.47
CA GLY A 200 -7.02 -9.50 -28.70
C GLY A 200 -7.06 -11.00 -28.36
N ILE A 201 -6.70 -11.35 -27.15
CA ILE A 201 -6.72 -12.80 -26.76
C ILE A 201 -8.02 -13.11 -26.03
N SER A 202 -8.71 -14.14 -26.45
CA SER A 202 -9.98 -14.50 -25.77
C SER A 202 -9.67 -15.27 -24.48
N THR A 203 -10.28 -14.91 -23.39
CA THR A 203 -10.01 -15.61 -22.10
C THR A 203 -11.32 -15.76 -21.31
N VAL A 204 -12.40 -16.07 -21.97
CA VAL A 204 -13.71 -16.23 -21.27
C VAL A 204 -14.45 -17.43 -21.85
N GLU A 205 -15.07 -18.23 -21.01
CA GLU A 205 -15.82 -19.42 -21.48
C GLU A 205 -17.26 -19.36 -20.97
N THR A 206 -18.23 -19.51 -21.84
CA THR A 206 -19.66 -19.46 -21.40
C THR A 206 -20.23 -20.87 -21.35
N VAL A 207 -21.05 -21.18 -20.36
CA VAL A 207 -21.64 -22.55 -20.25
C VAL A 207 -23.10 -22.42 -19.82
N ARG A 208 -23.96 -23.25 -20.35
CA ARG A 208 -25.40 -23.18 -19.98
C ARG A 208 -25.68 -24.16 -18.83
N ARG A 209 -24.92 -24.06 -17.77
CA ARG A 209 -25.13 -24.97 -16.61
C ARG A 209 -24.82 -24.23 -15.30
N ARG A 210 -24.28 -23.05 -15.40
CA ARG A 210 -23.96 -22.27 -14.16
C ARG A 210 -23.82 -20.80 -14.52
N GLY A 211 -22.80 -20.43 -15.25
CA GLY A 211 -22.61 -19.00 -15.63
C GLY A 211 -21.47 -18.88 -16.63
N TYR A 212 -20.43 -18.15 -16.28
CA TYR A 212 -19.26 -17.98 -17.19
C TYR A 212 -17.99 -18.44 -16.48
N ARG A 213 -17.21 -19.28 -17.11
CA ARG A 213 -15.96 -19.78 -16.49
C ARG A 213 -14.75 -19.07 -17.11
N PHE A 214 -13.87 -18.55 -16.29
CA PHE A 214 -12.66 -17.84 -16.82
C PHE A 214 -11.49 -18.83 -16.85
N CYS A 215 -10.90 -19.02 -17.99
CA CYS A 215 -9.75 -19.99 -18.11
C CYS A 215 -8.53 -19.31 -18.73
N TYR A 216 -7.41 -19.98 -18.71
CA TYR A 216 -6.16 -19.40 -19.29
C TYR A 216 -6.22 -19.54 -20.83
N PRO A 217 -5.77 -18.55 -21.57
CA PRO A 217 -5.78 -18.60 -23.07
C PRO A 217 -5.45 -20.00 -23.60
N LYS A 218 -6.19 -20.47 -24.57
CA LYS A 218 -5.92 -21.82 -25.14
C LYS A 218 -4.72 -21.77 -26.09
N PRO A 219 -4.55 -20.71 -26.84
CA PRO A 219 -3.41 -20.58 -27.80
C PRO A 219 -2.04 -20.76 -27.10
N ALA A 220 -2.01 -20.59 -25.81
CA ALA A 220 -0.73 -20.75 -25.08
C ALA A 220 -0.22 -22.18 -25.23
N CYS A 221 1.07 -22.37 -25.28
CA CYS A 221 1.63 -23.75 -25.43
C CYS A 221 3.05 -23.78 -24.86
N GLU A 222 3.91 -22.90 -25.30
CA GLU A 222 5.30 -22.89 -24.78
C GLU A 222 5.87 -24.32 -24.79
N GLU A 223 6.08 -24.89 -23.63
CA GLU A 223 6.62 -26.27 -23.56
C GLU A 223 5.72 -27.21 -24.37
N MET B 1 -0.06 -2.09 20.45
CA MET B 1 -0.21 -0.62 20.28
C MET B 1 0.66 0.11 21.31
N ARG B 2 1.90 0.35 20.99
CA ARG B 2 2.81 1.06 21.94
C ARG B 2 3.64 2.09 21.18
N VAL B 3 3.83 3.25 21.76
CA VAL B 3 4.64 4.33 21.10
C VAL B 3 5.95 4.54 21.86
N LEU B 4 7.05 4.64 21.14
CA LEU B 4 8.38 4.83 21.80
C LEU B 4 8.86 6.27 21.60
N LEU B 5 9.07 7.00 22.67
CA LEU B 5 9.58 8.41 22.57
C LEU B 5 10.91 8.50 23.29
N ILE B 6 11.99 8.41 22.58
CA ILE B 6 13.32 8.51 23.24
C ILE B 6 13.68 9.99 23.41
N GLU B 7 13.42 10.54 24.57
CA GLU B 7 13.73 11.99 24.82
C GLU B 7 14.42 12.14 26.16
N LYS B 8 15.51 12.87 26.21
CA LYS B 8 16.23 13.06 27.49
C LYS B 8 15.36 13.87 28.46
N ASN B 9 14.56 14.76 27.93
CA ASN B 9 13.69 15.59 28.80
C ASN B 9 12.41 14.82 29.12
N SER B 10 12.18 14.51 30.37
CA SER B 10 10.96 13.75 30.75
C SER B 10 9.73 14.67 30.70
N VAL B 11 9.90 15.93 31.01
CA VAL B 11 8.75 16.86 31.00
C VAL B 11 8.12 16.91 29.59
N LEU B 12 8.94 17.01 28.57
CA LEU B 12 8.38 17.06 27.18
C LEU B 12 7.73 15.72 26.86
N GLY B 13 8.28 14.64 27.34
CA GLY B 13 7.68 13.31 27.06
C GLY B 13 6.42 13.16 27.89
N GLY B 14 6.36 13.84 29.01
CA GLY B 14 5.15 13.75 29.87
C GLY B 14 3.94 14.34 29.12
N GLU B 15 4.06 15.56 28.67
CA GLU B 15 2.92 16.19 27.94
C GLU B 15 2.55 15.34 26.73
N ILE B 16 3.53 14.90 25.98
CA ILE B 16 3.21 14.05 24.79
C ILE B 16 2.60 12.73 25.25
N GLU B 17 3.11 12.18 26.32
CA GLU B 17 2.54 10.89 26.83
C GLU B 17 1.06 11.09 27.16
N LYS B 18 0.72 12.17 27.80
CA LYS B 18 -0.71 12.43 28.13
C LYS B 18 -1.39 13.10 26.95
N GLY B 19 -0.65 13.35 25.91
CA GLY B 19 -1.24 13.99 24.72
C GLY B 19 -1.88 12.93 23.82
N LEU B 20 -1.10 11.99 23.35
CA LEU B 20 -1.66 10.93 22.46
C LEU B 20 -2.61 10.03 23.27
N ASN B 21 -2.46 10.01 24.57
CA ASN B 21 -3.35 9.15 25.40
C ASN B 21 -4.80 9.44 25.04
N VAL B 22 -5.11 10.65 24.70
CA VAL B 22 -6.53 10.98 24.33
C VAL B 22 -6.96 10.07 23.17
N LYS B 23 -6.06 9.79 22.28
CA LYS B 23 -6.41 8.91 21.12
C LYS B 23 -6.54 7.46 21.61
N GLY B 24 -6.11 7.19 22.81
CA GLY B 24 -6.22 5.80 23.36
C GLY B 24 -4.98 4.98 22.99
N PHE B 25 -3.82 5.60 23.03
CA PHE B 25 -2.55 4.88 22.70
C PHE B 25 -1.62 4.89 23.92
N MET B 26 -0.67 3.99 23.96
CA MET B 26 0.28 3.92 25.11
C MET B 26 1.63 4.48 24.67
N ALA B 27 2.30 5.22 25.52
CA ALA B 27 3.62 5.79 25.14
C ALA B 27 4.59 5.67 26.32
N ASP B 28 5.87 5.66 26.02
CA ASP B 28 6.91 5.56 27.10
C ASP B 28 8.03 6.56 26.78
N VAL B 29 8.78 6.96 27.78
CA VAL B 29 9.89 7.94 27.55
C VAL B 29 11.22 7.34 28.01
N THR B 30 12.27 7.54 27.25
CA THR B 30 13.61 6.99 27.62
C THR B 30 14.68 8.05 27.35
N GLU B 31 15.91 7.78 27.75
CA GLU B 31 17.01 8.76 27.53
C GLU B 31 17.81 8.37 26.28
N SER B 32 18.93 7.71 26.46
CA SER B 32 19.76 7.32 25.28
C SER B 32 19.16 6.08 24.61
N LEU B 33 19.60 5.80 23.41
CA LEU B 33 19.08 4.62 22.67
C LEU B 33 19.22 3.36 23.52
N GLU B 34 20.27 3.25 24.28
CA GLU B 34 20.46 2.03 25.12
C GLU B 34 19.22 1.80 25.99
N ASP B 35 18.72 2.83 26.63
CA ASP B 35 17.52 2.65 27.49
C ASP B 35 16.36 2.17 26.63
N GLY B 36 16.24 2.69 25.43
CA GLY B 36 15.12 2.25 24.54
C GLY B 36 15.31 0.78 24.18
N GLU B 37 16.53 0.33 24.05
CA GLU B 37 16.77 -1.10 23.71
C GLU B 37 16.37 -2.00 24.89
N TYR B 38 16.73 -1.62 26.08
CA TYR B 38 16.38 -2.46 27.27
C TYR B 38 14.90 -2.26 27.61
N LEU B 39 14.32 -1.17 27.22
CA LEU B 39 12.88 -0.93 27.54
C LEU B 39 11.98 -1.49 26.43
N MET B 40 12.44 -1.44 25.20
CA MET B 40 11.61 -1.96 24.08
C MET B 40 11.71 -3.48 24.01
N ASP B 41 12.79 -4.06 24.46
CA ASP B 41 12.92 -5.54 24.40
C ASP B 41 11.84 -6.20 25.26
N ILE B 42 11.37 -5.52 26.28
CA ILE B 42 10.31 -6.11 27.17
C ILE B 42 8.93 -5.59 26.78
N ARG B 43 8.86 -4.59 25.94
CA ARG B 43 7.53 -4.02 25.52
C ARG B 43 7.47 -3.91 23.99
N ASN B 44 6.29 -3.93 23.44
CA ASN B 44 6.16 -3.83 21.95
C ASN B 44 6.32 -2.35 21.53
N TYR B 45 6.45 -2.10 20.26
CA TYR B 45 6.61 -0.70 19.79
C TYR B 45 6.16 -0.60 18.33
N ASP B 46 4.92 -0.28 18.09
CA ASP B 46 4.43 -0.17 16.68
C ASP B 46 4.93 1.16 16.09
N LEU B 47 5.06 2.17 16.93
CA LEU B 47 5.54 3.50 16.44
C LEU B 47 6.91 3.77 17.06
N VAL B 48 7.95 3.72 16.27
CA VAL B 48 9.32 3.99 16.80
C VAL B 48 9.64 5.47 16.59
N MET B 49 9.64 6.24 17.65
CA MET B 49 9.95 7.70 17.53
C MET B 49 11.10 8.07 18.46
N VAL B 50 12.07 8.78 17.96
CA VAL B 50 13.24 9.16 18.80
C VAL B 50 13.76 10.55 18.38
N SER B 51 14.10 11.37 19.34
CA SER B 51 14.62 12.74 19.03
C SER B 51 16.15 12.75 19.12
N ASP B 52 16.76 11.60 19.18
CA ASP B 52 18.25 11.55 19.26
C ASP B 52 18.86 11.70 17.86
N LYS B 53 19.86 12.53 17.74
CA LYS B 53 20.49 12.73 16.40
C LYS B 53 21.28 11.49 15.99
N ASN B 54 21.89 10.81 16.93
CA ASN B 54 22.68 9.60 16.58
C ASN B 54 21.74 8.42 16.29
N ALA B 55 20.46 8.69 16.20
CA ALA B 55 19.49 7.59 15.93
C ALA B 55 19.61 7.13 14.48
N LEU B 56 20.15 7.95 13.61
CA LEU B 56 20.28 7.56 12.17
C LEU B 56 20.71 6.10 12.05
N SER B 57 21.77 5.71 12.70
CA SER B 57 22.22 4.30 12.61
C SER B 57 21.16 3.40 13.24
N PHE B 58 20.54 3.85 14.29
CA PHE B 58 19.49 3.03 14.96
C PHE B 58 18.34 2.77 13.99
N VAL B 59 17.67 3.79 13.54
CA VAL B 59 16.54 3.56 12.59
C VAL B 59 17.00 2.64 11.45
N SER B 60 18.25 2.72 11.09
CA SER B 60 18.74 1.84 9.99
C SER B 60 18.52 0.37 10.37
N ARG B 61 18.96 -0.03 11.54
CA ARG B 61 18.76 -1.45 11.94
C ARG B 61 17.28 -1.73 12.19
N ILE B 62 16.53 -0.75 12.65
CA ILE B 62 15.08 -1.00 12.91
C ILE B 62 14.36 -1.26 11.59
N LYS B 63 14.70 -0.54 10.55
CA LYS B 63 14.01 -0.75 9.25
C LYS B 63 14.33 -2.14 8.69
N GLU B 64 15.58 -2.52 8.67
CA GLU B 64 15.92 -3.87 8.12
C GLU B 64 15.48 -4.97 9.09
N LYS B 65 15.61 -4.74 10.37
CA LYS B 65 15.20 -5.77 11.36
C LYS B 65 13.68 -5.71 11.57
N HIS B 66 13.07 -4.60 11.26
CA HIS B 66 11.60 -4.50 11.47
C HIS B 66 11.03 -3.43 10.52
N SER B 67 11.07 -3.67 9.25
CA SER B 67 10.53 -2.67 8.27
C SER B 67 9.04 -2.48 8.50
N SER B 68 8.35 -3.52 8.89
CA SER B 68 6.87 -3.41 9.11
C SER B 68 6.58 -2.32 10.15
N ILE B 69 7.47 -2.10 11.06
CA ILE B 69 7.24 -1.05 12.09
C ILE B 69 7.47 0.33 11.49
N VAL B 70 6.84 1.34 12.03
CA VAL B 70 7.00 2.72 11.47
C VAL B 70 8.16 3.42 12.19
N VAL B 71 8.67 4.50 11.64
CA VAL B 71 9.80 5.23 12.28
C VAL B 71 9.58 6.74 12.14
N LEU B 72 9.62 7.45 13.25
CA LEU B 72 9.42 8.93 13.23
C LEU B 72 10.61 9.61 13.90
N VAL B 73 11.53 10.11 13.11
CA VAL B 73 12.72 10.79 13.68
C VAL B 73 12.42 12.27 13.84
N SER B 74 12.95 12.91 14.86
CA SER B 74 12.69 14.38 15.06
C SER B 74 14.02 15.12 15.00
N SER B 75 13.99 16.44 15.00
CA SER B 75 15.29 17.19 14.92
C SER B 75 15.12 18.65 15.36
N ASP B 76 15.92 19.08 16.31
CA ASP B 76 15.82 20.48 16.81
C ASP B 76 16.20 21.47 15.71
N ASN B 77 16.78 21.00 14.63
CA ASN B 77 17.18 21.91 13.52
C ASN B 77 16.65 21.35 12.18
N PRO B 78 15.40 21.55 11.90
CA PRO B 78 14.77 21.06 10.63
C PRO B 78 15.50 21.62 9.40
N THR B 79 16.61 21.02 9.06
CA THR B 79 17.40 21.47 7.88
C THR B 79 17.21 20.47 6.74
N SER B 80 17.31 20.92 5.53
CA SER B 80 17.14 20.01 4.38
C SER B 80 18.19 18.88 4.46
N GLU B 81 19.28 19.13 5.13
CA GLU B 81 20.33 18.09 5.26
C GLU B 81 19.83 16.93 6.11
N GLU B 82 19.09 17.22 7.16
CA GLU B 82 18.57 16.13 8.03
C GLU B 82 17.38 15.45 7.35
N GLU B 83 16.58 16.19 6.63
CA GLU B 83 15.41 15.58 5.95
C GLU B 83 15.87 14.50 4.96
N VAL B 84 16.80 14.84 4.09
CA VAL B 84 17.28 13.83 3.11
C VAL B 84 17.94 12.68 3.85
N HIS B 85 18.77 12.97 4.81
CA HIS B 85 19.44 11.87 5.58
C HIS B 85 18.38 11.04 6.29
N ALA B 86 17.29 11.66 6.68
CA ALA B 86 16.22 10.90 7.39
C ALA B 86 15.60 9.86 6.46
N PHE B 87 15.41 10.19 5.20
CA PHE B 87 14.81 9.21 4.26
C PHE B 87 15.91 8.29 3.72
N GLU B 88 17.08 8.83 3.47
CA GLU B 88 18.18 7.99 2.94
C GLU B 88 18.61 6.98 4.01
N GLN B 89 18.70 7.41 5.24
CA GLN B 89 19.12 6.48 6.33
C GLN B 89 18.02 5.44 6.57
N GLY B 90 16.80 5.88 6.75
CA GLY B 90 15.67 4.93 6.99
C GLY B 90 14.66 5.53 7.95
N ALA B 91 13.92 6.52 7.50
CA ALA B 91 12.89 7.17 8.38
C ALA B 91 11.56 7.23 7.62
N ASP B 92 10.49 6.81 8.25
CA ASP B 92 9.17 6.84 7.55
C ASP B 92 8.68 8.28 7.51
N ASP B 93 8.94 9.04 8.54
CA ASP B 93 8.48 10.45 8.56
C ASP B 93 9.40 11.27 9.47
N TYR B 94 9.47 12.56 9.23
CA TYR B 94 10.34 13.45 10.09
C TYR B 94 9.49 14.55 10.69
N ILE B 95 9.71 14.88 11.94
CA ILE B 95 8.92 15.97 12.60
C ILE B 95 9.86 16.97 13.31
N ALA B 96 9.55 18.23 13.22
CA ALA B 96 10.40 19.23 13.92
C ALA B 96 10.38 18.88 15.41
N LYS B 97 11.50 18.82 16.05
CA LYS B 97 11.51 18.43 17.49
C LYS B 97 10.73 19.43 18.32
N PRO B 98 10.86 20.69 18.07
CA PRO B 98 10.18 21.67 18.93
C PRO B 98 8.68 21.40 19.04
N TYR B 99 8.21 20.34 18.43
CA TYR B 99 6.78 19.99 18.51
C TYR B 99 5.92 21.18 18.06
N ARG B 100 5.35 21.11 16.89
CA ARG B 100 4.50 22.24 16.41
C ARG B 100 3.33 22.43 17.38
N SER B 101 2.82 21.35 17.92
CA SER B 101 1.67 21.48 18.88
C SER B 101 1.34 20.13 19.49
N ILE B 102 2.31 19.32 19.79
CA ILE B 102 2.02 17.98 20.41
C ILE B 102 0.96 17.24 19.58
N LYS B 103 -0.26 17.69 19.62
CA LYS B 103 -1.31 17.02 18.83
C LYS B 103 -0.86 16.95 17.38
N ALA B 104 0.07 17.80 17.03
CA ALA B 104 0.59 17.81 15.63
C ALA B 104 1.12 16.42 15.26
N LEU B 105 2.15 15.96 15.92
CA LEU B 105 2.70 14.63 15.57
C LEU B 105 1.65 13.55 15.84
N VAL B 106 0.84 13.70 16.85
CA VAL B 106 -0.21 12.67 17.12
C VAL B 106 -1.14 12.58 15.92
N ALA B 107 -1.52 13.71 15.38
CA ALA B 107 -2.41 13.68 14.19
C ALA B 107 -1.74 12.84 13.10
N ARG B 108 -0.46 13.03 12.93
CA ARG B 108 0.27 12.22 11.90
C ARG B 108 0.24 10.75 12.30
N ILE B 109 0.28 10.47 13.59
CA ILE B 109 0.24 9.06 14.03
C ILE B 109 -1.18 8.53 13.87
N GLU B 110 -2.14 9.41 13.94
CA GLU B 110 -3.55 8.96 13.78
C GLU B 110 -3.82 8.68 12.31
N ALA B 111 -3.64 9.64 11.46
CA ALA B 111 -3.88 9.42 10.00
C ALA B 111 -3.19 8.12 9.56
N ARG B 112 -1.99 7.91 10.00
CA ARG B 112 -1.27 6.67 9.61
C ARG B 112 -2.05 5.45 10.12
N LEU B 113 -2.52 5.50 11.34
CA LEU B 113 -3.30 4.35 11.91
C LEU B 113 -4.54 4.88 12.62
N ARG B 114 -5.54 5.28 11.89
CA ARG B 114 -6.78 5.80 12.53
C ARG B 114 -7.50 4.67 13.26
N PHE B 115 -7.78 3.60 12.57
CA PHE B 115 -8.49 2.45 13.23
C PHE B 115 -7.46 1.45 13.77
N TRP B 116 -6.87 0.66 12.90
CA TRP B 116 -5.85 -0.33 13.38
C TRP B 116 -5.02 -0.81 12.18
N GLY B 117 -4.17 -1.77 12.39
CA GLY B 117 -3.33 -2.28 11.26
C GLY B 117 -4.24 -2.73 10.13
N SER B 118 -3.66 -3.14 9.02
CA SER B 118 -4.48 -3.59 7.84
C SER B 118 -3.99 -4.96 7.39
N ASN B 119 -4.62 -5.49 6.38
CA ASN B 119 -4.24 -6.85 5.91
C ASN B 119 -4.58 -6.97 4.42
N VAL B 120 -3.72 -7.59 3.64
CA VAL B 120 -4.00 -7.74 2.18
C VAL B 120 -4.85 -9.00 1.95
N ILE B 121 -4.57 -10.07 2.66
CA ILE B 121 -5.36 -11.33 2.48
C ILE B 121 -6.29 -11.50 3.69
N GLU B 122 -7.53 -11.83 3.46
CA GLU B 122 -8.47 -12.00 4.61
C GLU B 122 -9.63 -12.90 4.16
N ILE B 123 -9.94 -13.90 4.94
CA ILE B 123 -11.05 -14.82 4.56
C ILE B 123 -11.67 -15.40 5.84
N GLY B 124 -12.97 -15.37 5.95
CA GLY B 124 -13.62 -15.90 7.18
C GLY B 124 -13.06 -15.18 8.40
N ASP B 125 -12.89 -15.86 9.49
CA ASP B 125 -12.34 -15.21 10.71
C ASP B 125 -10.81 -15.22 10.64
N LEU B 126 -10.27 -15.71 9.56
CA LEU B 126 -8.78 -15.76 9.41
C LEU B 126 -8.32 -14.49 8.71
N THR B 127 -7.40 -13.79 9.29
CA THR B 127 -6.88 -12.53 8.66
C THR B 127 -5.36 -12.67 8.53
N ILE B 128 -4.79 -12.22 7.44
CA ILE B 128 -3.31 -12.35 7.26
C ILE B 128 -2.76 -11.12 6.54
N SER B 129 -1.71 -10.55 7.09
CA SER B 129 -1.08 -9.34 6.47
C SER B 129 0.35 -9.71 6.03
N PRO B 130 0.55 -10.13 4.80
CA PRO B 130 1.92 -10.51 4.33
C PRO B 130 2.82 -9.29 4.15
N ASP B 131 2.24 -8.15 3.87
CA ASP B 131 3.08 -6.92 3.70
C ASP B 131 3.69 -6.56 5.06
N GLU B 132 2.92 -6.65 6.10
CA GLU B 132 3.46 -6.31 7.46
C GLU B 132 4.11 -7.56 8.07
N GLU B 133 4.21 -8.62 7.31
CA GLU B 133 4.82 -9.86 7.85
C GLU B 133 4.17 -10.22 9.18
N LYS B 134 2.86 -10.34 9.21
CA LYS B 134 2.16 -10.69 10.47
C LYS B 134 0.88 -11.46 10.16
N ILE B 135 0.51 -12.39 11.01
CA ILE B 135 -0.74 -13.20 10.78
C ILE B 135 -1.59 -13.20 12.05
N ILE B 136 -2.89 -13.14 11.90
CA ILE B 136 -3.81 -13.15 13.08
C ILE B 136 -4.89 -14.20 12.89
N TYR B 137 -5.03 -15.11 13.82
CA TYR B 137 -6.07 -16.18 13.71
C TYR B 137 -6.67 -16.46 15.09
N LYS B 138 -7.90 -16.91 15.13
CA LYS B 138 -8.56 -17.21 16.43
C LYS B 138 -8.53 -15.98 17.34
N GLY B 139 -8.23 -14.83 16.78
CA GLY B 139 -8.21 -13.58 17.61
C GLY B 139 -6.81 -13.36 18.20
N ARG B 140 -5.97 -14.36 18.20
CA ARG B 140 -4.60 -14.18 18.76
C ARG B 140 -3.68 -13.64 17.66
N GLU B 141 -2.76 -12.77 18.00
CA GLU B 141 -1.84 -12.20 16.97
C GLU B 141 -0.46 -12.86 17.07
N VAL B 142 0.14 -13.17 15.95
CA VAL B 142 1.49 -13.80 15.95
C VAL B 142 2.35 -13.16 14.86
N GLU B 143 3.57 -12.81 15.17
CA GLU B 143 4.47 -12.16 14.15
C GLU B 143 5.49 -13.18 13.66
N VAL B 144 5.73 -13.22 12.37
CA VAL B 144 6.72 -14.19 11.80
C VAL B 144 7.51 -13.49 10.69
N LYS B 145 8.68 -13.97 10.38
CA LYS B 145 9.48 -13.33 9.31
C LYS B 145 10.72 -14.18 9.00
N GLY B 146 10.57 -15.48 9.02
CA GLY B 146 11.74 -16.38 8.72
C GLY B 146 11.29 -17.46 7.73
N LYS B 147 11.48 -18.70 8.07
CA LYS B 147 11.08 -19.80 7.15
C LYS B 147 9.54 -20.00 7.17
N PRO B 148 8.89 -19.80 8.30
CA PRO B 148 7.42 -20.01 8.39
C PRO B 148 6.63 -18.76 7.96
N PHE B 149 7.31 -17.81 7.35
CA PHE B 149 6.62 -16.57 6.88
C PHE B 149 6.59 -16.57 5.34
N GLU B 150 7.71 -16.81 4.71
CA GLU B 150 7.75 -16.79 3.22
C GLU B 150 6.83 -17.86 2.63
N VAL B 151 6.91 -19.07 3.10
CA VAL B 151 6.04 -20.15 2.54
C VAL B 151 4.59 -19.93 2.97
N LEU B 152 4.39 -19.54 4.20
CA LEU B 152 2.99 -19.33 4.68
C LEU B 152 2.35 -18.15 3.93
N THR B 153 3.08 -17.11 3.68
CA THR B 153 2.50 -15.96 2.95
C THR B 153 2.44 -16.28 1.45
N HIS B 154 3.18 -17.25 1.00
CA HIS B 154 3.16 -17.58 -0.46
C HIS B 154 1.83 -18.23 -0.81
N LEU B 155 1.46 -19.28 -0.11
CA LEU B 155 0.17 -19.95 -0.43
C LEU B 155 -0.99 -19.10 0.10
N ALA B 156 -0.73 -18.23 1.05
CA ALA B 156 -1.84 -17.39 1.57
C ALA B 156 -2.36 -16.50 0.45
N ARG B 157 -1.50 -15.73 -0.18
CA ARG B 157 -1.99 -14.87 -1.29
C ARG B 157 -2.49 -15.76 -2.42
N HIS B 158 -1.67 -16.69 -2.85
CA HIS B 158 -2.08 -17.60 -3.97
C HIS B 158 -2.83 -18.82 -3.41
N ARG B 159 -3.71 -18.62 -2.47
CA ARG B 159 -4.46 -19.78 -1.89
C ARG B 159 -5.17 -20.52 -3.02
N ASP B 160 -6.27 -19.99 -3.49
CA ASP B 160 -7.02 -20.66 -4.59
C ASP B 160 -6.16 -20.67 -5.86
N GLN B 161 -5.27 -21.61 -5.97
CA GLN B 161 -4.41 -21.68 -7.18
C GLN B 161 -3.63 -22.99 -7.18
N ILE B 162 -3.23 -23.47 -8.33
CA ILE B 162 -2.47 -24.74 -8.38
C ILE B 162 -1.03 -24.47 -7.95
N VAL B 163 -0.65 -24.96 -6.79
CA VAL B 163 0.75 -24.75 -6.30
C VAL B 163 1.58 -26.00 -6.58
N SER B 164 2.69 -25.87 -7.27
CA SER B 164 3.54 -27.06 -7.58
C SER B 164 4.74 -27.12 -6.63
N LYS B 165 5.56 -28.13 -6.76
CA LYS B 165 6.75 -28.26 -5.86
C LYS B 165 7.80 -27.20 -6.24
N GLU B 166 8.22 -27.21 -7.48
CA GLU B 166 9.23 -26.23 -7.93
C GLU B 166 8.74 -24.81 -7.63
N GLN B 167 7.44 -24.61 -7.61
CA GLN B 167 6.91 -23.25 -7.32
C GLN B 167 7.39 -22.80 -5.95
N LEU B 168 7.21 -23.62 -4.94
CA LEU B 168 7.66 -23.22 -3.58
C LEU B 168 9.15 -22.96 -3.58
N LEU B 169 9.91 -23.68 -4.34
CA LEU B 169 11.37 -23.40 -4.33
C LEU B 169 11.62 -21.99 -4.92
N ASP B 170 11.50 -21.80 -6.23
CA ASP B 170 11.71 -20.41 -6.83
C ASP B 170 11.04 -19.36 -5.98
N ALA B 171 10.09 -19.76 -5.20
CA ALA B 171 9.38 -18.80 -4.36
C ALA B 171 10.10 -18.62 -3.01
N ILE B 172 10.86 -19.61 -2.58
CA ILE B 172 11.56 -19.51 -1.26
C ILE B 172 13.10 -19.46 -1.46
N TRP B 173 13.62 -19.89 -2.59
CA TRP B 173 15.12 -19.80 -2.78
C TRP B 173 15.52 -18.36 -2.48
N GLU B 174 15.92 -18.11 -1.28
CA GLU B 174 16.29 -16.75 -0.88
C GLU B 174 16.77 -16.84 0.56
N GLU B 175 17.40 -15.81 1.06
CA GLU B 175 17.93 -15.88 2.45
C GLU B 175 18.98 -17.00 2.47
N PRO B 176 19.96 -16.94 3.36
CA PRO B 176 21.05 -17.96 3.41
C PRO B 176 20.59 -19.36 3.03
N GLU B 177 20.48 -19.61 1.74
CA GLU B 177 20.06 -20.94 1.19
C GLU B 177 19.40 -21.82 2.26
N MET B 178 18.09 -21.84 2.29
CA MET B 178 17.35 -22.66 3.29
C MET B 178 16.70 -23.85 2.57
N VAL B 179 17.22 -24.20 1.41
CA VAL B 179 16.65 -25.34 0.62
C VAL B 179 17.66 -26.50 0.62
N THR B 180 17.19 -27.71 0.89
CA THR B 180 18.10 -28.90 0.92
C THR B 180 17.57 -29.94 -0.09
N PRO B 181 18.42 -30.85 -0.50
CA PRO B 181 18.05 -31.92 -1.46
C PRO B 181 16.63 -32.48 -1.23
N ASN B 182 15.72 -32.21 -2.13
CA ASN B 182 14.34 -32.76 -1.97
C ASN B 182 13.81 -32.49 -0.57
N VAL B 183 13.99 -31.30 -0.06
CA VAL B 183 13.50 -30.98 1.30
C VAL B 183 11.97 -30.79 1.26
N ILE B 184 11.41 -30.45 0.13
CA ILE B 184 9.94 -30.23 0.04
C ILE B 184 9.19 -31.41 0.66
N GLU B 185 9.64 -32.61 0.45
CA GLU B 185 8.94 -33.79 1.04
C GLU B 185 8.77 -33.60 2.55
N VAL B 186 9.86 -33.49 3.26
CA VAL B 186 9.80 -33.31 4.73
C VAL B 186 9.17 -31.96 5.08
N ALA B 187 9.50 -30.93 4.36
CA ALA B 187 8.94 -29.58 4.68
C ALA B 187 7.41 -29.55 4.46
N ILE B 188 6.95 -29.84 3.28
CA ILE B 188 5.48 -29.80 3.04
C ILE B 188 4.76 -30.71 4.03
N ASN B 189 5.36 -31.80 4.40
CA ASN B 189 4.70 -32.73 5.37
C ASN B 189 4.40 -31.98 6.69
N GLN B 190 5.41 -31.44 7.31
CA GLN B 190 5.19 -30.72 8.59
C GLN B 190 4.41 -29.44 8.37
N ILE B 191 4.69 -28.70 7.33
CA ILE B 191 3.94 -27.45 7.09
C ILE B 191 2.45 -27.77 7.04
N ARG B 192 2.09 -28.88 6.45
CA ARG B 192 0.65 -29.25 6.36
C ARG B 192 0.09 -29.50 7.76
N GLN B 193 0.77 -30.27 8.57
CA GLN B 193 0.25 -30.57 9.94
C GLN B 193 0.47 -29.38 10.89
N LYS B 194 1.37 -28.48 10.56
CA LYS B 194 1.64 -27.32 11.46
C LYS B 194 0.75 -26.13 11.09
N MET B 195 0.24 -26.07 9.89
CA MET B 195 -0.61 -24.91 9.49
C MET B 195 -2.08 -25.20 9.85
N ASP B 196 -2.51 -26.42 9.69
CA ASP B 196 -3.93 -26.76 10.03
C ASP B 196 -4.23 -26.42 11.49
N LYS B 197 -3.34 -26.76 12.38
CA LYS B 197 -3.59 -26.48 13.83
C LYS B 197 -3.99 -25.00 14.02
N PRO B 198 -3.12 -24.06 13.74
CA PRO B 198 -3.43 -22.61 13.90
C PRO B 198 -4.53 -22.13 12.94
N LEU B 199 -4.58 -22.68 11.75
CA LEU B 199 -5.61 -22.23 10.78
C LEU B 199 -6.99 -22.67 11.25
N GLY B 200 -7.11 -23.89 11.72
CA GLY B 200 -8.44 -24.38 12.20
C GLY B 200 -9.17 -25.09 11.05
N ILE B 201 -9.17 -24.51 9.88
CA ILE B 201 -9.86 -25.15 8.70
C ILE B 201 -8.81 -25.63 7.71
N SER B 202 -8.96 -26.83 7.21
CA SER B 202 -7.97 -27.36 6.23
C SER B 202 -8.25 -26.75 4.85
N THR B 203 -7.22 -26.32 4.16
CA THR B 203 -7.42 -25.72 2.82
C THR B 203 -6.26 -26.14 1.91
N VAL B 204 -5.89 -27.38 1.94
CA VAL B 204 -4.75 -27.86 1.09
C VAL B 204 -5.10 -29.23 0.50
N GLU B 205 -4.73 -29.46 -0.74
CA GLU B 205 -5.00 -30.78 -1.40
C GLU B 205 -3.68 -31.34 -1.93
N THR B 206 -3.23 -32.45 -1.40
CA THR B 206 -1.95 -33.05 -1.88
C THR B 206 -2.26 -34.14 -2.91
N VAL B 207 -1.71 -34.02 -4.09
CA VAL B 207 -1.96 -35.06 -5.14
C VAL B 207 -0.68 -35.28 -5.96
N ARG B 208 -0.44 -36.50 -6.37
CA ARG B 208 0.79 -36.79 -7.16
C ARG B 208 0.78 -35.98 -8.46
N ARG B 209 -0.37 -35.78 -9.05
CA ARG B 209 -0.42 -35.00 -10.31
C ARG B 209 -0.01 -33.56 -10.05
N ARG B 210 0.70 -32.97 -10.98
CA ARG B 210 1.13 -31.56 -10.82
C ARG B 210 1.92 -31.41 -9.51
N GLY B 211 1.25 -31.27 -8.41
CA GLY B 211 1.98 -31.14 -7.11
C GLY B 211 0.98 -31.01 -5.96
N TYR B 212 0.71 -29.81 -5.51
CA TYR B 212 -0.24 -29.60 -4.39
C TYR B 212 -1.23 -28.49 -4.78
N ARG B 213 -2.48 -28.83 -4.90
CA ARG B 213 -3.50 -27.81 -5.30
C ARG B 213 -4.13 -27.19 -4.05
N PHE B 214 -4.15 -25.87 -3.99
CA PHE B 214 -4.76 -25.18 -2.82
C PHE B 214 -6.15 -24.67 -3.23
N CYS B 215 -7.18 -25.10 -2.53
CA CYS B 215 -8.57 -24.67 -2.89
C CYS B 215 -9.33 -24.25 -1.63
N TYR B 216 -10.43 -23.55 -1.78
CA TYR B 216 -11.21 -23.10 -0.61
C TYR B 216 -12.08 -24.26 -0.09
N PRO B 217 -12.38 -24.32 1.18
CA PRO B 217 -13.21 -25.41 1.77
C PRO B 217 -14.70 -25.21 1.49
N LYS B 218 -15.45 -24.74 2.45
CA LYS B 218 -16.92 -24.51 2.25
C LYS B 218 -17.14 -23.08 1.76
N PRO B 219 -18.22 -22.82 1.04
CA PRO B 219 -18.53 -21.46 0.52
C PRO B 219 -18.16 -20.34 1.51
N ALA B 220 -18.10 -20.65 2.78
CA ALA B 220 -17.74 -19.61 3.78
C ALA B 220 -18.63 -18.37 3.59
N CYS B 221 -19.88 -18.58 3.23
CA CYS B 221 -20.79 -17.42 3.03
C CYS B 221 -21.39 -16.99 4.37
N GLU B 222 -21.44 -15.71 4.64
CA GLU B 222 -22.01 -15.24 5.93
C GLU B 222 -23.46 -15.72 6.05
N GLU B 223 -23.85 -16.18 7.22
CA GLU B 223 -25.25 -16.65 7.42
C GLU B 223 -25.63 -17.60 6.26
N MET A 1 4.70 8.40 -15.97
CA MET A 1 3.95 9.18 -14.94
C MET A 1 4.12 10.67 -15.20
N ARG A 2 3.29 11.49 -14.60
CA ARG A 2 3.40 12.98 -14.81
C ARG A 2 3.21 13.69 -13.48
N VAL A 3 3.85 14.83 -13.32
CA VAL A 3 3.74 15.59 -12.03
C VAL A 3 3.12 16.96 -12.31
N LEU A 4 2.05 17.29 -11.62
CA LEU A 4 1.40 18.63 -11.84
C LEU A 4 1.94 19.60 -10.78
N LEU A 5 2.49 20.71 -11.22
CA LEU A 5 3.05 21.73 -10.27
C LEU A 5 2.32 23.06 -10.47
N ILE A 6 1.75 23.60 -9.43
CA ILE A 6 1.02 24.91 -9.56
C ILE A 6 1.85 26.00 -8.86
N GLU A 7 2.50 26.84 -9.61
CA GLU A 7 3.32 27.93 -8.99
C GLU A 7 3.11 29.24 -9.75
N LYS A 8 2.68 30.27 -9.08
CA LYS A 8 2.46 31.58 -9.76
C LYS A 8 3.78 32.36 -9.80
N ASN A 9 4.74 31.93 -9.04
CA ASN A 9 6.06 32.65 -9.02
C ASN A 9 6.76 32.44 -10.37
N SER A 10 8.03 32.17 -10.35
CA SER A 10 8.78 31.95 -11.63
C SER A 10 10.05 31.15 -11.37
N VAL A 11 10.97 31.68 -10.60
CA VAL A 11 12.22 30.94 -10.32
C VAL A 11 11.93 29.75 -9.41
N LEU A 12 11.08 29.92 -8.44
CA LEU A 12 10.76 28.78 -7.52
C LEU A 12 10.07 27.68 -8.30
N GLY A 13 9.25 28.02 -9.26
CA GLY A 13 8.56 26.99 -10.06
C GLY A 13 9.51 26.50 -11.15
N GLY A 14 10.32 27.37 -11.67
CA GLY A 14 11.27 26.97 -12.73
C GLY A 14 12.32 26.01 -12.16
N GLU A 15 12.85 26.29 -11.00
CA GLU A 15 13.87 25.39 -10.42
C GLU A 15 13.20 24.06 -10.04
N ILE A 16 12.05 24.09 -9.44
CA ILE A 16 11.37 22.82 -9.08
C ILE A 16 10.99 22.08 -10.38
N GLU A 17 10.37 22.77 -11.30
CA GLU A 17 9.97 22.12 -12.58
C GLU A 17 11.15 21.30 -13.13
N LYS A 18 12.27 21.92 -13.33
CA LYS A 18 13.46 21.17 -13.87
C LYS A 18 14.20 20.52 -12.71
N GLY A 19 13.68 20.63 -11.52
CA GLY A 19 14.35 20.02 -10.35
C GLY A 19 14.04 18.52 -10.29
N LEU A 20 12.80 18.18 -10.05
CA LEU A 20 12.44 16.73 -9.98
C LEU A 20 12.64 16.08 -11.35
N ASN A 21 12.62 16.85 -12.40
CA ASN A 21 12.81 16.26 -13.76
C ASN A 21 14.15 15.52 -13.80
N VAL A 22 15.12 16.01 -13.08
CA VAL A 22 16.46 15.34 -13.07
C VAL A 22 16.29 13.89 -12.61
N LYS A 23 15.36 13.63 -11.73
CA LYS A 23 15.15 12.24 -11.25
C LYS A 23 14.54 11.39 -12.38
N GLY A 24 14.37 11.98 -13.54
CA GLY A 24 13.80 11.21 -14.69
C GLY A 24 12.26 11.22 -14.63
N PHE A 25 11.70 12.32 -14.19
CA PHE A 25 10.20 12.43 -14.10
C PHE A 25 9.72 13.58 -14.99
N MET A 26 8.47 13.58 -15.35
CA MET A 26 7.92 14.67 -16.21
C MET A 26 7.11 15.62 -15.32
N ALA A 27 7.25 16.90 -15.51
CA ALA A 27 6.49 17.86 -14.65
C ALA A 27 6.06 19.07 -15.47
N ASP A 28 5.07 19.79 -15.00
CA ASP A 28 4.59 21.00 -15.74
C ASP A 28 4.23 22.09 -14.72
N VAL A 29 4.26 23.34 -15.14
CA VAL A 29 3.92 24.46 -14.22
C VAL A 29 2.57 25.06 -14.64
N THR A 30 1.74 25.40 -13.69
CA THR A 30 0.41 25.99 -14.02
C THR A 30 0.16 27.21 -13.13
N GLU A 31 -0.82 28.02 -13.47
CA GLU A 31 -1.12 29.23 -12.64
C GLU A 31 -2.18 28.88 -11.60
N SER A 32 -3.40 29.29 -11.81
CA SER A 32 -4.48 28.99 -10.82
C SER A 32 -4.97 27.55 -11.00
N LEU A 33 -5.70 27.05 -10.03
CA LEU A 33 -6.21 25.65 -10.12
C LEU A 33 -6.94 25.46 -11.44
N GLU A 34 -7.58 26.47 -11.95
CA GLU A 34 -8.32 26.34 -13.23
C GLU A 34 -7.43 25.65 -14.28
N ASP A 35 -6.23 26.14 -14.46
CA ASP A 35 -5.33 25.51 -15.46
C ASP A 35 -5.07 24.05 -15.08
N GLY A 36 -4.93 23.78 -13.82
CA GLY A 36 -4.68 22.37 -13.38
C GLY A 36 -5.98 21.58 -13.42
N GLU A 37 -7.08 22.20 -13.07
CA GLU A 37 -8.37 21.47 -13.07
C GLU A 37 -8.74 21.06 -14.49
N TYR A 38 -8.50 21.91 -15.46
CA TYR A 38 -8.84 21.56 -16.87
C TYR A 38 -7.73 20.70 -17.46
N LEU A 39 -6.49 21.02 -17.17
CA LEU A 39 -5.37 20.22 -17.72
C LEU A 39 -5.40 18.81 -17.13
N MET A 40 -5.63 18.69 -15.86
CA MET A 40 -5.67 17.33 -15.23
C MET A 40 -6.91 16.57 -15.71
N ASP A 41 -7.94 17.27 -16.08
CA ASP A 41 -9.17 16.58 -16.56
C ASP A 41 -8.88 15.85 -17.88
N ILE A 42 -8.11 16.45 -18.75
CA ILE A 42 -7.79 15.78 -20.04
C ILE A 42 -6.62 14.82 -19.87
N ARG A 43 -5.77 15.07 -18.90
CA ARG A 43 -4.59 14.16 -18.66
C ARG A 43 -4.55 13.76 -17.18
N ASN A 44 -4.27 12.52 -16.90
CA ASN A 44 -4.21 12.06 -15.49
C ASN A 44 -2.78 12.19 -14.97
N TYR A 45 -2.60 12.85 -13.85
CA TYR A 45 -1.22 13.01 -13.27
C TYR A 45 -1.07 12.09 -12.06
N ASP A 46 0.07 11.49 -11.89
CA ASP A 46 0.27 10.58 -10.72
C ASP A 46 0.56 11.40 -9.47
N LEU A 47 1.28 12.48 -9.61
CA LEU A 47 1.61 13.35 -8.42
C LEU A 47 1.13 14.77 -8.70
N VAL A 48 0.16 15.24 -7.95
CA VAL A 48 -0.32 16.64 -8.16
C VAL A 48 0.12 17.50 -6.99
N MET A 49 1.11 18.33 -7.21
CA MET A 49 1.63 19.21 -6.14
C MET A 49 1.12 20.63 -6.41
N VAL A 50 0.60 21.29 -5.41
CA VAL A 50 0.05 22.67 -5.60
C VAL A 50 0.64 23.62 -4.55
N SER A 51 1.17 24.73 -5.00
CA SER A 51 1.75 25.73 -4.05
C SER A 51 0.70 26.81 -3.75
N ASP A 52 -0.48 26.66 -4.27
CA ASP A 52 -1.54 27.68 -4.03
C ASP A 52 -2.11 27.48 -2.62
N LYS A 53 -2.57 28.54 -2.00
CA LYS A 53 -3.14 28.43 -0.61
C LYS A 53 -4.61 28.03 -0.67
N ASN A 54 -5.36 28.58 -1.60
CA ASN A 54 -6.80 28.24 -1.69
C ASN A 54 -6.97 26.81 -2.20
N ALA A 55 -5.90 26.06 -2.23
CA ALA A 55 -5.97 24.66 -2.74
C ALA A 55 -6.62 23.75 -1.69
N LEU A 56 -6.62 24.15 -0.44
CA LEU A 56 -7.23 23.30 0.63
C LEU A 56 -8.52 22.66 0.15
N SER A 57 -9.44 23.43 -0.35
CA SER A 57 -10.72 22.84 -0.84
C SER A 57 -10.43 21.97 -2.07
N PHE A 58 -9.50 22.39 -2.88
CA PHE A 58 -9.15 21.60 -4.09
C PHE A 58 -8.60 20.23 -3.68
N VAL A 59 -7.50 20.19 -3.00
CA VAL A 59 -6.93 18.87 -2.59
C VAL A 59 -8.03 18.02 -1.95
N SER A 60 -8.96 18.64 -1.29
CA SER A 60 -10.05 17.87 -0.65
C SER A 60 -10.81 17.07 -1.72
N ARG A 61 -11.25 17.70 -2.76
CA ARG A 61 -11.99 16.96 -3.82
C ARG A 61 -11.03 16.01 -4.54
N ILE A 62 -9.78 16.36 -4.65
CA ILE A 62 -8.82 15.46 -5.36
C ILE A 62 -8.78 14.08 -4.69
N LYS A 63 -8.73 14.05 -3.39
CA LYS A 63 -8.65 12.73 -2.69
C LYS A 63 -10.01 12.00 -2.72
N GLU A 64 -11.08 12.65 -2.37
CA GLU A 64 -12.39 11.94 -2.38
C GLU A 64 -12.74 11.49 -3.81
N LYS A 65 -12.40 12.28 -4.80
CA LYS A 65 -12.70 11.88 -6.21
C LYS A 65 -11.49 11.13 -6.78
N HIS A 66 -10.32 11.70 -6.66
CA HIS A 66 -9.09 11.03 -7.21
C HIS A 66 -8.23 10.49 -6.06
N SER A 67 -8.75 9.56 -5.30
CA SER A 67 -7.96 8.99 -4.17
C SER A 67 -6.74 8.24 -4.70
N SER A 68 -6.83 7.70 -5.89
CA SER A 68 -5.69 6.93 -6.46
C SER A 68 -4.47 7.84 -6.66
N ILE A 69 -4.68 9.10 -6.93
CA ILE A 69 -3.53 10.02 -7.15
C ILE A 69 -3.01 10.56 -5.81
N VAL A 70 -1.74 10.84 -5.73
CA VAL A 70 -1.15 11.38 -4.47
C VAL A 70 -1.26 12.90 -4.49
N VAL A 71 -1.21 13.55 -3.35
CA VAL A 71 -1.33 15.04 -3.31
C VAL A 71 -0.29 15.62 -2.35
N LEU A 72 0.44 16.59 -2.80
CA LEU A 72 1.49 17.24 -1.97
C LEU A 72 1.24 18.75 -1.99
N VAL A 73 0.65 19.27 -0.95
CA VAL A 73 0.36 20.73 -0.90
C VAL A 73 1.46 21.43 -0.13
N SER A 74 1.68 22.70 -0.39
CA SER A 74 2.74 23.46 0.35
C SER A 74 2.08 24.61 1.13
N SER A 75 2.81 25.24 2.01
CA SER A 75 2.20 26.34 2.82
C SER A 75 3.31 27.12 3.55
N ASP A 76 3.41 28.39 3.29
CA ASP A 76 4.47 29.22 3.94
C ASP A 76 4.09 29.50 5.40
N ASN A 77 3.21 28.71 5.96
CA ASN A 77 2.80 28.94 7.39
C ASN A 77 2.58 27.60 8.09
N PRO A 78 3.59 26.77 8.14
CA PRO A 78 3.49 25.42 8.78
C PRO A 78 3.06 25.51 10.25
N THR A 79 1.77 25.62 10.46
CA THR A 79 1.21 25.69 11.84
C THR A 79 0.38 24.43 12.09
N SER A 80 0.29 24.00 13.31
CA SER A 80 -0.51 22.76 13.60
C SER A 80 -1.92 22.92 13.03
N GLU A 81 -2.40 24.13 12.90
CA GLU A 81 -3.77 24.33 12.35
C GLU A 81 -3.82 23.82 10.90
N GLU A 82 -2.87 24.19 10.09
CA GLU A 82 -2.88 23.74 8.67
C GLU A 82 -2.52 22.25 8.60
N GLU A 83 -1.71 21.78 9.51
CA GLU A 83 -1.31 20.34 9.49
C GLU A 83 -2.55 19.45 9.66
N VAL A 84 -3.30 19.65 10.71
CA VAL A 84 -4.50 18.81 10.93
C VAL A 84 -5.50 19.05 9.81
N HIS A 85 -5.60 20.26 9.33
CA HIS A 85 -6.57 20.55 8.23
C HIS A 85 -6.03 19.97 6.91
N ALA A 86 -4.75 19.71 6.84
CA ALA A 86 -4.19 19.16 5.57
C ALA A 86 -4.52 17.67 5.44
N PHE A 87 -4.39 16.93 6.51
CA PHE A 87 -4.71 15.47 6.45
C PHE A 87 -6.21 15.28 6.59
N GLU A 88 -6.87 16.16 7.29
CA GLU A 88 -8.33 16.02 7.47
C GLU A 88 -9.05 16.44 6.19
N GLN A 89 -8.62 17.49 5.55
CA GLN A 89 -9.29 17.94 4.30
C GLN A 89 -9.01 16.95 3.16
N GLY A 90 -7.78 16.56 3.00
CA GLY A 90 -7.43 15.59 1.91
C GLY A 90 -6.05 15.91 1.34
N ALA A 91 -5.01 15.67 2.11
CA ALA A 91 -3.62 15.93 1.62
C ALA A 91 -2.74 14.72 1.94
N ASP A 92 -2.02 14.20 0.99
CA ASP A 92 -1.16 13.03 1.28
C ASP A 92 0.04 13.49 2.10
N ASP A 93 0.60 14.62 1.76
CA ASP A 93 1.76 15.14 2.50
C ASP A 93 1.79 16.67 2.39
N TYR A 94 2.38 17.34 3.34
CA TYR A 94 2.44 18.83 3.32
C TYR A 94 3.90 19.27 3.51
N ILE A 95 4.38 20.16 2.66
CA ILE A 95 5.80 20.63 2.78
C ILE A 95 5.84 22.16 3.04
N ALA A 96 6.75 22.60 3.85
CA ALA A 96 6.84 24.07 4.13
C ALA A 96 7.12 24.77 2.79
N LYS A 97 6.25 25.66 2.38
CA LYS A 97 6.46 26.37 1.08
C LYS A 97 7.91 26.81 0.91
N PRO A 98 8.49 27.54 1.84
CA PRO A 98 9.85 28.05 1.69
C PRO A 98 10.81 27.06 0.99
N TYR A 99 10.40 25.84 0.84
CA TYR A 99 11.25 24.82 0.16
C TYR A 99 12.59 24.69 0.90
N ARG A 100 12.77 23.66 1.68
CA ARG A 100 14.05 23.51 2.40
C ARG A 100 15.20 23.45 1.38
N SER A 101 15.08 22.61 0.39
CA SER A 101 16.17 22.52 -0.62
C SER A 101 15.76 21.60 -1.77
N ILE A 102 14.80 21.99 -2.56
CA ILE A 102 14.35 21.16 -3.74
C ILE A 102 14.41 19.65 -3.44
N LYS A 103 15.58 19.11 -3.28
CA LYS A 103 15.71 17.65 -2.98
C LYS A 103 14.73 17.29 -1.86
N ALA A 104 14.22 18.27 -1.17
CA ALA A 104 13.27 18.00 -0.06
C ALA A 104 12.02 17.28 -0.59
N LEU A 105 11.00 18.00 -0.95
CA LEU A 105 9.76 17.35 -1.44
C LEU A 105 10.09 16.34 -2.54
N VAL A 106 11.10 16.59 -3.34
CA VAL A 106 11.45 15.61 -4.41
C VAL A 106 11.92 14.31 -3.76
N ALA A 107 12.70 14.41 -2.72
CA ALA A 107 13.18 13.17 -2.04
C ALA A 107 11.97 12.36 -1.58
N ARG A 108 10.96 13.04 -1.09
CA ARG A 108 9.74 12.31 -0.65
C ARG A 108 9.04 11.72 -1.86
N ILE A 109 9.14 12.37 -2.99
CA ILE A 109 8.49 11.84 -4.21
C ILE A 109 9.32 10.66 -4.72
N GLU A 110 10.61 10.73 -4.57
CA GLU A 110 11.49 9.63 -5.02
C GLU A 110 11.35 8.46 -4.05
N ALA A 111 11.63 8.68 -2.80
CA ALA A 111 11.53 7.58 -1.80
C ALA A 111 10.16 6.89 -1.95
N ARG A 112 9.15 7.65 -2.25
CA ARG A 112 7.80 7.05 -2.42
C ARG A 112 7.77 6.15 -3.66
N LEU A 113 8.41 6.57 -4.73
CA LEU A 113 8.41 5.74 -5.99
C LEU A 113 9.83 5.64 -6.56
N ARG A 114 10.71 4.94 -5.89
CA ARG A 114 12.09 4.80 -6.44
C ARG A 114 12.04 3.79 -7.60
N PHE A 115 11.32 2.70 -7.43
CA PHE A 115 11.21 1.68 -8.51
C PHE A 115 9.74 1.30 -8.68
N TRP A 116 8.96 2.18 -9.25
CA TRP A 116 7.52 1.89 -9.45
C TRP A 116 7.33 0.60 -10.24
N GLY A 117 6.10 0.24 -10.53
CA GLY A 117 5.85 -1.01 -11.30
C GLY A 117 5.51 -2.16 -10.35
N SER A 118 4.59 -3.01 -10.73
CA SER A 118 4.22 -4.16 -9.86
C SER A 118 3.50 -5.21 -10.70
N ASN A 119 2.38 -4.85 -11.27
CA ASN A 119 1.65 -5.83 -12.11
C ASN A 119 1.44 -7.13 -11.33
N VAL A 120 0.30 -7.29 -10.71
CA VAL A 120 0.05 -8.55 -9.94
C VAL A 120 -0.47 -9.63 -10.91
N ILE A 121 -0.96 -9.22 -12.06
CA ILE A 121 -1.50 -10.21 -13.04
C ILE A 121 -0.58 -10.27 -14.26
N GLU A 122 -0.10 -11.44 -14.60
CA GLU A 122 0.78 -11.59 -15.79
C GLU A 122 0.38 -12.87 -16.54
N ILE A 123 -0.22 -12.72 -17.69
CA ILE A 123 -0.66 -13.92 -18.48
C ILE A 123 -0.43 -13.66 -19.97
N GLY A 124 0.35 -14.50 -20.60
CA GLY A 124 0.62 -14.31 -22.06
C GLY A 124 1.21 -12.92 -22.29
N ASP A 125 0.94 -12.33 -23.43
CA ASP A 125 1.49 -10.97 -23.71
C ASP A 125 0.59 -9.91 -23.07
N LEU A 126 -0.34 -10.33 -22.25
CA LEU A 126 -1.28 -9.36 -21.60
C LEU A 126 -0.75 -9.06 -20.19
N THR A 127 -0.69 -7.80 -19.82
CA THR A 127 -0.21 -7.43 -18.44
C THR A 127 -1.23 -6.50 -17.80
N ILE A 128 -1.68 -6.80 -16.61
CA ILE A 128 -2.69 -5.92 -15.93
C ILE A 128 -2.27 -5.69 -14.48
N SER A 129 -2.35 -4.45 -14.04
CA SER A 129 -1.98 -4.09 -12.63
C SER A 129 -3.21 -3.51 -11.92
N PRO A 130 -4.00 -4.33 -11.25
CA PRO A 130 -5.22 -3.86 -10.54
C PRO A 130 -4.92 -3.17 -9.20
N ASP A 131 -3.82 -3.51 -8.59
CA ASP A 131 -3.46 -2.86 -7.30
C ASP A 131 -3.36 -1.36 -7.51
N GLU A 132 -2.77 -0.95 -8.61
CA GLU A 132 -2.64 0.52 -8.90
C GLU A 132 -3.78 0.92 -9.85
N GLU A 133 -4.69 0.03 -10.11
CA GLU A 133 -5.82 0.36 -11.02
C GLU A 133 -5.26 0.83 -12.36
N LYS A 134 -4.53 -0.02 -13.04
CA LYS A 134 -3.94 0.36 -14.35
C LYS A 134 -3.82 -0.87 -15.25
N ILE A 135 -3.94 -0.70 -16.54
CA ILE A 135 -3.82 -1.85 -17.49
C ILE A 135 -2.67 -1.61 -18.46
N ILE A 136 -1.90 -2.63 -18.76
CA ILE A 136 -0.75 -2.47 -19.70
C ILE A 136 -0.86 -3.51 -20.83
N TYR A 137 -0.83 -3.08 -22.05
CA TYR A 137 -0.94 -4.03 -23.20
C TYR A 137 0.00 -3.59 -24.33
N LYS A 138 0.50 -4.52 -25.09
CA LYS A 138 1.42 -4.16 -26.21
C LYS A 138 2.61 -3.35 -25.67
N GLY A 139 2.75 -3.28 -24.38
CA GLY A 139 3.90 -2.52 -23.79
C GLY A 139 3.50 -1.06 -23.57
N ARG A 140 2.23 -0.76 -23.63
CA ARG A 140 1.76 0.64 -23.43
C ARG A 140 1.11 0.76 -22.06
N GLU A 141 1.40 1.81 -21.34
CA GLU A 141 0.81 1.98 -19.97
C GLU A 141 -0.35 2.98 -20.03
N VAL A 142 -1.54 2.54 -19.69
CA VAL A 142 -2.72 3.46 -19.69
C VAL A 142 -3.57 3.18 -18.45
N GLU A 143 -3.96 4.22 -17.75
CA GLU A 143 -4.78 4.04 -16.51
C GLU A 143 -6.27 4.10 -16.84
N VAL A 144 -7.09 3.58 -15.96
CA VAL A 144 -8.57 3.61 -16.17
C VAL A 144 -9.24 3.83 -14.81
N LYS A 145 -10.27 4.61 -14.75
CA LYS A 145 -10.94 4.85 -13.43
C LYS A 145 -12.43 5.17 -13.63
N GLY A 146 -13.29 4.30 -13.20
CA GLY A 146 -14.76 4.53 -13.33
C GLY A 146 -15.52 3.31 -12.80
N LYS A 147 -16.78 3.19 -13.11
CA LYS A 147 -17.57 2.02 -12.61
C LYS A 147 -17.53 0.84 -13.60
N PRO A 148 -17.45 1.08 -14.89
CA PRO A 148 -17.42 -0.01 -15.90
C PRO A 148 -15.99 -0.50 -16.20
N PHE A 149 -15.08 -0.27 -15.30
CA PHE A 149 -13.66 -0.71 -15.50
C PHE A 149 -13.21 -1.56 -14.30
N GLU A 150 -13.74 -1.31 -13.14
CA GLU A 150 -13.34 -2.13 -11.96
C GLU A 150 -13.69 -3.59 -12.24
N VAL A 151 -14.76 -3.84 -12.93
CA VAL A 151 -15.13 -5.24 -13.24
C VAL A 151 -14.01 -5.87 -14.08
N LEU A 152 -13.39 -5.08 -14.91
CA LEU A 152 -12.28 -5.60 -15.76
C LEU A 152 -11.16 -6.08 -14.84
N THR A 153 -10.83 -5.30 -13.85
CA THR A 153 -9.74 -5.71 -12.91
C THR A 153 -10.21 -6.95 -12.13
N HIS A 154 -11.48 -6.99 -11.79
CA HIS A 154 -12.02 -8.14 -11.01
C HIS A 154 -11.70 -9.46 -11.72
N LEU A 155 -12.17 -9.64 -12.92
CA LEU A 155 -11.89 -10.92 -13.64
C LEU A 155 -10.39 -11.05 -13.90
N ALA A 156 -9.68 -9.96 -13.94
CA ALA A 156 -8.21 -10.06 -14.18
C ALA A 156 -7.58 -10.91 -13.07
N ARG A 157 -8.02 -10.75 -11.85
CA ARG A 157 -7.46 -11.56 -10.74
C ARG A 157 -8.20 -12.91 -10.65
N HIS A 158 -9.50 -12.87 -10.59
CA HIS A 158 -10.28 -14.13 -10.48
C HIS A 158 -10.26 -14.84 -11.84
N ARG A 159 -9.10 -14.99 -12.41
CA ARG A 159 -8.96 -15.64 -13.74
C ARG A 159 -9.06 -17.16 -13.62
N ASP A 160 -9.52 -17.68 -12.50
CA ASP A 160 -9.61 -19.16 -12.36
C ASP A 160 -10.80 -19.52 -11.45
N GLN A 161 -11.94 -18.94 -11.68
CA GLN A 161 -13.12 -19.25 -10.81
C GLN A 161 -14.42 -19.09 -11.61
N ILE A 162 -15.47 -19.74 -11.17
CA ILE A 162 -16.76 -19.63 -11.89
C ILE A 162 -17.53 -18.41 -11.38
N VAL A 163 -17.79 -17.45 -12.25
CA VAL A 163 -18.55 -16.23 -11.83
C VAL A 163 -19.96 -16.29 -12.45
N SER A 164 -20.97 -16.09 -11.65
CA SER A 164 -22.37 -16.15 -12.18
C SER A 164 -22.87 -14.73 -12.52
N LYS A 165 -23.98 -14.63 -13.20
CA LYS A 165 -24.53 -13.30 -13.57
C LYS A 165 -24.95 -12.54 -12.31
N GLU A 166 -25.79 -13.15 -11.51
CA GLU A 166 -26.25 -12.46 -10.26
C GLU A 166 -25.04 -12.09 -9.41
N GLN A 167 -24.01 -12.89 -9.44
CA GLN A 167 -22.80 -12.57 -8.63
C GLN A 167 -22.21 -11.25 -9.11
N LEU A 168 -22.15 -11.07 -10.41
CA LEU A 168 -21.59 -9.80 -10.96
C LEU A 168 -22.42 -8.62 -10.46
N LEU A 169 -23.72 -8.80 -10.38
CA LEU A 169 -24.59 -7.69 -9.91
C LEU A 169 -24.12 -7.24 -8.52
N ASP A 170 -24.12 -8.14 -7.58
CA ASP A 170 -23.70 -7.79 -6.19
C ASP A 170 -22.19 -7.47 -6.15
N ALA A 171 -21.42 -8.08 -7.01
CA ALA A 171 -19.94 -7.81 -6.99
C ALA A 171 -19.67 -6.32 -7.15
N ILE A 172 -19.95 -5.76 -8.31
CA ILE A 172 -19.69 -4.30 -8.52
C ILE A 172 -20.91 -3.49 -8.09
N TRP A 173 -22.08 -3.85 -8.55
CA TRP A 173 -23.30 -3.08 -8.17
C TRP A 173 -23.87 -3.68 -6.88
N GLU A 174 -23.22 -3.42 -5.78
CA GLU A 174 -23.71 -3.97 -4.48
C GLU A 174 -24.81 -3.07 -3.90
N GLU A 175 -25.47 -2.32 -4.73
CA GLU A 175 -26.57 -1.43 -4.23
C GLU A 175 -27.81 -2.30 -3.98
N PRO A 176 -28.86 -1.75 -3.40
CA PRO A 176 -30.11 -2.53 -3.11
C PRO A 176 -30.82 -2.99 -4.41
N GLU A 177 -30.07 -3.47 -5.37
CA GLU A 177 -30.71 -3.94 -6.64
C GLU A 177 -31.68 -2.85 -7.14
N MET A 178 -32.80 -3.25 -7.68
CA MET A 178 -33.78 -2.24 -8.18
C MET A 178 -33.09 -1.36 -9.22
N VAL A 179 -31.88 -1.70 -9.59
CA VAL A 179 -31.11 -0.90 -10.60
C VAL A 179 -31.02 -1.68 -11.90
N THR A 180 -32.09 -1.76 -12.65
CA THR A 180 -32.07 -2.50 -13.95
C THR A 180 -31.36 -3.85 -13.74
N PRO A 181 -32.10 -4.91 -13.48
CA PRO A 181 -31.49 -6.27 -13.24
C PRO A 181 -31.02 -6.95 -14.53
N ASN A 182 -31.74 -6.81 -15.60
CA ASN A 182 -31.30 -7.46 -16.88
C ASN A 182 -30.16 -6.65 -17.49
N VAL A 183 -29.67 -5.68 -16.78
CA VAL A 183 -28.56 -4.83 -17.31
C VAL A 183 -27.27 -5.65 -17.37
N ILE A 184 -27.21 -6.74 -16.65
CA ILE A 184 -25.97 -7.58 -16.66
C ILE A 184 -25.75 -8.14 -18.06
N GLU A 185 -26.79 -8.38 -18.81
CA GLU A 185 -26.61 -8.94 -20.18
C GLU A 185 -25.84 -7.97 -21.06
N VAL A 186 -26.17 -6.71 -21.02
CA VAL A 186 -25.43 -5.73 -21.87
C VAL A 186 -24.04 -5.49 -21.28
N ALA A 187 -23.89 -5.70 -20.00
CA ALA A 187 -22.56 -5.49 -19.37
C ALA A 187 -21.64 -6.68 -19.68
N ILE A 188 -22.12 -7.87 -19.47
CA ILE A 188 -21.26 -9.05 -19.74
C ILE A 188 -21.01 -9.16 -21.26
N ASN A 189 -21.97 -8.75 -22.05
CA ASN A 189 -21.82 -8.84 -23.53
C ASN A 189 -20.73 -7.87 -23.99
N GLN A 190 -20.76 -6.64 -23.56
CA GLN A 190 -19.72 -5.68 -24.02
C GLN A 190 -18.39 -6.00 -23.35
N ILE A 191 -18.41 -6.49 -22.14
CA ILE A 191 -17.12 -6.81 -21.44
C ILE A 191 -16.39 -7.93 -22.19
N ARG A 192 -17.02 -9.04 -22.43
CA ARG A 192 -16.32 -10.15 -23.13
C ARG A 192 -15.93 -9.69 -24.55
N GLN A 193 -16.75 -8.89 -25.16
CA GLN A 193 -16.45 -8.43 -26.55
C GLN A 193 -15.40 -7.32 -26.55
N LYS A 194 -15.17 -6.66 -25.43
CA LYS A 194 -14.16 -5.55 -25.41
C LYS A 194 -12.81 -6.05 -24.87
N MET A 195 -12.81 -7.05 -24.03
CA MET A 195 -11.51 -7.57 -23.47
C MET A 195 -11.00 -8.72 -24.34
N ASP A 196 -11.60 -8.97 -25.48
CA ASP A 196 -11.14 -10.10 -26.34
C ASP A 196 -10.49 -9.54 -27.62
N LYS A 197 -10.94 -8.43 -28.12
CA LYS A 197 -10.34 -7.87 -29.37
C LYS A 197 -8.97 -7.25 -29.09
N PRO A 198 -8.77 -6.61 -27.96
CA PRO A 198 -7.47 -5.96 -27.63
C PRO A 198 -6.50 -6.93 -26.95
N LEU A 199 -6.91 -7.59 -25.89
CA LEU A 199 -5.99 -8.54 -25.20
C LEU A 199 -5.34 -9.46 -26.25
N GLY A 200 -6.06 -10.43 -26.74
CA GLY A 200 -5.49 -11.36 -27.75
C GLY A 200 -6.13 -12.73 -27.61
N ILE A 201 -6.21 -13.24 -26.40
CA ILE A 201 -6.83 -14.59 -26.17
C ILE A 201 -8.02 -14.45 -25.24
N SER A 202 -9.12 -15.07 -25.57
CA SER A 202 -10.32 -14.98 -24.70
C SER A 202 -10.14 -15.92 -23.51
N THR A 203 -10.64 -15.55 -22.36
CA THR A 203 -10.49 -16.42 -21.14
C THR A 203 -11.86 -16.55 -20.45
N VAL A 204 -12.93 -16.44 -21.20
CA VAL A 204 -14.30 -16.56 -20.59
C VAL A 204 -15.13 -17.56 -21.39
N GLU A 205 -15.67 -18.55 -20.72
CA GLU A 205 -16.49 -19.58 -21.41
C GLU A 205 -17.97 -19.25 -21.23
N THR A 206 -18.61 -18.75 -22.26
CA THR A 206 -20.06 -18.41 -22.16
C THR A 206 -20.86 -19.71 -22.07
N VAL A 207 -21.59 -19.91 -20.99
CA VAL A 207 -22.39 -21.17 -20.84
C VAL A 207 -23.75 -20.86 -20.23
N ARG A 208 -24.70 -21.74 -20.42
CA ARG A 208 -26.06 -21.55 -19.86
C ARG A 208 -26.21 -22.45 -18.62
N ARG A 209 -25.24 -23.29 -18.38
CA ARG A 209 -25.29 -24.21 -17.21
C ARG A 209 -25.25 -23.39 -15.92
N ARG A 210 -24.64 -22.24 -15.95
CA ARG A 210 -24.55 -21.40 -14.73
C ARG A 210 -24.49 -19.92 -15.14
N GLY A 211 -23.38 -19.49 -15.69
CA GLY A 211 -23.25 -18.07 -16.09
C GLY A 211 -22.00 -17.89 -16.96
N TYR A 212 -20.86 -17.80 -16.35
CA TYR A 212 -19.60 -17.63 -17.13
C TYR A 212 -18.45 -18.26 -16.37
N ARG A 213 -17.67 -19.10 -17.01
CA ARG A 213 -16.53 -19.75 -16.32
C ARG A 213 -15.24 -19.01 -16.68
N PHE A 214 -14.61 -18.42 -15.69
CA PHE A 214 -13.34 -17.68 -15.95
C PHE A 214 -12.18 -18.63 -15.73
N CYS A 215 -11.57 -19.09 -16.79
CA CYS A 215 -10.42 -20.03 -16.66
C CYS A 215 -9.34 -19.65 -17.67
N TYR A 216 -8.16 -20.18 -17.53
CA TYR A 216 -7.07 -19.82 -18.49
C TYR A 216 -7.38 -20.45 -19.86
N PRO A 217 -6.82 -19.93 -20.94
CA PRO A 217 -7.04 -20.50 -22.30
C PRO A 217 -6.80 -22.01 -22.34
N LYS A 218 -7.31 -22.68 -23.34
CA LYS A 218 -7.08 -24.15 -23.45
C LYS A 218 -5.70 -24.44 -24.05
N PRO A 219 -5.43 -24.00 -25.26
CA PRO A 219 -4.11 -24.24 -25.92
C PRO A 219 -2.95 -23.60 -25.15
N ALA A 220 -3.06 -22.34 -24.82
CA ALA A 220 -1.96 -21.67 -24.07
C ALA A 220 -0.63 -21.94 -24.80
N CYS A 221 -0.47 -21.38 -25.97
CA CYS A 221 0.79 -21.59 -26.73
C CYS A 221 0.82 -20.64 -27.93
N GLU A 222 0.65 -21.16 -29.12
CA GLU A 222 0.65 -20.29 -30.32
C GLU A 222 1.86 -19.35 -30.26
N GLU A 223 2.98 -19.76 -30.80
CA GLU A 223 4.18 -18.87 -30.76
C GLU A 223 3.85 -17.53 -31.44
N MET B 1 -1.29 -2.00 20.68
CA MET B 1 0.08 -1.65 20.20
C MET B 1 0.77 -0.78 21.26
N ARG B 2 1.99 -0.35 20.99
CA ARG B 2 2.72 0.51 21.97
C ARG B 2 3.47 1.61 21.21
N VAL B 3 3.65 2.75 21.84
CA VAL B 3 4.36 3.89 21.19
C VAL B 3 5.67 4.17 21.94
N LEU B 4 6.73 4.43 21.21
CA LEU B 4 8.06 4.68 21.85
C LEU B 4 8.49 6.13 21.60
N LEU B 5 8.69 6.90 22.66
CA LEU B 5 9.13 8.32 22.53
C LEU B 5 10.45 8.49 23.27
N ILE B 6 11.55 8.45 22.57
CA ILE B 6 12.87 8.64 23.26
C ILE B 6 13.16 10.13 23.36
N GLU B 7 12.89 10.72 24.50
CA GLU B 7 13.14 12.18 24.68
C GLU B 7 13.80 12.42 26.05
N LYS B 8 14.87 13.18 26.08
CA LYS B 8 15.55 13.44 27.38
C LYS B 8 14.62 14.28 28.27
N ASN B 9 13.85 15.15 27.69
CA ASN B 9 12.93 16.00 28.51
C ASN B 9 11.71 15.16 28.92
N SER B 10 11.59 14.85 30.18
CA SER B 10 10.43 14.04 30.64
C SER B 10 9.15 14.88 30.53
N VAL B 11 9.27 16.18 30.53
CA VAL B 11 8.06 17.04 30.44
C VAL B 11 7.43 16.89 29.05
N LEU B 12 8.21 16.99 28.01
CA LEU B 12 7.65 16.86 26.63
C LEU B 12 7.17 15.43 26.41
N GLY B 13 7.80 14.46 27.04
CA GLY B 13 7.36 13.05 26.85
C GLY B 13 6.16 12.78 27.74
N GLY B 14 6.12 13.40 28.90
CA GLY B 14 4.97 13.17 29.83
C GLY B 14 3.70 13.76 29.23
N GLU B 15 3.76 14.95 28.70
CA GLU B 15 2.54 15.56 28.11
C GLU B 15 2.15 14.80 26.85
N ILE B 16 3.10 14.48 26.00
CA ILE B 16 2.77 13.71 24.77
C ILE B 16 2.17 12.37 25.19
N GLU B 17 2.66 11.81 26.26
CA GLU B 17 2.12 10.51 26.74
C GLU B 17 0.65 10.65 27.09
N LYS B 18 0.29 11.67 27.82
CA LYS B 18 -1.14 11.86 28.19
C LYS B 18 -1.87 12.55 27.05
N GLY B 19 -1.18 12.84 26.00
CA GLY B 19 -1.81 13.52 24.84
C GLY B 19 -2.43 12.46 23.91
N LEU B 20 -1.64 11.53 23.46
CA LEU B 20 -2.16 10.49 22.54
C LEU B 20 -2.97 9.46 23.33
N ASN B 21 -2.81 9.40 24.63
CA ASN B 21 -3.57 8.43 25.45
C ASN B 21 -5.07 8.64 25.22
N VAL B 22 -5.47 9.84 24.94
CA VAL B 22 -6.91 10.12 24.71
C VAL B 22 -7.39 9.27 23.52
N LYS B 23 -6.52 9.01 22.60
CA LYS B 23 -6.90 8.19 21.41
C LYS B 23 -6.96 6.71 21.82
N GLY B 24 -6.54 6.39 23.01
CA GLY B 24 -6.59 4.96 23.46
C GLY B 24 -5.32 4.22 23.06
N PHE B 25 -4.18 4.86 23.15
CA PHE B 25 -2.89 4.19 22.77
C PHE B 25 -1.96 4.17 23.98
N MET B 26 -0.99 3.28 23.99
CA MET B 26 -0.04 3.20 25.15
C MET B 26 1.30 3.76 24.69
N ALA B 27 1.97 4.52 25.53
CA ALA B 27 3.29 5.10 25.12
C ALA B 27 4.22 5.16 26.33
N ASP B 28 5.51 5.27 26.08
CA ASP B 28 6.50 5.35 27.19
C ASP B 28 7.59 6.36 26.81
N VAL B 29 8.27 6.92 27.79
CA VAL B 29 9.35 7.91 27.50
C VAL B 29 10.69 7.38 28.02
N THR B 30 11.74 7.58 27.27
CA THR B 30 13.09 7.11 27.70
C THR B 30 14.12 8.23 27.48
N GLU B 31 15.31 8.06 28.00
CA GLU B 31 16.37 9.10 27.84
C GLU B 31 17.22 8.80 26.60
N SER B 32 18.37 8.23 26.79
CA SER B 32 19.26 7.93 25.62
C SER B 32 18.77 6.68 24.89
N LEU B 33 19.29 6.43 23.72
CA LEU B 33 18.87 5.25 22.92
C LEU B 33 19.08 3.97 23.74
N GLU B 34 20.11 3.92 24.54
CA GLU B 34 20.37 2.69 25.35
C GLU B 34 19.13 2.35 26.18
N ASP B 35 18.50 3.33 26.76
CA ASP B 35 17.29 3.04 27.58
C ASP B 35 16.18 2.54 26.67
N GLY B 36 16.05 3.11 25.50
CA GLY B 36 14.97 2.67 24.56
C GLY B 36 15.33 1.29 24.00
N GLU B 37 16.57 1.07 23.68
CA GLU B 37 16.98 -0.25 23.12
C GLU B 37 16.77 -1.33 24.18
N TYR B 38 17.05 -1.04 25.42
CA TYR B 38 16.86 -2.06 26.48
C TYR B 38 15.37 -2.23 26.79
N LEU B 39 14.63 -1.15 26.82
CA LEU B 39 13.18 -1.25 27.12
C LEU B 39 12.43 -1.89 25.94
N MET B 40 12.65 -1.40 24.75
CA MET B 40 11.94 -1.98 23.57
C MET B 40 12.30 -3.45 23.41
N ASP B 41 13.48 -3.85 23.81
CA ASP B 41 13.87 -5.28 23.68
C ASP B 41 12.86 -6.17 24.40
N ILE B 42 12.36 -5.73 25.53
CA ILE B 42 11.38 -6.56 26.30
C ILE B 42 9.95 -6.07 26.05
N ARG B 43 9.78 -5.05 25.25
CA ARG B 43 8.41 -4.52 24.96
C ARG B 43 8.22 -4.36 23.45
N ASN B 44 6.99 -4.44 22.99
CA ASN B 44 6.73 -4.28 21.53
C ASN B 44 6.63 -2.79 21.19
N TYR B 45 6.68 -2.44 19.93
CA TYR B 45 6.59 -1.00 19.55
C TYR B 45 6.09 -0.86 18.11
N ASP B 46 4.84 -0.54 17.94
CA ASP B 46 4.30 -0.37 16.56
C ASP B 46 4.73 1.00 16.04
N LEU B 47 4.84 1.97 16.92
CA LEU B 47 5.26 3.35 16.51
C LEU B 47 6.63 3.64 17.13
N VAL B 48 7.66 3.68 16.32
CA VAL B 48 9.03 3.96 16.85
C VAL B 48 9.32 5.45 16.66
N MET B 49 9.27 6.23 17.71
CA MET B 49 9.53 7.70 17.61
C MET B 49 10.68 8.08 18.53
N VAL B 50 11.64 8.80 18.01
CA VAL B 50 12.80 9.22 18.84
C VAL B 50 13.27 10.61 18.39
N SER B 51 13.51 11.49 19.33
CA SER B 51 13.97 12.87 18.98
C SER B 51 15.49 12.99 19.21
N ASP B 52 16.16 11.89 19.37
CA ASP B 52 17.63 11.94 19.60
C ASP B 52 18.35 12.23 18.28
N LYS B 53 19.46 12.91 18.33
CA LYS B 53 20.21 13.22 17.08
C LYS B 53 21.00 11.99 16.63
N ASN B 54 21.63 11.30 17.54
CA ASN B 54 22.42 10.10 17.16
C ASN B 54 21.47 8.95 16.81
N ALA B 55 20.20 9.24 16.72
CA ALA B 55 19.21 8.17 16.40
C ALA B 55 19.54 7.55 15.03
N LEU B 56 20.25 8.27 14.20
CA LEU B 56 20.60 7.72 12.86
C LEU B 56 21.10 6.28 12.99
N SER B 57 21.79 5.97 14.06
CA SER B 57 22.30 4.58 14.23
C SER B 57 21.15 3.68 14.68
N PHE B 58 20.37 4.10 15.65
CA PHE B 58 19.25 3.26 16.12
C PHE B 58 18.25 3.04 14.98
N VAL B 59 17.80 4.10 14.35
CA VAL B 59 16.84 3.90 13.24
C VAL B 59 17.46 2.98 12.18
N SER B 60 18.72 3.14 11.91
CA SER B 60 19.38 2.27 10.90
C SER B 60 19.10 0.80 11.22
N ARG B 61 19.24 0.39 12.46
CA ARG B 61 18.98 -1.04 12.79
C ARG B 61 17.47 -1.30 12.90
N ILE B 62 16.69 -0.36 13.36
CA ILE B 62 15.22 -0.62 13.46
C ILE B 62 14.69 -0.84 12.04
N LYS B 63 15.07 -0.01 11.12
CA LYS B 63 14.59 -0.17 9.73
C LYS B 63 15.10 -1.51 9.19
N GLU B 64 16.30 -1.85 9.51
CA GLU B 64 16.87 -3.15 9.05
C GLU B 64 16.27 -4.30 9.87
N LYS B 65 16.07 -4.08 11.14
CA LYS B 65 15.51 -5.16 12.00
C LYS B 65 13.99 -5.19 11.92
N HIS B 66 13.38 -4.10 11.54
CA HIS B 66 11.88 -4.09 11.44
C HIS B 66 11.42 -2.99 10.49
N SER B 67 11.74 -3.12 9.23
CA SER B 67 11.32 -2.09 8.24
C SER B 67 9.79 -1.95 8.24
N SER B 68 9.09 -3.01 8.54
CA SER B 68 7.59 -2.94 8.54
C SER B 68 7.09 -2.00 9.63
N ILE B 69 7.76 -1.94 10.74
CA ILE B 69 7.29 -1.03 11.84
C ILE B 69 7.42 0.43 11.38
N VAL B 70 6.72 1.32 12.03
CA VAL B 70 6.78 2.77 11.63
C VAL B 70 7.98 3.44 12.29
N VAL B 71 8.44 4.55 11.75
CA VAL B 71 9.61 5.27 12.34
C VAL B 71 9.40 6.77 12.20
N LEU B 72 9.19 7.44 13.31
CA LEU B 72 8.97 8.92 13.30
C LEU B 72 10.20 9.60 13.93
N VAL B 73 11.08 10.11 13.11
CA VAL B 73 12.31 10.79 13.64
C VAL B 73 12.04 12.29 13.71
N SER B 74 12.28 12.89 14.85
CA SER B 74 12.04 14.36 15.00
C SER B 74 13.37 15.10 14.96
N SER B 75 13.34 16.41 14.95
CA SER B 75 14.61 17.19 14.89
C SER B 75 14.36 18.66 15.22
N ASP B 76 15.03 19.17 16.23
CA ASP B 76 14.83 20.60 16.62
C ASP B 76 15.23 21.51 15.46
N ASN B 77 15.97 20.99 14.52
CA ASN B 77 16.41 21.81 13.34
C ASN B 77 15.97 21.11 12.05
N PRO B 78 14.74 21.29 11.64
CA PRO B 78 14.20 20.67 10.41
C PRO B 78 15.03 21.01 9.17
N THR B 79 16.21 20.47 9.06
CA THR B 79 17.09 20.76 7.89
C THR B 79 16.77 19.77 6.76
N SER B 80 16.98 20.17 5.53
CA SER B 80 16.70 19.25 4.40
C SER B 80 17.64 18.04 4.46
N GLU B 81 18.86 18.25 4.84
CA GLU B 81 19.83 17.12 4.91
C GLU B 81 19.27 16.02 5.82
N GLU B 82 18.78 16.39 6.97
CA GLU B 82 18.21 15.36 7.89
C GLU B 82 16.89 14.84 7.34
N GLU B 83 16.16 15.65 6.63
CA GLU B 83 14.86 15.21 6.07
C GLU B 83 15.10 14.19 4.95
N VAL B 84 15.87 14.55 3.95
CA VAL B 84 16.12 13.59 2.84
C VAL B 84 16.88 12.37 3.36
N HIS B 85 17.87 12.58 4.18
CA HIS B 85 18.64 11.42 4.72
C HIS B 85 17.71 10.56 5.58
N ALA B 86 16.86 11.17 6.35
CA ALA B 86 15.93 10.38 7.21
C ALA B 86 15.05 9.49 6.33
N PHE B 87 14.52 10.04 5.26
CA PHE B 87 13.65 9.22 4.37
C PHE B 87 14.54 8.27 3.57
N GLU B 88 15.76 8.67 3.30
CA GLU B 88 16.67 7.79 2.53
C GLU B 88 16.82 6.47 3.29
N GLN B 89 17.11 6.54 4.55
CA GLN B 89 17.27 5.31 5.36
C GLN B 89 15.94 4.56 5.42
N GLY B 90 14.85 5.28 5.53
CA GLY B 90 13.50 4.62 5.59
C GLY B 90 12.60 5.31 6.62
N ALA B 91 13.01 6.45 7.13
CA ALA B 91 12.17 7.16 8.13
C ALA B 91 10.74 7.24 7.61
N ASP B 92 9.79 6.73 8.36
CA ASP B 92 8.38 6.79 7.89
C ASP B 92 7.94 8.25 7.80
N ASP B 93 8.39 9.06 8.73
CA ASP B 93 8.01 10.50 8.71
C ASP B 93 9.07 11.33 9.44
N TYR B 94 9.13 12.61 9.14
CA TYR B 94 10.14 13.51 9.79
C TYR B 94 9.40 14.74 10.31
N ILE B 95 9.41 14.95 11.62
CA ILE B 95 8.65 16.12 12.20
C ILE B 95 9.61 17.08 12.93
N ALA B 96 9.22 18.31 13.07
CA ALA B 96 10.08 19.27 13.82
C ALA B 96 9.98 18.95 15.30
N LYS B 97 11.07 18.89 16.01
CA LYS B 97 10.99 18.54 17.45
C LYS B 97 10.03 19.47 18.20
N PRO B 98 10.22 20.77 18.16
CA PRO B 98 9.38 21.69 18.94
C PRO B 98 7.89 21.28 18.97
N TYR B 99 7.51 20.35 18.13
CA TYR B 99 6.10 19.89 18.11
C TYR B 99 5.17 21.08 17.86
N ARG B 100 4.65 21.22 16.67
CA ARG B 100 3.73 22.36 16.41
C ARG B 100 2.59 22.30 17.43
N SER B 101 2.08 21.14 17.69
CA SER B 101 0.97 21.00 18.67
C SER B 101 0.77 19.52 18.99
N ILE B 102 0.30 19.21 20.17
CA ILE B 102 0.09 17.79 20.53
C ILE B 102 -0.82 17.13 19.51
N LYS B 103 -1.89 17.79 19.14
CA LYS B 103 -2.83 17.21 18.14
C LYS B 103 -2.16 17.17 16.77
N ALA B 104 -0.99 17.75 16.65
CA ALA B 104 -0.30 17.74 15.32
C ALA B 104 0.22 16.33 15.02
N LEU B 105 1.31 15.95 15.61
CA LEU B 105 1.86 14.59 15.35
C LEU B 105 0.86 13.52 15.80
N VAL B 106 0.15 13.73 16.87
CA VAL B 106 -0.83 12.72 17.33
C VAL B 106 -1.89 12.51 16.23
N ALA B 107 -2.38 13.57 15.66
CA ALA B 107 -3.40 13.42 14.59
C ALA B 107 -2.77 12.63 13.44
N ARG B 108 -1.50 12.80 13.22
CA ARG B 108 -0.83 12.05 12.12
C ARG B 108 -0.51 10.62 12.57
N ILE B 109 -0.37 10.40 13.85
CA ILE B 109 -0.07 9.03 14.34
C ILE B 109 -1.36 8.22 14.36
N GLU B 110 -2.42 8.78 14.88
CA GLU B 110 -3.70 8.04 14.92
C GLU B 110 -4.18 7.80 13.48
N ALA B 111 -4.03 8.78 12.64
CA ALA B 111 -4.47 8.61 11.22
C ALA B 111 -3.63 7.53 10.55
N ARG B 112 -2.38 7.45 10.89
CA ARG B 112 -1.49 6.41 10.28
C ARG B 112 -2.02 5.02 10.62
N LEU B 113 -2.48 4.83 11.84
CA LEU B 113 -3.01 3.48 12.23
C LEU B 113 -4.20 3.65 13.19
N ARG B 114 -5.29 4.17 12.71
CA ARG B 114 -6.48 4.37 13.58
C ARG B 114 -6.88 3.02 14.19
N PHE B 115 -6.69 1.95 13.46
CA PHE B 115 -7.06 0.61 13.99
C PHE B 115 -6.27 -0.47 13.25
N TRP B 116 -5.12 -0.83 13.77
CA TRP B 116 -4.30 -1.88 13.10
C TRP B 116 -4.09 -1.52 11.62
N GLY B 117 -4.44 -0.31 11.25
CA GLY B 117 -4.26 0.10 9.83
C GLY B 117 -5.25 -0.65 8.94
N SER B 118 -4.77 -1.53 8.09
CA SER B 118 -5.68 -2.28 7.19
C SER B 118 -5.08 -3.64 6.87
N ASN B 119 -5.70 -4.36 5.98
CA ASN B 119 -5.20 -5.71 5.65
C ASN B 119 -5.54 -6.03 4.18
N VAL B 120 -4.58 -6.48 3.42
CA VAL B 120 -4.84 -6.80 1.99
C VAL B 120 -5.50 -8.17 1.87
N ILE B 121 -5.03 -9.15 2.62
CA ILE B 121 -5.62 -10.53 2.55
C ILE B 121 -6.31 -10.84 3.87
N GLU B 122 -7.59 -11.13 3.82
CA GLU B 122 -8.34 -11.45 5.07
C GLU B 122 -9.53 -12.33 4.74
N ILE B 123 -9.80 -13.32 5.55
CA ILE B 123 -10.97 -14.22 5.30
C ILE B 123 -11.56 -14.70 6.62
N GLY B 124 -12.80 -15.09 6.62
CA GLY B 124 -13.43 -15.56 7.89
C GLY B 124 -13.11 -14.59 9.02
N ASP B 125 -12.68 -15.08 10.14
CA ASP B 125 -12.34 -14.19 11.30
C ASP B 125 -10.83 -13.97 11.35
N LEU B 126 -10.10 -14.55 10.44
CA LEU B 126 -8.61 -14.38 10.44
C LEU B 126 -8.26 -13.18 9.57
N THR B 127 -7.24 -12.44 9.94
CA THR B 127 -6.84 -11.25 9.12
C THR B 127 -5.34 -11.33 8.82
N ILE B 128 -4.95 -11.04 7.61
CA ILE B 128 -3.50 -11.10 7.23
C ILE B 128 -3.13 -9.85 6.40
N SER B 129 -2.00 -9.26 6.69
CA SER B 129 -1.55 -8.05 5.94
C SER B 129 -0.12 -8.27 5.42
N PRO B 130 0.03 -8.99 4.34
CA PRO B 130 1.37 -9.29 3.74
C PRO B 130 2.20 -8.03 3.49
N ASP B 131 1.66 -7.08 2.76
CA ASP B 131 2.43 -5.84 2.47
C ASP B 131 2.94 -5.24 3.79
N GLU B 132 2.14 -5.27 4.82
CA GLU B 132 2.59 -4.71 6.13
C GLU B 132 3.39 -5.76 6.89
N GLU B 133 3.55 -6.91 6.32
CA GLU B 133 4.32 -7.98 7.02
C GLU B 133 3.76 -8.19 8.43
N LYS B 134 2.51 -8.55 8.53
CA LYS B 134 1.89 -8.78 9.87
C LYS B 134 0.78 -9.81 9.75
N ILE B 135 0.79 -10.82 10.60
CA ILE B 135 -0.26 -11.88 10.55
C ILE B 135 -1.06 -11.88 11.85
N ILE B 136 -2.36 -11.94 11.75
CA ILE B 136 -3.22 -11.96 12.97
C ILE B 136 -4.13 -13.18 12.94
N TYR B 137 -4.07 -14.02 13.95
CA TYR B 137 -4.92 -15.25 13.98
C TYR B 137 -5.49 -15.44 15.39
N LYS B 138 -6.72 -15.87 15.48
CA LYS B 138 -7.36 -16.08 16.82
C LYS B 138 -7.26 -14.80 17.66
N GLY B 139 -7.18 -13.66 17.02
CA GLY B 139 -7.10 -12.38 17.78
C GLY B 139 -5.67 -12.16 18.30
N ARG B 140 -4.78 -13.08 18.04
CA ARG B 140 -3.37 -12.91 18.51
C ARG B 140 -2.56 -12.17 17.45
N GLU B 141 -1.83 -11.16 17.85
CA GLU B 141 -1.01 -10.39 16.87
C GLU B 141 0.43 -10.89 16.89
N VAL B 142 0.95 -11.28 15.76
CA VAL B 142 2.35 -11.79 15.69
C VAL B 142 3.05 -11.20 14.46
N GLU B 143 4.26 -10.74 14.61
CA GLU B 143 5.00 -10.14 13.46
C GLU B 143 5.76 -11.25 12.73
N VAL B 144 5.98 -11.09 11.45
CA VAL B 144 6.72 -12.14 10.68
C VAL B 144 8.21 -11.82 10.68
N LYS B 145 9.04 -12.81 10.86
CA LYS B 145 10.51 -12.57 10.87
C LYS B 145 11.24 -13.92 10.88
N GLY B 146 10.97 -14.76 9.92
CA GLY B 146 11.65 -16.08 9.87
C GLY B 146 11.14 -16.89 8.69
N LYS B 147 11.69 -18.06 8.47
CA LYS B 147 11.24 -18.90 7.33
C LYS B 147 9.83 -19.45 7.60
N PRO B 148 9.54 -19.84 8.82
CA PRO B 148 8.20 -20.39 9.19
C PRO B 148 7.07 -19.41 8.86
N PHE B 149 7.30 -18.14 9.06
CA PHE B 149 6.25 -17.12 8.77
C PHE B 149 6.36 -16.69 7.31
N GLU B 150 7.50 -16.89 6.72
CA GLU B 150 7.68 -16.49 5.29
C GLU B 150 6.78 -17.34 4.39
N VAL B 151 6.70 -18.62 4.66
CA VAL B 151 5.84 -19.50 3.82
C VAL B 151 4.36 -19.24 4.14
N LEU B 152 4.06 -18.90 5.36
CA LEU B 152 2.64 -18.63 5.75
C LEU B 152 2.14 -17.37 5.02
N THR B 153 2.93 -16.34 4.98
CA THR B 153 2.48 -15.09 4.29
C THR B 153 2.48 -15.31 2.78
N HIS B 154 3.41 -16.07 2.28
CA HIS B 154 3.48 -16.30 0.81
C HIS B 154 2.21 -17.03 0.33
N LEU B 155 1.82 -18.09 0.99
CA LEU B 155 0.60 -18.81 0.55
C LEU B 155 -0.64 -17.95 0.83
N ALA B 156 -0.56 -17.09 1.81
CA ALA B 156 -1.73 -16.21 2.13
C ALA B 156 -2.09 -15.38 0.90
N ARG B 157 -1.13 -14.73 0.31
CA ARG B 157 -1.42 -13.89 -0.89
C ARG B 157 -1.64 -14.80 -2.11
N HIS B 158 -0.93 -15.88 -2.21
CA HIS B 158 -1.11 -16.79 -3.39
C HIS B 158 -2.21 -17.82 -3.09
N ARG B 159 -3.04 -17.54 -2.12
CA ARG B 159 -4.14 -18.49 -1.78
C ARG B 159 -5.07 -18.63 -3.00
N ASP B 160 -5.85 -19.67 -3.04
CA ASP B 160 -6.78 -19.87 -4.20
C ASP B 160 -5.98 -19.96 -5.49
N GLN B 161 -4.96 -20.78 -5.51
CA GLN B 161 -4.13 -20.92 -6.74
C GLN B 161 -3.41 -22.27 -6.71
N ILE B 162 -3.23 -22.89 -7.85
CA ILE B 162 -2.52 -24.20 -7.88
C ILE B 162 -1.02 -23.96 -7.96
N VAL B 163 -0.26 -24.57 -7.08
CA VAL B 163 1.23 -24.37 -7.09
C VAL B 163 1.92 -25.74 -7.00
N SER B 164 2.98 -25.93 -7.74
CA SER B 164 3.71 -27.24 -7.70
C SER B 164 4.73 -27.20 -6.55
N LYS B 165 5.35 -28.31 -6.27
CA LYS B 165 6.35 -28.34 -5.17
C LYS B 165 7.48 -27.36 -5.48
N GLU B 166 7.89 -27.28 -6.72
CA GLU B 166 8.99 -26.34 -7.08
C GLU B 166 8.61 -24.92 -6.68
N GLN B 167 7.35 -24.59 -6.73
CA GLN B 167 6.93 -23.21 -6.36
C GLN B 167 7.33 -22.91 -4.92
N LEU B 168 7.02 -23.80 -4.01
CA LEU B 168 7.39 -23.55 -2.58
C LEU B 168 8.92 -23.46 -2.47
N LEU B 169 9.62 -24.20 -3.28
CA LEU B 169 11.10 -24.17 -3.22
C LEU B 169 11.60 -22.73 -3.44
N ASP B 170 11.37 -22.19 -4.60
CA ASP B 170 11.82 -20.79 -4.88
C ASP B 170 11.09 -19.81 -3.97
N ALA B 171 9.87 -20.10 -3.62
CA ALA B 171 9.10 -19.16 -2.76
C ALA B 171 9.94 -18.75 -1.54
N ILE B 172 10.37 -19.70 -0.75
CA ILE B 172 11.20 -19.35 0.45
C ILE B 172 12.69 -19.43 0.08
N TRP B 173 13.14 -20.57 -0.35
CA TRP B 173 14.58 -20.70 -0.73
C TRP B 173 14.81 -20.09 -2.11
N GLU B 174 14.66 -18.80 -2.24
CA GLU B 174 14.87 -18.14 -3.56
C GLU B 174 16.35 -17.86 -3.78
N GLU B 175 17.08 -17.56 -2.73
CA GLU B 175 18.53 -17.26 -2.90
C GLU B 175 19.31 -18.57 -3.10
N PRO B 176 20.41 -18.54 -3.84
CA PRO B 176 21.24 -19.77 -4.07
C PRO B 176 21.41 -20.62 -2.81
N GLU B 177 20.97 -21.85 -2.83
CA GLU B 177 21.12 -22.72 -1.63
C GLU B 177 21.38 -24.16 -2.08
N MET B 178 21.32 -24.42 -3.37
CA MET B 178 21.56 -25.80 -3.85
C MET B 178 20.70 -26.79 -3.07
N VAL B 179 19.40 -26.60 -3.06
CA VAL B 179 18.50 -27.53 -2.29
C VAL B 179 18.01 -28.64 -3.22
N THR B 180 17.86 -29.83 -2.70
CA THR B 180 17.38 -30.96 -3.54
C THR B 180 15.83 -30.95 -3.54
N PRO B 181 15.19 -30.77 -4.68
CA PRO B 181 13.70 -30.74 -4.74
C PRO B 181 13.06 -31.81 -3.85
N ASN B 182 13.78 -32.86 -3.54
CA ASN B 182 13.22 -33.93 -2.67
C ASN B 182 13.03 -33.39 -1.25
N VAL B 183 13.86 -32.46 -0.84
CA VAL B 183 13.74 -31.90 0.54
C VAL B 183 12.35 -31.28 0.73
N ILE B 184 11.74 -30.82 -0.33
CA ILE B 184 10.40 -30.19 -0.19
C ILE B 184 9.43 -31.18 0.46
N GLU B 185 9.68 -32.45 0.34
CA GLU B 185 8.77 -33.46 0.95
C GLU B 185 8.69 -33.22 2.47
N VAL B 186 9.81 -33.08 3.12
CA VAL B 186 9.79 -32.86 4.58
C VAL B 186 9.40 -31.41 4.89
N ALA B 187 9.66 -30.50 3.98
CA ALA B 187 9.31 -29.08 4.24
C ALA B 187 7.79 -28.91 4.15
N ILE B 188 7.18 -29.41 3.11
CA ILE B 188 5.70 -29.24 2.98
C ILE B 188 4.99 -30.05 4.07
N ASN B 189 5.54 -31.15 4.47
CA ASN B 189 4.87 -31.99 5.52
C ASN B 189 5.01 -31.34 6.91
N GLN B 190 6.15 -30.79 7.22
CA GLN B 190 6.34 -30.17 8.57
C GLN B 190 5.68 -28.80 8.65
N ILE B 191 5.74 -28.01 7.60
CA ILE B 191 5.12 -26.66 7.67
C ILE B 191 3.59 -26.78 7.71
N ARG B 192 3.03 -27.66 6.92
CA ARG B 192 1.54 -27.80 6.94
C ARG B 192 1.09 -28.42 8.26
N GLN B 193 1.84 -29.37 8.76
CA GLN B 193 1.45 -30.03 10.04
C GLN B 193 1.58 -29.06 11.21
N LYS B 194 2.60 -28.24 11.22
CA LYS B 194 2.77 -27.28 12.35
C LYS B 194 1.86 -26.06 12.15
N MET B 195 1.33 -25.89 10.97
CA MET B 195 0.45 -24.72 10.69
C MET B 195 -1.01 -25.09 10.98
N ASP B 196 -1.37 -26.33 10.79
CA ASP B 196 -2.78 -26.75 11.03
C ASP B 196 -3.10 -26.69 12.53
N LYS B 197 -2.20 -27.11 13.37
CA LYS B 197 -2.48 -27.08 14.83
C LYS B 197 -2.74 -25.64 15.31
N PRO B 198 -1.84 -24.69 15.08
CA PRO B 198 -2.07 -23.29 15.52
C PRO B 198 -3.31 -22.67 14.86
N LEU B 199 -3.38 -22.69 13.56
CA LEU B 199 -4.59 -22.11 12.89
C LEU B 199 -5.81 -22.97 13.22
N GLY B 200 -5.67 -24.26 13.14
CA GLY B 200 -6.82 -25.16 13.46
C GLY B 200 -7.69 -25.37 12.20
N ILE B 201 -7.75 -24.39 11.35
CA ILE B 201 -8.57 -24.52 10.11
C ILE B 201 -7.68 -25.05 8.98
N SER B 202 -8.18 -25.96 8.20
CA SER B 202 -7.37 -26.51 7.07
C SER B 202 -7.55 -25.63 5.83
N THR B 203 -6.49 -25.38 5.10
CA THR B 203 -6.60 -24.53 3.88
C THR B 203 -5.64 -25.04 2.80
N VAL B 204 -5.26 -26.30 2.87
CA VAL B 204 -4.33 -26.87 1.85
C VAL B 204 -4.80 -28.28 1.46
N GLU B 205 -4.65 -28.63 0.21
CA GLU B 205 -5.07 -29.99 -0.26
C GLU B 205 -3.90 -30.66 -0.98
N THR B 206 -3.65 -31.91 -0.70
CA THR B 206 -2.53 -32.62 -1.36
C THR B 206 -3.07 -33.44 -2.54
N VAL B 207 -2.38 -33.44 -3.65
CA VAL B 207 -2.85 -34.21 -4.83
C VAL B 207 -1.64 -34.69 -5.64
N ARG B 208 -1.71 -35.89 -6.17
CA ARG B 208 -0.56 -36.41 -6.97
C ARG B 208 -0.41 -35.59 -8.25
N ARG B 209 -1.50 -35.25 -8.88
CA ARG B 209 -1.42 -34.45 -10.14
C ARG B 209 -0.74 -33.12 -9.85
N ARG B 210 -0.02 -32.59 -10.80
CA ARG B 210 0.66 -31.28 -10.59
C ARG B 210 1.43 -31.30 -9.28
N GLY B 211 0.81 -30.94 -8.19
CA GLY B 211 1.52 -30.94 -6.88
C GLY B 211 0.52 -30.70 -5.75
N TYR B 212 0.47 -29.49 -5.25
CA TYR B 212 -0.46 -29.15 -4.13
C TYR B 212 -1.24 -27.88 -4.51
N ARG B 213 -2.42 -27.71 -3.97
CA ARG B 213 -3.25 -26.50 -4.30
C ARG B 213 -3.70 -25.81 -3.00
N PHE B 214 -3.87 -24.51 -3.05
CA PHE B 214 -4.30 -23.74 -1.84
C PHE B 214 -5.65 -23.08 -2.13
N CYS B 215 -6.60 -23.23 -1.26
CA CYS B 215 -7.93 -22.60 -1.50
C CYS B 215 -8.69 -22.47 -0.18
N TYR B 216 -9.73 -21.66 -0.16
CA TYR B 216 -10.52 -21.48 1.08
C TYR B 216 -11.13 -22.84 1.48
N PRO B 217 -11.39 -23.05 2.75
CA PRO B 217 -11.99 -24.33 3.24
C PRO B 217 -13.43 -24.48 2.77
N LYS B 218 -14.22 -25.25 3.47
CA LYS B 218 -15.65 -25.44 3.07
C LYS B 218 -16.27 -24.08 2.71
N PRO B 219 -17.27 -24.06 1.85
CA PRO B 219 -17.94 -22.80 1.43
C PRO B 219 -18.00 -21.75 2.55
N ALA B 220 -17.99 -22.16 3.78
CA ALA B 220 -18.04 -21.18 4.90
C ALA B 220 -19.21 -20.21 4.67
N CYS B 221 -19.24 -19.12 5.38
CA CYS B 221 -20.34 -18.14 5.21
C CYS B 221 -20.19 -17.43 3.87
N GLU B 222 -19.27 -17.87 3.04
CA GLU B 222 -19.07 -17.22 1.71
C GLU B 222 -19.01 -15.70 1.91
N GLU B 223 -18.37 -15.25 2.95
CA GLU B 223 -18.26 -13.78 3.18
C GLU B 223 -17.21 -13.51 4.26
N MET A 1 3.25 8.90 -15.27
CA MET A 1 4.22 9.48 -14.30
C MET A 1 4.40 10.97 -14.59
N ARG A 2 3.56 11.80 -14.02
CA ARG A 2 3.67 13.27 -14.25
C ARG A 2 3.45 14.01 -12.92
N VAL A 3 3.98 15.20 -12.81
CA VAL A 3 3.83 15.99 -11.54
C VAL A 3 3.12 17.31 -11.85
N LEU A 4 2.05 17.59 -11.15
CA LEU A 4 1.31 18.86 -11.37
C LEU A 4 1.82 19.91 -10.36
N LEU A 5 2.42 20.96 -10.86
CA LEU A 5 2.96 22.03 -9.96
C LEU A 5 2.22 23.34 -10.28
N ILE A 6 1.39 23.82 -9.38
CA ILE A 6 0.66 25.09 -9.66
C ILE A 6 1.44 26.27 -9.06
N GLU A 7 2.12 27.04 -9.88
CA GLU A 7 2.89 28.21 -9.36
C GLU A 7 2.71 29.40 -10.29
N LYS A 8 2.26 30.52 -9.78
CA LYS A 8 2.07 31.71 -10.65
C LYS A 8 3.43 32.29 -11.05
N ASN A 9 4.41 32.17 -10.20
CA ASN A 9 5.76 32.71 -10.53
C ASN A 9 6.52 31.68 -11.38
N SER A 10 6.80 32.00 -12.61
CA SER A 10 7.53 31.04 -13.48
C SER A 10 8.97 30.91 -12.99
N VAL A 11 9.48 31.90 -12.31
CA VAL A 11 10.87 31.83 -11.80
C VAL A 11 10.96 30.77 -10.70
N LEU A 12 10.13 30.86 -9.70
CA LEU A 12 10.16 29.86 -8.60
C LEU A 12 9.71 28.49 -9.15
N GLY A 13 8.72 28.49 -10.02
CA GLY A 13 8.25 27.21 -10.59
C GLY A 13 9.32 26.67 -11.51
N GLY A 14 10.14 27.53 -12.04
CA GLY A 14 11.22 27.08 -12.96
C GLY A 14 12.22 26.23 -12.17
N GLU A 15 12.80 26.78 -11.16
CA GLU A 15 13.79 26.01 -10.35
C GLU A 15 13.17 24.68 -9.91
N ILE A 16 11.97 24.70 -9.40
CA ILE A 16 11.33 23.41 -8.98
C ILE A 16 11.13 22.53 -10.21
N GLU A 17 10.52 23.06 -11.23
CA GLU A 17 10.28 22.25 -12.46
C GLU A 17 11.57 21.56 -12.89
N LYS A 18 12.64 22.29 -13.03
CA LYS A 18 13.93 21.66 -13.44
C LYS A 18 14.63 21.09 -12.22
N GLY A 19 14.01 21.19 -11.08
CA GLY A 19 14.63 20.65 -9.85
C GLY A 19 14.37 19.15 -9.73
N LEU A 20 13.12 18.77 -9.65
CA LEU A 20 12.80 17.32 -9.54
C LEU A 20 13.05 16.61 -10.87
N ASN A 21 13.12 17.34 -11.95
CA ASN A 21 13.36 16.70 -13.28
C ASN A 21 14.66 15.90 -13.22
N VAL A 22 15.61 16.35 -12.45
CA VAL A 22 16.91 15.63 -12.35
C VAL A 22 16.65 14.21 -11.83
N LYS A 23 15.63 14.03 -11.04
CA LYS A 23 15.33 12.68 -10.50
C LYS A 23 14.69 11.82 -11.59
N GLY A 24 14.49 12.38 -12.75
CA GLY A 24 13.87 11.60 -13.88
C GLY A 24 12.35 11.68 -13.80
N PHE A 25 11.82 12.81 -13.42
CA PHE A 25 10.33 12.98 -13.32
C PHE A 25 9.88 14.10 -14.26
N MET A 26 8.64 14.09 -14.66
CA MET A 26 8.11 15.16 -15.57
C MET A 26 7.19 16.06 -14.78
N ALA A 27 7.27 17.36 -15.00
CA ALA A 27 6.39 18.29 -14.22
C ALA A 27 5.97 19.46 -15.12
N ASP A 28 4.90 20.13 -14.76
CA ASP A 28 4.42 21.30 -15.56
C ASP A 28 4.02 22.44 -14.61
N VAL A 29 4.05 23.66 -15.08
CA VAL A 29 3.67 24.82 -14.20
C VAL A 29 2.33 25.37 -14.67
N THR A 30 1.46 25.68 -13.74
CA THR A 30 0.11 26.23 -14.11
C THR A 30 -0.20 27.45 -13.23
N GLU A 31 -1.17 28.24 -13.61
CA GLU A 31 -1.52 29.46 -12.80
C GLU A 31 -2.58 29.09 -11.75
N SER A 32 -3.80 29.50 -11.97
CA SER A 32 -4.88 29.19 -10.98
C SER A 32 -5.35 27.75 -11.15
N LEU A 33 -6.14 27.29 -10.23
CA LEU A 33 -6.65 25.88 -10.31
C LEU A 33 -7.34 25.65 -11.65
N GLU A 34 -7.94 26.67 -12.20
CA GLU A 34 -8.64 26.50 -13.50
C GLU A 34 -7.71 25.81 -14.50
N ASP A 35 -6.49 26.26 -14.60
CA ASP A 35 -5.54 25.62 -15.55
C ASP A 35 -5.26 24.19 -15.11
N GLY A 36 -5.13 23.97 -13.83
CA GLY A 36 -4.86 22.59 -13.34
C GLY A 36 -6.13 21.74 -13.46
N GLU A 37 -7.25 22.28 -13.07
CA GLU A 37 -8.52 21.50 -13.17
C GLU A 37 -8.81 21.18 -14.63
N TYR A 38 -8.52 22.09 -15.52
CA TYR A 38 -8.79 21.84 -16.97
C TYR A 38 -7.65 21.00 -17.55
N LEU A 39 -6.44 21.25 -17.15
CA LEU A 39 -5.29 20.47 -17.69
C LEU A 39 -5.36 19.02 -17.19
N MET A 40 -5.60 18.82 -15.93
CA MET A 40 -5.66 17.42 -15.40
C MET A 40 -6.83 16.68 -16.05
N ASP A 41 -7.83 17.39 -16.50
CA ASP A 41 -8.99 16.72 -17.14
C ASP A 41 -8.56 16.06 -18.46
N ILE A 42 -7.75 16.74 -19.23
CA ILE A 42 -7.30 16.15 -20.53
C ILE A 42 -6.14 15.18 -20.30
N ARG A 43 -5.36 15.40 -19.27
CA ARG A 43 -4.19 14.51 -18.99
C ARG A 43 -4.23 14.06 -17.53
N ASN A 44 -3.83 12.84 -17.25
CA ASN A 44 -3.86 12.34 -15.85
C ASN A 44 -2.51 12.62 -15.18
N TYR A 45 -2.49 12.74 -13.88
CA TYR A 45 -1.20 13.01 -13.15
C TYR A 45 -1.12 12.10 -11.93
N ASP A 46 0.07 11.85 -11.44
CA ASP A 46 0.24 10.97 -10.25
C ASP A 46 0.48 11.82 -9.00
N LEU A 47 1.29 12.83 -9.12
CA LEU A 47 1.59 13.72 -7.95
C LEU A 47 0.84 15.04 -8.12
N VAL A 48 -0.17 15.28 -7.31
CA VAL A 48 -0.94 16.56 -7.41
C VAL A 48 -0.35 17.56 -6.43
N MET A 49 0.47 18.46 -6.91
CA MET A 49 1.10 19.49 -6.02
C MET A 49 0.58 20.88 -6.41
N VAL A 50 0.11 21.63 -5.43
CA VAL A 50 -0.44 22.98 -5.71
C VAL A 50 0.10 23.98 -4.68
N SER A 51 0.57 25.12 -5.14
CA SER A 51 1.10 26.15 -4.21
C SER A 51 0.01 27.18 -3.91
N ASP A 52 -1.16 27.01 -4.46
CA ASP A 52 -2.27 27.97 -4.19
C ASP A 52 -2.84 27.75 -2.79
N LYS A 53 -3.17 28.80 -2.10
CA LYS A 53 -3.71 28.65 -0.72
C LYS A 53 -5.20 28.27 -0.77
N ASN A 54 -5.94 28.83 -1.69
CA ASN A 54 -7.39 28.49 -1.79
C ASN A 54 -7.55 27.06 -2.31
N ALA A 55 -6.47 26.33 -2.38
CA ALA A 55 -6.54 24.94 -2.90
C ALA A 55 -7.22 24.02 -1.87
N LEU A 56 -7.25 24.43 -0.63
CA LEU A 56 -7.89 23.57 0.44
C LEU A 56 -9.19 22.95 -0.09
N SER A 57 -10.03 23.74 -0.70
CA SER A 57 -11.30 23.16 -1.24
C SER A 57 -10.97 22.28 -2.45
N PHE A 58 -9.99 22.65 -3.21
CA PHE A 58 -9.61 21.83 -4.40
C PHE A 58 -9.06 20.47 -3.95
N VAL A 59 -8.01 20.47 -3.18
CA VAL A 59 -7.45 19.17 -2.74
C VAL A 59 -8.56 18.32 -2.11
N SER A 60 -9.51 18.96 -1.45
CA SER A 60 -10.61 18.19 -0.81
C SER A 60 -11.34 17.37 -1.88
N ARG A 61 -11.77 17.99 -2.95
CA ARG A 61 -12.49 17.23 -4.00
C ARG A 61 -11.53 16.27 -4.71
N ILE A 62 -10.26 16.59 -4.78
CA ILE A 62 -9.30 15.68 -5.46
C ILE A 62 -9.16 14.38 -4.67
N LYS A 63 -9.44 14.42 -3.39
CA LYS A 63 -9.31 13.17 -2.57
C LYS A 63 -10.60 12.34 -2.63
N GLU A 64 -11.73 12.92 -2.34
CA GLU A 64 -13.00 12.14 -2.38
C GLU A 64 -13.28 11.65 -3.80
N LYS A 65 -13.09 12.50 -4.77
CA LYS A 65 -13.34 12.08 -6.18
C LYS A 65 -12.16 11.25 -6.68
N HIS A 66 -10.98 11.84 -6.72
CA HIS A 66 -9.77 11.10 -7.19
C HIS A 66 -9.01 10.56 -5.95
N SER A 67 -9.46 9.46 -5.41
CA SER A 67 -8.77 8.90 -4.21
C SER A 67 -7.51 8.15 -4.63
N SER A 68 -7.46 7.65 -5.84
CA SER A 68 -6.27 6.89 -6.30
C SER A 68 -5.17 7.86 -6.76
N ILE A 69 -4.83 8.83 -5.97
CA ILE A 69 -3.77 9.80 -6.38
C ILE A 69 -3.13 10.46 -5.14
N VAL A 70 -1.96 11.02 -5.29
CA VAL A 70 -1.27 11.68 -4.13
C VAL A 70 -1.58 13.18 -4.16
N VAL A 71 -1.43 13.87 -3.06
CA VAL A 71 -1.71 15.34 -3.04
C VAL A 71 -0.75 16.05 -2.08
N LEU A 72 0.00 16.99 -2.58
CA LEU A 72 0.97 17.75 -1.74
C LEU A 72 0.58 19.23 -1.79
N VAL A 73 -0.04 19.72 -0.76
CA VAL A 73 -0.44 21.16 -0.74
C VAL A 73 0.64 21.96 -0.01
N SER A 74 0.88 23.18 -0.42
CA SER A 74 1.93 24.02 0.25
C SER A 74 1.28 25.27 0.86
N SER A 75 1.98 25.96 1.71
CA SER A 75 1.38 27.18 2.34
C SER A 75 2.45 27.99 3.07
N ASP A 76 2.59 29.24 2.72
CA ASP A 76 3.62 30.09 3.37
C ASP A 76 3.28 30.28 4.85
N ASN A 77 2.22 29.67 5.31
CA ASN A 77 1.80 29.83 6.75
C ASN A 77 1.76 28.46 7.43
N PRO A 78 2.89 27.79 7.53
CA PRO A 78 2.96 26.45 8.19
C PRO A 78 2.59 26.53 9.66
N THR A 79 1.32 26.61 9.95
CA THR A 79 0.85 26.68 11.37
C THR A 79 0.27 25.32 11.75
N SER A 80 0.33 24.96 13.01
CA SER A 80 -0.21 23.65 13.43
C SER A 80 -1.69 23.56 13.05
N GLU A 81 -2.38 24.66 13.04
CA GLU A 81 -3.83 24.63 12.66
C GLU A 81 -3.94 24.25 11.18
N GLU A 82 -3.03 24.70 10.36
CA GLU A 82 -3.09 24.37 8.91
C GLU A 82 -2.74 22.89 8.71
N GLU A 83 -1.85 22.36 9.50
CA GLU A 83 -1.46 20.93 9.34
C GLU A 83 -2.69 20.05 9.57
N VAL A 84 -3.37 20.22 10.67
CA VAL A 84 -4.58 19.39 10.94
C VAL A 84 -5.61 19.62 9.83
N HIS A 85 -5.71 20.83 9.34
CA HIS A 85 -6.69 21.12 8.26
C HIS A 85 -6.21 20.47 6.95
N ALA A 86 -4.92 20.37 6.77
CA ALA A 86 -4.40 19.76 5.50
C ALA A 86 -4.79 18.29 5.43
N PHE A 87 -4.73 17.58 6.53
CA PHE A 87 -5.10 16.13 6.50
C PHE A 87 -6.62 16.01 6.63
N GLU A 88 -7.24 16.84 7.42
CA GLU A 88 -8.71 16.74 7.58
C GLU A 88 -9.38 17.15 6.27
N GLN A 89 -8.92 18.20 5.65
CA GLN A 89 -9.55 18.65 4.37
C GLN A 89 -9.29 17.59 3.29
N GLY A 90 -8.06 17.17 3.13
CA GLY A 90 -7.76 16.13 2.10
C GLY A 90 -6.40 16.41 1.46
N ALA A 91 -5.32 16.18 2.19
CA ALA A 91 -3.95 16.42 1.62
C ALA A 91 -3.03 15.27 2.04
N ASP A 92 -2.42 14.63 1.09
CA ASP A 92 -1.50 13.50 1.43
C ASP A 92 -0.35 14.01 2.29
N ASP A 93 0.17 15.17 1.96
CA ASP A 93 1.29 15.74 2.76
C ASP A 93 1.27 17.27 2.65
N TYR A 94 1.88 17.94 3.59
CA TYR A 94 1.91 19.44 3.56
C TYR A 94 3.37 19.92 3.60
N ILE A 95 3.73 20.83 2.72
CA ILE A 95 5.13 21.38 2.71
C ILE A 95 5.12 22.90 2.87
N ALA A 96 6.06 23.43 3.62
CA ALA A 96 6.13 24.91 3.80
C ALA A 96 6.36 25.54 2.43
N LYS A 97 5.49 26.39 2.00
CA LYS A 97 5.67 27.02 0.66
C LYS A 97 7.11 27.48 0.45
N PRO A 98 7.67 28.29 1.32
CA PRO A 98 9.02 28.82 1.13
C PRO A 98 10.00 27.78 0.57
N TYR A 99 9.60 26.53 0.53
CA TYR A 99 10.48 25.45 0.00
C TYR A 99 11.78 25.42 0.82
N ARG A 100 11.87 24.52 1.76
CA ARG A 100 13.08 24.45 2.61
C ARG A 100 14.32 24.37 1.70
N SER A 101 14.26 23.59 0.65
CA SER A 101 15.45 23.49 -0.26
C SER A 101 15.11 22.68 -1.50
N ILE A 102 13.92 22.79 -2.03
CA ILE A 102 13.54 22.03 -3.27
C ILE A 102 14.01 20.57 -3.15
N LYS A 103 15.30 20.33 -3.18
CA LYS A 103 15.81 18.94 -3.06
C LYS A 103 15.12 18.27 -1.87
N ALA A 104 14.87 19.02 -0.83
CA ALA A 104 14.18 18.42 0.35
C ALA A 104 12.74 18.09 -0.07
N LEU A 105 12.13 18.97 -0.81
CA LEU A 105 10.73 18.73 -1.27
C LEU A 105 10.73 17.54 -2.23
N VAL A 106 11.74 17.41 -3.05
CA VAL A 106 11.80 16.27 -4.00
C VAL A 106 12.12 14.99 -3.23
N ALA A 107 13.03 15.06 -2.30
CA ALA A 107 13.38 13.84 -1.51
C ALA A 107 12.09 13.24 -0.95
N ARG A 108 11.20 14.07 -0.48
CA ARG A 108 9.92 13.54 0.08
C ARG A 108 9.09 12.96 -1.06
N ILE A 109 9.10 13.59 -2.21
CA ILE A 109 8.30 13.05 -3.35
C ILE A 109 8.94 11.74 -3.80
N GLU A 110 10.23 11.63 -3.66
CA GLU A 110 10.90 10.38 -4.06
C GLU A 110 10.37 9.23 -3.20
N ALA A 111 10.46 9.36 -1.91
CA ALA A 111 9.96 8.28 -1.02
C ALA A 111 8.51 7.94 -1.39
N ARG A 112 7.74 8.91 -1.79
CA ARG A 112 6.33 8.63 -2.17
C ARG A 112 6.30 7.59 -3.30
N LEU A 113 7.09 7.80 -4.32
CA LEU A 113 7.12 6.83 -5.47
C LEU A 113 8.55 6.75 -6.02
N ARG A 114 9.29 5.75 -5.61
CA ARG A 114 10.69 5.61 -6.13
C ARG A 114 10.65 4.84 -7.46
N PHE A 115 10.13 3.64 -7.45
CA PHE A 115 10.06 2.85 -8.72
C PHE A 115 8.95 1.80 -8.61
N TRP A 116 7.76 2.16 -8.98
CA TRP A 116 6.63 1.18 -8.92
C TRP A 116 6.49 0.46 -10.26
N GLY A 117 6.36 -0.83 -10.24
CA GLY A 117 6.24 -1.58 -11.53
C GLY A 117 6.13 -3.09 -11.23
N SER A 118 4.94 -3.61 -11.23
CA SER A 118 4.76 -5.06 -10.94
C SER A 118 3.42 -5.52 -11.48
N ASN A 119 3.14 -6.79 -11.36
CA ASN A 119 1.86 -7.31 -11.89
C ASN A 119 1.54 -8.63 -11.17
N VAL A 120 0.42 -8.69 -10.49
CA VAL A 120 0.06 -9.95 -9.77
C VAL A 120 -0.62 -10.90 -10.75
N ILE A 121 -1.22 -10.37 -11.78
CA ILE A 121 -1.92 -11.23 -12.79
C ILE A 121 -1.14 -11.16 -14.11
N GLU A 122 -0.67 -12.28 -14.60
CA GLU A 122 0.10 -12.29 -15.88
C GLU A 122 -0.51 -13.31 -16.84
N ILE A 123 -1.14 -12.84 -17.89
CA ILE A 123 -1.76 -13.76 -18.89
C ILE A 123 -0.99 -13.64 -20.21
N GLY A 124 -0.52 -14.76 -20.70
CA GLY A 124 0.28 -14.77 -21.97
C GLY A 124 -0.19 -13.72 -22.97
N ASP A 125 -1.47 -13.58 -23.14
CA ASP A 125 -1.97 -12.57 -24.12
C ASP A 125 -1.57 -11.15 -23.67
N LEU A 126 -1.96 -10.77 -22.47
CA LEU A 126 -1.59 -9.40 -21.96
C LEU A 126 -1.31 -9.46 -20.45
N THR A 127 -0.72 -8.42 -19.90
CA THR A 127 -0.39 -8.41 -18.44
C THR A 127 -1.35 -7.47 -17.71
N ILE A 128 -1.72 -7.79 -16.48
CA ILE A 128 -2.66 -6.90 -15.71
C ILE A 128 -2.17 -6.78 -14.25
N SER A 129 -2.17 -5.56 -13.74
CA SER A 129 -1.71 -5.32 -12.33
C SER A 129 -2.85 -4.66 -11.53
N PRO A 130 -3.42 -5.32 -10.55
CA PRO A 130 -4.52 -4.74 -9.74
C PRO A 130 -4.01 -3.79 -8.65
N ASP A 131 -3.11 -4.25 -7.83
CA ASP A 131 -2.57 -3.36 -6.76
C ASP A 131 -2.00 -2.10 -7.38
N GLU A 132 -1.30 -2.23 -8.48
CA GLU A 132 -0.72 -1.04 -9.16
C GLU A 132 -1.79 -0.39 -10.04
N GLU A 133 -2.94 -1.00 -10.12
CA GLU A 133 -4.02 -0.42 -10.96
C GLU A 133 -3.47 -0.03 -12.33
N LYS A 134 -3.06 -0.98 -13.12
CA LYS A 134 -2.51 -0.65 -14.47
C LYS A 134 -2.58 -1.89 -15.37
N ILE A 135 -2.88 -1.71 -16.64
CA ILE A 135 -2.95 -2.87 -17.58
C ILE A 135 -2.07 -2.62 -18.80
N ILE A 136 -1.36 -3.63 -19.25
CA ILE A 136 -0.46 -3.50 -20.44
C ILE A 136 -0.95 -4.44 -21.53
N TYR A 137 -1.29 -3.94 -22.70
CA TYR A 137 -1.77 -4.83 -23.80
C TYR A 137 -1.18 -4.37 -25.14
N LYS A 138 -0.90 -5.29 -26.02
CA LYS A 138 -0.33 -4.93 -27.36
C LYS A 138 0.93 -4.08 -27.18
N GLY A 139 1.60 -4.22 -26.08
CA GLY A 139 2.86 -3.45 -25.86
C GLY A 139 2.54 -2.01 -25.45
N ARG A 140 1.29 -1.72 -25.18
CA ARG A 140 0.91 -0.33 -24.76
C ARG A 140 0.69 -0.30 -23.25
N GLU A 141 1.08 0.78 -22.60
CA GLU A 141 0.90 0.90 -21.12
C GLU A 141 -0.16 1.97 -20.83
N VAL A 142 -1.22 1.62 -20.14
CA VAL A 142 -2.28 2.64 -19.85
C VAL A 142 -2.84 2.45 -18.43
N GLU A 143 -3.16 3.53 -17.77
CA GLU A 143 -3.74 3.43 -16.40
C GLU A 143 -5.27 3.44 -16.55
N VAL A 144 -5.97 2.58 -15.86
CA VAL A 144 -7.46 2.53 -16.00
C VAL A 144 -8.12 2.39 -14.62
N LYS A 145 -9.18 3.13 -14.40
CA LYS A 145 -9.88 3.05 -13.09
C LYS A 145 -11.27 3.68 -13.23
N GLY A 146 -12.30 2.87 -13.30
CA GLY A 146 -13.68 3.42 -13.43
C GLY A 146 -14.70 2.31 -13.17
N LYS A 147 -15.83 2.36 -13.82
CA LYS A 147 -16.88 1.32 -13.61
C LYS A 147 -16.72 0.17 -14.64
N PRO A 148 -16.81 0.43 -15.93
CA PRO A 148 -16.66 -0.64 -16.97
C PRO A 148 -15.30 -1.35 -16.85
N PHE A 149 -14.37 -0.78 -16.13
CA PHE A 149 -13.02 -1.41 -16.00
C PHE A 149 -12.93 -2.17 -14.68
N GLU A 150 -13.73 -1.83 -13.71
CA GLU A 150 -13.66 -2.56 -12.42
C GLU A 150 -13.93 -4.04 -12.66
N VAL A 151 -14.82 -4.34 -13.57
CA VAL A 151 -15.11 -5.77 -13.87
C VAL A 151 -13.90 -6.39 -14.58
N LEU A 152 -13.14 -5.59 -15.27
CA LEU A 152 -11.94 -6.14 -16.00
C LEU A 152 -10.93 -6.66 -14.98
N THR A 153 -10.61 -5.90 -13.98
CA THR A 153 -9.62 -6.39 -12.97
C THR A 153 -10.27 -7.53 -12.17
N HIS A 154 -11.55 -7.45 -11.96
CA HIS A 154 -12.25 -8.51 -11.19
C HIS A 154 -11.98 -9.88 -11.80
N LEU A 155 -12.25 -10.05 -13.07
CA LEU A 155 -11.99 -11.37 -13.71
C LEU A 155 -10.50 -11.57 -13.94
N ALA A 156 -9.76 -10.50 -14.02
CA ALA A 156 -8.29 -10.63 -14.23
C ALA A 156 -7.72 -11.54 -13.14
N ARG A 157 -8.20 -11.42 -11.93
CA ARG A 157 -7.70 -12.29 -10.84
C ARG A 157 -8.51 -13.60 -10.86
N HIS A 158 -9.81 -13.48 -10.76
CA HIS A 158 -10.67 -14.69 -10.78
C HIS A 158 -10.62 -15.30 -12.18
N ARG A 159 -9.44 -15.45 -12.73
CA ARG A 159 -9.29 -16.02 -14.09
C ARG A 159 -10.03 -17.35 -14.20
N ASP A 160 -9.64 -18.31 -13.40
CA ASP A 160 -10.32 -19.65 -13.46
C ASP A 160 -11.40 -19.72 -12.39
N GLN A 161 -12.62 -19.40 -12.74
CA GLN A 161 -13.71 -19.46 -11.73
C GLN A 161 -15.06 -19.30 -12.42
N ILE A 162 -16.06 -19.99 -11.95
CA ILE A 162 -17.43 -19.88 -12.55
C ILE A 162 -18.16 -18.72 -11.86
N VAL A 163 -18.88 -17.93 -12.62
CA VAL A 163 -19.62 -16.77 -12.02
C VAL A 163 -21.10 -16.84 -12.41
N SER A 164 -21.96 -16.31 -11.58
CA SER A 164 -23.42 -16.33 -11.89
C SER A 164 -23.83 -14.96 -12.43
N LYS A 165 -24.92 -14.89 -13.15
CA LYS A 165 -25.38 -13.60 -13.71
C LYS A 165 -25.54 -12.56 -12.59
N GLU A 166 -26.29 -12.88 -11.58
CA GLU A 166 -26.51 -11.92 -10.46
C GLU A 166 -25.18 -11.62 -9.75
N GLN A 167 -24.26 -12.54 -9.77
CA GLN A 167 -22.95 -12.30 -9.07
C GLN A 167 -22.24 -11.11 -9.71
N LEU A 168 -22.02 -11.13 -11.00
CA LEU A 168 -21.33 -9.98 -11.64
C LEU A 168 -22.13 -8.71 -11.40
N LEU A 169 -23.42 -8.76 -11.57
CA LEU A 169 -24.24 -7.53 -11.34
C LEU A 169 -24.11 -7.07 -9.88
N ASP A 170 -24.35 -7.95 -8.95
CA ASP A 170 -24.24 -7.54 -7.52
C ASP A 170 -22.78 -7.32 -7.14
N ALA A 171 -21.86 -7.61 -8.02
CA ALA A 171 -20.43 -7.41 -7.70
C ALA A 171 -20.03 -5.94 -7.92
N ILE A 172 -20.18 -5.44 -9.12
CA ILE A 172 -19.80 -4.02 -9.38
C ILE A 172 -20.99 -3.11 -9.02
N TRP A 173 -22.19 -3.50 -9.40
CA TRP A 173 -23.38 -2.66 -9.09
C TRP A 173 -24.21 -3.33 -7.97
N GLU A 174 -24.32 -2.70 -6.84
CA GLU A 174 -25.12 -3.31 -5.72
C GLU A 174 -25.83 -2.19 -4.95
N GLU A 175 -25.98 -1.04 -5.55
CA GLU A 175 -26.68 0.08 -4.86
C GLU A 175 -26.89 1.24 -5.85
N PRO A 176 -25.88 1.58 -6.62
CA PRO A 176 -25.98 2.71 -7.60
C PRO A 176 -27.07 2.45 -8.65
N GLU A 177 -26.94 1.39 -9.40
CA GLU A 177 -27.98 1.08 -10.44
C GLU A 177 -29.10 0.27 -9.79
N MET A 178 -30.29 0.35 -10.33
CA MET A 178 -31.42 -0.42 -9.74
C MET A 178 -31.09 -1.92 -9.83
N VAL A 179 -29.96 -2.23 -10.38
CA VAL A 179 -29.50 -3.66 -10.51
C VAL A 179 -30.69 -4.58 -10.84
N THR A 180 -31.73 -4.03 -11.41
CA THR A 180 -32.92 -4.87 -11.77
C THR A 180 -32.41 -6.14 -12.50
N PRO A 181 -32.93 -7.31 -12.18
CA PRO A 181 -32.49 -8.57 -12.84
C PRO A 181 -32.96 -8.64 -14.30
N ASN A 182 -32.36 -7.85 -15.16
CA ASN A 182 -32.77 -7.86 -16.59
C ASN A 182 -31.75 -7.09 -17.42
N VAL A 183 -31.06 -6.16 -16.81
CA VAL A 183 -30.04 -5.37 -17.57
C VAL A 183 -28.79 -6.22 -17.77
N ILE A 184 -28.79 -7.43 -17.25
CA ILE A 184 -27.60 -8.31 -17.41
C ILE A 184 -27.19 -8.37 -18.88
N GLU A 185 -28.13 -8.57 -19.75
CA GLU A 185 -27.79 -8.66 -21.21
C GLU A 185 -27.06 -7.38 -21.65
N VAL A 186 -27.34 -6.27 -21.05
CA VAL A 186 -26.67 -5.01 -21.46
C VAL A 186 -25.22 -4.97 -20.95
N ALA A 187 -25.02 -5.17 -19.68
CA ALA A 187 -23.63 -5.12 -19.12
C ALA A 187 -22.77 -6.24 -19.72
N ILE A 188 -23.29 -7.43 -19.80
CA ILE A 188 -22.50 -8.57 -20.35
C ILE A 188 -22.28 -8.38 -21.86
N ASN A 189 -23.26 -7.88 -22.56
CA ASN A 189 -23.12 -7.71 -24.04
C ASN A 189 -22.14 -6.56 -24.35
N GLN A 190 -22.31 -5.43 -23.73
CA GLN A 190 -21.39 -4.29 -24.02
C GLN A 190 -19.95 -4.64 -23.59
N ILE A 191 -19.78 -5.19 -22.42
CA ILE A 191 -18.41 -5.53 -21.96
C ILE A 191 -17.78 -6.53 -22.94
N ARG A 192 -18.49 -7.55 -23.34
CA ARG A 192 -17.90 -8.54 -24.29
C ARG A 192 -17.52 -7.82 -25.59
N GLN A 193 -18.39 -6.99 -26.10
CA GLN A 193 -18.08 -6.27 -27.37
C GLN A 193 -16.92 -5.30 -27.14
N LYS A 194 -16.77 -4.81 -25.94
CA LYS A 194 -15.66 -3.86 -25.65
C LYS A 194 -14.44 -4.62 -25.10
N MET A 195 -14.55 -5.92 -24.95
CA MET A 195 -13.40 -6.71 -24.42
C MET A 195 -12.61 -7.33 -25.58
N ASP A 196 -13.24 -8.16 -26.37
CA ASP A 196 -12.53 -8.81 -27.49
C ASP A 196 -11.86 -7.76 -28.40
N LYS A 197 -12.33 -6.54 -28.37
CA LYS A 197 -11.72 -5.50 -29.24
C LYS A 197 -10.35 -5.09 -28.69
N PRO A 198 -10.29 -4.47 -27.53
CA PRO A 198 -8.99 -4.04 -26.96
C PRO A 198 -8.05 -5.22 -26.67
N LEU A 199 -8.49 -6.17 -25.90
CA LEU A 199 -7.61 -7.34 -25.58
C LEU A 199 -7.32 -8.12 -26.86
N GLY A 200 -8.30 -8.29 -27.71
CA GLY A 200 -8.08 -9.06 -28.95
C GLY A 200 -8.29 -10.55 -28.67
N ILE A 201 -7.94 -10.98 -27.49
CA ILE A 201 -8.11 -12.42 -27.11
C ILE A 201 -9.20 -12.53 -26.04
N SER A 202 -10.11 -13.46 -26.18
CA SER A 202 -11.20 -13.61 -25.19
C SER A 202 -10.84 -14.66 -24.13
N THR A 203 -11.57 -14.69 -23.05
CA THR A 203 -11.29 -15.68 -21.98
C THR A 203 -12.57 -15.87 -21.15
N VAL A 204 -13.71 -15.79 -21.80
CA VAL A 204 -15.02 -15.96 -21.09
C VAL A 204 -15.92 -16.87 -21.91
N GLU A 205 -16.61 -17.78 -21.25
CA GLU A 205 -17.52 -18.73 -21.97
C GLU A 205 -18.95 -18.56 -21.45
N THR A 206 -19.91 -18.50 -22.32
CA THR A 206 -21.33 -18.34 -21.90
C THR A 206 -22.03 -19.71 -21.93
N VAL A 207 -22.78 -20.02 -20.91
CA VAL A 207 -23.48 -21.35 -20.88
C VAL A 207 -24.86 -21.18 -20.24
N ARG A 208 -25.84 -21.92 -20.69
CA ARG A 208 -27.21 -21.79 -20.11
C ARG A 208 -27.25 -22.52 -18.77
N ARG A 209 -26.71 -21.92 -17.73
CA ARG A 209 -26.73 -22.58 -16.40
C ARG A 209 -26.40 -21.56 -15.32
N ARG A 210 -25.43 -21.83 -14.49
CA ARG A 210 -25.07 -20.87 -13.41
C ARG A 210 -24.91 -19.46 -14.00
N GLY A 211 -24.27 -19.34 -15.13
CA GLY A 211 -24.09 -17.99 -15.74
C GLY A 211 -22.94 -18.02 -16.75
N TYR A 212 -21.85 -17.34 -16.44
CA TYR A 212 -20.68 -17.30 -17.36
C TYR A 212 -19.47 -17.99 -16.70
N ARG A 213 -18.41 -18.19 -17.44
CA ARG A 213 -17.21 -18.86 -16.85
C ARG A 213 -15.94 -18.22 -17.41
N PHE A 214 -15.00 -17.90 -16.56
CA PHE A 214 -13.72 -17.29 -17.03
C PHE A 214 -12.61 -18.34 -16.96
N CYS A 215 -11.87 -18.48 -18.02
CA CYS A 215 -10.76 -19.48 -18.04
C CYS A 215 -9.72 -19.06 -19.07
N TYR A 216 -8.48 -19.41 -18.87
CA TYR A 216 -7.44 -19.01 -19.86
C TYR A 216 -7.76 -19.67 -21.21
N PRO A 217 -7.39 -19.05 -22.32
CA PRO A 217 -7.67 -19.60 -23.68
C PRO A 217 -6.78 -20.80 -24.02
N LYS A 218 -6.64 -21.10 -25.28
CA LYS A 218 -5.80 -22.26 -25.71
C LYS A 218 -4.48 -22.25 -24.91
N PRO A 219 -3.76 -23.34 -24.86
CA PRO A 219 -2.48 -23.42 -24.11
C PRO A 219 -1.63 -22.14 -24.30
N ALA A 220 -1.47 -21.37 -23.27
CA ALA A 220 -0.67 -20.11 -23.39
C ALA A 220 0.74 -20.44 -23.88
N CYS A 221 1.30 -21.52 -23.43
CA CYS A 221 2.69 -21.88 -23.88
C CYS A 221 2.91 -23.38 -23.72
N GLU A 222 4.07 -23.86 -24.12
CA GLU A 222 4.38 -25.31 -23.99
C GLU A 222 5.86 -25.48 -23.63
N GLU A 223 6.73 -24.79 -24.32
CA GLU A 223 8.18 -24.90 -24.01
C GLU A 223 8.42 -24.54 -22.54
N MET B 1 0.40 -1.54 20.38
CA MET B 1 0.16 -0.09 20.15
C MET B 1 0.92 0.73 21.20
N ARG B 2 2.21 0.84 21.05
CA ARG B 2 3.03 1.62 22.03
C ARG B 2 3.89 2.64 21.27
N VAL B 3 4.13 3.78 21.88
CA VAL B 3 4.95 4.84 21.20
C VAL B 3 6.29 4.99 21.91
N LEU B 4 7.37 4.84 21.19
CA LEU B 4 8.73 4.98 21.80
C LEU B 4 9.19 6.43 21.63
N LEU B 5 9.41 7.11 22.72
CA LEU B 5 9.87 8.53 22.67
C LEU B 5 11.25 8.62 23.35
N ILE B 6 12.26 9.02 22.63
CA ILE B 6 13.63 9.12 23.22
C ILE B 6 14.02 10.60 23.29
N GLU B 7 13.86 11.21 24.45
CA GLU B 7 14.21 12.66 24.61
C GLU B 7 15.11 12.82 25.83
N LYS B 8 16.13 13.63 25.71
CA LYS B 8 17.04 13.83 26.87
C LYS B 8 16.30 14.60 27.98
N ASN B 9 15.39 15.47 27.61
CA ASN B 9 14.63 16.25 28.62
C ASN B 9 13.35 15.50 28.98
N SER B 10 13.14 15.24 30.25
CA SER B 10 11.91 14.50 30.66
C SER B 10 10.71 15.43 30.60
N VAL B 11 10.90 16.70 30.87
CA VAL B 11 9.77 17.66 30.82
C VAL B 11 9.16 17.68 29.41
N LEU B 12 9.98 17.77 28.40
CA LEU B 12 9.45 17.79 27.01
C LEU B 12 8.75 16.46 26.71
N GLY B 13 9.27 15.38 27.21
CA GLY B 13 8.62 14.06 26.96
C GLY B 13 7.32 14.00 27.75
N GLY B 14 7.26 14.71 28.84
CA GLY B 14 6.03 14.71 29.66
C GLY B 14 4.87 15.29 28.86
N GLU B 15 5.05 16.47 28.31
CA GLU B 15 3.96 17.10 27.52
C GLU B 15 3.57 16.19 26.36
N ILE B 16 4.53 15.67 25.63
CA ILE B 16 4.19 14.77 24.49
C ILE B 16 3.52 13.52 25.04
N GLU B 17 4.01 13.01 26.15
CA GLU B 17 3.39 11.79 26.73
C GLU B 17 1.94 12.08 27.10
N LYS B 18 1.69 13.20 27.72
CA LYS B 18 0.29 13.53 28.11
C LYS B 18 -0.41 14.20 26.94
N GLY B 19 0.27 14.32 25.83
CA GLY B 19 -0.34 14.95 24.63
C GLY B 19 -1.07 13.88 23.82
N LEU B 20 -0.39 12.84 23.44
CA LEU B 20 -1.03 11.77 22.63
C LEU B 20 -1.93 10.91 23.53
N ASN B 21 -1.70 10.92 24.82
CA ASN B 21 -2.53 10.11 25.74
C ASN B 21 -4.01 10.41 25.50
N VAL B 22 -4.33 11.63 25.15
CA VAL B 22 -5.76 11.98 24.90
C VAL B 22 -6.31 11.09 23.80
N LYS B 23 -5.46 10.66 22.89
CA LYS B 23 -5.94 9.79 21.78
C LYS B 23 -6.07 8.35 22.28
N GLY B 24 -5.62 8.08 23.48
CA GLY B 24 -5.73 6.69 24.02
C GLY B 24 -4.53 5.85 23.58
N PHE B 25 -3.35 6.43 23.57
CA PHE B 25 -2.12 5.66 23.15
C PHE B 25 -1.14 5.62 24.33
N MET B 26 -0.20 4.70 24.30
CA MET B 26 0.79 4.59 25.40
C MET B 26 2.13 5.13 24.90
N ALA B 27 2.84 5.85 25.73
CA ALA B 27 4.15 6.42 25.30
C ALA B 27 5.15 6.35 26.44
N ASP B 28 6.43 6.34 26.12
CA ASP B 28 7.48 6.28 27.17
C ASP B 28 8.61 7.25 26.80
N VAL B 29 9.16 7.95 27.76
CA VAL B 29 10.27 8.92 27.47
C VAL B 29 11.58 8.29 27.95
N THR B 30 12.63 8.42 27.18
CA THR B 30 13.94 7.84 27.59
C THR B 30 15.05 8.85 27.30
N GLU B 31 16.23 8.63 27.83
CA GLU B 31 17.36 9.58 27.60
C GLU B 31 18.15 9.16 26.37
N SER B 32 19.24 8.46 26.56
CA SER B 32 20.08 8.03 25.40
C SER B 32 19.45 6.81 24.73
N LEU B 33 19.88 6.49 23.54
CA LEU B 33 19.32 5.32 22.81
C LEU B 33 19.45 4.06 23.67
N GLU B 34 20.46 3.99 24.49
CA GLU B 34 20.64 2.78 25.33
C GLU B 34 19.36 2.50 26.12
N ASP B 35 18.78 3.49 26.71
CA ASP B 35 17.52 3.25 27.49
C ASP B 35 16.40 2.87 26.52
N GLY B 36 16.31 3.54 25.40
CA GLY B 36 15.23 3.21 24.43
C GLY B 36 15.52 1.84 23.81
N GLU B 37 16.76 1.55 23.51
CA GLU B 37 17.10 0.24 22.91
C GLU B 37 16.85 -0.88 23.91
N TYR B 38 17.14 -0.66 25.16
CA TYR B 38 16.91 -1.72 26.18
C TYR B 38 15.43 -1.76 26.58
N LEU B 39 14.81 -0.61 26.71
CA LEU B 39 13.38 -0.57 27.11
C LEU B 39 12.50 -1.14 25.98
N MET B 40 12.84 -0.87 24.75
CA MET B 40 11.99 -1.37 23.63
C MET B 40 12.27 -2.86 23.40
N ASP B 41 13.40 -3.35 23.82
CA ASP B 41 13.71 -4.80 23.62
C ASP B 41 12.73 -5.66 24.41
N ILE B 42 12.40 -5.28 25.62
CA ILE B 42 11.46 -6.10 26.43
C ILE B 42 10.00 -5.79 26.03
N ARG B 43 9.68 -4.54 25.83
CA ARG B 43 8.27 -4.18 25.44
C ARG B 43 8.18 -4.09 23.91
N ASN B 44 7.03 -4.38 23.36
CA ASN B 44 6.87 -4.29 21.88
C ASN B 44 6.95 -2.82 21.45
N TYR B 45 6.49 -2.50 20.27
CA TYR B 45 6.55 -1.09 19.81
C TYR B 45 5.93 -0.96 18.42
N ASP B 46 5.45 0.21 18.08
CA ASP B 46 4.84 0.44 16.74
C ASP B 46 5.32 1.78 16.18
N LEU B 47 5.28 2.81 16.99
CA LEU B 47 5.75 4.16 16.53
C LEU B 47 7.12 4.43 17.15
N VAL B 48 8.15 4.45 16.34
CA VAL B 48 9.52 4.71 16.89
C VAL B 48 9.86 6.18 16.70
N MET B 49 9.70 6.97 17.73
CA MET B 49 10.02 8.43 17.64
C MET B 49 11.21 8.75 18.55
N VAL B 50 12.18 9.43 18.02
CA VAL B 50 13.40 9.78 18.82
C VAL B 50 13.89 11.17 18.40
N SER B 51 14.13 12.02 19.35
CA SER B 51 14.61 13.41 19.03
C SER B 51 16.14 13.44 19.05
N ASP B 52 16.77 12.34 19.38
CA ASP B 52 18.26 12.32 19.41
C ASP B 52 18.82 12.29 17.98
N LYS B 53 19.85 13.04 17.72
CA LYS B 53 20.44 13.05 16.35
C LYS B 53 21.23 11.77 16.10
N ASN B 54 22.10 11.40 17.00
CA ASN B 54 22.91 10.16 16.81
C ASN B 54 21.97 9.00 16.47
N ALA B 55 20.69 9.20 16.62
CA ALA B 55 19.72 8.12 16.31
C ALA B 55 19.77 7.75 14.82
N LEU B 56 20.28 8.64 14.00
CA LEU B 56 20.35 8.34 12.52
C LEU B 56 20.78 6.89 12.30
N SER B 57 21.83 6.45 12.92
CA SER B 57 22.27 5.04 12.73
C SER B 57 21.25 4.11 13.39
N PHE B 58 20.65 4.55 14.47
CA PHE B 58 19.66 3.68 15.17
C PHE B 58 18.44 3.44 14.27
N VAL B 59 17.93 4.47 13.64
CA VAL B 59 16.75 4.25 12.76
C VAL B 59 17.14 3.36 11.58
N SER B 60 18.34 3.50 11.10
CA SER B 60 18.78 2.67 9.94
C SER B 60 18.63 1.19 10.30
N ARG B 61 19.15 0.78 11.43
CA ARG B 61 19.05 -0.66 11.82
C ARG B 61 17.58 -1.02 12.09
N ILE B 62 16.79 -0.10 12.60
CA ILE B 62 15.36 -0.42 12.88
C ILE B 62 14.62 -0.69 11.57
N LYS B 63 14.92 0.05 10.54
CA LYS B 63 14.20 -0.16 9.25
C LYS B 63 14.57 -1.52 8.64
N GLU B 64 15.83 -1.85 8.60
CA GLU B 64 16.22 -3.17 8.00
C GLU B 64 15.88 -4.31 8.96
N LYS B 65 16.15 -4.14 10.22
CA LYS B 65 15.83 -5.22 11.20
C LYS B 65 14.31 -5.33 11.39
N HIS B 66 13.60 -4.28 11.12
CA HIS B 66 12.11 -4.32 11.29
C HIS B 66 11.47 -3.29 10.37
N SER B 67 11.57 -3.46 9.08
CA SER B 67 10.97 -2.49 8.14
C SER B 67 9.48 -2.30 8.45
N SER B 68 8.81 -3.35 8.85
CA SER B 68 7.36 -3.23 9.16
C SER B 68 7.18 -2.38 10.42
N ILE B 69 7.83 -1.25 10.49
CA ILE B 69 7.69 -0.37 11.70
C ILE B 69 7.72 1.10 11.27
N VAL B 70 7.13 1.97 12.03
CA VAL B 70 7.14 3.43 11.66
C VAL B 70 8.30 4.13 12.37
N VAL B 71 8.78 5.22 11.83
CA VAL B 71 9.92 5.95 12.47
C VAL B 71 9.70 7.45 12.34
N LEU B 72 9.72 8.16 13.44
CA LEU B 72 9.51 9.64 13.42
C LEU B 72 10.77 10.31 14.00
N VAL B 73 11.64 10.78 13.14
CA VAL B 73 12.87 11.46 13.63
C VAL B 73 12.58 12.94 13.81
N SER B 74 12.59 13.42 15.03
CA SER B 74 12.32 14.86 15.27
C SER B 74 13.65 15.63 15.20
N SER B 75 13.62 16.93 15.29
CA SER B 75 14.91 17.69 15.22
C SER B 75 14.70 19.14 15.65
N ASP B 76 15.40 19.56 16.67
CA ASP B 76 15.24 20.97 17.13
C ASP B 76 15.57 21.91 15.97
N ASN B 77 16.46 21.48 15.10
CA ASN B 77 16.83 22.31 13.91
C ASN B 77 16.34 21.60 12.64
N PRO B 78 15.14 21.90 12.19
CA PRO B 78 14.57 21.23 10.98
C PRO B 78 15.15 21.82 9.69
N THR B 79 16.38 21.52 9.40
CA THR B 79 17.02 22.04 8.16
C THR B 79 16.74 21.07 7.00
N SER B 80 16.91 21.52 5.79
CA SER B 80 16.65 20.63 4.63
C SER B 80 17.72 19.53 4.57
N GLU B 81 18.93 19.83 4.98
CA GLU B 81 20.00 18.81 4.93
C GLU B 81 19.65 17.66 5.88
N GLU B 82 19.13 17.97 7.03
CA GLU B 82 18.76 16.90 7.99
C GLU B 82 17.50 16.17 7.51
N GLU B 83 16.65 16.86 6.81
CA GLU B 83 15.40 16.22 6.30
C GLU B 83 15.76 15.11 5.31
N VAL B 84 16.50 15.45 4.27
CA VAL B 84 16.88 14.41 3.27
C VAL B 84 17.64 13.29 3.99
N HIS B 85 18.47 13.64 4.93
CA HIS B 85 19.24 12.59 5.66
C HIS B 85 18.26 11.71 6.44
N ALA B 86 17.15 12.26 6.84
CA ALA B 86 16.16 11.46 7.61
C ALA B 86 15.58 10.37 6.72
N PHE B 87 15.21 10.69 5.51
CA PHE B 87 14.64 9.65 4.60
C PHE B 87 15.80 8.85 3.98
N GLU B 88 16.92 9.48 3.76
CA GLU B 88 18.07 8.74 3.16
C GLU B 88 18.52 7.64 4.12
N GLN B 89 18.78 7.99 5.34
CA GLN B 89 19.23 6.96 6.34
C GLN B 89 18.12 5.94 6.56
N GLY B 90 16.92 6.40 6.88
CA GLY B 90 15.80 5.44 7.11
C GLY B 90 14.80 6.03 8.10
N ALA B 91 14.04 7.02 7.69
CA ALA B 91 13.03 7.65 8.60
C ALA B 91 11.67 7.69 7.88
N ASP B 92 10.62 7.32 8.56
CA ASP B 92 9.28 7.35 7.91
C ASP B 92 8.78 8.78 7.85
N ASP B 93 9.17 9.59 8.80
CA ASP B 93 8.72 11.01 8.80
C ASP B 93 9.77 11.87 9.52
N TYR B 94 9.69 13.16 9.35
CA TYR B 94 10.69 14.08 9.99
C TYR B 94 9.95 15.32 10.48
N ILE B 95 10.00 15.60 11.78
CA ILE B 95 9.26 16.80 12.32
C ILE B 95 10.19 17.70 13.13
N ALA B 96 9.79 18.92 13.35
CA ALA B 96 10.63 19.85 14.16
C ALA B 96 10.42 19.50 15.63
N LYS B 97 11.49 19.32 16.36
CA LYS B 97 11.31 18.94 17.80
C LYS B 97 10.35 19.89 18.51
N PRO B 98 10.58 21.17 18.53
CA PRO B 98 9.72 22.10 19.28
C PRO B 98 8.22 21.77 19.17
N TYR B 99 7.87 20.85 18.31
CA TYR B 99 6.45 20.45 18.14
C TYR B 99 5.63 21.67 17.70
N ARG B 100 5.07 21.65 16.53
CA ARG B 100 4.26 22.82 16.07
C ARG B 100 3.11 23.04 17.06
N SER B 101 2.60 21.98 17.66
CA SER B 101 1.49 22.14 18.65
C SER B 101 1.18 20.81 19.32
N ILE B 102 2.13 19.93 19.45
CA ILE B 102 1.88 18.61 20.10
C ILE B 102 0.66 17.94 19.48
N LYS B 103 -0.51 18.47 19.69
CA LYS B 103 -1.73 17.86 19.11
C LYS B 103 -1.55 17.82 17.60
N ALA B 104 -0.89 18.78 17.05
CA ALA B 104 -0.67 18.78 15.58
C ALA B 104 0.17 17.56 15.21
N LEU B 105 1.19 17.29 15.97
CA LEU B 105 2.05 16.11 15.68
C LEU B 105 1.20 14.84 15.85
N VAL B 106 0.49 14.73 16.95
CA VAL B 106 -0.36 13.52 17.17
C VAL B 106 -1.37 13.40 16.04
N ALA B 107 -1.94 14.50 15.61
CA ALA B 107 -2.93 14.44 14.50
C ALA B 107 -2.28 13.79 13.28
N ARG B 108 -1.03 14.05 13.06
CA ARG B 108 -0.33 13.45 11.89
C ARG B 108 0.07 12.00 12.19
N ILE B 109 0.30 11.68 13.44
CA ILE B 109 0.68 10.29 13.78
C ILE B 109 -0.56 9.41 13.72
N GLU B 110 -1.63 9.85 14.29
CA GLU B 110 -2.87 9.04 14.23
C GLU B 110 -3.33 8.97 12.79
N ALA B 111 -3.27 10.06 12.09
CA ALA B 111 -3.71 10.07 10.66
C ALA B 111 -2.97 8.98 9.91
N ARG B 112 -1.71 8.78 10.19
CA ARG B 112 -0.94 7.73 9.48
C ARG B 112 -1.49 6.35 9.82
N LEU B 113 -1.78 6.09 11.07
CA LEU B 113 -2.31 4.74 11.47
C LEU B 113 -3.84 4.78 11.59
N ARG B 114 -4.35 5.61 12.47
CA ARG B 114 -5.83 5.69 12.69
C ARG B 114 -6.39 4.32 13.09
N PHE B 115 -5.57 3.30 13.09
CA PHE B 115 -6.07 1.94 13.47
C PHE B 115 -4.89 0.98 13.59
N TRP B 116 -4.71 0.12 12.62
CA TRP B 116 -3.58 -0.87 12.67
C TRP B 116 -3.10 -1.12 11.25
N GLY B 117 -2.94 -0.09 10.46
CA GLY B 117 -2.48 -0.29 9.06
C GLY B 117 -3.64 -0.82 8.22
N SER B 118 -3.37 -1.73 7.33
CA SER B 118 -4.46 -2.29 6.46
C SER B 118 -4.10 -3.72 6.06
N ASN B 119 -5.06 -4.61 6.08
CA ASN B 119 -4.77 -6.02 5.68
C ASN B 119 -4.92 -6.18 4.18
N VAL B 120 -4.50 -7.30 3.65
CA VAL B 120 -4.60 -7.55 2.18
C VAL B 120 -5.08 -8.98 1.94
N ILE B 121 -4.67 -9.89 2.79
CA ILE B 121 -5.08 -11.32 2.64
C ILE B 121 -6.01 -11.71 3.78
N GLU B 122 -7.10 -12.38 3.50
CA GLU B 122 -8.05 -12.78 4.57
C GLU B 122 -8.73 -14.10 4.20
N ILE B 123 -8.79 -15.02 5.12
CA ILE B 123 -9.45 -16.33 4.84
C ILE B 123 -10.06 -16.86 6.14
N GLY B 124 -11.33 -17.14 6.15
CA GLY B 124 -11.97 -17.65 7.38
C GLY B 124 -11.69 -16.67 8.54
N ASP B 125 -11.35 -17.18 9.69
CA ASP B 125 -11.08 -16.29 10.85
C ASP B 125 -9.59 -15.93 10.87
N LEU B 126 -8.84 -16.41 9.91
CA LEU B 126 -7.37 -16.10 9.86
C LEU B 126 -7.16 -14.85 9.01
N THR B 127 -6.30 -13.96 9.43
CA THR B 127 -6.04 -12.73 8.63
C THR B 127 -4.52 -12.52 8.50
N ILE B 128 -4.02 -12.51 7.29
CA ILE B 128 -2.54 -12.32 7.06
C ILE B 128 -2.32 -11.04 6.26
N SER B 129 -1.22 -10.36 6.50
CA SER B 129 -0.92 -9.09 5.76
C SER B 129 0.58 -9.07 5.37
N PRO B 130 0.92 -8.75 4.14
CA PRO B 130 2.35 -8.71 3.70
C PRO B 130 3.05 -7.41 4.11
N ASP B 131 2.44 -6.29 3.83
CA ASP B 131 3.08 -4.98 4.19
C ASP B 131 3.35 -4.93 5.69
N GLU B 132 2.38 -5.24 6.50
CA GLU B 132 2.59 -5.20 7.98
C GLU B 132 3.27 -6.49 8.44
N GLU B 133 3.37 -7.47 7.58
CA GLU B 133 4.01 -8.75 7.97
C GLU B 133 3.42 -9.22 9.30
N LYS B 134 2.18 -9.61 9.31
CA LYS B 134 1.53 -10.07 10.57
C LYS B 134 0.65 -11.30 10.29
N ILE B 135 0.64 -12.26 11.18
CA ILE B 135 -0.19 -13.49 10.97
C ILE B 135 -1.20 -13.63 12.12
N ILE B 136 -2.46 -13.76 11.78
CA ILE B 136 -3.53 -13.91 12.81
C ILE B 136 -4.16 -15.30 12.67
N TYR B 137 -4.13 -16.10 13.71
CA TYR B 137 -4.72 -17.47 13.63
C TYR B 137 -5.44 -17.79 14.94
N LYS B 138 -6.54 -18.50 14.86
CA LYS B 138 -7.29 -18.86 16.09
C LYS B 138 -7.62 -17.60 16.89
N GLY B 139 -7.38 -16.44 16.33
CA GLY B 139 -7.69 -15.17 17.06
C GLY B 139 -6.46 -14.70 17.85
N ARG B 140 -5.31 -15.23 17.52
CA ARG B 140 -4.06 -14.83 18.23
C ARG B 140 -3.20 -13.94 17.33
N GLU B 141 -2.53 -12.98 17.90
CA GLU B 141 -1.66 -12.07 17.08
C GLU B 141 -0.20 -12.47 17.27
N VAL B 142 0.45 -12.86 16.20
CA VAL B 142 1.89 -13.26 16.30
C VAL B 142 2.66 -12.66 15.12
N GLU B 143 3.82 -12.13 15.36
CA GLU B 143 4.61 -11.52 14.26
C GLU B 143 5.32 -12.63 13.47
N VAL B 144 5.24 -12.59 12.17
CA VAL B 144 5.92 -13.63 11.35
C VAL B 144 7.43 -13.38 11.37
N LYS B 145 8.20 -14.41 11.60
CA LYS B 145 9.68 -14.22 11.64
C LYS B 145 10.37 -15.59 11.69
N GLY B 146 10.25 -16.35 10.64
CA GLY B 146 10.90 -17.69 10.61
C GLY B 146 10.54 -18.41 9.31
N LYS B 147 11.35 -19.34 8.90
CA LYS B 147 11.05 -20.07 7.62
C LYS B 147 9.76 -20.89 7.80
N PRO B 148 9.55 -21.50 8.95
CA PRO B 148 8.33 -22.30 9.21
C PRO B 148 7.07 -21.43 9.11
N PHE B 149 7.18 -20.17 9.44
CA PHE B 149 6.00 -19.25 9.38
C PHE B 149 6.01 -18.52 8.03
N GLU B 150 7.15 -18.46 7.39
CA GLU B 150 7.21 -17.76 6.07
C GLU B 150 6.40 -18.53 5.03
N VAL B 151 6.47 -19.84 5.07
CA VAL B 151 5.70 -20.65 4.08
C VAL B 151 4.20 -20.48 4.32
N LEU B 152 3.81 -20.34 5.57
CA LEU B 152 2.36 -20.17 5.88
C LEU B 152 1.88 -18.81 5.33
N THR B 153 2.67 -17.80 5.51
CA THR B 153 2.26 -16.45 5.02
C THR B 153 2.37 -16.36 3.50
N HIS B 154 3.23 -17.14 2.90
CA HIS B 154 3.39 -17.05 1.42
C HIS B 154 2.16 -17.66 0.74
N LEU B 155 1.88 -18.91 0.97
CA LEU B 155 0.69 -19.51 0.32
C LEU B 155 -0.56 -18.78 0.79
N ALA B 156 -0.49 -18.10 1.91
CA ALA B 156 -1.69 -17.36 2.38
C ALA B 156 -2.03 -16.30 1.34
N ARG B 157 -1.06 -15.54 0.91
CA ARG B 157 -1.35 -14.50 -0.12
C ARG B 157 -1.60 -15.17 -1.48
N HIS B 158 -0.81 -16.15 -1.82
CA HIS B 158 -0.99 -16.83 -3.13
C HIS B 158 -2.09 -17.90 -3.03
N ARG B 159 -2.83 -17.93 -1.96
CA ARG B 159 -3.91 -18.95 -1.83
C ARG B 159 -4.75 -18.96 -3.11
N ASP B 160 -5.53 -19.99 -3.30
CA ASP B 160 -6.37 -20.07 -4.54
C ASP B 160 -5.47 -20.11 -5.78
N GLN B 161 -4.53 -21.01 -5.81
CA GLN B 161 -3.62 -21.10 -6.99
C GLN B 161 -2.96 -22.49 -7.00
N ILE B 162 -2.52 -22.95 -8.14
CA ILE B 162 -1.86 -24.29 -8.20
C ILE B 162 -0.37 -24.11 -7.95
N VAL B 163 0.21 -24.92 -7.09
CA VAL B 163 1.66 -24.79 -6.78
C VAL B 163 2.30 -26.17 -6.61
N SER B 164 3.48 -26.37 -7.16
CA SER B 164 4.17 -27.69 -7.03
C SER B 164 5.14 -27.64 -5.85
N LYS B 165 5.66 -28.76 -5.43
CA LYS B 165 6.62 -28.77 -4.29
C LYS B 165 7.87 -27.95 -4.65
N GLU B 166 8.31 -28.05 -5.87
CA GLU B 166 9.53 -27.30 -6.28
C GLU B 166 9.38 -25.81 -5.93
N GLN B 167 8.20 -25.26 -6.12
CA GLN B 167 7.99 -23.83 -5.81
C GLN B 167 8.27 -23.54 -4.33
N LEU B 168 7.71 -24.33 -3.45
CA LEU B 168 7.93 -24.09 -1.99
C LEU B 168 9.43 -24.10 -1.70
N LEU B 169 10.18 -24.90 -2.39
CA LEU B 169 11.66 -24.96 -2.13
C LEU B 169 12.29 -23.62 -2.50
N ASP B 170 12.21 -23.23 -3.75
CA ASP B 170 12.82 -21.95 -4.19
C ASP B 170 12.11 -20.76 -3.51
N ALA B 171 10.87 -20.90 -3.18
CA ALA B 171 10.13 -19.76 -2.55
C ALA B 171 10.77 -19.39 -1.20
N ILE B 172 10.83 -20.32 -0.28
CA ILE B 172 11.44 -20.00 1.05
C ILE B 172 12.95 -20.23 0.98
N TRP B 173 13.36 -21.42 0.67
CA TRP B 173 14.83 -21.70 0.58
C TRP B 173 15.34 -21.22 -0.78
N GLU B 174 16.43 -20.52 -0.81
CA GLU B 174 16.94 -20.03 -2.12
C GLU B 174 18.42 -19.62 -1.99
N GLU B 175 18.81 -19.07 -0.88
CA GLU B 175 20.23 -18.63 -0.72
C GLU B 175 21.14 -19.83 -0.38
N PRO B 176 20.67 -20.79 0.39
CA PRO B 176 21.49 -21.98 0.78
C PRO B 176 21.33 -23.15 -0.20
N GLU B 177 20.14 -23.41 -0.65
CA GLU B 177 19.93 -24.55 -1.60
C GLU B 177 20.60 -25.80 -1.04
N MET B 178 20.96 -25.79 0.21
CA MET B 178 21.62 -26.99 0.81
C MET B 178 20.59 -28.10 1.05
N VAL B 179 19.35 -27.75 1.23
CA VAL B 179 18.31 -28.80 1.46
C VAL B 179 18.24 -29.72 0.25
N THR B 180 18.02 -30.99 0.46
CA THR B 180 17.94 -31.93 -0.70
C THR B 180 16.68 -31.62 -1.53
N PRO B 181 16.71 -31.88 -2.82
CA PRO B 181 15.54 -31.60 -3.71
C PRO B 181 14.43 -32.66 -3.56
N ASN B 182 14.26 -33.21 -2.38
CA ASN B 182 13.19 -34.25 -2.21
C ASN B 182 12.67 -34.21 -0.77
N VAL B 183 13.38 -33.58 0.12
CA VAL B 183 12.93 -33.52 1.54
C VAL B 183 11.62 -32.74 1.63
N ILE B 184 11.29 -31.97 0.62
CA ILE B 184 10.03 -31.18 0.67
C ILE B 184 8.86 -32.10 1.08
N GLU B 185 8.89 -33.33 0.64
CA GLU B 185 7.77 -34.25 1.01
C GLU B 185 7.65 -34.31 2.54
N VAL B 186 8.74 -34.25 3.23
CA VAL B 186 8.68 -34.28 4.72
C VAL B 186 8.21 -32.92 5.24
N ALA B 187 8.62 -31.86 4.61
CA ALA B 187 8.20 -30.50 5.06
C ALA B 187 6.68 -30.37 4.92
N ILE B 188 6.15 -30.59 3.76
CA ILE B 188 4.67 -30.46 3.58
C ILE B 188 3.94 -31.48 4.45
N ASN B 189 4.51 -32.64 4.65
CA ASN B 189 3.85 -33.68 5.48
C ASN B 189 3.83 -33.26 6.95
N GLN B 190 4.95 -32.87 7.48
CA GLN B 190 4.97 -32.47 8.92
C GLN B 190 4.29 -31.11 9.11
N ILE B 191 4.48 -30.20 8.20
CA ILE B 191 3.83 -28.86 8.34
C ILE B 191 2.31 -29.05 8.45
N ARG B 192 1.77 -29.97 7.71
CA ARG B 192 0.29 -30.18 7.78
C ARG B 192 -0.08 -30.88 9.10
N GLN B 193 0.66 -31.88 9.48
CA GLN B 193 0.35 -32.60 10.75
C GLN B 193 0.65 -31.72 11.96
N LYS B 194 1.60 -30.82 11.85
CA LYS B 194 1.95 -29.96 13.01
C LYS B 194 0.98 -28.76 13.10
N MET B 195 0.52 -28.26 11.98
CA MET B 195 -0.40 -27.08 12.01
C MET B 195 -1.86 -27.53 12.06
N ASP B 196 -2.22 -28.56 11.32
CA ASP B 196 -3.63 -29.01 11.32
C ASP B 196 -4.12 -29.27 12.75
N LYS B 197 -3.21 -29.47 13.68
CA LYS B 197 -3.67 -29.72 15.08
C LYS B 197 -4.11 -28.39 15.73
N PRO B 198 -3.22 -27.46 15.94
CA PRO B 198 -3.57 -26.13 16.55
C PRO B 198 -4.49 -25.32 15.64
N LEU B 199 -4.18 -25.26 14.36
CA LEU B 199 -5.03 -24.49 13.42
C LEU B 199 -6.41 -25.14 13.32
N GLY B 200 -6.46 -26.42 13.08
CA GLY B 200 -7.77 -27.13 12.99
C GLY B 200 -8.32 -27.02 11.56
N ILE B 201 -8.06 -25.93 10.89
CA ILE B 201 -8.57 -25.76 9.50
C ILE B 201 -7.53 -26.26 8.49
N SER B 202 -7.96 -26.91 7.44
CA SER B 202 -7.03 -27.41 6.39
C SER B 202 -7.37 -26.74 5.06
N THR B 203 -6.39 -26.23 4.36
CA THR B 203 -6.66 -25.54 3.05
C THR B 203 -5.63 -25.98 2.02
N VAL B 204 -5.38 -27.26 1.91
CA VAL B 204 -4.39 -27.76 0.92
C VAL B 204 -4.88 -29.08 0.32
N GLU B 205 -5.03 -29.14 -0.98
CA GLU B 205 -5.50 -30.40 -1.64
C GLU B 205 -4.32 -31.02 -2.39
N THR B 206 -4.07 -32.29 -2.18
CA THR B 206 -2.93 -32.95 -2.87
C THR B 206 -3.41 -33.62 -4.16
N VAL B 207 -2.73 -33.39 -5.24
CA VAL B 207 -3.10 -34.00 -6.55
C VAL B 207 -1.86 -34.65 -7.16
N ARG B 208 -1.92 -35.93 -7.44
CA ARG B 208 -0.74 -36.62 -8.01
C ARG B 208 -0.38 -36.00 -9.38
N ARG B 209 -1.33 -35.43 -10.05
CA ARG B 209 -1.04 -34.81 -11.38
C ARG B 209 -0.14 -33.58 -11.20
N ARG B 210 -0.73 -32.43 -11.01
CA ARG B 210 0.09 -31.19 -10.83
C ARG B 210 0.89 -31.29 -9.53
N GLY B 211 0.23 -31.36 -8.41
CA GLY B 211 0.96 -31.46 -7.12
C GLY B 211 0.06 -30.97 -5.98
N TYR B 212 0.33 -29.80 -5.47
CA TYR B 212 -0.51 -29.25 -4.35
C TYR B 212 -1.14 -27.92 -4.78
N ARG B 213 -2.40 -27.74 -4.48
CA ARG B 213 -3.12 -26.47 -4.87
C ARG B 213 -3.73 -25.86 -3.61
N PHE B 214 -3.57 -24.58 -3.43
CA PHE B 214 -4.15 -23.91 -2.23
C PHE B 214 -5.56 -23.40 -2.56
N CYS B 215 -6.52 -23.69 -1.71
CA CYS B 215 -7.91 -23.22 -1.98
C CYS B 215 -8.67 -23.07 -0.66
N TYR B 216 -9.81 -22.44 -0.70
CA TYR B 216 -10.61 -22.26 0.54
C TYR B 216 -11.03 -23.65 1.09
N PRO B 217 -11.17 -23.81 2.39
CA PRO B 217 -11.56 -25.11 3.00
C PRO B 217 -12.98 -25.52 2.58
N LYS B 218 -13.31 -26.77 2.75
CA LYS B 218 -14.67 -27.23 2.36
C LYS B 218 -15.73 -26.30 2.99
N PRO B 219 -15.84 -26.26 4.30
CA PRO B 219 -16.83 -25.39 5.00
C PRO B 219 -16.50 -23.89 4.80
N ALA B 220 -16.92 -23.32 3.71
CA ALA B 220 -16.64 -21.87 3.44
C ALA B 220 -17.96 -21.13 3.23
N CYS B 221 -18.15 -20.05 3.93
CA CYS B 221 -19.42 -19.27 3.78
C CYS B 221 -19.12 -17.78 3.95
N GLU B 222 -19.65 -16.96 3.07
CA GLU B 222 -19.39 -15.50 3.16
C GLU B 222 -19.88 -14.99 4.52
N GLU B 223 -20.91 -15.58 5.06
CA GLU B 223 -21.44 -15.12 6.37
C GLU B 223 -20.52 -15.64 7.49
N MET A 1 3.29 8.46 -15.67
CA MET A 1 2.98 9.31 -14.48
C MET A 1 3.24 10.78 -14.82
N ARG A 2 2.62 11.68 -14.10
CA ARG A 2 2.83 13.13 -14.37
C ARG A 2 2.78 13.91 -13.05
N VAL A 3 3.45 15.03 -12.99
CA VAL A 3 3.45 15.85 -11.73
C VAL A 3 2.77 17.19 -11.98
N LEU A 4 1.82 17.55 -11.14
CA LEU A 4 1.09 18.84 -11.32
C LEU A 4 1.68 19.88 -10.35
N LEU A 5 2.26 20.94 -10.87
CA LEU A 5 2.84 22.00 -10.01
C LEU A 5 2.08 23.32 -10.21
N ILE A 6 1.36 23.76 -9.22
CA ILE A 6 0.60 25.05 -9.36
C ILE A 6 1.36 26.15 -8.61
N GLU A 7 1.88 27.12 -9.32
CA GLU A 7 2.63 28.22 -8.66
C GLU A 7 2.45 29.51 -9.46
N LYS A 8 2.04 30.57 -8.81
CA LYS A 8 1.85 31.86 -9.52
C LYS A 8 3.22 32.41 -9.93
N ASN A 9 4.25 32.11 -9.16
CA ASN A 9 5.61 32.61 -9.50
C ASN A 9 6.27 31.65 -10.48
N SER A 10 6.53 32.09 -11.68
CA SER A 10 7.17 31.20 -12.69
C SER A 10 8.63 30.96 -12.29
N VAL A 11 9.21 31.85 -11.55
CA VAL A 11 10.64 31.66 -11.14
C VAL A 11 10.76 30.43 -10.24
N LEU A 12 9.95 30.36 -9.22
CA LEU A 12 10.02 29.18 -8.30
C LEU A 12 9.56 27.93 -9.06
N GLY A 13 8.63 28.07 -9.96
CA GLY A 13 8.15 26.90 -10.73
C GLY A 13 9.21 26.52 -11.76
N GLY A 14 10.05 27.46 -12.12
CA GLY A 14 11.11 27.17 -13.12
C GLY A 14 12.16 26.25 -12.49
N GLU A 15 12.69 26.62 -11.37
CA GLU A 15 13.72 25.77 -10.72
C GLU A 15 13.13 24.39 -10.39
N ILE A 16 11.93 24.35 -9.87
CA ILE A 16 11.31 23.03 -9.56
C ILE A 16 11.10 22.25 -10.87
N GLU A 17 10.82 22.95 -11.93
CA GLU A 17 10.60 22.24 -13.23
C GLU A 17 11.84 21.43 -13.58
N LYS A 18 13.00 22.03 -13.53
CA LYS A 18 14.25 21.28 -13.87
C LYS A 18 14.79 20.59 -12.62
N GLY A 19 14.13 20.74 -11.51
CA GLY A 19 14.60 20.09 -10.27
C GLY A 19 14.15 18.62 -10.24
N LEU A 20 12.88 18.37 -10.32
CA LEU A 20 12.38 16.97 -10.29
C LEU A 20 12.66 16.28 -11.62
N ASN A 21 12.82 17.03 -12.68
CA ASN A 21 13.09 16.40 -14.00
C ASN A 21 14.27 15.43 -13.86
N VAL A 22 15.22 15.75 -13.03
CA VAL A 22 16.40 14.84 -12.86
C VAL A 22 15.90 13.45 -12.47
N LYS A 23 14.91 13.39 -11.61
CA LYS A 23 14.38 12.06 -11.18
C LYS A 23 13.77 11.36 -12.41
N GLY A 24 13.46 12.10 -13.44
CA GLY A 24 12.88 11.49 -14.67
C GLY A 24 11.35 11.51 -14.62
N PHE A 25 10.77 12.60 -14.15
CA PHE A 25 9.27 12.70 -14.08
C PHE A 25 8.83 13.88 -14.95
N MET A 26 7.58 13.91 -15.35
CA MET A 26 7.10 15.03 -16.20
C MET A 26 6.58 16.14 -15.31
N ALA A 27 7.10 17.33 -15.47
CA ALA A 27 6.64 18.47 -14.61
C ALA A 27 5.65 19.34 -15.38
N ASP A 28 4.60 19.78 -14.72
CA ASP A 28 3.58 20.65 -15.38
C ASP A 28 3.38 21.90 -14.52
N VAL A 29 3.50 23.06 -15.09
CA VAL A 29 3.33 24.33 -14.32
C VAL A 29 1.98 24.95 -14.70
N THR A 30 1.19 25.33 -13.73
CA THR A 30 -0.15 25.93 -14.01
C THR A 30 -0.36 27.15 -13.10
N GLU A 31 -1.25 28.03 -13.46
CA GLU A 31 -1.52 29.23 -12.62
C GLU A 31 -2.59 28.90 -11.59
N SER A 32 -3.80 29.36 -11.80
CA SER A 32 -4.89 29.06 -10.82
C SER A 32 -5.38 27.63 -11.03
N LEU A 33 -5.82 26.99 -9.97
CA LEU A 33 -6.31 25.60 -10.09
C LEU A 33 -7.31 25.49 -11.25
N GLU A 34 -7.82 26.59 -11.71
CA GLU A 34 -8.82 26.52 -12.83
C GLU A 34 -8.17 25.91 -14.07
N ASP A 35 -7.06 26.45 -14.50
CA ASP A 35 -6.40 25.90 -15.72
C ASP A 35 -5.87 24.49 -15.41
N GLY A 36 -5.49 24.25 -14.18
CA GLY A 36 -4.98 22.91 -13.80
C GLY A 36 -6.15 21.93 -13.72
N GLU A 37 -7.28 22.38 -13.25
CA GLU A 37 -8.46 21.48 -13.14
C GLU A 37 -8.98 21.14 -14.54
N TYR A 38 -9.13 22.13 -15.38
CA TYR A 38 -9.63 21.86 -16.76
C TYR A 38 -8.57 21.08 -17.55
N LEU A 39 -7.31 21.35 -17.32
CA LEU A 39 -6.25 20.63 -18.07
C LEU A 39 -6.03 19.23 -17.48
N MET A 40 -5.84 19.13 -16.20
CA MET A 40 -5.61 17.79 -15.60
C MET A 40 -6.79 16.87 -15.90
N ASP A 41 -7.96 17.41 -16.08
CA ASP A 41 -9.15 16.56 -16.38
C ASP A 41 -8.92 15.79 -17.68
N ILE A 42 -8.33 16.42 -18.67
CA ILE A 42 -8.09 15.72 -19.97
C ILE A 42 -6.71 15.05 -19.97
N ARG A 43 -5.98 15.16 -18.87
CA ARG A 43 -4.62 14.53 -18.78
C ARG A 43 -4.56 13.64 -17.53
N ASN A 44 -3.73 12.62 -17.57
CA ASN A 44 -3.61 11.70 -16.39
C ASN A 44 -2.41 12.13 -15.54
N TYR A 45 -2.45 11.87 -14.27
CA TYR A 45 -1.31 12.26 -13.39
C TYR A 45 -1.27 11.36 -12.15
N ASP A 46 -0.26 11.50 -11.32
CA ASP A 46 -0.15 10.66 -10.09
C ASP A 46 0.23 11.54 -8.90
N LEU A 47 1.01 12.57 -9.14
CA LEU A 47 1.43 13.49 -8.02
C LEU A 47 0.69 14.82 -8.18
N VAL A 48 -0.16 15.15 -7.24
CA VAL A 48 -0.90 16.44 -7.31
C VAL A 48 -0.25 17.45 -6.35
N MET A 49 0.58 18.32 -6.87
CA MET A 49 1.26 19.32 -6.01
C MET A 49 0.69 20.71 -6.31
N VAL A 50 0.17 21.37 -5.29
CA VAL A 50 -0.41 22.72 -5.48
C VAL A 50 0.15 23.67 -4.43
N SER A 51 0.61 24.82 -4.85
CA SER A 51 1.17 25.82 -3.90
C SER A 51 0.11 26.89 -3.59
N ASP A 52 -1.06 26.76 -4.18
CA ASP A 52 -2.12 27.77 -3.93
C ASP A 52 -2.74 27.53 -2.55
N LYS A 53 -3.06 28.58 -1.84
CA LYS A 53 -3.65 28.41 -0.48
C LYS A 53 -5.14 28.07 -0.58
N ASN A 54 -5.85 28.66 -1.49
CA ASN A 54 -7.31 28.37 -1.63
C ASN A 54 -7.49 26.96 -2.17
N ALA A 55 -6.44 26.19 -2.21
CA ALA A 55 -6.53 24.80 -2.73
C ALA A 55 -7.21 23.88 -1.70
N LEU A 56 -7.20 24.25 -0.45
CA LEU A 56 -7.82 23.39 0.62
C LEU A 56 -9.10 22.72 0.10
N SER A 57 -9.98 23.46 -0.50
CA SER A 57 -11.24 22.85 -1.00
C SER A 57 -10.93 21.99 -2.24
N PHE A 58 -10.02 22.42 -3.05
CA PHE A 58 -9.66 21.65 -4.28
C PHE A 58 -9.01 20.31 -3.90
N VAL A 59 -8.07 20.32 -3.01
CA VAL A 59 -7.42 19.04 -2.64
C VAL A 59 -8.45 18.12 -1.98
N SER A 60 -9.37 18.66 -1.24
CA SER A 60 -10.40 17.81 -0.58
C SER A 60 -11.14 17.00 -1.65
N ARG A 61 -11.69 17.65 -2.63
CA ARG A 61 -12.43 16.91 -3.68
C ARG A 61 -11.47 15.96 -4.41
N ILE A 62 -10.22 16.31 -4.52
CA ILE A 62 -9.26 15.42 -5.23
C ILE A 62 -9.14 14.08 -4.48
N LYS A 63 -9.18 14.12 -3.18
CA LYS A 63 -9.05 12.85 -2.40
C LYS A 63 -10.30 11.99 -2.58
N GLU A 64 -11.47 12.53 -2.31
CA GLU A 64 -12.70 11.70 -2.46
C GLU A 64 -12.90 11.33 -3.94
N LYS A 65 -12.56 12.21 -4.84
CA LYS A 65 -12.74 11.90 -6.29
C LYS A 65 -11.54 11.08 -6.79
N HIS A 66 -10.43 11.17 -6.13
CA HIS A 66 -9.23 10.39 -6.58
C HIS A 66 -8.30 10.14 -5.38
N SER A 67 -8.75 9.38 -4.42
CA SER A 67 -7.90 9.10 -3.23
C SER A 67 -6.66 8.30 -3.65
N SER A 68 -6.77 7.50 -4.68
CA SER A 68 -5.61 6.68 -5.12
C SER A 68 -4.45 7.60 -5.54
N ILE A 69 -4.74 8.85 -5.79
CA ILE A 69 -3.65 9.80 -6.20
C ILE A 69 -3.06 10.47 -4.96
N VAL A 70 -1.80 10.82 -5.02
CA VAL A 70 -1.15 11.49 -3.84
C VAL A 70 -1.35 13.00 -3.96
N VAL A 71 -1.24 13.73 -2.88
CA VAL A 71 -1.42 15.22 -2.93
C VAL A 71 -0.37 15.90 -2.05
N LEU A 72 0.37 16.81 -2.64
CA LEU A 72 1.42 17.55 -1.88
C LEU A 72 1.01 19.02 -1.79
N VAL A 73 0.45 19.42 -0.69
CA VAL A 73 0.02 20.85 -0.53
C VAL A 73 1.11 21.61 0.21
N SER A 74 1.63 22.66 -0.37
CA SER A 74 2.70 23.44 0.33
C SER A 74 2.05 24.55 1.15
N SER A 75 2.84 25.36 1.80
CA SER A 75 2.26 26.47 2.61
C SER A 75 3.34 27.47 3.00
N ASP A 76 3.21 28.70 2.61
CA ASP A 76 4.24 29.72 2.95
C ASP A 76 4.05 30.14 4.41
N ASN A 77 3.15 29.49 5.10
CA ASN A 77 2.89 29.83 6.53
C ASN A 77 2.63 28.54 7.31
N PRO A 78 3.61 27.68 7.43
CA PRO A 78 3.46 26.39 8.16
C PRO A 78 2.99 26.61 9.61
N THR A 79 1.71 26.82 9.78
CA THR A 79 1.16 27.03 11.15
C THR A 79 0.53 25.72 11.64
N SER A 80 0.31 25.60 12.91
CA SER A 80 -0.29 24.35 13.44
C SER A 80 -1.73 24.22 12.94
N GLU A 81 -2.35 25.32 12.62
CA GLU A 81 -3.76 25.26 12.12
C GLU A 81 -3.78 24.70 10.70
N GLU A 82 -2.83 25.08 9.89
CA GLU A 82 -2.81 24.59 8.47
C GLU A 82 -2.43 23.10 8.45
N GLU A 83 -1.59 22.67 9.35
CA GLU A 83 -1.20 21.23 9.36
C GLU A 83 -2.40 20.37 9.75
N VAL A 84 -2.98 20.63 10.89
CA VAL A 84 -4.15 19.82 11.33
C VAL A 84 -5.27 19.95 10.31
N HIS A 85 -5.51 21.14 9.83
CA HIS A 85 -6.59 21.35 8.83
C HIS A 85 -6.19 20.69 7.51
N ALA A 86 -4.91 20.66 7.21
CA ALA A 86 -4.46 20.04 5.93
C ALA A 86 -4.82 18.55 5.92
N PHE A 87 -4.73 17.89 7.04
CA PHE A 87 -5.07 16.44 7.09
C PHE A 87 -6.59 16.29 7.11
N GLU A 88 -7.26 17.22 7.73
CA GLU A 88 -8.75 17.14 7.77
C GLU A 88 -9.33 17.48 6.40
N GLN A 89 -8.69 18.37 5.68
CA GLN A 89 -9.21 18.74 4.33
C GLN A 89 -9.01 17.56 3.37
N GLY A 90 -7.78 17.18 3.13
CA GLY A 90 -7.53 16.04 2.20
C GLY A 90 -6.15 16.19 1.55
N ALA A 91 -5.12 16.31 2.35
CA ALA A 91 -3.73 16.46 1.80
C ALA A 91 -2.90 15.24 2.20
N ASP A 92 -2.14 14.70 1.29
CA ASP A 92 -1.29 13.52 1.62
C ASP A 92 0.00 14.00 2.29
N ASP A 93 0.47 15.15 1.92
CA ASP A 93 1.72 15.71 2.53
C ASP A 93 1.57 17.21 2.73
N TYR A 94 2.38 17.79 3.59
CA TYR A 94 2.29 19.25 3.85
C TYR A 94 3.70 19.83 3.98
N ILE A 95 4.18 20.55 2.98
CA ILE A 95 5.57 21.12 3.05
C ILE A 95 5.53 22.64 3.16
N ALA A 96 6.57 23.23 3.67
CA ALA A 96 6.60 24.72 3.78
C ALA A 96 6.91 25.28 2.39
N LYS A 97 6.08 26.16 1.89
CA LYS A 97 6.33 26.72 0.54
C LYS A 97 7.80 27.11 0.35
N PRO A 98 8.37 27.92 1.21
CA PRO A 98 9.76 28.36 1.02
C PRO A 98 10.68 27.22 0.56
N TYR A 99 10.20 26.01 0.60
CA TYR A 99 11.01 24.84 0.16
C TYR A 99 12.29 24.75 0.99
N ARG A 100 12.43 23.75 1.82
CA ARG A 100 13.66 23.65 2.64
C ARG A 100 14.87 23.58 1.69
N SER A 101 14.74 22.90 0.59
CA SER A 101 15.87 22.82 -0.39
C SER A 101 15.42 22.13 -1.66
N ILE A 102 14.18 22.24 -2.04
CA ILE A 102 13.68 21.59 -3.30
C ILE A 102 14.16 20.13 -3.36
N LYS A 103 15.43 19.89 -3.49
CA LYS A 103 15.92 18.50 -3.54
C LYS A 103 15.35 17.75 -2.34
N ALA A 104 15.17 18.46 -1.26
CA ALA A 104 14.57 17.79 -0.06
C ALA A 104 13.10 17.48 -0.37
N LEU A 105 12.45 18.36 -1.07
CA LEU A 105 11.03 18.14 -1.44
C LEU A 105 10.95 17.01 -2.48
N VAL A 106 11.76 17.07 -3.50
CA VAL A 106 11.74 16.00 -4.54
C VAL A 106 12.17 14.68 -3.91
N ALA A 107 13.21 14.70 -3.12
CA ALA A 107 13.68 13.44 -2.48
C ALA A 107 12.51 12.78 -1.75
N ARG A 108 11.69 13.57 -1.11
CA ARG A 108 10.53 12.98 -0.38
C ARG A 108 9.47 12.51 -1.39
N ILE A 109 9.45 13.10 -2.56
CA ILE A 109 8.45 12.67 -3.58
C ILE A 109 8.98 11.38 -4.23
N GLU A 110 10.26 11.31 -4.34
CA GLU A 110 10.89 10.10 -4.92
C GLU A 110 10.50 8.90 -4.04
N ALA A 111 10.78 8.99 -2.76
CA ALA A 111 10.42 7.88 -1.83
C ALA A 111 8.93 7.57 -1.95
N ARG A 112 8.12 8.59 -2.06
CA ARG A 112 6.66 8.35 -2.17
C ARG A 112 6.38 7.42 -3.35
N LEU A 113 7.15 7.51 -4.40
CA LEU A 113 6.90 6.62 -5.58
C LEU A 113 8.21 6.38 -6.35
N ARG A 114 9.10 5.60 -5.81
CA ARG A 114 10.38 5.32 -6.52
C ARG A 114 10.10 4.38 -7.70
N PHE A 115 10.04 4.90 -8.88
CA PHE A 115 9.77 4.04 -10.07
C PHE A 115 8.59 3.12 -9.79
N TRP A 116 7.83 3.39 -8.76
CA TRP A 116 6.66 2.52 -8.44
C TRP A 116 7.07 1.05 -8.49
N GLY A 117 6.12 0.16 -8.55
CA GLY A 117 6.47 -1.29 -8.61
C GLY A 117 5.20 -2.12 -8.37
N SER A 118 4.10 -1.72 -8.93
CA SER A 118 2.82 -2.48 -8.73
C SER A 118 2.76 -3.62 -9.74
N ASN A 119 1.72 -3.69 -10.52
CA ASN A 119 1.59 -4.79 -11.52
C ASN A 119 1.56 -6.14 -10.79
N VAL A 120 0.52 -6.40 -10.05
CA VAL A 120 0.44 -7.70 -9.32
C VAL A 120 -0.03 -8.79 -10.28
N ILE A 121 -0.75 -8.42 -11.31
CA ILE A 121 -1.27 -9.42 -12.28
C ILE A 121 -0.34 -9.46 -13.51
N GLU A 122 0.05 -10.64 -13.95
CA GLU A 122 0.94 -10.74 -15.12
C GLU A 122 0.57 -11.98 -15.95
N ILE A 123 0.16 -11.78 -17.18
CA ILE A 123 -0.22 -12.94 -18.05
C ILE A 123 0.31 -12.69 -19.46
N GLY A 124 1.02 -13.64 -20.02
CA GLY A 124 1.56 -13.45 -21.39
C GLY A 124 2.26 -12.09 -21.48
N ASP A 125 2.03 -11.36 -22.55
CA ASP A 125 2.67 -10.02 -22.69
C ASP A 125 1.74 -8.94 -22.12
N LEU A 126 0.55 -9.31 -21.74
CA LEU A 126 -0.40 -8.31 -21.16
C LEU A 126 -0.23 -8.27 -19.65
N THR A 127 -0.19 -7.10 -19.07
CA THR A 127 -0.04 -6.99 -17.58
C THR A 127 -1.07 -6.01 -17.03
N ILE A 128 -1.57 -6.26 -15.83
CA ILE A 128 -2.58 -5.33 -15.23
C ILE A 128 -2.21 -5.05 -13.77
N SER A 129 -2.31 -3.81 -13.36
CA SER A 129 -1.98 -3.43 -11.95
C SER A 129 -3.26 -2.96 -11.24
N PRO A 130 -3.62 -3.54 -10.11
CA PRO A 130 -4.84 -3.13 -9.38
C PRO A 130 -4.61 -1.87 -8.53
N ASP A 131 -3.59 -1.87 -7.71
CA ASP A 131 -3.32 -0.68 -6.87
C ASP A 131 -2.94 0.52 -7.76
N GLU A 132 -2.12 0.31 -8.74
CA GLU A 132 -1.72 1.43 -9.64
C GLU A 132 -2.81 1.65 -10.68
N GLU A 133 -3.69 0.71 -10.85
CA GLU A 133 -4.79 0.86 -11.85
C GLU A 133 -4.19 1.17 -13.22
N LYS A 134 -3.67 0.19 -13.89
CA LYS A 134 -3.07 0.42 -15.23
C LYS A 134 -3.03 -0.89 -16.01
N ILE A 135 -3.33 -0.85 -17.30
CA ILE A 135 -3.31 -2.09 -18.13
C ILE A 135 -2.29 -1.93 -19.26
N ILE A 136 -1.47 -2.92 -19.48
CA ILE A 136 -0.45 -2.88 -20.57
C ILE A 136 -0.84 -3.85 -21.68
N TYR A 137 -1.02 -3.38 -22.89
CA TYR A 137 -1.40 -4.29 -24.00
C TYR A 137 -0.69 -3.84 -25.28
N LYS A 138 -0.37 -4.76 -26.15
CA LYS A 138 0.32 -4.37 -27.41
C LYS A 138 1.59 -3.56 -27.07
N GLY A 139 1.92 -3.46 -25.82
CA GLY A 139 3.15 -2.69 -25.42
C GLY A 139 2.79 -1.24 -25.09
N ARG A 140 1.56 -0.85 -25.31
CA ARG A 140 1.15 0.56 -25.01
C ARG A 140 0.64 0.63 -23.56
N GLU A 141 0.92 1.71 -22.87
CA GLU A 141 0.47 1.85 -21.46
C GLU A 141 -0.80 2.71 -21.42
N VAL A 142 -1.85 2.22 -20.83
CA VAL A 142 -3.13 3.01 -20.75
C VAL A 142 -3.73 2.89 -19.35
N GLU A 143 -4.13 3.99 -18.77
CA GLU A 143 -4.74 3.95 -17.41
C GLU A 143 -6.26 3.88 -17.54
N VAL A 144 -6.92 3.21 -16.62
CA VAL A 144 -8.41 3.11 -16.69
C VAL A 144 -9.00 3.23 -15.28
N LYS A 145 -10.00 4.06 -15.12
CA LYS A 145 -10.63 4.23 -13.78
C LYS A 145 -12.12 4.56 -13.97
N GLY A 146 -13.00 3.76 -13.42
CA GLY A 146 -14.46 4.03 -13.56
C GLY A 146 -15.24 2.72 -13.47
N LYS A 147 -16.28 2.60 -14.24
CA LYS A 147 -17.11 1.35 -14.19
C LYS A 147 -16.34 0.18 -14.82
N PRO A 148 -16.00 0.24 -16.09
CA PRO A 148 -15.26 -0.87 -16.78
C PRO A 148 -13.95 -1.20 -16.06
N PHE A 149 -13.45 -0.29 -15.26
CA PHE A 149 -12.18 -0.54 -14.53
C PHE A 149 -12.47 -1.39 -13.29
N GLU A 150 -13.50 -1.08 -12.56
CA GLU A 150 -13.82 -1.85 -11.33
C GLU A 150 -14.12 -3.31 -11.71
N VAL A 151 -14.79 -3.54 -12.79
CA VAL A 151 -15.11 -4.94 -13.19
C VAL A 151 -13.88 -5.61 -13.80
N LEU A 152 -13.11 -4.88 -14.59
CA LEU A 152 -11.90 -5.48 -15.21
C LEU A 152 -10.90 -5.87 -14.12
N THR A 153 -10.70 -5.04 -13.15
CA THR A 153 -9.72 -5.36 -12.07
C THR A 153 -10.30 -6.44 -11.17
N HIS A 154 -11.58 -6.42 -10.93
CA HIS A 154 -12.19 -7.44 -10.04
C HIS A 154 -11.90 -8.84 -10.60
N LEU A 155 -12.19 -9.07 -11.86
CA LEU A 155 -11.93 -10.41 -12.45
C LEU A 155 -10.42 -10.59 -12.67
N ALA A 156 -9.70 -9.52 -12.81
CA ALA A 156 -8.23 -9.64 -13.02
C ALA A 156 -7.61 -10.43 -11.87
N ARG A 157 -7.95 -10.10 -10.66
CA ARG A 157 -7.38 -10.83 -9.50
C ARG A 157 -8.05 -12.21 -9.39
N HIS A 158 -9.35 -12.25 -9.53
CA HIS A 158 -10.06 -13.55 -9.43
C HIS A 158 -9.82 -14.36 -10.72
N ARG A 159 -8.77 -14.07 -11.42
CA ARG A 159 -8.50 -14.81 -12.69
C ARG A 159 -8.40 -16.31 -12.39
N ASP A 160 -8.46 -17.13 -13.39
CA ASP A 160 -8.38 -18.60 -13.17
C ASP A 160 -9.46 -19.01 -12.15
N GLN A 161 -10.66 -18.55 -12.34
CA GLN A 161 -11.75 -18.91 -11.39
C GLN A 161 -13.10 -18.81 -12.10
N ILE A 162 -14.10 -19.46 -11.59
CA ILE A 162 -15.45 -19.40 -12.24
C ILE A 162 -16.20 -18.16 -11.73
N VAL A 163 -16.56 -17.27 -12.62
CA VAL A 163 -17.29 -16.02 -12.21
C VAL A 163 -18.75 -16.12 -12.65
N SER A 164 -19.67 -15.86 -11.76
CA SER A 164 -21.12 -15.93 -12.12
C SER A 164 -21.65 -14.52 -12.35
N LYS A 165 -22.67 -14.39 -13.16
CA LYS A 165 -23.23 -13.03 -13.43
C LYS A 165 -23.64 -12.37 -12.12
N GLU A 166 -24.13 -13.14 -11.18
CA GLU A 166 -24.54 -12.56 -9.87
C GLU A 166 -23.35 -11.88 -9.21
N GLN A 167 -22.18 -12.44 -9.34
CA GLN A 167 -20.98 -11.82 -8.71
C GLN A 167 -20.74 -10.44 -9.33
N LEU A 168 -20.92 -10.32 -10.61
CA LEU A 168 -20.70 -8.99 -11.27
C LEU A 168 -21.73 -7.99 -10.74
N LEU A 169 -22.90 -8.46 -10.40
CA LEU A 169 -23.95 -7.53 -9.89
C LEU A 169 -23.53 -6.96 -8.52
N ASP A 170 -23.30 -7.80 -7.56
CA ASP A 170 -22.91 -7.29 -6.21
C ASP A 170 -21.46 -6.78 -6.23
N ALA A 171 -20.62 -7.34 -7.05
CA ALA A 171 -19.20 -6.89 -7.08
C ALA A 171 -19.12 -5.41 -7.46
N ILE A 172 -19.86 -4.99 -8.46
CA ILE A 172 -19.82 -3.55 -8.88
C ILE A 172 -20.98 -2.81 -8.20
N TRP A 173 -22.19 -3.23 -8.46
CA TRP A 173 -23.37 -2.57 -7.83
C TRP A 173 -23.72 -3.26 -6.54
N GLU A 174 -23.38 -2.64 -5.44
CA GLU A 174 -23.69 -3.22 -4.10
C GLU A 174 -24.65 -2.29 -3.37
N GLU A 175 -25.34 -2.79 -2.39
CA GLU A 175 -26.31 -1.95 -1.62
C GLU A 175 -27.43 -1.49 -2.56
N PRO A 176 -28.62 -1.28 -2.06
CA PRO A 176 -29.78 -0.84 -2.89
C PRO A 176 -29.36 0.08 -4.04
N GLU A 177 -29.94 -0.12 -5.20
CA GLU A 177 -29.56 0.71 -6.38
C GLU A 177 -30.71 0.72 -7.39
N MET A 178 -30.56 1.42 -8.48
CA MET A 178 -31.63 1.48 -9.52
C MET A 178 -31.22 0.61 -10.71
N VAL A 179 -30.67 -0.55 -10.43
CA VAL A 179 -30.23 -1.45 -11.54
C VAL A 179 -31.45 -1.97 -12.30
N THR A 180 -31.38 -2.03 -13.60
CA THR A 180 -32.54 -2.54 -14.39
C THR A 180 -32.69 -4.05 -14.13
N PRO A 181 -33.89 -4.54 -13.90
CA PRO A 181 -34.11 -6.00 -13.64
C PRO A 181 -33.21 -6.89 -14.51
N ASN A 182 -32.24 -7.53 -13.90
CA ASN A 182 -31.34 -8.43 -14.68
C ASN A 182 -30.75 -7.68 -15.88
N VAL A 183 -29.53 -7.23 -15.78
CA VAL A 183 -28.89 -6.50 -16.93
C VAL A 183 -27.43 -6.95 -17.07
N ILE A 184 -26.96 -7.78 -16.17
CA ILE A 184 -25.55 -8.25 -16.27
C ILE A 184 -25.29 -8.83 -17.66
N GLU A 185 -26.25 -9.52 -18.21
CA GLU A 185 -26.06 -10.11 -19.56
C GLU A 185 -25.65 -9.01 -20.55
N VAL A 186 -26.10 -7.80 -20.32
CA VAL A 186 -25.73 -6.69 -21.25
C VAL A 186 -24.32 -6.20 -20.92
N ALA A 187 -24.10 -5.79 -19.70
CA ALA A 187 -22.74 -5.30 -19.33
C ALA A 187 -21.69 -6.36 -19.65
N ILE A 188 -21.93 -7.58 -19.27
CA ILE A 188 -20.93 -8.65 -19.57
C ILE A 188 -20.73 -8.74 -21.09
N ASN A 189 -21.79 -8.71 -21.85
CA ASN A 189 -21.65 -8.80 -23.33
C ASN A 189 -20.82 -7.61 -23.83
N GLN A 190 -21.06 -6.44 -23.29
CA GLN A 190 -20.28 -5.25 -23.73
C GLN A 190 -18.83 -5.38 -23.29
N ILE A 191 -18.61 -5.77 -22.06
CA ILE A 191 -17.21 -5.93 -21.56
C ILE A 191 -16.46 -6.88 -22.48
N ARG A 192 -17.12 -7.92 -22.95
CA ARG A 192 -16.43 -8.89 -23.85
C ARG A 192 -16.07 -8.20 -25.16
N GLN A 193 -16.94 -7.37 -25.67
CA GLN A 193 -16.65 -6.66 -26.95
C GLN A 193 -15.66 -5.51 -26.70
N LYS A 194 -15.65 -4.98 -25.51
CA LYS A 194 -14.72 -3.85 -25.22
C LYS A 194 -13.31 -4.37 -24.91
N MET A 195 -13.20 -5.58 -24.44
CA MET A 195 -11.85 -6.13 -24.12
C MET A 195 -11.29 -6.93 -25.30
N ASP A 196 -12.13 -7.63 -26.00
CA ASP A 196 -11.65 -8.43 -27.17
C ASP A 196 -11.11 -7.49 -28.27
N LYS A 197 -11.70 -6.34 -28.42
CA LYS A 197 -11.23 -5.41 -29.48
C LYS A 197 -9.77 -4.98 -29.18
N PRO A 198 -9.50 -4.33 -28.05
CA PRO A 198 -8.11 -3.91 -27.71
C PRO A 198 -7.16 -5.11 -27.64
N LEU A 199 -7.52 -6.12 -26.89
CA LEU A 199 -6.64 -7.33 -26.78
C LEU A 199 -7.07 -8.36 -27.83
N GLY A 200 -6.16 -8.79 -28.65
CA GLY A 200 -6.53 -9.79 -29.69
C GLY A 200 -6.63 -11.18 -29.06
N ILE A 201 -6.35 -11.27 -27.78
CA ILE A 201 -6.44 -12.60 -27.07
C ILE A 201 -7.65 -12.60 -26.14
N SER A 202 -8.38 -13.69 -26.11
CA SER A 202 -9.58 -13.76 -25.23
C SER A 202 -9.18 -14.38 -23.88
N THR A 203 -9.76 -13.91 -22.81
CA THR A 203 -9.42 -14.46 -21.45
C THR A 203 -10.72 -14.80 -20.71
N VAL A 204 -11.84 -14.76 -21.39
CA VAL A 204 -13.15 -15.08 -20.74
C VAL A 204 -13.93 -16.07 -21.61
N GLU A 205 -14.63 -16.99 -21.01
CA GLU A 205 -15.41 -18.00 -21.77
C GLU A 205 -16.86 -17.98 -21.30
N THR A 206 -17.80 -17.99 -22.21
CA THR A 206 -19.25 -17.98 -21.82
C THR A 206 -19.77 -19.42 -21.78
N VAL A 207 -19.78 -20.03 -20.63
CA VAL A 207 -20.27 -21.44 -20.54
C VAL A 207 -20.54 -21.79 -19.08
N ARG A 208 -21.16 -22.91 -18.82
CA ARG A 208 -21.46 -23.32 -17.41
C ARG A 208 -22.64 -22.52 -16.88
N ARG A 209 -23.44 -23.12 -16.05
CA ARG A 209 -24.63 -22.41 -15.49
C ARG A 209 -24.16 -21.19 -14.68
N ARG A 210 -23.04 -21.29 -14.03
CA ARG A 210 -22.54 -20.14 -13.21
C ARG A 210 -22.57 -18.87 -14.08
N GLY A 211 -22.00 -18.92 -15.26
CA GLY A 211 -22.01 -17.72 -16.14
C GLY A 211 -20.74 -17.70 -17.00
N TYR A 212 -19.82 -16.83 -16.68
CA TYR A 212 -18.55 -16.72 -17.47
C TYR A 212 -17.37 -17.17 -16.60
N ARG A 213 -16.38 -17.79 -17.20
CA ARG A 213 -15.18 -18.26 -16.43
C ARG A 213 -13.93 -17.54 -16.94
N PHE A 214 -13.09 -17.06 -16.06
CA PHE A 214 -11.86 -16.35 -16.50
C PHE A 214 -10.66 -17.30 -16.41
N CYS A 215 -9.91 -17.42 -17.47
CA CYS A 215 -8.73 -18.34 -17.46
C CYS A 215 -7.59 -17.69 -18.25
N TYR A 216 -6.37 -18.07 -17.97
CA TYR A 216 -5.21 -17.48 -18.70
C TYR A 216 -5.24 -17.95 -20.17
N PRO A 217 -4.70 -17.18 -21.07
CA PRO A 217 -4.68 -17.55 -22.52
C PRO A 217 -4.44 -19.05 -22.73
N LYS A 218 -5.00 -19.61 -23.75
CA LYS A 218 -4.81 -21.07 -24.01
C LYS A 218 -3.31 -21.37 -24.12
N PRO A 219 -2.63 -20.84 -25.12
CA PRO A 219 -1.16 -21.08 -25.29
C PRO A 219 -0.35 -20.52 -24.11
N ALA A 220 -0.81 -19.47 -23.51
CA ALA A 220 -0.06 -18.90 -22.35
C ALA A 220 1.42 -18.76 -22.72
N CYS A 221 2.31 -18.95 -21.78
CA CYS A 221 3.76 -18.82 -22.08
C CYS A 221 4.14 -19.83 -23.16
N GLU A 222 3.47 -20.96 -23.20
CA GLU A 222 3.80 -21.98 -24.24
C GLU A 222 5.31 -22.22 -24.27
N GLU A 223 5.78 -23.19 -23.53
CA GLU A 223 7.24 -23.47 -23.52
C GLU A 223 7.69 -23.90 -24.92
N MET B 1 -2.04 -0.29 21.28
CA MET B 1 -0.79 0.10 20.58
C MET B 1 0.13 0.83 21.55
N ARG B 2 1.37 1.02 21.17
CA ARG B 2 2.35 1.73 22.07
C ARG B 2 3.23 2.66 21.23
N VAL B 3 3.63 3.77 21.81
CA VAL B 3 4.50 4.75 21.08
C VAL B 3 5.86 4.83 21.76
N LEU B 4 6.92 4.58 21.03
CA LEU B 4 8.28 4.64 21.62
C LEU B 4 8.84 6.05 21.43
N LEU B 5 9.12 6.73 22.51
CA LEU B 5 9.66 8.11 22.45
C LEU B 5 11.05 8.13 23.10
N ILE B 6 12.07 8.43 22.34
CA ILE B 6 13.45 8.46 22.92
C ILE B 6 13.96 9.90 22.94
N GLU B 7 13.87 10.55 24.08
CA GLU B 7 14.33 11.98 24.19
C GLU B 7 15.26 12.12 25.38
N LYS B 8 16.36 12.82 25.22
CA LYS B 8 17.31 12.99 26.34
C LYS B 8 16.66 13.86 27.43
N ASN B 9 15.83 14.79 27.02
CA ASN B 9 15.16 15.68 28.02
C ASN B 9 13.84 15.04 28.46
N SER B 10 13.69 14.80 29.73
CA SER B 10 12.42 14.18 30.23
C SER B 10 11.29 15.22 30.20
N VAL B 11 11.61 16.46 30.41
CA VAL B 11 10.54 17.51 30.41
C VAL B 11 9.86 17.54 29.03
N LEU B 12 10.63 17.56 27.98
CA LEU B 12 10.03 17.60 26.62
C LEU B 12 9.23 16.30 26.38
N GLY B 13 9.68 15.21 26.94
CA GLY B 13 8.94 13.94 26.75
C GLY B 13 7.70 13.95 27.65
N GLY B 14 7.77 14.65 28.75
CA GLY B 14 6.60 14.70 29.67
C GLY B 14 5.44 15.38 28.95
N GLU B 15 5.68 16.53 28.37
CA GLU B 15 4.59 17.25 27.65
C GLU B 15 4.08 16.38 26.50
N ILE B 16 4.97 15.79 25.73
CA ILE B 16 4.51 14.94 24.60
C ILE B 16 3.74 13.75 25.19
N GLU B 17 4.16 13.26 26.32
CA GLU B 17 3.46 12.11 26.96
C GLU B 17 2.03 12.53 27.33
N LYS B 18 1.88 13.65 27.98
CA LYS B 18 0.51 14.10 28.36
C LYS B 18 -0.14 14.76 27.16
N GLY B 19 0.55 14.81 26.06
CA GLY B 19 -0.02 15.45 24.84
C GLY B 19 -0.82 14.41 24.06
N LEU B 20 -0.18 13.37 23.59
CA LEU B 20 -0.91 12.32 22.83
C LEU B 20 -1.86 11.56 23.76
N ASN B 21 -1.59 11.57 25.04
CA ASN B 21 -2.48 10.84 25.98
C ASN B 21 -3.93 11.28 25.75
N VAL B 22 -4.14 12.52 25.41
CA VAL B 22 -5.53 13.00 25.18
C VAL B 22 -6.19 12.11 24.12
N LYS B 23 -5.44 11.73 23.12
CA LYS B 23 -6.00 10.85 22.06
C LYS B 23 -6.26 9.46 22.63
N GLY B 24 -5.54 9.08 23.66
CA GLY B 24 -5.74 7.73 24.28
C GLY B 24 -4.59 6.79 23.87
N PHE B 25 -3.49 7.31 23.44
CA PHE B 25 -2.34 6.44 23.04
C PHE B 25 -1.36 6.32 24.20
N MET B 26 -0.53 5.30 24.19
CA MET B 26 0.47 5.12 25.29
C MET B 26 1.84 5.51 24.79
N ALA B 27 2.63 6.18 25.60
CA ALA B 27 3.99 6.61 25.14
C ALA B 27 5.00 6.46 26.28
N ASP B 28 6.25 6.26 25.94
CA ASP B 28 7.31 6.11 26.98
C ASP B 28 8.50 6.99 26.60
N VAL B 29 9.04 7.74 27.53
CA VAL B 29 10.21 8.62 27.23
C VAL B 29 11.47 7.92 27.72
N THR B 30 12.53 7.96 26.95
CA THR B 30 13.80 7.30 27.36
C THR B 30 14.99 8.19 27.02
N GLU B 31 16.14 7.89 27.56
CA GLU B 31 17.34 8.72 27.26
C GLU B 31 17.99 8.24 25.96
N SER B 32 19.03 7.45 26.05
CA SER B 32 19.69 6.95 24.82
C SER B 32 18.88 5.80 24.24
N LEU B 33 19.11 5.48 22.98
CA LEU B 33 18.35 4.37 22.34
C LEU B 33 18.54 3.09 23.14
N GLU B 34 19.67 2.91 23.76
CA GLU B 34 19.91 1.66 24.54
C GLU B 34 18.82 1.50 25.60
N ASP B 35 18.47 2.56 26.28
CA ASP B 35 17.41 2.46 27.32
C ASP B 35 16.09 2.06 26.65
N GLY B 36 15.79 2.65 25.53
CA GLY B 36 14.52 2.30 24.82
C GLY B 36 14.69 0.97 24.09
N GLU B 37 15.88 0.68 23.64
CA GLU B 37 16.10 -0.61 22.91
C GLU B 37 15.84 -1.78 23.86
N TYR B 38 16.27 -1.69 25.08
CA TYR B 38 16.04 -2.80 26.04
C TYR B 38 14.57 -2.80 26.47
N LEU B 39 14.00 -1.65 26.66
CA LEU B 39 12.57 -1.57 27.10
C LEU B 39 11.66 -2.06 25.97
N MET B 40 11.85 -1.57 24.78
CA MET B 40 10.98 -1.99 23.65
C MET B 40 11.22 -3.48 23.34
N ASP B 41 12.37 -3.99 23.70
CA ASP B 41 12.66 -5.42 23.41
C ASP B 41 11.62 -6.31 24.11
N ILE B 42 11.21 -5.94 25.30
CA ILE B 42 10.20 -6.76 26.04
C ILE B 42 8.80 -6.17 25.85
N ARG B 43 8.68 -5.07 25.14
CA ARG B 43 7.34 -4.44 24.91
C ARG B 43 7.11 -4.26 23.41
N ASN B 44 5.87 -4.20 22.99
CA ASN B 44 5.57 -4.02 21.54
C ASN B 44 5.56 -2.52 21.21
N TYR B 45 5.89 -2.16 19.99
CA TYR B 45 5.92 -0.72 19.61
C TYR B 45 5.41 -0.57 18.16
N ASP B 46 4.30 0.10 17.99
CA ASP B 46 3.76 0.30 16.61
C ASP B 46 4.33 1.59 16.03
N LEU B 47 4.52 2.59 16.87
CA LEU B 47 5.08 3.89 16.40
C LEU B 47 6.48 4.06 16.98
N VAL B 48 7.49 4.00 16.15
CA VAL B 48 8.89 4.16 16.65
C VAL B 48 9.32 5.62 16.49
N MET B 49 9.24 6.39 17.55
CA MET B 49 9.62 7.83 17.48
C MET B 49 10.87 8.07 18.33
N VAL B 50 11.88 8.66 17.76
CA VAL B 50 13.14 8.93 18.52
C VAL B 50 13.75 10.25 18.04
N SER B 51 14.15 11.08 18.98
CA SER B 51 14.76 12.40 18.62
C SER B 51 16.29 12.32 18.71
N ASP B 52 16.83 11.13 18.73
CA ASP B 52 18.31 10.99 18.82
C ASP B 52 18.93 11.13 17.44
N LYS B 53 19.99 11.89 17.32
CA LYS B 53 20.64 12.08 15.99
C LYS B 53 21.32 10.79 15.54
N ASN B 54 21.92 10.06 16.45
CA ASN B 54 22.61 8.80 16.06
C ASN B 54 21.57 7.70 15.80
N ALA B 55 20.32 8.06 15.70
CA ALA B 55 19.27 7.04 15.46
C ALA B 55 19.35 6.53 14.01
N LEU B 56 19.95 7.28 13.13
CA LEU B 56 20.05 6.85 11.70
C LEU B 56 20.43 5.38 11.61
N SER B 57 21.26 4.90 12.51
CA SER B 57 21.66 3.47 12.45
C SER B 57 20.54 2.59 13.00
N PHE B 58 20.00 2.95 14.14
CA PHE B 58 18.90 2.13 14.74
C PHE B 58 17.67 2.15 13.84
N VAL B 59 17.29 3.28 13.32
CA VAL B 59 16.09 3.32 12.44
C VAL B 59 16.35 2.49 11.19
N SER B 60 17.53 2.58 10.63
CA SER B 60 17.83 1.79 9.41
C SER B 60 17.51 0.32 9.64
N ARG B 61 18.01 -0.25 10.70
CA ARG B 61 17.73 -1.68 10.98
C ARG B 61 16.25 -1.89 11.30
N ILE B 62 15.62 -0.93 11.92
CA ILE B 62 14.18 -1.12 12.27
C ILE B 62 13.34 -1.24 10.99
N LYS B 63 13.61 -0.41 10.01
CA LYS B 63 12.81 -0.46 8.76
C LYS B 63 13.04 -1.80 8.04
N GLU B 64 14.27 -2.19 7.83
CA GLU B 64 14.50 -3.48 7.11
C GLU B 64 14.06 -4.66 7.99
N LYS B 65 14.33 -4.60 9.26
CA LYS B 65 13.92 -5.73 10.16
C LYS B 65 12.43 -5.63 10.47
N HIS B 66 11.88 -4.44 10.47
CA HIS B 66 10.42 -4.29 10.76
C HIS B 66 9.84 -3.15 9.93
N SER B 67 9.77 -3.32 8.63
CA SER B 67 9.21 -2.25 7.77
C SER B 67 7.72 -2.07 8.09
N SER B 68 7.09 -3.10 8.59
CA SER B 68 5.64 -3.00 8.93
C SER B 68 5.44 -1.94 10.02
N ILE B 69 6.45 -1.68 10.80
CA ILE B 69 6.33 -0.66 11.88
C ILE B 69 6.64 0.73 11.32
N VAL B 70 6.06 1.75 11.89
CA VAL B 70 6.32 3.14 11.39
C VAL B 70 7.51 3.74 12.14
N VAL B 71 8.11 4.77 11.59
CA VAL B 71 9.29 5.40 12.28
C VAL B 71 9.21 6.92 12.10
N LEU B 72 9.19 7.63 13.19
CA LEU B 72 9.11 9.12 13.13
C LEU B 72 10.38 9.72 13.77
N VAL B 73 11.29 10.17 12.94
CA VAL B 73 12.54 10.78 13.48
C VAL B 73 12.32 12.28 13.69
N SER B 74 12.43 12.75 14.90
CA SER B 74 12.24 14.20 15.15
C SER B 74 13.55 14.94 14.92
N SER B 75 13.53 16.24 14.91
CA SER B 75 14.80 17.00 14.67
C SER B 75 14.68 18.43 15.19
N ASP B 76 15.45 18.77 16.19
CA ASP B 76 15.39 20.15 16.76
C ASP B 76 15.80 21.17 15.69
N ASN B 77 16.55 20.74 14.71
CA ASN B 77 17.01 21.67 13.62
C ASN B 77 16.61 21.11 12.26
N PRO B 78 15.36 21.28 11.88
CA PRO B 78 14.85 20.78 10.57
C PRO B 78 15.77 21.18 9.41
N THR B 79 16.78 20.39 9.16
CA THR B 79 17.74 20.71 8.06
C THR B 79 17.39 19.90 6.81
N SER B 80 17.69 20.41 5.66
CA SER B 80 17.40 19.68 4.40
C SER B 80 18.31 18.45 4.29
N GLU B 81 19.54 18.58 4.70
CA GLU B 81 20.47 17.43 4.61
C GLU B 81 19.98 16.29 5.50
N GLU B 82 19.42 16.61 6.64
CA GLU B 82 18.92 15.54 7.55
C GLU B 82 17.65 14.92 6.96
N GLU B 83 16.87 15.69 6.26
CA GLU B 83 15.62 15.13 5.67
C GLU B 83 15.97 14.07 4.62
N VAL B 84 16.81 14.41 3.67
CA VAL B 84 17.19 13.43 2.62
C VAL B 84 17.85 12.22 3.29
N HIS B 85 18.60 12.44 4.33
CA HIS B 85 19.26 11.30 5.02
C HIS B 85 18.23 10.53 5.85
N ALA B 86 17.20 11.20 6.29
CA ALA B 86 16.16 10.52 7.12
C ALA B 86 15.42 9.48 6.28
N PHE B 87 15.17 9.77 5.03
CA PHE B 87 14.46 8.80 4.16
C PHE B 87 15.46 7.79 3.61
N GLU B 88 16.65 8.23 3.30
CA GLU B 88 17.67 7.29 2.77
C GLU B 88 18.14 6.35 3.88
N GLN B 89 18.33 6.87 5.07
CA GLN B 89 18.79 6.00 6.19
C GLN B 89 17.68 5.02 6.55
N GLY B 90 16.47 5.50 6.76
CA GLY B 90 15.36 4.58 7.12
C GLY B 90 14.37 5.28 8.06
N ALA B 91 13.64 6.25 7.57
CA ALA B 91 12.65 6.97 8.43
C ALA B 91 11.32 7.07 7.69
N ASP B 92 10.24 6.71 8.33
CA ASP B 92 8.92 6.78 7.65
C ASP B 92 8.50 8.24 7.50
N ASP B 93 8.87 9.07 8.45
CA ASP B 93 8.50 10.52 8.36
C ASP B 93 9.54 11.35 9.11
N TYR B 94 9.59 12.62 8.84
CA TYR B 94 10.58 13.53 9.51
C TYR B 94 9.87 14.77 10.00
N ILE B 95 9.90 15.01 11.30
CA ILE B 95 9.18 16.21 11.87
C ILE B 95 10.13 17.05 12.74
N ALA B 96 9.84 18.31 12.87
CA ALA B 96 10.70 19.19 13.73
C ALA B 96 10.52 18.77 15.18
N LYS B 97 11.51 18.93 16.00
CA LYS B 97 11.35 18.51 17.42
C LYS B 97 10.48 19.50 18.20
N PRO B 98 10.81 20.77 18.24
CA PRO B 98 10.04 21.73 19.05
C PRO B 98 8.52 21.51 18.95
N TYR B 99 8.09 20.67 18.05
CA TYR B 99 6.65 20.38 17.88
C TYR B 99 5.93 21.67 17.49
N ARG B 100 5.19 21.65 16.41
CA ARG B 100 4.46 22.90 16.02
C ARG B 100 3.39 23.19 17.07
N SER B 101 2.79 22.17 17.63
CA SER B 101 1.74 22.41 18.67
C SER B 101 1.32 21.10 19.32
N ILE B 102 2.25 20.20 19.56
CA ILE B 102 1.88 18.90 20.21
C ILE B 102 0.70 18.24 19.48
N LYS B 103 -0.46 18.81 19.58
CA LYS B 103 -1.64 18.24 18.89
C LYS B 103 -1.33 18.16 17.40
N ALA B 104 -0.51 19.05 16.92
CA ALA B 104 -0.16 19.01 15.47
C ALA B 104 0.61 17.72 15.19
N LEU B 105 1.57 17.40 16.03
CA LEU B 105 2.35 16.15 15.83
C LEU B 105 1.42 14.94 16.00
N VAL B 106 0.73 14.86 17.11
CA VAL B 106 -0.19 13.71 17.33
C VAL B 106 -1.23 13.67 16.21
N ALA B 107 -1.69 14.80 15.76
CA ALA B 107 -2.70 14.81 14.67
C ALA B 107 -2.18 14.01 13.47
N ARG B 108 -0.97 14.25 13.06
CA ARG B 108 -0.41 13.48 11.90
C ARG B 108 -0.19 12.03 12.30
N ILE B 109 0.11 11.76 13.55
CA ILE B 109 0.32 10.35 13.97
C ILE B 109 -1.03 9.65 14.05
N GLU B 110 -2.06 10.39 14.28
CA GLU B 110 -3.42 9.77 14.38
C GLU B 110 -3.87 9.33 12.99
N ALA B 111 -3.86 10.21 12.03
CA ALA B 111 -4.30 9.83 10.67
C ALA B 111 -3.46 8.66 10.17
N ARG B 112 -2.17 8.70 10.40
CA ARG B 112 -1.29 7.58 9.94
C ARG B 112 -1.58 6.34 10.79
N LEU B 113 -1.75 6.50 12.08
CA LEU B 113 -2.02 5.34 12.97
C LEU B 113 -3.53 5.21 13.20
N ARG B 114 -4.28 4.92 12.17
CA ARG B 114 -5.76 4.75 12.32
C ARG B 114 -6.23 3.61 11.41
N PHE B 115 -6.05 3.75 10.13
CA PHE B 115 -6.49 2.68 9.19
C PHE B 115 -5.35 1.69 8.98
N TRP B 116 -4.43 1.62 9.92
CA TRP B 116 -3.30 0.67 9.77
C TRP B 116 -3.82 -0.76 9.73
N GLY B 117 -4.85 -1.05 10.47
CA GLY B 117 -5.41 -2.43 10.48
C GLY B 117 -5.98 -2.78 9.10
N SER B 118 -5.59 -3.89 8.54
CA SER B 118 -6.11 -4.29 7.21
C SER B 118 -5.94 -5.78 6.99
N ASN B 119 -6.59 -6.29 5.99
CA ASN B 119 -6.51 -7.75 5.73
C ASN B 119 -6.87 -8.00 4.25
N VAL B 120 -6.14 -8.86 3.58
CA VAL B 120 -6.42 -9.14 2.13
C VAL B 120 -7.04 -10.53 1.96
N ILE B 121 -6.54 -11.51 2.67
CA ILE B 121 -7.08 -12.89 2.53
C ILE B 121 -8.09 -13.18 3.64
N GLU B 122 -9.16 -13.84 3.31
CA GLU B 122 -10.19 -14.16 4.35
C GLU B 122 -10.87 -15.49 4.00
N ILE B 123 -10.98 -16.38 4.95
CA ILE B 123 -11.64 -17.69 4.67
C ILE B 123 -12.15 -18.27 5.99
N GLY B 124 -13.41 -18.62 6.04
CA GLY B 124 -13.97 -19.19 7.30
C GLY B 124 -13.65 -18.24 8.46
N ASP B 125 -13.59 -18.74 9.66
CA ASP B 125 -13.27 -17.87 10.82
C ASP B 125 -11.77 -17.59 10.83
N LEU B 126 -11.06 -18.11 9.86
CA LEU B 126 -9.58 -17.89 9.79
C LEU B 126 -9.30 -16.70 8.87
N THR B 127 -8.44 -15.80 9.28
CA THR B 127 -8.11 -14.61 8.42
C THR B 127 -6.60 -14.45 8.34
N ILE B 128 -6.08 -14.09 7.19
CA ILE B 128 -4.58 -13.92 7.05
C ILE B 128 -4.27 -12.59 6.35
N SER B 129 -3.38 -11.82 6.93
CA SER B 129 -2.99 -10.50 6.35
C SER B 129 -1.50 -10.56 5.94
N PRO B 130 -1.18 -10.79 4.69
CA PRO B 130 0.25 -10.87 4.25
C PRO B 130 0.93 -9.50 4.26
N ASP B 131 0.25 -8.47 3.82
CA ASP B 131 0.87 -7.12 3.84
C ASP B 131 1.30 -6.81 5.27
N GLU B 132 0.52 -7.24 6.24
CA GLU B 132 0.87 -7.00 7.66
C GLU B 132 1.53 -8.26 8.23
N GLU B 133 1.50 -9.34 7.49
CA GLU B 133 2.12 -10.60 8.00
C GLU B 133 1.52 -10.91 9.36
N LYS B 134 0.23 -11.12 9.43
CA LYS B 134 -0.43 -11.41 10.73
C LYS B 134 -1.44 -12.53 10.57
N ILE B 135 -1.19 -13.67 11.16
CA ILE B 135 -2.17 -14.79 11.08
C ILE B 135 -3.15 -14.61 12.25
N ILE B 136 -4.42 -14.80 12.02
CA ILE B 136 -5.43 -14.59 13.10
C ILE B 136 -6.35 -15.81 13.22
N TYR B 137 -6.37 -16.45 14.37
CA TYR B 137 -7.27 -17.63 14.57
C TYR B 137 -7.83 -17.61 16.00
N LYS B 138 -9.06 -18.03 16.16
CA LYS B 138 -9.70 -18.03 17.52
C LYS B 138 -9.62 -16.64 18.15
N GLY B 139 -9.56 -15.61 17.34
CA GLY B 139 -9.50 -14.23 17.90
C GLY B 139 -8.10 -13.94 18.46
N ARG B 140 -7.14 -14.76 18.15
CA ARG B 140 -5.75 -14.55 18.65
C ARG B 140 -4.89 -13.99 17.51
N GLU B 141 -4.27 -12.85 17.72
CA GLU B 141 -3.41 -12.24 16.66
C GLU B 141 -1.95 -12.63 16.87
N VAL B 142 -1.26 -12.96 15.80
CA VAL B 142 0.19 -13.35 15.92
C VAL B 142 0.96 -12.75 14.75
N GLU B 143 2.08 -12.12 15.04
CA GLU B 143 2.90 -11.52 13.95
C GLU B 143 3.88 -12.57 13.46
N VAL B 144 4.18 -12.61 12.20
CA VAL B 144 5.12 -13.65 11.67
C VAL B 144 6.17 -12.98 10.77
N LYS B 145 7.35 -13.55 10.72
CA LYS B 145 8.43 -12.96 9.89
C LYS B 145 9.65 -13.89 9.89
N GLY B 146 9.93 -14.52 8.78
CA GLY B 146 11.10 -15.45 8.72
C GLY B 146 11.01 -16.30 7.46
N LYS B 147 11.69 -17.41 7.41
CA LYS B 147 11.65 -18.29 6.20
C LYS B 147 10.47 -19.28 6.28
N PRO B 148 10.15 -19.80 7.45
CA PRO B 148 9.02 -20.76 7.58
C PRO B 148 7.69 -20.03 7.75
N PHE B 149 7.73 -18.72 7.67
CA PHE B 149 6.50 -17.90 7.81
C PHE B 149 6.10 -17.32 6.45
N GLU B 150 7.06 -16.89 5.68
CA GLU B 150 6.75 -16.31 4.36
C GLU B 150 6.02 -17.37 3.53
N VAL B 151 6.38 -18.61 3.70
CA VAL B 151 5.69 -19.69 2.94
C VAL B 151 4.19 -19.68 3.30
N LEU B 152 3.88 -19.50 4.56
CA LEU B 152 2.43 -19.46 4.97
C LEU B 152 1.72 -18.38 4.16
N THR B 153 2.24 -17.18 4.17
CA THR B 153 1.59 -16.08 3.42
C THR B 153 1.57 -16.41 1.93
N HIS B 154 2.57 -17.10 1.44
CA HIS B 154 2.60 -17.44 -0.02
C HIS B 154 1.38 -18.32 -0.36
N LEU B 155 1.23 -19.44 0.32
CA LEU B 155 0.06 -20.32 0.03
C LEU B 155 -1.22 -19.63 0.50
N ALA B 156 -1.10 -18.71 1.42
CA ALA B 156 -2.32 -18.01 1.90
C ALA B 156 -3.02 -17.36 0.72
N ARG B 157 -2.30 -16.63 -0.08
CA ARG B 157 -2.92 -15.98 -1.27
C ARG B 157 -3.28 -17.06 -2.29
N HIS B 158 -2.34 -17.89 -2.64
CA HIS B 158 -2.60 -18.95 -3.64
C HIS B 158 -3.40 -20.10 -3.00
N ARG B 159 -4.05 -19.84 -1.90
CA ARG B 159 -4.83 -20.93 -1.25
C ARG B 159 -5.73 -21.60 -2.29
N ASP B 160 -6.30 -20.83 -3.19
CA ASP B 160 -7.18 -21.42 -4.24
C ASP B 160 -6.39 -21.60 -5.53
N GLN B 161 -5.44 -22.50 -5.53
CA GLN B 161 -4.64 -22.73 -6.78
C GLN B 161 -3.74 -23.97 -6.59
N ILE B 162 -3.26 -24.52 -7.67
CA ILE B 162 -2.39 -25.72 -7.59
C ILE B 162 -0.94 -25.29 -7.29
N VAL B 163 -0.23 -26.04 -6.49
CA VAL B 163 1.19 -25.70 -6.16
C VAL B 163 2.07 -26.93 -6.40
N SER B 164 3.15 -26.78 -7.14
CA SER B 164 4.04 -27.95 -7.42
C SER B 164 5.25 -27.91 -6.48
N LYS B 165 5.84 -29.04 -6.20
CA LYS B 165 7.03 -29.07 -5.30
C LYS B 165 8.07 -28.07 -5.80
N GLU B 166 8.41 -28.14 -7.06
CA GLU B 166 9.44 -27.20 -7.62
C GLU B 166 9.06 -25.76 -7.26
N GLN B 167 7.81 -25.42 -7.32
CA GLN B 167 7.40 -24.02 -6.99
C GLN B 167 7.67 -23.75 -5.50
N LEU B 168 7.37 -24.69 -4.64
CA LEU B 168 7.62 -24.47 -3.19
C LEU B 168 9.07 -24.02 -2.99
N LEU B 169 10.01 -24.76 -3.50
CA LEU B 169 11.43 -24.38 -3.33
C LEU B 169 11.72 -23.07 -4.06
N ASP B 170 11.66 -23.09 -5.37
CA ASP B 170 11.94 -21.86 -6.17
C ASP B 170 11.26 -20.63 -5.54
N ALA B 171 10.34 -20.83 -4.64
CA ALA B 171 9.62 -19.67 -4.02
C ALA B 171 10.29 -19.21 -2.71
N ILE B 172 10.73 -20.13 -1.85
CA ILE B 172 11.34 -19.68 -0.53
C ILE B 172 12.77 -20.23 -0.31
N TRP B 173 13.10 -21.41 -0.77
CA TRP B 173 14.49 -21.93 -0.50
C TRP B 173 15.54 -21.01 -1.14
N GLU B 174 15.14 -19.89 -1.67
CA GLU B 174 16.12 -18.97 -2.29
C GLU B 174 16.96 -18.31 -1.20
N GLU B 175 16.53 -18.35 0.03
CA GLU B 175 17.32 -17.72 1.13
C GLU B 175 18.42 -18.68 1.62
N PRO B 176 18.09 -19.80 2.21
CA PRO B 176 19.11 -20.77 2.69
C PRO B 176 19.85 -21.47 1.54
N GLU B 177 19.14 -22.21 0.74
CA GLU B 177 19.77 -22.93 -0.39
C GLU B 177 20.62 -24.08 0.15
N MET B 178 21.17 -23.94 1.34
CA MET B 178 22.00 -25.04 1.91
C MET B 178 21.10 -26.25 2.19
N VAL B 179 19.83 -26.01 2.32
CA VAL B 179 18.89 -27.13 2.59
C VAL B 179 19.16 -28.28 1.62
N THR B 180 18.78 -29.49 1.99
CA THR B 180 19.02 -30.66 1.08
C THR B 180 17.77 -30.88 0.20
N PRO B 181 17.92 -31.29 -1.03
CA PRO B 181 16.76 -31.54 -1.94
C PRO B 181 15.56 -32.19 -1.23
N ASN B 182 15.82 -33.16 -0.39
CA ASN B 182 14.69 -33.84 0.32
C ASN B 182 14.08 -32.90 1.36
N VAL B 183 14.48 -31.66 1.37
CA VAL B 183 13.90 -30.72 2.37
C VAL B 183 12.42 -30.50 2.07
N ILE B 184 12.00 -30.74 0.86
CA ILE B 184 10.57 -30.54 0.50
C ILE B 184 9.68 -31.33 1.47
N GLU B 185 9.97 -32.58 1.65
CA GLU B 185 9.13 -33.42 2.57
C GLU B 185 9.17 -32.83 3.99
N VAL B 186 10.32 -32.41 4.41
CA VAL B 186 10.43 -31.84 5.78
C VAL B 186 9.71 -30.49 5.88
N ALA B 187 9.81 -29.68 4.88
CA ALA B 187 9.12 -28.35 4.92
C ALA B 187 7.62 -28.53 4.76
N ILE B 188 7.19 -29.19 3.72
CA ILE B 188 5.73 -29.39 3.49
C ILE B 188 5.12 -30.12 4.70
N ASN B 189 5.91 -30.87 5.43
CA ASN B 189 5.38 -31.59 6.61
C ASN B 189 5.15 -30.63 7.78
N GLN B 190 6.18 -29.94 8.21
CA GLN B 190 6.01 -29.01 9.37
C GLN B 190 5.06 -27.87 8.99
N ILE B 191 5.09 -27.44 7.76
CA ILE B 191 4.19 -26.32 7.35
C ILE B 191 2.73 -26.75 7.47
N ARG B 192 2.34 -27.79 6.78
CA ARG B 192 0.92 -28.25 6.87
C ARG B 192 0.58 -28.62 8.31
N GLN B 193 1.52 -29.19 9.02
CA GLN B 193 1.26 -29.57 10.44
C GLN B 193 1.14 -28.31 11.30
N LYS B 194 1.87 -27.28 10.97
CA LYS B 194 1.82 -26.02 11.77
C LYS B 194 0.58 -25.21 11.35
N MET B 195 0.01 -25.50 10.22
CA MET B 195 -1.19 -24.73 9.75
C MET B 195 -2.47 -25.49 10.08
N ASP B 196 -2.38 -26.73 10.49
CA ASP B 196 -3.61 -27.52 10.83
C ASP B 196 -3.72 -27.72 12.34
N LYS B 197 -2.66 -27.49 13.07
CA LYS B 197 -2.73 -27.68 14.55
C LYS B 197 -3.46 -26.49 15.21
N PRO B 198 -3.20 -25.29 14.77
CA PRO B 198 -3.84 -24.07 15.33
C PRO B 198 -5.16 -23.72 14.62
N LEU B 199 -5.19 -23.76 13.31
CA LEU B 199 -6.45 -23.42 12.60
C LEU B 199 -7.54 -24.42 13.01
N GLY B 200 -7.28 -25.68 12.88
CA GLY B 200 -8.29 -26.72 13.27
C GLY B 200 -9.02 -27.23 12.03
N ILE B 201 -8.68 -26.72 10.87
CA ILE B 201 -9.37 -27.17 9.60
C ILE B 201 -8.31 -27.52 8.56
N SER B 202 -8.58 -28.51 7.74
CA SER B 202 -7.59 -28.90 6.68
C SER B 202 -8.00 -28.26 5.35
N THR B 203 -7.06 -27.70 4.64
CA THR B 203 -7.39 -27.06 3.32
C THR B 203 -6.34 -27.47 2.29
N VAL B 204 -5.46 -28.37 2.66
CA VAL B 204 -4.40 -28.84 1.69
C VAL B 204 -4.70 -30.27 1.26
N GLU B 205 -4.52 -30.57 -0.01
CA GLU B 205 -4.78 -31.95 -0.52
C GLU B 205 -3.53 -32.48 -1.22
N THR B 206 -3.10 -33.67 -0.85
CA THR B 206 -1.88 -34.26 -1.49
C THR B 206 -2.31 -35.21 -2.61
N VAL B 207 -1.82 -34.99 -3.80
CA VAL B 207 -2.18 -35.88 -4.95
C VAL B 207 -1.03 -35.90 -5.96
N ARG B 208 -0.77 -37.03 -6.57
CA ARG B 208 0.34 -37.10 -7.55
C ARG B 208 0.08 -36.08 -8.67
N ARG B 209 -0.24 -36.55 -9.85
CA ARG B 209 -0.51 -35.60 -10.97
C ARG B 209 0.65 -34.60 -11.07
N ARG B 210 0.51 -33.46 -10.45
CA ARG B 210 1.56 -32.42 -10.51
C ARG B 210 2.28 -32.32 -9.15
N GLY B 211 1.55 -32.11 -8.09
CA GLY B 211 2.19 -32.02 -6.75
C GLY B 211 1.12 -31.91 -5.67
N TYR B 212 0.94 -30.73 -5.11
CA TYR B 212 -0.09 -30.53 -4.05
C TYR B 212 -1.22 -29.66 -4.60
N ARG B 213 -2.36 -29.67 -3.97
CA ARG B 213 -3.52 -28.85 -4.44
C ARG B 213 -4.08 -28.03 -3.27
N PHE B 214 -4.13 -26.73 -3.41
CA PHE B 214 -4.66 -25.85 -2.31
C PHE B 214 -6.07 -25.37 -2.69
N CYS B 215 -7.04 -25.61 -1.83
CA CYS B 215 -8.43 -25.17 -2.13
C CYS B 215 -9.26 -25.19 -0.84
N TYR B 216 -10.29 -24.39 -0.76
CA TYR B 216 -11.13 -24.41 0.48
C TYR B 216 -11.86 -25.75 0.54
N PRO B 217 -12.11 -26.27 1.72
CA PRO B 217 -12.82 -27.59 1.88
C PRO B 217 -14.34 -27.50 1.67
N LYS B 218 -15.10 -27.53 2.72
CA LYS B 218 -16.59 -27.47 2.57
C LYS B 218 -17.02 -26.03 2.23
N PRO B 219 -18.08 -25.86 1.47
CA PRO B 219 -18.59 -24.51 1.10
C PRO B 219 -18.50 -23.51 2.26
N ALA B 220 -17.52 -22.65 2.25
CA ALA B 220 -17.39 -21.66 3.36
C ALA B 220 -18.42 -20.55 3.15
N CYS B 221 -18.31 -19.49 3.91
CA CYS B 221 -19.28 -18.37 3.76
C CYS B 221 -20.71 -18.91 3.86
N GLU B 222 -21.68 -18.08 3.62
CA GLU B 222 -23.10 -18.54 3.70
C GLU B 222 -23.53 -19.09 2.33
N GLU B 223 -24.29 -20.15 2.34
CA GLU B 223 -24.76 -20.76 1.05
C GLU B 223 -26.25 -20.48 0.86
#